data_8K5P
#
_entry.id   8K5P
#
_cell.length_a   1.00
_cell.length_b   1.00
_cell.length_c   1.00
_cell.angle_alpha   90.00
_cell.angle_beta   90.00
_cell.angle_gamma   90.00
#
_symmetry.space_group_name_H-M   'P 1'
#
loop_
_entity.id
_entity.type
_entity.pdbx_description
1 polymer 'DNA-directed RNA polymerase II subunit RPB1'
2 polymer 'DNA-directed RNA polymerase II subunit RPB2'
3 polymer 'DNA-directed RNA polymerase II subunit RPB3'
4 polymer 'DNA-directed RNA polymerases I, II, and III subunit RPABC1'
5 polymer 'DNA-directed RNA polymerases I, II, and III subunit RPABC2'
6 polymer 'DNA-directed RNA polymerases I, II, and III subunit RPABC3'
7 polymer 'DNA-directed RNA polymerase II subunit RPB9'
8 polymer 'DNA-directed RNA polymerases I, II, and III subunit RPABC5'
9 polymer 'DNA-directed RNA polymerase II subunit RPB11'
10 polymer 'DNA-directed RNA polymerases I, II, and III subunit RPABC4'
11 polymer 'DNA (38-MER)'
12 polymer RNA
13 polymer 'DNA (38-MER)'
14 polymer 'Transcription elongation factor SPT5'
15 polymer 'DNA-directed RNA polymerase II subunit RPB4'
16 polymer 'DNA-directed RNA polymerase II subunit RPB7'
17 polymer "5'-3' exoribonuclease 2"
18 polymer 'Decapping nuclease RAI1'
19 non-polymer 'ZINC ION'
20 non-polymer 'MAGNESIUM ION'
#
loop_
_entity_poly.entity_id
_entity_poly.type
_entity_poly.pdbx_seq_one_letter_code
_entity_poly.pdbx_strand_id
1 'polypeptide(L)'
;MVGQQYSSAPLRTVKEVQFGLFSPEEVRAISVAKIRFPETMDETQTRAKIGGLNDPRLGSIDRNLKCQTCQEGMNECPGH
FGHIDLAKPVFHVGFIAKIKKVCECVCMHCGKLLLDEHNELMRQALAIKDSKKRFAAIWTLCKTKMVCETDVPSEDDPTQ
LVSRGGCGNTQPTIRKDGLKLVGSWKKDRATGDADEPELRVLSTEEILNIFKHISVKDFTSLGFNEVFSRPEWMILTCLP
VPPPPVRPSISFNESQRGEDDLTFKLADILKANISLETLEHNGAPHHAIEEAESLLQFHVATYMDNDIAGQPQALQKSGR
PVKSIRARLKGKEGRIRGNLMGKRVDFSARTVISGDPNLELDQVGVPKSIAKTLTYPEVVTPYNIDRLTQLVRNGPNEHP
GAKYVIRDSGDRIDLRYSKRAGDIQLQYGWKVERHIMDNDPVLFNRQPSLHKMSMMAHRVKVIPYSTFRLNLSVTSPYNA
DFDGDEMNLHVPQSEETRAELSQLCAVPLQIVSPQSNKPCMGIVQDTLCGIRKLTLRDTFIELDQVLNMLYWVPDWDGVI
PTPAIIKPKPLWSGKQILSVAIPNGIHLQRFDEGTTLLSPKDNGMLIIDGQIIFGVVEKKTVGSSNGGLIHVVTREKGPQ
VCAKLFGNIQKVVNFWLLHNGFSTGIGDTIADGPTMREITETIAEAKKKVLDVTKEAQANLLTAKHGMTLRESFEDNVVR
FLNEARDKAGRLAEVNLKDLNNVKQMVMAGSKGSFINIAQMSACVGQQSVEGKRIAFGFVDRTLPHFSKDDYSPESKGFV
ENSYLRGLTPQEFFFHAMGGREGLIDTAVKTAETGYIQRRLVKALEDIMVHYDNTTRNSLGNVIQFIYGEDGMDAAHIEK
QSLDTIGGSDAAFEKRYRVDLLNTDHTLDPSLLESGSEILGDLKLQVLLDEEYKQLVKDRKFLREVFVDGEANWPLPVNI
RRIIQNAQQTFHIDHTKPSDLTIKDIVLGVKDLQENLLVLRGKNEIIQNAQRDAVTLFCCLLRSRLATRRVLQEYRLTKQ
AFDWVLSNIEAQFLRSVVHPGEMVGVLAAQSIGEPATQMTLNTFHFAGVASKKVTSGVPRLKEILNVAKNMKTPSLTVYL
EPGHAADQEQAKLIRSAIEHTTLKSVTIASEIYYDPDPRSTVIPEDEEIIQLHFSLLDEEAEQSFDQQSPWLLRLELDRA
AMNDKDLTMGQVGERIKQTFKNDLFVIWSEDNDEKLIIRCRVVRPKSLDAETEAEEDHMLKKIENTMLENITLRGVENIE
RVVMMKYDRKVPSPTGEYVKEPEWVLETDGVNLSEVMTVPGIDPTRIYTNSFIDIMEVLGIEAGRAALYKEVYNVIASDG
SYVNYRHMALLVDVMTTQGGLTSVTRHGFNRSNTGALMRCSFEETVEILFEAGASAELDDCRGVSENVILGQMAPIGTGA
FDVMIDEESLVKYMPEQKITEIEDGQDGGVTPYSNESGLVNADLDVKDELMFSPLVDSGSNDAMAGGFTAYGGADYGEAT
SPFGAYGEAPTSPGFGVSSPGFSPTSPTYSPTSPAYSPTSPSYSPTSPSYSPTSPSYSPTSPSYSPTSPSYSPTSPSYSP
TSPSYSPTSPSYSPTSPSYSPTSPSYSPTSPSYSPTSPSYSPTSPSYSPTSPSYSPTSPAYSPTSPSYSPTSPSYSPTSP
SYSPTSPSYSPTSPNYSPTSPSYSPTSPGYSPGSPAYSPKQDEQKHNENENSR
;
A
2 'polypeptide(L)'
;MSDLANSEKYYDEDPYGFEDESAPITAEDSWAVISAFFREKGLVSQQLDSFNQFVDYTLQDIICEDSTLILEQLAQHTTE
SDNISRKYEISFGKIYVTKPMVNESDGVTHALYPQEARLRNLTYSSGLFVDVKKRTYEAIDVPGRELKYELIAEESEDDS
ESGKVFIGRLPIMLRSKNCYLSEATESDLYKLKECPFDMGGYFIINGSEKVLIAQERSAGNIVQVFKKAAPSPISHVAEI
RSALEKGSRFISTLQVKLYGREGSSARTIKATLPYIKQDIPIVIIFRALGIIPDGEILEHICYDVNDWQMLEMLKPCVED
GFVIQDRETALDFIGRRGTALGIKKEKRIQYAKDILQKEFLPHITQLEGFESRKAFFLGYMINRLLLCALDRKDQDDRDH
FGKKRLDLAGPLLAQLFKTLFKKLTKDIFRYMQRTVEEAHDFNMKLAINAKTITSGLKYALATGNWGEQKKAMSSRAGVS
QVLNRYTYSSTLSHLRRTNTPIGRDGKLAKPRQLHNTHWGLVCPAETPEGQACGLVKNLSLMSCISVGTDPMPIITFLSE
WGMEPLEDYVPHQSPDATRVFVNGVWHGVHRNPARLMETLRTLRRKGDINPEVSMIRDIREKELKIFTDAGRVYRPLFIV
EDDESLGHKELKVRKGHIAKLMATEYQDIEGGFEDVEEYTWSSLLNEGLVEYIDAEEEESILIAMQPEDLEPAEANEEND
LDVDPAKRIRVSHHATTFTHCEIHPSMILGVAASIIPFPDHNQSPRNTYQSAMGKQAMGVFLTNYNVRMDTMANILYYPQ
KPLGTTRAMEYLKFRELPAGQNAIVAIACYSGYNQEDSMIMNQSSIDRGLFRSLFFRSYMDQEKKYGMSITETFEKPQRT
NTLRMKHGTYDKLDDDGLIAPGVRVSGEDVIIGKTTPISPDEEELGQRTAYHSKRDASTPLRSTENGIVDQVLVTTNQDG
LKFVKVRVRTTKIPQIGDKFASRHGQKGTIGITYRREDMPFTAEGIVPDLIINPHAIPSRMTVAHLIECLLSKVAALSGN
EGDASPFTDITVEGISKLLREHGYQSRGFEVMYNGHTGKKLMAQIFFGPTYYQRLRHMVDDKIHARARGPMQVLTRQPVE
GRSRDGGLRFGEMERDCMIAHGAASFLKERLMEASDAFRVHICGICGLMTVIAKLNHNQFECKGCDNKIDIYQIHIPYAA
KLLFQELMAMNITPRLYTDRSRDFENLYFQGHHHHHHDYKDHDGDYKDHDIDYKDDDDK
;
B
3 'polypeptide(L)'
;MSEEGPQVKIREASKDNVDFILSNVDLAMANSLRRVMIAEIPTLAIDSVEVETNTTVLADEFIAHRLGLIPLQSMDIEQL
EYSRDCFCEDHCDKCSVVLTLQAFGESESTTNVYSKDLVIVSNLMGRNIGHPIIQDKEGNGVLICKLRKGQELKLTCVAK
KGIAKEHAKWGPAAAIEFEYDPWNKLKHTDYWYEQDSAKEWPQSKNCEYEDPPNEGDPFDYKAQADTFYMNVESVGSIPV
DQVVVRGIDTLQKKVASILLALTQMDQDKVNFASGDNNTASNMLGSNEDVMMTGAEQDPYSNASQMGNTGSGGYDNAW
;
C
4 'polypeptide(L)'
;MDQENERNISRLWRAFRTVKEMVKDRGYFITQEEVELPLEDFKAKYCDSMGRPQRKMMSFQANPTEESISKFPDMGSLWV
EFCDEPSVGVKTMKTFVIHIQEKNFQTGIFVYQNNITPSAMKLVPSIPPATIETFNEAALVVNITHHELVPKHIRLSSDE
KRELLKRYRLKESQLPRIQRADPVALYLGLKRGEVVKIIRKSETSGRYASYRICM
;
E
5 'polypeptide(L)'
;MSDYEEAFNDGNENFEDFDVEHFSDEETYEEKPQFKDGETTDANGKTIVTGGNGPEDFQQHEQIRRKTLKEKAIPKDQRA
TTPYMTKYERARILGTRALQISMNAPVFVDLEGETDPLRIAMKELAEKKIPLVIRRYLPDGSFEDWSVEELIVDL
;
F
6 'polypeptide(L)'
;MSNTLFDDIFQVSEVDPGRYNKVCRIEAASTTQDQCKLTLDINVELFPVAAQDSLTVTIASSLNLEDTPANDSSATRSWR
PPQAGDRSLADDYDYVMYGTAYKFEEVSKDLIAVYYSFGGLLMRLEGNYRNLNNLKQENAYLLIRR
;
H
7 'polypeptide(L)'
;MTTFRFCRDCNNMLYPREDKENNRLLFECRTCSYVEEAGSPLVYRHELITNIGETAGVVQDIGSDPTLPRSDRECPKCHS
RENVFFQSQQRRKDTSMVLFFVCLSCSHIFTSDQKNKRTQFS
;
I
8 'polypeptide(L)' MIVPVRCFSCGKVVGDKWESYLNLLQEDELDEGTALSRLGLKRYCCRRMILTHVDLIEKFLRYNPLEKRD J
9 'polypeptide(L)'
;MNAPDRFELFLLGEGESKLKIDPDTKAPNAVVITFEKEDHTLGNLIRAELLNDRKVLFAAYKVEHPFFARFKLRIQTTEG
YDPKDALKNACNSIINKLGALKTNFETEWNLQTLAADDAF
;
K
10 'polypeptide(L)' MSREGFQIPTNLDAAAAGTSQARTATLKYICAECSSKLSLSRTDAVRCKDCGHRILLKARTKRLVQFEAR L
11 'polydeoxyribonucleotide'
;(DG)(DC)(DG)(DT)(DG)(DT)(DC)(DT)(DA)(DG)(DC)(DA)(DC)(DA)(DG)(DG)(DA)(DT)(DC)(DG)
(DA)(DG)(DA)(DG)(DG)(DT)(DA)(DA)(DT)(DT)(DC)(DT)(DG)(DC)(DT)(DT)(DA)(DT)(DC)(DG)
(DG)(DT)(DA)(DG)(DA)(DG)(DT)(DG)
;
N
12 'polyribonucleotide' ACAGAUGUCCUCGAGAGGUA P
13 'polydeoxyribonucleotide'
;(DC)(DA)(DC)(DT)(DC)(DT)(DA)(DC)(DC)(DG)(DA)(DT)(DA)(DA)(DG)(DC)(DA)(DG)(DA)(DA)
(DT)(DT)(DA)(DC)(DC)(DT)(DC)(DT)(DC)(DG)(DA)(DT)(DC)(DC)(DT)(DG)(DT)(DG)(DC)(DT)
(DA)(DG)(DA)(DC)(DA)(DC)(DG)(DC)
;
T
14 'polypeptide(L)'
;MHHHHHHMSDNSDTNVSMQDHDQQFADPVVVPQSTDTKDENTSDKDTVDSGNVTTTESTERAESTSNIPPLDGEEKEAKS
EPQQPEDNAETAATEQVSSSNGPATDDAQATLNTDSSEANEIVKKEEGSDERKRPREEDTKNSDGDTKDEGDNKDEDDDE
DDDDDDDDEDDDDEAPTKRRRQERNRFLDIEAEVSDDEDEDEDEEDSELVREGFITHGDDEDDEASAPGARRDDRLHRQL
DQDLNKTSEEDAQRLAKELRERYGRSSSKQYRAAAQDGYVPQRFLLPSVDTATIWGVRCRPGKEKELIRKLLKKKFNLDR
AMGKKKLKILSIFQRDNYTGRIYIEAPKQSVIEKFCNGVPDIYISQKLLIPVQELPLLLKPNKSDDVALEEGSYVRIKRG
IYKGDLAMVDQISENNLEVMLKIVPRLDYGKFDEIDPTTQQRKSRRPTFAHRAPPQLFNPTMALRLDQANLYKRDDRHFT
YKNEDYIDGYLYKSFRIQHVETKNIQPTVEELARFGSKEGAVDLTSVSQSIKKAQAAKVTFQPGDRIEVLNGEQRGSKGI
VTRTTKDIATIKLNGFTTPLEFPISTLRKIFEPGDHVTVINGEHQGDAGLVLMVEQGQVTFMSTQTSREVTITANNLSKS
IDTTATSSEYALHDIVELSAKNVACIIQAGHDIFKVIDETGKVSTITKGSILSKINTARARVSSVDANGNEIKIGDTIVE
KVGSRREGQVLYIQTQQIFVVSKKIVENAGVFVVNPSNVEAVASKDNMLSNKMDLSKMNPEIISKMGPPSSKTFQQPIQS
RGGREVALGKTVRIRSAGYKGQLGIVKDVNGDKATVELHSKNKHITIDKHKLTYYNREGGEGITYDELVNRRGRVPQARM
GPSYVSAPRNMATGGIAAGAAATSSGLSGGMTPGWSSFDGGKTPAVNAHGGSGGGGVSSWGGASTWGGQGNGGASAWGGA
GGGASAWGGQGTGATSTWGGASAWGNKSSWGGASTWASGGESNGAMSTWGGTGDRSAYGGASTWGGNNNNKSTRDGGASA
WGNQDDGNRSAWNNQGNKSNYGGNSTWGGH
;
W
15 'polypeptide(L)'
;MNVSTSTFQTRRRRLKKVEEEENAATLQLGQEFQLKQINHQGEEEELIALNLSEARLVIKEALVERRRAFKRSQKKHKKK
HLKHENANDETTAVEDEDDDLDEDDVNADDDDFMHSETREKELESIDVLLEQTTGGNNKDLKNTMQYLTNFSRFRDQETV
GAVIQLLKSTGLHPFEVAQLGSLACDTADEAKTLIPSLNNKISDDELERILKELSNLETLY
;
D
16 'polypeptide(L)'
;MFFIKDLSLNITLHPSFFGPRMKQYLKTKLLEEVEGSCTGKFGYILCVLDYDNIDIQRGRILPTDGSAEFNVKYRAVVFK
PFKGEVVDGTVVSCSQHGFEVQVGPMKVFVTKHLMPQDLTFNAGSNPPSYQSSEDVITIKSRIRVKIEGCISQVSSIHAI
GSIKEDYLGAI
;
G
17 'polypeptide(L)'
;MGSSHHHHHHSQDMGVPSFFRWLSRKYPKIISPVLEEQPQIVDGVILPLDYSASNPNGELDNLYLDMNGIVHPCSHPENK
PPPETEDEMLLAVFEYTNRVLNMARPRKVLVMAVDGVAPRAKMNQQRARRFRSARDAQIENEAREEIMRQREEVGEIIDD
AVRNKKTWDSNAITPGTPFMDKLAAALRYWTAFKLATDPGWKNLQVIISDATVPGEGEHKIMNFIRSQRADPEYNPNTTH
CIYGLDADLIFLGLATHEPHFKILREDVFAQDNRKRNNLKDTINMTEEEKQFLQKQNSEQPFLWLHINVLREYLSAELWV
PGLPFTFDLERAIDDWVFMCFFCGNDFLPHLPCLDVRENSIDILLDIWKVVLPKLKTYMTCDGVLNLPSVETLLQHLGSR
EGDIFKTRHIQEARKKEAFERRKAQKNMSKGQDRHPTVATEQLQMYDTQGNLAKGSWNLTTSDMVRLKKELMLANEGNEE
AIAKVKQQSDKNNELMKDISKEEIDDAVSKANKTNFNLAEVMKQKIINKKHRLEKDNEEEEIAKDSKKVKTEKAESECDL
DAEIKDEIVADVNDRENSETTEVSRDSPVHSTVNVSEGPKNGVFDTDEFVKLFEPGYHERYYTAKFHVTPQDIEQLRKDM
VKCYIEGVAWVLMYYYQGCASWNWFYPYHYAPLATDFHGFSHLEIKFEEGTPFLPYEQLMSVLPAASGHALPKIFRSLMS
EPDSEIIDFYPEEFPIDMNGKKMSWQGIALLPFIDQDRLLTAVRAQYPLLSDAERARNIRGEPVLLISNKNANYERFSKK
LYSKENNNNNVVVKFQHFKSGLSGIVSKDVEGFELNGKIVCPIQGGSLPNLSTTLILKMSYRLIPLPSRNKSIILNGFIP
SEPVLTAYDLDSIMYKYNNQNYSRRWNFGNDLKQNIVPVGPKGITQYKPRTGGYRAFFYFAELSRNNVQPAHNYGRNSYN
SQPGFNNSRYDGGNNNYRQNSNYRNNNYSGNRNSGQYSGNSYSRNNKQSRYDNSRANRR
;
M
18 'polypeptide(L)'
;MGVSANLFVKQRGSTTALKQPKEIGFYSRTKDEEYLISDDTNLNYYYLPDAELDRKLDLSSGFQKFKDYYKDFEDRCSLR
GLLETIESSERHKGKKINADIITFRGIARKLISCAFDSPSFNTVDLRIVSFNGQLFIKEVPEAVNAAKASSATEAGRNIN
QDLNVFTGYKFETLATLSNPLQYTPREVIEKRTKRIVSHGDEYISVVRTGVGNCKLILGAEVDCIFDFKENGRDNLKHYA
ELKCTQQVANISDTHKFERKLFRTWLQCFLVGIPRIIYGFKDDHYVLKTVEEFSTEEVPVLLKNNNPQVGSACLEAIKWY
GLLTEWLLKMIPRDEDPHSQIRAFKLVFENNHLRLSEIEESDEEYSGLIDGEHILSNGFKEWRKSLK
;
O
#
# COMPACT_ATOMS: atom_id res chain seq x y z
N GLN A 5 16.73 -13.78 13.82
CA GLN A 5 16.41 -15.00 14.55
C GLN A 5 16.76 -16.24 13.73
N TYR A 6 17.18 -17.29 14.42
CA TYR A 6 17.57 -18.54 13.78
C TYR A 6 16.77 -19.69 14.37
N SER A 7 16.23 -20.53 13.48
CA SER A 7 15.49 -21.71 13.89
C SER A 7 16.08 -22.93 13.18
N SER A 8 16.37 -23.98 13.94
CA SER A 8 16.95 -25.19 13.38
C SER A 8 15.95 -26.00 12.56
N ALA A 9 14.65 -25.73 12.69
CA ALA A 9 13.67 -26.46 11.92
C ALA A 9 13.79 -26.12 10.44
N PRO A 10 13.61 -27.10 9.55
CA PRO A 10 13.71 -26.81 8.11
C PRO A 10 12.60 -25.87 7.65
N LEU A 11 12.94 -25.04 6.66
CA LEU A 11 12.01 -24.07 6.11
C LEU A 11 11.31 -24.68 4.91
N ARG A 12 9.98 -24.67 4.93
CA ARG A 12 9.17 -25.24 3.86
C ARG A 12 8.05 -24.27 3.49
N THR A 13 7.37 -24.58 2.41
CA THR A 13 6.23 -23.80 1.94
C THR A 13 4.96 -24.63 2.04
N VAL A 14 3.86 -23.99 2.43
CA VAL A 14 2.59 -24.68 2.60
C VAL A 14 2.09 -25.14 1.23
N LYS A 15 1.79 -26.43 1.11
CA LYS A 15 1.29 -27.00 -0.13
C LYS A 15 -0.18 -27.35 -0.09
N GLU A 16 -0.72 -27.74 1.06
CA GLU A 16 -2.12 -28.09 1.18
C GLU A 16 -2.69 -27.50 2.46
N VAL A 17 -3.99 -27.20 2.44
CA VAL A 17 -4.71 -26.71 3.60
C VAL A 17 -5.91 -27.62 3.82
N GLN A 18 -5.98 -28.23 5.01
CA GLN A 18 -7.04 -29.16 5.36
C GLN A 18 -7.95 -28.50 6.39
N PHE A 19 -9.21 -28.30 6.01
CA PHE A 19 -10.19 -27.73 6.93
C PHE A 19 -10.88 -28.83 7.72
N GLY A 20 -11.54 -28.43 8.80
CA GLY A 20 -12.25 -29.39 9.63
C GLY A 20 -12.66 -28.75 10.94
N LEU A 21 -13.44 -29.51 11.70
CA LEU A 21 -13.92 -29.06 12.99
C LEU A 21 -12.90 -29.38 14.09
N PHE A 22 -13.18 -28.86 15.28
CA PHE A 22 -12.31 -29.02 16.44
C PHE A 22 -12.95 -29.98 17.43
N SER A 23 -12.29 -31.10 17.70
CA SER A 23 -12.78 -32.04 18.70
C SER A 23 -12.49 -31.50 20.10
N PRO A 24 -13.38 -31.79 21.06
CA PRO A 24 -13.10 -31.35 22.44
C PRO A 24 -11.80 -31.90 23.01
N GLU A 25 -11.46 -33.14 22.68
CA GLU A 25 -10.21 -33.73 23.16
C GLU A 25 -9.01 -32.97 22.61
N GLU A 26 -9.03 -32.64 21.32
CA GLU A 26 -7.90 -31.96 20.72
C GLU A 26 -7.70 -30.56 21.30
N VAL A 27 -8.79 -29.80 21.43
CA VAL A 27 -8.68 -28.46 21.99
C VAL A 27 -8.27 -28.51 23.46
N ARG A 28 -8.74 -29.52 24.19
CA ARG A 28 -8.30 -29.68 25.58
C ARG A 28 -6.81 -30.00 25.64
N ALA A 29 -6.32 -30.83 24.72
CA ALA A 29 -4.91 -31.23 24.75
C ALA A 29 -4.00 -30.07 24.36
N ILE A 30 -4.34 -29.35 23.29
CA ILE A 30 -3.47 -28.28 22.82
C ILE A 30 -3.52 -27.05 23.71
N SER A 31 -4.52 -26.94 24.58
CA SER A 31 -4.62 -25.79 25.46
C SER A 31 -3.49 -25.80 26.48
N VAL A 32 -2.95 -24.62 26.76
CA VAL A 32 -1.86 -24.47 27.72
C VAL A 32 -2.34 -24.01 29.09
N ALA A 33 -3.58 -23.53 29.20
CA ALA A 33 -4.10 -23.06 30.47
C ALA A 33 -5.62 -23.19 30.46
N LYS A 34 -6.19 -23.18 31.67
CA LYS A 34 -7.63 -23.24 31.85
C LYS A 34 -8.11 -21.92 32.44
N ILE A 35 -9.13 -21.34 31.82
CA ILE A 35 -9.65 -20.03 32.21
C ILE A 35 -10.97 -20.25 32.95
N ARG A 36 -11.01 -19.83 34.21
CA ARG A 36 -12.21 -19.94 35.03
C ARG A 36 -12.64 -18.61 35.64
N PHE A 37 -11.69 -17.79 36.07
CA PHE A 37 -12.04 -16.52 36.71
C PHE A 37 -12.36 -15.48 35.65
N PRO A 38 -13.55 -14.87 35.68
CA PRO A 38 -13.93 -13.85 34.69
C PRO A 38 -13.43 -12.44 35.04
N GLU A 39 -12.16 -12.35 35.39
CA GLU A 39 -11.55 -11.07 35.74
C GLU A 39 -10.19 -10.95 35.05
N THR A 40 -9.79 -9.70 34.81
CA THR A 40 -8.50 -9.39 34.21
C THR A 40 -7.78 -8.36 35.06
N MET A 41 -6.47 -8.54 35.21
CA MET A 41 -5.65 -7.67 36.04
C MET A 41 -6.22 -7.54 37.45
N ASP A 42 -6.62 -8.68 38.03
CA ASP A 42 -7.24 -8.72 39.34
C ASP A 42 -6.24 -8.88 40.48
N GLU A 43 -4.95 -8.90 40.18
CA GLU A 43 -3.91 -9.01 41.21
C GLU A 43 -3.69 -7.67 41.89
N THR A 44 -4.75 -7.20 42.57
CA THR A 44 -4.77 -5.90 43.22
C THR A 44 -4.37 -4.80 42.24
N GLN A 45 -4.96 -4.86 41.05
CA GLN A 45 -4.67 -3.98 39.90
C GLN A 45 -3.19 -3.68 39.74
N THR A 46 -2.36 -4.70 39.95
CA THR A 46 -0.92 -4.60 39.72
C THR A 46 -0.44 -5.57 38.65
N ARG A 47 -0.78 -6.85 38.77
CA ARG A 47 -0.40 -7.87 37.79
C ARG A 47 -1.67 -8.52 37.23
N ALA A 48 -1.47 -9.58 36.44
CA ALA A 48 -2.57 -10.29 35.81
C ALA A 48 -2.92 -11.51 36.64
N LYS A 49 -4.22 -11.69 36.90
CA LYS A 49 -4.68 -12.81 37.72
C LYS A 49 -4.43 -14.12 37.01
N ILE A 50 -3.95 -15.12 37.77
CA ILE A 50 -3.72 -16.44 37.22
C ILE A 50 -5.06 -17.13 36.99
N GLY A 51 -5.24 -17.68 35.80
CA GLY A 51 -6.49 -18.31 35.42
C GLY A 51 -7.54 -17.38 34.89
N GLY A 52 -7.25 -16.07 34.80
CA GLY A 52 -8.17 -15.11 34.26
C GLY A 52 -8.07 -15.00 32.76
N LEU A 53 -8.79 -14.01 32.21
CA LEU A 53 -8.80 -13.79 30.77
C LEU A 53 -7.45 -13.28 30.25
N ASN A 54 -6.58 -12.81 31.14
CA ASN A 54 -5.27 -12.33 30.73
C ASN A 54 -4.18 -13.13 31.41
N ASP A 55 -4.32 -14.45 31.39
CA ASP A 55 -3.34 -15.32 32.04
C ASP A 55 -1.97 -15.14 31.40
N PRO A 56 -0.91 -14.99 32.19
CA PRO A 56 0.43 -14.78 31.61
C PRO A 56 0.90 -15.92 30.73
N ARG A 57 0.40 -17.14 30.93
CA ARG A 57 0.80 -18.26 30.09
C ARG A 57 0.30 -18.13 28.66
N LEU A 58 -0.71 -17.28 28.42
CA LEU A 58 -1.23 -17.09 27.08
C LEU A 58 -0.19 -16.47 26.16
N GLY A 59 0.56 -15.48 26.66
CA GLY A 59 1.58 -14.85 25.86
C GLY A 59 2.02 -13.54 26.47
N SER A 60 2.97 -12.90 25.81
CA SER A 60 3.49 -11.61 26.25
C SER A 60 2.47 -10.52 25.99
N ILE A 61 1.97 -9.90 27.05
CA ILE A 61 0.89 -8.92 26.91
C ILE A 61 1.43 -7.57 26.47
N ASP A 62 2.45 -7.06 27.17
CA ASP A 62 2.96 -5.73 26.88
C ASP A 62 4.42 -5.65 27.32
N ARG A 63 5.05 -4.52 26.99
CA ARG A 63 6.44 -4.20 27.36
C ARG A 63 7.36 -5.24 26.73
N ASN A 64 8.30 -5.84 27.48
CA ASN A 64 9.25 -6.78 26.91
C ASN A 64 9.40 -8.01 27.79
N LEU A 65 8.37 -8.36 28.56
CA LEU A 65 8.41 -9.57 29.37
C LEU A 65 8.24 -10.79 28.49
N LYS A 66 9.19 -11.72 28.57
CA LYS A 66 9.14 -12.91 27.75
C LYS A 66 8.01 -13.82 28.20
N CYS A 67 7.28 -14.39 27.24
CA CYS A 67 6.20 -15.31 27.56
C CYS A 67 6.78 -16.59 28.14
N GLN A 68 6.29 -16.99 29.32
CA GLN A 68 6.89 -18.10 30.04
C GLN A 68 6.72 -19.43 29.33
N THR A 69 5.73 -19.54 28.44
CA THR A 69 5.54 -20.79 27.71
C THR A 69 6.69 -21.07 26.75
N CYS A 70 7.17 -20.04 26.06
CA CYS A 70 8.20 -20.21 25.06
C CYS A 70 9.44 -19.35 25.30
N GLN A 71 9.51 -18.62 26.40
CA GLN A 71 10.69 -17.82 26.77
C GLN A 71 11.07 -16.84 25.66
N GLU A 72 10.10 -16.07 25.20
CA GLU A 72 10.31 -15.12 24.11
C GLU A 72 9.26 -14.01 24.22
N GLY A 73 9.54 -12.89 23.56
CA GLY A 73 8.64 -11.75 23.57
C GLY A 73 7.49 -11.90 22.60
N MET A 74 7.23 -10.87 21.79
CA MET A 74 6.08 -10.89 20.88
C MET A 74 6.46 -11.07 19.42
N ASN A 75 7.67 -10.69 19.02
CA ASN A 75 8.06 -10.74 17.61
C ASN A 75 8.16 -12.16 17.08
N GLU A 76 8.14 -13.17 17.95
CA GLU A 76 8.16 -14.56 17.51
C GLU A 76 7.20 -15.45 18.29
N CYS A 77 6.26 -14.86 19.03
CA CYS A 77 5.28 -15.64 19.77
C CYS A 77 3.96 -15.63 19.02
N PRO A 78 3.53 -16.76 18.44
CA PRO A 78 2.25 -16.77 17.74
C PRO A 78 1.06 -16.44 18.63
N GLY A 79 1.12 -16.81 19.91
CA GLY A 79 0.01 -16.62 20.81
C GLY A 79 -0.61 -17.93 21.24
N HIS A 80 -0.28 -18.39 22.43
CA HIS A 80 -0.74 -19.69 22.89
C HIS A 80 -2.24 -19.63 23.23
N PHE A 81 -2.89 -20.79 23.10
CA PHE A 81 -4.34 -20.90 23.20
C PHE A 81 -4.74 -21.58 24.50
N GLY A 82 -5.78 -21.06 25.14
CA GLY A 82 -6.38 -21.68 26.30
C GLY A 82 -7.67 -22.41 25.97
N HIS A 83 -8.45 -22.70 27.00
CA HIS A 83 -9.71 -23.37 26.81
C HIS A 83 -10.63 -23.08 27.98
N ILE A 84 -11.93 -23.20 27.73
CA ILE A 84 -12.97 -23.00 28.74
C ILE A 84 -13.84 -24.24 28.76
N ASP A 85 -14.02 -24.81 29.96
CA ASP A 85 -14.85 -26.00 30.13
C ASP A 85 -16.30 -25.58 30.35
N LEU A 86 -17.11 -25.68 29.30
CA LEU A 86 -18.51 -25.32 29.42
C LEU A 86 -19.25 -26.31 30.30
N ALA A 87 -20.14 -25.79 31.14
CA ALA A 87 -20.92 -26.65 32.04
C ALA A 87 -21.85 -27.57 31.26
N LYS A 88 -22.51 -27.04 30.24
CA LYS A 88 -23.45 -27.80 29.43
C LYS A 88 -23.16 -27.59 27.95
N PRO A 89 -23.47 -28.59 27.11
CA PRO A 89 -23.24 -28.41 25.67
C PRO A 89 -24.07 -27.27 25.10
N VAL A 90 -23.49 -26.54 24.15
CA VAL A 90 -24.11 -25.38 23.54
C VAL A 90 -24.01 -25.52 22.02
N PHE A 91 -25.11 -25.22 21.34
CA PHE A 91 -25.13 -25.29 19.88
C PHE A 91 -24.19 -24.25 19.27
N HIS A 92 -23.69 -24.57 18.09
CA HIS A 92 -22.88 -23.63 17.31
C HIS A 92 -23.80 -22.83 16.40
N VAL A 93 -23.65 -21.51 16.42
CA VAL A 93 -24.56 -20.64 15.69
C VAL A 93 -24.46 -20.89 14.19
N GLY A 94 -23.23 -21.07 13.69
CA GLY A 94 -23.03 -21.25 12.26
C GLY A 94 -23.44 -22.60 11.73
N PHE A 95 -23.75 -23.56 12.61
CA PHE A 95 -24.11 -24.91 12.19
C PHE A 95 -25.53 -25.29 12.61
N ILE A 96 -26.38 -24.31 12.89
CA ILE A 96 -27.74 -24.61 13.32
C ILE A 96 -28.52 -25.29 12.21
N ALA A 97 -28.46 -24.74 10.99
CA ALA A 97 -29.22 -25.29 9.88
C ALA A 97 -28.75 -26.70 9.53
N LYS A 98 -27.43 -26.91 9.49
CA LYS A 98 -26.91 -28.24 9.19
C LYS A 98 -27.27 -29.23 10.29
N ILE A 99 -27.24 -28.78 11.55
CA ILE A 99 -27.62 -29.66 12.65
C ILE A 99 -29.09 -30.07 12.52
N LYS A 100 -29.96 -29.11 12.20
CA LYS A 100 -31.37 -29.44 12.01
C LYS A 100 -31.56 -30.40 10.83
N LYS A 101 -30.84 -30.16 9.73
CA LYS A 101 -30.97 -31.04 8.57
C LYS A 101 -30.52 -32.46 8.89
N VAL A 102 -29.38 -32.61 9.57
CA VAL A 102 -28.90 -33.95 9.88
C VAL A 102 -29.77 -34.62 10.92
N CYS A 103 -30.37 -33.84 11.84
CA CYS A 103 -31.32 -34.41 12.78
C CYS A 103 -32.57 -34.92 12.06
N GLU A 104 -33.03 -34.19 11.04
CA GLU A 104 -34.16 -34.66 10.24
C GLU A 104 -33.79 -35.91 9.45
N CYS A 105 -32.55 -35.96 8.95
CA CYS A 105 -32.14 -37.09 8.11
C CYS A 105 -32.11 -38.39 8.90
N VAL A 106 -31.59 -38.37 10.12
CA VAL A 106 -31.40 -39.57 10.91
C VAL A 106 -32.52 -39.70 11.93
N CYS A 107 -32.73 -40.93 12.39
CA CYS A 107 -33.73 -41.17 13.43
C CYS A 107 -33.27 -40.56 14.75
N MET A 108 -34.21 -40.02 15.50
CA MET A 108 -33.92 -39.38 16.78
C MET A 108 -33.94 -40.34 17.95
N HIS A 109 -34.28 -41.61 17.71
CA HIS A 109 -34.23 -42.64 18.75
C HIS A 109 -33.11 -43.65 18.55
N CYS A 110 -32.69 -43.89 17.31
CA CYS A 110 -31.58 -44.77 17.00
C CYS A 110 -30.65 -44.09 16.01
N GLY A 111 -29.38 -44.48 16.04
CA GLY A 111 -28.38 -43.87 15.18
C GLY A 111 -28.35 -44.44 13.79
N LYS A 112 -29.51 -44.77 13.24
CA LYS A 112 -29.63 -45.32 11.91
C LYS A 112 -30.40 -44.36 11.01
N LEU A 113 -29.99 -44.29 9.75
CA LEU A 113 -30.67 -43.44 8.79
C LEU A 113 -32.09 -43.91 8.54
N LEU A 114 -32.98 -42.96 8.23
CA LEU A 114 -34.38 -43.31 7.98
C LEU A 114 -34.51 -44.21 6.76
N LEU A 115 -33.77 -43.91 5.69
CA LEU A 115 -33.77 -44.72 4.49
C LEU A 115 -32.51 -45.56 4.42
N ASP A 116 -32.58 -46.64 3.63
CA ASP A 116 -31.48 -47.58 3.49
C ASP A 116 -31.31 -47.93 2.01
N GLU A 117 -30.32 -48.76 1.73
CA GLU A 117 -29.98 -49.14 0.36
C GLU A 117 -31.09 -49.93 -0.33
N HIS A 118 -32.08 -50.42 0.42
CA HIS A 118 -33.17 -51.17 -0.20
C HIS A 118 -33.94 -50.30 -1.19
N ASN A 119 -34.18 -49.04 -0.85
CA ASN A 119 -34.87 -48.13 -1.76
C ASN A 119 -34.00 -47.82 -2.96
N GLU A 120 -34.59 -47.89 -4.15
CA GLU A 120 -33.84 -47.61 -5.37
C GLU A 120 -33.41 -46.16 -5.45
N LEU A 121 -34.31 -45.24 -5.10
CA LEU A 121 -33.97 -43.81 -5.11
C LEU A 121 -32.86 -43.51 -4.10
N MET A 122 -32.87 -44.20 -2.95
CA MET A 122 -31.78 -44.06 -2.00
C MET A 122 -30.47 -44.50 -2.62
N ARG A 123 -30.48 -45.59 -3.38
CA ARG A 123 -29.26 -46.04 -4.05
C ARG A 123 -28.78 -45.01 -5.06
N GLN A 124 -29.70 -44.45 -5.84
CA GLN A 124 -29.31 -43.44 -6.82
C GLN A 124 -28.73 -42.20 -6.15
N ALA A 125 -29.33 -41.78 -5.04
CA ALA A 125 -28.80 -40.64 -4.31
C ALA A 125 -27.43 -40.94 -3.72
N LEU A 126 -27.23 -42.15 -3.18
CA LEU A 126 -25.94 -42.52 -2.63
C LEU A 126 -24.87 -42.68 -3.69
N ALA A 127 -25.26 -42.95 -4.93
CA ALA A 127 -24.30 -43.08 -6.03
C ALA A 127 -23.97 -41.71 -6.62
N ILE A 128 -23.51 -40.81 -5.75
CA ILE A 128 -23.13 -39.45 -6.13
C ILE A 128 -21.75 -39.17 -5.56
N LYS A 129 -20.84 -38.71 -6.42
CA LYS A 129 -19.47 -38.44 -5.98
C LYS A 129 -19.40 -37.17 -5.14
N ASP A 130 -20.10 -36.12 -5.55
CA ASP A 130 -20.03 -34.85 -4.84
C ASP A 130 -20.68 -34.96 -3.47
N SER A 131 -20.00 -34.45 -2.45
CA SER A 131 -20.52 -34.55 -1.08
C SER A 131 -21.73 -33.66 -0.88
N LYS A 132 -21.67 -32.42 -1.38
CA LYS A 132 -22.77 -31.47 -1.16
C LYS A 132 -24.04 -31.94 -1.88
N LYS A 133 -23.91 -32.35 -3.14
CA LYS A 133 -25.09 -32.82 -3.88
C LYS A 133 -25.64 -34.09 -3.26
N ARG A 134 -24.78 -35.00 -2.83
CA ARG A 134 -25.24 -36.22 -2.17
C ARG A 134 -25.98 -35.91 -0.88
N PHE A 135 -25.45 -34.99 -0.08
CA PHE A 135 -26.12 -34.61 1.16
C PHE A 135 -27.47 -33.96 0.88
N ALA A 136 -27.54 -33.10 -0.13
CA ALA A 136 -28.80 -32.47 -0.48
C ALA A 136 -29.83 -33.51 -0.92
N ALA A 137 -29.41 -34.47 -1.75
CA ALA A 137 -30.32 -35.52 -2.18
C ALA A 137 -30.79 -36.37 -1.00
N ILE A 138 -29.88 -36.72 -0.10
CA ILE A 138 -30.24 -37.51 1.07
C ILE A 138 -31.27 -36.76 1.92
N TRP A 139 -31.02 -35.46 2.16
CA TRP A 139 -31.94 -34.69 2.97
C TRP A 139 -33.31 -34.56 2.31
N THR A 140 -33.34 -34.31 1.00
CA THR A 140 -34.61 -34.18 0.31
C THR A 140 -35.39 -35.48 0.32
N LEU A 141 -34.69 -36.62 0.18
CA LEU A 141 -35.38 -37.90 0.14
C LEU A 141 -35.84 -38.34 1.52
N CYS A 142 -35.05 -38.06 2.56
CA CYS A 142 -35.40 -38.49 3.92
C CYS A 142 -36.29 -37.49 4.65
N LYS A 143 -36.51 -36.30 4.10
CA LYS A 143 -37.41 -35.35 4.74
C LYS A 143 -38.85 -35.86 4.71
N THR A 144 -39.25 -36.49 3.59
CA THR A 144 -40.62 -36.99 3.48
C THR A 144 -40.89 -38.10 4.49
N LYS A 145 -39.93 -39.00 4.69
CA LYS A 145 -40.11 -40.09 5.64
C LYS A 145 -40.19 -39.53 7.06
N MET A 146 -41.18 -39.99 7.83
CA MET A 146 -41.46 -39.43 9.15
C MET A 146 -41.65 -40.51 10.21
N VAL A 147 -41.16 -41.72 9.96
CA VAL A 147 -41.32 -42.82 10.91
C VAL A 147 -40.22 -43.85 10.63
N CYS A 148 -39.59 -44.32 11.71
CA CYS A 148 -38.60 -45.37 11.57
C CYS A 148 -39.25 -46.69 11.21
N GLU A 149 -38.50 -47.53 10.50
CA GLU A 149 -39.00 -48.81 10.02
C GLU A 149 -38.19 -49.95 10.62
N THR A 150 -38.89 -50.99 11.06
CA THR A 150 -38.24 -52.19 11.56
C THR A 150 -38.08 -53.27 10.50
N ASP A 151 -38.87 -53.23 9.43
CA ASP A 151 -38.78 -54.19 8.35
C ASP A 151 -39.11 -53.50 7.05
N VAL A 152 -38.41 -53.88 5.98
CA VAL A 152 -38.61 -53.30 4.66
C VAL A 152 -38.64 -54.42 3.62
N PRO A 153 -39.56 -54.37 2.66
CA PRO A 153 -39.56 -55.38 1.59
C PRO A 153 -38.27 -55.33 0.77
N SER A 154 -37.81 -56.50 0.35
CA SER A 154 -36.60 -56.59 -0.45
C SER A 154 -36.88 -56.16 -1.89
N GLU A 155 -35.79 -55.96 -2.65
CA GLU A 155 -35.92 -55.59 -4.05
C GLU A 155 -36.60 -56.69 -4.84
N ASP A 156 -36.23 -57.95 -4.59
CA ASP A 156 -36.87 -59.10 -5.20
C ASP A 156 -37.90 -59.68 -4.23
N ASP A 157 -38.97 -60.25 -4.80
CA ASP A 157 -40.08 -60.79 -4.04
C ASP A 157 -40.62 -59.75 -3.06
N PRO A 158 -41.34 -58.73 -3.56
CA PRO A 158 -41.81 -57.67 -2.67
C PRO A 158 -42.74 -58.16 -1.57
N THR A 159 -43.40 -59.31 -1.76
CA THR A 159 -44.22 -59.86 -0.69
C THR A 159 -43.37 -60.23 0.53
N GLN A 160 -42.18 -60.79 0.29
CA GLN A 160 -41.28 -61.10 1.38
C GLN A 160 -40.77 -59.83 2.05
N LEU A 161 -40.55 -59.94 3.36
CA LEU A 161 -40.11 -58.81 4.18
C LEU A 161 -38.77 -59.14 4.82
N VAL A 162 -37.83 -58.20 4.74
CA VAL A 162 -36.49 -58.37 5.29
C VAL A 162 -36.27 -57.29 6.33
N SER A 163 -35.94 -57.72 7.56
CA SER A 163 -35.74 -56.78 8.65
C SER A 163 -34.51 -55.92 8.40
N ARG A 164 -34.59 -54.65 8.79
CA ARG A 164 -33.49 -53.71 8.63
C ARG A 164 -32.85 -53.29 9.95
N GLY A 165 -33.41 -53.70 11.09
CA GLY A 165 -32.82 -53.37 12.37
C GLY A 165 -33.23 -52.04 12.95
N GLY A 166 -34.33 -51.46 12.50
CA GLY A 166 -34.76 -50.18 13.03
C GLY A 166 -35.45 -50.29 14.38
N CYS A 167 -35.73 -49.14 14.97
CA CYS A 167 -36.36 -49.07 16.28
C CYS A 167 -37.89 -49.03 16.18
N GLY A 168 -38.42 -48.28 15.22
CA GLY A 168 -39.85 -48.17 15.02
C GLY A 168 -40.50 -46.94 15.61
N ASN A 169 -39.77 -46.17 16.41
CA ASN A 169 -40.34 -44.97 17.01
C ASN A 169 -40.60 -43.90 15.94
N THR A 170 -41.68 -43.15 16.13
CA THR A 170 -42.03 -42.09 15.21
C THR A 170 -41.02 -40.94 15.29
N GLN A 171 -40.88 -40.24 14.17
CA GLN A 171 -39.93 -39.15 14.10
C GLN A 171 -40.60 -37.82 14.45
N PRO A 172 -39.85 -36.87 15.01
CA PRO A 172 -40.40 -35.53 15.25
C PRO A 172 -40.21 -34.60 14.07
N THR A 173 -40.99 -33.53 14.07
CA THR A 173 -40.90 -32.48 13.06
C THR A 173 -40.01 -31.37 13.62
N ILE A 174 -38.73 -31.39 13.24
CA ILE A 174 -37.79 -30.41 13.76
C ILE A 174 -38.06 -29.05 13.12
N ARG A 175 -38.20 -28.02 13.95
CA ARG A 175 -38.45 -26.67 13.49
C ARG A 175 -37.54 -25.71 14.25
N LYS A 176 -36.93 -24.79 13.52
CA LYS A 176 -36.00 -23.83 14.12
C LYS A 176 -36.77 -22.65 14.69
N ASP A 177 -36.49 -22.33 15.96
CA ASP A 177 -37.12 -21.21 16.64
C ASP A 177 -36.04 -20.47 17.43
N GLY A 178 -35.48 -19.42 16.84
CA GLY A 178 -34.41 -18.68 17.47
C GLY A 178 -33.14 -19.48 17.60
N LEU A 179 -32.72 -19.77 18.83
CA LEU A 179 -31.54 -20.58 19.10
C LEU A 179 -31.88 -21.95 19.63
N LYS A 180 -33.13 -22.37 19.49
CA LYS A 180 -33.58 -23.67 19.96
C LYS A 180 -34.40 -24.37 18.89
N LEU A 181 -34.42 -25.70 18.95
CA LEU A 181 -35.17 -26.52 18.01
C LEU A 181 -36.36 -27.14 18.72
N VAL A 182 -37.54 -26.99 18.13
CA VAL A 182 -38.78 -27.54 18.68
C VAL A 182 -39.24 -28.68 17.78
N GLY A 183 -39.66 -29.79 18.39
CA GLY A 183 -40.10 -30.94 17.63
C GLY A 183 -41.53 -31.32 17.89
N SER A 184 -42.35 -31.31 16.83
CA SER A 184 -43.76 -31.68 16.94
C SER A 184 -43.91 -33.18 16.67
N TRP A 185 -44.39 -33.90 17.67
CA TRP A 185 -44.59 -35.34 17.57
C TRP A 185 -46.06 -35.61 17.28
N LYS A 186 -46.32 -36.33 16.19
CA LYS A 186 -47.68 -36.65 15.76
C LYS A 186 -47.85 -38.16 15.72
N LYS A 187 -48.97 -38.63 16.26
CA LYS A 187 -49.26 -40.06 16.29
C LYS A 187 -50.33 -40.42 15.26
N PRO A 197 -50.91 -33.00 19.37
CA PRO A 197 -49.51 -33.37 19.14
C PRO A 197 -48.56 -32.77 20.18
N GLU A 198 -47.64 -33.60 20.70
CA GLU A 198 -46.70 -33.12 21.69
C GLU A 198 -45.72 -32.13 21.08
N LEU A 199 -45.45 -31.06 21.80
CA LEU A 199 -44.54 -30.00 21.37
C LEU A 199 -43.44 -29.86 22.41
N ARG A 200 -42.37 -30.64 22.26
CA ARG A 200 -41.25 -30.62 23.18
C ARG A 200 -40.05 -29.91 22.53
N VAL A 201 -39.26 -29.26 23.38
CA VAL A 201 -38.04 -28.57 22.94
C VAL A 201 -36.88 -29.54 23.05
N LEU A 202 -36.23 -29.81 21.91
CA LEU A 202 -35.10 -30.73 21.91
C LEU A 202 -33.91 -30.11 22.64
N SER A 203 -33.32 -30.86 23.54
CA SER A 203 -32.16 -30.39 24.29
C SER A 203 -30.87 -30.71 23.54
N THR A 204 -29.82 -29.97 23.90
CA THR A 204 -28.52 -30.22 23.28
C THR A 204 -27.93 -31.55 23.74
N GLU A 205 -28.22 -31.96 24.97
CA GLU A 205 -27.65 -33.21 25.49
C GLU A 205 -28.15 -34.42 24.72
N GLU A 206 -29.48 -34.49 24.50
CA GLU A 206 -30.03 -35.63 23.77
C GLU A 206 -29.59 -35.62 22.32
N ILE A 207 -29.50 -34.44 21.71
CA ILE A 207 -29.03 -34.35 20.33
C ILE A 207 -27.58 -34.82 20.23
N LEU A 208 -26.75 -34.42 21.18
CA LEU A 208 -25.36 -34.88 21.19
C LEU A 208 -25.28 -36.38 21.39
N ASN A 209 -26.11 -36.92 22.28
CA ASN A 209 -26.13 -38.37 22.50
C ASN A 209 -26.54 -39.11 21.23
N ILE A 210 -27.54 -38.59 20.52
CA ILE A 210 -27.96 -39.22 19.27
C ILE A 210 -26.84 -39.15 18.24
N PHE A 211 -26.17 -38.00 18.15
CA PHE A 211 -25.08 -37.84 17.19
C PHE A 211 -23.94 -38.81 17.49
N LYS A 212 -23.62 -39.00 18.77
CA LYS A 212 -22.55 -39.93 19.13
C LYS A 212 -22.88 -41.38 18.77
N HIS A 213 -24.16 -41.71 18.64
CA HIS A 213 -24.58 -43.06 18.27
C HIS A 213 -24.64 -43.27 16.78
N ILE A 214 -24.37 -42.24 15.98
CA ILE A 214 -24.42 -42.38 14.53
C ILE A 214 -23.25 -43.22 14.05
N SER A 215 -23.53 -44.21 13.22
CA SER A 215 -22.49 -45.09 12.70
C SER A 215 -21.55 -44.33 11.77
N VAL A 216 -20.34 -44.87 11.61
CA VAL A 216 -19.33 -44.21 10.79
C VAL A 216 -19.79 -44.10 9.35
N LYS A 217 -20.36 -45.18 8.81
CA LYS A 217 -20.82 -45.16 7.42
C LYS A 217 -21.93 -44.15 7.21
N ASP A 218 -22.78 -43.93 8.22
CA ASP A 218 -23.91 -43.03 8.05
C ASP A 218 -23.45 -41.60 7.76
N PHE A 219 -22.58 -41.05 8.61
CA PHE A 219 -22.09 -39.70 8.34
C PHE A 219 -20.99 -39.66 7.30
N THR A 220 -20.36 -40.80 6.99
CA THR A 220 -19.47 -40.85 5.83
C THR A 220 -20.25 -40.65 4.54
N SER A 221 -21.42 -41.28 4.42
CA SER A 221 -22.27 -41.06 3.26
C SER A 221 -22.98 -39.72 3.33
N LEU A 222 -23.25 -39.23 4.53
CA LEU A 222 -23.88 -37.92 4.67
C LEU A 222 -22.98 -36.81 4.15
N GLY A 223 -21.68 -36.90 4.42
CA GLY A 223 -20.74 -35.91 3.95
C GLY A 223 -19.65 -35.57 4.94
N PHE A 224 -19.84 -36.00 6.19
CA PHE A 224 -18.86 -35.72 7.24
C PHE A 224 -17.64 -36.63 7.08
N ASN A 225 -16.60 -36.31 7.84
CA ASN A 225 -15.34 -37.05 7.80
C ASN A 225 -15.17 -37.83 9.09
N GLU A 226 -14.58 -39.03 8.97
CA GLU A 226 -14.41 -39.89 10.14
C GLU A 226 -13.46 -39.29 11.15
N VAL A 227 -12.37 -38.68 10.69
CA VAL A 227 -11.33 -38.16 11.56
C VAL A 227 -11.28 -36.63 11.56
N PHE A 228 -11.53 -36.01 10.41
CA PHE A 228 -11.35 -34.56 10.31
C PHE A 228 -12.53 -33.79 10.89
N SER A 229 -13.76 -34.21 10.60
CA SER A 229 -14.94 -33.49 11.07
C SER A 229 -16.07 -34.48 11.29
N ARG A 230 -16.27 -34.90 12.55
CA ARG A 230 -17.36 -35.78 12.92
C ARG A 230 -18.61 -34.97 13.25
N PRO A 231 -19.80 -35.54 13.01
CA PRO A 231 -21.04 -34.80 13.31
C PRO A 231 -21.19 -34.44 14.78
N GLU A 232 -20.70 -35.27 15.69
CA GLU A 232 -20.88 -35.00 17.11
C GLU A 232 -20.00 -33.84 17.59
N TRP A 233 -19.00 -33.45 16.81
CA TRP A 233 -18.16 -32.32 17.17
C TRP A 233 -18.82 -30.98 16.86
N MET A 234 -19.99 -30.99 16.22
CA MET A 234 -20.68 -29.77 15.86
C MET A 234 -21.26 -29.05 17.08
N ILE A 235 -21.38 -29.76 18.21
CA ILE A 235 -21.88 -29.17 19.45
C ILE A 235 -20.69 -28.68 20.27
N LEU A 236 -20.76 -27.43 20.71
CA LEU A 236 -19.66 -26.81 21.43
C LEU A 236 -19.69 -27.24 22.89
N THR A 237 -18.70 -28.04 23.30
CA THR A 237 -18.53 -28.42 24.69
C THR A 237 -17.31 -27.79 25.34
N CYS A 238 -16.28 -27.49 24.56
CA CYS A 238 -15.09 -26.79 25.05
C CYS A 238 -14.83 -25.59 24.16
N LEU A 239 -14.74 -24.41 24.76
CA LEU A 239 -14.59 -23.17 24.01
C LEU A 239 -13.19 -22.61 24.17
N PRO A 240 -12.34 -22.65 23.15
CA PRO A 240 -11.02 -22.04 23.26
C PRO A 240 -11.11 -20.52 23.34
N VAL A 241 -10.15 -19.92 24.03
CA VAL A 241 -10.07 -18.48 24.21
C VAL A 241 -8.93 -17.95 23.34
N PRO A 242 -9.16 -16.90 22.54
CA PRO A 242 -8.09 -16.38 21.71
C PRO A 242 -6.99 -15.77 22.56
N PRO A 243 -5.75 -15.78 22.09
CA PRO A 243 -4.65 -15.17 22.85
C PRO A 243 -4.76 -13.66 22.84
N PRO A 244 -4.02 -12.99 23.73
CA PRO A 244 -4.07 -11.51 23.78
C PRO A 244 -3.71 -10.86 22.45
N PRO A 245 -2.78 -11.42 21.65
CA PRO A 245 -2.55 -10.82 20.32
C PRO A 245 -3.80 -10.72 19.47
N VAL A 246 -4.73 -11.67 19.58
CA VAL A 246 -5.95 -11.61 18.78
C VAL A 246 -6.83 -10.44 19.24
N ARG A 247 -6.91 -10.21 20.55
CA ARG A 247 -7.74 -9.16 21.12
C ARG A 247 -6.88 -8.29 22.02
N PRO A 248 -6.09 -7.39 21.45
CA PRO A 248 -5.23 -6.53 22.27
C PRO A 248 -6.02 -5.42 22.94
N SER A 249 -5.39 -4.79 23.91
CA SER A 249 -5.97 -3.67 24.65
C SER A 249 -5.44 -2.36 24.08
N ILE A 250 -6.35 -1.43 23.77
CA ILE A 250 -5.98 -0.15 23.19
C ILE A 250 -5.35 0.75 24.24
N SER A 251 -4.69 1.82 23.79
CA SER A 251 -4.03 2.74 24.71
C SER A 251 -5.01 3.67 25.42
N PHE A 252 -6.16 3.94 24.79
CA PHE A 252 -7.16 4.88 25.32
C PHE A 252 -6.48 6.25 25.43
N ASN A 253 -6.81 7.06 26.43
CA ASN A 253 -6.14 8.32 26.66
C ASN A 253 -5.14 8.14 27.81
N GLU A 254 -4.55 9.24 28.26
CA GLU A 254 -3.57 9.18 29.34
C GLU A 254 -4.21 8.65 30.62
N SER A 255 -3.52 7.73 31.28
CA SER A 255 -3.97 7.13 32.54
C SER A 255 -5.31 6.43 32.38
N GLN A 256 -5.58 5.88 31.20
CA GLN A 256 -6.81 5.16 30.93
C GLN A 256 -6.50 3.88 30.18
N ARG A 257 -7.12 2.78 30.62
CA ARG A 257 -6.93 1.48 30.00
C ARG A 257 -8.29 0.90 29.62
N GLY A 258 -8.40 0.38 28.40
CA GLY A 258 -9.62 -0.23 27.95
C GLY A 258 -9.37 -1.60 27.36
N GLU A 259 -10.44 -2.38 27.25
CA GLU A 259 -10.38 -3.74 26.75
C GLU A 259 -11.23 -3.87 25.50
N ASP A 260 -10.85 -4.83 24.64
CA ASP A 260 -11.58 -5.08 23.42
C ASP A 260 -12.93 -5.71 23.73
N ASP A 261 -13.85 -5.63 22.75
CA ASP A 261 -15.16 -6.24 22.92
C ASP A 261 -15.07 -7.74 23.09
N LEU A 262 -14.06 -8.37 22.49
CA LEU A 262 -13.87 -9.82 22.66
C LEU A 262 -13.62 -10.17 24.11
N THR A 263 -12.78 -9.38 24.80
CA THR A 263 -12.50 -9.65 26.21
C THR A 263 -13.76 -9.52 27.06
N PHE A 264 -14.56 -8.47 26.82
CA PHE A 264 -15.78 -8.29 27.58
C PHE A 264 -16.77 -9.42 27.33
N LYS A 265 -16.90 -9.85 26.06
CA LYS A 265 -17.80 -10.95 25.75
C LYS A 265 -17.33 -12.25 26.38
N LEU A 266 -16.02 -12.50 26.38
CA LEU A 266 -15.48 -13.70 27.02
C LEU A 266 -15.73 -13.66 28.53
N ALA A 267 -15.56 -12.49 29.14
CA ALA A 267 -15.85 -12.37 30.57
C ALA A 267 -17.32 -12.61 30.85
N ASP A 268 -18.20 -12.12 29.99
CA ASP A 268 -19.63 -12.35 30.16
C ASP A 268 -19.94 -13.85 30.04
N ILE A 269 -19.32 -14.52 29.08
CA ILE A 269 -19.53 -15.97 28.91
C ILE A 269 -19.05 -16.72 30.14
N LEU A 270 -17.89 -16.35 30.67
CA LEU A 270 -17.36 -17.00 31.86
C LEU A 270 -18.28 -16.77 33.06
N LYS A 271 -18.81 -15.56 33.21
CA LYS A 271 -19.73 -15.27 34.29
C LYS A 271 -21.00 -16.10 34.17
N ALA A 272 -21.53 -16.22 32.95
CA ALA A 272 -22.72 -17.03 32.74
C ALA A 272 -22.45 -18.49 33.06
N ASN A 273 -21.29 -19.01 32.65
CA ASN A 273 -20.95 -20.39 32.94
C ASN A 273 -20.82 -20.62 34.45
N ILE A 274 -20.18 -19.69 35.17
CA ILE A 274 -20.04 -19.82 36.61
C ILE A 274 -21.42 -19.78 37.28
N SER A 275 -22.28 -18.87 36.83
CA SER A 275 -23.62 -18.78 37.41
C SER A 275 -24.39 -20.06 37.17
N LEU A 276 -24.31 -20.63 35.96
CA LEU A 276 -25.00 -21.88 35.67
C LEU A 276 -24.46 -23.02 36.53
N GLU A 277 -23.14 -23.09 36.69
CA GLU A 277 -22.56 -24.16 37.51
C GLU A 277 -23.01 -24.05 38.96
N THR A 278 -22.98 -22.84 39.52
CA THR A 278 -23.42 -22.65 40.90
C THR A 278 -24.90 -22.96 41.06
N LEU A 279 -25.72 -22.51 40.10
CA LEU A 279 -27.15 -22.74 40.17
C LEU A 279 -27.49 -24.22 40.06
N GLU A 280 -26.71 -24.98 39.29
CA GLU A 280 -26.93 -26.42 39.22
C GLU A 280 -26.43 -27.12 40.48
N HIS A 281 -25.32 -26.64 41.05
CA HIS A 281 -24.73 -27.30 42.21
C HIS A 281 -25.59 -27.12 43.46
N ASN A 282 -26.02 -25.88 43.73
CA ASN A 282 -26.73 -25.59 44.97
C ASN A 282 -28.18 -26.06 44.96
N GLY A 283 -28.71 -26.46 43.81
CA GLY A 283 -30.11 -26.85 43.72
C GLY A 283 -31.01 -25.68 43.41
N ALA A 284 -31.77 -25.78 42.33
CA ALA A 284 -32.61 -24.67 41.87
C ALA A 284 -33.71 -25.23 41.00
N PRO A 285 -34.79 -24.48 40.78
CA PRO A 285 -35.87 -24.95 39.91
C PRO A 285 -35.40 -25.12 38.47
N HIS A 286 -36.08 -26.00 37.76
CA HIS A 286 -35.73 -26.32 36.37
C HIS A 286 -35.86 -25.09 35.47
N HIS A 287 -36.76 -24.17 35.82
CA HIS A 287 -36.89 -22.93 35.04
C HIS A 287 -35.62 -22.09 35.15
N ALA A 288 -35.01 -22.06 36.34
CA ALA A 288 -33.76 -21.32 36.50
C ALA A 288 -32.66 -21.93 35.65
N ILE A 289 -32.59 -23.26 35.61
CA ILE A 289 -31.61 -23.94 34.76
C ILE A 289 -31.84 -23.57 33.29
N GLU A 290 -33.11 -23.57 32.87
CA GLU A 290 -33.42 -23.24 31.48
C GLU A 290 -33.02 -21.81 31.14
N GLU A 291 -33.33 -20.86 32.01
CA GLU A 291 -32.99 -19.47 31.70
C GLU A 291 -31.48 -19.27 31.71
N ALA A 292 -30.77 -19.94 32.62
CA ALA A 292 -29.31 -19.82 32.63
C ALA A 292 -28.70 -20.40 31.37
N GLU A 293 -29.17 -21.57 30.93
CA GLU A 293 -28.63 -22.18 29.72
C GLU A 293 -28.98 -21.35 28.48
N SER A 294 -30.18 -20.76 28.45
CA SER A 294 -30.53 -19.88 27.35
C SER A 294 -29.62 -18.66 27.31
N LEU A 295 -29.33 -18.07 28.48
CA LEU A 295 -28.42 -16.93 28.54
C LEU A 295 -27.03 -17.32 28.05
N LEU A 296 -26.54 -18.47 28.48
CA LEU A 296 -25.21 -18.92 28.04
C LEU A 296 -25.18 -19.15 26.53
N GLN A 297 -26.20 -19.80 25.99
CA GLN A 297 -26.25 -20.04 24.55
C GLN A 297 -26.32 -18.74 23.78
N PHE A 298 -27.12 -17.79 24.24
CA PHE A 298 -27.21 -16.50 23.57
C PHE A 298 -25.87 -15.77 23.61
N HIS A 299 -25.18 -15.80 24.75
CA HIS A 299 -23.88 -15.15 24.85
C HIS A 299 -22.86 -15.79 23.91
N VAL A 300 -22.85 -17.12 23.83
CA VAL A 300 -21.92 -17.80 22.91
C VAL A 300 -22.24 -17.44 21.47
N ALA A 301 -23.53 -17.45 21.11
CA ALA A 301 -23.91 -17.13 19.74
C ALA A 301 -23.50 -15.71 19.38
N THR A 302 -23.77 -14.74 20.26
CA THR A 302 -23.35 -13.37 20.01
C THR A 302 -21.83 -13.25 19.99
N TYR A 303 -21.11 -14.09 20.74
CA TYR A 303 -19.66 -14.10 20.64
C TYR A 303 -19.21 -14.52 19.26
N MET A 304 -19.88 -15.51 18.65
CA MET A 304 -19.52 -15.96 17.32
C MET A 304 -20.30 -15.29 16.20
N ASP A 305 -21.48 -14.72 16.49
CA ASP A 305 -22.27 -14.04 15.45
C ASP A 305 -23.24 -13.10 16.12
N ASN A 306 -23.06 -11.79 15.91
CA ASN A 306 -23.91 -10.78 16.53
C ASN A 306 -24.98 -10.26 15.57
N ASP A 307 -25.13 -10.86 14.40
CA ASP A 307 -26.11 -10.43 13.40
C ASP A 307 -27.12 -11.52 13.10
N ILE A 308 -27.59 -12.20 14.15
CA ILE A 308 -28.59 -13.24 13.99
C ILE A 308 -29.95 -12.60 13.75
N ALA A 309 -30.61 -13.01 12.66
CA ALA A 309 -31.92 -12.45 12.34
C ALA A 309 -32.99 -13.04 13.26
N GLY A 310 -34.04 -12.26 13.46
CA GLY A 310 -35.12 -12.67 14.35
C GLY A 310 -34.69 -12.81 15.79
N GLN A 311 -33.76 -11.98 16.25
CA GLN A 311 -33.25 -12.05 17.61
C GLN A 311 -32.64 -10.70 17.95
N PRO A 312 -32.63 -10.32 19.23
CA PRO A 312 -32.01 -9.05 19.62
C PRO A 312 -30.51 -9.08 19.39
N GLN A 313 -29.96 -7.90 19.10
CA GLN A 313 -28.54 -7.72 18.86
C GLN A 313 -27.87 -7.28 20.17
N ALA A 314 -26.82 -7.98 20.56
CA ALA A 314 -26.14 -7.68 21.81
C ALA A 314 -25.50 -6.30 21.74
N LEU A 315 -25.71 -5.49 22.78
CA LEU A 315 -25.17 -4.15 22.86
C LEU A 315 -24.00 -4.10 23.85
N GLN A 316 -23.11 -3.16 23.63
CA GLN A 316 -22.03 -2.89 24.56
C GLN A 316 -22.53 -1.99 25.69
N LYS A 317 -21.66 -1.76 26.68
CA LYS A 317 -22.04 -0.91 27.80
C LYS A 317 -22.36 0.51 27.33
N SER A 318 -21.59 1.04 26.38
CA SER A 318 -21.92 2.33 25.80
C SER A 318 -23.23 2.28 25.03
N GLY A 319 -23.48 1.18 24.33
CA GLY A 319 -24.70 1.02 23.56
C GLY A 319 -24.47 0.46 22.18
N ARG A 320 -23.22 0.51 21.71
CA ARG A 320 -22.89 0.00 20.40
C ARG A 320 -23.04 -1.51 20.35
N PRO A 321 -23.37 -2.06 19.18
CA PRO A 321 -23.37 -3.52 19.03
C PRO A 321 -21.97 -4.09 19.23
N VAL A 322 -21.93 -5.30 19.79
CA VAL A 322 -20.65 -5.96 20.04
C VAL A 322 -20.05 -6.43 18.72
N LYS A 323 -18.79 -6.07 18.47
CA LYS A 323 -18.10 -6.45 17.24
C LYS A 323 -17.72 -7.92 17.32
N SER A 324 -18.54 -8.78 16.75
CA SER A 324 -18.24 -10.20 16.72
C SER A 324 -17.12 -10.49 15.72
N ILE A 325 -16.46 -11.63 15.94
CA ILE A 325 -15.35 -12.03 15.06
C ILE A 325 -15.83 -12.27 13.64
N ARG A 326 -17.10 -12.67 13.46
CA ARG A 326 -17.64 -12.81 12.11
C ARG A 326 -17.61 -11.49 11.36
N ALA A 327 -17.96 -10.40 12.03
CA ALA A 327 -17.89 -9.08 11.41
C ALA A 327 -16.45 -8.71 11.07
N ARG A 328 -15.50 -9.07 11.95
CA ARG A 328 -14.10 -8.80 11.67
C ARG A 328 -13.60 -9.61 10.49
N LEU A 329 -14.17 -10.79 10.25
CA LEU A 329 -13.76 -11.65 9.16
C LEU A 329 -14.58 -11.47 7.88
N LYS A 330 -15.53 -10.55 7.87
CA LYS A 330 -16.43 -10.38 6.74
C LYS A 330 -16.51 -8.92 6.35
N GLY A 331 -16.58 -8.65 5.05
CA GLY A 331 -16.76 -7.31 4.53
C GLY A 331 -15.53 -6.81 3.80
N LYS A 332 -15.69 -5.63 3.21
CA LYS A 332 -14.58 -5.00 2.50
C LYS A 332 -13.45 -4.62 3.45
N GLU A 333 -13.77 -4.19 4.66
CA GLU A 333 -12.77 -3.81 5.64
C GLU A 333 -12.41 -4.94 6.60
N GLY A 334 -12.95 -6.14 6.37
CA GLY A 334 -12.62 -7.28 7.18
C GLY A 334 -11.24 -7.82 6.88
N ARG A 335 -10.82 -8.81 7.67
CA ARG A 335 -9.48 -9.37 7.52
C ARG A 335 -9.46 -10.48 6.47
N ILE A 336 -10.06 -10.20 5.31
CA ILE A 336 -9.93 -11.06 4.14
C ILE A 336 -9.57 -10.18 2.96
N ARG A 337 -10.37 -9.13 2.73
CA ARG A 337 -10.19 -8.22 1.61
C ARG A 337 -9.44 -6.96 1.98
N GLY A 338 -9.52 -6.52 3.24
CA GLY A 338 -8.88 -5.31 3.66
C GLY A 338 -7.50 -5.51 4.26
N ASN A 339 -7.14 -6.76 4.53
CA ASN A 339 -5.84 -7.08 5.12
C ASN A 339 -5.09 -8.20 4.44
N LEU A 340 -5.76 -9.03 3.63
CA LEU A 340 -5.10 -10.14 2.94
C LEU A 340 -5.13 -9.98 1.43
N MET A 341 -6.31 -9.75 0.84
CA MET A 341 -6.39 -9.49 -0.59
C MET A 341 -5.65 -8.21 -0.95
N GLY A 342 -5.80 -7.17 -0.14
CA GLY A 342 -5.10 -5.92 -0.37
C GLY A 342 -4.65 -5.28 0.93
N LYS A 343 -3.38 -4.87 0.99
CA LYS A 343 -2.84 -4.29 2.21
C LYS A 343 -2.07 -3.01 1.92
N ARG A 344 -1.42 -2.47 2.94
CA ARG A 344 -0.61 -1.27 2.81
C ARG A 344 0.87 -1.65 2.82
N VAL A 345 1.65 -1.02 1.95
CA VAL A 345 3.04 -1.37 1.75
C VAL A 345 3.92 -0.15 2.00
N ASP A 346 5.20 -0.40 2.23
CA ASP A 346 6.18 0.64 2.43
C ASP A 346 6.85 0.99 1.10
N PHE A 347 7.81 1.91 1.16
CA PHE A 347 8.57 2.34 -0.01
C PHE A 347 7.63 2.84 -1.12
N SER A 348 6.67 3.67 -0.73
CA SER A 348 5.69 4.21 -1.64
C SER A 348 5.59 5.72 -1.45
N ALA A 349 5.25 6.42 -2.52
CA ALA A 349 5.11 7.87 -2.51
C ALA A 349 3.89 8.26 -3.32
N ARG A 350 3.37 9.46 -3.03
CA ARG A 350 2.20 9.96 -3.73
C ARG A 350 2.22 11.48 -3.70
N THR A 351 2.07 12.10 -4.87
CA THR A 351 2.05 13.54 -4.99
C THR A 351 1.34 13.92 -6.29
N VAL A 352 1.12 15.23 -6.46
CA VAL A 352 0.44 15.73 -7.65
C VAL A 352 1.34 15.55 -8.87
N ILE A 353 0.76 15.05 -9.96
CA ILE A 353 1.51 14.82 -11.19
C ILE A 353 1.48 16.08 -12.04
N SER A 354 2.42 16.15 -12.99
CA SER A 354 2.52 17.29 -13.89
C SER A 354 3.12 16.82 -15.20
N GLY A 355 2.96 17.66 -16.23
CA GLY A 355 3.47 17.33 -17.55
C GLY A 355 4.87 17.88 -17.78
N ASP A 356 5.62 17.21 -18.65
CA ASP A 356 6.98 17.62 -18.99
C ASP A 356 7.28 17.14 -20.40
N PRO A 357 7.19 18.03 -21.40
CA PRO A 357 7.50 17.62 -22.78
C PRO A 357 8.96 17.23 -22.98
N ASN A 358 9.87 17.68 -22.11
CA ASN A 358 11.28 17.40 -22.28
C ASN A 358 11.70 16.06 -21.69
N LEU A 359 10.78 15.33 -21.06
CA LEU A 359 11.08 14.02 -20.52
C LEU A 359 10.73 12.93 -21.52
N GLU A 360 11.51 11.85 -21.51
CA GLU A 360 11.28 10.76 -22.43
C GLU A 360 10.05 9.95 -22.02
N LEU A 361 9.66 9.03 -22.89
CA LEU A 361 8.45 8.24 -22.66
C LEU A 361 8.57 7.39 -21.40
N ASP A 362 9.69 6.69 -21.25
CA ASP A 362 9.93 5.84 -20.09
C ASP A 362 10.79 6.59 -19.06
N GLN A 363 10.21 7.65 -18.51
CA GLN A 363 10.91 8.46 -17.52
C GLN A 363 9.87 9.16 -16.65
N VAL A 364 10.17 9.25 -15.36
CA VAL A 364 9.30 9.92 -14.39
C VAL A 364 10.14 10.87 -13.56
N GLY A 365 9.65 12.10 -13.38
CA GLY A 365 10.37 13.08 -12.59
C GLY A 365 10.11 12.93 -11.11
N VAL A 366 11.08 12.39 -10.38
CA VAL A 366 10.96 12.16 -8.94
C VAL A 366 11.50 13.38 -8.20
N PRO A 367 10.73 13.95 -7.26
CA PRO A 367 11.25 15.08 -6.49
C PRO A 367 12.42 14.67 -5.62
N LYS A 368 13.27 15.65 -5.30
CA LYS A 368 14.47 15.36 -4.51
C LYS A 368 14.13 14.85 -3.12
N SER A 369 13.11 15.44 -2.49
CA SER A 369 12.73 15.01 -1.14
C SER A 369 12.23 13.56 -1.15
N ILE A 370 11.40 13.22 -2.15
CA ILE A 370 10.90 11.85 -2.24
C ILE A 370 12.04 10.86 -2.48
N ALA A 371 12.97 11.23 -3.36
CA ALA A 371 14.12 10.36 -3.62
C ALA A 371 14.97 10.18 -2.37
N LYS A 372 15.15 11.26 -1.59
CA LYS A 372 15.91 11.16 -0.34
C LYS A 372 15.20 10.26 0.66
N THR A 373 13.87 10.37 0.75
CA THR A 373 13.14 9.56 1.72
C THR A 373 13.18 8.09 1.36
N LEU A 374 12.93 7.76 0.09
CA LEU A 374 12.93 6.36 -0.34
C LEU A 374 14.36 5.83 -0.48
N THR A 375 14.53 4.55 -0.19
CA THR A 375 15.83 3.91 -0.25
C THR A 375 15.71 2.55 -0.93
N TYR A 376 16.82 2.09 -1.48
CA TYR A 376 16.89 0.78 -2.12
C TYR A 376 18.12 0.05 -1.59
N PRO A 377 17.96 -1.14 -1.01
CA PRO A 377 19.13 -1.85 -0.49
C PRO A 377 20.03 -2.36 -1.60
N GLU A 378 21.34 -2.19 -1.41
CA GLU A 378 22.33 -2.65 -2.37
C GLU A 378 23.36 -3.51 -1.65
N VAL A 379 23.63 -4.68 -2.20
CA VAL A 379 24.58 -5.61 -1.60
C VAL A 379 25.99 -5.09 -1.84
N VAL A 380 26.78 -5.01 -0.77
CA VAL A 380 28.16 -4.53 -0.89
C VAL A 380 28.97 -5.63 -1.58
N THR A 381 29.47 -5.34 -2.77
CA THR A 381 30.14 -6.31 -3.62
C THR A 381 31.21 -5.56 -4.40
N PRO A 382 32.17 -6.28 -4.99
CA PRO A 382 33.06 -5.64 -5.97
C PRO A 382 32.29 -4.97 -7.10
N TYR A 383 32.98 -4.14 -7.87
CA TYR A 383 32.46 -3.41 -9.02
C TYR A 383 31.57 -2.24 -8.63
N ASN A 384 31.26 -2.11 -7.33
CA ASN A 384 30.57 -0.92 -6.84
C ASN A 384 30.98 -0.53 -5.44
N ILE A 385 32.07 -1.08 -4.90
CA ILE A 385 32.47 -0.80 -3.52
C ILE A 385 32.85 0.67 -3.38
N ASP A 386 33.58 1.22 -4.36
CA ASP A 386 33.97 2.62 -4.29
C ASP A 386 32.74 3.54 -4.31
N ARG A 387 31.78 3.25 -5.19
CA ARG A 387 30.58 4.07 -5.25
C ARG A 387 29.78 3.97 -3.95
N LEU A 388 29.67 2.77 -3.39
CA LEU A 388 28.94 2.61 -2.13
C LEU A 388 29.63 3.35 -0.99
N THR A 389 30.96 3.29 -0.94
CA THR A 389 31.68 4.02 0.10
C THR A 389 31.51 5.53 -0.07
N GLN A 390 31.53 6.01 -1.31
CA GLN A 390 31.30 7.44 -1.54
C GLN A 390 29.90 7.85 -1.10
N LEU A 391 28.89 7.03 -1.42
CA LEU A 391 27.53 7.33 -0.99
C LEU A 391 27.41 7.34 0.53
N VAL A 392 28.06 6.39 1.20
CA VAL A 392 28.04 6.36 2.66
C VAL A 392 28.71 7.61 3.23
N ARG A 393 29.85 8.01 2.64
CA ARG A 393 30.53 9.21 3.10
C ARG A 393 29.70 10.46 2.89
N ASN A 394 28.89 10.49 1.82
CA ASN A 394 28.04 11.65 1.56
C ASN A 394 27.02 11.84 2.68
N GLY A 395 26.43 10.75 3.15
CA GLY A 395 25.46 10.81 4.23
C GLY A 395 24.04 10.87 3.73
N PRO A 396 23.08 10.84 4.65
CA PRO A 396 21.67 10.87 4.26
C PRO A 396 21.10 12.25 3.98
N ASN A 397 21.89 13.31 4.16
CA ASN A 397 21.38 14.67 3.92
C ASN A 397 21.41 15.01 2.44
N GLU A 398 22.54 14.76 1.78
CA GLU A 398 22.62 14.97 0.33
C GLU A 398 21.80 13.90 -0.38
N HIS A 399 21.30 14.25 -1.57
CA HIS A 399 20.49 13.30 -2.34
C HIS A 399 21.26 12.04 -2.70
N PRO A 400 22.48 12.09 -3.28
CA PRO A 400 23.23 10.85 -3.49
C PRO A 400 23.88 10.41 -2.19
N GLY A 401 23.33 9.37 -1.58
CA GLY A 401 23.82 8.91 -0.31
C GLY A 401 23.02 7.74 0.20
N ALA A 402 23.27 7.37 1.45
CA ALA A 402 22.63 6.22 2.07
C ALA A 402 22.11 6.60 3.45
N LYS A 403 21.09 5.87 3.89
CA LYS A 403 20.48 6.09 5.21
C LYS A 403 20.86 5.03 6.22
N TYR A 404 21.04 3.77 5.80
CA TYR A 404 21.38 2.70 6.71
C TYR A 404 22.44 1.81 6.08
N VAL A 405 23.18 1.11 6.92
CA VAL A 405 24.20 0.15 6.50
C VAL A 405 23.90 -1.15 7.23
N ILE A 406 23.25 -2.08 6.55
CA ILE A 406 22.90 -3.37 7.15
C ILE A 406 24.14 -4.26 7.19
N ARG A 407 24.43 -4.80 8.37
CA ARG A 407 25.56 -5.69 8.54
C ARG A 407 25.19 -7.13 8.21
N ASP A 408 26.21 -7.97 8.11
CA ASP A 408 25.98 -9.38 7.80
C ASP A 408 25.20 -10.07 8.91
N SER A 409 25.50 -9.76 10.16
CA SER A 409 24.80 -10.38 11.28
C SER A 409 23.32 -10.03 11.27
N GLY A 410 22.98 -8.78 10.97
CA GLY A 410 21.60 -8.35 10.93
C GLY A 410 21.38 -7.02 11.61
N ASP A 411 22.38 -6.55 12.36
CA ASP A 411 22.28 -5.27 13.05
C ASP A 411 22.31 -4.12 12.05
N ARG A 412 21.56 -3.08 12.36
CA ARG A 412 21.36 -1.94 11.47
C ARG A 412 22.13 -0.72 12.00
N ILE A 413 22.94 -0.12 11.14
CA ILE A 413 23.69 1.09 11.47
C ILE A 413 22.97 2.28 10.85
N ASP A 414 22.67 3.29 11.67
CA ASP A 414 22.01 4.50 11.21
C ASP A 414 23.07 5.57 10.95
N LEU A 415 23.24 5.94 9.68
CA LEU A 415 24.21 6.96 9.32
C LEU A 415 23.79 8.36 9.73
N ARG A 416 22.52 8.56 10.07
CA ARG A 416 22.05 9.88 10.48
C ARG A 416 22.44 10.17 11.93
N TYR A 417 22.02 9.30 12.86
CA TYR A 417 22.30 9.53 14.27
C TYR A 417 23.78 9.39 14.58
N SER A 418 24.40 8.30 14.10
CA SER A 418 25.81 8.07 14.43
C SER A 418 26.70 9.13 13.81
N LYS A 419 26.58 9.35 12.49
CA LYS A 419 27.39 10.31 11.76
C LYS A 419 28.88 10.13 12.03
N ARG A 420 29.48 11.09 12.74
CA ARG A 420 30.89 11.15 13.11
C ARG A 420 31.82 11.32 11.91
N ALA A 421 31.30 11.35 10.68
CA ALA A 421 32.11 11.45 9.47
C ALA A 421 33.18 10.35 9.43
N GLY A 422 32.85 9.18 9.98
CA GLY A 422 33.82 8.11 10.05
C GLY A 422 34.00 7.40 8.71
N ASP A 423 35.20 6.86 8.51
CA ASP A 423 35.52 6.10 7.30
C ASP A 423 35.14 4.64 7.53
N ILE A 424 33.84 4.39 7.44
CA ILE A 424 33.32 3.04 7.66
C ILE A 424 33.75 2.14 6.51
N GLN A 425 34.34 0.99 6.83
CA GLN A 425 34.78 0.03 5.84
C GLN A 425 33.66 -0.95 5.56
N LEU A 426 33.20 -1.00 4.31
CA LEU A 426 32.10 -1.86 3.91
C LEU A 426 32.65 -3.22 3.49
N GLN A 427 32.44 -4.23 4.32
CA GLN A 427 32.86 -5.58 3.97
C GLN A 427 31.93 -6.18 2.92
N TYR A 428 32.46 -7.12 2.15
CA TYR A 428 31.68 -7.76 1.10
C TYR A 428 30.51 -8.54 1.71
N GLY A 429 29.37 -8.51 1.02
CA GLY A 429 28.18 -9.15 1.49
C GLY A 429 27.27 -8.29 2.34
N TRP A 430 27.70 -7.09 2.71
CA TRP A 430 26.86 -6.19 3.48
C TRP A 430 25.82 -5.53 2.58
N LYS A 431 24.81 -4.92 3.21
CA LYS A 431 23.74 -4.24 2.49
C LYS A 431 23.76 -2.77 2.85
N VAL A 432 23.66 -1.91 1.83
CA VAL A 432 23.64 -0.47 2.00
C VAL A 432 22.33 0.05 1.42
N GLU A 433 21.58 0.78 2.24
CA GLU A 433 20.29 1.34 1.82
C GLU A 433 20.54 2.74 1.27
N ARG A 434 20.86 2.81 -0.02
CA ARG A 434 21.15 4.08 -0.67
C ARG A 434 19.88 4.68 -1.28
N HIS A 435 19.93 5.99 -1.51
CA HIS A 435 18.82 6.68 -2.14
C HIS A 435 18.65 6.22 -3.58
N ILE A 436 17.41 6.32 -4.08
CA ILE A 436 17.13 5.96 -5.46
C ILE A 436 17.78 6.98 -6.39
N MET A 437 18.54 6.49 -7.36
CA MET A 437 19.27 7.32 -8.29
C MET A 437 18.61 7.26 -9.67
N ASP A 438 19.26 7.88 -10.66
CA ASP A 438 18.73 7.92 -12.01
C ASP A 438 18.73 6.53 -12.62
N ASN A 439 17.81 6.32 -13.57
CA ASN A 439 17.66 5.05 -14.29
C ASN A 439 17.33 3.90 -13.35
N ASP A 440 16.61 4.18 -12.26
CA ASP A 440 16.16 3.16 -11.34
C ASP A 440 14.72 2.79 -11.66
N PRO A 441 14.43 1.54 -12.03
CA PRO A 441 13.04 1.18 -12.37
C PRO A 441 12.14 1.25 -11.16
N VAL A 442 10.97 1.88 -11.33
CA VAL A 442 9.96 1.98 -10.28
C VAL A 442 8.60 1.72 -10.90
N LEU A 443 7.64 1.38 -10.05
CA LEU A 443 6.27 1.12 -10.46
C LEU A 443 5.44 2.39 -10.30
N PHE A 444 4.70 2.74 -11.34
CA PHE A 444 3.94 3.99 -11.38
C PHE A 444 2.49 3.65 -11.68
N ASN A 445 1.60 3.95 -10.73
CA ASN A 445 0.24 3.44 -10.75
C ASN A 445 -0.75 4.57 -10.49
N ARG A 446 -1.94 4.43 -11.07
CA ARG A 446 -3.04 5.37 -10.86
C ARG A 446 -4.30 4.60 -10.46
N GLN A 447 -5.02 5.14 -9.49
CA GLN A 447 -6.31 4.53 -9.15
C GLN A 447 -7.45 5.30 -9.78
N PRO A 448 -8.49 4.61 -10.28
CA PRO A 448 -8.68 3.16 -10.33
C PRO A 448 -7.79 2.48 -11.37
N SER A 449 -7.43 1.23 -11.15
CA SER A 449 -6.59 0.47 -12.08
C SER A 449 -7.51 -0.44 -12.89
N LEU A 450 -8.07 0.12 -13.97
CA LEU A 450 -9.03 -0.61 -14.77
C LEU A 450 -8.38 -1.68 -15.63
N HIS A 451 -7.22 -1.38 -16.22
CA HIS A 451 -6.54 -2.30 -17.11
C HIS A 451 -5.06 -2.35 -16.75
N LYS A 452 -4.34 -3.25 -17.42
CA LYS A 452 -2.92 -3.47 -17.11
C LYS A 452 -2.06 -2.26 -17.46
N MET A 453 -2.52 -1.39 -18.35
CA MET A 453 -1.78 -0.18 -18.68
C MET A 453 -1.92 0.90 -17.62
N SER A 454 -2.78 0.70 -16.63
CA SER A 454 -2.95 1.68 -15.56
C SER A 454 -1.80 1.66 -14.56
N MET A 455 -0.89 0.69 -14.66
CA MET A 455 0.29 0.64 -13.81
C MET A 455 1.44 0.06 -14.65
N MET A 456 2.50 0.85 -14.80
CA MET A 456 3.64 0.50 -15.63
C MET A 456 4.93 0.96 -14.97
N ALA A 457 6.05 0.38 -15.43
CA ALA A 457 7.35 0.66 -14.85
C ALA A 457 8.08 1.73 -15.66
N HIS A 458 8.55 2.76 -14.98
CA HIS A 458 9.27 3.88 -15.58
C HIS A 458 10.72 3.88 -15.10
N ARG A 459 11.45 4.92 -15.50
CA ARG A 459 12.83 5.13 -15.09
C ARG A 459 12.91 6.43 -14.29
N VAL A 460 13.60 6.37 -13.15
CA VAL A 460 13.64 7.51 -12.24
C VAL A 460 14.58 8.58 -12.80
N LYS A 461 14.09 9.82 -12.83
CA LYS A 461 14.91 10.98 -13.16
C LYS A 461 14.67 12.04 -12.09
N VAL A 462 15.70 12.35 -11.30
CA VAL A 462 15.54 13.28 -10.19
C VAL A 462 15.40 14.70 -10.73
N ILE A 463 14.38 15.41 -10.26
CA ILE A 463 14.10 16.76 -10.71
C ILE A 463 14.07 17.68 -9.49
N PRO A 464 14.34 18.98 -9.65
CA PRO A 464 14.49 19.85 -8.46
C PRO A 464 13.18 20.42 -7.94
N TYR A 465 12.04 19.86 -8.34
CA TYR A 465 10.75 20.36 -7.89
C TYR A 465 9.91 19.22 -7.34
N SER A 466 8.95 19.58 -6.49
CA SER A 466 8.16 18.59 -5.74
C SER A 466 6.85 18.30 -6.47
N THR A 467 6.97 17.59 -7.59
CA THR A 467 5.81 17.13 -8.35
C THR A 467 6.27 16.07 -9.33
N PHE A 468 5.42 15.06 -9.54
CA PHE A 468 5.73 14.01 -10.51
C PHE A 468 5.59 14.56 -11.92
N ARG A 469 6.59 14.31 -12.77
CA ARG A 469 6.59 14.76 -14.15
C ARG A 469 6.68 13.55 -15.06
N LEU A 470 5.80 13.50 -16.06
CA LEU A 470 5.75 12.39 -17.00
C LEU A 470 5.47 12.91 -18.39
N ASN A 471 5.76 12.07 -19.38
CA ASN A 471 5.54 12.45 -20.77
C ASN A 471 4.05 12.60 -21.08
N LEU A 472 3.75 13.46 -22.05
CA LEU A 472 2.36 13.72 -22.39
C LEU A 472 1.69 12.53 -23.05
N SER A 473 2.42 11.78 -23.87
CA SER A 473 1.85 10.61 -24.53
C SER A 473 1.58 9.46 -23.56
N VAL A 474 2.11 9.54 -22.34
CA VAL A 474 1.87 8.49 -21.34
C VAL A 474 0.55 8.67 -20.61
N THR A 475 0.00 9.88 -20.59
CA THR A 475 -1.22 10.14 -19.84
C THR A 475 -2.42 9.39 -20.40
N SER A 476 -2.42 9.12 -21.71
CA SER A 476 -3.60 8.51 -22.32
C SER A 476 -3.93 7.13 -21.77
N PRO A 477 -2.99 6.17 -21.69
CA PRO A 477 -3.32 4.90 -21.01
C PRO A 477 -3.64 5.08 -19.53
N TYR A 478 -3.01 6.05 -18.86
CA TYR A 478 -3.28 6.29 -17.45
C TYR A 478 -4.63 6.97 -17.25
N ASN A 479 -5.20 7.60 -18.28
CA ASN A 479 -6.45 8.34 -18.17
C ASN A 479 -6.35 9.42 -17.10
N ALA A 480 -5.27 10.19 -17.14
CA ALA A 480 -5.00 11.21 -16.14
C ALA A 480 -4.74 12.55 -16.82
N ASP A 481 -5.11 13.62 -16.13
CA ASP A 481 -4.85 14.99 -16.55
C ASP A 481 -4.01 15.68 -15.47
N PHE A 482 -3.78 16.98 -15.66
CA PHE A 482 -2.96 17.77 -14.75
C PHE A 482 -3.79 18.84 -14.04
N ASP A 483 -5.02 18.49 -13.65
CA ASP A 483 -5.91 19.41 -12.94
C ASP A 483 -5.95 19.12 -11.45
N GLY A 484 -5.05 18.27 -10.94
CA GLY A 484 -5.04 17.96 -9.52
C GLY A 484 -4.92 16.48 -9.25
N ASP A 485 -4.71 15.68 -10.29
CA ASP A 485 -4.60 14.24 -10.13
C ASP A 485 -3.34 13.87 -9.36
N GLU A 486 -3.44 12.82 -8.54
CA GLU A 486 -2.32 12.29 -7.78
C GLU A 486 -2.14 10.83 -8.14
N MET A 487 -0.88 10.40 -8.24
CA MET A 487 -0.58 9.05 -8.69
C MET A 487 0.53 8.47 -7.82
N ASN A 488 0.43 7.17 -7.54
CA ASN A 488 1.31 6.49 -6.61
C ASN A 488 2.57 6.00 -7.30
N LEU A 489 3.60 5.77 -6.50
CA LEU A 489 4.89 5.28 -6.98
C LEU A 489 5.39 4.18 -6.03
N HIS A 490 5.86 3.08 -6.59
CA HIS A 490 6.36 1.95 -5.82
C HIS A 490 7.79 1.63 -6.25
N VAL A 491 8.64 1.36 -5.27
CA VAL A 491 10.06 1.14 -5.49
C VAL A 491 10.37 -0.33 -5.20
N PRO A 492 10.90 -1.08 -6.17
CA PRO A 492 11.31 -2.47 -5.88
C PRO A 492 12.46 -2.51 -4.90
N GLN A 493 12.54 -3.59 -4.13
CA GLN A 493 13.53 -3.74 -3.08
C GLN A 493 14.43 -4.95 -3.30
N SER A 494 14.50 -5.48 -4.52
CA SER A 494 15.34 -6.62 -4.79
C SER A 494 15.71 -6.63 -6.26
N GLU A 495 16.73 -7.43 -6.60
CA GLU A 495 17.23 -7.46 -7.97
C GLU A 495 16.26 -8.17 -8.91
N GLU A 496 15.70 -9.30 -8.48
CA GLU A 496 14.79 -10.04 -9.35
C GLU A 496 13.53 -9.25 -9.64
N THR A 497 13.00 -8.55 -8.62
CA THR A 497 11.83 -7.71 -8.84
C THR A 497 12.14 -6.57 -9.81
N ARG A 498 13.32 -5.96 -9.68
CA ARG A 498 13.72 -4.91 -10.61
C ARG A 498 13.81 -5.44 -12.03
N ALA A 499 14.41 -6.62 -12.20
CA ALA A 499 14.53 -7.21 -13.53
C ALA A 499 13.16 -7.55 -14.11
N GLU A 500 12.27 -8.09 -13.27
CA GLU A 500 10.92 -8.42 -13.75
C GLU A 500 10.18 -7.17 -14.19
N LEU A 501 10.28 -6.09 -13.40
CA LEU A 501 9.61 -4.85 -13.78
C LEU A 501 10.22 -4.25 -15.04
N SER A 502 11.54 -4.36 -15.20
CA SER A 502 12.20 -3.79 -16.37
C SER A 502 11.85 -4.57 -17.64
N GLN A 503 11.77 -5.89 -17.54
CA GLN A 503 11.55 -6.73 -18.72
C GLN A 503 10.09 -7.09 -18.95
N LEU A 504 9.19 -6.71 -18.07
CA LEU A 504 7.79 -7.07 -18.29
C LEU A 504 6.84 -5.89 -18.22
N CYS A 505 7.10 -4.91 -17.36
CA CYS A 505 6.19 -3.78 -17.16
C CYS A 505 6.75 -2.47 -17.70
N ALA A 506 7.77 -2.54 -18.57
CA ALA A 506 8.37 -1.33 -19.10
C ALA A 506 7.39 -0.58 -19.99
N VAL A 507 7.55 0.75 -20.03
CA VAL A 507 6.68 1.58 -20.86
C VAL A 507 6.76 1.20 -22.34
N PRO A 508 7.94 1.06 -22.96
CA PRO A 508 7.97 0.71 -24.39
C PRO A 508 7.36 -0.65 -24.69
N LEU A 509 7.26 -1.55 -23.73
CA LEU A 509 6.72 -2.88 -23.97
C LEU A 509 5.20 -2.92 -23.94
N GLN A 510 4.54 -1.81 -23.62
CA GLN A 510 3.09 -1.76 -23.56
C GLN A 510 2.50 -0.80 -24.59
N ILE A 511 3.23 -0.52 -25.67
CA ILE A 511 2.72 0.41 -26.69
C ILE A 511 1.46 -0.15 -27.34
N VAL A 512 1.48 -1.44 -27.69
CA VAL A 512 0.37 -2.08 -28.38
C VAL A 512 -0.50 -2.78 -27.35
N SER A 513 -1.75 -2.34 -27.24
CA SER A 513 -2.67 -2.91 -26.27
C SER A 513 -3.32 -4.18 -26.83
N PRO A 514 -3.25 -5.31 -26.12
CA PRO A 514 -3.93 -6.52 -26.61
C PRO A 514 -5.44 -6.47 -26.52
N GLN A 515 -6.02 -5.44 -25.89
CA GLN A 515 -7.47 -5.36 -25.75
C GLN A 515 -8.14 -5.00 -27.07
N SER A 516 -7.82 -3.82 -27.61
CA SER A 516 -8.41 -3.35 -28.85
C SER A 516 -7.54 -3.64 -30.06
N ASN A 517 -6.40 -4.31 -29.87
CA ASN A 517 -5.46 -4.62 -30.95
C ASN A 517 -4.95 -3.34 -31.62
N LYS A 518 -4.90 -2.25 -30.87
CA LYS A 518 -4.43 -0.96 -31.35
C LYS A 518 -3.44 -0.39 -30.34
N PRO A 519 -2.53 0.48 -30.79
CA PRO A 519 -1.64 1.15 -29.85
C PRO A 519 -2.42 1.98 -28.85
N CYS A 520 -1.96 1.95 -27.59
CA CYS A 520 -2.59 2.70 -26.52
C CYS A 520 -1.97 4.07 -26.31
N MET A 521 -0.94 4.42 -27.08
CA MET A 521 -0.27 5.70 -26.96
C MET A 521 -0.17 6.36 -28.33
N GLY A 522 -0.06 7.68 -28.33
CA GLY A 522 0.06 8.40 -29.58
C GLY A 522 0.26 9.88 -29.31
N ILE A 523 0.39 10.64 -30.39
CA ILE A 523 0.56 12.08 -30.30
C ILE A 523 -0.80 12.72 -30.00
N VAL A 524 -0.85 13.48 -28.91
CA VAL A 524 -2.10 14.09 -28.45
C VAL A 524 -1.83 15.55 -28.10
N GLN A 525 -2.91 16.25 -27.75
CA GLN A 525 -2.89 17.63 -27.28
C GLN A 525 -2.33 18.53 -28.38
N ASP A 526 -1.60 19.58 -27.99
CA ASP A 526 -1.13 20.56 -28.97
C ASP A 526 -0.05 20.00 -29.90
N THR A 527 0.56 18.87 -29.53
CA THR A 527 1.54 18.25 -30.43
C THR A 527 0.88 17.82 -31.73
N LEU A 528 -0.34 17.29 -31.65
CA LEU A 528 -1.06 16.91 -32.87
C LEU A 528 -1.33 18.11 -33.76
N CYS A 529 -1.78 19.22 -33.16
CA CYS A 529 -2.02 20.43 -33.95
C CYS A 529 -0.74 20.95 -34.57
N GLY A 530 0.36 20.92 -33.81
CA GLY A 530 1.63 21.37 -34.35
C GLY A 530 2.11 20.50 -35.49
N ILE A 531 1.96 19.19 -35.37
CA ILE A 531 2.39 18.29 -36.44
C ILE A 531 1.50 18.42 -37.66
N ARG A 532 0.23 18.80 -37.46
CA ARG A 532 -0.64 19.03 -38.61
C ARG A 532 -0.28 20.34 -39.32
N LYS A 533 -0.02 21.39 -38.56
CA LYS A 533 0.34 22.68 -39.16
C LYS A 533 1.70 22.60 -39.85
N LEU A 534 2.66 21.91 -39.24
CA LEU A 534 4.02 21.85 -39.78
C LEU A 534 4.05 21.14 -41.12
N THR A 535 3.30 20.04 -41.25
CA THR A 535 3.36 19.20 -42.44
C THR A 535 2.59 19.80 -43.61
N LEU A 536 1.83 20.87 -43.39
CA LEU A 536 1.06 21.49 -44.47
C LEU A 536 1.96 21.87 -45.64
N ARG A 537 1.39 21.82 -46.84
CA ARG A 537 2.18 22.00 -48.06
C ARG A 537 2.77 23.40 -48.17
N ASP A 538 2.13 24.41 -47.57
CA ASP A 538 2.57 25.78 -47.68
C ASP A 538 3.52 26.20 -46.57
N THR A 539 3.96 25.26 -45.72
CA THR A 539 4.85 25.56 -44.63
C THR A 539 6.30 25.41 -45.09
N PHE A 540 7.07 26.48 -45.02
CA PHE A 540 8.48 26.49 -45.39
C PHE A 540 9.30 27.10 -44.28
N ILE A 541 10.46 26.50 -44.01
CA ILE A 541 11.34 26.93 -42.93
C ILE A 541 12.65 27.40 -43.52
N GLU A 542 13.31 28.31 -42.80
CA GLU A 542 14.58 28.88 -43.23
C GLU A 542 15.75 28.19 -42.52
N LEU A 543 16.96 28.52 -42.96
CA LEU A 543 18.15 27.82 -42.48
C LEU A 543 18.36 28.00 -40.98
N ASP A 544 18.15 29.21 -40.48
CA ASP A 544 18.42 29.48 -39.07
C ASP A 544 17.55 28.62 -38.16
N GLN A 545 16.26 28.50 -38.47
CA GLN A 545 15.39 27.64 -37.68
C GLN A 545 15.62 26.16 -37.98
N VAL A 546 15.98 25.83 -39.22
CA VAL A 546 16.20 24.43 -39.60
C VAL A 546 17.38 23.85 -38.83
N LEU A 547 18.45 24.62 -38.68
CA LEU A 547 19.61 24.13 -37.93
C LEU A 547 19.25 23.83 -36.48
N ASN A 548 18.51 24.73 -35.84
CA ASN A 548 18.10 24.49 -34.46
C ASN A 548 17.18 23.28 -34.34
N MET A 549 16.23 23.14 -35.28
CA MET A 549 15.33 22.00 -35.24
C MET A 549 16.07 20.68 -35.44
N LEU A 550 17.06 20.68 -36.33
CA LEU A 550 17.87 19.49 -36.55
C LEU A 550 18.69 19.17 -35.30
N TYR A 551 19.26 20.19 -34.66
CA TYR A 551 20.05 19.95 -33.45
C TYR A 551 19.17 19.45 -32.31
N TRP A 552 17.90 19.84 -32.30
CA TRP A 552 17.00 19.39 -31.22
C TRP A 552 16.74 17.88 -31.29
N VAL A 553 16.96 17.24 -32.43
CA VAL A 553 16.77 15.80 -32.56
C VAL A 553 17.93 15.10 -31.87
N PRO A 554 17.68 14.27 -30.86
CA PRO A 554 18.79 13.64 -30.13
C PRO A 554 19.67 12.74 -30.96
N ASP A 555 19.10 12.02 -31.93
CA ASP A 555 19.84 11.03 -32.71
C ASP A 555 20.07 11.47 -34.15
N TRP A 556 20.20 12.78 -34.37
CA TRP A 556 20.49 13.29 -35.70
C TRP A 556 21.92 12.91 -36.08
N ASP A 557 22.08 12.33 -37.28
CA ASP A 557 23.39 11.85 -37.70
C ASP A 557 24.38 12.99 -37.86
N GLY A 558 23.95 14.11 -38.43
CA GLY A 558 24.83 15.24 -38.63
C GLY A 558 24.92 15.66 -40.08
N VAL A 559 23.97 15.19 -40.89
CA VAL A 559 23.91 15.49 -42.32
C VAL A 559 22.72 16.41 -42.55
N ILE A 560 22.98 17.59 -43.11
CA ILE A 560 21.92 18.55 -43.40
C ILE A 560 21.25 18.14 -44.70
N PRO A 561 19.94 17.90 -44.70
CA PRO A 561 19.25 17.52 -45.94
C PRO A 561 19.23 18.67 -46.94
N THR A 562 19.21 18.31 -48.21
CA THR A 562 19.16 19.31 -49.27
C THR A 562 17.81 20.01 -49.26
N PRO A 563 17.78 21.34 -49.29
CA PRO A 563 16.50 22.05 -49.28
C PRO A 563 15.69 21.79 -50.53
N ALA A 564 14.37 21.89 -50.39
CA ALA A 564 13.48 21.67 -51.53
C ALA A 564 13.69 22.70 -52.61
N ILE A 565 13.85 23.97 -52.22
CA ILE A 565 14.07 25.07 -53.16
C ILE A 565 15.44 25.67 -52.86
N ILE A 566 16.27 25.81 -53.89
CA ILE A 566 17.66 26.21 -53.69
C ILE A 566 17.99 27.51 -54.42
N LYS A 567 17.31 27.77 -55.54
CA LYS A 567 17.73 28.90 -56.38
C LYS A 567 17.33 30.25 -55.80
N PRO A 568 16.04 30.53 -55.58
CA PRO A 568 15.71 31.87 -55.07
C PRO A 568 16.10 32.06 -53.62
N LYS A 569 15.84 31.05 -52.77
CA LYS A 569 16.19 31.10 -51.36
C LYS A 569 16.14 29.69 -50.79
N PRO A 570 17.17 29.25 -50.07
CA PRO A 570 17.14 27.89 -49.51
C PRO A 570 16.05 27.73 -48.47
N LEU A 571 15.04 26.91 -48.79
CA LEU A 571 13.90 26.69 -47.92
C LEU A 571 13.69 25.19 -47.74
N TRP A 572 13.42 24.78 -46.50
CA TRP A 572 13.16 23.39 -46.17
C TRP A 572 11.69 23.23 -45.82
N SER A 573 11.03 22.24 -46.41
CA SER A 573 9.66 21.94 -46.06
C SER A 573 9.60 21.27 -44.69
N GLY A 574 8.47 21.44 -44.01
CA GLY A 574 8.28 20.79 -42.72
C GLY A 574 8.29 19.28 -42.82
N LYS A 575 7.79 18.75 -43.94
CA LYS A 575 7.81 17.30 -44.15
C LYS A 575 9.24 16.76 -44.17
N GLN A 576 10.19 17.55 -44.67
CA GLN A 576 11.58 17.10 -44.68
C GLN A 576 12.11 16.91 -43.26
N ILE A 577 11.85 17.86 -42.37
CA ILE A 577 12.32 17.74 -41.00
C ILE A 577 11.58 16.61 -40.28
N LEU A 578 10.28 16.48 -40.54
CA LEU A 578 9.52 15.39 -39.93
C LEU A 578 10.06 14.03 -40.37
N SER A 579 10.42 13.90 -41.64
CA SER A 579 11.02 12.66 -42.13
C SER A 579 12.41 12.45 -41.54
N VAL A 580 13.15 13.54 -41.30
CA VAL A 580 14.43 13.43 -40.62
C VAL A 580 14.23 12.84 -39.22
N ALA A 581 13.20 13.29 -38.51
CA ALA A 581 12.89 12.71 -37.21
C ALA A 581 12.49 11.25 -37.32
N ILE A 582 11.83 10.87 -38.40
CA ILE A 582 11.38 9.49 -38.59
C ILE A 582 12.59 8.63 -38.94
N PRO A 583 12.79 7.49 -38.27
CA PRO A 583 13.91 6.62 -38.62
C PRO A 583 13.73 5.99 -39.99
N ASN A 584 14.85 5.68 -40.62
CA ASN A 584 14.84 5.09 -41.95
C ASN A 584 14.41 3.62 -41.89
N GLY A 585 13.87 3.15 -43.02
CA GLY A 585 13.48 1.75 -43.15
C GLY A 585 12.02 1.46 -42.94
N ILE A 586 11.18 2.48 -42.76
CA ILE A 586 9.75 2.31 -42.54
C ILE A 586 9.00 2.83 -43.76
N HIS A 587 8.14 1.98 -44.32
CA HIS A 587 7.33 2.32 -45.48
C HIS A 587 5.86 2.22 -45.09
N LEU A 588 5.14 3.34 -45.20
CA LEU A 588 3.73 3.39 -44.89
C LEU A 588 2.97 3.95 -46.08
N GLN A 589 1.83 3.34 -46.40
CA GLN A 589 1.02 3.75 -47.54
C GLN A 589 -0.45 3.64 -47.17
N ARG A 590 -1.14 4.77 -47.13
CA ARG A 590 -2.57 4.82 -46.86
C ARG A 590 -3.25 5.72 -47.87
N PHE A 591 -4.38 5.26 -48.41
CA PHE A 591 -5.13 5.98 -49.42
C PHE A 591 -6.49 6.34 -48.86
N ASP A 592 -6.79 7.63 -48.81
CA ASP A 592 -8.08 8.13 -48.34
C ASP A 592 -9.03 8.28 -49.52
N GLU A 593 -10.18 8.93 -49.30
CA GLU A 593 -11.12 9.16 -50.38
C GLU A 593 -10.53 10.15 -51.38
N GLY A 594 -10.73 9.85 -52.67
CA GLY A 594 -10.21 10.70 -53.72
C GLY A 594 -8.73 10.88 -53.70
N THR A 595 -7.98 9.88 -53.25
CA THR A 595 -6.53 9.97 -53.11
C THR A 595 -5.86 9.20 -54.24
N THR A 596 -4.96 9.87 -54.95
CA THR A 596 -4.19 9.23 -56.01
C THR A 596 -2.70 9.51 -55.81
N LEU A 597 -1.88 9.12 -56.79
CA LEU A 597 -0.45 9.38 -56.71
C LEU A 597 -0.13 10.87 -56.80
N LEU A 598 -1.08 11.68 -57.27
CA LEU A 598 -0.93 13.13 -57.38
C LEU A 598 -2.11 13.82 -56.71
N SER A 599 -2.41 13.42 -55.48
CA SER A 599 -3.55 13.93 -54.76
C SER A 599 -3.43 15.43 -54.55
N PRO A 600 -4.42 16.23 -54.97
CA PRO A 600 -4.31 17.69 -54.81
C PRO A 600 -4.78 18.16 -53.43
N LYS A 601 -5.56 17.34 -52.74
CA LYS A 601 -6.08 17.69 -51.43
C LYS A 601 -5.12 17.38 -50.30
N ASP A 602 -3.95 16.82 -50.61
CA ASP A 602 -2.95 16.47 -49.60
C ASP A 602 -3.52 15.53 -48.54
N ASN A 603 -4.37 14.61 -48.97
CA ASN A 603 -4.93 13.60 -48.09
C ASN A 603 -4.14 12.30 -48.22
N GLY A 604 -4.44 11.37 -47.33
CA GLY A 604 -3.71 10.11 -47.31
C GLY A 604 -2.30 10.30 -46.74
N MET A 605 -1.49 9.28 -46.94
CA MET A 605 -0.12 9.30 -46.47
C MET A 605 0.70 8.27 -47.23
N LEU A 606 1.90 8.66 -47.64
CA LEU A 606 2.83 7.77 -48.31
C LEU A 606 4.24 8.06 -47.80
N ILE A 607 4.87 7.05 -47.20
CA ILE A 607 6.22 7.17 -46.66
C ILE A 607 7.08 6.10 -47.31
N ILE A 608 8.22 6.52 -47.86
CA ILE A 608 9.16 5.61 -48.51
C ILE A 608 10.53 5.84 -47.89
N ASP A 609 11.12 4.75 -47.36
CA ASP A 609 12.44 4.81 -46.72
C ASP A 609 12.50 5.87 -45.62
N GLY A 610 11.42 5.95 -44.84
CA GLY A 610 11.35 6.93 -43.78
C GLY A 610 11.33 8.37 -44.27
N GLN A 611 10.73 8.62 -45.42
CA GLN A 611 10.62 9.96 -45.98
C GLN A 611 9.18 10.22 -46.38
N ILE A 612 8.62 11.34 -45.93
CA ILE A 612 7.25 11.69 -46.26
C ILE A 612 7.21 12.29 -47.66
N ILE A 613 6.35 11.74 -48.51
CA ILE A 613 6.21 12.20 -49.89
C ILE A 613 5.05 13.16 -50.04
N PHE A 614 3.87 12.77 -49.55
CA PHE A 614 2.71 13.65 -49.60
C PHE A 614 1.74 13.25 -48.50
N GLY A 615 0.82 14.16 -48.19
CA GLY A 615 -0.20 13.88 -47.19
C GLY A 615 0.05 14.57 -45.87
N VAL A 616 -0.99 15.18 -45.31
CA VAL A 616 -0.88 15.84 -44.01
C VAL A 616 -0.85 14.78 -42.92
N VAL A 617 -0.09 15.04 -41.86
CA VAL A 617 -0.02 14.13 -40.72
C VAL A 617 -1.07 14.56 -39.71
N GLU A 618 -1.94 13.64 -39.34
CA GLU A 618 -3.07 13.94 -38.47
C GLU A 618 -3.25 12.78 -37.49
N LYS A 619 -4.42 12.73 -36.86
CA LYS A 619 -4.71 11.67 -35.88
C LYS A 619 -4.66 10.29 -36.52
N LYS A 620 -4.99 10.18 -37.81
CA LYS A 620 -5.01 8.89 -38.47
C LYS A 620 -3.61 8.34 -38.75
N THR A 621 -2.57 9.14 -38.56
CA THR A 621 -1.20 8.71 -38.85
C THR A 621 -0.37 8.49 -37.60
N VAL A 622 -0.37 9.44 -36.67
CA VAL A 622 0.46 9.36 -35.47
C VAL A 622 -0.40 9.23 -34.21
N GLY A 623 -1.65 8.81 -34.36
CA GLY A 623 -2.54 8.59 -33.23
C GLY A 623 -2.66 7.12 -32.88
N SER A 624 -3.79 6.79 -32.24
CA SER A 624 -4.10 5.41 -31.89
C SER A 624 -4.97 4.78 -32.96
N SER A 625 -4.34 4.50 -34.10
CA SER A 625 -5.00 3.95 -35.26
C SER A 625 -4.57 2.50 -35.48
N ASN A 626 -5.26 1.84 -36.41
CA ASN A 626 -4.97 0.44 -36.70
C ASN A 626 -3.62 0.30 -37.39
N GLY A 627 -3.44 0.96 -38.54
CA GLY A 627 -2.21 0.86 -39.29
C GLY A 627 -1.43 2.15 -39.32
N GLY A 628 -1.36 2.83 -38.18
CA GLY A 628 -0.66 4.09 -38.09
C GLY A 628 0.86 3.91 -38.08
N LEU A 629 1.55 5.04 -38.03
CA LEU A 629 3.00 5.02 -38.02
C LEU A 629 3.55 4.34 -36.77
N ILE A 630 2.90 4.57 -35.62
CA ILE A 630 3.36 3.99 -34.36
C ILE A 630 3.30 2.47 -34.43
N HIS A 631 2.20 1.94 -34.93
CA HIS A 631 2.04 0.48 -35.02
C HIS A 631 3.08 -0.12 -35.95
N VAL A 632 3.31 0.50 -37.11
CA VAL A 632 4.28 -0.02 -38.07
C VAL A 632 5.69 0.02 -37.48
N VAL A 633 6.04 1.12 -36.81
CA VAL A 633 7.36 1.23 -36.22
C VAL A 633 7.55 0.19 -35.12
N THR A 634 6.53 0.01 -34.28
CA THR A 634 6.63 -0.98 -33.20
C THR A 634 6.76 -2.39 -33.76
N ARG A 635 6.03 -2.70 -34.83
CA ARG A 635 6.09 -4.04 -35.40
C ARG A 635 7.40 -4.30 -36.12
N GLU A 636 7.93 -3.28 -36.80
CA GLU A 636 9.16 -3.47 -37.57
C GLU A 636 10.39 -3.39 -36.68
N LYS A 637 10.59 -2.25 -36.02
CA LYS A 637 11.75 -2.05 -35.16
C LYS A 637 11.38 -2.36 -33.71
N GLY A 638 12.36 -2.22 -32.82
CA GLY A 638 12.15 -2.50 -31.42
C GLY A 638 11.34 -1.43 -30.73
N PRO A 639 10.81 -1.74 -29.55
CA PRO A 639 10.05 -0.72 -28.79
C PRO A 639 10.88 0.49 -28.42
N GLN A 640 12.19 0.32 -28.19
CA GLN A 640 13.05 1.46 -27.89
C GLN A 640 13.08 2.44 -29.06
N VAL A 641 13.08 1.91 -30.29
CA VAL A 641 13.03 2.77 -31.47
C VAL A 641 11.73 3.57 -31.49
N CYS A 642 10.62 2.93 -31.11
CA CYS A 642 9.34 3.63 -31.06
C CYS A 642 9.35 4.72 -30.01
N ALA A 643 9.93 4.45 -28.83
CA ALA A 643 10.03 5.47 -27.79
C ALA A 643 10.89 6.64 -28.25
N LYS A 644 12.01 6.35 -28.91
CA LYS A 644 12.86 7.41 -29.44
C LYS A 644 12.12 8.23 -30.49
N LEU A 645 11.34 7.57 -31.34
CA LEU A 645 10.54 8.30 -32.32
C LEU A 645 9.54 9.22 -31.63
N PHE A 646 8.86 8.72 -30.60
CA PHE A 646 7.95 9.55 -29.81
C PHE A 646 8.67 10.79 -29.30
N GLY A 647 9.83 10.59 -28.67
CA GLY A 647 10.56 11.72 -28.10
C GLY A 647 10.99 12.72 -29.13
N ASN A 648 11.55 12.24 -30.24
CA ASN A 648 12.03 13.15 -31.28
C ASN A 648 10.90 13.94 -31.91
N ILE A 649 9.78 13.26 -32.23
CA ILE A 649 8.64 13.95 -32.81
C ILE A 649 8.10 15.00 -31.86
N GLN A 650 7.96 14.64 -30.59
CA GLN A 650 7.46 15.60 -29.61
C GLN A 650 8.38 16.80 -29.50
N LYS A 651 9.69 16.57 -29.44
CA LYS A 651 10.63 17.68 -29.30
C LYS A 651 10.57 18.62 -30.50
N VAL A 652 10.62 18.07 -31.71
CA VAL A 652 10.67 18.93 -32.89
C VAL A 652 9.36 19.68 -33.06
N VAL A 653 8.22 19.01 -32.86
CA VAL A 653 6.93 19.67 -33.02
C VAL A 653 6.75 20.74 -31.96
N ASN A 654 7.15 20.46 -30.71
CA ASN A 654 7.03 21.45 -29.65
C ASN A 654 7.88 22.67 -29.92
N PHE A 655 9.11 22.47 -30.40
CA PHE A 655 9.97 23.61 -30.73
C PHE A 655 9.36 24.44 -31.84
N TRP A 656 8.89 23.78 -32.91
CA TRP A 656 8.31 24.53 -34.02
C TRP A 656 7.06 25.29 -33.59
N LEU A 657 6.20 24.67 -32.78
CA LEU A 657 4.99 25.33 -32.31
C LEU A 657 5.33 26.51 -31.39
N LEU A 658 6.35 26.35 -30.55
CA LEU A 658 6.77 27.45 -29.68
C LEU A 658 7.27 28.62 -30.50
N HIS A 659 8.02 28.35 -31.57
CA HIS A 659 8.53 29.43 -32.41
C HIS A 659 7.56 29.87 -33.48
N ASN A 660 6.37 29.29 -33.56
CA ASN A 660 5.34 29.70 -34.49
C ASN A 660 4.13 30.32 -33.81
N GLY A 661 3.55 29.63 -32.84
CA GLY A 661 2.44 30.16 -32.09
C GLY A 661 1.11 29.57 -32.54
N PHE A 662 0.19 29.43 -31.59
CA PHE A 662 -1.15 28.93 -31.85
C PHE A 662 -2.05 29.38 -30.73
N SER A 663 -3.25 29.88 -31.08
CA SER A 663 -4.15 30.44 -30.10
C SER A 663 -5.60 30.18 -30.53
N THR A 664 -6.53 30.68 -29.72
CA THR A 664 -7.94 30.64 -30.04
C THR A 664 -8.59 31.85 -29.39
N GLY A 665 -9.76 32.23 -29.91
CA GLY A 665 -10.43 33.42 -29.44
C GLY A 665 -11.93 33.36 -29.62
N ILE A 666 -12.60 34.42 -29.16
CA ILE A 666 -14.05 34.50 -29.27
C ILE A 666 -14.47 34.62 -30.73
N GLY A 667 -13.66 35.32 -31.54
CA GLY A 667 -14.01 35.53 -32.94
C GLY A 667 -14.00 34.27 -33.77
N ASP A 668 -13.41 33.19 -33.27
CA ASP A 668 -13.41 31.93 -34.01
C ASP A 668 -14.78 31.28 -34.05
N THR A 669 -15.69 31.66 -33.15
CA THR A 669 -17.02 31.09 -33.09
C THR A 669 -18.08 32.02 -33.68
N ILE A 670 -17.67 33.06 -34.40
CA ILE A 670 -18.58 34.04 -34.97
C ILE A 670 -18.69 33.81 -36.47
N ALA A 671 -19.91 33.68 -36.97
CA ALA A 671 -20.17 33.50 -38.39
C ALA A 671 -20.67 34.82 -38.99
N ASP A 672 -20.56 34.90 -40.32
CA ASP A 672 -20.97 36.11 -41.02
C ASP A 672 -22.49 36.22 -41.09
N GLY A 673 -22.95 37.37 -41.58
CA GLY A 673 -24.36 37.68 -41.65
C GLY A 673 -25.18 36.71 -42.49
N PRO A 674 -24.77 36.46 -43.74
CA PRO A 674 -25.54 35.52 -44.57
C PRO A 674 -25.66 34.12 -43.98
N THR A 675 -24.62 33.63 -43.31
CA THR A 675 -24.70 32.31 -42.69
C THR A 675 -25.72 32.30 -41.56
N MET A 676 -25.72 33.32 -40.72
CA MET A 676 -26.72 33.40 -39.66
C MET A 676 -28.12 33.53 -40.22
N ARG A 677 -28.27 34.29 -41.32
CA ARG A 677 -29.59 34.40 -41.95
C ARG A 677 -30.06 33.05 -42.48
N GLU A 678 -29.15 32.29 -43.10
CA GLU A 678 -29.51 30.96 -43.59
C GLU A 678 -29.87 30.02 -42.44
N ILE A 679 -29.13 30.10 -41.33
CA ILE A 679 -29.45 29.27 -40.16
C ILE A 679 -30.83 29.63 -39.62
N THR A 680 -31.13 30.93 -39.52
CA THR A 680 -32.44 31.36 -39.04
C THR A 680 -33.55 30.89 -39.99
N GLU A 681 -33.30 30.96 -41.30
CA GLU A 681 -34.30 30.48 -42.25
C GLU A 681 -34.53 28.98 -42.10
N THR A 682 -33.47 28.20 -41.90
CA THR A 682 -33.62 26.77 -41.70
C THR A 682 -34.41 26.47 -40.44
N ILE A 683 -34.12 27.19 -39.35
CA ILE A 683 -34.84 26.98 -38.10
C ILE A 683 -36.32 27.34 -38.27
N ALA A 684 -36.60 28.45 -38.98
CA ALA A 684 -37.98 28.83 -39.22
C ALA A 684 -38.71 27.81 -40.06
N GLU A 685 -38.04 27.25 -41.08
CA GLU A 685 -38.66 26.20 -41.90
C GLU A 685 -38.97 24.97 -41.07
N ALA A 686 -38.04 24.57 -40.20
CA ALA A 686 -38.28 23.42 -39.33
C ALA A 686 -39.45 23.69 -38.39
N LYS A 687 -39.53 24.89 -37.83
CA LYS A 687 -40.64 25.24 -36.95
C LYS A 687 -41.96 25.23 -37.70
N LYS A 688 -41.96 25.71 -38.95
CA LYS A 688 -43.17 25.67 -39.76
C LYS A 688 -43.59 24.23 -40.04
N LYS A 689 -42.63 23.36 -40.33
CA LYS A 689 -42.96 21.95 -40.55
C LYS A 689 -43.54 21.31 -39.29
N VAL A 690 -42.96 21.63 -38.13
CA VAL A 690 -43.47 21.10 -36.87
C VAL A 690 -44.88 21.61 -36.62
N LEU A 691 -45.14 22.89 -36.90
CA LEU A 691 -46.48 23.45 -36.73
C LEU A 691 -47.48 22.77 -37.65
N ASP A 692 -47.08 22.51 -38.90
CA ASP A 692 -47.97 21.81 -39.82
C ASP A 692 -48.27 20.40 -39.33
N VAL A 693 -47.26 19.71 -38.81
CA VAL A 693 -47.47 18.37 -38.27
C VAL A 693 -48.43 18.41 -37.09
N THR A 694 -48.27 19.38 -36.20
CA THR A 694 -49.17 19.52 -35.06
C THR A 694 -50.60 19.80 -35.52
N LYS A 695 -50.75 20.68 -36.52
CA LYS A 695 -52.08 20.99 -37.02
C LYS A 695 -52.73 19.76 -37.65
N GLU A 696 -51.96 18.97 -38.40
CA GLU A 696 -52.50 17.75 -38.98
C GLU A 696 -52.89 16.75 -37.90
N ALA A 697 -52.08 16.61 -36.86
CA ALA A 697 -52.37 15.66 -35.79
C ALA A 697 -53.60 16.09 -34.99
N GLN A 698 -53.77 17.39 -34.76
CA GLN A 698 -54.90 17.87 -33.98
C GLN A 698 -56.23 17.65 -34.68
N ALA A 699 -56.23 17.47 -36.00
CA ALA A 699 -57.43 17.22 -36.76
C ALA A 699 -57.71 15.73 -36.94
N ASN A 700 -56.93 14.87 -36.28
CA ASN A 700 -57.05 13.42 -36.38
C ASN A 700 -56.80 12.90 -37.79
N LEU A 701 -56.08 13.68 -38.60
CA LEU A 701 -55.70 13.25 -39.95
C LEU A 701 -54.37 12.51 -39.97
N LEU A 702 -53.65 12.46 -38.86
CA LEU A 702 -52.36 11.80 -38.81
C LEU A 702 -52.55 10.29 -38.75
N THR A 703 -51.67 9.56 -39.42
CA THR A 703 -51.66 8.11 -39.42
C THR A 703 -50.53 7.62 -38.54
N ALA A 704 -50.86 6.76 -37.57
CA ALA A 704 -49.87 6.24 -36.64
C ALA A 704 -49.13 5.06 -37.23
N LYS A 705 -47.82 5.04 -37.04
CA LYS A 705 -47.01 3.92 -37.49
C LYS A 705 -47.39 2.65 -36.72
N HIS A 706 -47.32 1.52 -37.42
CA HIS A 706 -47.72 0.25 -36.82
C HIS A 706 -46.88 -0.06 -35.59
N GLY A 707 -47.54 -0.45 -34.50
CA GLY A 707 -46.88 -0.71 -33.24
C GLY A 707 -46.65 0.51 -32.38
N MET A 708 -47.15 1.68 -32.79
CA MET A 708 -46.99 2.91 -32.03
C MET A 708 -48.34 3.63 -31.95
N THR A 709 -48.51 4.40 -30.88
CA THR A 709 -49.73 5.15 -30.68
C THR A 709 -49.70 6.45 -31.48
N LEU A 710 -50.78 7.22 -31.38
CA LEU A 710 -50.86 8.48 -32.11
C LEU A 710 -49.94 9.56 -31.53
N ARG A 711 -49.46 9.37 -30.30
CA ARG A 711 -48.57 10.34 -29.68
C ARG A 711 -47.10 10.00 -29.89
N GLU A 712 -46.74 8.72 -29.83
CA GLU A 712 -45.35 8.32 -29.99
C GLU A 712 -44.84 8.66 -31.38
N SER A 713 -45.63 8.38 -32.41
CA SER A 713 -45.21 8.70 -33.77
C SER A 713 -45.06 10.21 -33.98
N PHE A 714 -45.99 10.99 -33.41
CA PHE A 714 -45.91 12.44 -33.53
C PHE A 714 -44.65 12.97 -32.83
N GLU A 715 -44.37 12.47 -31.63
CA GLU A 715 -43.17 12.90 -30.92
C GLU A 715 -41.91 12.50 -31.68
N ASP A 716 -41.90 11.29 -32.25
CA ASP A 716 -40.74 10.85 -33.02
C ASP A 716 -40.52 11.74 -34.24
N ASN A 717 -41.61 12.09 -34.93
CA ASN A 717 -41.48 12.99 -36.09
C ASN A 717 -40.95 14.35 -35.67
N VAL A 718 -41.45 14.88 -34.55
CA VAL A 718 -41.02 16.20 -34.08
C VAL A 718 -39.54 16.18 -33.74
N VAL A 719 -39.10 15.17 -32.99
CA VAL A 719 -37.69 15.13 -32.59
C VAL A 719 -36.79 14.88 -33.79
N ARG A 720 -37.25 14.08 -34.75
CA ARG A 720 -36.47 13.86 -35.96
C ARG A 720 -36.31 15.17 -36.74
N PHE A 721 -37.40 15.93 -36.89
CA PHE A 721 -37.31 17.21 -37.60
C PHE A 721 -36.36 18.17 -36.88
N LEU A 722 -36.46 18.24 -35.56
CA LEU A 722 -35.59 19.15 -34.82
C LEU A 722 -34.13 18.75 -34.94
N ASN A 723 -33.84 17.44 -34.83
CA ASN A 723 -32.47 16.98 -34.96
C ASN A 723 -31.92 17.24 -36.35
N GLU A 724 -32.74 17.01 -37.38
CA GLU A 724 -32.31 17.28 -38.75
C GLU A 724 -32.02 18.77 -38.95
N ALA A 725 -32.86 19.64 -38.40
CA ALA A 725 -32.63 21.07 -38.50
C ALA A 725 -31.33 21.47 -37.81
N ARG A 726 -31.09 20.93 -36.61
CA ARG A 726 -29.86 21.26 -35.89
C ARG A 726 -28.64 20.77 -36.66
N ASP A 727 -28.71 19.56 -37.22
CA ASP A 727 -27.59 19.04 -38.00
C ASP A 727 -27.33 19.88 -39.24
N LYS A 728 -28.39 20.30 -39.94
CA LYS A 728 -28.21 21.13 -41.13
C LYS A 728 -27.61 22.47 -40.77
N ALA A 729 -28.07 23.10 -39.69
CA ALA A 729 -27.51 24.37 -39.28
C ALA A 729 -26.04 24.23 -38.89
N GLY A 730 -25.70 23.16 -38.17
CA GLY A 730 -24.31 22.93 -37.81
C GLY A 730 -23.43 22.70 -39.03
N ARG A 731 -23.93 21.93 -40.00
CA ARG A 731 -23.16 21.70 -41.22
C ARG A 731 -22.94 23.00 -41.98
N LEU A 732 -23.97 23.84 -42.06
CA LEU A 732 -23.81 25.13 -42.73
C LEU A 732 -22.78 26.00 -42.01
N ALA A 733 -22.83 26.03 -40.67
CA ALA A 733 -21.86 26.83 -39.92
C ALA A 733 -20.45 26.31 -40.11
N GLU A 734 -20.28 24.98 -40.11
CA GLU A 734 -18.96 24.39 -40.32
C GLU A 734 -18.43 24.69 -41.72
N VAL A 735 -19.30 24.61 -42.73
CA VAL A 735 -18.89 24.92 -44.10
C VAL A 735 -18.47 26.38 -44.22
N ASN A 736 -19.21 27.28 -43.57
CA ASN A 736 -18.89 28.70 -43.66
C ASN A 736 -17.53 29.02 -43.05
N LEU A 737 -17.08 28.24 -42.06
CA LEU A 737 -15.83 28.54 -41.39
C LEU A 737 -14.65 28.43 -42.35
N LYS A 738 -13.72 29.37 -42.22
CA LYS A 738 -12.54 29.41 -43.08
C LYS A 738 -11.46 28.45 -42.57
N ASP A 739 -10.45 28.25 -43.41
CA ASP A 739 -9.36 27.35 -43.05
C ASP A 739 -8.46 27.92 -41.96
N LEU A 740 -8.48 29.24 -41.75
CA LEU A 740 -7.68 29.87 -40.71
C LEU A 740 -8.36 29.87 -39.36
N ASN A 741 -9.57 29.33 -39.25
CA ASN A 741 -10.27 29.28 -37.98
C ASN A 741 -9.54 28.34 -37.02
N ASN A 742 -9.34 28.81 -35.78
CA ASN A 742 -8.61 28.02 -34.80
C ASN A 742 -9.40 26.77 -34.38
N VAL A 743 -10.71 26.93 -34.17
CA VAL A 743 -11.54 25.77 -33.80
C VAL A 743 -11.57 24.76 -34.93
N LYS A 744 -11.68 25.24 -36.18
CA LYS A 744 -11.65 24.34 -37.33
C LYS A 744 -10.32 23.62 -37.43
N GLN A 745 -9.22 24.34 -37.18
CA GLN A 745 -7.90 23.70 -37.20
C GLN A 745 -7.77 22.63 -36.13
N MET A 746 -8.28 22.92 -34.93
CA MET A 746 -8.24 21.92 -33.86
C MET A 746 -9.08 20.70 -34.20
N VAL A 747 -10.26 20.92 -34.78
CA VAL A 747 -11.14 19.80 -35.13
C VAL A 747 -10.52 18.95 -36.22
N MET A 748 -9.96 19.59 -37.26
CA MET A 748 -9.38 18.84 -38.37
C MET A 748 -8.18 18.01 -37.90
N ALA A 749 -7.36 18.55 -37.00
CA ALA A 749 -6.24 17.80 -36.46
C ALA A 749 -6.70 16.64 -35.60
N GLY A 750 -7.89 16.70 -35.03
CA GLY A 750 -8.40 15.65 -34.17
C GLY A 750 -7.91 15.70 -32.74
N SER A 751 -7.13 16.71 -32.37
CA SER A 751 -6.63 16.79 -30.99
C SER A 751 -7.77 17.02 -30.01
N LYS A 752 -8.71 17.90 -30.34
CA LYS A 752 -9.83 18.20 -29.46
C LYS A 752 -10.97 18.78 -30.27
N GLY A 753 -12.18 18.67 -29.73
CA GLY A 753 -13.35 19.22 -30.37
C GLY A 753 -13.96 18.26 -31.38
N SER A 754 -15.14 18.64 -31.86
CA SER A 754 -15.87 17.86 -32.84
C SER A 754 -16.84 18.77 -33.57
N PHE A 755 -17.53 18.21 -34.57
CA PHE A 755 -18.50 18.99 -35.34
C PHE A 755 -19.67 19.43 -34.46
N ILE A 756 -20.10 18.58 -33.53
CA ILE A 756 -21.24 18.90 -32.68
C ILE A 756 -20.91 20.09 -31.79
N ASN A 757 -19.69 20.16 -31.27
CA ASN A 757 -19.29 21.29 -30.45
C ASN A 757 -19.33 22.59 -31.24
N ILE A 758 -18.81 22.57 -32.47
CA ILE A 758 -18.84 23.77 -33.31
C ILE A 758 -20.28 24.17 -33.60
N ALA A 759 -21.14 23.19 -33.89
CA ALA A 759 -22.54 23.48 -34.15
C ALA A 759 -23.19 24.16 -32.95
N GLN A 760 -23.01 23.57 -31.75
CA GLN A 760 -23.64 24.11 -30.56
C GLN A 760 -23.06 25.45 -30.16
N MET A 761 -21.81 25.73 -30.53
CA MET A 761 -21.18 27.00 -30.18
C MET A 761 -21.44 28.11 -31.18
N SER A 762 -21.74 27.78 -32.43
CA SER A 762 -21.85 28.82 -33.45
C SER A 762 -23.25 28.96 -34.05
N ALA A 763 -23.98 27.86 -34.24
CA ALA A 763 -25.22 27.91 -34.99
C ALA A 763 -26.45 27.72 -34.09
N CYS A 764 -26.54 26.61 -33.36
CA CYS A 764 -27.73 26.32 -32.59
C CYS A 764 -27.44 25.20 -31.60
N VAL A 765 -27.99 25.34 -30.40
CA VAL A 765 -27.89 24.32 -29.37
C VAL A 765 -29.00 23.30 -29.58
N GLY A 766 -28.66 22.01 -29.46
CA GLY A 766 -29.63 20.97 -29.68
C GLY A 766 -30.75 20.98 -28.65
N GLN A 767 -31.84 20.29 -29.00
CA GLN A 767 -32.99 20.23 -28.10
C GLN A 767 -32.64 19.45 -26.84
N GLN A 768 -32.98 20.02 -25.70
CA GLN A 768 -32.77 19.35 -24.43
C GLN A 768 -33.79 18.23 -24.25
N SER A 769 -33.31 17.06 -23.85
CA SER A 769 -34.16 15.88 -23.70
C SER A 769 -33.87 15.19 -22.38
N VAL A 770 -34.88 14.49 -21.87
CA VAL A 770 -34.77 13.69 -20.65
C VAL A 770 -34.98 12.23 -21.04
N GLU A 771 -34.01 11.38 -20.66
CA GLU A 771 -34.00 9.94 -20.93
C GLU A 771 -34.37 9.59 -22.37
N GLY A 772 -34.16 10.52 -23.31
CA GLY A 772 -34.50 10.32 -24.70
C GLY A 772 -35.78 10.99 -25.15
N LYS A 773 -36.62 11.42 -24.21
CA LYS A 773 -37.86 12.11 -24.53
C LYS A 773 -37.74 13.59 -24.20
N ARG A 774 -38.70 14.36 -24.71
CA ARG A 774 -38.71 15.80 -24.50
C ARG A 774 -39.06 16.11 -23.03
N ILE A 775 -39.10 17.39 -22.71
CA ILE A 775 -39.38 17.82 -21.34
C ILE A 775 -40.83 17.49 -21.00
N ALA A 776 -41.02 16.75 -19.91
CA ALA A 776 -42.35 16.34 -19.49
C ALA A 776 -43.12 17.51 -18.88
N PHE A 777 -44.42 17.34 -18.77
CA PHE A 777 -45.31 18.36 -18.20
C PHE A 777 -45.24 18.26 -16.68
N GLY A 778 -44.36 19.07 -16.08
CA GLY A 778 -44.25 19.07 -14.63
C GLY A 778 -45.52 19.57 -13.96
N PHE A 779 -46.12 20.63 -14.50
CA PHE A 779 -47.37 21.16 -13.98
C PHE A 779 -48.54 20.46 -14.68
N VAL A 780 -49.74 20.98 -14.50
CA VAL A 780 -50.93 20.41 -15.14
C VAL A 780 -50.90 20.82 -16.61
N ASP A 781 -50.45 19.89 -17.47
CA ASP A 781 -50.37 20.12 -18.91
C ASP A 781 -49.52 21.35 -19.24
N ARG A 782 -48.47 21.57 -18.45
CA ARG A 782 -47.57 22.70 -18.66
C ARG A 782 -46.17 22.30 -18.23
N THR A 783 -45.17 22.88 -18.91
CA THR A 783 -43.78 22.67 -18.54
C THR A 783 -43.28 23.74 -17.58
N LEU A 784 -43.71 24.98 -17.79
CA LEU A 784 -43.35 26.10 -16.92
C LEU A 784 -44.58 26.97 -16.73
N PRO A 785 -44.66 27.71 -15.62
CA PRO A 785 -45.81 28.60 -15.40
C PRO A 785 -45.93 29.70 -16.44
N HIS A 786 -44.86 30.03 -17.15
CA HIS A 786 -44.88 31.10 -18.15
C HIS A 786 -45.53 30.68 -19.46
N PHE A 787 -45.84 29.40 -19.63
CA PHE A 787 -46.45 28.91 -20.85
C PHE A 787 -47.95 28.70 -20.64
N SER A 788 -48.62 28.26 -21.70
CA SER A 788 -50.06 27.98 -21.66
C SER A 788 -50.29 26.47 -21.62
N LYS A 789 -51.49 26.11 -21.17
CA LYS A 789 -51.84 24.69 -21.06
C LYS A 789 -51.98 24.06 -22.44
N ASP A 790 -51.62 22.77 -22.52
CA ASP A 790 -51.71 21.98 -23.74
C ASP A 790 -50.93 22.62 -24.88
N ASP A 791 -49.70 23.04 -24.58
CA ASP A 791 -48.80 23.63 -25.57
C ASP A 791 -47.79 22.59 -26.00
N TYR A 792 -47.72 22.32 -27.30
CA TYR A 792 -46.81 21.34 -27.86
C TYR A 792 -45.79 21.96 -28.81
N SER A 793 -45.62 23.28 -28.76
CA SER A 793 -44.64 23.93 -29.60
C SER A 793 -43.24 23.52 -29.18
N PRO A 794 -42.29 23.47 -30.12
CA PRO A 794 -40.93 23.04 -29.76
C PRO A 794 -40.27 23.92 -28.72
N GLU A 795 -40.53 25.23 -28.76
CA GLU A 795 -39.92 26.13 -27.78
C GLU A 795 -40.39 25.82 -26.37
N SER A 796 -41.67 25.49 -26.20
CA SER A 796 -42.21 25.21 -24.88
C SER A 796 -41.84 23.82 -24.36
N LYS A 797 -41.45 22.90 -25.24
CA LYS A 797 -41.16 21.54 -24.85
C LYS A 797 -39.67 21.26 -24.67
N GLY A 798 -38.81 22.27 -24.83
CA GLY A 798 -37.41 22.09 -24.54
C GLY A 798 -36.46 22.14 -25.71
N PHE A 799 -36.80 22.90 -26.74
CA PHE A 799 -35.94 23.10 -27.90
C PHE A 799 -35.26 24.45 -27.81
N VAL A 800 -33.93 24.45 -27.88
CA VAL A 800 -33.13 25.67 -27.82
C VAL A 800 -32.84 26.13 -29.23
N GLU A 801 -33.15 27.39 -29.52
CA GLU A 801 -32.91 27.97 -30.84
C GLU A 801 -31.61 28.76 -30.90
N ASN A 802 -31.26 29.47 -29.83
CA ASN A 802 -30.04 30.26 -29.80
C ASN A 802 -28.83 29.36 -29.56
N SER A 803 -27.65 29.93 -29.81
CA SER A 803 -26.39 29.25 -29.58
C SER A 803 -25.77 29.75 -28.28
N TYR A 804 -24.64 29.16 -27.91
CA TYR A 804 -23.93 29.59 -26.71
C TYR A 804 -23.43 31.02 -26.83
N LEU A 805 -22.92 31.38 -28.02
CA LEU A 805 -22.43 32.74 -28.23
C LEU A 805 -23.55 33.76 -28.11
N ARG A 806 -24.73 33.44 -28.65
CA ARG A 806 -25.83 34.39 -28.62
C ARG A 806 -26.45 34.51 -27.24
N GLY A 807 -26.40 33.46 -26.44
CA GLY A 807 -27.00 33.48 -25.12
C GLY A 807 -28.35 32.77 -25.10
N LEU A 808 -28.73 32.28 -23.93
CA LEU A 808 -29.91 31.46 -23.76
C LEU A 808 -30.96 32.20 -22.93
N THR A 809 -32.23 32.04 -23.31
CA THR A 809 -33.32 32.56 -22.52
C THR A 809 -33.48 31.74 -21.24
N PRO A 810 -34.17 32.26 -20.22
CA PRO A 810 -34.29 31.51 -18.96
C PRO A 810 -34.90 30.12 -19.12
N GLN A 811 -35.85 29.96 -20.04
CA GLN A 811 -36.50 28.66 -20.20
C GLN A 811 -35.52 27.61 -20.72
N GLU A 812 -34.81 27.93 -21.80
CA GLU A 812 -33.82 26.98 -22.31
C GLU A 812 -32.65 26.83 -21.37
N PHE A 813 -32.36 27.86 -20.57
CA PHE A 813 -31.35 27.71 -19.52
C PHE A 813 -31.77 26.67 -18.49
N PHE A 814 -33.04 26.70 -18.07
CA PHE A 814 -33.55 25.69 -17.15
C PHE A 814 -33.53 24.31 -17.78
N PHE A 815 -33.90 24.21 -19.06
CA PHE A 815 -33.88 22.92 -19.74
C PHE A 815 -32.46 22.36 -19.82
N HIS A 816 -31.50 23.22 -20.14
CA HIS A 816 -30.09 22.79 -20.16
C HIS A 816 -29.63 22.36 -18.78
N ALA A 817 -30.07 23.06 -17.74
CA ALA A 817 -29.74 22.65 -16.38
C ALA A 817 -30.29 21.25 -16.08
N MET A 818 -31.52 20.99 -16.51
CA MET A 818 -32.10 19.65 -16.30
C MET A 818 -31.30 18.59 -17.05
N GLY A 819 -30.91 18.89 -18.29
CA GLY A 819 -30.08 17.94 -19.04
C GLY A 819 -28.75 17.66 -18.37
N GLY A 820 -28.09 18.71 -17.88
CA GLY A 820 -26.83 18.53 -17.17
C GLY A 820 -26.99 17.73 -15.89
N ARG A 821 -28.08 17.98 -15.16
CA ARG A 821 -28.36 17.19 -13.96
C ARG A 821 -28.53 15.72 -14.30
N GLU A 822 -29.27 15.44 -15.38
CA GLU A 822 -29.45 14.06 -15.81
C GLU A 822 -28.11 13.42 -16.16
N GLY A 823 -27.25 14.16 -16.86
CA GLY A 823 -25.93 13.63 -17.19
C GLY A 823 -25.11 13.31 -15.96
N LEU A 824 -25.10 14.22 -14.99
CA LEU A 824 -24.33 14.00 -13.76
C LEU A 824 -24.84 12.78 -13.01
N ILE A 825 -26.17 12.65 -12.90
CA ILE A 825 -26.74 11.50 -12.22
C ILE A 825 -26.38 10.20 -12.95
N ASP A 826 -26.43 10.23 -14.28
CA ASP A 826 -26.08 9.05 -15.07
C ASP A 826 -24.64 8.64 -14.82
N THR A 827 -23.72 9.61 -14.82
CA THR A 827 -22.32 9.29 -14.54
C THR A 827 -22.16 8.72 -13.13
N ALA A 828 -22.83 9.31 -12.15
CA ALA A 828 -22.67 8.86 -10.77
C ALA A 828 -23.15 7.43 -10.59
N VAL A 829 -24.28 7.08 -11.18
CA VAL A 829 -24.78 5.71 -11.05
C VAL A 829 -23.93 4.74 -11.86
N LYS A 830 -23.55 5.15 -13.08
CA LYS A 830 -22.84 4.26 -13.99
C LYS A 830 -21.47 3.89 -13.44
N THR A 831 -20.78 4.84 -12.81
CA THR A 831 -19.45 4.51 -12.29
C THR A 831 -19.53 3.43 -11.22
N ALA A 832 -20.53 3.50 -10.33
CA ALA A 832 -20.68 2.48 -9.29
C ALA A 832 -21.04 1.13 -9.88
N GLU A 833 -22.02 1.13 -10.80
CA GLU A 833 -22.45 -0.14 -11.37
C GLU A 833 -21.33 -0.79 -12.16
N THR A 834 -20.58 0.00 -12.93
CA THR A 834 -19.47 -0.54 -13.71
C THR A 834 -18.35 -1.03 -12.81
N GLY A 835 -18.08 -0.33 -11.70
CA GLY A 835 -17.09 -0.82 -10.76
C GLY A 835 -17.45 -2.17 -10.18
N TYR A 836 -18.72 -2.33 -9.78
CA TYR A 836 -19.15 -3.61 -9.25
C TYR A 836 -19.06 -4.71 -10.30
N ILE A 837 -19.49 -4.42 -11.53
CA ILE A 837 -19.44 -5.41 -12.60
C ILE A 837 -18.00 -5.82 -12.89
N GLN A 838 -17.10 -4.83 -12.94
CA GLN A 838 -15.69 -5.13 -13.20
C GLN A 838 -15.09 -5.97 -12.09
N ARG A 839 -15.42 -5.66 -10.83
CA ARG A 839 -14.90 -6.46 -9.72
C ARG A 839 -15.39 -7.91 -9.83
N ARG A 840 -16.68 -8.10 -10.11
CA ARG A 840 -17.21 -9.45 -10.25
C ARG A 840 -16.55 -10.20 -11.39
N LEU A 841 -16.38 -9.53 -12.54
CA LEU A 841 -15.77 -10.18 -13.68
C LEU A 841 -14.32 -10.56 -13.41
N VAL A 842 -13.57 -9.68 -12.74
CA VAL A 842 -12.18 -9.98 -12.41
C VAL A 842 -12.12 -11.16 -11.45
N LYS A 843 -12.98 -11.16 -10.43
CA LYS A 843 -12.97 -12.25 -9.46
C LYS A 843 -13.39 -13.58 -10.08
N ALA A 844 -14.20 -13.53 -11.14
CA ALA A 844 -14.69 -14.75 -11.75
C ALA A 844 -13.75 -15.35 -12.80
N LEU A 845 -12.66 -14.66 -13.15
CA LEU A 845 -11.75 -15.14 -14.19
C LEU A 845 -10.30 -14.95 -13.80
N GLU A 846 -9.98 -15.03 -12.51
CA GLU A 846 -8.63 -14.76 -12.03
C GLU A 846 -7.73 -16.00 -12.03
N ASP A 847 -8.28 -17.18 -12.32
CA ASP A 847 -7.50 -18.42 -12.26
C ASP A 847 -7.32 -19.06 -13.63
N ILE A 848 -7.61 -18.35 -14.71
CA ILE A 848 -7.50 -18.89 -16.05
C ILE A 848 -6.09 -18.65 -16.56
N MET A 849 -5.43 -19.70 -17.02
CA MET A 849 -4.06 -19.63 -17.49
C MET A 849 -3.89 -20.46 -18.75
N VAL A 850 -2.82 -20.17 -19.48
CA VAL A 850 -2.43 -20.94 -20.66
C VAL A 850 -1.20 -21.75 -20.28
N HIS A 851 -1.31 -23.07 -20.38
CA HIS A 851 -0.25 -23.97 -19.94
C HIS A 851 0.70 -24.26 -21.10
N TYR A 852 1.72 -25.07 -20.82
CA TYR A 852 2.76 -25.34 -21.81
C TYR A 852 2.28 -26.27 -22.93
N ASP A 853 1.11 -26.88 -22.79
CA ASP A 853 0.53 -27.69 -23.86
C ASP A 853 -0.44 -26.90 -24.72
N ASN A 854 -0.37 -25.57 -24.67
CA ASN A 854 -1.23 -24.68 -25.47
C ASN A 854 -2.71 -24.94 -25.20
N THR A 855 -3.04 -25.21 -23.95
CA THR A 855 -4.42 -25.39 -23.51
C THR A 855 -4.74 -24.37 -22.41
N THR A 856 -5.98 -23.90 -22.41
CA THR A 856 -6.45 -22.94 -21.43
C THR A 856 -7.19 -23.67 -20.33
N ARG A 857 -6.69 -23.58 -19.10
CA ARG A 857 -7.25 -24.31 -17.97
C ARG A 857 -7.33 -23.39 -16.77
N ASN A 858 -8.24 -23.73 -15.85
CA ASN A 858 -8.42 -23.00 -14.62
C ASN A 858 -7.55 -23.60 -13.52
N SER A 859 -7.76 -23.18 -12.28
CA SER A 859 -6.97 -23.70 -11.17
C SER A 859 -7.24 -25.19 -10.94
N LEU A 860 -8.51 -25.60 -11.09
CA LEU A 860 -8.87 -27.01 -10.89
C LEU A 860 -8.32 -27.92 -11.96
N GLY A 861 -7.77 -27.38 -13.05
CA GLY A 861 -7.26 -28.18 -14.14
C GLY A 861 -8.26 -28.50 -15.23
N ASN A 862 -9.51 -28.09 -15.08
CA ASN A 862 -10.51 -28.32 -16.12
C ASN A 862 -10.16 -27.56 -17.38
N VAL A 863 -10.41 -28.17 -18.53
CA VAL A 863 -10.09 -27.57 -19.82
C VAL A 863 -11.27 -26.71 -20.25
N ILE A 864 -11.01 -25.43 -20.48
CA ILE A 864 -12.00 -24.50 -20.99
C ILE A 864 -11.85 -24.30 -22.50
N GLN A 865 -10.61 -24.09 -22.96
CA GLN A 865 -10.33 -23.95 -24.37
C GLN A 865 -9.14 -24.82 -24.70
N PHE A 866 -9.29 -25.71 -25.69
CA PHE A 866 -8.19 -26.58 -26.08
C PHE A 866 -7.05 -25.82 -26.73
N ILE A 867 -7.29 -24.60 -27.19
CA ILE A 867 -6.25 -23.73 -27.71
C ILE A 867 -6.71 -22.29 -27.54
N TYR A 868 -5.83 -21.43 -27.05
CA TYR A 868 -6.21 -20.06 -26.73
C TYR A 868 -6.66 -19.31 -27.99
N GLY A 869 -7.84 -18.69 -27.90
CA GLY A 869 -8.38 -17.96 -29.03
C GLY A 869 -8.70 -18.82 -30.23
N GLU A 870 -8.76 -20.14 -30.06
CA GLU A 870 -9.04 -21.09 -31.13
C GLU A 870 -7.98 -21.07 -32.21
N ASP A 871 -6.93 -20.27 -32.01
CA ASP A 871 -5.81 -20.20 -32.96
C ASP A 871 -4.44 -20.19 -32.30
N GLY A 872 -4.35 -19.98 -30.99
CA GLY A 872 -3.06 -19.95 -30.31
C GLY A 872 -2.18 -18.78 -30.72
N MET A 873 -2.75 -17.58 -30.84
CA MET A 873 -2.02 -16.41 -31.26
C MET A 873 -2.16 -15.31 -30.21
N ASP A 874 -1.06 -14.60 -29.97
CA ASP A 874 -1.11 -13.47 -29.03
C ASP A 874 -1.93 -12.34 -29.62
N ALA A 875 -2.71 -11.68 -28.75
CA ALA A 875 -3.59 -10.61 -29.20
C ALA A 875 -2.80 -9.43 -29.74
N ALA A 876 -1.68 -9.09 -29.10
CA ALA A 876 -0.90 -7.92 -29.49
C ALA A 876 -0.17 -8.11 -30.81
N HIS A 877 -0.11 -9.32 -31.34
CA HIS A 877 0.61 -9.62 -32.58
C HIS A 877 -0.33 -9.96 -33.72
N ILE A 878 -1.48 -9.26 -33.78
CA ILE A 878 -2.49 -9.50 -34.80
C ILE A 878 -2.79 -8.17 -35.49
N GLU A 879 -2.89 -8.21 -36.82
CA GLU A 879 -3.19 -7.03 -37.62
C GLU A 879 -4.37 -7.32 -38.53
N LYS A 880 -5.14 -6.28 -38.81
CA LYS A 880 -6.30 -6.40 -39.68
C LYS A 880 -5.86 -6.50 -41.13
N GLN A 881 -6.27 -7.56 -41.81
CA GLN A 881 -5.89 -7.81 -43.19
C GLN A 881 -7.12 -8.24 -43.99
N SER A 882 -7.03 -8.06 -45.30
CA SER A 882 -8.12 -8.38 -46.21
C SER A 882 -7.78 -9.61 -47.04
N LEU A 883 -8.74 -10.51 -47.16
CA LEU A 883 -8.57 -11.72 -47.97
C LEU A 883 -9.16 -11.47 -49.36
N ASP A 884 -8.29 -11.53 -50.38
CA ASP A 884 -8.73 -11.28 -51.74
C ASP A 884 -9.51 -12.44 -52.35
N THR A 885 -9.31 -13.67 -51.86
CA THR A 885 -9.94 -14.83 -52.47
C THR A 885 -11.45 -14.80 -52.32
N ILE A 886 -11.94 -14.44 -51.12
CA ILE A 886 -13.38 -14.45 -50.88
C ILE A 886 -14.09 -13.38 -51.73
N GLY A 887 -13.52 -12.18 -51.78
CA GLY A 887 -14.14 -11.10 -52.52
C GLY A 887 -13.91 -11.20 -54.02
N GLY A 888 -14.56 -10.30 -54.74
CA GLY A 888 -14.45 -10.25 -56.19
C GLY A 888 -15.40 -11.18 -56.89
N SER A 889 -15.47 -11.02 -58.21
CA SER A 889 -16.33 -11.84 -59.04
C SER A 889 -15.59 -13.07 -59.56
N ASP A 890 -16.34 -14.01 -60.11
CA ASP A 890 -15.74 -15.24 -60.63
C ASP A 890 -14.79 -14.95 -61.78
N ALA A 891 -15.21 -14.07 -62.70
CA ALA A 891 -14.34 -13.72 -63.84
C ALA A 891 -13.07 -13.02 -63.36
N ALA A 892 -13.21 -12.08 -62.43
CA ALA A 892 -12.03 -11.39 -61.89
C ALA A 892 -11.13 -12.36 -61.15
N PHE A 893 -11.70 -13.27 -60.37
CA PHE A 893 -10.90 -14.27 -59.66
C PHE A 893 -10.13 -15.15 -60.63
N GLU A 894 -10.80 -15.61 -61.70
CA GLU A 894 -10.12 -16.45 -62.68
C GLU A 894 -9.03 -15.67 -63.40
N LYS A 895 -9.29 -14.41 -63.74
CA LYS A 895 -8.27 -13.61 -64.42
C LYS A 895 -7.06 -13.38 -63.52
N ARG A 896 -7.30 -13.14 -62.23
CA ARG A 896 -6.21 -12.82 -61.31
C ARG A 896 -5.45 -14.06 -60.83
N TYR A 897 -6.06 -15.24 -60.88
CA TYR A 897 -5.42 -16.42 -60.30
C TYR A 897 -5.13 -17.53 -61.30
N ARG A 898 -6.05 -17.82 -62.21
CA ARG A 898 -5.86 -18.95 -63.11
C ARG A 898 -4.73 -18.69 -64.10
N VAL A 899 -3.81 -19.64 -64.20
CA VAL A 899 -2.70 -19.57 -65.14
C VAL A 899 -2.65 -20.89 -65.90
N ASP A 900 -2.71 -20.82 -67.23
CA ASP A 900 -2.65 -22.00 -68.08
C ASP A 900 -1.54 -21.82 -69.11
N LEU A 901 -0.78 -22.88 -69.34
CA LEU A 901 0.36 -22.85 -70.26
C LEU A 901 0.00 -23.39 -71.64
N LEU A 902 -0.57 -24.59 -71.70
CA LEU A 902 -0.88 -25.22 -72.99
C LEU A 902 -2.31 -24.88 -73.46
N ASN A 903 -2.63 -23.59 -73.49
CA ASN A 903 -3.94 -23.14 -73.93
C ASN A 903 -3.87 -21.64 -74.18
N THR A 904 -4.84 -21.15 -74.96
CA THR A 904 -4.96 -19.72 -75.18
C THR A 904 -5.70 -19.05 -74.03
N ASP A 905 -5.53 -17.74 -73.93
CA ASP A 905 -6.14 -16.90 -72.88
C ASP A 905 -5.54 -17.20 -71.52
N HIS A 906 -5.42 -16.17 -70.67
CA HIS A 906 -4.82 -16.28 -69.35
C HIS A 906 -3.39 -16.80 -69.40
N THR A 907 -2.72 -16.64 -70.53
CA THR A 907 -1.35 -17.14 -70.68
C THR A 907 -0.37 -16.21 -69.97
N LEU A 908 0.74 -16.79 -69.53
CA LEU A 908 1.78 -16.04 -68.85
C LEU A 908 2.68 -15.36 -69.87
N ASP A 909 2.98 -14.09 -69.65
CA ASP A 909 3.85 -13.35 -70.56
C ASP A 909 5.27 -13.89 -70.47
N PRO A 910 5.89 -14.25 -71.58
CA PRO A 910 7.27 -14.79 -71.52
C PRO A 910 8.27 -13.83 -70.92
N SER A 911 8.09 -12.52 -71.12
CA SER A 911 9.04 -11.55 -70.60
C SER A 911 8.97 -11.40 -69.08
N LEU A 912 7.96 -11.97 -68.43
CA LEU A 912 7.86 -11.85 -66.98
C LEU A 912 9.01 -12.56 -66.28
N LEU A 913 9.41 -13.73 -66.77
CA LEU A 913 10.46 -14.52 -66.16
C LEU A 913 11.49 -14.89 -67.21
N GLU A 914 12.72 -15.17 -66.75
CA GLU A 914 13.81 -15.49 -67.66
C GLU A 914 13.58 -16.78 -68.42
N SER A 915 12.74 -17.68 -67.89
CA SER A 915 12.43 -18.94 -68.55
C SER A 915 11.22 -18.83 -69.48
N GLY A 916 10.92 -17.63 -69.96
CA GLY A 916 9.80 -17.47 -70.87
C GLY A 916 10.04 -18.11 -72.22
N SER A 917 8.94 -18.36 -72.93
CA SER A 917 8.94 -19.01 -74.24
C SER A 917 9.56 -20.40 -74.20
N GLU A 918 9.67 -20.98 -73.01
CA GLU A 918 10.23 -22.32 -72.86
C GLU A 918 9.40 -23.24 -71.96
N ILE A 919 8.56 -22.69 -71.07
CA ILE A 919 7.75 -23.51 -70.19
C ILE A 919 6.53 -24.11 -70.89
N LEU A 920 6.26 -23.71 -72.12
CA LEU A 920 5.11 -24.24 -72.85
C LEU A 920 5.34 -25.70 -73.21
N GLY A 921 4.29 -26.50 -73.15
CA GLY A 921 4.35 -27.91 -73.45
C GLY A 921 4.68 -28.79 -72.27
N ASP A 922 5.02 -28.22 -71.12
CA ASP A 922 5.35 -29.01 -69.94
C ASP A 922 4.09 -29.56 -69.30
N LEU A 923 4.19 -30.77 -68.76
CA LEU A 923 3.06 -31.43 -68.10
C LEU A 923 3.08 -31.27 -66.59
N LYS A 924 4.26 -31.37 -65.97
CA LYS A 924 4.35 -31.20 -64.52
C LYS A 924 3.95 -29.79 -64.11
N LEU A 925 4.40 -28.78 -64.85
CA LEU A 925 4.01 -27.40 -64.55
C LEU A 925 2.50 -27.22 -64.70
N GLN A 926 1.92 -27.80 -65.75
CA GLN A 926 0.49 -27.66 -65.97
C GLN A 926 -0.32 -28.32 -64.86
N VAL A 927 0.08 -29.52 -64.44
CA VAL A 927 -0.67 -30.19 -63.37
C VAL A 927 -0.49 -29.47 -62.05
N LEU A 928 0.70 -28.94 -61.79
CA LEU A 928 0.89 -28.13 -60.59
C LEU A 928 0.01 -26.89 -60.61
N LEU A 929 -0.07 -26.22 -61.75
CA LEU A 929 -0.89 -25.02 -61.86
C LEU A 929 -2.37 -25.32 -61.66
N ASP A 930 -2.86 -26.41 -62.28
CA ASP A 930 -4.28 -26.71 -62.15
C ASP A 930 -4.62 -27.20 -60.74
N GLU A 931 -3.72 -27.95 -60.10
CA GLU A 931 -3.99 -28.34 -58.72
C GLU A 931 -3.93 -27.14 -57.77
N GLU A 932 -3.05 -26.17 -58.04
CA GLU A 932 -3.04 -24.95 -57.25
C GLU A 932 -4.33 -24.17 -57.44
N TYR A 933 -4.83 -24.10 -58.67
CA TYR A 933 -6.09 -23.42 -58.92
C TYR A 933 -7.25 -24.12 -58.23
N LYS A 934 -7.24 -25.46 -58.24
CA LYS A 934 -8.27 -26.21 -57.54
C LYS A 934 -8.22 -25.94 -56.04
N GLN A 935 -7.02 -25.91 -55.45
CA GLN A 935 -6.88 -25.58 -54.05
C GLN A 935 -7.40 -24.18 -53.76
N LEU A 936 -7.09 -23.22 -54.64
CA LEU A 936 -7.54 -21.84 -54.45
C LEU A 936 -9.07 -21.74 -54.51
N VAL A 937 -9.69 -22.43 -55.46
CA VAL A 937 -11.15 -22.34 -55.58
C VAL A 937 -11.82 -23.06 -54.40
N LYS A 938 -11.22 -24.16 -53.94
CA LYS A 938 -11.75 -24.81 -52.74
C LYS A 938 -11.65 -23.90 -51.53
N ASP A 939 -10.53 -23.17 -51.41
CA ASP A 939 -10.36 -22.24 -50.30
C ASP A 939 -11.37 -21.10 -50.40
N ARG A 940 -11.64 -20.62 -51.62
CA ARG A 940 -12.65 -19.60 -51.82
C ARG A 940 -14.02 -20.09 -51.38
N LYS A 941 -14.39 -21.32 -51.75
CA LYS A 941 -15.66 -21.89 -51.34
C LYS A 941 -15.74 -22.01 -49.82
N PHE A 942 -14.65 -22.48 -49.20
CA PHE A 942 -14.63 -22.61 -47.75
C PHE A 942 -14.78 -21.26 -47.04
N LEU A 943 -14.09 -20.24 -47.56
CA LEU A 943 -14.20 -18.91 -46.97
C LEU A 943 -15.60 -18.34 -47.14
N ARG A 944 -16.21 -18.55 -48.31
CA ARG A 944 -17.58 -18.11 -48.52
C ARG A 944 -18.54 -18.80 -47.57
N GLU A 945 -18.34 -20.11 -47.34
CA GLU A 945 -19.18 -20.82 -46.38
C GLU A 945 -18.99 -20.30 -44.96
N VAL A 946 -17.74 -20.01 -44.57
CA VAL A 946 -17.47 -19.55 -43.22
C VAL A 946 -18.04 -18.16 -43.00
N PHE A 947 -17.79 -17.25 -43.93
CA PHE A 947 -18.24 -15.85 -43.82
C PHE A 947 -19.44 -15.68 -44.74
N VAL A 948 -20.64 -15.74 -44.15
CA VAL A 948 -21.87 -15.60 -44.94
C VAL A 948 -22.01 -14.17 -45.45
N ASP A 949 -21.64 -13.18 -44.62
CA ASP A 949 -21.79 -11.79 -45.00
C ASP A 949 -20.79 -11.34 -46.07
N GLY A 950 -19.76 -12.13 -46.33
CA GLY A 950 -18.78 -11.78 -47.34
C GLY A 950 -17.73 -10.79 -46.92
N GLU A 951 -17.62 -10.49 -45.62
CA GLU A 951 -16.61 -9.57 -45.15
C GLU A 951 -15.21 -10.16 -45.35
N ALA A 952 -14.29 -9.34 -45.85
CA ALA A 952 -12.94 -9.78 -46.16
C ALA A 952 -11.88 -9.24 -45.20
N ASN A 953 -12.14 -8.11 -44.54
CA ASN A 953 -11.17 -7.51 -43.63
C ASN A 953 -11.33 -8.15 -42.26
N TRP A 954 -10.37 -9.00 -41.89
CA TRP A 954 -10.38 -9.68 -40.60
C TRP A 954 -8.99 -9.62 -39.99
N PRO A 955 -8.90 -9.58 -38.66
CA PRO A 955 -7.58 -9.55 -38.03
C PRO A 955 -6.84 -10.87 -38.20
N LEU A 956 -5.56 -10.77 -38.55
CA LEU A 956 -4.72 -11.93 -38.81
C LEU A 956 -3.33 -11.70 -38.24
N PRO A 957 -2.61 -12.78 -37.91
CA PRO A 957 -1.32 -12.62 -37.20
C PRO A 957 -0.26 -11.82 -37.95
N VAL A 958 0.10 -12.25 -39.14
CA VAL A 958 1.26 -11.73 -39.85
C VAL A 958 0.80 -10.92 -41.06
N ASN A 959 1.38 -9.74 -41.24
CA ASN A 959 1.05 -8.86 -42.36
C ASN A 959 1.99 -9.19 -43.51
N ILE A 960 1.46 -9.91 -44.51
CA ILE A 960 2.27 -10.30 -45.66
C ILE A 960 2.61 -9.09 -46.52
N ARG A 961 1.67 -8.14 -46.64
CA ARG A 961 1.87 -6.99 -47.52
C ARG A 961 3.05 -6.15 -47.06
N ARG A 962 3.16 -5.91 -45.75
CA ARG A 962 4.30 -5.14 -45.24
C ARG A 962 5.61 -5.86 -45.52
N ILE A 963 5.63 -7.19 -45.35
CA ILE A 963 6.85 -7.95 -45.57
C ILE A 963 7.27 -7.87 -47.03
N ILE A 964 6.33 -8.04 -47.95
CA ILE A 964 6.69 -8.01 -49.37
C ILE A 964 7.10 -6.61 -49.80
N GLN A 965 6.44 -5.58 -49.25
CA GLN A 965 6.85 -4.21 -49.55
C GLN A 965 8.25 -3.92 -49.05
N ASN A 966 8.57 -4.38 -47.83
CA ASN A 966 9.91 -4.18 -47.30
C ASN A 966 10.94 -4.91 -48.14
N ALA A 967 10.64 -6.13 -48.57
CA ALA A 967 11.57 -6.87 -49.42
C ALA A 967 11.79 -6.17 -50.75
N GLN A 968 10.72 -5.66 -51.36
CA GLN A 968 10.86 -4.94 -52.62
C GLN A 968 11.70 -3.68 -52.44
N GLN A 969 11.49 -2.96 -51.34
CA GLN A 969 12.24 -1.73 -51.13
C GLN A 969 13.71 -2.01 -50.82
N THR A 970 14.00 -3.08 -50.08
CA THR A 970 15.35 -3.38 -49.67
C THR A 970 16.14 -4.16 -50.73
N PHE A 971 15.47 -4.71 -51.74
CA PHE A 971 16.17 -5.46 -52.78
C PHE A 971 16.27 -4.70 -54.10
N HIS A 972 15.62 -3.55 -54.23
CA HIS A 972 15.72 -2.70 -55.41
C HIS A 972 15.32 -3.46 -56.68
N ILE A 973 14.06 -3.87 -56.72
CA ILE A 973 13.54 -4.59 -57.88
C ILE A 973 13.47 -3.64 -59.07
N ASP A 974 13.91 -4.13 -60.24
CA ASP A 974 13.93 -3.33 -61.46
C ASP A 974 12.56 -3.18 -62.09
N HIS A 975 11.63 -4.09 -61.78
CA HIS A 975 10.25 -4.12 -62.29
C HIS A 975 10.18 -4.17 -63.81
N THR A 976 11.31 -4.38 -64.49
CA THR A 976 11.34 -4.52 -65.94
C THR A 976 12.10 -5.76 -66.38
N LYS A 977 13.18 -6.12 -65.69
CA LYS A 977 13.94 -7.29 -66.06
C LYS A 977 13.16 -8.57 -65.74
N PRO A 978 13.36 -9.63 -66.52
CA PRO A 978 12.66 -10.89 -66.23
C PRO A 978 13.10 -11.47 -64.89
N SER A 979 12.15 -12.12 -64.22
CA SER A 979 12.41 -12.71 -62.92
C SER A 979 13.15 -14.04 -63.06
N ASP A 980 13.91 -14.38 -62.04
CA ASP A 980 14.67 -15.64 -62.00
C ASP A 980 13.89 -16.77 -61.34
N LEU A 981 12.71 -16.50 -60.81
CA LEU A 981 11.94 -17.53 -60.12
C LEU A 981 11.31 -18.49 -61.12
N THR A 982 11.04 -19.70 -60.64
CA THR A 982 10.38 -20.74 -61.41
C THR A 982 9.08 -21.13 -60.73
N ILE A 983 8.13 -21.63 -61.52
CA ILE A 983 6.83 -22.03 -60.98
C ILE A 983 6.99 -23.15 -59.97
N LYS A 984 7.80 -24.16 -60.32
CA LYS A 984 8.02 -25.28 -59.41
C LYS A 984 8.69 -24.82 -58.12
N ASP A 985 9.69 -23.94 -58.22
CA ASP A 985 10.36 -23.43 -57.03
C ASP A 985 9.39 -22.65 -56.15
N ILE A 986 8.54 -21.82 -56.75
CA ILE A 986 7.58 -21.04 -55.99
C ILE A 986 6.59 -21.96 -55.26
N VAL A 987 6.08 -22.96 -55.97
CA VAL A 987 5.11 -23.87 -55.36
C VAL A 987 5.74 -24.66 -54.23
N LEU A 988 6.96 -25.16 -54.44
CA LEU A 988 7.65 -25.92 -53.38
C LEU A 988 7.94 -25.04 -52.18
N GLY A 989 8.36 -23.79 -52.40
CA GLY A 989 8.60 -22.89 -51.29
C GLY A 989 7.35 -22.58 -50.51
N VAL A 990 6.23 -22.36 -51.22
CA VAL A 990 4.96 -22.10 -50.54
C VAL A 990 4.55 -23.31 -49.70
N LYS A 991 4.68 -24.51 -50.26
CA LYS A 991 4.32 -25.71 -49.51
C LYS A 991 5.22 -25.89 -48.29
N ASP A 992 6.52 -25.64 -48.44
CA ASP A 992 7.44 -25.75 -47.32
C ASP A 992 7.08 -24.74 -46.22
N LEU A 993 6.77 -23.51 -46.61
CA LEU A 993 6.37 -22.50 -45.63
C LEU A 993 5.09 -22.90 -44.91
N GLN A 994 4.13 -23.46 -45.66
CA GLN A 994 2.89 -23.92 -45.04
C GLN A 994 3.15 -25.04 -44.04
N GLU A 995 4.04 -25.97 -44.39
CA GLU A 995 4.33 -27.08 -43.50
C GLU A 995 5.21 -26.67 -42.32
N ASN A 996 5.90 -25.53 -42.42
CA ASN A 996 6.82 -25.10 -41.38
C ASN A 996 6.16 -24.30 -40.26
N LEU A 997 4.87 -23.99 -40.39
CA LEU A 997 4.16 -23.23 -39.36
C LEU A 997 3.70 -24.18 -38.27
N LEU A 998 4.36 -24.13 -37.11
CA LEU A 998 4.06 -25.00 -35.99
C LEU A 998 3.51 -24.18 -34.84
N VAL A 999 2.38 -24.62 -34.29
CA VAL A 999 1.74 -23.94 -33.17
C VAL A 999 1.64 -24.89 -31.98
N LEU A 1000 1.58 -26.18 -32.26
CA LEU A 1000 1.41 -27.19 -31.23
C LEU A 1000 2.63 -28.10 -31.04
N ARG A 1001 3.29 -28.48 -32.14
CA ARG A 1001 4.50 -29.30 -32.08
C ARG A 1001 4.25 -30.63 -31.38
N GLY A 1002 3.37 -31.43 -31.99
CA GLY A 1002 3.04 -32.74 -31.49
C GLY A 1002 3.37 -33.83 -32.50
N LYS A 1003 3.39 -35.07 -32.01
CA LYS A 1003 3.74 -36.22 -32.85
C LYS A 1003 2.59 -37.19 -33.09
N ASN A 1004 1.55 -37.17 -32.26
CA ASN A 1004 0.44 -38.08 -32.43
C ASN A 1004 -0.55 -37.53 -33.47
N GLU A 1005 -1.60 -38.30 -33.73
CA GLU A 1005 -2.55 -37.93 -34.79
C GLU A 1005 -3.44 -36.77 -34.36
N ILE A 1006 -3.91 -36.76 -33.11
CA ILE A 1006 -4.85 -35.75 -32.66
C ILE A 1006 -4.19 -34.37 -32.66
N ILE A 1007 -2.99 -34.27 -32.09
CA ILE A 1007 -2.31 -32.98 -32.05
C ILE A 1007 -1.93 -32.52 -33.45
N GLN A 1008 -1.55 -33.46 -34.32
CA GLN A 1008 -1.24 -33.11 -35.70
C GLN A 1008 -2.46 -32.54 -36.40
N ASN A 1009 -3.63 -33.18 -36.22
CA ASN A 1009 -4.85 -32.68 -36.83
C ASN A 1009 -5.23 -31.31 -36.28
N ALA A 1010 -5.07 -31.12 -34.96
CA ALA A 1010 -5.39 -29.82 -34.37
C ALA A 1010 -4.47 -28.73 -34.92
N GLN A 1011 -3.17 -29.03 -35.04
CA GLN A 1011 -2.24 -28.05 -35.61
C GLN A 1011 -2.58 -27.77 -37.08
N ARG A 1012 -2.98 -28.81 -37.82
CA ARG A 1012 -3.32 -28.62 -39.23
C ARG A 1012 -4.54 -27.73 -39.40
N ASP A 1013 -5.57 -27.94 -38.59
CA ASP A 1013 -6.80 -27.18 -38.78
C ASP A 1013 -6.87 -25.91 -37.92
N ALA A 1014 -5.84 -25.62 -37.13
CA ALA A 1014 -5.80 -24.37 -36.38
C ALA A 1014 -5.11 -23.23 -37.14
N VAL A 1015 -4.62 -23.49 -38.35
CA VAL A 1015 -3.94 -22.47 -39.14
C VAL A 1015 -4.58 -22.36 -40.51
N THR A 1016 -5.85 -22.75 -40.61
CA THR A 1016 -6.53 -22.76 -41.90
C THR A 1016 -6.67 -21.36 -42.47
N LEU A 1017 -7.06 -20.40 -41.64
CA LEU A 1017 -7.24 -19.02 -42.12
C LEU A 1017 -5.91 -18.42 -42.56
N PHE A 1018 -4.84 -18.67 -41.78
CA PHE A 1018 -3.53 -18.15 -42.18
C PHE A 1018 -3.05 -18.80 -43.46
N CYS A 1019 -3.30 -20.10 -43.64
CA CYS A 1019 -2.95 -20.75 -44.90
C CYS A 1019 -3.73 -20.15 -46.07
N CYS A 1020 -5.01 -19.85 -45.85
CA CYS A 1020 -5.81 -19.21 -46.89
C CYS A 1020 -5.22 -17.87 -47.27
N LEU A 1021 -4.86 -17.06 -46.28
CA LEU A 1021 -4.27 -15.75 -46.55
C LEU A 1021 -2.95 -15.88 -47.28
N LEU A 1022 -2.11 -16.83 -46.85
CA LEU A 1022 -0.82 -17.02 -47.50
C LEU A 1022 -0.98 -17.45 -48.95
N ARG A 1023 -1.92 -18.37 -49.21
CA ARG A 1023 -2.18 -18.78 -50.59
C ARG A 1023 -2.71 -17.63 -51.42
N SER A 1024 -3.57 -16.79 -50.84
CA SER A 1024 -4.11 -15.64 -51.56
C SER A 1024 -3.01 -14.65 -51.92
N ARG A 1025 -2.09 -14.40 -50.99
CA ARG A 1025 -1.06 -13.39 -51.17
C ARG A 1025 0.18 -13.90 -51.89
N LEU A 1026 0.30 -15.21 -52.10
CA LEU A 1026 1.48 -15.79 -52.73
C LEU A 1026 1.09 -16.67 -53.91
N ALA A 1027 0.12 -16.23 -54.69
CA ALA A 1027 -0.24 -16.95 -55.90
C ALA A 1027 0.84 -16.75 -56.97
N THR A 1028 0.91 -17.71 -57.89
CA THR A 1028 1.92 -17.64 -58.95
C THR A 1028 1.72 -16.42 -59.84
N ARG A 1029 0.47 -16.16 -60.23
CA ARG A 1029 0.20 -15.00 -61.08
C ARG A 1029 0.56 -13.70 -60.37
N ARG A 1030 0.22 -13.60 -59.08
CA ARG A 1030 0.56 -12.40 -58.32
C ARG A 1030 2.06 -12.21 -58.25
N VAL A 1031 2.81 -13.28 -58.00
CA VAL A 1031 4.26 -13.17 -57.86
C VAL A 1031 4.89 -12.77 -59.20
N LEU A 1032 4.46 -13.39 -60.29
CA LEU A 1032 5.07 -13.08 -61.57
C LEU A 1032 4.51 -11.84 -62.25
N GLN A 1033 3.46 -11.22 -61.71
CA GLN A 1033 2.91 -10.01 -62.32
C GLN A 1033 3.07 -8.78 -61.44
N GLU A 1034 2.58 -8.80 -60.20
CA GLU A 1034 2.55 -7.60 -59.37
C GLU A 1034 3.77 -7.51 -58.46
N TYR A 1035 3.94 -8.49 -57.57
CA TYR A 1035 5.06 -8.51 -56.63
C TYR A 1035 6.14 -9.39 -57.25
N ARG A 1036 6.99 -8.79 -58.07
CA ARG A 1036 8.05 -9.51 -58.75
C ARG A 1036 9.30 -9.51 -57.88
N LEU A 1037 9.72 -10.69 -57.43
CA LEU A 1037 10.92 -10.84 -56.62
C LEU A 1037 11.81 -11.90 -57.25
N THR A 1038 13.10 -11.85 -56.91
CA THR A 1038 14.06 -12.84 -57.35
C THR A 1038 14.07 -14.01 -56.37
N LYS A 1039 14.98 -14.96 -56.58
CA LYS A 1039 15.05 -16.12 -55.70
C LYS A 1039 15.46 -15.72 -54.28
N GLN A 1040 16.47 -14.86 -54.15
CA GLN A 1040 16.91 -14.44 -52.83
C GLN A 1040 15.83 -13.64 -52.11
N ALA A 1041 15.13 -12.76 -52.84
CA ALA A 1041 14.05 -11.99 -52.22
C ALA A 1041 12.90 -12.90 -51.79
N PHE A 1042 12.57 -13.89 -52.61
CA PHE A 1042 11.51 -14.83 -52.24
C PHE A 1042 11.89 -15.63 -50.99
N ASP A 1043 13.14 -16.09 -50.94
CA ASP A 1043 13.60 -16.82 -49.76
C ASP A 1043 13.57 -15.93 -48.51
N TRP A 1044 13.98 -14.66 -48.66
CA TRP A 1044 13.93 -13.74 -47.55
C TRP A 1044 12.49 -13.51 -47.08
N VAL A 1045 11.56 -13.39 -48.02
CA VAL A 1045 10.16 -13.20 -47.65
C VAL A 1045 9.63 -14.42 -46.91
N LEU A 1046 9.96 -15.62 -47.39
CA LEU A 1046 9.50 -16.83 -46.72
C LEU A 1046 10.07 -16.93 -45.31
N SER A 1047 11.37 -16.66 -45.17
CA SER A 1047 12.00 -16.73 -43.85
C SER A 1047 11.40 -15.69 -42.90
N ASN A 1048 11.16 -14.48 -43.39
CA ASN A 1048 10.56 -13.44 -42.54
C ASN A 1048 9.16 -13.82 -42.12
N ILE A 1049 8.37 -14.39 -43.03
CA ILE A 1049 7.01 -14.82 -42.68
C ILE A 1049 7.05 -15.89 -41.61
N GLU A 1050 7.94 -16.88 -41.79
CA GLU A 1050 8.04 -17.95 -40.80
C GLU A 1050 8.48 -17.42 -39.44
N ALA A 1051 9.47 -16.51 -39.43
CA ALA A 1051 9.95 -15.97 -38.17
C ALA A 1051 8.87 -15.16 -37.47
N GLN A 1052 8.14 -14.33 -38.22
CA GLN A 1052 7.07 -13.53 -37.62
C GLN A 1052 5.96 -14.42 -37.07
N PHE A 1053 5.58 -15.47 -37.82
CA PHE A 1053 4.55 -16.37 -37.33
C PHE A 1053 5.01 -17.09 -36.06
N LEU A 1054 6.27 -17.53 -36.02
CA LEU A 1054 6.77 -18.19 -34.82
C LEU A 1054 6.86 -17.24 -33.64
N ARG A 1055 7.17 -15.97 -33.89
CA ARG A 1055 7.25 -14.99 -32.81
C ARG A 1055 5.89 -14.49 -32.37
N SER A 1056 4.85 -14.71 -33.17
CA SER A 1056 3.51 -14.24 -32.82
C SER A 1056 2.72 -15.22 -31.98
N VAL A 1057 3.25 -16.43 -31.74
CA VAL A 1057 2.51 -17.42 -30.95
C VAL A 1057 2.43 -16.97 -29.50
N VAL A 1058 1.33 -17.36 -28.83
CA VAL A 1058 1.12 -16.98 -27.45
C VAL A 1058 2.16 -17.64 -26.55
N HIS A 1059 2.48 -16.98 -25.44
CA HIS A 1059 3.47 -17.48 -24.48
C HIS A 1059 2.76 -18.20 -23.35
N PRO A 1060 3.11 -19.46 -23.07
CA PRO A 1060 2.49 -20.17 -21.95
C PRO A 1060 2.76 -19.46 -20.63
N GLY A 1061 1.77 -19.50 -19.74
CA GLY A 1061 1.83 -18.80 -18.48
C GLY A 1061 1.11 -17.47 -18.44
N GLU A 1062 0.54 -17.03 -19.56
CA GLU A 1062 -0.17 -15.76 -19.59
C GLU A 1062 -1.48 -15.85 -18.83
N MET A 1063 -1.83 -14.76 -18.15
CA MET A 1063 -3.11 -14.65 -17.45
C MET A 1063 -4.15 -14.15 -18.44
N VAL A 1064 -4.65 -15.08 -19.25
CA VAL A 1064 -5.63 -14.72 -20.27
C VAL A 1064 -6.96 -14.33 -19.63
N GLY A 1065 -7.33 -14.97 -18.52
CA GLY A 1065 -8.61 -14.66 -17.89
C GLY A 1065 -8.67 -13.24 -17.37
N VAL A 1066 -7.62 -12.80 -16.67
CA VAL A 1066 -7.60 -11.44 -16.15
C VAL A 1066 -7.55 -10.43 -17.27
N LEU A 1067 -6.78 -10.74 -18.33
CA LEU A 1067 -6.73 -9.84 -19.49
C LEU A 1067 -8.09 -9.70 -20.13
N ALA A 1068 -8.81 -10.81 -20.31
CA ALA A 1068 -10.16 -10.74 -20.88
C ALA A 1068 -11.11 -9.97 -19.98
N ALA A 1069 -11.03 -10.20 -18.67
CA ALA A 1069 -11.91 -9.49 -17.75
C ALA A 1069 -11.67 -7.99 -17.82
N GLN A 1070 -10.41 -7.56 -17.83
CA GLN A 1070 -10.11 -6.14 -17.92
C GLN A 1070 -10.52 -5.56 -19.27
N SER A 1071 -10.26 -6.30 -20.36
CA SER A 1071 -10.61 -5.83 -21.69
C SER A 1071 -12.12 -5.75 -21.90
N ILE A 1072 -12.90 -6.50 -21.14
CA ILE A 1072 -14.35 -6.36 -21.19
C ILE A 1072 -14.85 -5.27 -20.26
N GLY A 1073 -14.23 -5.12 -19.09
CA GLY A 1073 -14.69 -4.14 -18.12
C GLY A 1073 -14.36 -2.71 -18.50
N GLU A 1074 -13.25 -2.49 -19.22
CA GLU A 1074 -12.89 -1.13 -19.59
C GLU A 1074 -13.92 -0.45 -20.48
N PRO A 1075 -14.39 -1.06 -21.58
CA PRO A 1075 -15.46 -0.41 -22.36
C PRO A 1075 -16.73 -0.21 -21.56
N ALA A 1076 -17.04 -1.10 -20.61
CA ALA A 1076 -18.21 -0.91 -19.77
C ALA A 1076 -18.10 0.37 -18.96
N THR A 1077 -16.93 0.63 -18.37
CA THR A 1077 -16.71 1.88 -17.67
C THR A 1077 -16.74 3.06 -18.63
N GLN A 1078 -16.24 2.87 -19.84
CA GLN A 1078 -16.25 3.92 -20.85
C GLN A 1078 -17.55 3.96 -21.65
N MET A 1079 -18.52 3.11 -21.31
CA MET A 1079 -19.79 3.09 -22.03
C MET A 1079 -20.55 4.38 -21.81
N THR A 1080 -21.27 4.81 -22.84
CA THR A 1080 -22.05 6.04 -22.80
C THR A 1080 -23.47 5.73 -22.32
N LEU A 1081 -24.37 6.71 -22.43
CA LEU A 1081 -25.75 6.53 -22.01
C LEU A 1081 -26.49 5.59 -22.95
N LYS A 1093 -37.71 0.18 -29.05
CA LYS A 1093 -36.84 0.41 -27.91
C LYS A 1093 -36.24 -0.90 -27.41
N VAL A 1094 -34.92 -1.04 -27.55
CA VAL A 1094 -34.19 -2.23 -27.13
C VAL A 1094 -33.20 -1.82 -26.05
N THR A 1095 -33.23 -2.54 -24.92
CA THR A 1095 -32.31 -2.26 -23.84
C THR A 1095 -30.87 -2.48 -24.27
N SER A 1096 -30.00 -1.53 -23.96
CA SER A 1096 -28.59 -1.62 -24.31
C SER A 1096 -27.78 -0.80 -23.32
N GLY A 1097 -26.48 -1.10 -23.28
CA GLY A 1097 -25.58 -0.39 -22.40
C GLY A 1097 -25.27 -1.13 -21.11
N VAL A 1098 -25.06 -0.38 -20.03
CA VAL A 1098 -24.72 -1.00 -18.75
C VAL A 1098 -25.83 -1.92 -18.23
N PRO A 1099 -27.11 -1.51 -18.21
CA PRO A 1099 -28.14 -2.45 -17.71
C PRO A 1099 -28.22 -3.74 -18.50
N ARG A 1100 -28.08 -3.67 -19.82
CA ARG A 1100 -28.11 -4.89 -20.63
C ARG A 1100 -26.95 -5.80 -20.32
N LEU A 1101 -25.74 -5.22 -20.17
CA LEU A 1101 -24.58 -6.03 -19.81
C LEU A 1101 -24.75 -6.65 -18.44
N LYS A 1102 -25.30 -5.90 -17.48
CA LYS A 1102 -25.54 -6.45 -16.16
C LYS A 1102 -26.53 -7.60 -16.19
N GLU A 1103 -27.61 -7.44 -16.96
CA GLU A 1103 -28.61 -8.51 -17.04
C GLU A 1103 -28.07 -9.73 -17.80
N ILE A 1104 -27.14 -9.52 -18.74
CA ILE A 1104 -26.51 -10.64 -19.42
C ILE A 1104 -25.59 -11.39 -18.47
N LEU A 1105 -24.77 -10.65 -17.72
CA LEU A 1105 -23.83 -11.28 -16.81
C LEU A 1105 -24.54 -12.00 -15.68
N ASN A 1106 -25.60 -11.40 -15.13
CA ASN A 1106 -26.35 -12.02 -14.05
C ASN A 1106 -27.29 -13.11 -14.52
N VAL A 1107 -27.47 -13.27 -15.83
CA VAL A 1107 -28.38 -14.25 -16.40
C VAL A 1107 -29.78 -14.04 -15.83
N ALA A 1108 -30.43 -12.96 -16.23
CA ALA A 1108 -31.77 -12.64 -15.74
C ALA A 1108 -32.80 -13.51 -16.42
N LYS A 1109 -33.71 -14.09 -15.62
CA LYS A 1109 -34.74 -14.95 -16.17
C LYS A 1109 -35.85 -14.17 -16.87
N ASN A 1110 -35.98 -12.87 -16.59
CA ASN A 1110 -37.03 -12.03 -17.19
C ASN A 1110 -36.41 -10.68 -17.54
N MET A 1111 -35.92 -10.56 -18.77
CA MET A 1111 -35.35 -9.31 -19.23
C MET A 1111 -36.46 -8.30 -19.54
N LYS A 1112 -36.09 -7.02 -19.50
CA LYS A 1112 -37.07 -5.96 -19.68
C LYS A 1112 -37.65 -5.96 -21.09
N THR A 1113 -36.81 -6.14 -22.10
CA THR A 1113 -37.21 -6.02 -23.51
C THR A 1113 -36.82 -7.28 -24.27
N PRO A 1114 -37.61 -8.35 -24.14
CA PRO A 1114 -37.39 -9.52 -25.00
C PRO A 1114 -37.75 -9.20 -26.45
N SER A 1115 -37.14 -9.94 -27.36
CA SER A 1115 -37.35 -9.71 -28.79
C SER A 1115 -37.19 -11.01 -29.54
N LEU A 1116 -37.77 -11.04 -30.75
CA LEU A 1116 -37.67 -12.18 -31.64
C LEU A 1116 -37.41 -11.69 -33.05
N THR A 1117 -36.79 -12.54 -33.87
CA THR A 1117 -36.49 -12.22 -35.25
C THR A 1117 -36.86 -13.41 -36.11
N VAL A 1118 -37.82 -13.22 -37.02
CA VAL A 1118 -38.33 -14.30 -37.87
C VAL A 1118 -38.04 -13.93 -39.33
N TYR A 1119 -37.44 -14.87 -40.05
CA TYR A 1119 -37.13 -14.70 -41.46
C TYR A 1119 -38.04 -15.60 -42.28
N LEU A 1120 -38.50 -15.09 -43.42
CA LEU A 1120 -39.40 -15.86 -44.28
C LEU A 1120 -38.59 -16.82 -45.15
N GLU A 1121 -39.31 -17.56 -46.00
CA GLU A 1121 -38.66 -18.51 -46.89
C GLU A 1121 -37.79 -17.79 -47.91
N PRO A 1122 -36.68 -18.40 -48.31
CA PRO A 1122 -35.80 -17.73 -49.30
C PRO A 1122 -36.49 -17.43 -50.62
N GLY A 1123 -37.39 -18.30 -51.07
CA GLY A 1123 -38.10 -18.04 -52.31
C GLY A 1123 -38.99 -16.81 -52.22
N HIS A 1124 -39.77 -16.71 -51.14
CA HIS A 1124 -40.66 -15.57 -50.92
C HIS A 1124 -39.99 -14.53 -50.02
N ALA A 1125 -38.83 -14.06 -50.47
CA ALA A 1125 -38.09 -13.07 -49.69
C ALA A 1125 -38.67 -11.66 -49.88
N ALA A 1126 -38.88 -11.26 -51.13
CA ALA A 1126 -39.41 -9.95 -51.45
C ALA A 1126 -40.92 -9.96 -51.71
N ASP A 1127 -41.58 -11.10 -51.49
CA ASP A 1127 -43.01 -11.20 -51.74
C ASP A 1127 -43.78 -10.47 -50.64
N GLN A 1128 -44.44 -9.37 -51.01
CA GLN A 1128 -45.20 -8.61 -50.02
C GLN A 1128 -46.46 -9.36 -49.59
N GLU A 1129 -47.09 -10.08 -50.52
CA GLU A 1129 -48.29 -10.84 -50.17
C GLU A 1129 -47.96 -11.97 -49.20
N GLN A 1130 -46.82 -12.63 -49.38
CA GLN A 1130 -46.41 -13.67 -48.43
C GLN A 1130 -46.13 -13.07 -47.06
N ALA A 1131 -45.51 -11.88 -47.02
CA ALA A 1131 -45.28 -11.21 -45.75
C ALA A 1131 -46.60 -10.83 -45.08
N LYS A 1132 -47.57 -10.39 -45.86
CA LYS A 1132 -48.88 -10.04 -45.30
C LYS A 1132 -49.59 -11.27 -44.75
N LEU A 1133 -49.50 -12.39 -45.46
CA LEU A 1133 -50.04 -13.65 -44.94
C LEU A 1133 -49.33 -14.03 -43.64
N ILE A 1134 -48.01 -13.90 -43.61
CA ILE A 1134 -47.25 -14.01 -42.38
C ILE A 1134 -47.67 -12.88 -41.43
N ARG A 1135 -47.37 -13.06 -40.14
CA ARG A 1135 -47.81 -12.22 -39.02
C ARG A 1135 -49.24 -12.55 -38.61
N SER A 1136 -49.76 -13.69 -39.05
CA SER A 1136 -50.97 -14.26 -38.47
C SER A 1136 -50.69 -15.00 -37.17
N ALA A 1137 -49.42 -15.13 -36.80
CA ALA A 1137 -49.02 -15.80 -35.56
C ALA A 1137 -49.10 -14.88 -34.35
N ILE A 1138 -49.42 -13.59 -34.53
CA ILE A 1138 -49.58 -12.70 -33.40
C ILE A 1138 -50.83 -13.09 -32.62
N GLU A 1139 -50.73 -13.07 -31.29
CA GLU A 1139 -51.83 -13.47 -30.44
C GLU A 1139 -52.93 -12.42 -30.50
N HIS A 1140 -54.02 -12.75 -31.20
CA HIS A 1140 -55.22 -11.90 -31.20
C HIS A 1140 -56.08 -12.29 -30.03
N THR A 1141 -56.13 -11.43 -29.02
CA THR A 1141 -56.90 -11.72 -27.81
C THR A 1141 -58.39 -11.79 -28.11
N THR A 1142 -59.11 -12.54 -27.28
CA THR A 1142 -60.52 -12.84 -27.52
C THR A 1142 -61.40 -11.72 -26.99
N LEU A 1143 -62.12 -11.06 -27.90
CA LEU A 1143 -63.19 -10.12 -27.55
C LEU A 1143 -62.74 -9.01 -26.61
N LYS A 1144 -61.44 -8.71 -26.57
CA LYS A 1144 -60.92 -7.63 -25.75
C LYS A 1144 -60.38 -6.48 -26.59
N SER A 1145 -59.59 -6.78 -27.62
CA SER A 1145 -59.07 -5.77 -28.53
C SER A 1145 -59.97 -5.54 -29.73
N VAL A 1146 -61.05 -6.31 -29.87
CA VAL A 1146 -61.94 -6.20 -31.02
C VAL A 1146 -63.32 -5.71 -30.61
N THR A 1147 -63.81 -6.10 -29.44
CA THR A 1147 -65.13 -5.69 -28.99
C THR A 1147 -65.07 -4.32 -28.32
N ILE A 1148 -66.25 -3.71 -28.17
CA ILE A 1148 -66.40 -2.41 -27.53
C ILE A 1148 -67.24 -2.51 -26.25
N ALA A 1149 -68.39 -3.21 -26.34
CA ALA A 1149 -69.29 -3.33 -25.20
C ALA A 1149 -69.87 -4.74 -25.16
N SER A 1150 -70.29 -5.14 -23.97
CA SER A 1150 -70.92 -6.44 -23.74
C SER A 1150 -72.28 -6.24 -23.09
N GLU A 1151 -73.25 -7.04 -23.52
CA GLU A 1151 -74.62 -6.93 -23.03
C GLU A 1151 -75.07 -8.25 -22.42
N ILE A 1152 -75.93 -8.13 -21.39
CA ILE A 1152 -76.48 -9.27 -20.69
C ILE A 1152 -77.99 -9.23 -20.79
N TYR A 1153 -78.49 -8.78 -21.96
CA TYR A 1153 -79.92 -8.68 -22.19
C TYR A 1153 -80.66 -9.94 -21.76
N TYR A 1154 -81.70 -9.75 -20.97
CA TYR A 1154 -82.51 -10.87 -20.48
C TYR A 1154 -83.69 -11.09 -21.41
N ASP A 1155 -83.94 -12.36 -21.75
CA ASP A 1155 -85.02 -12.73 -22.65
C ASP A 1155 -85.53 -14.11 -22.24
N PRO A 1156 -86.70 -14.18 -21.59
CA PRO A 1156 -87.26 -15.48 -21.24
C PRO A 1156 -87.62 -16.33 -22.45
N ASP A 1157 -87.86 -15.72 -23.61
CA ASP A 1157 -88.22 -16.47 -24.79
C ASP A 1157 -86.95 -17.02 -25.46
N PRO A 1158 -86.79 -18.34 -25.56
CA PRO A 1158 -85.60 -18.88 -26.22
C PRO A 1158 -85.47 -18.49 -27.67
N ARG A 1159 -86.59 -18.33 -28.39
CA ARG A 1159 -86.55 -18.04 -29.82
C ARG A 1159 -86.65 -16.54 -30.09
N SER A 1160 -87.71 -15.90 -29.63
CA SER A 1160 -87.92 -14.49 -29.89
C SER A 1160 -87.02 -13.62 -29.01
N THR A 1161 -86.87 -12.36 -29.42
CA THR A 1161 -86.07 -11.38 -28.69
C THR A 1161 -86.85 -10.08 -28.56
N VAL A 1162 -86.52 -9.32 -27.52
CA VAL A 1162 -87.28 -8.10 -27.23
C VAL A 1162 -86.99 -7.02 -28.27
N ILE A 1163 -85.72 -6.87 -28.65
CA ILE A 1163 -85.34 -5.83 -29.60
C ILE A 1163 -85.48 -6.34 -31.03
N PRO A 1164 -85.73 -5.47 -32.01
CA PRO A 1164 -85.87 -5.92 -33.41
C PRO A 1164 -84.60 -5.89 -34.24
N GLU A 1165 -83.44 -5.67 -33.62
CA GLU A 1165 -82.19 -5.56 -34.39
C GLU A 1165 -81.86 -6.87 -35.09
N ASP A 1166 -82.07 -8.00 -34.41
CA ASP A 1166 -81.66 -9.31 -34.92
C ASP A 1166 -82.85 -10.25 -35.11
N GLU A 1167 -84.07 -9.71 -35.14
CA GLU A 1167 -85.25 -10.54 -35.36
C GLU A 1167 -85.19 -11.20 -36.73
N GLU A 1168 -84.73 -10.47 -37.74
CA GLU A 1168 -84.62 -11.03 -39.08
C GLU A 1168 -83.62 -12.19 -39.13
N ILE A 1169 -82.47 -12.03 -38.48
CA ILE A 1169 -81.46 -13.09 -38.51
C ILE A 1169 -81.94 -14.28 -37.70
N ILE A 1170 -82.69 -14.05 -36.62
CA ILE A 1170 -83.29 -15.16 -35.87
C ILE A 1170 -84.29 -15.90 -36.74
N GLN A 1171 -85.12 -15.17 -37.47
CA GLN A 1171 -86.12 -15.80 -38.33
C GLN A 1171 -85.48 -16.61 -39.43
N LEU A 1172 -84.44 -16.07 -40.07
CA LEU A 1172 -83.80 -16.80 -41.17
C LEU A 1172 -82.98 -17.97 -40.66
N HIS A 1173 -82.39 -17.86 -39.47
CA HIS A 1173 -81.64 -18.98 -38.90
C HIS A 1173 -82.56 -20.17 -38.61
N PHE A 1174 -83.75 -19.89 -38.09
CA PHE A 1174 -84.71 -20.95 -37.78
C PHE A 1174 -85.64 -21.21 -38.95
N ASP A 1186 -84.35 -29.14 -22.85
CA ASP A 1186 -83.14 -28.35 -22.66
C ASP A 1186 -82.83 -27.52 -23.90
N GLN A 1187 -83.73 -26.62 -24.26
CA GLN A 1187 -83.55 -25.75 -25.42
C GLN A 1187 -83.98 -24.32 -25.11
N GLN A 1188 -83.88 -23.91 -23.85
CA GLN A 1188 -84.29 -22.58 -23.42
C GLN A 1188 -83.12 -21.89 -22.73
N SER A 1189 -82.84 -20.65 -23.13
CA SER A 1189 -81.76 -19.84 -22.57
C SER A 1189 -82.35 -18.54 -22.03
N PRO A 1190 -82.72 -18.49 -20.75
CA PRO A 1190 -83.29 -17.24 -20.21
C PRO A 1190 -82.34 -16.06 -20.28
N TRP A 1191 -81.04 -16.29 -20.14
CA TRP A 1191 -80.04 -15.22 -20.16
C TRP A 1191 -79.30 -15.22 -21.49
N LEU A 1192 -79.09 -14.04 -22.05
CA LEU A 1192 -78.52 -13.88 -23.38
C LEU A 1192 -77.32 -12.93 -23.32
N LEU A 1193 -76.32 -13.23 -24.14
CA LEU A 1193 -75.13 -12.39 -24.28
C LEU A 1193 -75.17 -11.64 -25.59
N ARG A 1194 -74.43 -10.54 -25.65
CA ARG A 1194 -74.38 -9.71 -26.85
C ARG A 1194 -73.12 -8.86 -26.81
N LEU A 1195 -72.32 -8.94 -27.87
CA LEU A 1195 -71.09 -8.18 -28.00
C LEU A 1195 -71.23 -7.21 -29.16
N GLU A 1196 -70.94 -5.93 -28.90
CA GLU A 1196 -71.09 -4.92 -29.94
C GLU A 1196 -69.99 -4.98 -30.99
N LEU A 1197 -68.83 -5.55 -30.67
CA LEU A 1197 -67.70 -5.64 -31.59
C LEU A 1197 -67.30 -4.29 -32.13
N ASP A 1198 -66.54 -4.28 -33.23
CA ASP A 1198 -66.09 -3.03 -33.84
C ASP A 1198 -65.73 -3.30 -35.29
N ARG A 1199 -65.66 -2.22 -36.07
CA ARG A 1199 -65.27 -2.32 -37.47
C ARG A 1199 -63.80 -2.66 -37.65
N ALA A 1200 -63.00 -2.62 -36.57
CA ALA A 1200 -61.59 -2.94 -36.65
C ALA A 1200 -61.34 -4.42 -36.92
N ALA A 1201 -62.37 -5.27 -36.81
CA ALA A 1201 -62.18 -6.68 -37.11
C ALA A 1201 -61.79 -6.89 -38.56
N MET A 1202 -62.42 -6.16 -39.48
CA MET A 1202 -62.05 -6.25 -40.89
C MET A 1202 -60.62 -5.76 -41.12
N ASN A 1203 -60.25 -4.67 -40.46
CA ASN A 1203 -58.90 -4.14 -40.60
C ASN A 1203 -57.91 -5.01 -39.82
N ASP A 1204 -56.62 -4.81 -40.11
CA ASP A 1204 -55.54 -5.57 -39.51
C ASP A 1204 -55.74 -7.07 -39.75
N LYS A 1205 -56.34 -7.76 -38.79
CA LYS A 1205 -56.65 -9.16 -38.95
C LYS A 1205 -57.84 -9.33 -39.89
N ASP A 1206 -58.09 -10.58 -40.28
CA ASP A 1206 -59.21 -10.89 -41.15
C ASP A 1206 -60.54 -10.61 -40.44
N LEU A 1207 -61.55 -10.22 -41.22
CA LEU A 1207 -62.87 -9.96 -40.68
C LEU A 1207 -63.42 -11.26 -40.08
N THR A 1208 -63.64 -12.26 -40.91
CA THR A 1208 -64.00 -13.62 -40.51
C THR A 1208 -65.02 -13.63 -39.38
N MET A 1209 -66.21 -13.10 -39.70
CA MET A 1209 -67.28 -13.06 -38.71
C MET A 1209 -67.68 -14.45 -38.23
N GLY A 1210 -67.72 -15.42 -39.14
CA GLY A 1210 -68.05 -16.77 -38.75
C GLY A 1210 -66.94 -17.48 -37.99
N GLN A 1211 -65.68 -17.14 -38.29
CA GLN A 1211 -64.57 -17.84 -37.67
C GLN A 1211 -64.50 -17.56 -36.18
N VAL A 1212 -64.77 -16.33 -35.75
CA VAL A 1212 -64.71 -16.00 -34.34
C VAL A 1212 -65.73 -16.81 -33.55
N GLY A 1213 -66.97 -16.87 -34.05
CA GLY A 1213 -67.98 -17.66 -33.38
C GLY A 1213 -67.67 -19.14 -33.42
N GLU A 1214 -67.10 -19.62 -34.52
CA GLU A 1214 -66.71 -21.03 -34.61
C GLU A 1214 -65.64 -21.36 -33.57
N ARG A 1215 -64.68 -20.46 -33.38
CA ARG A 1215 -63.66 -20.67 -32.37
C ARG A 1215 -64.26 -20.64 -30.98
N ILE A 1216 -65.21 -19.74 -30.73
CA ILE A 1216 -65.90 -19.73 -29.44
C ILE A 1216 -66.60 -21.06 -29.20
N LYS A 1217 -67.28 -21.58 -30.23
CA LYS A 1217 -67.99 -22.84 -30.09
C LYS A 1217 -67.03 -23.99 -29.80
N GLN A 1218 -65.92 -24.06 -30.54
CA GLN A 1218 -64.98 -25.15 -30.32
C GLN A 1218 -64.16 -24.99 -29.04
N THR A 1219 -64.17 -23.80 -28.44
CA THR A 1219 -63.58 -23.63 -27.11
C THR A 1219 -64.59 -23.84 -25.99
N PHE A 1220 -65.89 -23.84 -26.31
CA PHE A 1220 -66.93 -24.06 -25.31
C PHE A 1220 -67.69 -25.35 -25.51
N LYS A 1221 -68.24 -25.58 -26.70
CA LYS A 1221 -69.07 -26.76 -27.02
C LYS A 1221 -70.23 -26.80 -26.00
N ASN A 1222 -70.59 -27.98 -25.50
CA ASN A 1222 -71.64 -28.16 -24.50
C ASN A 1222 -72.93 -27.56 -25.06
N ASP A 1223 -73.65 -26.72 -24.32
CA ASP A 1223 -74.89 -26.11 -24.78
C ASP A 1223 -74.75 -24.61 -25.03
N LEU A 1224 -73.52 -24.13 -25.23
CA LEU A 1224 -73.27 -22.71 -25.47
C LEU A 1224 -73.66 -22.35 -26.90
N PHE A 1225 -74.97 -22.33 -27.13
CA PHE A 1225 -75.51 -22.01 -28.44
C PHE A 1225 -75.30 -20.53 -28.73
N VAL A 1226 -74.74 -20.24 -29.91
CA VAL A 1226 -74.44 -18.88 -30.31
C VAL A 1226 -75.05 -18.61 -31.68
N ILE A 1227 -75.32 -17.34 -31.96
CA ILE A 1227 -75.90 -16.90 -33.21
C ILE A 1227 -74.93 -15.93 -33.88
N TRP A 1228 -74.64 -16.17 -35.16
CA TRP A 1228 -73.69 -15.36 -35.90
C TRP A 1228 -74.39 -14.15 -36.51
N SER A 1229 -73.58 -13.23 -37.04
CA SER A 1229 -74.07 -12.12 -37.84
C SER A 1229 -73.84 -12.41 -39.31
N GLU A 1230 -74.36 -11.52 -40.17
CA GLU A 1230 -74.24 -11.68 -41.61
C GLU A 1230 -73.11 -10.83 -42.19
N ASP A 1231 -72.28 -10.21 -41.34
CA ASP A 1231 -71.12 -9.41 -41.70
C ASP A 1231 -71.43 -8.39 -42.81
N ASN A 1232 -72.69 -7.99 -42.94
CA ASN A 1232 -73.07 -6.94 -43.89
C ASN A 1232 -74.07 -5.93 -43.33
N ASP A 1233 -74.70 -6.21 -42.19
CA ASP A 1233 -75.70 -5.31 -41.62
C ASP A 1233 -75.03 -4.26 -40.72
N GLU A 1234 -74.18 -3.46 -41.35
CA GLU A 1234 -73.47 -2.38 -40.67
C GLU A 1234 -72.68 -2.89 -39.48
N LYS A 1235 -73.24 -2.77 -38.28
CA LYS A 1235 -72.55 -3.21 -37.07
C LYS A 1235 -72.51 -4.73 -36.99
N LEU A 1236 -71.43 -5.25 -36.40
CA LEU A 1236 -71.24 -6.68 -36.23
C LEU A 1236 -71.63 -7.06 -34.80
N ILE A 1237 -72.61 -7.94 -34.68
CA ILE A 1237 -73.13 -8.37 -33.38
C ILE A 1237 -73.00 -9.89 -33.28
N ILE A 1238 -72.38 -10.36 -32.20
CA ILE A 1238 -72.28 -11.78 -31.91
C ILE A 1238 -72.98 -12.03 -30.58
N ARG A 1239 -73.90 -12.99 -30.58
CA ARG A 1239 -74.71 -13.31 -29.41
C ARG A 1239 -74.40 -14.72 -28.93
N CYS A 1240 -74.36 -14.89 -27.61
CA CYS A 1240 -74.11 -16.18 -26.99
C CYS A 1240 -75.25 -16.50 -26.01
N ARG A 1241 -75.68 -17.75 -26.01
CA ARG A 1241 -76.73 -18.21 -25.12
C ARG A 1241 -76.31 -19.52 -24.47
N VAL A 1242 -76.67 -19.68 -23.21
CA VAL A 1242 -76.32 -20.86 -22.42
C VAL A 1242 -77.60 -21.53 -21.95
N VAL A 1243 -77.70 -22.85 -22.15
CA VAL A 1243 -78.85 -23.63 -21.77
C VAL A 1243 -78.40 -24.68 -20.76
N ARG A 1244 -79.10 -24.75 -19.63
CA ARG A 1244 -78.77 -25.72 -18.58
C ARG A 1244 -79.44 -27.06 -18.86
N ASP A 1257 -77.66 -15.54 -12.12
CA ASP A 1257 -76.80 -14.78 -13.03
C ASP A 1257 -75.36 -14.80 -12.56
N HIS A 1258 -75.13 -15.37 -11.37
CA HIS A 1258 -73.77 -15.47 -10.84
C HIS A 1258 -72.90 -16.37 -11.72
N MET A 1259 -73.46 -17.48 -12.20
CA MET A 1259 -72.69 -18.37 -13.07
C MET A 1259 -72.43 -17.73 -14.43
N LEU A 1260 -73.30 -16.80 -14.85
CA LEU A 1260 -73.10 -16.13 -16.13
C LEU A 1260 -71.82 -15.29 -16.10
N LYS A 1261 -71.54 -14.62 -14.99
CA LYS A 1261 -70.34 -13.81 -14.89
C LYS A 1261 -69.09 -14.67 -15.02
N LYS A 1262 -69.11 -15.87 -14.43
CA LYS A 1262 -67.96 -16.76 -14.51
C LYS A 1262 -67.69 -17.18 -15.95
N ILE A 1263 -68.73 -17.56 -16.69
CA ILE A 1263 -68.55 -17.99 -18.07
C ILE A 1263 -68.13 -16.82 -18.94
N GLU A 1264 -68.65 -15.62 -18.67
CA GLU A 1264 -68.19 -14.44 -19.40
C GLU A 1264 -66.72 -14.16 -19.14
N ASN A 1265 -66.30 -14.29 -17.88
CA ASN A 1265 -64.89 -14.08 -17.55
C ASN A 1265 -64.00 -15.09 -18.24
N THR A 1266 -64.43 -16.36 -18.27
CA THR A 1266 -63.65 -17.38 -18.97
C THR A 1266 -63.58 -17.10 -20.47
N MET A 1267 -64.70 -16.67 -21.06
CA MET A 1267 -64.73 -16.37 -22.48
C MET A 1267 -64.00 -15.09 -22.84
N LEU A 1268 -63.69 -14.25 -21.84
CA LEU A 1268 -63.06 -12.96 -22.11
C LEU A 1268 -61.58 -12.93 -21.72
N GLU A 1269 -61.20 -13.56 -20.61
CA GLU A 1269 -59.83 -13.46 -20.11
C GLU A 1269 -58.92 -14.54 -20.66
N ASN A 1270 -59.21 -15.80 -20.39
CA ASN A 1270 -58.30 -16.90 -20.70
C ASN A 1270 -58.87 -17.75 -21.83
N ILE A 1271 -58.65 -17.29 -23.06
CA ILE A 1271 -58.97 -18.02 -24.27
C ILE A 1271 -58.28 -17.29 -25.43
N THR A 1272 -57.83 -18.03 -26.45
CA THR A 1272 -57.18 -17.44 -27.61
C THR A 1272 -57.89 -17.90 -28.88
N LEU A 1273 -57.86 -17.03 -29.90
CA LEU A 1273 -58.44 -17.36 -31.19
C LEU A 1273 -57.40 -17.94 -32.14
N ARG A 1274 -56.38 -17.16 -32.47
CA ARG A 1274 -55.40 -17.56 -33.46
C ARG A 1274 -54.11 -16.79 -33.21
N GLY A 1275 -52.98 -17.47 -33.34
CA GLY A 1275 -51.68 -16.87 -33.17
C GLY A 1275 -50.82 -17.70 -32.24
N VAL A 1276 -49.78 -17.07 -31.73
CA VAL A 1276 -48.83 -17.73 -30.81
C VAL A 1276 -48.90 -17.00 -29.47
N GLU A 1277 -49.03 -17.77 -28.40
CA GLU A 1277 -49.18 -17.21 -27.07
C GLU A 1277 -47.90 -16.49 -26.65
N ASN A 1278 -48.04 -15.65 -25.61
CA ASN A 1278 -46.93 -14.85 -25.07
C ASN A 1278 -46.32 -13.93 -26.12
N ILE A 1279 -47.13 -13.51 -27.09
CA ILE A 1279 -46.72 -12.58 -28.13
C ILE A 1279 -47.72 -11.44 -28.17
N GLU A 1280 -47.23 -10.20 -28.09
CA GLU A 1280 -48.08 -9.02 -28.03
C GLU A 1280 -48.00 -8.17 -29.29
N ARG A 1281 -46.80 -7.75 -29.68
CA ARG A 1281 -46.60 -6.87 -30.83
C ARG A 1281 -45.64 -7.52 -31.82
N VAL A 1282 -46.01 -7.51 -33.10
CA VAL A 1282 -45.15 -7.97 -34.17
C VAL A 1282 -45.03 -6.84 -35.18
N VAL A 1283 -43.80 -6.49 -35.54
CA VAL A 1283 -43.51 -5.37 -36.42
C VAL A 1283 -42.79 -5.89 -37.65
N MET A 1284 -43.30 -5.54 -38.83
CA MET A 1284 -42.71 -5.94 -40.10
C MET A 1284 -41.86 -4.80 -40.65
N MET A 1285 -40.62 -5.12 -41.04
CA MET A 1285 -39.71 -4.12 -41.56
C MET A 1285 -38.81 -4.76 -42.60
N LYS A 1286 -38.21 -3.92 -43.44
CA LYS A 1286 -37.35 -4.36 -44.53
C LYS A 1286 -35.89 -4.18 -44.17
N TYR A 1287 -35.11 -5.25 -44.29
CA TYR A 1287 -33.68 -5.23 -44.02
C TYR A 1287 -32.91 -5.63 -45.26
N ASP A 1288 -31.66 -5.17 -45.34
CA ASP A 1288 -30.79 -5.46 -46.47
C ASP A 1288 -29.83 -6.58 -46.09
N ARG A 1289 -29.81 -7.64 -46.89
CA ARG A 1289 -28.96 -8.80 -46.66
C ARG A 1289 -28.04 -8.99 -47.85
N LYS A 1290 -26.76 -9.25 -47.58
CA LYS A 1290 -25.78 -9.45 -48.64
C LYS A 1290 -25.83 -10.91 -49.10
N VAL A 1291 -26.10 -11.10 -50.39
CA VAL A 1291 -26.16 -12.44 -50.97
C VAL A 1291 -25.34 -12.43 -52.27
N PRO A 1292 -24.50 -13.43 -52.51
CA PRO A 1292 -23.74 -13.45 -53.76
C PRO A 1292 -24.65 -13.54 -54.98
N SER A 1293 -24.27 -12.81 -56.02
CA SER A 1293 -25.00 -12.84 -57.28
C SER A 1293 -24.64 -14.09 -58.07
N PRO A 1294 -25.46 -14.46 -59.07
CA PRO A 1294 -25.09 -15.59 -59.93
C PRO A 1294 -23.77 -15.38 -60.65
N THR A 1295 -23.39 -14.14 -60.93
CA THR A 1295 -22.08 -13.86 -61.52
C THR A 1295 -20.95 -14.10 -60.54
N GLY A 1296 -21.23 -14.13 -59.23
CA GLY A 1296 -20.21 -14.39 -58.24
C GLY A 1296 -19.77 -13.16 -57.48
N GLU A 1297 -20.68 -12.19 -57.33
CA GLU A 1297 -20.39 -10.95 -56.62
C GLU A 1297 -21.44 -10.72 -55.55
N TYR A 1298 -21.01 -10.18 -54.42
CA TYR A 1298 -21.92 -9.89 -53.32
C TYR A 1298 -22.73 -8.63 -53.62
N VAL A 1299 -24.05 -8.72 -53.49
CA VAL A 1299 -24.94 -7.61 -53.74
C VAL A 1299 -25.90 -7.47 -52.56
N LYS A 1300 -26.47 -6.28 -52.42
CA LYS A 1300 -27.41 -5.98 -51.33
C LYS A 1300 -28.82 -6.27 -51.83
N GLU A 1301 -29.46 -7.29 -51.25
CA GLU A 1301 -30.81 -7.65 -51.61
C GLU A 1301 -31.74 -7.37 -50.43
N PRO A 1302 -32.68 -6.44 -50.56
CA PRO A 1302 -33.62 -6.19 -49.46
C PRO A 1302 -34.53 -7.39 -49.23
N GLU A 1303 -34.94 -7.56 -47.98
CA GLU A 1303 -35.83 -8.65 -47.60
C GLU A 1303 -36.65 -8.24 -46.40
N TRP A 1304 -37.77 -8.91 -46.21
CA TRP A 1304 -38.68 -8.62 -45.10
C TRP A 1304 -38.24 -9.37 -43.85
N VAL A 1305 -38.24 -8.66 -42.72
CA VAL A 1305 -37.86 -9.21 -41.44
C VAL A 1305 -38.91 -8.81 -40.40
N LEU A 1306 -39.37 -9.78 -39.62
CA LEU A 1306 -40.41 -9.56 -38.62
C LEU A 1306 -39.79 -9.56 -37.23
N GLU A 1307 -40.12 -8.55 -36.44
CA GLU A 1307 -39.66 -8.43 -35.06
C GLU A 1307 -40.85 -8.60 -34.12
N THR A 1308 -40.70 -9.48 -33.15
CA THR A 1308 -41.77 -9.83 -32.23
C THR A 1308 -41.39 -9.44 -30.81
N ASP A 1309 -42.30 -8.75 -30.12
CA ASP A 1309 -42.03 -8.34 -28.75
C ASP A 1309 -41.89 -9.54 -27.82
N GLY A 1310 -42.76 -10.54 -27.98
CA GLY A 1310 -42.70 -11.71 -27.15
C GLY A 1310 -41.65 -12.71 -27.59
N VAL A 1311 -41.43 -13.72 -26.76
CA VAL A 1311 -40.47 -14.78 -27.04
C VAL A 1311 -41.19 -16.10 -26.74
N ASN A 1312 -41.63 -16.78 -27.79
CA ASN A 1312 -42.25 -18.11 -27.68
C ASN A 1312 -41.67 -19.02 -28.75
N LEU A 1313 -40.34 -19.06 -28.83
CA LEU A 1313 -39.65 -19.72 -29.93
C LEU A 1313 -39.94 -21.21 -30.01
N SER A 1314 -40.46 -21.81 -28.93
CA SER A 1314 -40.71 -23.25 -28.95
C SER A 1314 -41.72 -23.63 -30.03
N GLU A 1315 -42.79 -22.84 -30.18
CA GLU A 1315 -43.79 -23.10 -31.21
C GLU A 1315 -43.76 -22.12 -32.36
N VAL A 1316 -43.04 -21.00 -32.24
CA VAL A 1316 -42.92 -20.06 -33.36
C VAL A 1316 -42.15 -20.72 -34.50
N MET A 1317 -41.08 -21.46 -34.17
CA MET A 1317 -40.27 -22.09 -35.19
C MET A 1317 -41.04 -23.12 -36.01
N THR A 1318 -42.11 -23.69 -35.44
CA THR A 1318 -42.91 -24.69 -36.14
C THR A 1318 -43.97 -24.07 -37.05
N VAL A 1319 -44.11 -22.75 -37.06
CA VAL A 1319 -45.12 -22.10 -37.90
C VAL A 1319 -44.73 -22.25 -39.37
N PRO A 1320 -45.61 -22.76 -40.22
CA PRO A 1320 -45.27 -22.90 -41.64
C PRO A 1320 -45.12 -21.55 -42.33
N GLY A 1321 -44.32 -21.55 -43.39
CA GLY A 1321 -44.08 -20.34 -44.16
C GLY A 1321 -42.90 -19.51 -43.72
N ILE A 1322 -42.23 -19.87 -42.63
CA ILE A 1322 -41.07 -19.14 -42.14
C ILE A 1322 -39.83 -19.99 -42.35
N ASP A 1323 -38.67 -19.38 -42.11
CA ASP A 1323 -37.40 -20.09 -42.22
C ASP A 1323 -36.94 -20.51 -40.84
N PRO A 1324 -36.96 -21.81 -40.51
CA PRO A 1324 -36.58 -22.23 -39.15
C PRO A 1324 -35.09 -22.31 -38.92
N THR A 1325 -34.27 -22.26 -39.98
CA THR A 1325 -32.83 -22.36 -39.84
C THR A 1325 -32.16 -21.00 -39.70
N ARG A 1326 -32.93 -19.92 -39.67
CA ARG A 1326 -32.37 -18.57 -39.52
C ARG A 1326 -33.03 -17.78 -38.41
N ILE A 1327 -33.94 -18.38 -37.64
CA ILE A 1327 -34.59 -17.67 -36.55
C ILE A 1327 -33.57 -17.33 -35.47
N TYR A 1328 -33.75 -16.16 -34.85
CA TYR A 1328 -32.84 -15.69 -33.81
C TYR A 1328 -33.64 -15.04 -32.69
N THR A 1329 -33.10 -15.13 -31.48
CA THR A 1329 -33.72 -14.53 -30.30
C THR A 1329 -32.64 -13.87 -29.47
N ASN A 1330 -32.89 -12.63 -29.04
CA ASN A 1330 -31.94 -11.94 -28.17
C ASN A 1330 -31.90 -12.53 -26.78
N SER A 1331 -32.89 -13.34 -26.40
CA SER A 1331 -32.92 -14.01 -25.11
C SER A 1331 -32.30 -15.39 -25.27
N PHE A 1332 -31.03 -15.52 -24.87
CA PHE A 1332 -30.34 -16.79 -24.99
C PHE A 1332 -30.83 -17.82 -23.99
N ILE A 1333 -31.66 -17.43 -23.03
CA ILE A 1333 -32.17 -18.39 -22.05
C ILE A 1333 -33.04 -19.44 -22.72
N ASP A 1334 -33.92 -19.02 -23.63
CA ASP A 1334 -34.84 -19.93 -24.27
C ASP A 1334 -34.23 -20.70 -25.43
N ILE A 1335 -33.05 -20.30 -25.90
CA ILE A 1335 -32.46 -20.93 -27.08
C ILE A 1335 -31.98 -22.35 -26.76
N MET A 1336 -31.29 -22.52 -25.62
CA MET A 1336 -30.70 -23.82 -25.31
C MET A 1336 -31.76 -24.89 -25.09
N GLU A 1337 -32.87 -24.52 -24.43
CA GLU A 1337 -33.94 -25.49 -24.19
C GLU A 1337 -34.57 -26.00 -25.48
N VAL A 1338 -34.37 -25.31 -26.59
CA VAL A 1338 -34.90 -25.76 -27.87
C VAL A 1338 -33.81 -26.07 -28.89
N LEU A 1339 -32.59 -25.54 -28.73
CA LEU A 1339 -31.52 -25.76 -29.69
C LEU A 1339 -30.36 -26.54 -29.10
N GLY A 1340 -29.79 -26.08 -28.00
CA GLY A 1340 -28.69 -26.79 -27.38
C GLY A 1340 -27.74 -25.83 -26.69
N ILE A 1341 -26.73 -26.41 -26.04
CA ILE A 1341 -25.79 -25.61 -25.27
C ILE A 1341 -24.89 -24.80 -26.19
N GLU A 1342 -24.43 -25.40 -27.30
CA GLU A 1342 -23.54 -24.68 -28.22
C GLU A 1342 -24.27 -23.50 -28.87
N ALA A 1343 -25.53 -23.70 -29.27
CA ALA A 1343 -26.30 -22.60 -29.83
C ALA A 1343 -26.50 -21.49 -28.79
N GLY A 1344 -26.74 -21.87 -27.54
CA GLY A 1344 -26.84 -20.87 -26.49
C GLY A 1344 -25.56 -20.09 -26.29
N ARG A 1345 -24.42 -20.79 -26.35
CA ARG A 1345 -23.13 -20.10 -26.25
C ARG A 1345 -22.92 -19.13 -27.40
N ALA A 1346 -23.27 -19.55 -28.62
CA ALA A 1346 -23.14 -18.67 -29.77
C ALA A 1346 -24.04 -17.44 -29.63
N ALA A 1347 -25.28 -17.64 -29.18
CA ALA A 1347 -26.19 -16.52 -28.99
C ALA A 1347 -25.69 -15.58 -27.90
N LEU A 1348 -25.14 -16.14 -26.82
CA LEU A 1348 -24.59 -15.31 -25.75
C LEU A 1348 -23.40 -14.49 -26.25
N TYR A 1349 -22.54 -15.10 -27.06
CA TYR A 1349 -21.43 -14.35 -27.63
C TYR A 1349 -21.93 -13.24 -28.54
N LYS A 1350 -22.96 -13.53 -29.34
CA LYS A 1350 -23.52 -12.50 -30.22
C LYS A 1350 -24.10 -11.35 -29.42
N GLU A 1351 -24.80 -11.66 -28.33
CA GLU A 1351 -25.36 -10.60 -27.49
C GLU A 1351 -24.26 -9.77 -26.84
N VAL A 1352 -23.21 -10.42 -26.35
CA VAL A 1352 -22.10 -9.69 -25.74
C VAL A 1352 -21.43 -8.78 -26.76
N TYR A 1353 -21.22 -9.30 -27.97
CA TYR A 1353 -20.61 -8.49 -29.03
C TYR A 1353 -21.49 -7.30 -29.38
N ASN A 1354 -22.81 -7.51 -29.47
CA ASN A 1354 -23.72 -6.41 -29.77
C ASN A 1354 -23.69 -5.36 -28.68
N VAL A 1355 -23.63 -5.78 -27.41
CA VAL A 1355 -23.55 -4.82 -26.32
C VAL A 1355 -22.25 -4.03 -26.37
N ILE A 1356 -21.13 -4.73 -26.62
CA ILE A 1356 -19.83 -4.07 -26.62
C ILE A 1356 -19.70 -3.12 -27.81
N ALA A 1357 -20.16 -3.55 -28.99
CA ALA A 1357 -20.00 -2.76 -30.21
C ALA A 1357 -21.08 -1.71 -30.40
N SER A 1358 -22.01 -1.57 -29.44
CA SER A 1358 -23.09 -0.59 -29.59
C SER A 1358 -22.54 0.83 -29.65
N ASP A 1359 -21.59 1.16 -28.76
CA ASP A 1359 -21.04 2.51 -28.75
C ASP A 1359 -20.06 2.73 -29.90
N GLY A 1360 -19.31 1.70 -30.26
CA GLY A 1360 -18.34 1.82 -31.35
C GLY A 1360 -16.97 1.27 -31.00
N SER A 1361 -16.79 0.89 -29.74
CA SER A 1361 -15.51 0.34 -29.31
C SER A 1361 -15.32 -1.06 -29.89
N TYR A 1362 -14.05 -1.46 -30.03
CA TYR A 1362 -13.68 -2.75 -30.59
C TYR A 1362 -12.95 -3.56 -29.54
N VAL A 1363 -13.37 -4.82 -29.38
CA VAL A 1363 -12.75 -5.74 -28.43
C VAL A 1363 -12.40 -7.03 -29.19
N ASN A 1364 -11.19 -7.53 -28.94
CA ASN A 1364 -10.72 -8.73 -29.64
C ASN A 1364 -11.64 -9.92 -29.35
N TYR A 1365 -11.77 -10.78 -30.36
CA TYR A 1365 -12.68 -11.91 -30.25
C TYR A 1365 -12.25 -12.91 -29.17
N ARG A 1366 -10.94 -13.01 -28.91
CA ARG A 1366 -10.45 -14.02 -27.97
C ARG A 1366 -10.99 -13.79 -26.56
N HIS A 1367 -11.08 -12.53 -26.13
CA HIS A 1367 -11.55 -12.25 -24.78
C HIS A 1367 -13.01 -12.62 -24.60
N MET A 1368 -13.86 -12.21 -25.54
CA MET A 1368 -15.29 -12.55 -25.44
C MET A 1368 -15.50 -14.04 -25.58
N ALA A 1369 -14.74 -14.70 -26.47
CA ALA A 1369 -14.85 -16.15 -26.61
C ALA A 1369 -14.46 -16.85 -25.32
N LEU A 1370 -13.38 -16.40 -24.67
CA LEU A 1370 -12.98 -17.00 -23.40
C LEU A 1370 -14.04 -16.78 -22.34
N LEU A 1371 -14.63 -15.59 -22.29
CA LEU A 1371 -15.67 -15.31 -21.30
C LEU A 1371 -16.89 -16.21 -21.50
N VAL A 1372 -17.34 -16.35 -22.75
CA VAL A 1372 -18.53 -17.16 -23.01
C VAL A 1372 -18.23 -18.64 -22.81
N ASP A 1373 -17.01 -19.09 -23.08
CA ASP A 1373 -16.65 -20.47 -22.82
C ASP A 1373 -16.59 -20.75 -21.32
N VAL A 1374 -16.06 -19.81 -20.55
CA VAL A 1374 -16.02 -19.99 -19.10
C VAL A 1374 -17.42 -20.01 -18.52
N MET A 1375 -18.28 -19.10 -18.98
CA MET A 1375 -19.63 -19.02 -18.44
C MET A 1375 -20.50 -20.20 -18.85
N THR A 1376 -20.12 -20.92 -19.92
CA THR A 1376 -20.88 -22.07 -20.40
C THR A 1376 -20.03 -23.34 -20.41
N THR A 1377 -19.08 -23.45 -19.47
CA THR A 1377 -18.26 -24.65 -19.39
C THR A 1377 -19.10 -25.87 -19.05
N GLN A 1378 -20.05 -25.72 -18.14
CA GLN A 1378 -20.98 -26.79 -17.80
C GLN A 1378 -22.09 -26.85 -18.84
N GLY A 1379 -23.14 -27.63 -18.55
CA GLY A 1379 -24.23 -27.78 -19.49
C GLY A 1379 -25.18 -26.61 -19.57
N GLY A 1380 -25.06 -25.63 -18.68
CA GLY A 1380 -25.94 -24.48 -18.67
C GLY A 1380 -25.18 -23.22 -18.32
N LEU A 1381 -25.93 -22.12 -18.23
CA LEU A 1381 -25.31 -20.84 -17.90
C LEU A 1381 -24.78 -20.85 -16.47
N THR A 1382 -23.61 -20.26 -16.28
CA THR A 1382 -23.03 -20.07 -14.96
C THR A 1382 -22.88 -18.56 -14.76
N SER A 1383 -23.87 -17.95 -14.13
CA SER A 1383 -23.86 -16.51 -13.92
C SER A 1383 -22.67 -16.10 -13.06
N VAL A 1384 -22.14 -14.92 -13.32
CA VAL A 1384 -21.02 -14.39 -12.54
C VAL A 1384 -21.63 -13.68 -11.34
N THR A 1385 -22.00 -14.47 -10.35
CA THR A 1385 -22.66 -14.00 -9.14
C THR A 1385 -22.25 -14.89 -7.98
N ARG A 1386 -22.92 -14.72 -6.84
CA ARG A 1386 -22.67 -15.59 -5.70
C ARG A 1386 -23.17 -17.01 -5.96
N HIS A 1387 -24.31 -17.14 -6.62
CA HIS A 1387 -24.92 -18.44 -6.87
C HIS A 1387 -24.40 -19.13 -8.12
N GLY A 1388 -23.47 -18.49 -8.84
CA GLY A 1388 -22.96 -19.07 -10.07
C GLY A 1388 -21.57 -19.67 -9.93
N PHE A 1389 -20.56 -18.92 -10.37
CA PHE A 1389 -19.19 -19.43 -10.34
C PHE A 1389 -18.68 -19.67 -8.92
N ASN A 1390 -19.27 -19.00 -7.93
CA ASN A 1390 -18.85 -19.16 -6.54
C ASN A 1390 -19.44 -20.41 -5.88
N ARG A 1391 -20.04 -21.30 -6.66
CA ARG A 1391 -20.64 -22.54 -6.15
C ARG A 1391 -20.08 -23.74 -6.88
N SER A 1392 -18.76 -23.78 -7.03
CA SER A 1392 -18.06 -24.85 -7.73
C SER A 1392 -17.15 -25.59 -6.76
N ASN A 1393 -16.37 -26.52 -7.30
CA ASN A 1393 -15.46 -27.35 -6.51
C ASN A 1393 -14.05 -26.76 -6.42
N THR A 1394 -13.92 -25.44 -6.54
CA THR A 1394 -12.62 -24.80 -6.47
C THR A 1394 -12.16 -24.72 -5.01
N GLY A 1395 -11.04 -24.05 -4.77
CA GLY A 1395 -10.52 -23.95 -3.42
C GLY A 1395 -11.45 -23.16 -2.51
N ALA A 1396 -11.47 -23.57 -1.24
CA ALA A 1396 -12.33 -22.90 -0.26
C ALA A 1396 -11.89 -21.46 -0.04
N LEU A 1397 -10.58 -21.22 0.05
CA LEU A 1397 -10.08 -19.87 0.29
C LEU A 1397 -10.42 -18.94 -0.87
N MET A 1398 -10.24 -19.42 -2.11
CA MET A 1398 -10.54 -18.60 -3.28
C MET A 1398 -12.02 -18.25 -3.36
N ARG A 1399 -12.89 -19.23 -3.07
CA ARG A 1399 -14.33 -18.96 -3.08
C ARG A 1399 -14.73 -18.00 -1.97
N CYS A 1400 -14.15 -18.17 -0.77
CA CYS A 1400 -14.48 -17.31 0.35
C CYS A 1400 -13.94 -15.91 0.19
N SER A 1401 -12.89 -15.72 -0.62
CA SER A 1401 -12.33 -14.39 -0.81
C SER A 1401 -13.28 -13.47 -1.56
N PHE A 1402 -14.22 -14.01 -2.33
CA PHE A 1402 -15.11 -13.17 -3.12
C PHE A 1402 -16.27 -12.65 -2.28
N GLU A 1403 -17.13 -13.55 -1.80
CA GLU A 1403 -18.30 -13.18 -1.02
C GLU A 1403 -18.68 -14.33 -0.10
N GLU A 1404 -19.46 -14.01 0.94
CA GLU A 1404 -19.88 -14.97 1.95
C GLU A 1404 -18.69 -15.70 2.54
N THR A 1405 -17.83 -14.93 3.20
CA THR A 1405 -16.55 -15.46 3.68
C THR A 1405 -16.77 -16.53 4.76
N VAL A 1406 -17.58 -16.23 5.77
CA VAL A 1406 -17.65 -17.14 6.90
C VAL A 1406 -18.60 -18.31 6.62
N GLU A 1407 -19.58 -18.13 5.73
CA GLU A 1407 -20.44 -19.27 5.38
C GLU A 1407 -19.64 -20.35 4.65
N ILE A 1408 -18.80 -19.95 3.70
CA ILE A 1408 -18.00 -20.91 2.95
C ILE A 1408 -17.01 -21.61 3.87
N LEU A 1409 -16.37 -20.85 4.77
CA LEU A 1409 -15.44 -21.45 5.71
C LEU A 1409 -16.15 -22.40 6.66
N PHE A 1410 -17.35 -22.05 7.10
CA PHE A 1410 -18.13 -22.94 7.96
C PHE A 1410 -18.47 -24.24 7.24
N GLU A 1411 -18.89 -24.14 5.98
CA GLU A 1411 -19.19 -25.33 5.21
C GLU A 1411 -17.95 -26.20 5.00
N ALA A 1412 -16.81 -25.56 4.72
CA ALA A 1412 -15.56 -26.30 4.53
C ALA A 1412 -15.15 -27.01 5.81
N GLY A 1413 -15.31 -26.35 6.96
CA GLY A 1413 -15.00 -26.99 8.22
C GLY A 1413 -15.93 -28.14 8.54
N ALA A 1414 -17.23 -27.96 8.27
CA ALA A 1414 -18.20 -29.03 8.51
C ALA A 1414 -17.91 -30.24 7.64
N SER A 1415 -17.60 -30.01 6.36
CA SER A 1415 -17.27 -31.08 5.45
C SER A 1415 -15.76 -31.38 5.54
N ALA A 1416 -15.27 -32.21 4.63
CA ALA A 1416 -13.85 -32.54 4.56
C ALA A 1416 -13.32 -31.95 3.25
N GLU A 1417 -12.92 -30.68 3.30
CA GLU A 1417 -12.43 -29.96 2.14
C GLU A 1417 -10.91 -29.84 2.21
N LEU A 1418 -10.23 -30.31 1.18
CA LEU A 1418 -8.78 -30.22 1.08
C LEU A 1418 -8.44 -29.18 0.03
N ASP A 1419 -7.68 -28.15 0.43
CA ASP A 1419 -7.27 -27.09 -0.49
C ASP A 1419 -5.89 -27.44 -1.03
N ASP A 1420 -5.87 -27.99 -2.24
CA ASP A 1420 -4.62 -28.34 -2.91
C ASP A 1420 -3.74 -27.13 -3.20
N CYS A 1421 -4.32 -25.93 -3.26
CA CYS A 1421 -3.60 -24.66 -3.18
C CYS A 1421 -2.55 -24.51 -4.30
N ARG A 1422 -3.05 -24.42 -5.53
CA ARG A 1422 -2.25 -23.83 -6.61
C ARG A 1422 -2.94 -22.62 -7.23
N GLY A 1423 -4.09 -22.22 -6.69
CA GLY A 1423 -4.73 -21.01 -7.14
C GLY A 1423 -4.00 -19.76 -6.69
N VAL A 1424 -4.28 -18.65 -7.38
CA VAL A 1424 -3.58 -17.40 -7.09
C VAL A 1424 -4.03 -16.83 -5.75
N SER A 1425 -5.33 -16.92 -5.45
CA SER A 1425 -5.84 -16.35 -4.20
C SER A 1425 -5.23 -17.05 -2.98
N GLU A 1426 -5.12 -18.38 -3.05
CA GLU A 1426 -4.53 -19.12 -1.92
C GLU A 1426 -3.08 -18.72 -1.70
N ASN A 1427 -2.31 -18.59 -2.78
CA ASN A 1427 -0.92 -18.18 -2.65
C ASN A 1427 -0.80 -16.75 -2.12
N VAL A 1428 -1.71 -15.87 -2.55
CA VAL A 1428 -1.72 -14.50 -2.04
C VAL A 1428 -2.01 -14.50 -0.54
N ILE A 1429 -2.97 -15.31 -0.10
CA ILE A 1429 -3.29 -15.40 1.31
C ILE A 1429 -2.08 -15.93 2.09
N LEU A 1430 -1.44 -16.97 1.57
CA LEU A 1430 -0.31 -17.59 2.24
C LEU A 1430 1.00 -16.82 2.03
N GLY A 1431 1.00 -15.78 1.20
CA GLY A 1431 2.21 -15.02 0.95
C GLY A 1431 3.31 -15.80 0.26
N GLN A 1432 2.95 -16.59 -0.74
CA GLN A 1432 3.91 -17.38 -1.50
C GLN A 1432 3.89 -16.95 -2.96
N MET A 1433 4.92 -17.35 -3.69
CA MET A 1433 5.03 -17.01 -5.11
C MET A 1433 4.01 -17.83 -5.90
N ALA A 1434 3.01 -17.13 -6.46
CA ALA A 1434 1.95 -17.82 -7.16
C ALA A 1434 2.50 -18.50 -8.41
N PRO A 1435 1.96 -19.68 -8.78
CA PRO A 1435 2.42 -20.39 -9.97
C PRO A 1435 1.86 -19.83 -11.28
N ILE A 1436 1.99 -18.52 -11.46
CA ILE A 1436 1.50 -17.83 -12.64
C ILE A 1436 2.60 -16.94 -13.19
N GLY A 1437 2.52 -16.67 -14.48
CA GLY A 1437 3.51 -15.85 -15.15
C GLY A 1437 4.91 -16.42 -15.05
N THR A 1438 5.77 -15.77 -14.25
CA THR A 1438 7.11 -16.28 -14.02
C THR A 1438 7.15 -17.40 -12.99
N GLY A 1439 6.04 -17.67 -12.31
CA GLY A 1439 5.97 -18.73 -11.32
C GLY A 1439 5.53 -20.07 -11.84
N ALA A 1440 5.33 -20.22 -13.14
CA ALA A 1440 4.87 -21.48 -13.72
C ALA A 1440 5.99 -22.48 -13.93
N PHE A 1441 7.22 -22.12 -13.61
CA PHE A 1441 8.38 -22.99 -13.81
C PHE A 1441 9.35 -22.79 -12.67
N ASP A 1442 10.16 -23.82 -12.42
CA ASP A 1442 11.23 -23.76 -11.44
C ASP A 1442 12.58 -23.78 -12.13
N VAL A 1443 13.55 -23.10 -11.52
CA VAL A 1443 14.89 -22.94 -12.08
C VAL A 1443 15.85 -23.79 -11.28
N MET A 1444 16.61 -24.63 -11.98
CA MET A 1444 17.61 -25.49 -11.35
C MET A 1444 18.97 -25.26 -11.98
N ILE A 1445 20.01 -25.63 -11.23
CA ILE A 1445 21.40 -25.44 -11.64
C ILE A 1445 22.02 -26.80 -11.87
N ASP A 1446 22.66 -26.97 -13.03
CA ASP A 1446 23.23 -28.25 -13.44
C ASP A 1446 24.73 -28.25 -13.25
N GLU A 1447 25.27 -29.42 -12.88
CA GLU A 1447 26.71 -29.54 -12.62
C GLU A 1447 27.51 -29.57 -13.92
N GLU A 1448 26.98 -30.25 -14.94
CA GLU A 1448 27.72 -30.41 -16.19
C GLU A 1448 27.96 -29.06 -16.87
N SER A 1449 26.97 -28.19 -16.87
CA SER A 1449 27.16 -26.85 -17.43
C SER A 1449 28.21 -26.07 -16.65
N LEU A 1450 28.21 -26.21 -15.32
CA LEU A 1450 29.21 -25.53 -14.51
C LEU A 1450 30.62 -26.01 -14.83
N VAL A 1451 30.80 -27.33 -14.95
CA VAL A 1451 32.13 -27.86 -15.24
C VAL A 1451 32.52 -27.66 -16.70
N LYS A 1452 31.56 -27.37 -17.58
CA LYS A 1452 31.87 -27.11 -18.98
C LYS A 1452 32.15 -25.63 -19.23
N TYR A 1453 31.40 -24.73 -18.58
CA TYR A 1453 31.62 -23.31 -18.78
C TYR A 1453 32.93 -22.85 -18.14
N MET A 1454 33.36 -23.54 -17.08
CA MET A 1454 34.56 -23.17 -16.34
C MET A 1454 35.56 -24.31 -16.40
N PRO A 1455 36.47 -24.34 -17.37
CA PRO A 1455 37.49 -25.38 -17.48
C PRO A 1455 38.44 -25.41 -16.30
N PHE B 18 -48.73 64.38 -13.18
CA PHE B 18 -48.97 63.12 -12.48
C PHE B 18 -48.78 61.94 -13.42
N GLU B 19 -48.51 62.22 -14.69
CA GLU B 19 -48.28 61.17 -15.67
C GLU B 19 -47.04 60.36 -15.31
N ASP B 20 -45.98 61.03 -14.87
CA ASP B 20 -44.76 60.33 -14.48
C ASP B 20 -45.01 59.42 -13.28
N GLU B 21 -45.86 59.86 -12.35
CA GLU B 21 -46.15 59.06 -11.17
C GLU B 21 -46.87 57.76 -11.50
N SER B 22 -47.51 57.67 -12.66
CA SER B 22 -48.24 56.47 -13.06
C SER B 22 -47.68 55.85 -14.33
N ALA B 23 -46.49 56.26 -14.77
CA ALA B 23 -45.91 55.69 -15.97
C ALA B 23 -45.47 54.25 -15.71
N PRO B 24 -45.55 53.38 -16.72
CA PRO B 24 -45.09 52.00 -16.55
C PRO B 24 -43.60 51.95 -16.28
N ILE B 25 -43.20 50.97 -15.48
CA ILE B 25 -41.80 50.80 -15.10
C ILE B 25 -41.07 50.01 -16.18
N THR B 26 -39.76 50.18 -16.23
CA THR B 26 -38.89 49.48 -17.17
C THR B 26 -38.18 48.34 -16.45
N ALA B 27 -37.25 47.69 -17.16
CA ALA B 27 -36.49 46.60 -16.55
C ALA B 27 -35.48 47.08 -15.53
N GLU B 28 -35.10 48.36 -15.57
CA GLU B 28 -34.14 48.87 -14.60
C GLU B 28 -34.75 48.98 -13.20
N ASP B 29 -36.04 49.29 -13.11
CA ASP B 29 -36.72 49.39 -11.82
C ASP B 29 -36.86 48.04 -11.12
N SER B 30 -36.61 46.93 -11.84
CA SER B 30 -36.66 45.63 -11.19
C SER B 30 -35.59 45.51 -10.12
N TRP B 31 -34.39 46.06 -10.38
CA TRP B 31 -33.34 46.05 -9.38
C TRP B 31 -33.67 46.94 -8.19
N ALA B 32 -34.34 48.07 -8.43
CA ALA B 32 -34.81 48.89 -7.32
C ALA B 32 -35.82 48.15 -6.47
N VAL B 33 -36.73 47.40 -7.11
CA VAL B 33 -37.68 46.59 -6.37
C VAL B 33 -36.98 45.51 -5.57
N ILE B 34 -35.97 44.88 -6.18
CA ILE B 34 -35.19 43.85 -5.48
C ILE B 34 -34.51 44.45 -4.26
N SER B 35 -33.95 45.66 -4.40
CA SER B 35 -33.47 46.40 -3.26
C SER B 35 -34.63 46.76 -2.34
N ALA B 36 -34.31 47.00 -1.07
CA ALA B 36 -35.27 47.28 0.00
C ALA B 36 -36.03 46.01 0.37
N PHE B 37 -35.79 44.92 -0.35
CA PHE B 37 -36.26 43.60 0.03
C PHE B 37 -35.17 42.84 0.78
N PHE B 38 -33.98 42.71 0.17
CA PHE B 38 -32.83 42.19 0.88
C PHE B 38 -32.46 43.07 2.07
N ARG B 39 -32.66 44.38 1.93
CA ARG B 39 -32.33 45.30 3.02
C ARG B 39 -33.12 45.00 4.28
N GLU B 40 -34.35 44.50 4.15
CA GLU B 40 -35.17 44.20 5.31
C GLU B 40 -35.20 42.71 5.65
N LYS B 41 -34.84 41.83 4.71
CA LYS B 41 -34.87 40.39 4.96
C LYS B 41 -33.49 39.83 5.29
N GLY B 42 -32.53 40.03 4.39
CA GLY B 42 -31.23 39.41 4.53
C GLY B 42 -31.18 38.02 3.90
N LEU B 43 -29.97 37.46 3.86
CA LEU B 43 -29.77 36.15 3.28
C LEU B 43 -30.05 35.01 4.25
N VAL B 44 -30.21 35.29 5.53
CA VAL B 44 -30.46 34.26 6.53
C VAL B 44 -31.78 34.55 7.23
N SER B 45 -32.73 35.14 6.51
CA SER B 45 -34.00 35.55 7.12
C SER B 45 -34.79 34.34 7.59
N GLN B 46 -34.74 33.23 6.84
CA GLN B 46 -35.57 32.08 7.16
C GLN B 46 -35.22 31.50 8.53
N GLN B 47 -33.93 31.31 8.80
CA GLN B 47 -33.52 30.72 10.07
C GLN B 47 -33.88 31.63 11.24
N LEU B 48 -33.62 32.92 11.11
CA LEU B 48 -33.94 33.86 12.20
C LEU B 48 -35.43 33.91 12.45
N ASP B 49 -36.24 33.97 11.39
CA ASP B 49 -37.69 34.00 11.56
C ASP B 49 -38.20 32.71 12.21
N SER B 50 -37.68 31.56 11.78
CA SER B 50 -38.11 30.30 12.36
C SER B 50 -37.76 30.22 13.84
N PHE B 51 -36.52 30.61 14.19
CA PHE B 51 -36.12 30.57 15.59
C PHE B 51 -36.93 31.54 16.44
N ASN B 52 -37.19 32.75 15.93
CA ASN B 52 -37.98 33.71 16.68
C ASN B 52 -39.40 33.21 16.91
N GLN B 53 -40.03 32.67 15.86
CA GLN B 53 -41.38 32.14 16.02
C GLN B 53 -41.40 30.96 17.00
N PHE B 54 -40.40 30.08 16.91
CA PHE B 54 -40.32 28.96 17.83
C PHE B 54 -40.24 29.44 19.27
N VAL B 55 -39.29 30.33 19.56
CA VAL B 55 -39.11 30.82 20.93
C VAL B 55 -40.36 31.53 21.41
N ASP B 56 -41.03 32.28 20.51
CA ASP B 56 -42.18 33.06 20.93
C ASP B 56 -43.39 32.18 21.24
N TYR B 57 -43.64 31.16 20.44
CA TYR B 57 -44.91 30.43 20.55
C TYR B 57 -44.75 28.97 20.91
N THR B 58 -43.85 28.24 20.26
CA THR B 58 -43.81 26.79 20.43
C THR B 58 -43.35 26.40 21.82
N LEU B 59 -42.42 27.18 22.41
CA LEU B 59 -41.99 26.90 23.77
C LEU B 59 -43.16 27.00 24.74
N GLN B 60 -43.95 28.08 24.63
CA GLN B 60 -45.11 28.25 25.50
C GLN B 60 -46.14 27.15 25.27
N ASP B 61 -46.35 26.76 24.00
CA ASP B 61 -47.30 25.70 23.73
C ASP B 61 -46.87 24.38 24.34
N ILE B 62 -45.58 24.03 24.21
CA ILE B 62 -45.08 22.79 24.78
C ILE B 62 -45.16 22.83 26.29
N ILE B 63 -44.90 24.00 26.89
CA ILE B 63 -45.01 24.13 28.34
C ILE B 63 -46.46 23.90 28.78
N CYS B 64 -47.38 24.70 28.24
CA CYS B 64 -48.79 24.56 28.57
C CYS B 64 -49.52 23.66 27.57
N GLU B 65 -48.95 22.48 27.31
CA GLU B 65 -49.62 21.44 26.56
C GLU B 65 -50.10 20.29 27.44
N ASP B 66 -49.20 19.73 28.25
CA ASP B 66 -49.52 18.64 29.17
C ASP B 66 -48.93 18.93 30.55
N SER B 67 -49.14 20.15 31.03
CA SER B 67 -48.59 20.59 32.31
C SER B 67 -49.51 20.20 33.46
N THR B 68 -49.76 18.91 33.60
CA THR B 68 -50.59 18.39 34.67
C THR B 68 -50.29 16.91 34.85
N LEU B 69 -49.80 16.55 36.04
CA LEU B 69 -49.55 15.15 36.42
C LEU B 69 -50.27 14.92 37.74
N ILE B 70 -51.49 14.41 37.67
CA ILE B 70 -52.31 14.23 38.86
C ILE B 70 -51.86 12.99 39.61
N LEU B 71 -51.56 13.15 40.90
CA LEU B 71 -51.16 12.05 41.76
C LEU B 71 -52.10 12.01 42.96
N GLU B 72 -52.72 10.86 43.20
CA GLU B 72 -53.65 10.70 44.31
C GLU B 72 -53.34 9.43 45.10
N SER B 85 -59.62 12.92 50.44
CA SER B 85 -59.27 14.11 49.67
C SER B 85 -57.75 14.30 49.61
N ARG B 86 -57.11 13.63 48.64
CA ARG B 86 -55.66 13.70 48.45
C ARG B 86 -55.40 13.87 46.96
N LYS B 87 -55.27 15.12 46.51
CA LYS B 87 -55.03 15.45 45.12
C LYS B 87 -53.80 16.33 45.02
N TYR B 88 -52.88 15.98 44.13
CA TYR B 88 -51.64 16.71 43.91
C TYR B 88 -51.57 17.19 42.47
N GLU B 89 -51.25 18.47 42.28
CA GLU B 89 -51.13 19.05 40.96
C GLU B 89 -49.94 19.98 40.92
N ILE B 90 -49.39 20.19 39.72
CA ILE B 90 -48.25 21.06 39.50
C ILE B 90 -48.65 22.33 38.76
N SER B 91 -49.31 22.19 37.61
CA SER B 91 -49.86 23.31 36.85
C SER B 91 -48.77 24.32 36.49
N PHE B 92 -47.86 23.87 35.62
CA PHE B 92 -46.78 24.71 35.15
C PHE B 92 -47.33 25.98 34.50
N GLY B 93 -46.77 27.12 34.85
CA GLY B 93 -47.21 28.41 34.36
C GLY B 93 -46.44 28.85 33.13
N LYS B 94 -46.39 30.17 32.95
CA LYS B 94 -45.70 30.74 31.81
C LYS B 94 -44.19 30.57 31.96
N ILE B 95 -43.48 30.66 30.83
CA ILE B 95 -42.05 30.48 30.79
C ILE B 95 -41.38 31.83 30.59
N TYR B 96 -40.13 31.92 31.03
CA TYR B 96 -39.32 33.13 30.91
C TYR B 96 -37.98 32.78 30.28
N VAL B 97 -37.56 33.59 29.31
CA VAL B 97 -36.26 33.45 28.65
C VAL B 97 -35.46 34.71 28.91
N THR B 98 -34.25 34.56 29.42
CA THR B 98 -33.38 35.66 29.78
C THR B 98 -32.26 35.80 28.76
N LYS B 99 -31.44 36.82 28.94
CA LYS B 99 -30.27 37.01 28.10
C LYS B 99 -29.21 35.96 28.41
N PRO B 100 -28.35 35.65 27.46
CA PRO B 100 -27.31 34.64 27.72
C PRO B 100 -26.40 35.05 28.87
N MET B 101 -26.02 34.07 29.68
CA MET B 101 -25.19 34.30 30.85
C MET B 101 -24.29 33.11 31.07
N VAL B 102 -23.21 33.32 31.82
CA VAL B 102 -22.23 32.28 32.11
C VAL B 102 -21.99 32.24 33.62
N ASN B 103 -21.98 31.03 34.17
CA ASN B 103 -21.70 30.80 35.59
C ASN B 103 -20.35 30.14 35.74
N GLU B 104 -19.52 30.68 36.63
CA GLU B 104 -18.17 30.20 36.82
C GLU B 104 -18.01 29.57 38.21
N SER B 105 -16.78 29.20 38.55
CA SER B 105 -16.51 28.53 39.81
C SER B 105 -16.84 29.42 41.01
N ASP B 106 -16.44 30.69 40.94
CA ASP B 106 -16.66 31.60 42.07
C ASP B 106 -18.13 31.97 42.26
N GLY B 107 -18.99 31.67 41.28
CA GLY B 107 -20.41 31.89 41.41
C GLY B 107 -20.91 33.21 40.86
N VAL B 108 -20.02 34.14 40.54
CA VAL B 108 -20.45 35.42 39.99
C VAL B 108 -20.90 35.21 38.54
N THR B 109 -22.08 35.74 38.22
CA THR B 109 -22.67 35.61 36.90
C THR B 109 -22.59 36.94 36.17
N HIS B 110 -22.15 36.90 34.92
CA HIS B 110 -22.04 38.09 34.09
C HIS B 110 -22.50 37.76 32.68
N ALA B 111 -22.82 38.81 31.93
CA ALA B 111 -23.29 38.63 30.56
C ALA B 111 -22.21 37.99 29.70
N LEU B 112 -22.64 37.03 28.87
CA LEU B 112 -21.74 36.31 27.98
C LEU B 112 -21.94 36.79 26.56
N TYR B 113 -20.85 37.10 25.87
CA TYR B 113 -20.89 37.60 24.51
C TYR B 113 -20.37 36.53 23.54
N PRO B 114 -20.80 36.58 22.27
CA PRO B 114 -20.38 35.54 21.33
C PRO B 114 -18.87 35.43 21.16
N GLN B 115 -18.15 36.56 21.18
CA GLN B 115 -16.70 36.50 21.05
C GLN B 115 -16.07 35.78 22.23
N GLU B 116 -16.52 36.10 23.44
CA GLU B 116 -15.99 35.43 24.63
C GLU B 116 -16.34 33.95 24.62
N ALA B 117 -17.56 33.62 24.20
CA ALA B 117 -17.96 32.21 24.12
C ALA B 117 -17.10 31.44 23.13
N ARG B 118 -16.82 32.04 21.97
CA ARG B 118 -15.97 31.39 20.98
C ARG B 118 -14.54 31.24 21.49
N LEU B 119 -14.01 32.26 22.17
CA LEU B 119 -12.63 32.21 22.63
C LEU B 119 -12.46 31.21 23.77
N ARG B 120 -13.43 31.13 24.68
CA ARG B 120 -13.33 30.30 25.86
C ARG B 120 -13.97 28.93 25.70
N ASN B 121 -14.38 28.58 24.47
CA ASN B 121 -15.01 27.29 24.18
C ASN B 121 -16.25 27.06 25.04
N LEU B 122 -17.05 28.11 25.22
CA LEU B 122 -18.28 28.04 25.99
C LEU B 122 -19.46 27.82 25.07
N THR B 123 -20.66 27.79 25.67
CA THR B 123 -21.90 27.60 24.93
C THR B 123 -22.74 28.87 25.05
N TYR B 124 -23.18 29.40 23.91
CA TYR B 124 -24.01 30.60 23.87
C TYR B 124 -25.46 30.19 24.11
N SER B 125 -25.79 29.98 25.38
CA SER B 125 -27.10 29.52 25.79
C SER B 125 -27.67 30.42 26.88
N SER B 126 -28.99 30.45 26.97
CA SER B 126 -29.71 31.26 27.95
C SER B 126 -30.62 30.37 28.77
N GLY B 127 -30.67 30.64 30.08
CA GLY B 127 -31.47 29.82 30.97
C GLY B 127 -32.95 30.01 30.76
N LEU B 128 -33.71 28.98 31.17
CA LEU B 128 -35.16 28.95 31.04
C LEU B 128 -35.78 28.92 32.43
N PHE B 129 -36.79 29.77 32.66
CA PHE B 129 -37.48 29.85 33.93
C PHE B 129 -38.98 29.75 33.69
N VAL B 130 -39.65 28.89 34.46
CA VAL B 130 -41.09 28.69 34.33
C VAL B 130 -41.70 28.76 35.73
N ASP B 131 -42.96 29.16 35.80
CA ASP B 131 -43.69 29.30 37.05
C ASP B 131 -44.34 27.97 37.42
N VAL B 132 -44.19 27.59 38.68
CA VAL B 132 -44.78 26.36 39.21
C VAL B 132 -45.71 26.75 40.36
N LYS B 133 -46.97 26.31 40.27
CA LYS B 133 -47.99 26.62 41.27
C LYS B 133 -48.60 25.29 41.73
N LYS B 134 -47.97 24.66 42.71
CA LYS B 134 -48.47 23.39 43.24
C LYS B 134 -49.62 23.64 44.21
N ARG B 135 -50.72 22.91 44.02
CA ARG B 135 -51.88 23.00 44.89
C ARG B 135 -52.28 21.61 45.34
N THR B 136 -52.70 21.49 46.60
CA THR B 136 -53.13 20.23 47.17
C THR B 136 -54.61 20.29 47.51
N TYR B 137 -55.30 19.18 47.30
CA TYR B 137 -56.74 19.10 47.56
C TYR B 137 -57.07 17.83 48.33
N GLY B 163 -42.73 30.39 42.71
CA GLY B 163 -42.02 31.36 41.91
C GLY B 163 -41.30 30.73 40.72
N LYS B 164 -40.52 31.55 40.01
CA LYS B 164 -39.77 31.06 38.86
C LYS B 164 -38.71 30.07 39.31
N VAL B 165 -38.54 29.01 38.54
CA VAL B 165 -37.58 27.95 38.84
C VAL B 165 -36.76 27.66 37.60
N PHE B 166 -35.54 27.18 37.82
CA PHE B 166 -34.62 26.88 36.73
C PHE B 166 -34.88 25.47 36.22
N ILE B 167 -35.09 25.35 34.90
CA ILE B 167 -35.34 24.07 34.26
C ILE B 167 -34.34 23.77 33.15
N GLY B 168 -33.41 24.68 32.85
CA GLY B 168 -32.40 24.40 31.85
C GLY B 168 -31.99 25.62 31.04
N ARG B 169 -31.02 25.43 30.15
CA ARG B 169 -30.49 26.50 29.31
C ARG B 169 -30.76 26.15 27.85
N LEU B 170 -31.33 27.11 27.12
CA LEU B 170 -31.64 26.92 25.71
C LEU B 170 -30.64 27.67 24.86
N PRO B 171 -29.90 27.00 23.98
CA PRO B 171 -28.98 27.72 23.09
C PRO B 171 -29.71 28.72 22.21
N ILE B 172 -29.08 29.86 21.99
CA ILE B 172 -29.67 30.96 21.22
C ILE B 172 -28.82 31.17 19.98
N MET B 173 -29.46 31.12 18.80
CA MET B 173 -28.75 31.38 17.57
C MET B 173 -28.44 32.87 17.44
N LEU B 174 -27.39 33.17 16.68
CA LEU B 174 -26.91 34.53 16.56
C LEU B 174 -27.92 35.43 15.85
N ARG B 175 -27.89 36.71 16.21
CA ARG B 175 -28.75 37.73 15.59
C ARG B 175 -30.24 37.40 15.77
N SER B 176 -30.59 36.92 16.96
CA SER B 176 -31.98 36.64 17.32
C SER B 176 -32.48 37.69 18.29
N LYS B 177 -33.75 37.55 18.68
CA LYS B 177 -34.35 38.50 19.61
C LYS B 177 -33.68 38.44 20.98
N ASN B 178 -33.16 37.28 21.36
CA ASN B 178 -32.48 37.11 22.63
C ASN B 178 -30.98 37.33 22.54
N CYS B 179 -30.46 37.61 21.36
CA CYS B 179 -29.04 37.86 21.18
C CYS B 179 -28.70 39.32 21.43
N TYR B 180 -27.48 39.56 21.90
CA TYR B 180 -27.04 40.92 22.18
C TYR B 180 -26.79 41.73 20.91
N LEU B 181 -26.60 41.07 19.77
CA LEU B 181 -26.23 41.75 18.53
C LEU B 181 -27.43 42.14 17.67
N SER B 182 -28.65 41.86 18.13
CA SER B 182 -29.83 42.20 17.33
C SER B 182 -29.97 43.71 17.20
N GLU B 183 -29.84 44.44 18.31
CA GLU B 183 -29.98 45.89 18.31
C GLU B 183 -28.64 46.61 18.21
N ALA B 184 -27.53 45.88 18.10
CA ALA B 184 -26.22 46.51 18.03
C ALA B 184 -26.03 47.22 16.70
N THR B 185 -25.41 48.40 16.75
CA THR B 185 -25.09 49.16 15.56
C THR B 185 -23.71 48.77 15.05
N GLU B 186 -23.22 49.47 14.02
CA GLU B 186 -21.90 49.17 13.49
C GLU B 186 -20.81 49.47 14.52
N SER B 187 -20.92 50.60 15.22
CA SER B 187 -19.93 50.93 16.24
C SER B 187 -19.96 49.93 17.38
N ASP B 188 -21.15 49.51 17.80
CA ASP B 188 -21.25 48.51 18.86
C ASP B 188 -20.67 47.17 18.43
N LEU B 189 -20.92 46.77 17.18
CA LEU B 189 -20.36 45.53 16.67
C LEU B 189 -18.83 45.60 16.62
N TYR B 190 -18.29 46.74 16.19
CA TYR B 190 -16.84 46.91 16.16
C TYR B 190 -16.25 46.86 17.57
N LYS B 191 -16.94 47.49 18.53
CA LYS B 191 -16.46 47.47 19.91
C LYS B 191 -16.49 46.06 20.48
N LEU B 192 -17.52 45.28 20.15
CA LEU B 192 -17.67 43.92 20.63
C LEU B 192 -16.83 42.92 19.85
N LYS B 193 -15.91 43.39 19.00
CA LYS B 193 -15.03 42.53 18.21
C LYS B 193 -15.84 41.57 17.34
N GLU B 194 -16.90 42.07 16.72
CA GLU B 194 -17.73 41.29 15.83
C GLU B 194 -17.75 41.96 14.45
N CYS B 195 -17.65 41.14 13.42
CA CYS B 195 -17.63 41.67 12.05
C CYS B 195 -19.01 42.18 11.68
N PRO B 196 -19.13 43.43 11.22
CA PRO B 196 -20.44 43.93 10.78
C PRO B 196 -21.01 43.18 9.58
N PHE B 197 -20.17 42.51 8.80
CA PHE B 197 -20.63 41.75 7.64
C PHE B 197 -21.17 40.38 8.03
N ASP B 198 -21.05 39.97 9.29
CA ASP B 198 -21.59 38.70 9.73
C ASP B 198 -23.11 38.71 9.67
N MET B 199 -23.69 37.57 9.31
CA MET B 199 -25.13 37.45 9.14
C MET B 199 -25.82 36.68 10.25
N GLY B 200 -25.08 35.89 11.04
CA GLY B 200 -25.70 35.12 12.09
C GLY B 200 -26.41 33.89 11.55
N GLY B 201 -27.41 33.44 12.30
CA GLY B 201 -28.17 32.27 11.91
C GLY B 201 -27.58 30.94 12.32
N TYR B 202 -26.49 30.94 13.09
CA TYR B 202 -25.84 29.72 13.54
C TYR B 202 -25.82 29.69 15.06
N PHE B 203 -25.44 28.52 15.59
CA PHE B 203 -25.35 28.30 17.02
C PHE B 203 -23.89 28.18 17.44
N ILE B 204 -23.55 28.79 18.57
CA ILE B 204 -22.20 28.73 19.13
C ILE B 204 -22.28 27.84 20.36
N ILE B 205 -21.83 26.60 20.22
CA ILE B 205 -21.80 25.63 21.31
C ILE B 205 -20.40 25.05 21.41
N ASN B 206 -19.86 25.01 22.63
CA ASN B 206 -18.52 24.50 22.89
C ASN B 206 -17.46 25.24 22.09
N GLY B 207 -17.74 26.49 21.71
CA GLY B 207 -16.81 27.29 20.95
C GLY B 207 -16.79 27.03 19.46
N SER B 208 -17.62 26.11 18.96
CA SER B 208 -17.66 25.77 17.54
C SER B 208 -19.01 26.17 16.97
N GLU B 209 -18.98 26.88 15.84
CA GLU B 209 -20.22 27.30 15.20
C GLU B 209 -20.91 26.12 14.54
N LYS B 210 -22.22 26.01 14.77
CA LYS B 210 -23.02 24.93 14.20
C LYS B 210 -24.21 25.51 13.46
N VAL B 211 -24.52 24.93 12.30
CA VAL B 211 -25.61 25.37 11.46
C VAL B 211 -26.55 24.19 11.24
N LEU B 212 -27.86 24.43 11.40
CA LEU B 212 -28.86 23.39 11.24
C LEU B 212 -29.29 23.32 9.78
N ILE B 213 -29.00 22.18 9.15
CA ILE B 213 -29.37 21.97 7.75
C ILE B 213 -30.86 21.69 7.67
N ALA B 214 -31.55 22.38 6.77
CA ALA B 214 -32.98 22.18 6.61
C ALA B 214 -33.28 20.77 6.14
N GLN B 215 -34.30 20.16 6.72
CA GLN B 215 -34.71 18.79 6.40
C GLN B 215 -35.93 18.82 5.50
N GLU B 216 -35.90 17.99 4.45
CA GLU B 216 -36.96 17.93 3.46
C GLU B 216 -37.82 16.69 3.69
N ARG B 217 -39.13 16.87 3.77
CA ARG B 217 -40.05 15.78 4.03
C ARG B 217 -41.34 16.02 3.27
N SER B 218 -42.07 14.93 3.02
CA SER B 218 -43.35 15.02 2.34
C SER B 218 -44.39 15.69 3.23
N ALA B 219 -45.22 16.53 2.62
CA ALA B 219 -46.25 17.24 3.37
C ALA B 219 -47.32 16.28 3.87
N GLY B 220 -47.79 16.52 5.10
CA GLY B 220 -48.83 15.71 5.67
C GLY B 220 -50.23 16.21 5.34
N ASN B 221 -51.23 15.43 5.76
CA ASN B 221 -52.64 15.76 5.54
C ASN B 221 -52.95 15.98 4.07
N ILE B 222 -52.30 15.19 3.21
CA ILE B 222 -52.49 15.27 1.76
C ILE B 222 -52.87 13.89 1.25
N VAL B 223 -53.99 13.83 0.53
CA VAL B 223 -54.46 12.56 -0.05
C VAL B 223 -53.69 12.31 -1.34
N GLN B 224 -52.98 11.19 -1.40
CA GLN B 224 -52.17 10.83 -2.55
C GLN B 224 -52.49 9.40 -2.97
N VAL B 225 -52.60 9.18 -4.28
CA VAL B 225 -52.92 7.88 -4.84
C VAL B 225 -51.85 7.52 -5.88
N PHE B 226 -51.31 6.32 -5.79
CA PHE B 226 -50.28 5.85 -6.69
C PHE B 226 -50.66 4.48 -7.24
N LYS B 227 -49.95 4.06 -8.29
CA LYS B 227 -50.15 2.77 -8.91
C LYS B 227 -49.02 1.83 -8.50
N LYS B 228 -49.37 0.62 -8.08
CA LYS B 228 -48.39 -0.36 -7.65
C LYS B 228 -47.87 -1.14 -8.85
N ALA B 229 -46.91 -2.03 -8.59
CA ALA B 229 -46.31 -2.82 -9.65
C ALA B 229 -47.29 -3.86 -10.18
N ALA B 230 -47.09 -4.24 -11.45
CA ALA B 230 -47.95 -5.25 -12.06
C ALA B 230 -47.87 -6.60 -11.36
N PRO B 231 -46.69 -7.15 -11.01
CA PRO B 231 -46.68 -8.43 -10.29
C PRO B 231 -47.38 -8.37 -8.95
N SER B 232 -47.38 -7.22 -8.29
CA SER B 232 -48.06 -7.09 -7.01
C SER B 232 -49.57 -7.24 -7.19
N PRO B 233 -50.27 -7.83 -6.22
CA PRO B 233 -51.72 -8.01 -6.35
C PRO B 233 -52.50 -6.73 -6.11
N ILE B 234 -51.79 -5.62 -5.96
CA ILE B 234 -52.40 -4.31 -5.72
C ILE B 234 -52.32 -3.51 -7.02
N SER B 235 -53.46 -2.99 -7.46
CA SER B 235 -53.50 -2.16 -8.67
C SER B 235 -53.27 -0.69 -8.34
N HIS B 236 -54.11 -0.12 -7.47
CA HIS B 236 -53.99 1.26 -7.05
C HIS B 236 -54.12 1.35 -5.54
N VAL B 237 -53.37 2.28 -4.95
CA VAL B 237 -53.38 2.49 -3.50
C VAL B 237 -53.42 3.99 -3.23
N ALA B 238 -54.26 4.39 -2.28
CA ALA B 238 -54.38 5.78 -1.86
C ALA B 238 -54.24 5.86 -0.36
N GLU B 239 -53.36 6.74 0.11
CA GLU B 239 -53.11 6.88 1.54
C GLU B 239 -52.91 8.34 1.89
N ILE B 240 -53.20 8.67 3.16
CA ILE B 240 -53.02 10.01 3.70
C ILE B 240 -52.23 9.89 4.99
N ARG B 241 -51.22 10.73 5.17
CA ARG B 241 -50.35 10.70 6.34
C ARG B 241 -50.79 11.82 7.27
N SER B 242 -51.79 11.54 8.10
CA SER B 242 -52.36 12.54 8.98
C SER B 242 -51.44 12.83 10.16
N ALA B 243 -51.48 14.08 10.62
CA ALA B 243 -50.66 14.51 11.74
C ALA B 243 -51.30 15.73 12.39
N LEU B 244 -50.87 16.02 13.61
CA LEU B 244 -51.35 17.17 14.38
C LEU B 244 -50.25 18.20 14.48
N GLU B 245 -50.56 19.45 14.13
CA GLU B 245 -49.58 20.53 14.15
C GLU B 245 -49.47 21.21 15.51
N LYS B 246 -50.51 21.12 16.34
CA LYS B 246 -50.48 21.74 17.67
C LYS B 246 -50.38 20.73 18.79
N GLY B 247 -51.01 19.56 18.66
CA GLY B 247 -50.95 18.53 19.66
C GLY B 247 -49.70 17.68 19.51
N SER B 248 -49.70 16.56 20.25
CA SER B 248 -48.59 15.63 20.19
C SER B 248 -48.48 15.00 18.81
N ARG B 249 -47.26 14.76 18.36
CA ARG B 249 -47.03 14.17 17.05
C ARG B 249 -47.51 12.72 17.05
N PHE B 250 -48.30 12.37 16.04
CA PHE B 250 -48.85 11.02 15.91
C PHE B 250 -48.34 10.30 14.67
N ILE B 251 -48.48 10.92 13.50
CA ILE B 251 -48.08 10.32 12.22
C ILE B 251 -48.75 8.96 12.05
N SER B 252 -50.05 8.96 11.83
CA SER B 252 -50.82 7.75 11.59
C SER B 252 -51.20 7.68 10.12
N THR B 253 -50.92 6.55 9.49
CA THR B 253 -51.15 6.37 8.07
C THR B 253 -52.41 5.55 7.84
N LEU B 254 -53.36 6.13 7.11
CA LEU B 254 -54.55 5.41 6.66
C LEU B 254 -54.33 5.01 5.21
N GLN B 255 -54.32 3.71 4.95
CA GLN B 255 -54.03 3.18 3.62
C GLN B 255 -55.28 2.53 3.05
N VAL B 256 -55.65 2.95 1.83
CA VAL B 256 -56.77 2.38 1.10
C VAL B 256 -56.22 1.78 -0.18
N LYS B 257 -56.47 0.49 -0.41
CA LYS B 257 -55.93 -0.24 -1.54
C LYS B 257 -57.03 -0.98 -2.26
N LEU B 258 -56.83 -1.17 -3.56
CA LEU B 258 -57.75 -1.91 -4.42
C LEU B 258 -57.15 -3.27 -4.72
N TYR B 259 -57.86 -4.33 -4.34
CA TYR B 259 -57.38 -5.69 -4.53
C TYR B 259 -57.73 -6.26 -5.90
N GLY B 260 -58.49 -5.52 -6.71
CA GLY B 260 -58.86 -6.00 -8.02
C GLY B 260 -57.78 -5.79 -9.07
N ARG B 261 -56.72 -6.59 -9.01
CA ARG B 261 -55.62 -6.49 -9.97
C ARG B 261 -56.11 -6.95 -11.34
N GLU B 262 -56.26 -6.00 -12.26
CA GLU B 262 -56.71 -6.27 -13.64
C GLU B 262 -58.10 -6.91 -13.55
N GLY B 263 -58.42 -7.85 -14.44
CA GLY B 263 -59.73 -8.50 -14.43
C GLY B 263 -59.75 -9.74 -13.56
N SER B 264 -59.53 -9.58 -12.26
CA SER B 264 -59.54 -10.69 -11.32
C SER B 264 -60.93 -11.02 -10.81
N SER B 265 -61.96 -10.28 -11.23
CA SER B 265 -63.37 -10.45 -10.89
C SER B 265 -63.67 -10.14 -9.42
N ALA B 266 -62.67 -9.82 -8.61
CA ALA B 266 -62.93 -9.42 -7.23
C ALA B 266 -63.26 -7.94 -7.15
N ARG B 267 -62.32 -7.08 -7.55
CA ARG B 267 -62.52 -5.63 -7.62
C ARG B 267 -63.00 -5.07 -6.28
N THR B 268 -62.40 -5.55 -5.19
CA THR B 268 -62.78 -5.15 -3.84
C THR B 268 -61.76 -4.17 -3.29
N ILE B 269 -62.25 -3.17 -2.56
CA ILE B 269 -61.42 -2.17 -1.90
C ILE B 269 -61.54 -2.35 -0.39
N LYS B 270 -60.40 -2.36 0.29
CA LYS B 270 -60.37 -2.52 1.74
C LYS B 270 -59.38 -1.53 2.33
N ALA B 271 -59.79 -0.83 3.38
CA ALA B 271 -58.92 0.11 4.06
C ALA B 271 -58.02 -0.60 5.06
N THR B 272 -56.97 0.09 5.47
CA THR B 272 -55.98 -0.44 6.43
C THR B 272 -56.09 0.40 7.70
N LEU B 273 -56.97 -0.03 8.60
CA LEU B 273 -57.12 0.66 9.88
C LEU B 273 -55.88 0.46 10.74
N PRO B 274 -55.43 1.49 11.45
CA PRO B 274 -54.28 1.32 12.35
C PRO B 274 -54.61 0.37 13.49
N TYR B 275 -53.57 -0.32 13.97
CA TYR B 275 -53.61 -1.30 15.04
C TYR B 275 -54.40 -2.56 14.67
N ILE B 276 -54.91 -2.66 13.44
CA ILE B 276 -55.54 -3.87 12.93
C ILE B 276 -54.71 -4.36 11.77
N LYS B 277 -54.18 -5.57 11.87
CA LYS B 277 -53.22 -6.10 10.90
C LYS B 277 -53.88 -6.54 9.60
N GLN B 278 -55.20 -6.67 9.56
CA GLN B 278 -55.91 -7.12 8.38
C GLN B 278 -56.82 -6.02 7.85
N ASP B 279 -57.04 -6.04 6.53
CA ASP B 279 -57.76 -4.99 5.84
C ASP B 279 -59.27 -5.26 5.89
N ILE B 280 -60.03 -4.27 6.33
CA ILE B 280 -61.49 -4.38 6.44
C ILE B 280 -62.13 -3.69 5.25
N PRO B 281 -63.17 -4.28 4.65
CA PRO B 281 -63.87 -3.59 3.55
C PRO B 281 -64.48 -2.27 4.04
N ILE B 282 -64.52 -1.30 3.12
CA ILE B 282 -64.94 0.05 3.48
C ILE B 282 -66.40 0.11 3.91
N VAL B 283 -67.22 -0.86 3.52
CA VAL B 283 -68.63 -0.85 3.90
C VAL B 283 -68.78 -1.00 5.41
N ILE B 284 -67.98 -1.90 6.01
CA ILE B 284 -68.03 -2.08 7.46
C ILE B 284 -67.62 -0.80 8.18
N ILE B 285 -66.57 -0.13 7.67
CA ILE B 285 -66.13 1.13 8.27
C ILE B 285 -67.22 2.18 8.16
N PHE B 286 -67.88 2.26 7.00
CA PHE B 286 -68.96 3.23 6.82
C PHE B 286 -70.11 2.95 7.78
N ARG B 287 -70.45 1.67 7.96
CA ARG B 287 -71.52 1.31 8.89
C ARG B 287 -71.14 1.65 10.33
N ALA B 288 -69.86 1.46 10.68
CA ALA B 288 -69.41 1.77 12.04
C ALA B 288 -69.46 3.27 12.34
N LEU B 289 -69.52 4.12 11.32
CA LEU B 289 -69.60 5.56 11.50
C LEU B 289 -71.04 6.06 11.56
N GLY B 290 -72.03 5.17 11.51
CA GLY B 290 -73.42 5.56 11.55
C GLY B 290 -74.13 5.52 10.22
N ILE B 291 -73.41 5.33 9.12
CA ILE B 291 -74.01 5.24 7.79
C ILE B 291 -74.35 3.77 7.58
N ILE B 292 -75.52 3.37 8.07
CA ILE B 292 -75.96 1.97 8.00
C ILE B 292 -76.44 1.62 6.59
N PRO B 293 -77.39 2.35 5.99
CA PRO B 293 -77.86 1.95 4.66
C PRO B 293 -76.78 2.06 3.60
N ASP B 294 -76.85 1.16 2.62
CA ASP B 294 -75.85 1.14 1.55
C ASP B 294 -76.08 2.27 0.54
N GLY B 295 -77.33 2.68 0.35
CA GLY B 295 -77.59 3.77 -0.58
C GLY B 295 -76.96 5.07 -0.14
N GLU B 296 -76.99 5.36 1.16
CA GLU B 296 -76.33 6.55 1.68
C GLU B 296 -74.82 6.47 1.48
N ILE B 297 -74.23 5.29 1.67
CA ILE B 297 -72.80 5.11 1.43
C ILE B 297 -72.47 5.37 -0.04
N LEU B 298 -73.28 4.82 -0.94
CA LEU B 298 -73.04 5.02 -2.37
C LEU B 298 -73.17 6.49 -2.74
N GLU B 299 -74.15 7.19 -2.15
CA GLU B 299 -74.29 8.62 -2.40
C GLU B 299 -73.07 9.38 -1.87
N HIS B 300 -72.54 8.97 -0.71
CA HIS B 300 -71.36 9.62 -0.16
C HIS B 300 -70.14 9.42 -1.05
N ILE B 301 -69.98 8.22 -1.61
CA ILE B 301 -68.77 7.92 -2.38
C ILE B 301 -68.74 8.74 -3.66
N CYS B 302 -69.84 8.74 -4.41
CA CYS B 302 -69.93 9.45 -5.68
C CYS B 302 -71.06 10.46 -5.62
N TYR B 303 -70.75 11.70 -5.99
CA TYR B 303 -71.71 12.80 -5.92
C TYR B 303 -72.51 12.97 -7.20
N ASP B 304 -72.28 12.13 -8.22
CA ASP B 304 -73.01 12.21 -9.47
C ASP B 304 -73.64 10.86 -9.77
N VAL B 305 -74.90 10.90 -10.24
CA VAL B 305 -75.61 9.67 -10.57
C VAL B 305 -75.38 9.23 -12.01
N ASN B 306 -74.87 10.11 -12.88
CA ASN B 306 -74.62 9.76 -14.27
C ASN B 306 -73.32 8.99 -14.46
N ASP B 307 -72.44 8.97 -13.46
CA ASP B 307 -71.17 8.23 -13.55
C ASP B 307 -71.41 6.78 -13.16
N TRP B 308 -72.03 6.05 -14.08
CA TRP B 308 -72.39 4.66 -13.83
C TRP B 308 -71.17 3.77 -13.62
N GLN B 309 -70.00 4.17 -14.13
CA GLN B 309 -68.80 3.37 -13.93
C GLN B 309 -68.44 3.26 -12.46
N MET B 310 -68.64 4.34 -11.69
CA MET B 310 -68.36 4.29 -10.26
C MET B 310 -69.23 3.24 -9.58
N LEU B 311 -70.52 3.22 -9.90
CA LEU B 311 -71.42 2.22 -9.32
C LEU B 311 -71.01 0.82 -9.77
N GLU B 312 -70.58 0.68 -11.02
CA GLU B 312 -70.17 -0.64 -11.51
C GLU B 312 -68.97 -1.17 -10.74
N MET B 313 -67.98 -0.30 -10.47
CA MET B 313 -66.83 -0.75 -9.70
C MET B 313 -67.15 -0.91 -8.22
N LEU B 314 -68.14 -0.18 -7.70
CA LEU B 314 -68.50 -0.30 -6.29
C LEU B 314 -69.47 -1.43 -6.01
N LYS B 315 -70.07 -2.03 -7.04
CA LYS B 315 -70.98 -3.15 -6.82
C LYS B 315 -70.35 -4.30 -6.02
N PRO B 316 -69.12 -4.74 -6.27
CA PRO B 316 -68.55 -5.78 -5.39
C PRO B 316 -68.47 -5.36 -3.94
N CYS B 317 -68.21 -4.09 -3.66
CA CYS B 317 -68.13 -3.61 -2.29
C CYS B 317 -69.49 -3.71 -1.60
N VAL B 318 -70.55 -3.26 -2.27
CA VAL B 318 -71.88 -3.32 -1.68
C VAL B 318 -72.34 -4.78 -1.55
N GLU B 319 -71.87 -5.65 -2.45
CA GLU B 319 -72.21 -7.06 -2.32
C GLU B 319 -71.50 -7.70 -1.13
N ASP B 320 -70.24 -7.32 -0.88
CA ASP B 320 -69.47 -7.84 0.24
C ASP B 320 -69.84 -7.18 1.57
N GLY B 321 -70.56 -6.07 1.55
CA GLY B 321 -70.96 -5.43 2.78
C GLY B 321 -72.17 -6.02 3.45
N PHE B 322 -72.72 -7.10 2.89
CA PHE B 322 -73.93 -7.72 3.43
C PHE B 322 -73.68 -8.51 4.70
N VAL B 323 -72.42 -8.79 5.04
CA VAL B 323 -72.12 -9.50 6.28
C VAL B 323 -72.53 -8.67 7.49
N ILE B 324 -72.44 -7.34 7.38
CA ILE B 324 -72.79 -6.42 8.46
C ILE B 324 -73.99 -5.61 8.01
N GLN B 325 -75.02 -5.54 8.87
CA GLN B 325 -76.24 -4.83 8.55
C GLN B 325 -76.62 -3.76 9.56
N ASP B 326 -75.77 -3.49 10.55
CA ASP B 326 -76.04 -2.44 11.52
C ASP B 326 -74.73 -1.99 12.14
N ARG B 327 -74.80 -0.95 12.97
CA ARG B 327 -73.61 -0.44 13.61
C ARG B 327 -73.05 -1.43 14.62
N GLU B 328 -73.93 -2.14 15.34
CA GLU B 328 -73.47 -3.05 16.37
C GLU B 328 -72.66 -4.20 15.80
N THR B 329 -73.14 -4.80 14.70
CA THR B 329 -72.39 -5.90 14.10
C THR B 329 -71.12 -5.40 13.43
N ALA B 330 -71.13 -4.17 12.90
CA ALA B 330 -69.91 -3.59 12.36
C ALA B 330 -68.85 -3.42 13.46
N LEU B 331 -69.28 -2.92 14.62
CA LEU B 331 -68.34 -2.79 15.74
C LEU B 331 -67.86 -4.15 16.22
N ASP B 332 -68.75 -5.15 16.24
CA ASP B 332 -68.34 -6.50 16.62
C ASP B 332 -67.29 -7.04 15.65
N PHE B 333 -67.50 -6.85 14.35
CA PHE B 333 -66.54 -7.32 13.36
C PHE B 333 -65.21 -6.60 13.51
N ILE B 334 -65.25 -5.28 13.72
CA ILE B 334 -64.00 -4.52 13.87
C ILE B 334 -63.24 -4.98 15.11
N GLY B 335 -63.94 -5.15 16.23
CA GLY B 335 -63.29 -5.59 17.45
C GLY B 335 -62.75 -7.00 17.37
N ARG B 336 -63.45 -7.89 16.67
CA ARG B 336 -62.98 -9.26 16.51
C ARG B 336 -61.68 -9.34 15.72
N ARG B 337 -61.37 -8.31 14.94
CA ARG B 337 -60.11 -8.23 14.19
C ARG B 337 -59.07 -7.37 14.89
N GLY B 338 -59.30 -7.02 16.16
CA GLY B 338 -58.36 -6.21 16.90
C GLY B 338 -57.46 -7.02 17.82
N THR B 339 -57.77 -7.01 19.11
CA THR B 339 -56.96 -7.74 20.08
C THR B 339 -57.08 -9.24 19.86
N ALA B 340 -56.02 -9.96 20.24
CA ALA B 340 -55.95 -11.41 20.02
C ALA B 340 -56.72 -12.16 21.12
N LEU B 341 -58.03 -11.90 21.15
CA LEU B 341 -58.96 -12.57 22.07
C LEU B 341 -58.51 -12.42 23.51
N GLY B 342 -58.05 -11.21 23.88
CA GLY B 342 -57.64 -10.96 25.24
C GLY B 342 -58.80 -11.04 26.23
N ILE B 343 -59.96 -10.54 25.82
CA ILE B 343 -61.15 -10.55 26.68
C ILE B 343 -62.38 -10.75 25.80
N LYS B 344 -63.55 -10.86 26.42
CA LYS B 344 -64.79 -11.10 25.68
C LYS B 344 -65.13 -9.91 24.80
N LYS B 345 -66.19 -10.07 24.01
CA LYS B 345 -66.57 -9.07 23.02
C LYS B 345 -67.17 -7.81 23.63
N GLU B 346 -67.48 -7.82 24.93
CA GLU B 346 -68.05 -6.62 25.56
C GLU B 346 -67.08 -5.45 25.54
N LYS B 347 -65.79 -5.71 25.45
CA LYS B 347 -64.78 -4.65 25.36
C LYS B 347 -64.40 -4.32 23.93
N ARG B 348 -64.69 -5.21 22.98
CA ARG B 348 -64.36 -4.95 21.58
C ARG B 348 -65.10 -3.74 21.03
N ILE B 349 -66.34 -3.54 21.46
CA ILE B 349 -67.11 -2.38 21.01
C ILE B 349 -66.43 -1.10 21.45
N GLN B 350 -66.02 -1.04 22.72
CA GLN B 350 -65.32 0.14 23.23
C GLN B 350 -63.99 0.32 22.53
N TYR B 351 -63.29 -0.78 22.24
CA TYR B 351 -62.01 -0.71 21.54
C TYR B 351 -62.19 -0.09 20.16
N ALA B 352 -63.19 -0.57 19.41
CA ALA B 352 -63.46 -0.02 18.08
C ALA B 352 -63.87 1.44 18.15
N LYS B 353 -64.73 1.79 19.12
CA LYS B 353 -65.16 3.18 19.25
C LYS B 353 -63.98 4.08 19.54
N ASP B 354 -63.11 3.68 20.46
CA ASP B 354 -61.95 4.49 20.81
C ASP B 354 -60.99 4.62 19.63
N ILE B 355 -60.76 3.50 18.92
CA ILE B 355 -59.83 3.55 17.79
C ILE B 355 -60.35 4.49 16.70
N LEU B 356 -61.66 4.44 16.42
CA LEU B 356 -62.22 5.28 15.38
C LEU B 356 -62.32 6.73 15.83
N GLN B 357 -62.52 6.98 17.12
CA GLN B 357 -62.61 8.34 17.61
C GLN B 357 -61.25 9.02 17.71
N LYS B 358 -60.19 8.27 18.02
CA LYS B 358 -58.89 8.85 18.28
C LYS B 358 -57.95 8.74 17.07
N GLU B 359 -57.68 7.53 16.59
CA GLU B 359 -56.63 7.34 15.59
C GLU B 359 -57.20 6.99 14.22
N PHE B 360 -58.41 7.42 13.93
CA PHE B 360 -58.99 7.31 12.59
C PHE B 360 -59.07 8.72 12.02
N LEU B 361 -58.06 9.08 11.23
CA LEU B 361 -57.90 10.43 10.67
C LEU B 361 -57.83 11.45 11.79
N PRO B 362 -56.74 11.48 12.57
CA PRO B 362 -56.62 12.41 13.71
C PRO B 362 -56.21 13.82 13.29
N HIS B 363 -56.83 14.34 12.24
CA HIS B 363 -56.61 15.72 11.81
C HIS B 363 -57.89 16.49 11.54
N ILE B 364 -59.01 15.83 11.28
CA ILE B 364 -60.28 16.52 11.15
C ILE B 364 -60.83 16.88 12.53
N THR B 365 -61.03 15.87 13.37
CA THR B 365 -61.51 16.08 14.73
C THR B 365 -61.18 14.85 15.56
N GLN B 366 -61.00 15.06 16.86
CA GLN B 366 -60.72 13.99 17.80
C GLN B 366 -61.82 13.84 18.85
N LEU B 367 -62.93 14.55 18.71
CA LEU B 367 -64.03 14.48 19.66
C LEU B 367 -65.02 13.39 19.24
N GLU B 368 -66.12 13.30 19.98
CA GLU B 368 -67.15 12.30 19.72
C GLU B 368 -68.34 12.93 19.02
N GLY B 369 -69.09 12.10 18.28
CA GLY B 369 -70.27 12.55 17.59
C GLY B 369 -70.01 13.28 16.28
N PHE B 370 -68.77 13.26 15.78
CA PHE B 370 -68.41 13.94 14.54
C PHE B 370 -68.01 12.94 13.46
N GLU B 371 -68.73 11.82 13.39
CA GLU B 371 -68.40 10.78 12.42
C GLU B 371 -68.80 11.14 11.00
N SER B 372 -69.71 12.11 10.83
CA SER B 372 -70.13 12.49 9.49
C SER B 372 -68.98 13.06 8.68
N ARG B 373 -68.14 13.89 9.29
CA ARG B 373 -66.98 14.45 8.60
C ARG B 373 -66.01 13.36 8.19
N LYS B 374 -65.76 12.41 9.09
CA LYS B 374 -64.86 11.30 8.76
C LYS B 374 -65.42 10.47 7.61
N ALA B 375 -66.72 10.20 7.63
CA ALA B 375 -67.34 9.44 6.54
C ALA B 375 -67.23 10.20 5.22
N PHE B 376 -67.46 11.52 5.25
CA PHE B 376 -67.35 12.31 4.04
C PHE B 376 -65.92 12.30 3.49
N PHE B 377 -64.92 12.41 4.38
CA PHE B 377 -63.55 12.39 3.92
C PHE B 377 -63.16 11.02 3.36
N LEU B 378 -63.65 9.95 3.99
CA LEU B 378 -63.41 8.62 3.45
C LEU B 378 -64.04 8.46 2.08
N GLY B 379 -65.27 8.98 1.91
CA GLY B 379 -65.90 8.94 0.61
C GLY B 379 -65.13 9.72 -0.44
N TYR B 380 -64.60 10.88 -0.05
CA TYR B 380 -63.78 11.67 -0.97
C TYR B 380 -62.51 10.91 -1.37
N MET B 381 -61.88 10.24 -0.40
CA MET B 381 -60.68 9.45 -0.71
C MET B 381 -61.01 8.31 -1.66
N ILE B 382 -62.12 7.61 -1.42
CA ILE B 382 -62.52 6.53 -2.31
C ILE B 382 -62.84 7.06 -3.70
N ASN B 383 -63.48 8.22 -3.78
CA ASN B 383 -63.76 8.83 -5.07
C ASN B 383 -62.48 9.17 -5.82
N ARG B 384 -61.50 9.74 -5.12
CA ARG B 384 -60.22 10.04 -5.75
C ARG B 384 -59.52 8.78 -6.24
N LEU B 385 -59.54 7.73 -5.42
CA LEU B 385 -58.91 6.47 -5.83
C LEU B 385 -59.60 5.89 -7.06
N LEU B 386 -60.94 5.92 -7.09
CA LEU B 386 -61.67 5.40 -8.25
C LEU B 386 -61.39 6.24 -9.49
N LEU B 387 -61.33 7.56 -9.33
CA LEU B 387 -61.01 8.43 -10.46
C LEU B 387 -59.63 8.14 -11.02
N CYS B 388 -58.65 7.90 -10.13
CA CYS B 388 -57.33 7.52 -10.60
C CYS B 388 -57.36 6.16 -11.31
N ALA B 389 -58.14 5.23 -10.79
CA ALA B 389 -58.23 3.89 -11.38
C ALA B 389 -59.15 3.84 -12.60
N LEU B 390 -59.95 4.87 -12.85
CA LEU B 390 -60.85 4.91 -13.99
C LEU B 390 -60.29 5.74 -15.14
N ASP B 391 -58.97 5.69 -15.33
CA ASP B 391 -58.20 6.47 -16.31
C ASP B 391 -58.80 7.84 -16.57
N ARG B 392 -59.12 8.57 -15.50
CA ARG B 392 -59.61 9.94 -15.61
C ARG B 392 -58.63 10.97 -15.09
N LYS B 393 -57.70 10.58 -14.23
CA LYS B 393 -56.65 11.47 -13.74
C LYS B 393 -55.29 10.81 -13.90
N ASP B 394 -54.24 11.43 -13.37
CA ASP B 394 -52.89 10.91 -13.46
C ASP B 394 -52.38 10.59 -12.07
N GLN B 395 -51.49 9.60 -11.99
CA GLN B 395 -50.87 9.24 -10.72
C GLN B 395 -50.09 10.42 -10.17
N ASP B 396 -50.25 10.66 -8.87
CA ASP B 396 -49.61 11.82 -8.24
C ASP B 396 -48.10 11.69 -8.30
N ASP B 397 -47.43 12.84 -8.47
CA ASP B 397 -45.99 12.89 -8.63
C ASP B 397 -45.32 13.13 -7.29
N ARG B 398 -44.31 12.30 -6.97
CA ARG B 398 -43.59 12.44 -5.72
C ARG B 398 -42.65 13.65 -5.70
N ASP B 399 -42.22 14.11 -6.87
CA ASP B 399 -41.22 15.17 -6.96
C ASP B 399 -41.81 16.56 -7.04
N HIS B 400 -43.13 16.70 -6.92
CA HIS B 400 -43.75 18.02 -6.93
C HIS B 400 -43.37 18.77 -5.66
N PHE B 401 -42.74 19.93 -5.84
CA PHE B 401 -42.27 20.71 -4.69
C PHE B 401 -43.41 21.31 -3.88
N GLY B 402 -44.62 21.38 -4.44
CA GLY B 402 -45.76 21.90 -3.70
C GLY B 402 -46.32 20.95 -2.67
N LYS B 403 -45.89 19.68 -2.69
CA LYS B 403 -46.34 18.68 -1.73
C LYS B 403 -45.23 18.29 -0.76
N LYS B 404 -44.22 19.13 -0.61
CA LYS B 404 -43.09 18.86 0.27
C LYS B 404 -42.86 20.06 1.17
N ARG B 405 -42.33 19.79 2.37
CA ARG B 405 -42.09 20.82 3.38
C ARG B 405 -40.63 20.78 3.81
N LEU B 406 -40.12 21.94 4.19
CA LEU B 406 -38.75 22.08 4.66
C LEU B 406 -38.75 22.32 6.17
N ASP B 407 -37.87 21.62 6.88
CA ASP B 407 -37.79 21.70 8.33
C ASP B 407 -36.56 22.53 8.71
N LEU B 408 -36.79 23.81 9.01
CA LEU B 408 -35.72 24.70 9.47
C LEU B 408 -35.45 24.46 10.95
N ALA B 409 -34.76 25.40 11.60
CA ALA B 409 -34.51 25.26 13.02
C ALA B 409 -35.76 25.66 13.80
N GLY B 410 -36.89 25.07 13.40
CA GLY B 410 -38.16 25.29 14.03
C GLY B 410 -38.67 24.02 14.68
N PRO B 411 -39.50 23.27 13.95
CA PRO B 411 -40.09 22.05 14.50
C PRO B 411 -39.07 21.01 14.95
N LEU B 412 -37.83 21.06 14.44
CA LEU B 412 -36.80 20.15 14.93
C LEU B 412 -36.51 20.41 16.41
N LEU B 413 -36.22 21.67 16.74
CA LEU B 413 -36.05 22.04 18.14
C LEU B 413 -37.32 21.83 18.93
N ALA B 414 -38.48 21.98 18.28
CA ALA B 414 -39.75 21.71 18.96
C ALA B 414 -39.84 20.24 19.39
N GLN B 415 -39.48 19.32 18.50
CA GLN B 415 -39.50 17.90 18.84
C GLN B 415 -38.48 17.59 19.94
N LEU B 416 -37.28 18.16 19.84
CA LEU B 416 -36.28 17.93 20.87
C LEU B 416 -36.77 18.41 22.22
N PHE B 417 -37.30 19.63 22.28
CA PHE B 417 -37.77 20.17 23.54
C PHE B 417 -38.98 19.42 24.05
N LYS B 418 -39.83 18.92 23.15
CA LYS B 418 -40.98 18.12 23.58
C LYS B 418 -40.52 16.84 24.26
N THR B 419 -39.57 16.13 23.65
CA THR B 419 -39.07 14.90 24.25
C THR B 419 -38.40 15.18 25.59
N LEU B 420 -37.58 16.22 25.65
CA LEU B 420 -36.86 16.51 26.89
C LEU B 420 -37.81 17.00 27.99
N PHE B 421 -38.86 17.73 27.61
CA PHE B 421 -39.85 18.17 28.59
C PHE B 421 -40.69 17.01 29.08
N LYS B 422 -40.98 16.04 28.20
CA LYS B 422 -41.65 14.83 28.67
C LYS B 422 -40.79 14.06 29.66
N LYS B 423 -39.48 14.00 29.40
CA LYS B 423 -38.59 13.37 30.37
C LYS B 423 -38.57 14.14 31.70
N LEU B 424 -38.57 15.47 31.60
CA LEU B 424 -38.72 16.32 32.79
C LEU B 424 -39.95 15.95 33.60
N THR B 425 -41.10 15.85 32.93
CA THR B 425 -42.36 15.56 33.61
C THR B 425 -42.33 14.17 34.23
N LYS B 426 -41.80 13.19 33.50
CA LYS B 426 -41.72 11.84 34.05
C LYS B 426 -40.83 11.79 35.30
N ASP B 427 -39.70 12.50 35.26
CA ASP B 427 -38.80 12.50 36.41
C ASP B 427 -39.46 13.18 37.61
N ILE B 428 -40.10 14.33 37.39
CA ILE B 428 -40.72 15.01 38.52
C ILE B 428 -41.89 14.22 39.07
N PHE B 429 -42.63 13.52 38.21
CA PHE B 429 -43.72 12.67 38.68
C PHE B 429 -43.20 11.48 39.48
N ARG B 430 -42.08 10.89 39.03
CA ARG B 430 -41.51 9.77 39.78
C ARG B 430 -41.02 10.24 41.14
N TYR B 431 -40.41 11.43 41.21
CA TYR B 431 -39.98 11.95 42.50
C TYR B 431 -41.18 12.24 43.40
N MET B 432 -42.25 12.79 42.83
CA MET B 432 -43.46 13.05 43.62
C MET B 432 -44.05 11.75 44.15
N GLN B 433 -44.09 10.71 43.32
CA GLN B 433 -44.56 9.41 43.77
C GLN B 433 -43.68 8.86 44.89
N ARG B 434 -42.36 9.05 44.77
CA ARG B 434 -41.46 8.57 45.82
C ARG B 434 -41.64 9.33 47.12
N THR B 435 -41.99 10.61 47.05
CA THR B 435 -42.00 11.47 48.23
C THR B 435 -43.36 11.59 48.91
N VAL B 436 -44.39 10.87 48.45
CA VAL B 436 -45.69 10.94 49.11
C VAL B 436 -45.66 10.39 50.53
N GLU B 437 -44.64 9.60 50.87
CA GLU B 437 -44.59 8.99 52.19
C GLU B 437 -44.15 9.96 53.28
N GLU B 438 -43.21 10.86 53.00
CA GLU B 438 -42.61 11.67 54.04
C GLU B 438 -42.93 13.15 53.93
N ALA B 439 -42.60 13.81 52.83
CA ALA B 439 -42.75 15.26 52.72
C ALA B 439 -42.62 15.66 51.26
N HIS B 440 -42.62 16.97 51.00
CA HIS B 440 -42.56 17.49 49.64
C HIS B 440 -41.69 18.73 49.55
N ASP B 441 -40.94 18.83 48.46
CA ASP B 441 -40.26 20.06 48.06
C ASP B 441 -39.98 19.94 46.57
N PHE B 442 -39.61 21.05 45.95
CA PHE B 442 -39.58 21.10 44.48
C PHE B 442 -38.18 21.02 43.89
N ASN B 443 -37.17 21.63 44.51
CA ASN B 443 -35.88 21.82 43.83
C ASN B 443 -34.87 20.72 44.16
N MET B 444 -35.25 19.45 43.99
CA MET B 444 -34.27 18.37 43.93
C MET B 444 -34.30 17.59 42.63
N LYS B 445 -35.49 17.22 42.15
CA LYS B 445 -35.61 16.60 40.83
C LYS B 445 -35.50 17.60 39.69
N LEU B 446 -35.89 18.85 39.94
CA LEU B 446 -35.83 19.86 38.89
C LEU B 446 -34.39 20.09 38.44
N ALA B 447 -33.45 20.15 39.38
CA ALA B 447 -32.05 20.43 39.04
C ALA B 447 -31.44 19.28 38.23
N ILE B 448 -31.66 18.04 38.66
CA ILE B 448 -31.08 16.91 37.95
C ILE B 448 -31.69 16.79 36.56
N ASN B 449 -33.02 16.92 36.44
CA ASN B 449 -33.63 16.83 35.12
C ASN B 449 -33.26 18.04 34.25
N ALA B 450 -32.96 19.18 34.87
CA ALA B 450 -32.45 20.32 34.11
C ALA B 450 -31.07 20.02 33.54
N LYS B 451 -30.22 19.36 34.32
CA LYS B 451 -28.94 18.94 33.76
C LYS B 451 -29.16 17.96 32.62
N THR B 452 -30.13 17.06 32.75
CA THR B 452 -30.44 16.13 31.66
C THR B 452 -30.88 16.87 30.40
N ILE B 453 -31.76 17.86 30.53
CA ILE B 453 -32.26 18.55 29.35
C ILE B 453 -31.15 19.39 28.70
N THR B 454 -30.31 20.04 29.51
CA THR B 454 -29.19 20.79 28.94
C THR B 454 -28.22 19.86 28.21
N SER B 455 -27.90 18.71 28.82
CA SER B 455 -27.01 17.76 28.18
C SER B 455 -27.61 17.22 26.89
N GLY B 456 -28.90 16.93 26.89
CA GLY B 456 -29.54 16.44 25.68
C GLY B 456 -29.51 17.46 24.55
N LEU B 457 -29.83 18.71 24.87
CA LEU B 457 -29.81 19.76 23.85
C LEU B 457 -28.40 19.94 23.30
N LYS B 458 -27.40 20.00 24.19
CA LYS B 458 -26.03 20.19 23.74
C LYS B 458 -25.55 19.02 22.89
N TYR B 459 -25.85 17.79 23.31
CA TYR B 459 -25.44 16.62 22.55
C TYR B 459 -26.10 16.60 21.17
N ALA B 460 -27.39 16.91 21.11
CA ALA B 460 -28.08 16.91 19.82
C ALA B 460 -27.54 17.99 18.90
N LEU B 461 -27.23 19.17 19.45
CA LEU B 461 -26.69 20.24 18.62
C LEU B 461 -25.25 20.00 18.22
N ALA B 462 -24.49 19.23 18.99
CA ALA B 462 -23.08 19.01 18.69
C ALA B 462 -22.86 17.81 17.77
N THR B 463 -23.33 16.63 18.19
CA THR B 463 -23.10 15.42 17.40
C THR B 463 -23.90 15.40 16.10
N GLY B 464 -25.00 16.15 16.04
CA GLY B 464 -25.84 16.17 14.87
C GLY B 464 -26.88 15.08 14.82
N ASN B 465 -26.89 14.17 15.79
CA ASN B 465 -27.90 13.11 15.87
C ASN B 465 -29.10 13.65 16.64
N TRP B 466 -30.22 13.79 15.94
CA TRP B 466 -31.42 14.38 16.54
C TRP B 466 -32.06 13.36 17.47
N GLY B 467 -31.79 13.49 18.75
CA GLY B 467 -32.33 12.57 19.74
C GLY B 467 -31.42 12.53 20.96
N GLU B 468 -31.80 11.66 21.90
CA GLU B 468 -31.02 11.47 23.10
C GLU B 468 -29.75 10.68 22.79
N GLN B 469 -28.91 10.48 23.81
CA GLN B 469 -27.68 9.72 23.61
C GLN B 469 -27.98 8.28 23.20
N LYS B 470 -28.96 7.66 23.83
CA LYS B 470 -29.40 6.35 23.40
C LYS B 470 -30.25 6.46 22.14
N LYS B 471 -30.38 5.33 21.43
CA LYS B 471 -31.09 5.26 20.16
C LYS B 471 -30.50 6.21 19.12
N ALA B 472 -29.20 6.50 19.24
CA ALA B 472 -28.54 7.40 18.30
C ALA B 472 -28.47 6.79 16.91
N MET B 473 -28.23 5.47 16.83
CA MET B 473 -28.13 4.80 15.53
C MET B 473 -29.45 4.80 14.79
N SER B 474 -30.57 4.92 15.48
CA SER B 474 -31.88 4.97 14.84
C SER B 474 -32.34 6.39 14.54
N SER B 475 -31.55 7.40 14.87
CA SER B 475 -31.89 8.79 14.65
C SER B 475 -31.19 9.33 13.41
N ARG B 476 -31.72 10.44 12.90
CA ARG B 476 -31.13 11.08 11.73
C ARG B 476 -29.75 11.63 12.05
N ALA B 477 -28.85 11.53 11.08
CA ALA B 477 -27.49 12.01 11.23
C ALA B 477 -27.21 13.12 10.22
N GLY B 478 -26.32 14.04 10.60
CA GLY B 478 -25.98 15.15 9.74
C GLY B 478 -26.91 16.33 9.81
N VAL B 479 -27.84 16.35 10.77
CA VAL B 479 -28.75 17.49 10.89
C VAL B 479 -27.97 18.75 11.27
N SER B 480 -27.03 18.63 12.20
CA SER B 480 -26.19 19.74 12.62
C SER B 480 -24.78 19.53 12.08
N GLN B 481 -24.24 20.57 11.45
CA GLN B 481 -22.92 20.52 10.85
C GLN B 481 -22.12 21.74 11.25
N VAL B 482 -20.79 21.58 11.26
CA VAL B 482 -19.91 22.71 11.55
C VAL B 482 -19.98 23.71 10.41
N LEU B 483 -20.17 24.99 10.76
CA LEU B 483 -20.30 26.03 9.74
C LEU B 483 -19.01 26.16 8.96
N ASN B 484 -19.12 26.17 7.64
CA ASN B 484 -17.96 26.27 6.75
C ASN B 484 -17.54 27.72 6.66
N ARG B 485 -16.37 28.04 7.20
CA ARG B 485 -15.82 29.39 7.16
C ARG B 485 -14.47 29.34 6.44
N TYR B 486 -14.52 29.40 5.11
CA TYR B 486 -13.35 29.53 4.28
C TYR B 486 -13.41 30.76 3.38
N THR B 487 -14.60 31.13 2.95
CA THR B 487 -14.84 32.38 2.24
C THR B 487 -16.28 32.80 2.51
N TYR B 488 -16.57 34.08 2.23
CA TYR B 488 -17.91 34.60 2.52
C TYR B 488 -18.98 33.85 1.72
N SER B 489 -18.69 33.57 0.45
CA SER B 489 -19.66 32.86 -0.39
C SER B 489 -19.93 31.46 0.15
N SER B 490 -18.89 30.77 0.63
CA SER B 490 -19.09 29.44 1.17
C SER B 490 -20.00 29.46 2.40
N THR B 491 -19.77 30.41 3.30
CA THR B 491 -20.64 30.52 4.48
C THR B 491 -22.07 30.86 4.09
N LEU B 492 -22.23 31.79 3.14
CA LEU B 492 -23.58 32.16 2.70
C LEU B 492 -24.31 30.98 2.07
N SER B 493 -23.60 30.18 1.27
CA SER B 493 -24.22 29.01 0.66
C SER B 493 -24.55 27.96 1.70
N HIS B 494 -23.66 27.76 2.68
CA HIS B 494 -23.92 26.78 3.73
C HIS B 494 -25.11 27.16 4.59
N LEU B 495 -25.31 28.46 4.85
CA LEU B 495 -26.44 28.88 5.66
C LEU B 495 -27.77 28.78 4.94
N ARG B 496 -27.77 28.47 3.64
CA ARG B 496 -28.99 28.35 2.84
C ARG B 496 -29.02 27.00 2.13
N ARG B 497 -28.74 25.93 2.88
CA ARG B 497 -28.66 24.59 2.32
C ARG B 497 -29.75 23.72 2.89
N THR B 498 -30.30 22.84 2.05
CA THR B 498 -31.33 21.88 2.44
C THR B 498 -30.86 20.47 2.09
N ASN B 499 -31.37 19.49 2.82
CA ASN B 499 -31.00 18.10 2.63
C ASN B 499 -32.25 17.23 2.53
N THR B 500 -32.16 16.20 1.69
CA THR B 500 -33.26 15.25 1.51
C THR B 500 -32.86 13.89 2.05
N PRO B 501 -33.36 13.47 3.20
CA PRO B 501 -32.98 12.15 3.74
C PRO B 501 -33.54 11.03 2.87
N ILE B 502 -32.63 10.27 2.26
CA ILE B 502 -33.01 9.16 1.38
C ILE B 502 -32.60 7.80 1.94
N GLY B 503 -31.71 7.76 2.93
CA GLY B 503 -31.28 6.50 3.51
C GLY B 503 -30.36 5.71 2.60
N LYS B 507 -29.27 4.87 -5.67
CA LYS B 507 -29.96 3.73 -6.28
C LYS B 507 -31.12 4.21 -7.15
N LEU B 508 -31.75 5.31 -6.75
CA LEU B 508 -32.87 5.89 -7.46
C LEU B 508 -32.48 7.23 -8.05
N ALA B 509 -32.77 7.43 -9.33
CA ALA B 509 -32.44 8.66 -10.02
C ALA B 509 -33.59 9.65 -10.08
N LYS B 510 -34.83 9.20 -9.87
CA LYS B 510 -35.98 10.10 -9.92
C LYS B 510 -35.93 11.21 -8.88
N PRO B 511 -35.69 10.94 -7.59
CA PRO B 511 -35.66 12.05 -6.63
C PRO B 511 -34.51 13.02 -6.84
N ARG B 512 -33.45 12.62 -7.53
CA ARG B 512 -32.30 13.48 -7.74
C ARG B 512 -32.45 14.39 -8.95
N GLN B 513 -33.40 14.13 -9.84
CA GLN B 513 -33.56 14.94 -11.03
C GLN B 513 -34.18 16.29 -10.69
N LEU B 514 -33.90 17.27 -11.55
CA LEU B 514 -34.44 18.61 -11.38
C LEU B 514 -35.84 18.67 -11.96
N HIS B 515 -36.82 18.94 -11.11
CA HIS B 515 -38.22 18.97 -11.52
C HIS B 515 -38.60 20.35 -12.05
N ASN B 516 -39.67 20.38 -12.83
CA ASN B 516 -40.16 21.64 -13.39
C ASN B 516 -40.74 22.56 -12.33
N THR B 517 -41.07 22.04 -11.15
CA THR B 517 -41.62 22.84 -10.07
C THR B 517 -40.55 23.48 -9.21
N HIS B 518 -39.27 23.26 -9.53
CA HIS B 518 -38.17 23.88 -8.82
C HIS B 518 -37.83 25.28 -9.33
N TRP B 519 -38.58 25.77 -10.31
CA TRP B 519 -38.30 27.08 -10.89
C TRP B 519 -38.51 28.18 -9.85
N GLY B 520 -37.45 28.95 -9.60
CA GLY B 520 -37.51 30.07 -8.69
C GLY B 520 -37.42 29.73 -7.22
N LEU B 521 -37.31 28.46 -6.86
CA LEU B 521 -37.24 28.03 -5.47
C LEU B 521 -35.89 27.47 -5.07
N VAL B 522 -35.25 26.68 -5.94
CA VAL B 522 -33.93 26.14 -5.67
C VAL B 522 -33.03 26.48 -6.85
N CYS B 523 -31.72 26.47 -6.59
CA CYS B 523 -30.75 26.79 -7.62
C CYS B 523 -30.64 25.62 -8.59
N PRO B 524 -30.84 25.84 -9.90
CA PRO B 524 -30.74 24.73 -10.86
C PRO B 524 -29.33 24.23 -11.10
N ALA B 525 -28.31 24.97 -10.67
CA ALA B 525 -26.93 24.61 -10.96
C ALA B 525 -26.13 24.20 -9.74
N GLU B 526 -26.47 24.70 -8.56
CA GLU B 526 -25.69 24.40 -7.35
C GLU B 526 -26.12 23.06 -6.78
N THR B 527 -25.25 22.05 -6.91
CA THR B 527 -25.50 20.73 -6.34
C THR B 527 -24.16 20.02 -6.21
N PRO B 528 -23.94 19.27 -5.13
CA PRO B 528 -22.68 18.55 -4.98
C PRO B 528 -22.56 17.40 -5.96
N GLU B 529 -21.31 17.03 -6.24
CA GLU B 529 -21.00 15.90 -7.12
C GLU B 529 -20.76 14.66 -6.28
N GLY B 530 -21.37 13.54 -6.68
CA GLY B 530 -21.19 12.30 -5.97
C GLY B 530 -22.49 11.62 -5.58
N GLN B 531 -22.48 10.93 -4.45
CA GLN B 531 -23.68 10.23 -3.99
C GLN B 531 -24.78 11.19 -3.53
N ALA B 532 -24.43 12.44 -3.27
CA ALA B 532 -25.39 13.44 -2.82
C ALA B 532 -25.90 14.32 -3.95
N CYS B 533 -25.60 13.98 -5.20
CA CYS B 533 -26.04 14.78 -6.33
C CYS B 533 -27.56 14.68 -6.47
N GLY B 534 -28.24 15.82 -6.40
CA GLY B 534 -29.68 15.89 -6.50
C GLY B 534 -30.42 15.80 -5.20
N LEU B 535 -29.78 15.32 -4.14
CA LEU B 535 -30.42 15.24 -2.82
C LEU B 535 -30.15 16.47 -1.97
N VAL B 536 -29.06 17.19 -2.22
CA VAL B 536 -28.74 18.41 -1.50
C VAL B 536 -29.06 19.59 -2.42
N LYS B 537 -30.01 20.42 -1.99
CA LYS B 537 -30.48 21.54 -2.78
C LYS B 537 -30.27 22.84 -2.01
N ASN B 538 -29.84 23.89 -2.72
CA ASN B 538 -29.62 25.19 -2.13
C ASN B 538 -30.75 26.13 -2.55
N LEU B 539 -31.29 26.88 -1.59
CA LEU B 539 -32.37 27.81 -1.89
C LEU B 539 -31.88 28.91 -2.81
N SER B 540 -32.72 29.27 -3.78
CA SER B 540 -32.39 30.33 -4.71
C SER B 540 -32.57 31.70 -4.04
N LEU B 541 -32.10 32.73 -4.73
CA LEU B 541 -32.26 34.08 -4.22
C LEU B 541 -33.74 34.48 -4.23
N MET B 542 -34.11 35.36 -3.29
CA MET B 542 -35.48 35.83 -3.15
C MET B 542 -36.44 34.66 -2.90
N SER B 543 -36.02 33.71 -2.07
CA SER B 543 -36.83 32.56 -1.71
C SER B 543 -36.94 32.49 -0.19
N CYS B 544 -38.17 32.33 0.31
CA CYS B 544 -38.45 32.32 1.73
C CYS B 544 -39.27 31.09 2.08
N ILE B 545 -39.32 30.79 3.38
CA ILE B 545 -40.06 29.64 3.89
C ILE B 545 -41.05 30.13 4.94
N SER B 546 -42.30 29.70 4.83
CA SER B 546 -43.34 30.12 5.75
C SER B 546 -43.08 29.56 7.15
N VAL B 547 -43.55 30.30 8.16
CA VAL B 547 -43.35 29.90 9.55
C VAL B 547 -44.60 29.29 10.17
N GLY B 548 -45.78 29.54 9.62
CA GLY B 548 -47.00 28.96 10.14
C GLY B 548 -47.98 29.97 10.69
N THR B 549 -49.27 29.69 10.55
CA THR B 549 -50.32 30.57 11.05
C THR B 549 -51.55 29.73 11.37
N ASP B 550 -52.22 30.07 12.46
CA ASP B 550 -53.44 29.36 12.84
C ASP B 550 -54.53 29.60 11.80
N PRO B 551 -55.26 28.56 11.41
CA PRO B 551 -56.29 28.70 10.37
C PRO B 551 -57.67 29.09 10.88
N MET B 552 -57.84 29.29 12.18
CA MET B 552 -59.15 29.66 12.71
C MET B 552 -59.69 30.96 12.15
N PRO B 553 -58.92 32.06 12.03
CA PRO B 553 -59.47 33.26 11.39
C PRO B 553 -59.93 33.01 9.96
N ILE B 554 -59.22 32.15 9.22
CA ILE B 554 -59.63 31.81 7.86
C ILE B 554 -60.98 31.10 7.88
N ILE B 555 -61.16 30.17 8.81
CA ILE B 555 -62.43 29.45 8.91
C ILE B 555 -63.56 30.41 9.26
N THR B 556 -63.31 31.33 10.20
CA THR B 556 -64.34 32.29 10.56
C THR B 556 -64.70 33.20 9.38
N PHE B 557 -63.69 33.63 8.62
CA PHE B 557 -63.96 34.46 7.45
C PHE B 557 -64.76 33.69 6.41
N LEU B 558 -64.42 32.42 6.19
CA LEU B 558 -65.17 31.61 5.24
C LEU B 558 -66.62 31.43 5.68
N SER B 559 -66.84 31.17 6.97
CA SER B 559 -68.20 31.00 7.46
C SER B 559 -69.00 32.30 7.37
N GLU B 560 -68.35 33.44 7.64
CA GLU B 560 -69.05 34.72 7.62
C GLU B 560 -69.50 35.09 6.22
N TRP B 561 -68.71 34.76 5.20
CA TRP B 561 -69.01 35.14 3.83
C TRP B 561 -70.00 34.22 3.15
N GLY B 562 -70.46 33.18 3.83
CA GLY B 562 -71.41 32.25 3.24
C GLY B 562 -70.76 30.96 2.79
N MET B 563 -70.88 29.92 3.61
CA MET B 563 -70.20 28.65 3.34
C MET B 563 -70.95 27.56 4.09
N GLU B 564 -71.66 26.71 3.36
CA GLU B 564 -72.49 25.69 3.98
C GLU B 564 -71.62 24.66 4.68
N PRO B 565 -71.90 24.31 5.93
CA PRO B 565 -71.11 23.30 6.64
C PRO B 565 -71.28 21.94 6.01
N LEU B 566 -70.24 21.10 6.21
CA LEU B 566 -70.26 19.75 5.65
C LEU B 566 -71.32 18.86 6.29
N GLU B 567 -71.76 19.18 7.51
CA GLU B 567 -72.76 18.35 8.17
C GLU B 567 -74.09 18.35 7.42
N ASP B 568 -74.60 19.53 7.10
CA ASP B 568 -75.85 19.66 6.36
C ASP B 568 -75.61 19.78 4.86
N TYR B 569 -74.87 18.82 4.30
CA TYR B 569 -74.54 18.79 2.88
C TYR B 569 -74.97 17.46 2.29
N VAL B 570 -75.65 17.51 1.16
CA VAL B 570 -76.09 16.32 0.43
C VAL B 570 -75.49 16.37 -0.96
N PRO B 571 -74.78 15.32 -1.40
CA PRO B 571 -74.19 15.36 -2.75
C PRO B 571 -75.23 15.55 -3.85
N HIS B 572 -76.39 14.92 -3.73
CA HIS B 572 -77.46 15.15 -4.69
C HIS B 572 -78.18 16.45 -4.37
N GLN B 573 -78.85 16.99 -5.39
CA GLN B 573 -79.54 18.27 -5.39
C GLN B 573 -78.58 19.45 -5.29
N SER B 574 -77.28 19.22 -5.15
CA SER B 574 -76.25 20.25 -5.18
C SER B 574 -75.11 19.78 -6.06
N PRO B 575 -75.33 19.68 -7.37
CA PRO B 575 -74.30 19.10 -8.24
C PRO B 575 -73.09 20.01 -8.42
N ASP B 576 -73.31 21.32 -8.55
CA ASP B 576 -72.22 22.27 -8.78
C ASP B 576 -71.83 22.91 -7.45
N ALA B 577 -71.02 22.19 -6.69
CA ALA B 577 -70.50 22.66 -5.41
C ALA B 577 -69.00 22.43 -5.35
N THR B 578 -68.27 23.44 -4.91
CA THR B 578 -66.82 23.38 -4.81
C THR B 578 -66.42 23.06 -3.38
N ARG B 579 -65.72 21.95 -3.19
CA ARG B 579 -65.25 21.58 -1.86
C ARG B 579 -64.18 22.55 -1.39
N VAL B 580 -64.24 22.92 -0.12
CA VAL B 580 -63.30 23.86 0.48
C VAL B 580 -62.40 23.09 1.44
N PHE B 581 -61.10 23.15 1.21
CA PHE B 581 -60.11 22.47 2.03
C PHE B 581 -59.23 23.50 2.73
N VAL B 582 -59.06 23.35 4.03
CA VAL B 582 -58.18 24.20 4.82
C VAL B 582 -57.17 23.31 5.51
N ASN B 583 -55.89 23.46 5.16
CA ASN B 583 -54.80 22.65 5.69
C ASN B 583 -55.07 21.15 5.48
N GLY B 584 -55.63 20.82 4.32
CA GLY B 584 -55.93 19.44 4.01
C GLY B 584 -57.15 18.87 4.69
N VAL B 585 -57.98 19.71 5.29
CA VAL B 585 -59.18 19.27 6.01
C VAL B 585 -60.39 19.81 5.29
N TRP B 586 -61.31 18.92 4.91
CA TRP B 586 -62.54 19.32 4.25
C TRP B 586 -63.48 19.93 5.29
N HIS B 587 -63.97 21.14 5.01
CA HIS B 587 -64.82 21.87 5.93
C HIS B 587 -66.23 22.10 5.42
N GLY B 588 -66.42 22.14 4.10
CA GLY B 588 -67.74 22.37 3.56
C GLY B 588 -67.68 22.63 2.07
N VAL B 589 -68.75 23.24 1.55
CA VAL B 589 -68.88 23.52 0.13
C VAL B 589 -69.33 24.96 -0.06
N HIS B 590 -69.12 25.47 -1.27
CA HIS B 590 -69.51 26.82 -1.64
C HIS B 590 -70.22 26.79 -2.98
N ARG B 591 -71.25 27.62 -3.14
CA ARG B 591 -72.03 27.67 -4.36
C ARG B 591 -71.45 28.62 -5.41
N ASN B 592 -70.51 29.47 -5.03
CA ASN B 592 -69.89 30.43 -5.96
C ASN B 592 -68.42 30.59 -5.60
N PRO B 593 -67.56 29.70 -6.11
CA PRO B 593 -66.13 29.78 -5.77
C PRO B 593 -65.46 31.07 -6.24
N ALA B 594 -65.91 31.65 -7.34
CA ALA B 594 -65.23 32.82 -7.90
C ALA B 594 -65.31 34.01 -6.96
N ARG B 595 -66.51 34.28 -6.42
CA ARG B 595 -66.66 35.43 -5.52
C ARG B 595 -65.86 35.25 -4.24
N LEU B 596 -65.89 34.04 -3.67
CA LEU B 596 -65.11 33.78 -2.46
C LEU B 596 -63.62 33.92 -2.74
N MET B 597 -63.16 33.41 -3.89
CA MET B 597 -61.74 33.53 -4.23
C MET B 597 -61.34 34.99 -4.39
N GLU B 598 -62.18 35.80 -5.05
CA GLU B 598 -61.87 37.21 -5.21
C GLU B 598 -61.83 37.92 -3.86
N THR B 599 -62.78 37.61 -2.97
CA THR B 599 -62.79 38.22 -1.65
C THR B 599 -61.54 37.84 -0.85
N LEU B 600 -61.16 36.56 -0.91
CA LEU B 600 -59.97 36.12 -0.19
C LEU B 600 -58.71 36.78 -0.74
N ARG B 601 -58.61 36.90 -2.06
CA ARG B 601 -57.45 37.56 -2.65
C ARG B 601 -57.39 39.04 -2.25
N THR B 602 -58.55 39.71 -2.25
CA THR B 602 -58.58 41.11 -1.83
C THR B 602 -58.17 41.26 -0.38
N LEU B 603 -58.65 40.37 0.48
CA LEU B 603 -58.29 40.42 1.89
C LEU B 603 -56.80 40.18 2.09
N ARG B 604 -56.24 39.20 1.37
CA ARG B 604 -54.82 38.89 1.51
C ARG B 604 -53.96 40.04 1.01
N ARG B 605 -54.34 40.67 -0.11
CA ARG B 605 -53.57 41.79 -0.64
C ARG B 605 -53.71 43.05 0.21
N LYS B 606 -54.73 43.11 1.07
CA LYS B 606 -54.92 44.26 1.94
C LYS B 606 -54.21 44.13 3.28
N GLY B 607 -53.59 42.97 3.54
CA GLY B 607 -52.90 42.75 4.79
C GLY B 607 -53.73 42.15 5.90
N ASP B 608 -55.05 41.99 5.70
CA ASP B 608 -55.88 41.39 6.72
C ASP B 608 -55.50 39.92 6.95
N ILE B 609 -55.22 39.19 5.88
CA ILE B 609 -54.75 37.82 5.95
C ILE B 609 -53.24 37.82 5.79
N ASN B 610 -52.59 36.81 6.37
CA ASN B 610 -51.15 36.72 6.28
C ASN B 610 -50.72 36.54 4.83
N PRO B 611 -49.73 37.30 4.35
CA PRO B 611 -49.33 37.18 2.94
C PRO B 611 -48.77 35.82 2.57
N GLU B 612 -48.33 35.02 3.54
CA GLU B 612 -47.76 33.71 3.26
C GLU B 612 -48.81 32.61 3.17
N VAL B 613 -50.09 32.95 3.28
CA VAL B 613 -51.16 31.96 3.20
C VAL B 613 -51.42 31.65 1.73
N SER B 614 -51.31 30.38 1.36
CA SER B 614 -51.55 29.97 -0.01
C SER B 614 -53.03 29.75 -0.26
N MET B 615 -53.51 30.18 -1.43
CA MET B 615 -54.91 30.03 -1.81
C MET B 615 -54.95 29.62 -3.28
N ILE B 616 -55.29 28.36 -3.54
CA ILE B 616 -55.31 27.81 -4.90
C ILE B 616 -56.71 27.25 -5.16
N ARG B 617 -57.28 27.63 -6.30
CA ARG B 617 -58.60 27.17 -6.71
C ARG B 617 -58.47 26.36 -7.99
N ASP B 618 -59.07 25.17 -8.00
CA ASP B 618 -59.09 24.30 -9.17
C ASP B 618 -60.50 24.32 -9.76
N ILE B 619 -60.66 25.01 -10.90
CA ILE B 619 -61.97 25.15 -11.50
C ILE B 619 -62.49 23.80 -11.98
N ARG B 620 -61.64 23.01 -12.64
CA ARG B 620 -62.09 21.75 -13.21
C ARG B 620 -62.37 20.71 -12.12
N GLU B 621 -61.49 20.62 -11.13
CA GLU B 621 -61.69 19.65 -10.04
C GLU B 621 -62.72 20.10 -9.02
N LYS B 622 -63.23 21.33 -9.12
CA LYS B 622 -64.21 21.86 -8.17
C LYS B 622 -63.69 21.81 -6.73
N GLU B 623 -62.45 22.28 -6.56
CA GLU B 623 -61.80 22.27 -5.26
C GLU B 623 -61.17 23.63 -4.98
N LEU B 624 -61.12 23.98 -3.70
CA LEU B 624 -60.50 25.22 -3.24
C LEU B 624 -59.68 24.89 -2.00
N LYS B 625 -58.37 24.86 -2.13
CA LYS B 625 -57.47 24.47 -1.06
C LYS B 625 -56.76 25.71 -0.52
N ILE B 626 -56.76 25.84 0.80
CA ILE B 626 -56.06 26.94 1.49
C ILE B 626 -55.08 26.31 2.48
N PHE B 627 -53.82 26.73 2.40
CA PHE B 627 -52.77 26.20 3.25
C PHE B 627 -52.21 27.31 4.13
N THR B 628 -52.12 27.03 5.44
CA THR B 628 -51.57 27.97 6.40
C THR B 628 -50.47 27.37 7.25
N ASP B 629 -49.99 26.17 6.90
CA ASP B 629 -48.98 25.49 7.71
C ASP B 629 -47.59 26.04 7.41
N ALA B 630 -46.59 25.43 8.02
CA ALA B 630 -45.19 25.85 7.87
C ALA B 630 -44.46 24.91 6.92
N GLY B 631 -43.27 25.35 6.50
CA GLY B 631 -42.44 24.58 5.61
C GLY B 631 -42.64 24.85 4.13
N ARG B 632 -43.66 25.62 3.77
CA ARG B 632 -43.89 25.93 2.36
C ARG B 632 -42.88 26.95 1.87
N VAL B 633 -42.46 26.80 0.62
CA VAL B 633 -41.48 27.68 -0.01
C VAL B 633 -42.20 28.57 -1.01
N TYR B 634 -42.00 29.88 -0.89
CA TYR B 634 -42.67 30.85 -1.73
C TYR B 634 -41.67 31.91 -2.18
N ARG B 635 -41.99 32.56 -3.29
CA ARG B 635 -41.18 33.64 -3.83
C ARG B 635 -42.07 34.82 -4.20
N PRO B 636 -41.56 36.03 -4.07
CA PRO B 636 -42.36 37.21 -4.45
C PRO B 636 -42.53 37.31 -5.96
N LEU B 637 -43.64 37.92 -6.36
CA LEU B 637 -43.94 38.13 -7.76
C LEU B 637 -44.72 39.41 -7.93
N PHE B 638 -44.60 40.02 -9.11
CA PHE B 638 -45.36 41.22 -9.41
C PHE B 638 -46.83 40.87 -9.66
N ILE B 639 -47.69 41.86 -9.52
CA ILE B 639 -49.13 41.71 -9.69
C ILE B 639 -49.54 42.48 -10.93
N VAL B 640 -50.22 41.81 -11.85
CA VAL B 640 -50.69 42.41 -13.10
C VAL B 640 -52.20 42.51 -13.02
N GLU B 641 -52.73 43.73 -13.22
CA GLU B 641 -54.16 43.98 -13.21
C GLU B 641 -54.54 44.79 -14.43
N ASP B 642 -55.74 44.55 -14.94
CA ASP B 642 -56.22 45.27 -16.11
C ASP B 642 -56.50 46.73 -15.74
N ASP B 643 -56.00 47.64 -16.56
CA ASP B 643 -56.19 49.08 -16.35
C ASP B 643 -57.03 49.63 -17.51
N GLU B 644 -58.13 50.29 -17.17
CA GLU B 644 -59.00 50.85 -18.19
C GLU B 644 -58.43 52.11 -18.82
N SER B 645 -57.50 52.79 -18.13
CA SER B 645 -56.90 54.00 -18.70
C SER B 645 -56.07 53.68 -19.93
N LEU B 646 -55.27 52.61 -19.88
CA LEU B 646 -54.44 52.22 -21.01
C LEU B 646 -55.12 51.18 -21.91
N GLY B 647 -56.26 50.64 -21.50
CA GLY B 647 -56.97 49.67 -22.31
C GLY B 647 -56.37 48.28 -22.34
N HIS B 648 -55.37 48.00 -21.50
CA HIS B 648 -54.73 46.69 -21.48
C HIS B 648 -54.11 46.48 -20.11
N LYS B 649 -53.76 45.23 -19.83
CA LYS B 649 -53.16 44.89 -18.55
C LYS B 649 -51.80 45.55 -18.40
N GLU B 650 -51.50 46.01 -17.19
CA GLU B 650 -50.26 46.69 -16.90
C GLU B 650 -49.81 46.35 -15.48
N LEU B 651 -48.53 46.54 -15.23
CA LEU B 651 -47.97 46.28 -13.90
C LEU B 651 -48.57 47.24 -12.88
N LYS B 652 -48.84 46.73 -11.68
CA LYS B 652 -49.39 47.57 -10.63
C LYS B 652 -48.34 48.52 -10.07
N VAL B 653 -47.07 48.11 -10.07
CA VAL B 653 -46.00 48.98 -9.59
C VAL B 653 -45.79 50.12 -10.59
N ARG B 654 -45.49 51.31 -10.08
CA ARG B 654 -45.38 52.51 -10.90
C ARG B 654 -44.10 53.26 -10.60
N LYS B 655 -43.78 54.20 -11.48
CA LYS B 655 -42.57 55.00 -11.32
C LYS B 655 -42.61 55.81 -10.03
N GLY B 656 -43.79 56.19 -9.56
CA GLY B 656 -43.89 56.86 -8.27
C GLY B 656 -43.42 55.97 -7.13
N HIS B 657 -43.87 54.72 -7.13
CA HIS B 657 -43.41 53.77 -6.12
C HIS B 657 -41.91 53.52 -6.24
N ILE B 658 -41.41 53.43 -7.47
CA ILE B 658 -39.97 53.24 -7.67
C ILE B 658 -39.20 54.42 -7.09
N ALA B 659 -39.65 55.64 -7.37
CA ALA B 659 -38.98 56.84 -6.87
C ALA B 659 -39.02 56.88 -5.35
N LYS B 660 -40.16 56.52 -4.75
CA LYS B 660 -40.24 56.46 -3.29
C LYS B 660 -39.25 55.45 -2.72
N LEU B 661 -39.14 54.29 -3.37
CA LEU B 661 -38.19 53.28 -2.90
C LEU B 661 -36.76 53.79 -2.99
N MET B 662 -36.39 54.44 -4.09
CA MET B 662 -35.04 54.98 -4.21
C MET B 662 -34.79 56.07 -3.19
N ALA B 663 -35.78 56.93 -2.93
CA ALA B 663 -35.63 57.96 -1.91
C ALA B 663 -35.42 57.36 -0.53
N THR B 664 -36.17 56.29 -0.21
CA THR B 664 -35.96 55.59 1.06
C THR B 664 -34.56 54.99 1.12
N GLU B 665 -34.09 54.41 0.02
CA GLU B 665 -32.78 53.79 0.01
C GLU B 665 -31.67 54.83 0.20
N TYR B 666 -31.84 56.01 -0.39
CA TYR B 666 -30.84 57.06 -0.24
C TYR B 666 -30.95 57.78 1.11
N GLN B 667 -32.15 57.84 1.69
CA GLN B 667 -32.35 58.63 2.90
C GLN B 667 -31.62 58.04 4.10
N ASP B 668 -31.65 56.71 4.25
CA ASP B 668 -31.10 56.10 5.46
C ASP B 668 -29.60 56.33 5.59
N ILE B 669 -28.90 56.53 4.48
CA ILE B 669 -27.49 56.88 4.55
C ILE B 669 -27.32 58.23 5.23
N GLU B 670 -28.16 59.20 4.89
CA GLU B 670 -28.11 60.52 5.47
C GLU B 670 -29.04 60.58 6.69
N GLY B 671 -29.31 61.79 7.17
CA GLY B 671 -30.18 62.00 8.31
C GLY B 671 -31.56 62.48 7.92
N GLY B 672 -32.12 61.88 6.87
CA GLY B 672 -33.41 62.33 6.37
C GLY B 672 -34.50 62.27 7.44
N PHE B 673 -35.40 63.23 7.38
CA PHE B 673 -36.46 63.41 8.39
C PHE B 673 -37.72 62.66 8.01
N GLU B 674 -37.60 61.38 7.71
CA GLU B 674 -38.73 60.52 7.32
C GLU B 674 -39.50 61.14 6.16
N ASP B 675 -38.81 61.25 5.02
CA ASP B 675 -39.40 61.90 3.85
C ASP B 675 -40.65 61.17 3.37
N VAL B 676 -40.60 59.84 3.32
CA VAL B 676 -41.74 59.05 2.87
C VAL B 676 -42.08 58.02 3.94
N GLU B 677 -41.67 58.28 5.18
CA GLU B 677 -41.94 57.39 6.31
C GLU B 677 -41.47 55.97 6.06
N GLU B 678 -40.27 55.84 5.47
CA GLU B 678 -39.61 54.55 5.24
C GLU B 678 -40.49 53.63 4.40
N TYR B 679 -40.70 54.04 3.15
CA TYR B 679 -41.45 53.23 2.20
C TYR B 679 -40.64 52.00 1.83
N THR B 680 -40.87 50.89 2.53
CA THR B 680 -40.06 49.69 2.42
C THR B 680 -40.85 48.57 1.74
N TRP B 681 -40.25 47.38 1.72
CA TRP B 681 -40.88 46.22 1.10
C TRP B 681 -42.19 45.86 1.78
N SER B 682 -42.29 46.10 3.09
CA SER B 682 -43.54 45.84 3.79
C SER B 682 -44.66 46.74 3.26
N SER B 683 -44.32 47.99 2.92
CA SER B 683 -45.30 48.88 2.31
C SER B 683 -45.76 48.34 0.96
N LEU B 684 -44.84 47.80 0.17
CA LEU B 684 -45.22 47.20 -1.11
C LEU B 684 -46.14 46.00 -0.89
N LEU B 685 -45.84 45.17 0.11
CA LEU B 685 -46.69 44.02 0.39
C LEU B 685 -48.09 44.44 0.83
N ASN B 686 -48.16 45.46 1.69
CA ASN B 686 -49.45 45.90 2.22
C ASN B 686 -50.27 46.68 1.21
N GLU B 687 -49.63 47.37 0.27
CA GLU B 687 -50.36 48.14 -0.73
C GLU B 687 -51.04 47.25 -1.75
N GLY B 688 -50.45 46.10 -2.06
CA GLY B 688 -50.99 45.19 -3.04
C GLY B 688 -50.24 45.13 -4.35
N LEU B 689 -48.98 45.56 -4.40
CA LEU B 689 -48.20 45.54 -5.62
C LEU B 689 -47.45 44.24 -5.82
N VAL B 690 -46.94 43.65 -4.74
CA VAL B 690 -46.19 42.40 -4.79
C VAL B 690 -46.81 41.42 -3.81
N GLU B 691 -47.02 40.19 -4.25
CA GLU B 691 -47.61 39.15 -3.42
C GLU B 691 -46.74 37.88 -3.49
N TYR B 692 -46.82 37.08 -2.44
CA TYR B 692 -46.05 35.85 -2.34
C TYR B 692 -46.80 34.70 -3.01
N ILE B 693 -46.08 33.93 -3.83
CA ILE B 693 -46.64 32.79 -4.54
C ILE B 693 -45.79 31.57 -4.25
N ASP B 694 -46.44 30.48 -3.82
CA ASP B 694 -45.75 29.23 -3.52
C ASP B 694 -45.82 28.30 -4.73
N ALA B 695 -45.24 27.11 -4.56
CA ALA B 695 -45.18 26.15 -5.66
C ALA B 695 -46.57 25.66 -6.06
N GLU B 696 -47.43 25.39 -5.07
CA GLU B 696 -48.76 24.87 -5.38
C GLU B 696 -49.61 25.89 -6.11
N GLU B 697 -49.56 27.15 -5.68
CA GLU B 697 -50.33 28.21 -6.33
C GLU B 697 -49.81 28.56 -7.72
N GLU B 698 -48.60 28.13 -8.06
CA GLU B 698 -48.03 28.44 -9.37
C GLU B 698 -48.71 27.70 -10.52
N GLU B 699 -49.57 26.72 -10.23
CA GLU B 699 -50.23 25.95 -11.26
C GLU B 699 -51.55 26.56 -11.71
N SER B 700 -51.94 27.70 -11.14
CA SER B 700 -53.20 28.35 -11.50
C SER B 700 -53.00 29.80 -11.92
N ILE B 701 -51.78 30.19 -12.25
CA ILE B 701 -51.47 31.57 -12.63
C ILE B 701 -50.63 31.57 -13.90
N LEU B 702 -50.65 32.71 -14.58
CA LEU B 702 -49.84 32.93 -15.77
C LEU B 702 -48.83 34.03 -15.46
N ILE B 703 -47.55 33.73 -15.68
CA ILE B 703 -46.46 34.62 -15.30
C ILE B 703 -45.73 35.07 -16.55
N ALA B 704 -45.50 36.39 -16.66
CA ALA B 704 -44.70 36.95 -17.74
C ALA B 704 -43.25 37.05 -17.30
N MET B 705 -42.34 36.72 -18.21
CA MET B 705 -40.92 36.70 -17.86
C MET B 705 -40.41 38.10 -17.52
N GLN B 706 -40.82 39.10 -18.29
CA GLN B 706 -40.39 40.47 -18.10
C GLN B 706 -41.57 41.39 -18.30
N PRO B 707 -41.53 42.60 -17.72
CA PRO B 707 -42.63 43.56 -17.95
C PRO B 707 -42.78 43.97 -19.41
N GLU B 708 -41.74 43.78 -20.23
CA GLU B 708 -41.86 44.07 -21.65
C GLU B 708 -42.90 43.20 -22.35
N ASP B 709 -43.20 42.03 -21.79
CA ASP B 709 -44.23 41.18 -22.37
C ASP B 709 -45.63 41.75 -22.20
N LEU B 710 -45.82 42.69 -21.28
CA LEU B 710 -47.13 43.29 -21.02
C LEU B 710 -47.38 44.48 -21.95
N GLU B 711 -47.23 44.26 -23.24
CA GLU B 711 -47.52 45.26 -24.26
C GLU B 711 -48.95 45.09 -24.75
N PRO B 712 -49.46 46.06 -25.52
CA PRO B 712 -50.78 45.88 -26.16
C PRO B 712 -50.88 44.60 -26.97
N ALA B 713 -52.11 44.23 -27.35
CA ALA B 713 -52.33 42.96 -28.03
C ALA B 713 -51.55 42.89 -29.35
N GLU B 714 -51.52 43.99 -30.10
CA GLU B 714 -50.74 44.00 -31.34
C GLU B 714 -49.25 43.88 -31.05
N ALA B 715 -48.74 44.70 -30.14
CA ALA B 715 -47.33 44.67 -29.74
C ALA B 715 -46.40 44.79 -30.94
N ASN B 716 -46.77 45.67 -31.88
CA ASN B 716 -45.98 45.94 -33.08
C ASN B 716 -45.73 44.66 -33.90
N GLU B 717 -46.76 43.82 -34.01
CA GLU B 717 -46.68 42.61 -34.80
C GLU B 717 -47.36 42.82 -36.15
N GLU B 718 -47.17 41.86 -37.05
CA GLU B 718 -47.69 41.89 -38.41
C GLU B 718 -47.16 43.07 -39.21
N ASN B 719 -46.07 43.68 -38.75
CA ASN B 719 -45.43 44.80 -39.43
C ASN B 719 -43.94 44.53 -39.54
N ASP B 720 -43.37 44.81 -40.70
CA ASP B 720 -41.94 44.58 -40.91
C ASP B 720 -41.11 45.55 -40.09
N LEU B 721 -40.17 45.02 -39.33
CA LEU B 721 -39.29 45.82 -38.48
C LEU B 721 -37.88 45.26 -38.56
N ASP B 722 -36.91 46.13 -38.25
CA ASP B 722 -35.50 45.78 -38.28
C ASP B 722 -34.99 45.62 -36.86
N VAL B 723 -34.33 44.49 -36.59
CA VAL B 723 -33.78 44.19 -35.28
C VAL B 723 -32.32 43.76 -35.46
N ASP B 724 -31.61 43.72 -34.34
CA ASP B 724 -30.20 43.33 -34.37
C ASP B 724 -30.07 41.84 -34.68
N PRO B 725 -29.38 41.46 -35.76
CA PRO B 725 -29.25 40.02 -36.04
C PRO B 725 -28.51 39.25 -34.96
N ALA B 726 -27.54 39.87 -34.30
CA ALA B 726 -26.76 39.19 -33.27
C ALA B 726 -27.47 39.13 -31.93
N LYS B 727 -28.55 39.90 -31.74
CA LYS B 727 -29.28 39.86 -30.49
C LYS B 727 -29.99 38.52 -30.32
N ARG B 728 -30.04 38.05 -29.07
CA ARG B 728 -30.71 36.79 -28.77
C ARG B 728 -32.19 36.88 -29.11
N ILE B 729 -32.70 35.86 -29.81
CA ILE B 729 -34.08 35.85 -30.25
C ILE B 729 -34.98 35.43 -29.09
N ARG B 730 -36.16 36.04 -29.01
CA ARG B 730 -37.14 35.74 -27.99
C ARG B 730 -38.52 35.66 -28.62
N VAL B 731 -39.29 34.65 -28.22
CA VAL B 731 -40.66 34.52 -28.73
C VAL B 731 -41.59 35.51 -28.04
N SER B 732 -41.74 35.38 -26.72
CA SER B 732 -42.49 36.31 -25.89
C SER B 732 -43.97 36.39 -26.28
N HIS B 733 -44.73 37.15 -25.50
CA HIS B 733 -46.16 37.42 -25.76
C HIS B 733 -46.89 36.08 -25.84
N HIS B 734 -47.63 35.81 -26.91
CA HIS B 734 -48.41 34.57 -27.08
C HIS B 734 -49.46 34.38 -25.99
N ALA B 735 -49.80 35.45 -25.27
CA ALA B 735 -50.81 35.39 -24.23
C ALA B 735 -51.32 36.79 -23.97
N THR B 736 -52.53 36.85 -23.38
CA THR B 736 -53.13 38.13 -23.05
C THR B 736 -53.83 38.14 -21.70
N THR B 737 -53.75 37.06 -20.93
CA THR B 737 -54.39 36.96 -19.62
C THR B 737 -53.35 36.79 -18.51
N PHE B 738 -52.27 37.55 -18.59
CA PHE B 738 -51.22 37.47 -17.58
C PHE B 738 -51.73 37.94 -16.24
N THR B 739 -51.41 37.18 -15.18
CA THR B 739 -51.81 37.51 -13.83
C THR B 739 -50.64 37.92 -12.94
N HIS B 740 -49.41 37.58 -13.32
CA HIS B 740 -48.24 37.93 -12.53
C HIS B 740 -47.07 38.16 -13.49
N CYS B 741 -46.05 38.85 -12.97
CA CYS B 741 -44.83 39.12 -13.73
C CYS B 741 -43.63 38.82 -12.87
N GLU B 742 -42.60 38.23 -13.48
CA GLU B 742 -41.37 37.95 -12.77
C GLU B 742 -40.64 39.24 -12.41
N ILE B 743 -40.12 39.32 -11.19
CA ILE B 743 -39.35 40.48 -10.78
C ILE B 743 -38.07 40.57 -11.60
N HIS B 744 -37.34 39.46 -11.68
CA HIS B 744 -36.16 39.37 -12.54
C HIS B 744 -35.80 37.90 -12.76
N PRO B 745 -35.63 37.47 -14.01
CA PRO B 745 -35.28 36.06 -14.25
C PRO B 745 -33.94 35.65 -13.68
N SER B 746 -33.04 36.59 -13.41
CA SER B 746 -31.71 36.25 -12.89
C SER B 746 -31.75 35.87 -11.42
N MET B 747 -32.88 36.04 -10.74
CA MET B 747 -32.98 35.70 -9.33
C MET B 747 -33.26 34.23 -9.08
N ILE B 748 -33.44 33.43 -10.14
CA ILE B 748 -33.67 32.00 -9.97
C ILE B 748 -32.42 31.24 -9.58
N LEU B 749 -31.25 31.88 -9.62
CA LEU B 749 -30.00 31.23 -9.27
C LEU B 749 -29.73 31.38 -7.77
N GLY B 750 -28.81 30.54 -7.28
CA GLY B 750 -28.43 30.54 -5.88
C GLY B 750 -27.33 31.56 -5.60
N VAL B 751 -26.81 31.48 -4.37
CA VAL B 751 -25.75 32.39 -3.96
C VAL B 751 -24.46 32.11 -4.75
N ALA B 752 -24.11 30.83 -4.88
CA ALA B 752 -22.88 30.49 -5.59
C ALA B 752 -23.01 30.76 -7.09
N ALA B 753 -24.18 30.49 -7.67
CA ALA B 753 -24.36 30.67 -9.10
C ALA B 753 -24.45 32.14 -9.50
N SER B 754 -24.74 33.03 -8.55
CA SER B 754 -24.81 34.46 -8.86
C SER B 754 -23.45 35.08 -9.09
N ILE B 755 -22.37 34.36 -8.79
CA ILE B 755 -21.02 34.91 -8.99
C ILE B 755 -20.57 34.70 -10.43
N ILE B 756 -21.00 33.62 -11.07
CA ILE B 756 -20.54 33.29 -12.42
C ILE B 756 -20.95 34.38 -13.39
N PRO B 757 -20.04 34.93 -14.19
CA PRO B 757 -20.43 35.92 -15.20
C PRO B 757 -20.90 35.25 -16.47
N PHE B 758 -21.98 35.78 -17.04
CA PHE B 758 -22.61 35.25 -18.24
C PHE B 758 -22.89 33.74 -18.12
N PRO B 759 -23.69 33.33 -17.13
CA PRO B 759 -23.97 31.89 -16.99
C PRO B 759 -24.82 31.33 -18.11
N ASP B 760 -25.51 32.17 -18.88
CA ASP B 760 -26.32 31.70 -19.99
C ASP B 760 -25.51 31.36 -21.23
N HIS B 761 -24.23 31.74 -21.27
CA HIS B 761 -23.35 31.42 -22.38
C HIS B 761 -22.47 30.21 -22.09
N ASN B 762 -22.73 29.50 -21.01
CA ASN B 762 -21.90 28.38 -20.59
C ASN B 762 -22.74 27.10 -20.49
N GLN B 763 -22.05 25.97 -20.63
CA GLN B 763 -22.71 24.68 -20.45
C GLN B 763 -23.10 24.48 -18.99
N SER B 764 -24.23 23.82 -18.79
CA SER B 764 -24.72 23.59 -17.42
C SER B 764 -23.75 22.81 -16.54
N PRO B 765 -23.09 21.74 -17.01
CA PRO B 765 -22.08 21.10 -16.15
C PRO B 765 -20.97 22.05 -15.73
N ARG B 766 -20.56 22.97 -16.61
CA ARG B 766 -19.55 23.95 -16.24
C ARG B 766 -20.02 24.84 -15.11
N ASN B 767 -21.28 25.30 -15.19
CA ASN B 767 -21.84 26.13 -14.12
C ASN B 767 -21.93 25.34 -12.82
N THR B 768 -22.33 24.07 -12.88
CA THR B 768 -22.39 23.26 -11.68
C THR B 768 -21.02 23.08 -11.06
N TYR B 769 -20.00 22.81 -11.88
CA TYR B 769 -18.64 22.66 -11.37
C TYR B 769 -18.14 23.95 -10.75
N GLN B 770 -18.41 25.09 -11.39
CA GLN B 770 -17.99 26.36 -10.82
C GLN B 770 -18.68 26.64 -9.50
N SER B 771 -19.98 26.35 -9.40
CA SER B 771 -20.69 26.55 -8.15
C SER B 771 -20.14 25.64 -7.05
N ALA B 772 -19.82 24.39 -7.39
CA ALA B 772 -19.28 23.47 -6.40
C ALA B 772 -17.89 23.91 -5.93
N MET B 773 -17.04 24.37 -6.85
CA MET B 773 -15.66 24.70 -6.52
C MET B 773 -15.48 26.13 -6.03
N GLY B 774 -16.50 26.97 -6.12
CA GLY B 774 -16.39 28.33 -5.63
C GLY B 774 -16.19 28.42 -4.14
N LYS B 775 -16.75 27.47 -3.38
CA LYS B 775 -16.61 27.47 -1.94
C LYS B 775 -15.17 27.21 -1.49
N GLN B 776 -14.33 26.67 -2.36
CA GLN B 776 -12.93 26.41 -2.04
C GLN B 776 -12.02 27.57 -2.40
N ALA B 777 -12.56 28.66 -2.94
CA ALA B 777 -11.75 29.81 -3.30
C ALA B 777 -11.17 30.48 -2.07
N MET B 778 -9.99 31.07 -2.24
CA MET B 778 -9.29 31.73 -1.15
C MET B 778 -9.60 33.22 -1.14
N GLY B 779 -9.84 33.75 0.05
CA GLY B 779 -10.14 35.16 0.19
C GLY B 779 -10.40 35.51 1.64
N VAL B 780 -10.73 36.78 1.86
CA VAL B 780 -11.02 37.28 3.21
C VAL B 780 -12.42 36.80 3.58
N PHE B 781 -12.49 35.75 4.39
CA PHE B 781 -13.80 35.22 4.79
C PHE B 781 -14.52 36.18 5.73
N LEU B 782 -13.80 36.87 6.60
CA LEU B 782 -14.39 37.80 7.54
C LEU B 782 -13.38 38.87 7.91
N THR B 783 -13.88 40.06 8.25
CA THR B 783 -13.02 41.11 8.76
C THR B 783 -12.72 40.94 10.24
N ASN B 784 -13.35 39.97 10.91
CA ASN B 784 -13.14 39.73 12.32
C ASN B 784 -11.89 38.92 12.61
N TYR B 785 -11.19 38.45 11.58
CA TYR B 785 -9.95 37.71 11.79
C TYR B 785 -8.91 38.59 12.48
N ASN B 786 -7.85 37.94 12.97
CA ASN B 786 -6.82 38.45 13.86
C ASN B 786 -7.40 38.54 15.28
N VAL B 787 -8.72 38.41 15.44
CA VAL B 787 -9.36 38.35 16.75
C VAL B 787 -9.98 36.98 17.02
N ARG B 788 -10.05 36.11 16.01
CA ARG B 788 -10.67 34.81 16.14
C ARG B 788 -9.60 33.71 16.10
N MET B 789 -9.82 32.65 16.87
CA MET B 789 -8.92 31.51 16.93
C MET B 789 -9.62 30.32 16.27
N ASP B 790 -9.43 30.18 14.96
CA ASP B 790 -10.00 29.08 14.19
C ASP B 790 -8.93 28.06 13.85
N THR B 791 -9.38 26.82 13.62
CA THR B 791 -8.46 25.75 13.29
C THR B 791 -7.72 26.03 11.98
N MET B 792 -8.43 26.52 10.98
CA MET B 792 -7.83 26.88 9.70
C MET B 792 -8.34 28.25 9.27
N ALA B 793 -7.46 29.00 8.60
CA ALA B 793 -7.81 30.33 8.12
C ALA B 793 -6.84 30.73 7.02
N ASN B 794 -7.36 31.04 5.84
CA ASN B 794 -6.56 31.49 4.72
C ASN B 794 -7.02 32.87 4.28
N ILE B 795 -6.09 33.82 4.23
CA ILE B 795 -6.40 35.20 3.86
C ILE B 795 -5.51 35.60 2.69
N LEU B 796 -6.11 36.09 1.62
CA LEU B 796 -5.36 36.54 0.46
C LEU B 796 -4.61 37.83 0.79
N TYR B 797 -3.39 37.94 0.25
CA TYR B 797 -2.58 39.14 0.50
C TYR B 797 -3.23 40.38 -0.09
N TYR B 798 -3.59 40.34 -1.37
CA TYR B 798 -4.16 41.48 -2.08
C TYR B 798 -5.41 41.04 -2.82
N PRO B 799 -6.53 40.88 -2.12
CA PRO B 799 -7.78 40.56 -2.80
C PRO B 799 -8.20 41.68 -3.75
N GLN B 800 -8.79 41.30 -4.87
CA GLN B 800 -9.20 42.26 -5.90
C GLN B 800 -10.62 41.94 -6.35
N LYS B 801 -11.43 42.99 -6.50
CA LYS B 801 -12.77 42.81 -6.98
C LYS B 801 -12.76 42.45 -8.47
N PRO B 802 -13.72 41.63 -8.92
CA PRO B 802 -13.74 41.25 -10.33
C PRO B 802 -14.07 42.42 -11.25
N LEU B 803 -13.52 42.38 -12.45
CA LEU B 803 -13.83 43.39 -13.45
C LEU B 803 -15.22 43.18 -14.03
N GLY B 804 -15.59 41.93 -14.30
CA GLY B 804 -16.89 41.62 -14.83
C GLY B 804 -17.93 41.41 -13.75
N THR B 805 -18.35 42.50 -13.11
CA THR B 805 -19.29 42.41 -12.01
C THR B 805 -20.70 42.08 -12.51
N THR B 806 -21.49 41.48 -11.63
CA THR B 806 -22.88 41.17 -11.89
C THR B 806 -23.76 41.87 -10.87
N ARG B 807 -24.97 42.24 -11.29
CA ARG B 807 -25.88 42.94 -10.39
C ARG B 807 -26.34 42.04 -9.24
N ALA B 808 -26.38 40.73 -9.46
CA ALA B 808 -26.92 39.81 -8.45
C ALA B 808 -26.06 39.80 -7.19
N MET B 809 -24.74 39.82 -7.34
CA MET B 809 -23.84 39.68 -6.20
C MET B 809 -23.54 41.01 -5.53
N GLU B 810 -24.17 42.10 -5.95
CA GLU B 810 -24.01 43.37 -5.25
C GLU B 810 -24.55 43.27 -3.84
N TYR B 811 -25.62 42.50 -3.64
CA TYR B 811 -26.20 42.29 -2.32
C TYR B 811 -25.53 41.15 -1.55
N LEU B 812 -24.63 40.41 -2.19
CA LEU B 812 -23.90 39.33 -1.54
C LEU B 812 -22.58 39.80 -0.95
N LYS B 813 -22.28 41.10 -1.03
CA LYS B 813 -21.06 41.68 -0.47
C LYS B 813 -19.81 41.06 -1.07
N PHE B 814 -19.91 40.59 -2.32
CA PHE B 814 -18.74 40.01 -2.98
C PHE B 814 -17.71 41.10 -3.32
N ARG B 815 -18.17 42.28 -3.71
CA ARG B 815 -17.26 43.37 -4.01
C ARG B 815 -16.55 43.90 -2.78
N GLU B 816 -17.11 43.67 -1.58
CA GLU B 816 -16.47 44.09 -0.35
C GLU B 816 -15.52 43.04 0.20
N LEU B 817 -15.78 41.75 -0.06
CA LEU B 817 -14.93 40.66 0.38
C LEU B 817 -14.65 39.74 -0.80
N PRO B 818 -13.80 40.19 -1.74
CA PRO B 818 -13.51 39.36 -2.92
C PRO B 818 -12.66 38.14 -2.56
N ALA B 819 -12.75 37.13 -3.40
CA ALA B 819 -12.05 35.86 -3.21
C ALA B 819 -11.28 35.48 -4.47
N GLY B 820 -10.53 36.44 -5.01
CA GLY B 820 -9.75 36.18 -6.21
C GLY B 820 -8.97 37.41 -6.60
N GLN B 821 -8.29 37.29 -7.75
CA GLN B 821 -7.47 38.38 -8.28
C GLN B 821 -7.64 38.45 -9.78
N ASN B 822 -7.47 39.65 -10.32
CA ASN B 822 -7.53 39.87 -11.76
C ASN B 822 -6.14 39.75 -12.35
N ALA B 823 -5.93 38.74 -13.20
CA ALA B 823 -4.63 38.47 -13.79
C ALA B 823 -4.77 38.44 -15.31
N ILE B 824 -3.76 38.95 -16.00
CA ILE B 824 -3.76 38.92 -17.45
C ILE B 824 -3.51 37.50 -17.94
N VAL B 825 -4.41 37.00 -18.78
CA VAL B 825 -4.39 35.62 -19.24
C VAL B 825 -4.26 35.62 -20.77
N ALA B 826 -3.27 34.90 -21.27
CA ALA B 826 -3.06 34.73 -22.70
C ALA B 826 -3.32 33.28 -23.08
N ILE B 827 -4.21 33.08 -24.05
CA ILE B 827 -4.54 31.73 -24.53
C ILE B 827 -3.59 31.44 -25.69
N ALA B 828 -2.59 30.60 -25.43
CA ALA B 828 -1.59 30.30 -26.44
C ALA B 828 -0.92 28.97 -26.12
N CYS B 829 -0.25 28.42 -27.12
CA CYS B 829 0.54 27.19 -26.97
C CYS B 829 2.01 27.59 -26.90
N TYR B 830 2.48 27.92 -25.70
CA TYR B 830 3.84 28.38 -25.48
C TYR B 830 4.63 27.30 -24.77
N SER B 831 5.68 26.81 -25.41
CA SER B 831 6.66 25.86 -24.87
C SER B 831 6.08 24.47 -24.64
N GLY B 832 4.78 24.27 -24.84
CA GLY B 832 4.19 22.96 -24.63
C GLY B 832 4.20 22.50 -23.19
N TYR B 833 4.28 23.42 -22.22
CA TYR B 833 4.30 23.06 -20.81
C TYR B 833 2.96 23.29 -20.13
N ASN B 834 1.93 23.69 -20.88
CA ASN B 834 0.60 23.94 -20.33
C ASN B 834 -0.44 23.04 -20.97
N GLN B 835 -0.03 21.85 -21.40
CA GLN B 835 -0.95 20.93 -22.05
C GLN B 835 -1.93 20.35 -21.05
N GLU B 836 -2.97 19.70 -21.58
CA GLU B 836 -4.05 19.13 -20.78
C GLU B 836 -4.72 20.20 -19.94
N ASP B 837 -4.34 20.30 -18.66
CA ASP B 837 -4.92 21.30 -17.76
C ASP B 837 -3.86 22.14 -17.07
N SER B 838 -2.59 21.97 -17.42
CA SER B 838 -1.53 22.76 -16.80
C SER B 838 -1.57 24.19 -17.30
N MET B 839 -0.96 25.09 -16.51
CA MET B 839 -0.87 26.50 -16.86
C MET B 839 0.53 27.01 -16.54
N ILE B 840 0.89 28.11 -17.18
CA ILE B 840 2.18 28.76 -17.01
C ILE B 840 1.97 30.08 -16.29
N MET B 841 2.67 30.27 -15.17
CA MET B 841 2.55 31.49 -14.37
C MET B 841 3.85 32.27 -14.42
N ASN B 842 3.73 33.59 -14.42
CA ASN B 842 4.89 34.46 -14.45
C ASN B 842 5.61 34.44 -13.11
N GLN B 843 6.93 34.31 -13.14
CA GLN B 843 7.71 34.31 -11.91
C GLN B 843 7.79 35.72 -11.32
N SER B 844 7.91 36.74 -12.18
CA SER B 844 8.01 38.10 -11.67
C SER B 844 6.73 38.53 -10.97
N SER B 845 5.57 38.15 -11.51
CA SER B 845 4.31 38.48 -10.86
C SER B 845 4.20 37.80 -9.50
N ILE B 846 4.62 36.54 -9.41
CA ILE B 846 4.60 35.83 -8.13
C ILE B 846 5.53 36.50 -7.14
N ASP B 847 6.72 36.90 -7.58
CA ASP B 847 7.66 37.58 -6.71
C ASP B 847 7.12 38.94 -6.26
N ARG B 848 6.28 39.57 -7.07
CA ARG B 848 5.71 40.86 -6.73
C ARG B 848 4.47 40.75 -5.87
N GLY B 849 4.03 39.55 -5.53
CA GLY B 849 2.92 39.36 -4.61
C GLY B 849 1.60 39.01 -5.27
N LEU B 850 1.64 38.10 -6.24
CA LEU B 850 0.44 37.64 -6.93
C LEU B 850 0.01 36.30 -6.35
N PHE B 851 -1.25 36.23 -5.91
CA PHE B 851 -1.90 35.02 -5.43
C PHE B 851 -1.29 34.44 -4.15
N ARG B 852 -0.34 35.13 -3.54
CA ARG B 852 0.19 34.67 -2.25
C ARG B 852 -0.80 34.99 -1.14
N SER B 853 -0.76 34.19 -0.08
CA SER B 853 -1.74 34.30 0.99
C SER B 853 -1.10 33.92 2.31
N LEU B 854 -1.90 34.00 3.37
CA LEU B 854 -1.48 33.66 4.73
C LEU B 854 -2.24 32.43 5.21
N PHE B 855 -1.60 31.66 6.08
CA PHE B 855 -2.20 30.46 6.67
C PHE B 855 -2.15 30.58 8.18
N PHE B 856 -3.28 30.31 8.83
CA PHE B 856 -3.39 30.37 10.28
C PHE B 856 -3.88 29.03 10.80
N ARG B 857 -3.19 28.50 11.81
CA ARG B 857 -3.58 27.26 12.46
C ARG B 857 -3.53 27.45 13.97
N SER B 858 -4.56 26.99 14.66
CA SER B 858 -4.68 27.15 16.10
C SER B 858 -4.65 25.79 16.78
N TYR B 859 -3.90 25.71 17.88
CA TYR B 859 -3.81 24.51 18.70
C TYR B 859 -4.46 24.78 20.06
N MET B 860 -5.17 23.79 20.57
CA MET B 860 -5.91 23.91 21.83
C MET B 860 -5.40 22.88 22.83
N ASP B 861 -5.18 23.32 24.06
CA ASP B 861 -4.77 22.43 25.14
C ASP B 861 -5.57 22.78 26.39
N GLN B 862 -5.76 21.78 27.26
CA GLN B 862 -6.56 21.95 28.46
C GLN B 862 -5.95 21.12 29.59
N GLU B 863 -6.28 21.51 30.81
CA GLU B 863 -5.88 20.80 32.01
C GLU B 863 -7.07 20.00 32.52
N LYS B 864 -6.86 18.71 32.78
CA LYS B 864 -7.91 17.82 33.26
C LYS B 864 -7.64 17.48 34.72
N LYS B 865 -8.69 17.54 35.55
CA LYS B 865 -8.58 17.25 36.97
C LYS B 865 -8.98 15.80 37.20
N TYR B 866 -7.99 14.91 37.24
CA TYR B 866 -8.25 13.51 37.54
C TYR B 866 -8.34 13.32 39.05
N GLY B 867 -9.44 12.74 39.51
CA GLY B 867 -9.64 12.63 40.94
C GLY B 867 -9.76 14.02 41.56
N MET B 868 -8.95 14.27 42.59
CA MET B 868 -8.93 15.58 43.25
C MET B 868 -7.58 16.25 43.07
N SER B 869 -6.49 15.61 43.50
CA SER B 869 -5.17 16.23 43.46
C SER B 869 -4.35 15.86 42.23
N ILE B 870 -4.82 14.93 41.41
CA ILE B 870 -4.09 14.53 40.19
C ILE B 870 -4.58 15.44 39.08
N THR B 871 -4.00 16.63 39.01
CA THR B 871 -4.35 17.63 38.00
C THR B 871 -3.12 17.97 37.17
N GLU B 872 -3.29 18.02 35.86
CA GLU B 872 -2.19 18.40 34.98
C GLU B 872 -1.83 19.86 35.16
N THR B 873 -0.57 20.19 34.91
CA THR B 873 -0.06 21.54 35.07
C THR B 873 0.72 21.94 33.82
N PHE B 874 0.66 23.22 33.50
CA PHE B 874 1.39 23.78 32.37
C PHE B 874 2.75 24.26 32.86
N GLU B 875 3.79 23.53 32.51
CA GLU B 875 5.15 23.89 32.92
C GLU B 875 6.14 23.25 31.95
N LYS B 876 7.36 23.73 31.99
CA LYS B 876 8.41 23.20 31.13
C LYS B 876 8.92 21.88 31.72
N PRO B 877 8.79 20.76 31.01
CA PRO B 877 9.26 19.49 31.56
C PRO B 877 10.77 19.32 31.42
N GLN B 878 11.29 18.38 32.20
CA GLN B 878 12.71 18.07 32.22
C GLN B 878 12.92 16.59 32.00
N ARG B 879 14.12 16.24 31.52
CA ARG B 879 14.44 14.84 31.23
C ARG B 879 14.57 14.00 32.49
N THR B 880 14.73 14.63 33.66
CA THR B 880 14.98 13.89 34.89
C THR B 880 13.68 13.59 35.64
N ASN B 881 12.94 14.65 36.01
CA ASN B 881 11.72 14.45 36.80
C ASN B 881 10.64 13.78 35.96
N THR B 882 10.41 14.28 34.75
CA THR B 882 9.35 13.75 33.90
C THR B 882 9.82 12.51 33.16
N LEU B 883 8.85 11.77 32.61
CA LEU B 883 9.11 10.51 31.94
C LEU B 883 8.38 10.48 30.60
N ARG B 884 8.99 9.81 29.63
CA ARG B 884 8.40 9.61 28.30
C ARG B 884 8.22 10.94 27.57
N MET B 885 9.29 11.71 27.48
CA MET B 885 9.25 12.98 26.79
C MET B 885 9.24 12.78 25.29
N LYS B 886 8.74 13.78 24.58
CA LYS B 886 8.70 13.73 23.13
C LYS B 886 10.09 13.94 22.54
N HIS B 887 10.25 13.55 21.27
CA HIS B 887 11.53 13.69 20.59
C HIS B 887 11.83 15.13 20.20
N GLY B 888 10.82 16.00 20.18
CA GLY B 888 11.05 17.38 19.82
C GLY B 888 11.78 18.15 20.90
N THR B 889 12.29 19.32 20.50
CA THR B 889 13.03 20.16 21.42
C THR B 889 12.08 20.90 22.36
N TYR B 890 12.62 21.31 23.51
CA TYR B 890 11.84 22.00 24.53
C TYR B 890 12.42 23.36 24.91
N ASP B 891 13.51 23.80 24.28
CA ASP B 891 14.15 25.04 24.68
C ASP B 891 13.28 26.26 24.36
N LYS B 892 12.45 26.16 23.32
CA LYS B 892 11.60 27.29 22.93
C LYS B 892 10.51 27.58 23.95
N LEU B 893 10.23 26.65 24.86
CA LEU B 893 9.21 26.87 25.87
C LEU B 893 9.70 27.85 26.93
N ASP B 894 8.76 28.29 27.76
CA ASP B 894 9.04 29.23 28.84
C ASP B 894 8.73 28.57 30.18
N ASP B 895 8.79 29.37 31.25
CA ASP B 895 8.51 28.85 32.58
C ASP B 895 7.07 28.37 32.70
N ASP B 896 6.13 29.12 32.13
CA ASP B 896 4.73 28.72 32.16
C ASP B 896 4.41 27.58 31.21
N GLY B 897 5.36 27.18 30.36
CA GLY B 897 5.13 26.11 29.41
C GLY B 897 4.54 26.54 28.10
N LEU B 898 4.39 27.84 27.85
CA LEU B 898 3.84 28.36 26.61
C LEU B 898 4.88 29.21 25.91
N ILE B 899 4.99 29.05 24.60
CA ILE B 899 5.97 29.78 23.81
C ILE B 899 5.46 31.18 23.51
N ALA B 900 6.33 32.17 23.67
CA ALA B 900 5.94 33.55 23.43
C ALA B 900 5.72 33.78 21.94
N PRO B 901 4.78 34.66 21.59
CA PRO B 901 4.55 34.96 20.17
C PRO B 901 5.77 35.63 19.54
N GLY B 902 5.94 35.38 18.24
CA GLY B 902 7.06 35.93 17.51
C GLY B 902 8.27 35.04 17.40
N VAL B 903 8.18 33.79 17.85
CA VAL B 903 9.29 32.85 17.80
C VAL B 903 9.05 31.87 16.65
N ARG B 904 10.02 31.74 15.77
CA ARG B 904 9.90 30.84 14.63
C ARG B 904 9.97 29.40 15.10
N VAL B 905 9.05 28.57 14.61
CA VAL B 905 9.00 27.16 14.94
C VAL B 905 8.93 26.35 13.65
N SER B 906 9.38 25.10 13.73
CA SER B 906 9.38 24.21 12.59
C SER B 906 9.41 22.77 13.08
N GLY B 907 9.01 21.86 12.21
CA GLY B 907 9.05 20.45 12.54
C GLY B 907 8.09 20.11 13.66
N GLU B 908 8.52 19.16 14.51
CA GLU B 908 7.72 18.69 15.64
C GLU B 908 8.13 19.38 16.94
N ASP B 909 8.47 20.66 16.88
CA ASP B 909 8.83 21.39 18.09
C ASP B 909 7.64 21.50 19.03
N VAL B 910 7.92 21.41 20.33
CA VAL B 910 6.88 21.50 21.34
C VAL B 910 6.48 22.95 21.55
N ILE B 911 5.18 23.22 21.46
CA ILE B 911 4.66 24.58 21.65
C ILE B 911 3.96 24.73 22.99
N ILE B 912 3.30 23.68 23.48
CA ILE B 912 2.63 23.70 24.76
C ILE B 912 3.22 22.59 25.63
N GLY B 913 3.66 22.95 26.83
CA GLY B 913 4.26 21.99 27.74
C GLY B 913 3.33 21.60 28.88
N LYS B 914 2.84 20.36 28.86
CA LYS B 914 1.92 19.87 29.88
C LYS B 914 2.41 18.53 30.40
N THR B 915 2.26 18.32 31.70
CA THR B 915 2.62 17.07 32.35
C THR B 915 1.52 16.64 33.29
N THR B 916 1.39 15.33 33.47
CA THR B 916 0.36 14.77 34.34
C THR B 916 0.97 13.72 35.26
N PRO B 917 0.61 13.72 36.54
CA PRO B 917 1.14 12.71 37.45
C PRO B 917 0.63 11.31 37.10
N ILE B 918 1.49 10.33 37.35
CA ILE B 918 1.10 8.93 37.10
C ILE B 918 0.06 8.49 38.12
N SER B 919 0.26 8.81 39.38
CA SER B 919 -0.68 8.42 40.44
C SER B 919 -0.81 9.52 41.48
N ALA B 930 12.86 6.14 44.08
CA ALA B 930 11.67 6.06 43.25
C ALA B 930 11.57 7.26 42.30
N TYR B 931 11.04 8.36 42.82
CA TYR B 931 10.89 9.60 42.06
C TYR B 931 10.08 9.39 40.79
N HIS B 932 10.23 10.29 39.82
CA HIS B 932 9.49 10.25 38.56
C HIS B 932 7.98 10.21 38.81
N SER B 933 7.48 11.27 39.43
CA SER B 933 6.08 11.36 39.82
C SER B 933 5.19 11.93 38.73
N LYS B 934 5.73 12.30 37.57
CA LYS B 934 4.95 12.86 36.49
C LYS B 934 5.52 12.40 35.15
N ARG B 935 4.66 12.42 34.13
CA ARG B 935 5.02 12.02 32.78
C ARG B 935 4.64 13.12 31.80
N ASP B 936 5.39 13.21 30.71
CA ASP B 936 5.16 14.25 29.72
C ASP B 936 3.87 14.00 28.95
N ALA B 937 3.14 15.08 28.69
CA ALA B 937 1.92 15.02 27.89
C ALA B 937 1.82 16.20 26.94
N SER B 938 2.96 16.71 26.47
CA SER B 938 2.99 17.88 25.62
C SER B 938 2.47 17.55 24.22
N THR B 939 1.98 18.59 23.54
CA THR B 939 1.47 18.45 22.19
C THR B 939 2.45 19.10 21.21
N PRO B 940 3.18 18.33 20.41
CA PRO B 940 4.13 18.93 19.47
C PRO B 940 3.45 19.50 18.25
N LEU B 941 4.19 20.35 17.54
CA LEU B 941 3.71 20.90 16.29
C LEU B 941 3.69 19.83 15.20
N ARG B 942 2.86 20.06 14.19
CA ARG B 942 2.77 19.13 13.08
C ARG B 942 4.09 19.05 12.33
N SER B 943 4.48 17.82 11.96
CA SER B 943 5.78 17.61 11.34
C SER B 943 5.88 18.29 9.98
N THR B 944 4.81 18.27 9.21
CA THR B 944 4.82 18.78 7.83
C THR B 944 4.53 20.28 7.75
N GLU B 945 4.33 20.95 8.89
CA GLU B 945 3.99 22.37 8.89
C GLU B 945 4.99 23.14 9.74
N ASN B 946 5.15 24.42 9.40
CA ASN B 946 6.05 25.31 10.12
C ASN B 946 5.57 26.75 9.95
N GLY B 947 6.05 27.62 10.83
CA GLY B 947 5.65 29.01 10.77
C GLY B 947 6.14 29.77 12.00
N ILE B 948 5.49 30.90 12.26
CA ILE B 948 5.82 31.77 13.37
C ILE B 948 4.56 31.99 14.20
N VAL B 949 4.67 31.80 15.51
CA VAL B 949 3.55 32.03 16.41
C VAL B 949 3.28 33.53 16.49
N ASP B 950 2.01 33.91 16.33
CA ASP B 950 1.61 35.31 16.33
C ASP B 950 0.80 35.72 17.54
N GLN B 951 -0.09 34.85 18.03
CA GLN B 951 -0.91 35.16 19.18
C GLN B 951 -1.05 33.94 20.06
N VAL B 952 -0.89 34.14 21.37
CA VAL B 952 -1.07 33.09 22.36
C VAL B 952 -2.13 33.55 23.36
N LEU B 953 -3.16 32.73 23.54
CA LEU B 953 -4.30 33.05 24.39
C LEU B 953 -4.34 32.11 25.58
N VAL B 954 -4.45 32.67 26.77
CA VAL B 954 -4.55 31.89 28.00
C VAL B 954 -5.76 32.39 28.78
N THR B 955 -6.58 31.46 29.26
CA THR B 955 -7.79 31.78 30.00
C THR B 955 -8.16 30.58 30.86
N THR B 956 -9.37 30.62 31.41
CA THR B 956 -9.89 29.55 32.26
C THR B 956 -11.17 28.98 31.65
N ASN B 957 -11.36 27.67 31.80
CA ASN B 957 -12.55 27.01 31.30
C ASN B 957 -13.68 27.16 32.31
N GLN B 958 -14.77 26.41 32.11
CA GLN B 958 -15.95 26.57 32.95
C GLN B 958 -15.69 26.18 34.40
N ASP B 959 -15.02 25.04 34.61
CA ASP B 959 -14.80 24.58 35.99
C ASP B 959 -13.80 25.46 36.71
N GLY B 960 -12.76 25.94 36.03
CA GLY B 960 -11.82 26.83 36.65
C GLY B 960 -10.36 26.45 36.45
N LEU B 961 -10.10 25.49 35.57
CA LEU B 961 -8.75 25.06 35.28
C LEU B 961 -8.15 25.97 34.21
N LYS B 962 -6.98 25.61 33.68
CA LYS B 962 -6.28 26.44 32.72
C LYS B 962 -6.71 26.10 31.30
N PHE B 963 -6.78 27.12 30.45
CA PHE B 963 -7.15 26.98 29.05
C PHE B 963 -6.16 27.78 28.21
N VAL B 964 -5.48 27.11 27.28
CA VAL B 964 -4.42 27.73 26.50
C VAL B 964 -4.69 27.47 25.02
N LYS B 965 -4.63 28.53 24.22
CA LYS B 965 -4.74 28.45 22.77
C LYS B 965 -3.56 29.18 22.13
N VAL B 966 -2.99 28.56 21.11
CA VAL B 966 -1.83 29.12 20.40
C VAL B 966 -2.10 29.09 18.91
N ARG B 967 -1.69 30.15 18.22
CA ARG B 967 -1.90 30.29 16.78
C ARG B 967 -0.56 30.43 16.08
N VAL B 968 -0.43 29.76 14.94
CA VAL B 968 0.80 29.78 14.14
C VAL B 968 0.45 30.36 12.77
N ARG B 969 1.23 31.36 12.34
CA ARG B 969 1.01 32.05 11.07
C ARG B 969 2.14 31.72 10.11
N THR B 970 1.77 31.41 8.86
CA THR B 970 2.73 31.12 7.82
C THR B 970 2.22 31.66 6.49
N THR B 971 3.15 31.97 5.59
CA THR B 971 2.84 32.49 4.27
C THR B 971 3.10 31.42 3.22
N LYS B 972 2.17 31.28 2.27
CA LYS B 972 2.24 30.24 1.25
C LYS B 972 2.37 30.92 -0.13
N ILE B 973 3.59 30.99 -0.63
CA ILE B 973 3.83 31.54 -1.96
C ILE B 973 3.44 30.49 -3.00
N PRO B 974 2.71 30.87 -4.06
CA PRO B 974 2.35 29.89 -5.09
C PRO B 974 3.58 29.29 -5.75
N GLN B 975 3.49 28.01 -6.08
CA GLN B 975 4.60 27.29 -6.70
C GLN B 975 4.03 26.28 -7.68
N ILE B 976 4.89 25.43 -8.23
CA ILE B 976 4.47 24.42 -9.18
C ILE B 976 3.63 23.36 -8.46
N GLY B 977 2.48 23.04 -9.02
CA GLY B 977 1.57 22.08 -8.45
C GLY B 977 0.38 22.66 -7.72
N ASP B 978 0.40 23.95 -7.43
CA ASP B 978 -0.75 24.58 -6.78
C ASP B 978 -1.95 24.63 -7.71
N LYS B 979 -3.13 24.39 -7.16
CA LYS B 979 -4.35 24.33 -7.95
C LYS B 979 -4.94 25.72 -8.11
N PHE B 980 -5.20 26.11 -9.35
CA PHE B 980 -5.82 27.38 -9.68
C PHE B 980 -6.99 27.14 -10.61
N ALA B 981 -8.11 27.82 -10.35
CA ALA B 981 -9.32 27.65 -11.13
C ALA B 981 -9.89 29.01 -11.50
N SER B 982 -10.54 29.06 -12.66
CA SER B 982 -11.19 30.27 -13.13
C SER B 982 -12.61 30.34 -12.55
N ARG B 983 -13.42 31.27 -13.05
CA ARG B 983 -14.79 31.44 -12.60
C ARG B 983 -15.79 30.70 -13.48
N HIS B 984 -15.31 29.83 -14.37
CA HIS B 984 -16.19 29.08 -15.27
C HIS B 984 -15.90 27.60 -15.22
N GLY B 985 -15.40 27.10 -14.08
CA GLY B 985 -15.12 25.69 -13.95
C GLY B 985 -13.88 25.21 -14.68
N GLN B 986 -12.95 26.12 -14.99
CA GLN B 986 -11.71 25.76 -15.69
C GLN B 986 -10.60 25.65 -14.66
N LYS B 987 -10.53 24.50 -14.00
CA LYS B 987 -9.50 24.25 -13.00
C LYS B 987 -8.20 23.84 -13.68
N GLY B 988 -7.11 23.92 -12.91
CA GLY B 988 -5.81 23.54 -13.42
C GLY B 988 -4.75 23.70 -12.35
N THR B 989 -3.54 23.31 -12.71
CA THR B 989 -2.39 23.40 -11.81
C THR B 989 -1.21 23.99 -12.56
N ILE B 990 -0.30 24.62 -11.82
CA ILE B 990 0.89 25.19 -12.43
C ILE B 990 1.85 24.08 -12.82
N GLY B 991 2.27 24.07 -14.08
CA GLY B 991 3.20 23.07 -14.55
C GLY B 991 4.62 23.60 -14.64
N ILE B 992 4.77 24.81 -15.17
CA ILE B 992 6.06 25.48 -15.27
C ILE B 992 5.88 26.94 -14.87
N THR B 993 6.99 27.57 -14.51
CA THR B 993 7.01 28.98 -14.13
C THR B 993 8.12 29.68 -14.89
N TYR B 994 7.78 30.77 -15.58
CA TYR B 994 8.71 31.51 -16.41
C TYR B 994 8.89 32.92 -15.87
N ARG B 995 10.07 33.48 -16.11
CA ARG B 995 10.36 34.85 -15.72
C ARG B 995 9.77 35.82 -16.75
N ARG B 996 9.92 37.12 -16.48
CA ARG B 996 9.35 38.13 -17.36
C ARG B 996 10.00 38.10 -18.74
N GLU B 997 11.32 37.93 -18.79
CA GLU B 997 12.01 37.96 -20.07
C GLU B 997 11.60 36.81 -20.97
N ASP B 998 11.40 35.62 -20.40
CA ASP B 998 11.06 34.46 -21.21
C ASP B 998 9.62 34.49 -21.69
N MET B 999 8.75 35.18 -20.96
CA MET B 999 7.34 35.23 -21.33
C MET B 999 7.16 36.04 -22.61
N PRO B 1000 6.20 35.65 -23.46
CA PRO B 1000 5.91 36.44 -24.65
C PRO B 1000 5.36 37.82 -24.28
N PHE B 1001 5.61 38.79 -25.15
CA PHE B 1001 5.23 40.17 -24.90
C PHE B 1001 4.59 40.76 -26.14
N THR B 1002 3.72 41.75 -25.91
CA THR B 1002 3.06 42.47 -26.99
C THR B 1002 3.90 43.66 -27.41
N ALA B 1003 3.37 44.45 -28.36
CA ALA B 1003 4.08 45.63 -28.83
C ALA B 1003 4.20 46.71 -27.77
N GLU B 1004 3.35 46.68 -26.74
CA GLU B 1004 3.39 47.65 -25.66
C GLU B 1004 4.19 47.17 -24.46
N GLY B 1005 4.81 45.99 -24.55
CA GLY B 1005 5.60 45.49 -23.44
C GLY B 1005 4.81 44.87 -22.31
N ILE B 1006 3.60 44.39 -22.58
CA ILE B 1006 2.75 43.78 -21.58
C ILE B 1006 2.91 42.28 -21.66
N VAL B 1007 3.26 41.66 -20.53
CA VAL B 1007 3.45 40.20 -20.47
C VAL B 1007 2.30 39.58 -19.70
N PRO B 1008 1.82 38.41 -20.10
CA PRO B 1008 0.69 37.80 -19.39
C PRO B 1008 1.11 37.20 -18.06
N ASP B 1009 0.19 37.26 -17.10
CA ASP B 1009 0.41 36.59 -15.82
C ASP B 1009 0.19 35.08 -15.92
N LEU B 1010 -0.72 34.64 -16.77
CA LEU B 1010 -1.03 33.24 -16.93
C LEU B 1010 -1.14 32.90 -18.41
N ILE B 1011 -0.86 31.64 -18.74
CA ILE B 1011 -1.01 31.11 -20.08
C ILE B 1011 -1.87 29.86 -20.01
N ILE B 1012 -2.93 29.82 -20.82
CA ILE B 1012 -3.89 28.71 -20.82
C ILE B 1012 -3.89 28.08 -22.21
N ASN B 1013 -3.83 26.76 -22.24
CA ASN B 1013 -3.84 26.05 -23.51
C ASN B 1013 -5.19 26.22 -24.21
N PRO B 1014 -5.20 26.51 -25.52
CA PRO B 1014 -6.48 26.67 -26.22
C PRO B 1014 -7.23 25.36 -26.43
N HIS B 1015 -6.64 24.22 -26.12
CA HIS B 1015 -7.28 22.92 -26.34
C HIS B 1015 -8.31 22.59 -25.27
N ALA B 1016 -8.68 23.54 -24.41
CA ALA B 1016 -9.69 23.31 -23.39
C ALA B 1016 -11.01 24.02 -23.67
N ILE B 1017 -11.02 24.98 -24.58
CA ILE B 1017 -12.23 25.74 -24.90
C ILE B 1017 -13.19 24.94 -25.78
N PRO B 1018 -12.76 24.41 -26.95
CA PRO B 1018 -13.75 23.76 -27.83
C PRO B 1018 -14.45 22.56 -27.22
N SER B 1019 -13.76 21.79 -26.37
CA SER B 1019 -14.37 20.61 -25.79
C SER B 1019 -15.42 20.97 -24.76
N ARG B 1020 -15.11 21.92 -23.88
CA ARG B 1020 -16.02 22.32 -22.82
C ARG B 1020 -17.02 23.38 -23.26
N MET B 1021 -16.80 24.01 -24.42
CA MET B 1021 -17.68 25.05 -24.95
C MET B 1021 -17.89 26.16 -23.92
N THR B 1022 -16.79 26.70 -23.42
CA THR B 1022 -16.81 27.77 -22.42
C THR B 1022 -16.69 29.12 -23.10
N VAL B 1023 -17.76 29.49 -23.81
CA VAL B 1023 -17.80 30.79 -24.49
C VAL B 1023 -17.83 31.93 -23.47
N ALA B 1024 -18.48 31.71 -22.33
CA ALA B 1024 -18.57 32.75 -21.31
C ALA B 1024 -17.19 33.18 -20.82
N HIS B 1025 -16.21 32.27 -20.84
CA HIS B 1025 -14.85 32.64 -20.45
C HIS B 1025 -14.30 33.73 -21.36
N LEU B 1026 -14.39 33.50 -22.68
CA LEU B 1026 -13.89 34.49 -23.64
C LEU B 1026 -14.70 35.78 -23.57
N ILE B 1027 -16.03 35.67 -23.42
CA ILE B 1027 -16.86 36.87 -23.33
C ILE B 1027 -16.48 37.70 -22.11
N GLU B 1028 -16.28 37.03 -20.97
CA GLU B 1028 -15.88 37.73 -19.75
C GLU B 1028 -14.49 38.35 -19.91
N CYS B 1029 -13.57 37.65 -20.57
CA CYS B 1029 -12.24 38.22 -20.80
C CYS B 1029 -12.33 39.48 -21.63
N LEU B 1030 -13.12 39.45 -22.70
CA LEU B 1030 -13.27 40.64 -23.55
C LEU B 1030 -13.93 41.78 -22.78
N LEU B 1031 -14.97 41.47 -22.01
CA LEU B 1031 -15.65 42.51 -21.23
C LEU B 1031 -14.71 43.12 -20.20
N SER B 1032 -13.91 42.29 -19.54
CA SER B 1032 -12.96 42.80 -18.56
C SER B 1032 -11.90 43.67 -19.21
N LYS B 1033 -11.41 43.27 -20.38
CA LYS B 1033 -10.45 44.11 -21.10
C LYS B 1033 -11.04 45.46 -21.46
N VAL B 1034 -12.28 45.46 -21.96
CA VAL B 1034 -12.93 46.72 -22.31
C VAL B 1034 -13.14 47.59 -21.07
N ALA B 1035 -13.56 46.97 -19.97
CA ALA B 1035 -13.78 47.73 -18.73
C ALA B 1035 -12.49 48.32 -18.20
N ALA B 1036 -11.40 47.55 -18.25
CA ALA B 1036 -10.11 48.07 -17.79
C ALA B 1036 -9.64 49.22 -18.68
N LEU B 1037 -9.85 49.10 -20.00
CA LEU B 1037 -9.45 50.18 -20.90
C LEU B 1037 -10.28 51.44 -20.66
N SER B 1038 -11.59 51.28 -20.43
CA SER B 1038 -12.48 52.43 -20.27
C SER B 1038 -12.54 52.94 -18.83
N GLY B 1039 -12.32 52.07 -17.85
CA GLY B 1039 -12.37 52.46 -16.46
C GLY B 1039 -13.71 52.32 -15.79
N ASN B 1040 -14.76 51.97 -16.53
CA ASN B 1040 -16.09 51.77 -15.96
C ASN B 1040 -16.35 50.28 -15.76
N GLU B 1041 -17.05 49.95 -14.69
CA GLU B 1041 -17.34 48.55 -14.38
C GLU B 1041 -18.23 47.93 -15.45
N GLY B 1042 -17.91 46.70 -15.82
CA GLY B 1042 -18.69 45.98 -16.81
C GLY B 1042 -19.79 45.14 -16.18
N ASP B 1043 -20.92 45.05 -16.88
CA ASP B 1043 -22.08 44.30 -16.42
C ASP B 1043 -22.09 42.94 -17.11
N ALA B 1044 -22.09 41.87 -16.31
CA ALA B 1044 -22.12 40.50 -16.82
C ALA B 1044 -23.32 39.74 -16.30
N SER B 1045 -24.39 40.44 -15.95
CA SER B 1045 -25.58 39.78 -15.42
C SER B 1045 -26.23 38.94 -16.50
N PRO B 1046 -26.80 37.80 -16.16
CA PRO B 1046 -27.46 36.96 -17.16
C PRO B 1046 -28.76 37.58 -17.66
N PHE B 1047 -29.16 37.13 -18.86
CA PHE B 1047 -30.41 37.55 -19.48
C PHE B 1047 -30.49 39.07 -19.64
N THR B 1048 -29.39 39.68 -20.02
CA THR B 1048 -29.31 41.12 -20.24
C THR B 1048 -29.21 41.40 -21.74
N ASP B 1049 -29.12 42.69 -22.07
CA ASP B 1049 -29.03 43.14 -23.44
C ASP B 1049 -27.60 43.27 -23.95
N ILE B 1050 -26.61 42.91 -23.13
CA ILE B 1050 -25.22 43.01 -23.55
C ILE B 1050 -24.91 41.92 -24.56
N THR B 1051 -24.35 42.31 -25.70
CA THR B 1051 -24.00 41.39 -26.76
C THR B 1051 -22.53 41.49 -27.09
N VAL B 1052 -22.02 40.47 -27.79
CA VAL B 1052 -20.61 40.44 -28.16
C VAL B 1052 -20.28 41.57 -29.13
N GLU B 1053 -21.23 41.92 -30.02
CA GLU B 1053 -20.96 42.96 -31.01
C GLU B 1053 -20.73 44.31 -30.35
N GLY B 1054 -21.49 44.63 -29.30
CA GLY B 1054 -21.28 45.89 -28.60
C GLY B 1054 -19.92 45.97 -27.94
N ILE B 1055 -19.50 44.88 -27.30
CA ILE B 1055 -18.17 44.84 -26.68
C ILE B 1055 -17.09 44.98 -27.73
N SER B 1056 -17.27 44.30 -28.88
CA SER B 1056 -16.30 44.41 -29.96
C SER B 1056 -16.21 45.84 -30.49
N LYS B 1057 -17.37 46.50 -30.64
CA LYS B 1057 -17.38 47.88 -31.11
C LYS B 1057 -16.67 48.80 -30.11
N LEU B 1058 -16.92 48.59 -28.82
CA LEU B 1058 -16.24 49.40 -27.81
C LEU B 1058 -14.74 49.18 -27.84
N LEU B 1059 -14.31 47.92 -27.97
CA LEU B 1059 -12.88 47.64 -28.04
C LEU B 1059 -12.24 48.26 -29.28
N ARG B 1060 -12.93 48.21 -30.41
CA ARG B 1060 -12.41 48.85 -31.62
C ARG B 1060 -12.35 50.36 -31.45
N GLU B 1061 -13.33 50.95 -30.77
CA GLU B 1061 -13.28 52.37 -30.47
C GLU B 1061 -12.06 52.71 -29.62
N HIS B 1062 -11.75 51.85 -28.64
CA HIS B 1062 -10.52 52.04 -27.88
C HIS B 1062 -9.28 51.83 -28.73
N GLY B 1063 -9.40 51.14 -29.86
CA GLY B 1063 -8.32 51.04 -30.81
C GLY B 1063 -7.34 49.91 -30.58
N TYR B 1064 -7.83 48.73 -30.19
CA TYR B 1064 -6.97 47.57 -30.02
C TYR B 1064 -7.29 46.47 -31.02
N GLN B 1065 -8.52 45.96 -31.03
CA GLN B 1065 -8.94 44.89 -31.93
C GLN B 1065 -10.42 44.61 -31.77
N SER B 1066 -11.10 44.23 -32.86
CA SER B 1066 -12.50 43.88 -32.75
C SER B 1066 -12.71 42.64 -31.89
N ARG B 1067 -11.90 41.60 -32.09
CA ARG B 1067 -12.07 40.33 -31.42
C ARG B 1067 -11.08 40.11 -30.28
N GLY B 1068 -10.30 41.12 -29.93
CA GLY B 1068 -9.37 41.02 -28.82
C GLY B 1068 -8.04 40.36 -29.14
N PHE B 1069 -7.81 39.97 -30.38
CA PHE B 1069 -6.52 39.38 -30.75
C PHE B 1069 -5.42 40.43 -30.70
N GLU B 1070 -4.22 39.98 -30.34
CA GLU B 1070 -3.06 40.86 -30.25
C GLU B 1070 -1.86 40.19 -30.91
N VAL B 1071 -0.94 41.03 -31.39
CA VAL B 1071 0.30 40.54 -31.99
C VAL B 1071 1.35 40.45 -30.89
N MET B 1072 1.91 39.26 -30.70
CA MET B 1072 2.89 39.00 -29.65
C MET B 1072 4.22 38.62 -30.26
N TYR B 1073 5.27 38.74 -29.45
CA TYR B 1073 6.63 38.44 -29.86
C TYR B 1073 7.20 37.34 -28.96
N ASN B 1074 8.04 36.49 -29.55
CA ASN B 1074 8.67 35.43 -28.79
C ASN B 1074 9.64 36.02 -27.77
N GLY B 1075 9.64 35.45 -26.56
CA GLY B 1075 10.52 35.94 -25.52
C GLY B 1075 11.95 35.44 -25.59
N HIS B 1076 12.21 34.40 -26.38
CA HIS B 1076 13.55 33.83 -26.47
C HIS B 1076 14.36 34.46 -27.59
N THR B 1077 13.77 34.59 -28.78
CA THR B 1077 14.48 35.13 -29.94
C THR B 1077 14.02 36.52 -30.35
N GLY B 1078 12.88 36.98 -29.85
CA GLY B 1078 12.35 38.28 -30.23
C GLY B 1078 11.61 38.30 -31.54
N LYS B 1079 11.50 37.18 -32.23
CA LYS B 1079 10.81 37.13 -33.50
C LYS B 1079 9.29 37.25 -33.30
N LYS B 1080 8.63 37.87 -34.27
CA LYS B 1080 7.19 38.00 -34.23
C LYS B 1080 6.52 36.64 -34.38
N LEU B 1081 5.47 36.41 -33.61
CA LEU B 1081 4.73 35.17 -33.69
C LEU B 1081 3.84 35.15 -34.92
N MET B 1082 3.81 34.02 -35.62
CA MET B 1082 3.00 33.92 -36.82
C MET B 1082 1.51 34.04 -36.51
N ALA B 1083 1.06 33.44 -35.40
CA ALA B 1083 -0.34 33.44 -35.02
C ALA B 1083 -0.57 34.45 -33.91
N GLN B 1084 -1.61 35.27 -34.05
CA GLN B 1084 -1.97 36.23 -33.02
C GLN B 1084 -2.53 35.52 -31.79
N ILE B 1085 -2.36 36.16 -30.64
CA ILE B 1085 -2.67 35.56 -29.35
C ILE B 1085 -3.80 36.33 -28.69
N PHE B 1086 -4.80 35.59 -28.20
CA PHE B 1086 -5.87 36.20 -27.43
C PHE B 1086 -5.33 36.77 -26.12
N PHE B 1087 -5.77 37.99 -25.79
CA PHE B 1087 -5.26 38.70 -24.64
C PHE B 1087 -6.42 39.36 -23.89
N GLY B 1088 -6.20 39.58 -22.59
CA GLY B 1088 -7.19 40.24 -21.77
C GLY B 1088 -7.22 39.74 -20.34
N PRO B 1089 -7.55 40.62 -19.41
CA PRO B 1089 -7.64 40.21 -18.00
C PRO B 1089 -8.78 39.23 -17.77
N THR B 1090 -8.57 38.35 -16.79
CA THR B 1090 -9.58 37.37 -16.42
C THR B 1090 -9.49 37.11 -14.92
N TYR B 1091 -10.65 37.00 -14.28
CA TYR B 1091 -10.69 36.74 -12.85
C TYR B 1091 -10.32 35.30 -12.56
N TYR B 1092 -9.41 35.10 -11.61
CA TYR B 1092 -8.95 33.78 -11.23
C TYR B 1092 -8.94 33.66 -9.71
N GLN B 1093 -9.21 32.45 -9.23
CA GLN B 1093 -9.24 32.16 -7.80
C GLN B 1093 -8.24 31.06 -7.47
N ARG B 1094 -7.66 31.14 -6.27
CA ARG B 1094 -6.72 30.14 -5.80
C ARG B 1094 -7.45 29.17 -4.89
N LEU B 1095 -7.39 27.89 -5.22
CA LEU B 1095 -8.09 26.87 -4.47
C LEU B 1095 -7.30 26.46 -3.23
N ARG B 1096 -7.93 25.65 -2.37
CA ARG B 1096 -7.34 25.24 -1.12
C ARG B 1096 -6.41 24.04 -1.24
N HIS B 1097 -6.30 23.44 -2.43
CA HIS B 1097 -5.48 22.25 -2.62
C HIS B 1097 -4.09 22.67 -3.11
N MET B 1098 -3.07 22.34 -2.32
CA MET B 1098 -1.69 22.66 -2.66
C MET B 1098 -0.84 21.40 -2.57
N VAL B 1099 0.20 21.36 -3.40
CA VAL B 1099 1.05 20.18 -3.45
C VAL B 1099 1.81 19.99 -2.15
N ASP B 1100 2.13 21.08 -1.46
CA ASP B 1100 2.87 20.98 -0.20
C ASP B 1100 2.10 20.26 0.88
N ASP B 1101 0.77 20.20 0.78
CA ASP B 1101 -0.06 19.53 1.76
C ASP B 1101 -0.51 18.15 1.30
N LYS B 1102 0.06 17.63 0.21
CA LYS B 1102 -0.34 16.34 -0.32
C LYS B 1102 0.82 15.42 -0.67
N ILE B 1103 2.06 15.89 -0.63
CA ILE B 1103 3.21 15.05 -0.96
C ILE B 1103 3.51 14.14 0.22
N HIS B 1104 3.65 12.84 -0.05
CA HIS B 1104 3.89 11.86 1.00
C HIS B 1104 4.93 10.86 0.52
N ALA B 1105 5.68 10.31 1.49
CA ALA B 1105 6.69 9.29 1.20
C ALA B 1105 7.01 8.56 2.49
N ARG B 1106 6.99 7.22 2.43
CA ARG B 1106 7.21 6.41 3.62
C ARG B 1106 8.22 5.30 3.31
N ALA B 1107 9.04 4.98 4.31
CA ALA B 1107 9.98 3.86 4.20
C ALA B 1107 10.20 3.31 5.61
N ARG B 1108 9.50 2.23 5.93
CA ARG B 1108 9.62 1.56 7.22
C ARG B 1108 9.29 2.51 8.37
N GLY B 1109 8.03 2.96 8.40
CA GLY B 1109 7.57 3.89 9.40
C GLY B 1109 6.95 3.21 10.60
N PRO B 1110 6.00 3.89 11.25
CA PRO B 1110 5.36 3.32 12.44
C PRO B 1110 4.54 2.09 12.11
N MET B 1111 4.43 1.20 13.08
CA MET B 1111 3.76 -0.09 12.92
C MET B 1111 2.41 -0.04 13.61
N GLN B 1112 1.52 -0.95 13.22
CA GLN B 1112 0.23 -1.08 13.88
C GLN B 1112 0.33 -2.09 15.02
N VAL B 1113 -0.78 -2.28 15.72
CA VAL B 1113 -0.84 -3.17 16.88
C VAL B 1113 -1.54 -4.48 16.54
N LEU B 1114 -2.73 -4.40 15.93
CA LEU B 1114 -3.51 -5.60 15.67
C LEU B 1114 -2.99 -6.36 14.45
N THR B 1115 -3.05 -5.72 13.28
CA THR B 1115 -2.68 -6.37 12.03
C THR B 1115 -1.20 -6.26 11.70
N ARG B 1116 -0.45 -5.45 12.44
CA ARG B 1116 0.98 -5.23 12.18
C ARG B 1116 1.22 -4.80 10.73
N GLN B 1117 0.38 -3.90 10.25
CA GLN B 1117 0.44 -3.32 8.91
C GLN B 1117 0.63 -1.82 9.02
N PRO B 1118 1.13 -1.18 7.96
CA PRO B 1118 1.37 0.27 8.03
C PRO B 1118 0.12 1.04 8.38
N VAL B 1119 0.30 2.10 9.18
CA VAL B 1119 -0.80 2.90 9.71
C VAL B 1119 -1.45 3.71 8.59
N GLU B 1120 -2.61 4.30 8.88
CA GLU B 1120 -3.38 5.08 7.92
C GLU B 1120 -3.13 6.57 8.12
N GLY B 1121 -3.13 7.30 7.02
CA GLY B 1121 -3.06 8.75 7.07
C GLY B 1121 -1.67 9.28 6.83
N ARG B 1122 -1.60 10.45 6.19
CA ARG B 1122 -0.32 11.11 5.97
C ARG B 1122 0.23 11.71 7.25
N SER B 1123 -0.65 12.24 8.10
CA SER B 1123 -0.21 12.88 9.34
C SER B 1123 0.41 11.88 10.30
N ARG B 1124 0.09 10.60 10.19
CA ARG B 1124 0.64 9.55 11.04
C ARG B 1124 1.78 8.81 10.38
N ASP B 1125 2.34 9.34 9.28
CA ASP B 1125 3.42 8.70 8.54
C ASP B 1125 3.00 7.31 8.05
N GLY B 1126 1.84 7.25 7.41
CA GLY B 1126 1.31 6.00 6.93
C GLY B 1126 1.87 5.59 5.59
N GLY B 1127 1.39 4.45 5.10
CA GLY B 1127 1.83 3.92 3.83
C GLY B 1127 0.72 3.81 2.82
N LEU B 1128 1.07 3.82 1.53
CA LEU B 1128 0.08 3.70 0.47
C LEU B 1128 -0.55 2.31 0.47
N ARG B 1129 -1.80 2.24 0.02
CA ARG B 1129 -2.57 1.00 0.03
C ARG B 1129 -2.45 0.31 -1.33
N PHE B 1130 -2.10 -0.98 -1.30
CA PHE B 1130 -2.05 -1.82 -2.49
C PHE B 1130 -3.38 -2.56 -2.59
N GLY B 1131 -4.30 -2.00 -3.39
CA GLY B 1131 -5.63 -2.55 -3.49
C GLY B 1131 -5.71 -3.80 -4.35
N GLU B 1132 -6.93 -4.34 -4.44
CA GLU B 1132 -7.15 -5.53 -5.24
C GLU B 1132 -6.96 -5.26 -6.73
N MET B 1133 -7.30 -4.05 -7.18
CA MET B 1133 -7.08 -3.70 -8.58
C MET B 1133 -5.60 -3.71 -8.94
N GLU B 1134 -4.75 -3.16 -8.06
CA GLU B 1134 -3.32 -3.23 -8.30
C GLU B 1134 -2.84 -4.68 -8.32
N ARG B 1135 -3.38 -5.50 -7.41
CA ARG B 1135 -2.98 -6.90 -7.36
C ARG B 1135 -3.32 -7.62 -8.65
N ASP B 1136 -4.55 -7.44 -9.16
CA ASP B 1136 -4.93 -8.17 -10.37
C ASP B 1136 -4.24 -7.59 -11.60
N CYS B 1137 -3.93 -6.29 -11.61
CA CYS B 1137 -3.13 -5.74 -12.69
C CYS B 1137 -1.74 -6.35 -12.71
N MET B 1138 -1.11 -6.51 -11.54
CA MET B 1138 0.19 -7.18 -11.48
C MET B 1138 0.07 -8.65 -11.87
N ILE B 1139 -1.05 -9.29 -11.54
CA ILE B 1139 -1.29 -10.66 -12.00
C ILE B 1139 -1.29 -10.71 -13.52
N ALA B 1140 -2.03 -9.79 -14.15
CA ALA B 1140 -2.09 -9.75 -15.61
C ALA B 1140 -0.72 -9.46 -16.20
N HIS B 1141 0.08 -8.64 -15.53
CA HIS B 1141 1.44 -8.36 -15.98
C HIS B 1141 2.33 -9.59 -15.91
N GLY B 1142 2.00 -10.56 -15.06
CA GLY B 1142 2.80 -11.76 -14.93
C GLY B 1142 3.95 -11.68 -13.97
N ALA B 1143 4.07 -10.59 -13.21
CA ALA B 1143 5.18 -10.42 -12.26
C ALA B 1143 4.79 -11.06 -10.94
N ALA B 1144 5.10 -12.36 -10.82
CA ALA B 1144 4.74 -13.09 -9.60
C ALA B 1144 5.66 -12.72 -8.45
N SER B 1145 6.95 -12.54 -8.71
CA SER B 1145 7.90 -12.24 -7.64
C SER B 1145 7.62 -10.87 -7.03
N PHE B 1146 7.32 -9.87 -7.87
CA PHE B 1146 7.05 -8.53 -7.36
C PHE B 1146 5.80 -8.51 -6.48
N LEU B 1147 4.75 -9.23 -6.88
CA LEU B 1147 3.54 -9.29 -6.08
C LEU B 1147 3.81 -9.92 -4.72
N LYS B 1148 4.55 -11.03 -4.69
CA LYS B 1148 4.87 -11.66 -3.42
C LYS B 1148 5.72 -10.74 -2.54
N GLU B 1149 6.70 -10.06 -3.14
CA GLU B 1149 7.55 -9.17 -2.36
C GLU B 1149 6.73 -8.03 -1.76
N ARG B 1150 5.85 -7.42 -2.56
CA ARG B 1150 5.03 -6.33 -2.05
C ARG B 1150 4.06 -6.82 -0.98
N LEU B 1151 3.54 -8.04 -1.13
CA LEU B 1151 2.56 -8.55 -0.17
C LEU B 1151 3.21 -8.95 1.15
N MET B 1152 4.43 -9.48 1.13
CA MET B 1152 5.04 -10.02 2.34
C MET B 1152 6.21 -9.19 2.83
N GLU B 1153 7.25 -8.98 2.01
CA GLU B 1153 8.41 -8.24 2.47
C GLU B 1153 8.08 -6.78 2.76
N ALA B 1154 7.30 -6.15 1.89
CA ALA B 1154 7.07 -4.72 2.00
C ALA B 1154 6.01 -4.36 3.04
N SER B 1155 5.19 -5.31 3.46
CA SER B 1155 4.11 -5.01 4.40
C SER B 1155 4.29 -5.72 5.74
N ASP B 1156 4.38 -7.04 5.75
CA ASP B 1156 4.51 -7.79 6.99
C ASP B 1156 4.96 -9.21 6.74
N ALA B 1157 6.04 -9.64 7.39
CA ALA B 1157 6.55 -10.99 7.28
C ALA B 1157 6.64 -11.61 8.67
N PHE B 1158 6.09 -12.81 8.81
CA PHE B 1158 6.09 -13.51 10.09
C PHE B 1158 6.54 -14.94 9.89
N ARG B 1159 7.30 -15.46 10.85
CA ARG B 1159 7.78 -16.83 10.83
C ARG B 1159 7.17 -17.60 11.99
N VAL B 1160 6.53 -18.72 11.69
CA VAL B 1160 5.87 -19.55 12.69
C VAL B 1160 6.23 -21.00 12.46
N HIS B 1161 6.06 -21.80 13.52
CA HIS B 1161 6.34 -23.23 13.48
C HIS B 1161 5.02 -24.00 13.47
N ILE B 1162 4.92 -25.00 12.59
CA ILE B 1162 3.70 -25.78 12.43
C ILE B 1162 4.01 -27.24 12.72
N CYS B 1163 3.18 -27.85 13.55
CA CYS B 1163 3.33 -29.27 13.86
C CYS B 1163 3.08 -30.12 12.61
N GLY B 1164 3.94 -31.13 12.41
CA GLY B 1164 3.79 -32.00 11.26
C GLY B 1164 2.60 -32.92 11.32
N ILE B 1165 2.08 -33.18 12.52
CA ILE B 1165 0.90 -34.01 12.70
C ILE B 1165 -0.36 -33.16 12.84
N CYS B 1166 -0.29 -32.10 13.65
CA CYS B 1166 -1.44 -31.22 13.81
C CYS B 1166 -1.82 -30.53 12.51
N GLY B 1167 -0.84 -29.92 11.85
CA GLY B 1167 -1.10 -29.00 10.78
C GLY B 1167 -1.43 -27.59 11.24
N LEU B 1168 -1.56 -27.38 12.55
CA LEU B 1168 -1.84 -26.09 13.14
C LEU B 1168 -0.53 -25.43 13.59
N MET B 1169 -0.66 -24.32 14.30
CA MET B 1169 0.49 -23.55 14.76
C MET B 1169 0.67 -23.63 16.27
N THR B 1170 0.11 -24.64 16.91
CA THR B 1170 0.21 -24.80 18.37
C THR B 1170 1.51 -25.54 18.74
N VAL B 1171 2.63 -24.91 18.37
CA VAL B 1171 3.96 -25.46 18.63
C VAL B 1171 4.72 -24.46 19.48
N ILE B 1172 5.27 -24.94 20.60
CA ILE B 1172 6.09 -24.11 21.48
C ILE B 1172 7.54 -24.23 21.01
N ALA B 1173 8.12 -23.11 20.61
CA ALA B 1173 9.47 -23.07 20.07
C ALA B 1173 10.41 -22.38 21.05
N LYS B 1174 11.53 -23.03 21.34
CA LYS B 1174 12.57 -22.48 22.20
C LYS B 1174 13.86 -22.48 21.37
N LEU B 1175 14.11 -21.38 20.66
CA LEU B 1175 15.28 -21.30 19.78
C LEU B 1175 16.56 -21.38 20.58
N ASN B 1176 16.61 -20.73 21.75
CA ASN B 1176 17.81 -20.77 22.58
C ASN B 1176 18.10 -22.19 23.05
N HIS B 1177 17.08 -22.93 23.44
CA HIS B 1177 17.23 -24.30 23.91
C HIS B 1177 17.11 -25.33 22.79
N ASN B 1178 16.78 -24.90 21.57
CA ASN B 1178 16.64 -25.80 20.42
C ASN B 1178 15.63 -26.91 20.70
N GLN B 1179 14.48 -26.51 21.24
CA GLN B 1179 13.41 -27.45 21.58
C GLN B 1179 12.13 -27.06 20.84
N PHE B 1180 11.51 -28.04 20.20
CA PHE B 1180 10.23 -27.83 19.49
C PHE B 1180 9.34 -29.02 19.80
N GLU B 1181 8.44 -28.86 20.77
CA GLU B 1181 7.56 -29.95 21.19
C GLU B 1181 6.11 -29.55 20.96
N CYS B 1182 5.33 -30.46 20.38
CA CYS B 1182 3.88 -30.32 20.27
C CYS B 1182 3.24 -31.18 21.35
N LYS B 1183 2.63 -30.53 22.34
CA LYS B 1183 2.03 -31.27 23.43
C LYS B 1183 0.82 -32.07 23.00
N GLY B 1184 0.17 -31.65 21.90
CA GLY B 1184 -1.03 -32.35 21.46
C GLY B 1184 -0.76 -33.75 20.95
N CYS B 1185 0.31 -33.92 20.17
CA CYS B 1185 0.60 -35.19 19.51
C CYS B 1185 1.83 -35.89 20.07
N ASP B 1186 2.56 -35.23 20.97
CA ASP B 1186 3.90 -35.68 21.40
C ASP B 1186 4.77 -35.81 20.15
N ASN B 1187 5.05 -34.65 19.58
CA ASN B 1187 5.86 -34.54 18.37
C ASN B 1187 7.04 -33.62 18.65
N LYS B 1188 8.27 -34.12 18.43
CA LYS B 1188 9.44 -33.31 18.67
C LYS B 1188 10.49 -33.41 17.56
N ILE B 1189 10.20 -34.12 16.48
CA ILE B 1189 11.16 -34.33 15.40
C ILE B 1189 10.52 -34.07 14.04
N ASP B 1190 9.32 -33.49 14.04
CA ASP B 1190 8.58 -33.24 12.82
C ASP B 1190 8.02 -31.82 12.80
N ILE B 1191 8.88 -30.85 13.11
CA ILE B 1191 8.48 -29.44 13.20
C ILE B 1191 9.07 -28.70 12.01
N TYR B 1192 8.23 -27.92 11.33
CA TYR B 1192 8.64 -27.11 10.20
C TYR B 1192 8.33 -25.65 10.48
N GLN B 1193 9.09 -24.76 9.84
CA GLN B 1193 8.89 -23.32 9.94
C GLN B 1193 8.48 -22.77 8.59
N ILE B 1194 7.51 -21.85 8.61
CA ILE B 1194 6.98 -21.25 7.39
C ILE B 1194 6.96 -19.74 7.54
N HIS B 1195 6.88 -19.05 6.41
CA HIS B 1195 6.81 -17.59 6.36
C HIS B 1195 5.45 -17.19 5.81
N ILE B 1196 4.62 -16.60 6.67
CA ILE B 1196 3.27 -16.18 6.29
C ILE B 1196 3.04 -14.76 6.78
N PRO B 1197 2.19 -13.97 6.13
CA PRO B 1197 1.90 -12.62 6.64
C PRO B 1197 1.15 -12.67 7.96
N TYR B 1198 1.30 -11.58 8.73
CA TYR B 1198 0.65 -11.51 10.04
C TYR B 1198 -0.87 -11.52 9.90
N ALA B 1199 -1.40 -10.99 8.81
CA ALA B 1199 -2.85 -11.04 8.58
C ALA B 1199 -3.32 -12.48 8.45
N ALA B 1200 -2.55 -13.32 7.76
CA ALA B 1200 -2.89 -14.74 7.67
C ALA B 1200 -2.85 -15.40 9.04
N LYS B 1201 -1.86 -15.03 9.87
CA LYS B 1201 -1.79 -15.58 11.23
C LYS B 1201 -3.02 -15.19 12.03
N LEU B 1202 -3.44 -13.93 11.94
CA LEU B 1202 -4.64 -13.49 12.65
C LEU B 1202 -5.88 -14.21 12.16
N LEU B 1203 -6.00 -14.38 10.84
CA LEU B 1203 -7.15 -15.08 10.29
C LEU B 1203 -7.20 -16.54 10.75
N PHE B 1204 -6.05 -17.21 10.75
CA PHE B 1204 -6.00 -18.60 11.20
C PHE B 1204 -6.32 -18.70 12.69
N GLN B 1205 -5.81 -17.78 13.50
CA GLN B 1205 -6.12 -17.81 14.93
C GLN B 1205 -7.60 -17.56 15.18
N GLU B 1206 -8.20 -16.62 14.45
CA GLU B 1206 -9.63 -16.37 14.60
C GLU B 1206 -10.45 -17.58 14.16
N LEU B 1207 -10.04 -18.23 13.07
CA LEU B 1207 -10.73 -19.44 12.63
C LEU B 1207 -10.63 -20.55 13.67
N MET B 1208 -9.46 -20.71 14.28
CA MET B 1208 -9.32 -21.71 15.34
C MET B 1208 -10.17 -21.35 16.55
N ALA B 1209 -10.28 -20.07 16.86
CA ALA B 1209 -11.21 -19.64 17.91
C ALA B 1209 -12.65 -19.92 17.53
N MET B 1210 -12.95 -19.95 16.22
CA MET B 1210 -14.28 -20.29 15.72
C MET B 1210 -14.51 -21.79 15.61
N ASN B 1211 -13.69 -22.60 16.30
CA ASN B 1211 -13.82 -24.07 16.28
C ASN B 1211 -13.65 -24.63 14.88
N ILE B 1212 -12.81 -24.00 14.06
CA ILE B 1212 -12.49 -24.48 12.73
C ILE B 1212 -10.97 -24.65 12.66
N THR B 1213 -10.53 -25.80 12.14
CA THR B 1213 -9.11 -26.11 12.12
C THR B 1213 -8.56 -25.90 10.72
N PRO B 1214 -7.76 -24.86 10.47
CA PRO B 1214 -7.09 -24.70 9.17
C PRO B 1214 -5.72 -25.37 9.16
N ARG B 1215 -5.72 -26.69 9.12
CA ARG B 1215 -4.48 -27.46 9.16
C ARG B 1215 -3.65 -27.17 7.91
N LEU B 1216 -2.35 -26.96 8.11
CA LEU B 1216 -1.42 -26.60 7.04
C LEU B 1216 -0.38 -27.70 6.92
N TYR B 1217 -0.15 -28.15 5.69
CA TYR B 1217 0.79 -29.23 5.42
C TYR B 1217 1.73 -28.82 4.30
N THR B 1218 2.95 -29.36 4.35
CA THR B 1218 4.00 -29.04 3.38
C THR B 1218 4.27 -30.21 2.43
N ASP B 1219 3.25 -31.00 2.13
CA ASP B 1219 3.40 -32.12 1.23
C ASP B 1219 2.09 -32.35 0.49
N ARG B 1220 2.18 -33.06 -0.63
CA ARG B 1220 1.03 -33.35 -1.47
C ARG B 1220 0.50 -34.74 -1.15
N SER B 1221 -0.82 -34.85 -1.05
CA SER B 1221 -1.49 -36.11 -0.75
C SER B 1221 -1.83 -36.93 -1.99
N ARG B 1222 -1.44 -36.45 -3.18
CA ARG B 1222 -1.76 -37.19 -4.40
C ARG B 1222 -1.02 -38.52 -4.48
N ASP B 1223 0.14 -38.62 -3.82
CA ASP B 1223 0.91 -39.86 -3.85
C ASP B 1223 0.25 -40.97 -3.05
N PHE B 1224 -0.68 -40.63 -2.14
CA PHE B 1224 -1.37 -41.57 -1.25
C PHE B 1224 -0.46 -42.68 -0.72
N MET C 1 27.56 59.40 -34.96
CA MET C 1 28.33 58.74 -36.00
C MET C 1 29.70 58.35 -35.49
N SER C 2 29.79 57.16 -34.90
CA SER C 2 31.04 56.65 -34.35
C SER C 2 31.60 55.46 -35.13
N GLU C 3 30.74 54.51 -35.51
CA GLU C 3 31.19 53.34 -36.25
C GLU C 3 30.01 52.85 -37.08
N GLU C 4 30.34 52.19 -38.20
CA GLU C 4 29.36 51.79 -39.21
C GLU C 4 28.36 50.74 -38.70
N GLY C 5 28.37 50.35 -37.43
CA GLY C 5 27.47 49.34 -36.92
C GLY C 5 26.11 49.91 -36.57
N PRO C 6 25.61 49.56 -35.38
CA PRO C 6 24.28 50.01 -34.98
C PRO C 6 24.19 51.52 -34.86
N GLN C 7 23.02 52.05 -35.18
CA GLN C 7 22.75 53.48 -35.11
C GLN C 7 21.51 53.72 -34.27
N VAL C 8 21.41 54.93 -33.70
CA VAL C 8 20.30 55.30 -32.85
C VAL C 8 19.70 56.61 -33.34
N LYS C 9 18.43 56.83 -32.98
CA LYS C 9 17.73 58.05 -33.33
C LYS C 9 16.65 58.25 -32.27
N ILE C 10 16.91 59.16 -31.33
CA ILE C 10 16.00 59.38 -30.21
C ILE C 10 14.81 60.20 -30.68
N ARG C 11 13.60 59.66 -30.48
CA ARG C 11 12.39 60.37 -30.84
C ARG C 11 11.87 61.27 -29.72
N GLU C 12 12.14 60.91 -28.47
CA GLU C 12 11.66 61.68 -27.33
C GLU C 12 12.53 61.33 -26.14
N ALA C 13 12.82 62.33 -25.31
CA ALA C 13 13.63 62.17 -24.11
C ALA C 13 12.86 62.66 -22.90
N SER C 14 12.95 61.92 -21.80
CA SER C 14 12.28 62.28 -20.57
C SER C 14 13.00 61.62 -19.41
N LYS C 15 12.66 62.08 -18.19
CA LYS C 15 13.28 61.52 -16.99
C LYS C 15 12.77 60.12 -16.66
N ASP C 16 11.65 59.70 -17.25
CA ASP C 16 11.07 58.40 -16.98
C ASP C 16 10.93 57.51 -18.21
N ASN C 17 10.85 58.09 -19.42
CA ASN C 17 10.70 57.32 -20.63
C ASN C 17 11.65 57.85 -21.70
N VAL C 18 12.13 56.94 -22.55
CA VAL C 18 12.98 57.28 -23.68
C VAL C 18 12.48 56.51 -24.90
N ASP C 19 12.36 57.22 -26.02
CA ASP C 19 11.93 56.61 -27.27
C ASP C 19 13.04 56.77 -28.30
N PHE C 20 13.45 55.67 -28.92
CA PHE C 20 14.54 55.69 -29.89
C PHE C 20 14.33 54.59 -30.91
N ILE C 21 15.01 54.73 -32.04
CA ILE C 21 14.93 53.78 -33.15
C ILE C 21 16.30 53.17 -33.36
N LEU C 22 16.36 51.84 -33.34
CA LEU C 22 17.60 51.11 -33.59
C LEU C 22 17.71 50.79 -35.07
N SER C 23 18.89 51.03 -35.65
CA SER C 23 19.12 50.81 -37.06
C SER C 23 20.44 50.08 -37.27
N ASN C 24 20.54 49.39 -38.39
CA ASN C 24 21.75 48.65 -38.77
C ASN C 24 22.12 47.63 -37.70
N VAL C 25 21.12 47.00 -37.10
CA VAL C 25 21.31 45.99 -36.07
C VAL C 25 20.41 44.81 -36.39
N ASP C 26 20.77 43.65 -35.85
CA ASP C 26 20.01 42.42 -36.07
C ASP C 26 19.01 42.17 -34.95
N LEU C 27 18.11 41.23 -35.19
CA LEU C 27 17.06 40.93 -34.21
C LEU C 27 17.65 40.35 -32.93
N ALA C 28 18.68 39.50 -33.05
CA ALA C 28 19.24 38.85 -31.87
C ALA C 28 19.84 39.85 -30.90
N MET C 29 20.59 40.82 -31.42
CA MET C 29 21.21 41.82 -30.53
C MET C 29 20.15 42.67 -29.84
N ALA C 30 19.10 43.07 -30.56
CA ALA C 30 18.05 43.86 -29.95
C ALA C 30 17.32 43.07 -28.87
N ASN C 31 17.03 41.80 -29.14
CA ASN C 31 16.36 40.98 -28.13
C ASN C 31 17.24 40.77 -26.91
N SER C 32 18.54 40.55 -27.12
CA SER C 32 19.46 40.40 -25.99
C SER C 32 19.54 41.67 -25.18
N LEU C 33 19.58 42.83 -25.84
CA LEU C 33 19.59 44.09 -25.13
C LEU C 33 18.32 44.28 -24.30
N ARG C 34 17.16 43.93 -24.89
CA ARG C 34 15.91 44.04 -24.16
C ARG C 34 15.91 43.14 -22.93
N ARG C 35 16.35 41.89 -23.09
CA ARG C 35 16.36 40.96 -21.97
C ARG C 35 17.32 41.42 -20.88
N VAL C 36 18.49 41.92 -21.25
CA VAL C 36 19.45 42.40 -20.27
C VAL C 36 18.90 43.61 -19.53
N MET C 37 18.30 44.56 -20.26
CA MET C 37 17.71 45.71 -19.60
C MET C 37 16.54 45.32 -18.70
N ILE C 38 15.89 44.20 -19.00
CA ILE C 38 14.79 43.73 -18.17
C ILE C 38 15.33 43.11 -16.88
N ALA C 39 16.24 42.15 -16.98
CA ALA C 39 16.59 41.34 -15.82
C ALA C 39 18.09 41.10 -15.71
N GLU C 40 18.89 42.15 -15.91
CA GLU C 40 20.34 42.01 -15.68
C GLU C 40 20.98 43.19 -14.99
N ILE C 41 20.30 44.31 -14.80
CA ILE C 41 20.94 45.52 -14.25
C ILE C 41 20.99 45.40 -12.73
N PRO C 42 22.15 45.55 -12.10
CA PRO C 42 22.21 45.56 -10.64
C PRO C 42 21.48 46.77 -10.07
N THR C 43 20.87 46.57 -8.90
CA THR C 43 20.10 47.61 -8.24
C THR C 43 20.17 47.39 -6.74
N LEU C 44 19.98 48.46 -5.98
CA LEU C 44 19.97 48.39 -4.52
C LEU C 44 18.53 48.32 -4.02
N ALA C 45 18.26 47.34 -3.16
CA ALA C 45 16.93 47.17 -2.60
C ALA C 45 17.05 46.51 -1.23
N ILE C 46 15.99 46.68 -0.43
CA ILE C 46 15.98 46.11 0.91
C ILE C 46 15.85 44.60 0.82
N ASP C 47 16.74 43.88 1.49
CA ASP C 47 16.76 42.43 1.47
C ASP C 47 16.35 41.80 2.80
N SER C 48 16.96 42.22 3.90
CA SER C 48 16.65 41.67 5.21
C SER C 48 15.99 42.73 6.09
N VAL C 49 14.92 42.35 6.78
CA VAL C 49 14.16 43.25 7.63
C VAL C 49 14.10 42.67 9.03
N GLU C 50 14.43 43.48 10.03
CA GLU C 50 14.36 43.10 11.43
C GLU C 50 13.21 43.87 12.05
N VAL C 51 12.23 43.15 12.60
CA VAL C 51 11.05 43.76 13.19
C VAL C 51 11.20 43.73 14.70
N GLU C 52 11.27 44.92 15.30
CA GLU C 52 11.41 45.04 16.76
C GLU C 52 10.05 45.03 17.45
N THR C 53 9.17 45.97 17.07
CA THR C 53 7.81 46.03 17.59
C THR C 53 6.84 46.21 16.43
N ASN C 54 5.74 45.45 16.46
CA ASN C 54 4.72 45.51 15.42
C ASN C 54 3.36 45.32 16.08
N THR C 55 2.71 46.44 16.41
CA THR C 55 1.37 46.44 16.99
C THR C 55 0.29 46.75 15.96
N THR C 56 0.65 46.80 14.68
CA THR C 56 -0.29 47.15 13.63
C THR C 56 -1.19 45.96 13.31
N VAL C 57 -2.08 46.14 12.34
CA VAL C 57 -2.99 45.10 11.90
C VAL C 57 -2.43 44.35 10.68
N LEU C 58 -1.15 44.52 10.38
CA LEU C 58 -0.50 43.87 9.25
C LEU C 58 0.55 42.89 9.75
N ALA C 59 0.66 41.74 9.08
CA ALA C 59 1.63 40.74 9.45
C ALA C 59 3.05 41.24 9.14
N ASP C 60 4.02 40.64 9.84
CA ASP C 60 5.42 41.03 9.64
C ASP C 60 5.88 40.73 8.22
N GLU C 61 5.48 39.58 7.67
CA GLU C 61 5.86 39.24 6.31
C GLU C 61 5.26 40.23 5.31
N PHE C 62 4.04 40.69 5.57
CA PHE C 62 3.41 41.68 4.70
C PHE C 62 4.26 42.95 4.62
N ILE C 63 4.65 43.48 5.78
CA ILE C 63 5.43 44.71 5.81
C ILE C 63 6.81 44.48 5.22
N ALA C 64 7.40 43.31 5.46
CA ALA C 64 8.71 43.00 4.89
C ALA C 64 8.66 42.98 3.37
N HIS C 65 7.64 42.34 2.81
CA HIS C 65 7.49 42.31 1.35
C HIS C 65 7.26 43.71 0.80
N ARG C 66 6.41 44.49 1.47
CA ARG C 66 6.12 45.84 0.99
C ARG C 66 7.38 46.71 1.02
N LEU C 67 8.19 46.58 2.07
CA LEU C 67 9.45 47.32 2.14
C LEU C 67 10.43 46.85 1.08
N GLY C 68 10.47 45.54 0.82
CA GLY C 68 11.35 45.03 -0.21
C GLY C 68 10.96 45.47 -1.60
N LEU C 69 9.67 45.78 -1.81
CA LEU C 69 9.22 46.26 -3.10
C LEU C 69 9.40 47.78 -3.27
N ILE C 70 9.91 48.46 -2.26
CA ILE C 70 10.08 49.91 -2.35
C ILE C 70 11.36 50.22 -3.14
N PRO C 71 11.27 51.02 -4.20
CA PRO C 71 12.48 51.36 -4.95
C PRO C 71 13.42 52.25 -4.14
N LEU C 72 14.72 52.10 -4.42
CA LEU C 72 15.75 52.88 -3.76
C LEU C 72 16.75 53.38 -4.80
N GLN C 73 17.40 54.50 -4.49
CA GLN C 73 18.35 55.10 -5.42
C GLN C 73 19.55 54.17 -5.63
N SER C 74 19.94 54.00 -6.89
CA SER C 74 21.05 53.13 -7.26
C SER C 74 21.93 53.80 -8.30
N MET C 75 22.15 55.11 -8.16
CA MET C 75 23.01 55.83 -9.09
C MET C 75 24.45 55.32 -9.01
N ASP C 76 24.94 55.10 -7.80
CA ASP C 76 26.33 54.71 -7.56
C ASP C 76 26.42 53.25 -7.13
N ILE C 77 25.61 52.39 -7.74
CA ILE C 77 25.58 50.98 -7.39
C ILE C 77 26.88 50.27 -7.77
N GLU C 78 27.68 50.86 -8.65
CA GLU C 78 28.94 50.24 -9.05
C GLU C 78 30.00 50.33 -7.96
N GLN C 79 29.82 51.21 -6.98
CA GLN C 79 30.78 51.37 -5.90
C GLN C 79 30.46 50.50 -4.69
N LEU C 80 29.41 49.69 -4.76
CA LEU C 80 29.01 48.80 -3.68
C LEU C 80 29.31 47.36 -4.07
N GLU C 81 30.00 46.63 -3.20
CA GLU C 81 30.35 45.25 -3.48
C GLU C 81 29.19 44.32 -3.15
N TYR C 82 29.20 43.15 -3.78
CA TYR C 82 28.20 42.13 -3.49
C TYR C 82 28.37 41.60 -2.08
N SER C 83 27.25 41.20 -1.47
CA SER C 83 27.30 40.66 -0.11
C SER C 83 28.10 39.38 -0.05
N ARG C 84 27.94 38.50 -1.04
CA ARG C 84 28.67 37.24 -1.04
C ARG C 84 30.17 37.45 -1.29
N ASP C 85 30.54 38.52 -1.98
CA ASP C 85 31.93 38.81 -2.28
C ASP C 85 32.62 39.64 -1.22
N CYS C 86 31.90 40.05 -0.18
CA CYS C 86 32.48 40.85 0.89
C CYS C 86 33.11 39.95 1.96
N PHE C 87 34.11 40.49 2.65
CA PHE C 87 34.82 39.76 3.68
C PHE C 87 34.24 39.98 5.08
N CYS C 88 33.15 40.73 5.20
CA CYS C 88 32.53 40.97 6.49
C CYS C 88 31.80 39.72 6.97
N GLU C 89 31.15 39.84 8.12
CA GLU C 89 30.41 38.71 8.69
C GLU C 89 28.96 38.67 8.18
N ASP C 90 28.21 39.75 8.36
CA ASP C 90 26.86 39.85 7.81
C ASP C 90 26.72 41.01 6.84
N HIS C 91 27.08 42.22 7.26
CA HIS C 91 26.99 43.39 6.40
C HIS C 91 27.90 44.47 6.96
N CYS C 92 28.20 45.46 6.12
CA CYS C 92 29.03 46.59 6.53
C CYS C 92 28.73 47.76 5.59
N ASP C 93 29.39 48.89 5.84
CA ASP C 93 29.13 50.10 5.07
C ASP C 93 29.61 49.99 3.63
N LYS C 94 30.58 49.11 3.35
CA LYS C 94 31.11 48.98 1.99
C LYS C 94 30.34 48.00 1.13
N CYS C 95 29.36 47.29 1.70
CA CYS C 95 28.58 46.33 0.94
C CYS C 95 27.09 46.39 1.21
N SER C 96 26.62 47.26 2.10
CA SER C 96 25.20 47.33 2.40
C SER C 96 24.88 48.71 2.96
N VAL C 97 23.59 49.06 2.91
CA VAL C 97 23.07 50.31 3.44
C VAL C 97 21.97 49.98 4.44
N VAL C 98 22.05 50.56 5.63
CA VAL C 98 21.12 50.28 6.71
C VAL C 98 20.12 51.42 6.82
N LEU C 99 18.83 51.09 6.83
CA LEU C 99 17.76 52.06 6.96
C LEU C 99 16.87 51.67 8.14
N THR C 100 16.45 52.67 8.92
CA THR C 100 15.60 52.47 10.08
C THR C 100 14.32 53.26 9.92
N LEU C 101 13.19 52.64 10.27
CA LEU C 101 11.88 53.27 10.18
C LEU C 101 11.19 53.18 11.52
N GLN C 102 10.77 54.33 12.05
CA GLN C 102 10.03 54.40 13.30
C GLN C 102 8.75 55.18 13.07
N ALA C 103 7.62 54.63 13.51
CA ALA C 103 6.33 55.26 13.35
C ALA C 103 5.48 55.03 14.59
N PHE C 104 4.73 56.04 15.00
CA PHE C 104 3.85 55.96 16.15
C PHE C 104 2.54 56.66 15.82
N GLY C 105 1.46 56.21 16.46
CA GLY C 105 0.15 56.79 16.26
C GLY C 105 -0.26 57.71 17.39
N GLU C 106 -0.25 59.01 17.15
CA GLU C 106 -0.63 60.01 18.14
C GLU C 106 -1.95 60.67 17.84
N SER C 107 -2.17 61.10 16.59
CA SER C 107 -3.40 61.76 16.23
C SER C 107 -4.57 60.78 16.26
N GLU C 108 -5.77 61.32 16.49
CA GLU C 108 -6.97 60.48 16.52
C GLU C 108 -7.23 59.84 15.17
N SER C 109 -7.01 60.60 14.08
CA SER C 109 -7.21 60.07 12.74
C SER C 109 -6.10 59.09 12.39
N THR C 110 -6.31 58.36 11.29
CA THR C 110 -5.32 57.38 10.85
C THR C 110 -4.02 58.07 10.45
N THR C 111 -2.90 57.50 10.90
CA THR C 111 -1.57 58.03 10.62
C THR C 111 -0.90 57.12 9.59
N ASN C 112 -0.72 57.62 8.37
CA ASN C 112 -0.11 56.85 7.31
C ASN C 112 1.41 56.83 7.46
N VAL C 113 2.03 55.74 7.00
CA VAL C 113 3.47 55.59 6.99
C VAL C 113 3.93 55.57 5.54
N TYR C 114 4.82 56.49 5.19
CA TYR C 114 5.30 56.63 3.82
C TYR C 114 6.77 56.26 3.73
N SER C 115 7.23 56.06 2.50
CA SER C 115 8.63 55.71 2.27
C SER C 115 9.57 56.86 2.61
N LYS C 116 9.06 58.10 2.65
CA LYS C 116 9.90 59.23 3.03
C LYS C 116 10.29 59.19 4.50
N ASP C 117 9.59 58.41 5.32
CA ASP C 117 9.92 58.29 6.74
C ASP C 117 11.16 57.45 7.00
N LEU C 118 11.65 56.71 6.00
CA LEU C 118 12.86 55.93 6.17
C LEU C 118 14.06 56.83 6.37
N VAL C 119 14.91 56.47 7.32
CA VAL C 119 16.10 57.25 7.67
C VAL C 119 17.32 56.36 7.51
N ILE C 120 18.32 56.85 6.79
CA ILE C 120 19.56 56.13 6.59
C ILE C 120 20.48 56.38 7.78
N VAL C 121 20.92 55.30 8.43
CA VAL C 121 21.79 55.42 9.60
C VAL C 121 23.23 55.01 9.30
N SER C 122 23.48 54.29 8.21
CA SER C 122 24.84 53.90 7.86
C SER C 122 25.56 55.06 7.17
N ASN C 123 26.88 54.89 7.01
CA ASN C 123 27.71 55.90 6.36
C ASN C 123 27.81 55.60 4.88
N LEU C 124 27.28 56.50 4.04
CA LEU C 124 27.31 56.31 2.60
C LEU C 124 28.69 56.59 2.01
N MET C 125 29.57 57.26 2.76
CA MET C 125 30.91 57.60 2.28
C MET C 125 30.85 58.40 0.97
N GLY C 126 29.86 59.28 0.88
CA GLY C 126 29.71 60.13 -0.28
C GLY C 126 29.01 59.51 -1.46
N ARG C 127 28.64 58.23 -1.38
CA ARG C 127 27.94 57.57 -2.47
C ARG C 127 26.49 58.02 -2.55
N ASN C 128 25.98 58.12 -3.78
CA ASN C 128 24.60 58.56 -4.01
C ASN C 128 23.68 57.33 -4.12
N ILE C 129 23.58 56.62 -3.01
CA ILE C 129 22.74 55.42 -2.92
C ILE C 129 21.98 55.44 -1.60
N GLY C 130 20.88 54.69 -1.56
CA GLY C 130 20.11 54.51 -0.35
C GLY C 130 18.94 55.44 -0.17
N HIS C 131 18.90 56.56 -0.89
CA HIS C 131 17.80 57.50 -0.74
C HIS C 131 16.54 56.93 -1.40
N PRO C 132 15.42 56.86 -0.68
CA PRO C 132 14.19 56.39 -1.31
C PRO C 132 13.77 57.30 -2.46
N ILE C 133 13.23 56.69 -3.51
CA ILE C 133 12.84 57.42 -4.71
C ILE C 133 11.44 57.98 -4.51
N ILE C 134 11.31 59.31 -4.59
CA ILE C 134 10.04 59.99 -4.44
C ILE C 134 9.74 60.74 -5.73
N GLN C 135 8.62 60.41 -6.36
CA GLN C 135 8.20 61.07 -7.59
C GLN C 135 6.81 61.69 -7.50
N ASP C 136 6.14 61.57 -6.36
CA ASP C 136 4.82 62.14 -6.18
C ASP C 136 4.92 63.65 -6.02
N LYS C 137 3.87 64.34 -6.48
CA LYS C 137 3.82 65.80 -6.35
C LYS C 137 3.80 66.21 -4.88
N GLU C 138 3.04 65.50 -4.05
CA GLU C 138 2.98 65.81 -2.63
C GLU C 138 4.26 65.45 -1.89
N GLY C 139 5.17 64.71 -2.53
CA GLY C 139 6.42 64.34 -1.89
C GLY C 139 6.27 63.41 -0.72
N ASN C 140 5.31 62.49 -0.77
CA ASN C 140 5.09 61.53 0.30
C ASN C 140 5.79 60.20 0.03
N GLY C 141 5.61 59.63 -1.16
CA GLY C 141 6.21 58.37 -1.50
C GLY C 141 5.21 57.22 -1.47
N VAL C 142 5.77 56.03 -1.30
CA VAL C 142 4.96 54.81 -1.30
C VAL C 142 4.35 54.61 0.08
N LEU C 143 3.03 54.41 0.13
CA LEU C 143 2.35 54.15 1.39
C LEU C 143 2.70 52.75 1.88
N ILE C 144 3.36 52.67 3.02
CA ILE C 144 3.79 51.39 3.57
C ILE C 144 2.73 50.77 4.46
N CYS C 145 2.22 51.54 5.43
CA CYS C 145 1.22 51.04 6.35
C CYS C 145 0.44 52.21 6.92
N LYS C 146 -0.72 51.90 7.51
CA LYS C 146 -1.57 52.88 8.15
C LYS C 146 -1.77 52.50 9.60
N LEU C 147 -1.57 53.47 10.50
CA LEU C 147 -1.64 53.25 11.93
C LEU C 147 -2.70 54.15 12.55
N ARG C 148 -3.32 53.65 13.62
CA ARG C 148 -4.23 54.44 14.44
C ARG C 148 -3.58 54.73 15.79
N LYS C 149 -4.32 55.40 16.65
CA LYS C 149 -3.79 55.81 17.95
C LYS C 149 -3.44 54.59 18.79
N GLY C 150 -2.26 54.62 19.42
CA GLY C 150 -1.82 53.55 20.28
C GLY C 150 -1.00 52.47 19.61
N GLN C 151 -0.86 52.51 18.29
CA GLN C 151 -0.10 51.50 17.55
C GLN C 151 1.28 52.05 17.19
N GLU C 152 2.28 51.18 17.26
CA GLU C 152 3.66 51.56 17.00
C GLU C 152 4.28 50.57 16.02
N LEU C 153 5.21 51.08 15.20
CA LEU C 153 5.92 50.26 14.22
C LEU C 153 7.37 50.69 14.21
N LYS C 154 8.24 49.87 14.80
CA LYS C 154 9.67 50.14 14.84
C LYS C 154 10.40 48.94 14.25
N LEU C 155 11.28 49.20 13.28
CA LEU C 155 11.97 48.13 12.58
C LEU C 155 13.18 48.71 11.86
N THR C 156 14.09 47.82 11.44
CA THR C 156 15.34 48.19 10.80
C THR C 156 15.54 47.35 9.56
N CYS C 157 15.96 47.98 8.47
CA CYS C 157 16.19 47.30 7.20
C CYS C 157 17.65 47.46 6.78
N VAL C 158 18.11 46.53 5.95
CA VAL C 158 19.41 46.62 5.31
C VAL C 158 19.24 46.41 3.81
N ALA C 159 19.89 47.24 3.02
CA ALA C 159 19.79 47.19 1.56
C ALA C 159 21.03 46.55 0.98
N LYS C 160 20.83 45.66 0.01
CA LYS C 160 21.91 44.91 -0.61
C LYS C 160 21.78 44.96 -2.12
N LYS C 161 22.92 44.84 -2.80
CA LYS C 161 22.93 44.84 -4.26
C LYS C 161 22.41 43.51 -4.80
N GLY C 162 21.71 43.59 -5.93
CA GLY C 162 21.18 42.38 -6.56
C GLY C 162 20.68 42.69 -7.94
N ILE C 163 20.34 41.62 -8.67
CA ILE C 163 19.82 41.72 -10.02
C ILE C 163 18.41 41.18 -10.05
N ALA C 164 17.68 41.56 -11.11
CA ALA C 164 16.28 41.17 -11.22
C ALA C 164 16.10 39.68 -11.44
N LYS C 165 17.14 38.97 -11.88
CA LYS C 165 17.02 37.52 -12.07
C LYS C 165 16.79 36.81 -10.74
N GLU C 166 17.50 37.22 -9.69
CA GLU C 166 17.33 36.60 -8.39
C GLU C 166 15.95 36.89 -7.81
N HIS C 167 15.49 38.13 -7.92
CA HIS C 167 14.17 38.52 -7.44
C HIS C 167 13.67 39.70 -8.24
N ALA C 168 12.35 39.75 -8.45
CA ALA C 168 11.76 40.80 -9.25
C ALA C 168 11.82 42.18 -8.60
N LYS C 169 12.13 42.25 -7.30
CA LYS C 169 12.21 43.53 -6.61
C LYS C 169 13.43 44.34 -7.02
N TRP C 170 14.40 43.74 -7.70
CA TRP C 170 15.61 44.43 -8.12
C TRP C 170 15.52 44.97 -9.54
N GLY C 171 14.40 44.79 -10.22
CA GLY C 171 14.23 45.28 -11.57
C GLY C 171 14.17 46.79 -11.64
N PRO C 172 15.01 47.38 -12.48
CA PRO C 172 15.00 48.84 -12.66
C PRO C 172 14.08 49.35 -13.76
N ALA C 173 13.59 48.48 -14.63
CA ALA C 173 12.73 48.86 -15.74
C ALA C 173 11.33 48.30 -15.53
N ALA C 174 10.32 49.13 -15.81
CA ALA C 174 8.94 48.71 -15.62
C ALA C 174 8.42 47.94 -16.82
N ALA C 175 8.41 48.57 -17.98
CA ALA C 175 7.94 47.94 -19.20
C ALA C 175 8.74 48.46 -20.38
N ILE C 176 9.15 47.56 -21.27
CA ILE C 176 9.94 47.89 -22.45
C ILE C 176 9.14 47.51 -23.68
N GLU C 177 8.88 48.50 -24.54
CA GLU C 177 8.13 48.28 -25.77
C GLU C 177 9.10 47.91 -26.89
N PHE C 178 8.83 46.78 -27.55
CA PHE C 178 9.67 46.29 -28.64
C PHE C 178 8.78 46.04 -29.85
N GLU C 179 9.13 46.64 -30.98
CA GLU C 179 8.35 46.50 -32.20
C GLU C 179 9.24 46.75 -33.40
N TYR C 180 8.94 46.03 -34.48
CA TYR C 180 9.65 46.20 -35.74
C TYR C 180 8.73 45.81 -36.88
N ASP C 181 9.02 46.32 -38.07
CA ASP C 181 8.26 46.05 -39.28
C ASP C 181 6.78 46.38 -39.07
N PRO C 182 6.41 47.66 -38.97
CA PRO C 182 5.00 48.00 -38.75
C PRO C 182 4.08 47.45 -39.82
N TRP C 183 4.52 47.44 -41.07
CA TRP C 183 3.79 46.76 -42.13
C TRP C 183 4.32 45.32 -42.28
N ASN C 184 3.47 44.45 -42.80
CA ASN C 184 3.84 43.05 -42.96
C ASN C 184 4.66 42.85 -44.24
N LYS C 185 5.75 43.61 -44.37
CA LYS C 185 6.58 43.47 -45.56
C LYS C 185 7.42 42.20 -45.51
N LEU C 186 7.87 41.81 -44.33
CA LEU C 186 8.65 40.59 -44.16
C LEU C 186 7.79 39.34 -44.07
N LYS C 187 6.46 39.49 -43.97
CA LYS C 187 5.54 38.37 -43.84
C LYS C 187 5.90 37.49 -42.65
N HIS C 188 6.29 38.13 -41.54
CA HIS C 188 6.64 37.41 -40.33
C HIS C 188 5.43 36.98 -39.51
N THR C 189 4.23 37.40 -39.89
CA THR C 189 3.03 37.01 -39.19
C THR C 189 1.87 36.92 -40.18
N ASP C 190 0.87 36.12 -39.83
CA ASP C 190 -0.33 35.96 -40.62
C ASP C 190 -1.50 36.60 -39.86
N TYR C 191 -2.20 37.51 -40.53
CA TYR C 191 -3.24 38.30 -39.87
C TYR C 191 -4.56 37.54 -39.90
N TRP C 192 -5.13 37.30 -38.72
CA TRP C 192 -6.44 36.68 -38.61
C TRP C 192 -7.51 37.70 -38.97
N TYR C 193 -8.46 37.29 -39.81
CA TYR C 193 -9.48 38.22 -40.28
C TYR C 193 -10.75 37.45 -40.60
N GLU C 194 -11.86 38.18 -40.67
CA GLU C 194 -13.15 37.63 -41.04
C GLU C 194 -13.55 38.01 -42.46
N GLN C 195 -13.48 39.30 -42.80
CA GLN C 195 -13.78 39.78 -44.14
C GLN C 195 -12.64 40.57 -44.76
N ASP C 196 -11.92 41.36 -43.97
CA ASP C 196 -10.79 42.13 -44.47
C ASP C 196 -9.72 42.19 -43.40
N SER C 197 -8.47 42.38 -43.83
CA SER C 197 -7.33 42.44 -42.94
C SER C 197 -6.94 43.86 -42.56
N ALA C 198 -6.83 44.75 -43.55
CA ALA C 198 -6.46 46.13 -43.26
C ALA C 198 -7.53 46.83 -42.43
N LYS C 199 -8.81 46.61 -42.76
CA LYS C 199 -9.89 47.27 -42.04
C LYS C 199 -9.97 46.78 -40.60
N GLU C 200 -9.84 45.47 -40.38
CA GLU C 200 -10.02 44.92 -39.05
C GLU C 200 -8.83 45.18 -38.13
N TRP C 201 -7.62 45.23 -38.68
CA TRP C 201 -6.42 45.41 -37.86
C TRP C 201 -6.03 46.87 -37.82
N PRO C 202 -6.00 47.50 -36.65
CA PRO C 202 -5.60 48.91 -36.58
C PRO C 202 -4.14 49.12 -36.96
N GLN C 203 -3.85 50.29 -37.51
CA GLN C 203 -2.49 50.63 -37.88
C GLN C 203 -1.70 51.08 -36.66
N SER C 204 -0.46 50.60 -36.56
CA SER C 204 0.40 50.98 -35.45
C SER C 204 0.87 52.42 -35.60
N LYS C 205 1.24 53.02 -34.47
CA LYS C 205 1.71 54.40 -34.45
C LYS C 205 3.06 54.57 -35.14
N ASN C 206 3.78 53.48 -35.38
CA ASN C 206 5.07 53.53 -36.06
C ASN C 206 4.96 53.37 -37.56
N CYS C 207 3.73 53.24 -38.10
CA CYS C 207 3.56 53.08 -39.54
C CYS C 207 3.91 54.35 -40.31
N GLU C 208 3.94 55.51 -39.65
CA GLU C 208 4.25 56.76 -40.32
C GLU C 208 5.74 56.96 -40.54
N TYR C 209 6.59 56.16 -39.90
CA TYR C 209 8.04 56.26 -40.07
C TYR C 209 8.57 55.33 -41.15
N GLU C 210 7.71 54.57 -41.82
CA GLU C 210 8.12 53.65 -42.86
C GLU C 210 7.23 53.83 -44.08
N ASP C 211 7.80 53.59 -45.25
CA ASP C 211 7.04 53.73 -46.48
C ASP C 211 5.97 52.65 -46.56
N PRO C 212 4.73 52.99 -46.94
CA PRO C 212 3.70 51.97 -47.06
C PRO C 212 4.04 50.99 -48.17
N PRO C 213 3.61 49.73 -48.04
CA PRO C 213 3.90 48.76 -49.10
C PRO C 213 3.21 49.13 -50.40
N ASN C 214 3.86 48.79 -51.51
CA ASN C 214 3.33 49.10 -52.84
C ASN C 214 2.56 47.90 -53.37
N GLU C 215 1.33 48.14 -53.80
CA GLU C 215 0.51 47.06 -54.33
C GLU C 215 1.08 46.54 -55.65
N GLY C 216 0.88 45.25 -55.89
CA GLY C 216 1.40 44.62 -57.10
C GLY C 216 2.91 44.57 -57.17
N ASP C 217 3.56 44.21 -56.06
CA ASP C 217 5.01 44.10 -56.03
C ASP C 217 5.41 42.73 -55.52
N PRO C 218 6.49 42.16 -56.06
CA PRO C 218 6.93 40.84 -55.60
C PRO C 218 7.40 40.87 -54.16
N PHE C 219 7.24 39.75 -53.47
CA PHE C 219 7.68 39.63 -52.10
C PHE C 219 9.20 39.64 -52.04
N ASP C 220 9.76 40.56 -51.24
CA ASP C 220 11.20 40.70 -51.13
C ASP C 220 11.73 39.64 -50.18
N TYR C 221 12.27 38.56 -50.73
CA TYR C 221 12.80 37.47 -49.92
C TYR C 221 14.21 37.74 -49.42
N LYS C 222 14.87 38.79 -49.91
CA LYS C 222 16.22 39.13 -49.48
C LYS C 222 16.24 40.17 -48.37
N ALA C 223 15.08 40.58 -47.87
CA ALA C 223 14.99 41.61 -46.85
C ALA C 223 14.88 40.98 -45.46
N GLN C 224 15.63 41.53 -44.51
CA GLN C 224 15.62 41.08 -43.14
C GLN C 224 15.27 42.23 -42.21
N ALA C 225 15.06 41.91 -40.94
CA ALA C 225 14.70 42.92 -39.94
C ALA C 225 15.95 43.67 -39.51
N ASP C 226 15.95 44.99 -39.71
CA ASP C 226 17.09 45.83 -39.36
C ASP C 226 16.71 47.10 -38.62
N THR C 227 15.44 47.50 -38.62
CA THR C 227 14.99 48.70 -37.92
C THR C 227 14.05 48.31 -36.80
N PHE C 228 14.35 48.79 -35.59
CA PHE C 228 13.57 48.46 -34.40
C PHE C 228 13.22 49.72 -33.65
N TYR C 229 11.98 49.79 -33.18
CA TYR C 229 11.49 50.91 -32.37
C TYR C 229 11.33 50.43 -30.93
N MET C 230 12.05 51.06 -30.01
CA MET C 230 12.07 50.63 -28.62
C MET C 230 11.73 51.80 -27.71
N ASN C 231 10.90 51.53 -26.70
CA ASN C 231 10.58 52.49 -25.66
C ASN C 231 10.88 51.87 -24.30
N VAL C 232 11.66 52.56 -23.49
CA VAL C 232 12.10 52.07 -22.19
C VAL C 232 11.54 52.96 -21.10
N GLU C 233 10.87 52.35 -20.12
CA GLU C 233 10.33 53.07 -18.97
C GLU C 233 11.04 52.60 -17.72
N SER C 234 11.50 53.56 -16.91
CA SER C 234 12.26 53.27 -15.70
C SER C 234 11.37 53.43 -14.48
N VAL C 235 11.62 52.57 -13.47
CA VAL C 235 10.89 52.67 -12.22
C VAL C 235 11.20 54.00 -11.52
N GLY C 236 12.47 54.39 -11.50
CA GLY C 236 12.87 55.63 -10.89
C GLY C 236 14.22 55.53 -10.19
N SER C 237 14.65 54.29 -9.92
CA SER C 237 15.94 54.08 -9.28
C SER C 237 17.09 54.54 -10.16
N ILE C 238 17.01 54.27 -11.46
CA ILE C 238 18.07 54.61 -12.40
C ILE C 238 17.47 55.35 -13.59
N PRO C 239 18.10 56.42 -14.08
CA PRO C 239 17.58 57.10 -15.27
C PRO C 239 17.62 56.20 -16.50
N VAL C 240 16.74 56.53 -17.45
CA VAL C 240 16.55 55.67 -18.63
C VAL C 240 17.84 55.57 -19.45
N ASP C 241 18.51 56.71 -19.67
CA ASP C 241 19.75 56.67 -20.43
C ASP C 241 20.80 55.83 -19.70
N GLN C 242 20.91 56.00 -18.39
CA GLN C 242 21.81 55.16 -17.60
C GLN C 242 21.36 53.70 -17.64
N VAL C 243 20.06 53.45 -17.71
CA VAL C 243 19.57 52.07 -17.80
C VAL C 243 20.06 51.42 -19.09
N VAL C 244 19.94 52.14 -20.21
CA VAL C 244 20.38 51.60 -21.50
C VAL C 244 21.90 51.41 -21.51
N VAL C 245 22.63 52.39 -20.98
CA VAL C 245 24.09 52.29 -20.94
C VAL C 245 24.52 51.10 -20.10
N ARG C 246 23.87 50.91 -18.94
CA ARG C 246 24.21 49.78 -18.08
C ARG C 246 23.85 48.45 -18.74
N GLY C 247 22.76 48.41 -19.49
CA GLY C 247 22.42 47.19 -20.21
C GLY C 247 23.48 46.82 -21.24
N ILE C 248 23.90 47.81 -22.03
CA ILE C 248 24.95 47.57 -23.02
C ILE C 248 26.24 47.14 -22.33
N ASP C 249 26.58 47.80 -21.22
CA ASP C 249 27.79 47.45 -20.48
C ASP C 249 27.72 46.04 -19.92
N THR C 250 26.54 45.63 -19.44
CA THR C 250 26.40 44.28 -18.90
C THR C 250 26.53 43.23 -19.99
N LEU C 251 25.93 43.49 -21.17
CA LEU C 251 26.08 42.55 -22.27
C LEU C 251 27.55 42.44 -22.70
N GLN C 252 28.23 43.59 -22.78
CA GLN C 252 29.66 43.58 -23.11
C GLN C 252 30.46 42.82 -22.08
N LYS C 253 30.13 43.00 -20.80
CA LYS C 253 30.84 42.31 -19.73
C LYS C 253 30.63 40.81 -19.81
N LYS C 254 29.41 40.36 -20.12
CA LYS C 254 29.16 38.94 -20.27
C LYS C 254 29.95 38.35 -21.43
N VAL C 255 29.97 39.04 -22.57
CA VAL C 255 30.74 38.53 -23.72
C VAL C 255 32.23 38.51 -23.39
N ALA C 256 32.72 39.55 -22.71
CA ALA C 256 34.13 39.59 -22.34
C ALA C 256 34.49 38.49 -21.35
N SER C 257 33.58 38.18 -20.41
CA SER C 257 33.81 37.09 -19.49
C SER C 257 33.87 35.75 -20.21
N ILE C 258 32.98 35.55 -21.19
CA ILE C 258 33.04 34.33 -21.99
C ILE C 258 34.37 34.22 -22.72
N LEU C 259 34.82 35.33 -23.33
CA LEU C 259 36.10 35.32 -24.03
C LEU C 259 37.25 35.04 -23.09
N LEU C 260 37.22 35.64 -21.89
CA LEU C 260 38.29 35.43 -20.92
C LEU C 260 38.34 33.98 -20.46
N ALA C 261 37.16 33.38 -20.21
CA ALA C 261 37.13 31.97 -19.82
C ALA C 261 37.67 31.09 -20.93
N LEU C 262 37.29 31.37 -22.18
CA LEU C 262 37.81 30.60 -23.31
C LEU C 262 39.32 30.70 -23.40
N THR C 263 39.86 31.92 -23.28
CA THR C 263 41.30 32.12 -23.36
C THR C 263 42.02 31.41 -22.21
N GLN C 264 41.49 31.52 -21.00
CA GLN C 264 42.13 30.88 -19.85
C GLN C 264 42.13 29.37 -19.99
N MET C 265 41.02 28.78 -20.44
CA MET C 265 40.98 27.33 -20.58
C MET C 265 41.84 26.87 -21.77
N ASP C 266 41.96 27.67 -22.82
CA ASP C 266 42.87 27.34 -23.90
C ASP C 266 44.32 27.35 -23.42
N GLN C 267 44.68 28.34 -22.61
CA GLN C 267 46.03 28.38 -22.04
C GLN C 267 46.28 27.19 -21.13
N ASP C 268 45.30 26.86 -20.29
CA ASP C 268 45.48 25.75 -19.34
C ASP C 268 45.60 24.41 -20.08
N LYS C 269 44.79 24.20 -21.10
CA LYS C 269 44.82 22.94 -21.84
C LYS C 269 46.01 22.81 -22.77
N VAL C 270 46.73 23.89 -23.02
CA VAL C 270 47.90 23.84 -23.90
C VAL C 270 49.17 24.04 -23.09
N MET D 1 -62.39 -27.58 -40.21
CA MET D 1 -62.36 -29.02 -40.07
C MET D 1 -61.32 -29.64 -40.98
N ASP D 2 -61.46 -29.41 -42.29
CA ASP D 2 -60.52 -29.97 -43.25
C ASP D 2 -59.15 -29.31 -43.13
N GLN D 3 -59.11 -28.02 -42.82
CA GLN D 3 -57.83 -27.34 -42.66
C GLN D 3 -57.06 -27.86 -41.46
N GLU D 4 -57.76 -28.21 -40.37
CA GLU D 4 -57.10 -28.81 -39.22
C GLU D 4 -56.51 -30.16 -39.57
N ASN D 5 -57.25 -30.97 -40.33
CA ASN D 5 -56.73 -32.26 -40.75
C ASN D 5 -55.52 -32.11 -41.65
N GLU D 6 -55.56 -31.15 -42.58
CA GLU D 6 -54.41 -30.91 -43.45
C GLU D 6 -53.19 -30.45 -42.65
N ARG D 7 -53.40 -29.55 -41.69
CA ARG D 7 -52.29 -29.09 -40.86
C ARG D 7 -51.70 -30.23 -40.05
N ASN D 8 -52.56 -31.09 -39.49
CA ASN D 8 -52.07 -32.24 -38.73
C ASN D 8 -51.30 -33.20 -39.62
N ILE D 9 -51.77 -33.41 -40.85
CA ILE D 9 -51.07 -34.28 -41.78
C ILE D 9 -49.69 -33.71 -42.11
N SER D 10 -49.63 -32.40 -42.36
CA SER D 10 -48.34 -31.77 -42.66
C SER D 10 -47.39 -31.87 -41.47
N ARG D 11 -47.89 -31.63 -40.27
CA ARG D 11 -47.05 -31.72 -39.08
C ARG D 11 -46.56 -33.14 -38.86
N LEU D 12 -47.43 -34.14 -39.08
CA LEU D 12 -47.02 -35.53 -38.94
C LEU D 12 -45.96 -35.89 -39.98
N TRP D 13 -46.12 -35.41 -41.22
CA TRP D 13 -45.13 -35.68 -42.24
C TRP D 13 -43.78 -35.05 -41.89
N ARG D 14 -43.80 -33.82 -41.39
CA ARG D 14 -42.55 -33.17 -40.97
C ARG D 14 -41.90 -33.92 -39.81
N ALA D 15 -42.71 -34.37 -38.84
CA ALA D 15 -42.17 -35.13 -37.72
C ALA D 15 -41.57 -36.46 -38.20
N PHE D 16 -42.24 -37.12 -39.15
CA PHE D 16 -41.70 -38.36 -39.69
C PHE D 16 -40.37 -38.13 -40.41
N ARG D 17 -40.28 -37.04 -41.18
CA ARG D 17 -39.02 -36.71 -41.85
C ARG D 17 -37.92 -36.43 -40.84
N THR D 18 -38.25 -35.70 -39.77
CA THR D 18 -37.25 -35.42 -38.74
C THR D 18 -36.81 -36.69 -38.03
N VAL D 19 -37.74 -37.60 -37.77
CA VAL D 19 -37.40 -38.88 -37.14
C VAL D 19 -36.48 -39.69 -38.04
N LYS D 20 -36.77 -39.73 -39.34
CA LYS D 20 -35.92 -40.44 -40.28
C LYS D 20 -34.52 -39.82 -40.33
N GLU D 21 -34.45 -38.49 -40.34
CA GLU D 21 -33.15 -37.82 -40.34
C GLU D 21 -32.37 -38.13 -39.06
N MET D 22 -33.06 -38.14 -37.91
CA MET D 22 -32.40 -38.45 -36.65
C MET D 22 -31.89 -39.88 -36.64
N VAL D 23 -32.68 -40.82 -37.15
CA VAL D 23 -32.25 -42.21 -37.20
C VAL D 23 -31.03 -42.35 -38.11
N LYS D 24 -31.04 -41.68 -39.26
CA LYS D 24 -29.89 -41.73 -40.16
C LYS D 24 -28.66 -41.12 -39.50
N ASP D 25 -28.82 -40.01 -38.77
CA ASP D 25 -27.69 -39.37 -38.12
C ASP D 25 -27.13 -40.20 -36.97
N ARG D 26 -28.00 -40.95 -36.28
CA ARG D 26 -27.54 -41.78 -35.17
C ARG D 26 -26.61 -42.90 -35.61
N GLY D 27 -26.57 -43.20 -36.91
CA GLY D 27 -25.69 -44.22 -37.44
C GLY D 27 -26.40 -45.41 -38.06
N TYR D 28 -27.72 -45.46 -38.07
CA TYR D 28 -28.45 -46.59 -38.65
C TYR D 28 -28.54 -46.43 -40.17
N PHE D 29 -29.15 -47.42 -40.81
CA PHE D 29 -29.25 -47.46 -42.27
C PHE D 29 -30.60 -46.91 -42.70
N ILE D 30 -30.59 -45.69 -43.22
CA ILE D 30 -31.78 -45.06 -43.81
C ILE D 30 -31.36 -44.46 -45.14
N THR D 31 -32.02 -44.89 -46.22
CA THR D 31 -31.72 -44.36 -47.54
C THR D 31 -32.16 -42.90 -47.64
N GLN D 32 -31.45 -42.15 -48.47
CA GLN D 32 -31.80 -40.75 -48.69
C GLN D 32 -33.13 -40.59 -49.41
N GLU D 33 -33.60 -41.62 -50.11
CA GLU D 33 -34.86 -41.53 -50.84
C GLU D 33 -36.03 -41.38 -49.88
N GLU D 34 -36.11 -42.24 -48.85
CA GLU D 34 -37.23 -42.16 -47.92
C GLU D 34 -37.19 -40.92 -47.05
N VAL D 35 -36.05 -40.24 -46.97
CA VAL D 35 -35.95 -39.05 -46.13
C VAL D 35 -36.78 -37.92 -46.71
N GLU D 36 -36.64 -37.64 -48.00
CA GLU D 36 -37.40 -36.58 -48.66
C GLU D 36 -38.70 -37.09 -49.27
N LEU D 37 -39.42 -37.88 -48.49
CA LEU D 37 -40.68 -38.45 -48.96
C LEU D 37 -41.70 -37.35 -49.22
N PRO D 38 -42.29 -37.28 -50.41
CA PRO D 38 -43.23 -36.20 -50.72
C PRO D 38 -44.49 -36.29 -49.87
N LEU D 39 -45.12 -35.14 -49.67
CA LEU D 39 -46.35 -35.08 -48.88
C LEU D 39 -47.46 -35.88 -49.54
N GLU D 40 -47.55 -35.83 -50.88
CA GLU D 40 -48.58 -36.59 -51.58
C GLU D 40 -48.36 -38.10 -51.38
N ASP D 41 -47.12 -38.55 -51.48
CA ASP D 41 -46.83 -39.96 -51.26
C ASP D 41 -47.12 -40.37 -49.82
N PHE D 42 -46.79 -39.49 -48.87
CA PHE D 42 -47.08 -39.78 -47.46
C PHE D 42 -48.58 -39.91 -47.24
N LYS D 43 -49.37 -39.01 -47.82
CA LYS D 43 -50.82 -39.11 -47.69
C LYS D 43 -51.36 -40.37 -48.36
N ALA D 44 -50.79 -40.73 -49.53
CA ALA D 44 -51.26 -41.93 -50.22
C ALA D 44 -50.96 -43.19 -49.43
N LYS D 45 -49.79 -43.26 -48.80
CA LYS D 45 -49.36 -44.50 -48.15
C LYS D 45 -49.84 -44.59 -46.70
N TYR D 46 -49.47 -43.61 -45.86
CA TYR D 46 -49.70 -43.70 -44.43
C TYR D 46 -51.06 -43.15 -44.00
N CYS D 47 -51.87 -42.67 -44.93
CA CYS D 47 -53.19 -42.14 -44.61
C CYS D 47 -54.24 -42.88 -45.44
N ASP D 48 -55.37 -43.19 -44.81
CA ASP D 48 -56.43 -43.94 -45.46
C ASP D 48 -57.25 -43.03 -46.36
N SER D 49 -58.27 -43.62 -47.01
CA SER D 49 -59.13 -42.85 -47.90
C SER D 49 -59.98 -41.85 -47.14
N MET D 50 -60.34 -42.16 -45.89
CA MET D 50 -61.15 -41.25 -45.10
C MET D 50 -60.42 -39.93 -44.84
N GLY D 51 -59.12 -40.01 -44.56
CA GLY D 51 -58.31 -38.84 -44.30
C GLY D 51 -57.75 -38.74 -42.89
N ARG D 52 -58.21 -39.57 -41.96
CA ARG D 52 -57.66 -39.54 -40.62
C ARG D 52 -56.21 -40.04 -40.63
N PRO D 53 -55.32 -39.40 -39.89
CA PRO D 53 -53.92 -39.85 -39.84
C PRO D 53 -53.80 -41.15 -39.06
N GLN D 54 -53.33 -42.20 -39.74
CA GLN D 54 -53.13 -43.50 -39.12
C GLN D 54 -51.67 -43.65 -38.72
N ARG D 55 -51.44 -43.88 -37.43
CA ARG D 55 -50.08 -44.00 -36.90
C ARG D 55 -49.59 -45.44 -37.04
N LYS D 56 -49.57 -45.91 -38.28
CA LYS D 56 -49.02 -47.22 -38.62
C LYS D 56 -47.56 -47.13 -39.04
N MET D 57 -46.94 -45.96 -38.94
CA MET D 57 -45.55 -45.77 -39.36
C MET D 57 -44.62 -46.39 -38.32
N MET D 58 -44.43 -47.70 -38.46
CA MET D 58 -43.50 -48.45 -37.63
C MET D 58 -42.37 -48.97 -38.51
N SER D 59 -41.14 -48.64 -38.14
CA SER D 59 -39.97 -49.01 -38.92
C SER D 59 -38.91 -49.64 -38.01
N PHE D 60 -38.17 -50.58 -38.58
CA PHE D 60 -37.06 -51.25 -37.90
C PHE D 60 -35.77 -50.91 -38.63
N GLN D 61 -34.89 -50.17 -37.96
CA GLN D 61 -33.64 -49.73 -38.55
C GLN D 61 -32.52 -50.66 -38.10
N ALA D 62 -31.67 -51.07 -39.05
CA ALA D 62 -30.56 -51.96 -38.78
C ALA D 62 -29.25 -51.19 -38.94
N ASN D 63 -28.28 -51.50 -38.08
CA ASN D 63 -27.00 -50.81 -38.12
C ASN D 63 -26.18 -51.27 -39.32
N PRO D 64 -25.73 -50.37 -40.19
CA PRO D 64 -24.88 -50.79 -41.31
C PRO D 64 -23.56 -51.36 -40.82
N THR D 65 -23.05 -52.34 -41.56
CA THR D 65 -21.76 -52.94 -41.25
C THR D 65 -20.58 -52.20 -41.87
N GLU D 66 -20.85 -51.23 -42.76
CA GLU D 66 -19.76 -50.52 -43.41
C GLU D 66 -18.99 -49.66 -42.41
N GLU D 67 -19.69 -48.85 -41.64
CA GLU D 67 -19.03 -47.97 -40.68
C GLU D 67 -19.61 -48.06 -39.28
N SER D 68 -20.92 -48.21 -39.14
CA SER D 68 -21.54 -48.20 -37.83
C SER D 68 -21.12 -49.40 -36.99
N ILE D 69 -21.20 -50.60 -37.57
CA ILE D 69 -20.82 -51.80 -36.83
C ILE D 69 -19.32 -51.81 -36.57
N SER D 70 -18.53 -51.33 -37.53
CA SER D 70 -17.08 -51.30 -37.34
C SER D 70 -16.68 -50.35 -36.21
N LYS D 71 -17.30 -49.17 -36.15
CA LYS D 71 -16.96 -48.21 -35.11
C LYS D 71 -17.49 -48.65 -33.75
N PHE D 72 -18.75 -49.09 -33.71
CA PHE D 72 -19.40 -49.53 -32.47
C PHE D 72 -19.93 -50.93 -32.67
N PRO D 73 -19.16 -51.96 -32.32
CA PRO D 73 -19.65 -53.34 -32.47
C PRO D 73 -20.59 -53.74 -31.35
N ASP D 74 -21.55 -52.87 -31.04
CA ASP D 74 -22.55 -53.17 -30.02
C ASP D 74 -23.93 -52.64 -30.38
N MET D 75 -24.14 -52.15 -31.60
CA MET D 75 -25.41 -51.60 -32.02
C MET D 75 -26.21 -52.66 -32.76
N GLY D 76 -27.47 -52.83 -32.36
CA GLY D 76 -28.32 -53.84 -32.95
C GLY D 76 -29.37 -53.28 -33.89
N SER D 77 -30.62 -53.19 -33.41
CA SER D 77 -31.72 -52.69 -34.22
C SER D 77 -32.52 -51.68 -33.42
N LEU D 78 -33.16 -50.77 -34.13
CA LEU D 78 -33.96 -49.71 -33.54
C LEU D 78 -35.42 -49.87 -33.94
N TRP D 79 -36.32 -49.60 -33.00
CA TRP D 79 -37.76 -49.72 -33.22
C TRP D 79 -38.43 -48.41 -32.82
N VAL D 80 -38.85 -47.63 -33.82
CA VAL D 80 -39.57 -46.39 -33.59
C VAL D 80 -41.04 -46.64 -33.88
N GLU D 81 -41.89 -46.39 -32.90
CA GLU D 81 -43.33 -46.68 -33.00
C GLU D 81 -44.12 -45.45 -32.56
N PHE D 82 -44.88 -44.88 -33.49
CA PHE D 82 -45.78 -43.79 -33.16
C PHE D 82 -47.03 -44.34 -32.49
N CYS D 83 -47.66 -43.49 -31.67
CA CYS D 83 -48.82 -43.88 -30.89
C CYS D 83 -50.07 -43.17 -31.39
N ASP D 84 -51.15 -43.92 -31.51
CA ASP D 84 -52.43 -43.37 -31.97
C ASP D 84 -53.20 -42.67 -30.86
N GLU D 85 -53.03 -43.09 -29.61
CA GLU D 85 -53.75 -42.48 -28.50
C GLU D 85 -53.31 -41.03 -28.33
N PRO D 86 -54.24 -40.10 -28.05
CA PRO D 86 -53.82 -38.72 -27.78
C PRO D 86 -52.95 -38.62 -26.54
N SER D 87 -53.43 -39.12 -25.40
CA SER D 87 -52.65 -39.21 -24.18
C SER D 87 -52.39 -40.68 -23.89
N VAL D 88 -51.12 -41.06 -23.81
CA VAL D 88 -50.78 -42.46 -23.60
C VAL D 88 -51.13 -42.88 -22.18
N GLY D 89 -51.31 -44.20 -22.00
CA GLY D 89 -51.66 -44.76 -20.72
C GLY D 89 -50.58 -45.70 -20.20
N VAL D 90 -50.71 -46.04 -18.92
CA VAL D 90 -49.74 -46.95 -18.29
C VAL D 90 -49.80 -48.33 -18.93
N LYS D 91 -51.02 -48.82 -19.18
CA LYS D 91 -51.17 -50.14 -19.79
C LYS D 91 -50.56 -50.17 -21.19
N THR D 92 -50.84 -49.15 -21.99
CA THR D 92 -50.34 -49.12 -23.36
C THR D 92 -48.81 -49.12 -23.39
N MET D 93 -48.18 -48.36 -22.48
CA MET D 93 -46.72 -48.39 -22.41
C MET D 93 -46.22 -49.74 -21.92
N LYS D 94 -47.01 -50.43 -21.09
CA LYS D 94 -46.62 -51.78 -20.68
C LYS D 94 -46.62 -52.72 -21.89
N THR D 95 -47.64 -52.63 -22.74
CA THR D 95 -47.64 -53.44 -23.96
C THR D 95 -46.48 -53.05 -24.87
N PHE D 96 -46.16 -51.77 -24.95
CA PHE D 96 -45.03 -51.34 -25.76
C PHE D 96 -43.72 -51.92 -25.24
N VAL D 97 -43.53 -51.92 -23.92
CA VAL D 97 -42.33 -52.48 -23.32
C VAL D 97 -42.25 -53.99 -23.58
N ILE D 98 -43.38 -54.68 -23.45
CA ILE D 98 -43.41 -56.12 -23.73
C ILE D 98 -43.06 -56.38 -25.19
N HIS D 99 -43.62 -55.57 -26.09
CA HIS D 99 -43.32 -55.72 -27.52
C HIS D 99 -41.84 -55.50 -27.80
N ILE D 100 -41.24 -54.51 -27.15
CA ILE D 100 -39.81 -54.26 -27.31
C ILE D 100 -39.01 -55.46 -26.80
N GLN D 101 -39.40 -56.01 -25.66
CA GLN D 101 -38.64 -57.11 -25.06
C GLN D 101 -38.78 -58.40 -25.85
N GLU D 102 -39.92 -58.62 -26.51
CA GLU D 102 -40.16 -59.89 -27.17
C GLU D 102 -39.13 -60.16 -28.27
N LYS D 103 -38.85 -59.15 -29.10
CA LYS D 103 -37.85 -59.26 -30.15
C LYS D 103 -36.53 -58.61 -29.76
N ASN D 104 -36.23 -58.58 -28.46
CA ASN D 104 -34.98 -58.14 -27.85
C ASN D 104 -34.30 -56.99 -28.59
N PHE D 105 -35.07 -55.97 -28.93
CA PHE D 105 -34.49 -54.78 -29.55
C PHE D 105 -33.60 -54.05 -28.55
N GLN D 106 -32.44 -53.61 -29.03
CA GLN D 106 -31.49 -52.94 -28.14
C GLN D 106 -32.05 -51.63 -27.61
N THR D 107 -32.70 -50.85 -28.47
CA THR D 107 -33.27 -49.57 -28.07
C THR D 107 -34.58 -49.35 -28.81
N GLY D 108 -35.45 -48.54 -28.20
CA GLY D 108 -36.72 -48.20 -28.80
C GLY D 108 -37.08 -46.74 -28.60
N ILE D 109 -37.66 -46.12 -29.62
CA ILE D 109 -38.04 -44.71 -29.58
C ILE D 109 -39.56 -44.62 -29.60
N PHE D 110 -40.13 -43.95 -28.61
CA PHE D 110 -41.57 -43.76 -28.48
C PHE D 110 -41.90 -42.29 -28.62
N VAL D 111 -42.88 -41.99 -29.48
CA VAL D 111 -43.31 -40.62 -29.72
C VAL D 111 -44.78 -40.50 -29.32
N TYR D 112 -45.06 -39.62 -28.37
CA TYR D 112 -46.42 -39.36 -27.94
C TYR D 112 -46.96 -38.14 -28.67
N GLN D 113 -48.13 -37.65 -28.24
CA GLN D 113 -48.81 -36.55 -28.93
C GLN D 113 -48.85 -35.28 -28.09
N ASN D 114 -49.38 -35.34 -26.88
CA ASN D 114 -49.56 -34.14 -26.06
C ASN D 114 -48.77 -34.18 -24.77
N ASN D 115 -48.92 -35.23 -23.96
CA ASN D 115 -48.24 -35.29 -22.67
C ASN D 115 -47.88 -36.74 -22.35
N ILE D 116 -46.97 -36.89 -21.39
CA ILE D 116 -46.49 -38.19 -20.95
C ILE D 116 -46.92 -38.42 -19.51
N THR D 117 -47.34 -39.63 -19.20
CA THR D 117 -47.81 -39.96 -17.86
C THR D 117 -46.63 -40.21 -16.92
N PRO D 118 -46.59 -39.57 -15.76
CA PRO D 118 -45.50 -39.84 -14.81
C PRO D 118 -45.44 -41.30 -14.37
N SER D 119 -46.58 -41.99 -14.32
CA SER D 119 -46.57 -43.41 -13.98
C SER D 119 -45.77 -44.21 -15.01
N ALA D 120 -45.96 -43.90 -16.30
CA ALA D 120 -45.16 -44.55 -17.34
C ALA D 120 -43.71 -44.09 -17.30
N MET D 121 -43.47 -42.82 -16.96
CA MET D 121 -42.10 -42.34 -16.85
C MET D 121 -41.35 -43.06 -15.73
N LYS D 122 -42.07 -43.49 -14.68
CA LYS D 122 -41.43 -44.22 -13.60
C LYS D 122 -40.85 -45.55 -14.10
N LEU D 123 -41.58 -46.25 -14.95
CA LEU D 123 -41.12 -47.52 -15.50
C LEU D 123 -40.32 -47.34 -16.79
N VAL D 124 -40.18 -46.11 -17.29
CA VAL D 124 -39.34 -45.87 -18.47
C VAL D 124 -37.93 -46.43 -18.29
N PRO D 125 -37.21 -46.17 -17.20
CA PRO D 125 -35.84 -46.67 -17.08
C PRO D 125 -35.73 -48.14 -16.70
N SER D 126 -36.81 -48.91 -16.76
CA SER D 126 -36.79 -50.31 -16.38
C SER D 126 -36.22 -51.15 -17.52
N ILE D 127 -36.40 -52.47 -17.41
CA ILE D 127 -35.98 -53.50 -18.37
C ILE D 127 -34.60 -53.21 -18.96
N PRO D 128 -33.53 -53.31 -18.16
CA PRO D 128 -32.18 -53.13 -18.70
C PRO D 128 -31.74 -54.36 -19.46
N PRO D 129 -30.75 -54.23 -20.36
CA PRO D 129 -29.99 -53.03 -20.72
C PRO D 129 -30.67 -52.23 -21.83
N ALA D 130 -31.87 -52.62 -22.23
CA ALA D 130 -32.58 -51.88 -23.27
C ALA D 130 -32.94 -50.48 -22.80
N THR D 131 -32.77 -49.50 -23.68
CA THR D 131 -33.03 -48.10 -23.37
C THR D 131 -34.26 -47.64 -24.13
N ILE D 132 -35.18 -46.98 -23.44
CA ILE D 132 -36.40 -46.45 -24.02
C ILE D 132 -36.32 -44.93 -24.01
N GLU D 133 -36.50 -44.32 -25.19
CA GLU D 133 -36.44 -42.88 -25.36
C GLU D 133 -37.81 -42.35 -25.74
N THR D 134 -38.21 -41.25 -25.11
CA THR D 134 -39.50 -40.62 -25.34
C THR D 134 -39.30 -39.30 -26.07
N PHE D 135 -40.18 -39.02 -27.03
CA PHE D 135 -40.10 -37.80 -27.83
C PHE D 135 -41.50 -37.22 -28.00
N ASN D 136 -41.54 -35.92 -28.30
CA ASN D 136 -42.79 -35.21 -28.52
C ASN D 136 -42.92 -34.82 -29.98
N GLU D 137 -44.14 -34.92 -30.52
CA GLU D 137 -44.36 -34.55 -31.91
C GLU D 137 -44.12 -33.07 -32.14
N ALA D 138 -44.53 -32.22 -31.20
CA ALA D 138 -44.31 -30.79 -31.35
C ALA D 138 -42.83 -30.45 -31.40
N ALA D 139 -42.03 -31.10 -30.56
CA ALA D 139 -40.59 -30.85 -30.57
C ALA D 139 -39.94 -31.45 -31.82
N LEU D 140 -40.53 -32.49 -32.39
CA LEU D 140 -39.98 -33.16 -33.56
C LEU D 140 -40.53 -32.62 -34.86
N VAL D 141 -41.42 -31.62 -34.82
CA VAL D 141 -41.95 -31.04 -36.06
C VAL D 141 -40.82 -30.46 -36.90
N VAL D 142 -39.90 -29.74 -36.27
CA VAL D 142 -38.77 -29.14 -36.97
C VAL D 142 -37.48 -29.78 -36.45
N ASN D 143 -36.45 -29.74 -37.29
CA ASN D 143 -35.15 -30.30 -36.97
C ASN D 143 -34.23 -29.21 -36.47
N ILE D 144 -33.65 -29.42 -35.28
CA ILE D 144 -32.77 -28.43 -34.68
C ILE D 144 -31.33 -28.53 -35.17
N THR D 145 -30.94 -29.68 -35.74
CA THR D 145 -29.58 -29.82 -36.25
C THR D 145 -29.34 -28.88 -37.43
N HIS D 146 -30.34 -28.72 -38.30
CA HIS D 146 -30.20 -27.89 -39.48
C HIS D 146 -30.08 -26.41 -39.17
N HIS D 147 -30.32 -26.00 -37.92
CA HIS D 147 -30.19 -24.59 -37.56
C HIS D 147 -28.75 -24.13 -37.74
N GLU D 148 -28.59 -22.87 -38.16
CA GLU D 148 -27.26 -22.33 -38.41
C GLU D 148 -26.47 -22.12 -37.14
N LEU D 149 -27.13 -22.04 -35.98
CA LEU D 149 -26.45 -21.84 -34.71
C LEU D 149 -26.01 -23.14 -34.05
N VAL D 150 -26.38 -24.28 -34.60
CA VAL D 150 -26.07 -25.59 -34.03
C VAL D 150 -24.92 -26.19 -34.84
N PRO D 151 -23.74 -26.34 -34.26
CA PRO D 151 -22.63 -26.96 -34.99
C PRO D 151 -22.78 -28.48 -35.08
N LYS D 152 -21.90 -29.08 -35.86
CA LYS D 152 -21.93 -30.52 -36.05
C LYS D 152 -21.46 -31.25 -34.79
N HIS D 153 -22.19 -32.29 -34.41
CA HIS D 153 -21.86 -33.13 -33.27
C HIS D 153 -21.53 -34.53 -33.75
N ILE D 154 -20.35 -35.02 -33.38
CA ILE D 154 -19.88 -36.34 -33.78
C ILE D 154 -19.59 -37.15 -32.53
N ARG D 155 -20.20 -38.32 -32.44
CA ARG D 155 -19.98 -39.20 -31.30
C ARG D 155 -18.61 -39.87 -31.40
N LEU D 156 -18.00 -40.11 -30.25
CA LEU D 156 -16.69 -40.73 -30.16
C LEU D 156 -16.81 -42.11 -29.50
N SER D 157 -16.10 -43.08 -30.07
CA SER D 157 -16.10 -44.43 -29.53
C SER D 157 -15.20 -44.52 -28.29
N SER D 158 -15.21 -45.70 -27.66
CA SER D 158 -14.43 -45.88 -26.44
C SER D 158 -12.94 -45.77 -26.71
N ASP D 159 -12.46 -46.37 -27.79
CA ASP D 159 -11.04 -46.28 -28.12
C ASP D 159 -10.65 -44.85 -28.45
N GLU D 160 -11.50 -44.13 -29.20
CA GLU D 160 -11.22 -42.73 -29.51
C GLU D 160 -11.17 -41.88 -28.25
N LYS D 161 -12.12 -42.11 -27.33
CA LYS D 161 -12.12 -41.37 -26.07
C LYS D 161 -10.87 -41.65 -25.26
N ARG D 162 -10.46 -42.93 -25.18
CA ARG D 162 -9.25 -43.27 -24.45
C ARG D 162 -8.02 -42.63 -25.08
N GLU D 163 -7.94 -42.64 -26.42
CA GLU D 163 -6.81 -42.02 -27.09
C GLU D 163 -6.78 -40.51 -26.84
N LEU D 164 -7.95 -39.86 -26.88
CA LEU D 164 -8.00 -38.43 -26.61
C LEU D 164 -7.55 -38.12 -25.19
N LEU D 165 -8.03 -38.90 -24.22
CA LEU D 165 -7.64 -38.68 -22.83
C LEU D 165 -6.15 -38.89 -22.64
N LYS D 166 -5.59 -39.93 -23.27
CA LYS D 166 -4.15 -40.19 -23.15
C LYS D 166 -3.33 -39.08 -23.80
N ARG D 167 -3.75 -38.61 -24.97
CA ARG D 167 -2.98 -37.60 -25.68
C ARG D 167 -3.02 -36.26 -24.95
N TYR D 168 -4.20 -35.84 -24.48
CA TYR D 168 -4.31 -34.57 -23.80
C TYR D 168 -4.03 -34.66 -22.30
N ARG D 169 -3.88 -35.87 -21.76
CA ARG D 169 -3.57 -36.09 -20.35
C ARG D 169 -4.61 -35.42 -19.45
N LEU D 170 -5.86 -35.87 -19.58
CA LEU D 170 -6.97 -35.33 -18.81
C LEU D 170 -7.73 -36.47 -18.13
N LYS D 171 -8.39 -36.13 -17.04
CA LYS D 171 -9.33 -37.03 -16.40
C LYS D 171 -10.72 -36.84 -17.00
N GLU D 172 -11.65 -37.72 -16.60
CA GLU D 172 -13.01 -37.62 -17.10
C GLU D 172 -13.67 -36.32 -16.66
N SER D 173 -13.43 -35.90 -15.43
CA SER D 173 -14.05 -34.69 -14.89
C SER D 173 -13.44 -33.41 -15.46
N GLN D 174 -12.26 -33.48 -16.04
CA GLN D 174 -11.59 -32.29 -16.57
C GLN D 174 -11.94 -32.06 -18.05
N LEU D 175 -13.22 -32.03 -18.35
CA LEU D 175 -13.72 -31.79 -19.70
C LEU D 175 -15.00 -30.99 -19.62
N PRO D 176 -15.33 -30.23 -20.66
CA PRO D 176 -16.63 -29.56 -20.70
C PRO D 176 -17.77 -30.57 -20.65
N ARG D 177 -18.85 -30.21 -19.97
CA ARG D 177 -19.96 -31.11 -19.72
C ARG D 177 -21.19 -30.66 -20.48
N ILE D 178 -21.98 -31.64 -20.95
CA ILE D 178 -23.25 -31.40 -21.61
C ILE D 178 -24.31 -32.23 -20.90
N GLN D 179 -25.45 -31.61 -20.61
CA GLN D 179 -26.51 -32.29 -19.87
C GLN D 179 -27.11 -33.41 -20.69
N ARG D 180 -27.54 -34.48 -19.99
CA ARG D 180 -28.22 -35.58 -20.66
C ARG D 180 -29.58 -35.17 -21.20
N ALA D 181 -30.16 -34.09 -20.69
CA ALA D 181 -31.44 -33.59 -21.15
C ALA D 181 -31.29 -32.53 -22.24
N ASP D 182 -30.07 -32.28 -22.70
CA ASP D 182 -29.86 -31.32 -23.76
C ASP D 182 -30.55 -31.79 -25.04
N PRO D 183 -31.14 -30.88 -25.83
CA PRO D 183 -31.81 -31.32 -27.07
C PRO D 183 -30.88 -32.05 -28.02
N VAL D 184 -29.63 -31.63 -28.14
CA VAL D 184 -28.69 -32.32 -29.01
C VAL D 184 -28.36 -33.70 -28.46
N ALA D 185 -28.22 -33.82 -27.14
CA ALA D 185 -27.95 -35.13 -26.53
C ALA D 185 -29.12 -36.07 -26.75
N LEU D 186 -30.36 -35.58 -26.62
CA LEU D 186 -31.52 -36.42 -26.90
C LEU D 186 -31.58 -36.79 -28.39
N TYR D 187 -31.21 -35.85 -29.27
CA TYR D 187 -31.20 -36.13 -30.70
C TYR D 187 -30.21 -37.24 -31.03
N LEU D 188 -29.02 -37.19 -30.43
CA LEU D 188 -28.00 -38.19 -30.67
C LEU D 188 -28.11 -39.40 -29.76
N GLY D 189 -28.99 -39.36 -28.76
CA GLY D 189 -29.11 -40.47 -27.83
C GLY D 189 -27.87 -40.72 -27.01
N LEU D 190 -27.23 -39.66 -26.53
CA LEU D 190 -26.01 -39.81 -25.75
C LEU D 190 -26.31 -40.42 -24.39
N LYS D 191 -25.38 -41.26 -23.92
CA LYS D 191 -25.47 -41.88 -22.60
C LYS D 191 -24.42 -41.26 -21.68
N ARG D 192 -24.50 -41.63 -20.41
CA ARG D 192 -23.56 -41.11 -19.42
C ARG D 192 -22.15 -41.59 -19.75
N GLY D 193 -21.19 -40.66 -19.68
CA GLY D 193 -19.81 -40.97 -19.95
C GLY D 193 -19.42 -40.92 -21.42
N GLU D 194 -20.36 -40.66 -22.32
CA GLU D 194 -20.04 -40.60 -23.74
C GLU D 194 -19.48 -39.23 -24.11
N VAL D 195 -18.42 -39.24 -24.90
CA VAL D 195 -17.74 -38.02 -25.34
C VAL D 195 -18.18 -37.70 -26.75
N VAL D 196 -18.61 -36.46 -26.98
CA VAL D 196 -19.04 -36.00 -28.29
C VAL D 196 -18.02 -35.00 -28.80
N LYS D 197 -17.92 -34.90 -30.12
CA LYS D 197 -16.99 -34.00 -30.79
C LYS D 197 -17.77 -32.92 -31.52
N ILE D 198 -17.39 -31.65 -31.29
CA ILE D 198 -18.07 -30.51 -31.88
C ILE D 198 -17.10 -29.79 -32.80
N ILE D 199 -17.52 -29.58 -34.05
CA ILE D 199 -16.73 -28.85 -35.03
C ILE D 199 -17.48 -27.56 -35.35
N ARG D 200 -16.81 -26.43 -35.13
CA ARG D 200 -17.42 -25.11 -35.35
C ARG D 200 -16.52 -24.31 -36.28
N LYS D 201 -17.01 -23.13 -36.66
CA LYS D 201 -16.28 -22.20 -37.51
C LYS D 201 -16.06 -20.91 -36.75
N SER D 202 -14.80 -20.46 -36.69
CA SER D 202 -14.42 -19.27 -35.95
C SER D 202 -13.86 -18.23 -36.90
N GLU D 203 -13.80 -16.98 -36.41
CA GLU D 203 -13.23 -15.89 -37.18
C GLU D 203 -11.72 -15.77 -37.00
N THR D 204 -11.13 -16.53 -36.08
CA THR D 204 -9.68 -16.53 -35.89
C THR D 204 -9.01 -17.70 -36.59
N SER D 205 -9.67 -18.84 -36.68
CA SER D 205 -9.16 -20.00 -37.40
C SER D 205 -10.29 -20.60 -38.24
N GLY D 206 -9.91 -21.28 -39.31
CA GLY D 206 -10.92 -21.83 -40.21
C GLY D 206 -11.80 -22.85 -39.55
N ARG D 207 -11.21 -23.76 -38.78
CA ARG D 207 -11.94 -24.82 -38.10
C ARG D 207 -11.47 -24.94 -36.67
N TYR D 208 -12.41 -25.30 -35.79
CA TYR D 208 -12.10 -25.51 -34.37
C TYR D 208 -12.85 -26.75 -33.89
N ALA D 209 -12.15 -27.59 -33.15
CA ALA D 209 -12.69 -28.83 -32.62
C ALA D 209 -12.75 -28.76 -31.10
N SER D 210 -13.92 -29.09 -30.54
CA SER D 210 -14.13 -29.10 -29.10
C SER D 210 -14.78 -30.42 -28.70
N TYR D 211 -14.48 -30.85 -27.48
CA TYR D 211 -14.96 -32.11 -26.95
C TYR D 211 -15.74 -31.87 -25.67
N ARG D 212 -16.90 -32.53 -25.56
CA ARG D 212 -17.74 -32.45 -24.38
C ARG D 212 -18.14 -33.85 -23.93
N ILE D 213 -18.29 -34.02 -22.62
CA ILE D 213 -18.66 -35.30 -22.03
C ILE D 213 -20.08 -35.20 -21.48
N CYS D 214 -20.88 -36.22 -21.75
CA CYS D 214 -22.26 -36.26 -21.30
C CYS D 214 -22.29 -36.63 -19.82
N MET D 215 -22.30 -35.60 -18.97
CA MET D 215 -22.33 -35.80 -17.52
C MET D 215 -23.39 -34.93 -16.87
N ALA E 73 7.15 -37.21 -12.80
CA ALA E 73 7.72 -37.96 -13.92
C ALA E 73 8.37 -37.00 -14.92
N ILE E 74 9.38 -37.45 -15.67
CA ILE E 74 10.09 -36.57 -16.62
C ILE E 74 9.96 -37.14 -18.04
N PRO E 75 9.57 -36.34 -19.05
CA PRO E 75 9.33 -36.87 -20.37
C PRO E 75 10.61 -37.13 -21.19
N LYS E 76 11.54 -37.90 -20.65
CA LYS E 76 12.73 -38.29 -21.44
C LYS E 76 13.18 -37.14 -22.34
N ASP E 77 13.48 -37.42 -23.60
CA ASP E 77 13.81 -36.33 -24.57
C ASP E 77 12.83 -36.45 -25.73
N GLN E 78 11.59 -36.83 -25.43
CA GLN E 78 10.50 -36.82 -26.43
C GLN E 78 9.65 -35.62 -26.02
N ARG E 79 10.30 -34.52 -25.66
CA ARG E 79 9.61 -33.32 -25.16
C ARG E 79 8.80 -32.69 -26.27
N ALA E 80 7.78 -31.91 -25.93
CA ALA E 80 6.88 -31.36 -26.95
C ALA E 80 6.52 -29.91 -26.65
N THR E 81 7.27 -29.26 -25.79
CA THR E 81 7.01 -27.84 -25.54
C THR E 81 7.66 -27.05 -26.67
N THR E 82 7.95 -25.77 -26.48
CA THR E 82 8.48 -24.92 -27.57
C THR E 82 9.99 -24.81 -27.47
N PRO E 83 10.75 -24.87 -28.57
CA PRO E 83 12.20 -24.85 -28.50
C PRO E 83 12.79 -23.45 -28.28
N TYR E 84 12.00 -22.46 -27.95
CA TYR E 84 12.29 -21.01 -27.76
C TYR E 84 12.10 -20.63 -26.29
N MET E 85 12.52 -19.42 -25.91
CA MET E 85 12.42 -18.96 -24.50
C MET E 85 11.30 -17.93 -24.38
N THR E 86 10.32 -18.17 -23.50
CA THR E 86 9.23 -17.24 -23.29
C THR E 86 9.73 -15.97 -22.59
N LYS E 87 8.89 -14.93 -22.62
CA LYS E 87 9.23 -13.67 -21.97
C LYS E 87 9.36 -13.84 -20.47
N TYR E 88 8.44 -14.61 -19.87
CA TYR E 88 8.51 -14.84 -18.43
C TYR E 88 9.76 -15.62 -18.05
N GLU E 89 10.13 -16.61 -18.86
CA GLU E 89 11.38 -17.34 -18.62
C GLU E 89 12.58 -16.41 -18.74
N ARG E 90 12.59 -15.56 -19.76
CA ARG E 90 13.71 -14.62 -19.91
C ARG E 90 13.81 -13.71 -18.70
N ALA E 91 12.69 -13.18 -18.23
CA ALA E 91 12.70 -12.31 -17.07
C ALA E 91 13.19 -13.05 -15.82
N ARG E 92 12.74 -14.30 -15.64
CA ARG E 92 13.11 -15.04 -14.44
C ARG E 92 14.59 -15.37 -14.42
N ILE E 93 15.13 -15.85 -15.55
CA ILE E 93 16.57 -16.13 -15.60
C ILE E 93 17.38 -14.85 -15.46
N LEU E 94 16.94 -13.77 -16.10
CA LEU E 94 17.68 -12.50 -15.96
C LEU E 94 17.70 -12.05 -14.50
N GLY E 95 16.56 -12.13 -13.81
CA GLY E 95 16.53 -11.73 -12.41
C GLY E 95 17.37 -12.62 -11.52
N THR E 96 17.29 -13.94 -11.71
CA THR E 96 18.07 -14.85 -10.90
C THR E 96 19.57 -14.64 -11.11
N ARG E 97 20.00 -14.50 -12.36
CA ARG E 97 21.40 -14.26 -12.65
C ARG E 97 21.85 -12.90 -12.12
N ALA E 98 20.99 -11.88 -12.23
CA ALA E 98 21.35 -10.57 -11.69
C ALA E 98 21.55 -10.64 -10.19
N LEU E 99 20.66 -11.34 -9.47
CA LEU E 99 20.82 -11.49 -8.03
C LEU E 99 22.10 -12.26 -7.70
N GLN E 100 22.38 -13.33 -8.44
CA GLN E 100 23.56 -14.14 -8.17
C GLN E 100 24.85 -13.36 -8.39
N ILE E 101 24.93 -12.60 -9.47
CA ILE E 101 26.10 -11.75 -9.71
C ILE E 101 26.17 -10.61 -8.70
N SER E 102 25.02 -10.06 -8.29
CA SER E 102 25.02 -9.02 -7.27
C SER E 102 25.63 -9.53 -5.97
N MET E 103 25.29 -10.74 -5.57
CA MET E 103 26.02 -11.38 -4.50
C MET E 103 27.34 -11.93 -5.02
N ASN E 104 28.24 -12.29 -4.12
CA ASN E 104 29.58 -12.73 -4.51
C ASN E 104 29.48 -14.12 -5.14
N ALA E 105 29.35 -14.13 -6.47
CA ALA E 105 29.24 -15.42 -7.18
C ALA E 105 30.05 -15.38 -8.46
N PRO E 106 30.56 -16.51 -8.95
CA PRO E 106 31.42 -16.50 -10.12
C PRO E 106 30.69 -16.00 -11.38
N VAL E 107 31.42 -15.38 -12.31
CA VAL E 107 30.81 -14.91 -13.59
C VAL E 107 31.52 -15.64 -14.71
N PHE E 108 30.79 -16.17 -15.68
CA PHE E 108 31.44 -17.00 -16.72
C PHE E 108 31.55 -16.23 -18.02
N VAL E 109 31.80 -14.92 -17.93
CA VAL E 109 31.97 -14.10 -19.17
C VAL E 109 33.00 -13.01 -18.87
N ASP E 110 33.36 -12.23 -19.88
CA ASP E 110 34.37 -11.16 -19.68
C ASP E 110 33.66 -9.85 -19.35
N LEU E 111 33.62 -9.49 -18.08
CA LEU E 111 32.88 -8.28 -17.67
C LEU E 111 33.13 -7.20 -18.72
N GLU E 112 34.39 -6.94 -19.04
CA GLU E 112 34.72 -5.97 -20.11
C GLU E 112 34.23 -4.58 -19.72
N GLY E 113 34.34 -4.23 -18.44
CA GLY E 113 33.97 -2.87 -18.03
C GLY E 113 32.48 -2.71 -17.82
N GLU E 114 31.81 -3.72 -17.30
CA GLU E 114 30.38 -3.59 -16.96
C GLU E 114 30.31 -3.83 -15.46
N THR E 115 29.46 -3.12 -14.74
CA THR E 115 29.45 -3.26 -13.27
C THR E 115 28.02 -3.35 -12.75
N ASP E 116 27.03 -3.42 -13.65
CA ASP E 116 25.65 -3.59 -13.22
C ASP E 116 25.30 -5.07 -13.35
N PRO E 117 24.83 -5.72 -12.28
CA PRO E 117 24.54 -7.16 -12.37
C PRO E 117 23.57 -7.54 -13.47
N LEU E 118 22.55 -6.72 -13.72
CA LEU E 118 21.57 -7.05 -14.76
C LEU E 118 22.23 -7.06 -16.14
N ARG E 119 23.06 -6.06 -16.44
CA ARG E 119 23.75 -6.03 -17.72
C ARG E 119 24.73 -7.19 -17.85
N ILE E 120 25.37 -7.59 -16.75
CA ILE E 120 26.21 -8.78 -16.77
C ILE E 120 25.38 -10.01 -17.09
N ALA E 121 24.16 -10.09 -16.55
CA ALA E 121 23.28 -11.21 -16.86
C ALA E 121 22.90 -11.24 -18.34
N MET E 122 22.57 -10.08 -18.91
CA MET E 122 22.27 -10.05 -20.35
C MET E 122 23.50 -10.41 -21.18
N LYS E 123 24.68 -9.95 -20.77
CA LYS E 123 25.90 -10.31 -21.48
C LYS E 123 26.15 -11.82 -21.43
N GLU E 124 25.91 -12.43 -20.28
CA GLU E 124 26.03 -13.88 -20.18
C GLU E 124 25.02 -14.58 -21.07
N LEU E 125 23.78 -14.08 -21.10
CA LEU E 125 22.74 -14.68 -21.93
C LEU E 125 22.95 -14.44 -23.42
N ALA E 126 23.83 -13.51 -23.79
CA ALA E 126 24.02 -13.19 -25.20
C ALA E 126 24.54 -14.39 -25.98
N GLU E 127 25.52 -15.13 -25.43
CA GLU E 127 26.05 -16.31 -26.09
C GLU E 127 25.67 -17.59 -25.35
N LYS E 128 24.60 -17.56 -24.56
CA LYS E 128 24.08 -18.73 -23.85
C LYS E 128 25.17 -19.38 -22.99
N LYS E 129 25.64 -18.62 -22.01
CA LYS E 129 26.65 -19.09 -21.06
C LYS E 129 26.12 -19.08 -19.64
N ILE E 130 24.84 -19.37 -19.47
CA ILE E 130 24.17 -19.38 -18.17
C ILE E 130 23.85 -20.83 -17.80
N PRO E 131 24.43 -21.36 -16.72
CA PRO E 131 24.20 -22.77 -16.35
C PRO E 131 22.92 -22.97 -15.56
N LEU E 132 21.79 -22.63 -16.18
CA LEU E 132 20.48 -22.73 -15.56
C LEU E 132 19.61 -23.69 -16.33
N VAL E 133 18.71 -24.37 -15.63
CA VAL E 133 17.83 -25.39 -16.20
C VAL E 133 16.40 -24.97 -15.96
N ILE E 134 15.60 -24.98 -17.02
CA ILE E 134 14.17 -24.67 -16.94
C ILE E 134 13.40 -25.96 -16.78
N ARG E 135 12.52 -26.01 -15.79
CA ARG E 135 11.65 -27.15 -15.53
C ARG E 135 10.22 -26.71 -15.84
N ARG E 136 9.71 -27.12 -16.99
CA ARG E 136 8.35 -26.78 -17.40
C ARG E 136 7.39 -27.85 -16.90
N TYR E 137 6.47 -27.46 -16.03
CA TYR E 137 5.52 -28.37 -15.42
C TYR E 137 4.28 -28.54 -16.29
N LEU E 138 3.98 -29.78 -16.64
CA LEU E 138 2.73 -30.09 -17.30
C LEU E 138 1.59 -29.98 -16.29
N PRO E 139 0.37 -29.67 -16.75
CA PRO E 139 -0.75 -29.55 -15.81
C PRO E 139 -1.02 -30.82 -15.01
N ASP E 140 -0.78 -32.00 -15.58
CA ASP E 140 -0.97 -33.24 -14.84
C ASP E 140 0.00 -33.35 -13.67
N GLY E 141 1.25 -32.93 -13.87
CA GLY E 141 2.24 -33.02 -12.83
C GLY E 141 3.62 -33.36 -13.35
N SER E 142 3.67 -33.89 -14.58
CA SER E 142 4.94 -34.22 -15.20
C SER E 142 5.71 -32.94 -15.56
N PHE E 143 7.01 -33.10 -15.75
CA PHE E 143 7.87 -31.96 -16.04
C PHE E 143 9.05 -32.41 -16.90
N GLU E 144 9.45 -31.55 -17.82
CA GLU E 144 10.60 -31.80 -18.69
C GLU E 144 11.61 -30.68 -18.52
N ASP E 145 12.89 -31.05 -18.44
CA ASP E 145 13.95 -30.08 -18.19
C ASP E 145 14.51 -29.56 -19.49
N TRP E 146 14.58 -28.23 -19.62
CA TRP E 146 15.14 -27.57 -20.79
C TRP E 146 16.34 -26.75 -20.36
N SER E 147 17.48 -26.98 -21.02
CA SER E 147 18.68 -26.21 -20.73
C SER E 147 18.58 -24.82 -21.34
N VAL E 148 19.24 -23.85 -20.70
CA VAL E 148 19.22 -22.49 -21.19
C VAL E 148 19.91 -22.39 -22.55
N GLU E 149 21.05 -23.07 -22.71
CA GLU E 149 21.80 -22.97 -23.95
C GLU E 149 21.04 -23.55 -25.14
N GLU E 150 20.18 -24.54 -24.90
CA GLU E 150 19.41 -25.16 -25.98
C GLU E 150 18.11 -24.43 -26.26
N LEU E 151 17.78 -23.39 -25.50
CA LEU E 151 16.55 -22.63 -25.71
C LEU E 151 16.85 -21.46 -26.64
N ILE E 152 16.09 -21.36 -27.73
CA ILE E 152 16.30 -20.28 -28.68
C ILE E 152 15.72 -18.98 -28.12
N VAL E 153 16.53 -17.92 -28.12
CA VAL E 153 16.10 -16.62 -27.63
C VAL E 153 15.89 -15.68 -28.81
N ASP E 154 14.64 -15.59 -29.26
CA ASP E 154 14.29 -14.73 -30.40
C ASP E 154 13.70 -13.39 -29.98
N LEU E 155 13.07 -13.34 -28.81
CA LEU E 155 12.47 -12.10 -28.32
C LEU E 155 13.54 -11.09 -27.90
N ASN F 3 24.60 15.69 -67.99
CA ASN F 3 23.87 15.93 -66.75
C ASN F 3 22.39 16.18 -67.02
N THR F 4 22.11 16.96 -68.06
CA THR F 4 20.73 17.27 -68.42
C THR F 4 20.01 16.02 -68.89
N LEU F 5 18.77 15.84 -68.41
CA LEU F 5 17.96 14.70 -68.78
C LEU F 5 16.66 15.06 -69.48
N PHE F 6 16.22 16.32 -69.43
CA PHE F 6 14.99 16.73 -70.07
C PHE F 6 15.07 18.20 -70.41
N ASP F 7 14.30 18.60 -71.42
CA ASP F 7 14.23 19.99 -71.85
C ASP F 7 13.04 20.23 -72.76
N ASP F 8 12.24 21.25 -72.47
CA ASP F 8 11.06 21.58 -73.27
C ASP F 8 10.65 23.00 -72.95
N ILE F 9 9.62 23.49 -73.65
CA ILE F 9 9.10 24.83 -73.43
C ILE F 9 7.96 24.83 -72.42
N PHE F 10 6.99 23.93 -72.61
CA PHE F 10 5.94 23.67 -71.62
C PHE F 10 5.13 24.93 -71.30
N GLN F 11 4.43 25.42 -72.32
CA GLN F 11 3.49 26.52 -72.12
C GLN F 11 2.43 26.11 -71.11
N VAL F 12 2.17 26.98 -70.14
CA VAL F 12 1.30 26.66 -69.02
C VAL F 12 -0.09 27.25 -69.26
N SER F 13 -1.07 26.70 -68.56
CA SER F 13 -2.45 27.17 -68.64
C SER F 13 -3.22 26.63 -67.46
N GLU F 14 -4.29 27.35 -67.09
CA GLU F 14 -5.22 26.92 -66.04
C GLU F 14 -4.51 26.69 -64.71
N VAL F 15 -3.95 27.77 -64.17
CA VAL F 15 -3.29 27.73 -62.87
C VAL F 15 -4.36 27.69 -61.78
N ASP F 16 -4.26 26.70 -60.88
CA ASP F 16 -5.24 26.52 -59.83
C ASP F 16 -4.70 27.07 -58.52
N PRO F 17 -5.29 28.12 -57.96
CA PRO F 17 -4.80 28.65 -56.68
C PRO F 17 -4.89 27.64 -55.54
N GLY F 18 -5.91 26.79 -55.53
CA GLY F 18 -6.06 25.82 -54.47
C GLY F 18 -6.50 26.47 -53.16
N ARG F 19 -6.37 25.69 -52.09
CA ARG F 19 -6.70 26.14 -50.75
C ARG F 19 -5.53 26.79 -50.03
N TYR F 20 -4.34 26.78 -50.62
CA TYR F 20 -3.16 27.36 -50.01
C TYR F 20 -3.01 28.81 -50.43
N ASN F 21 -2.00 29.48 -49.86
CA ASN F 21 -1.72 30.88 -50.17
C ASN F 21 -0.34 31.09 -50.78
N LYS F 22 0.55 30.11 -50.73
CA LYS F 22 1.89 30.24 -51.29
C LYS F 22 2.22 29.18 -52.33
N VAL F 23 1.41 28.14 -52.47
CA VAL F 23 1.68 27.04 -53.40
C VAL F 23 0.52 26.96 -54.38
N CYS F 24 0.86 26.92 -55.68
CA CYS F 24 -0.14 26.83 -56.74
C CYS F 24 0.17 25.63 -57.62
N ARG F 25 -0.88 24.91 -58.02
CA ARG F 25 -0.75 23.77 -58.91
C ARG F 25 -1.06 24.22 -60.33
N ILE F 26 -0.11 23.99 -61.24
CA ILE F 26 -0.24 24.46 -62.62
C ILE F 26 -0.26 23.25 -63.55
N GLU F 27 -0.80 23.47 -64.75
CA GLU F 27 -0.84 22.47 -65.80
C GLU F 27 -0.17 23.04 -67.04
N ALA F 28 0.65 22.26 -67.69
CA ALA F 28 1.39 22.80 -68.82
C ALA F 28 1.33 21.81 -69.98
N ALA F 29 1.91 22.16 -71.11
CA ALA F 29 1.88 21.28 -72.29
C ALA F 29 3.07 21.64 -73.16
N SER F 30 3.77 20.66 -73.69
CA SER F 30 4.99 20.99 -74.46
C SER F 30 4.57 21.77 -75.69
N THR F 31 5.43 22.66 -76.14
CA THR F 31 5.15 23.46 -77.36
C THR F 31 5.91 22.79 -78.50
N THR F 32 6.30 21.53 -78.31
CA THR F 32 6.99 20.77 -79.37
C THR F 32 6.35 19.39 -79.48
N GLN F 33 6.80 18.42 -78.67
CA GLN F 33 6.15 17.10 -78.67
C GLN F 33 4.68 17.30 -78.36
N ASP F 34 3.81 16.42 -78.87
CA ASP F 34 2.36 16.61 -78.68
C ASP F 34 1.86 15.58 -77.69
N GLN F 35 2.76 15.11 -76.83
CA GLN F 35 2.39 14.10 -75.82
C GLN F 35 2.78 14.64 -74.45
N CYS F 36 3.96 15.26 -74.35
CA CYS F 36 4.44 15.67 -73.01
C CYS F 36 3.41 16.52 -72.29
N LYS F 37 3.12 16.17 -71.04
CA LYS F 37 2.24 16.99 -70.21
C LYS F 37 2.94 17.10 -68.86
N LEU F 38 2.78 18.20 -68.17
CA LEU F 38 3.44 18.49 -66.90
C LEU F 38 2.46 19.13 -65.94
N THR F 39 2.34 18.56 -64.74
CA THR F 39 1.54 19.12 -63.65
C THR F 39 2.47 19.30 -62.46
N LEU F 40 2.73 20.54 -62.08
CA LEU F 40 3.74 20.85 -61.08
C LEU F 40 3.18 21.86 -60.08
N ASP F 41 3.58 21.72 -58.82
CA ASP F 41 3.27 22.68 -57.77
C ASP F 41 4.51 23.52 -57.49
N ILE F 42 4.34 24.85 -57.50
CA ILE F 42 5.45 25.77 -57.33
C ILE F 42 5.07 26.81 -56.27
N ASN F 43 6.11 27.45 -55.72
CA ASN F 43 5.94 28.50 -54.73
C ASN F 43 5.84 29.84 -55.46
N VAL F 44 4.60 30.33 -55.64
CA VAL F 44 4.40 31.57 -56.36
C VAL F 44 4.91 32.77 -55.60
N GLU F 45 5.12 32.65 -54.29
CA GLU F 45 5.67 33.77 -53.52
C GLU F 45 7.09 34.08 -53.97
N LEU F 46 7.88 33.06 -54.28
CA LEU F 46 9.25 33.26 -54.75
C LEU F 46 9.33 33.31 -56.27
N PHE F 47 8.50 32.53 -56.97
CA PHE F 47 8.51 32.45 -58.42
C PHE F 47 7.08 32.63 -58.92
N PRO F 48 6.59 33.86 -59.03
CA PRO F 48 5.22 34.07 -59.53
C PRO F 48 5.07 33.56 -60.96
N VAL F 49 3.91 32.98 -61.24
CA VAL F 49 3.61 32.41 -62.54
C VAL F 49 2.20 32.80 -62.93
N ALA F 50 2.03 33.27 -64.16
CA ALA F 50 0.73 33.64 -64.70
C ALA F 50 0.34 32.68 -65.81
N ALA F 51 -0.95 32.69 -66.14
CA ALA F 51 -1.47 31.81 -67.18
C ALA F 51 -0.91 32.21 -68.55
N GLN F 52 -0.81 31.22 -69.44
CA GLN F 52 -0.30 31.40 -70.79
C GLN F 52 1.13 31.94 -70.76
N ASP F 53 2.01 31.20 -70.07
CA ASP F 53 3.41 31.55 -69.94
C ASP F 53 4.27 30.37 -70.36
N SER F 54 5.46 30.68 -70.87
CA SER F 54 6.41 29.66 -71.30
C SER F 54 7.54 29.57 -70.26
N LEU F 55 7.75 28.37 -69.73
CA LEU F 55 8.76 28.14 -68.69
C LEU F 55 9.61 26.94 -69.11
N THR F 56 10.84 27.22 -69.52
CA THR F 56 11.76 26.16 -69.93
C THR F 56 12.16 25.33 -68.71
N VAL F 57 11.76 24.06 -68.71
CA VAL F 57 12.06 23.16 -67.60
C VAL F 57 13.28 22.33 -67.97
N THR F 58 13.94 21.79 -66.96
CA THR F 58 15.13 20.98 -67.17
C THR F 58 15.33 20.08 -65.95
N ILE F 59 15.52 18.78 -66.20
CA ILE F 59 15.77 17.80 -65.15
C ILE F 59 17.23 17.37 -65.27
N ALA F 60 17.98 17.53 -64.17
CA ALA F 60 19.39 17.19 -64.15
C ALA F 60 19.67 16.27 -62.97
N SER F 61 20.51 15.25 -63.22
CA SER F 61 20.87 14.33 -62.15
C SER F 61 21.67 15.05 -61.06
N SER F 62 22.58 15.93 -61.44
CA SER F 62 23.38 16.70 -60.50
C SER F 62 23.46 18.14 -60.96
N LEU F 63 23.58 19.05 -59.99
CA LEU F 63 23.68 20.47 -60.29
C LEU F 63 25.09 20.91 -60.67
N ASN F 64 26.08 20.02 -60.56
CA ASN F 64 27.46 20.39 -60.81
C ASN F 64 27.69 20.68 -62.29
N LEU F 65 28.58 21.63 -62.54
CA LEU F 65 28.95 22.03 -63.89
C LEU F 65 29.97 21.05 -64.49
N GLU F 66 30.62 21.46 -65.58
CA GLU F 66 31.58 20.61 -66.26
C GLU F 66 32.69 20.09 -65.35
N ASP F 67 32.80 20.61 -64.13
CA ASP F 67 33.75 20.07 -63.16
C ASP F 67 33.52 18.58 -62.93
N THR F 68 32.25 18.17 -62.89
CA THR F 68 31.88 16.77 -62.79
C THR F 68 30.83 16.47 -63.85
N PRO F 69 31.10 15.56 -64.79
CA PRO F 69 30.15 15.22 -65.85
C PRO F 69 29.02 14.29 -65.37
N ALA F 70 28.34 14.69 -64.30
CA ALA F 70 27.27 13.90 -63.69
C ALA F 70 27.74 12.49 -63.36
N ASN F 71 28.95 12.39 -62.82
CA ASN F 71 29.55 11.11 -62.49
C ASN F 71 29.02 10.58 -61.15
N ASP F 72 27.69 10.48 -61.03
CA ASP F 72 27.03 10.03 -59.82
C ASP F 72 27.56 10.76 -58.58
N SER F 73 27.85 10.01 -57.52
CA SER F 73 28.41 10.55 -56.29
C SER F 73 27.54 11.65 -55.70
N SER F 74 28.12 12.46 -54.80
CA SER F 74 27.43 13.58 -54.17
C SER F 74 26.13 13.12 -53.48
N ALA F 75 26.25 12.05 -52.70
CA ALA F 75 25.14 11.48 -51.96
C ALA F 75 25.34 11.69 -50.48
N THR F 76 24.35 12.31 -49.83
CA THR F 76 24.39 12.60 -48.39
C THR F 76 25.66 13.34 -48.02
N ARG F 77 25.81 14.53 -48.60
CA ARG F 77 26.99 15.35 -48.42
C ARG F 77 26.82 16.44 -47.36
N SER F 78 25.69 16.46 -46.66
CA SER F 78 25.40 17.48 -45.65
C SER F 78 25.47 18.88 -46.25
N TRP F 79 24.51 19.14 -47.13
CA TRP F 79 24.44 20.35 -47.95
C TRP F 79 24.90 21.58 -47.18
N ARG F 80 25.83 22.33 -47.78
CA ARG F 80 26.41 23.53 -47.20
C ARG F 80 25.89 24.77 -47.92
N PRO F 81 25.81 25.91 -47.23
CA PRO F 81 25.37 27.15 -47.89
C PRO F 81 26.29 27.53 -49.02
N PRO F 82 25.75 28.07 -50.12
CA PRO F 82 26.61 28.50 -51.23
C PRO F 82 27.50 29.65 -50.83
N GLN F 83 28.67 29.69 -51.46
CA GLN F 83 29.67 30.73 -51.22
C GLN F 83 29.94 31.47 -52.52
N ALA F 84 30.87 32.43 -52.45
CA ALA F 84 31.30 33.14 -53.65
C ALA F 84 31.96 32.18 -54.61
N GLY F 85 31.61 32.29 -55.89
CA GLY F 85 32.10 31.34 -56.87
C GLY F 85 31.31 30.04 -56.81
N ASP F 86 32.02 28.94 -57.08
CA ASP F 86 31.43 27.60 -57.08
C ASP F 86 30.20 27.54 -58.00
N ARG F 87 30.39 28.02 -59.24
CA ARG F 87 29.29 28.11 -60.18
C ARG F 87 28.73 26.74 -60.51
N SER F 88 27.41 26.68 -60.65
CA SER F 88 26.70 25.44 -60.95
C SER F 88 25.69 25.71 -62.05
N LEU F 89 24.87 24.72 -62.35
CA LEU F 89 23.85 24.88 -63.38
C LEU F 89 22.72 25.81 -62.93
N ALA F 90 22.63 26.10 -61.64
CA ALA F 90 21.55 26.94 -61.12
C ALA F 90 21.68 28.40 -61.55
N ASP F 91 22.86 28.82 -62.00
CA ASP F 91 23.05 30.22 -62.38
C ASP F 91 22.19 30.60 -63.57
N ASP F 92 22.08 29.71 -64.56
CA ASP F 92 21.32 30.03 -65.76
C ASP F 92 19.82 30.10 -65.47
N TYR F 93 19.32 29.24 -64.59
CA TYR F 93 17.90 29.16 -64.33
C TYR F 93 17.51 30.02 -63.13
N ASP F 94 16.21 30.25 -62.99
CA ASP F 94 15.68 31.09 -61.93
C ASP F 94 14.92 30.32 -60.85
N TYR F 95 14.67 29.02 -61.05
CA TYR F 95 13.94 28.23 -60.07
C TYR F 95 14.51 26.81 -60.10
N VAL F 96 15.19 26.42 -59.02
CA VAL F 96 15.81 25.11 -58.91
C VAL F 96 15.21 24.38 -57.73
N MET F 97 14.77 23.15 -57.96
CA MET F 97 14.15 22.33 -56.92
C MET F 97 14.78 20.95 -56.89
N TYR F 98 14.82 20.35 -55.71
CA TYR F 98 15.37 19.03 -55.49
C TYR F 98 14.28 18.12 -54.94
N GLY F 99 14.16 16.92 -55.49
CA GLY F 99 13.09 16.03 -55.11
C GLY F 99 13.43 14.58 -55.34
N THR F 100 12.45 13.71 -55.05
CA THR F 100 12.60 12.27 -55.13
C THR F 100 11.53 11.68 -56.02
N ALA F 101 11.92 10.74 -56.87
CA ALA F 101 10.98 10.01 -57.72
C ALA F 101 10.45 8.80 -56.94
N TYR F 102 9.13 8.59 -57.01
CA TYR F 102 8.49 7.54 -56.23
C TYR F 102 7.52 6.67 -57.02
N LYS F 103 7.21 7.00 -58.26
CA LYS F 103 6.25 6.22 -59.04
C LYS F 103 6.66 6.22 -60.50
N PHE F 104 6.44 5.09 -61.17
CA PHE F 104 6.81 4.90 -62.57
C PHE F 104 5.66 4.22 -63.32
N GLU F 105 4.46 4.75 -63.17
CA GLU F 105 3.29 4.16 -63.81
C GLU F 105 3.37 4.30 -65.34
N GLU F 106 3.03 3.21 -66.03
CA GLU F 106 2.89 3.22 -67.49
C GLU F 106 1.47 3.62 -67.86
N VAL F 107 1.34 4.77 -68.52
CA VAL F 107 0.00 5.25 -68.89
C VAL F 107 -0.59 4.38 -69.98
N SER F 108 0.19 4.06 -71.01
CA SER F 108 -0.29 3.30 -72.15
C SER F 108 0.87 2.49 -72.72
N LYS F 109 0.68 1.97 -73.94
CA LYS F 109 1.72 1.19 -74.60
C LYS F 109 2.96 2.02 -74.90
N ASP F 110 2.81 3.31 -75.15
CA ASP F 110 3.93 4.20 -75.40
C ASP F 110 4.08 5.32 -74.39
N LEU F 111 2.98 5.79 -73.81
CA LEU F 111 3.04 6.87 -72.83
C LEU F 111 3.43 6.32 -71.45
N ILE F 112 4.40 6.96 -70.81
CA ILE F 112 4.80 6.62 -69.46
C ILE F 112 4.68 7.88 -68.60
N ALA F 113 4.50 7.65 -67.30
CA ALA F 113 4.33 8.73 -66.34
C ALA F 113 5.37 8.60 -65.24
N VAL F 114 6.04 9.70 -64.92
CA VAL F 114 7.04 9.73 -63.86
C VAL F 114 6.57 10.73 -62.81
N TYR F 115 6.55 10.29 -61.55
CA TYR F 115 6.10 11.11 -60.43
C TYR F 115 7.30 11.55 -59.61
N TYR F 116 7.38 12.84 -59.31
CA TYR F 116 8.45 13.41 -58.52
C TYR F 116 7.87 14.16 -57.32
N SER F 117 8.58 14.11 -56.20
CA SER F 117 8.14 14.75 -54.96
C SER F 117 9.26 15.65 -54.45
N PHE F 118 9.11 16.95 -54.67
CA PHE F 118 10.07 17.95 -54.19
C PHE F 118 9.64 18.42 -52.80
N GLY F 119 9.84 17.54 -51.83
CA GLY F 119 9.36 17.79 -50.48
C GLY F 119 7.87 17.60 -50.37
N GLY F 120 7.14 18.67 -50.13
CA GLY F 120 5.70 18.64 -50.12
C GLY F 120 5.03 18.90 -51.45
N LEU F 121 5.80 19.18 -52.49
CA LEU F 121 5.27 19.50 -53.81
C LEU F 121 5.51 18.32 -54.74
N LEU F 122 4.48 17.96 -55.51
CA LEU F 122 4.52 16.80 -56.39
C LEU F 122 4.44 17.23 -57.85
N MET F 123 5.12 16.47 -58.70
CA MET F 123 5.12 16.70 -60.14
C MET F 123 4.81 15.40 -60.86
N ARG F 124 3.95 15.49 -61.87
CA ARG F 124 3.61 14.35 -62.72
C ARG F 124 4.00 14.69 -64.16
N LEU F 125 5.05 14.04 -64.65
CA LEU F 125 5.54 14.24 -66.00
C LEU F 125 5.19 13.03 -66.85
N GLU F 126 4.55 13.26 -67.98
CA GLU F 126 4.14 12.20 -68.89
C GLU F 126 4.82 12.38 -70.23
N GLY F 127 5.46 11.33 -70.72
CA GLY F 127 6.16 11.38 -71.98
C GLY F 127 5.56 10.50 -73.06
N ASN F 128 6.40 9.96 -73.93
CA ASN F 128 5.92 9.09 -75.00
C ASN F 128 6.99 8.09 -75.39
N TYR F 129 6.54 6.98 -75.96
CA TYR F 129 7.39 5.94 -76.57
C TYR F 129 8.43 5.37 -75.61
N ARG F 130 8.36 5.71 -74.33
CA ARG F 130 9.32 5.26 -73.33
C ARG F 130 10.76 5.59 -73.72
N ASN F 131 10.96 6.59 -74.57
CA ASN F 131 12.28 6.95 -75.04
C ASN F 131 12.69 8.36 -74.64
N LEU F 132 11.76 9.32 -74.63
CA LEU F 132 12.10 10.67 -74.18
C LEU F 132 12.43 10.69 -72.69
N ASN F 133 11.55 10.12 -71.88
CA ASN F 133 11.78 10.01 -70.44
C ASN F 133 12.35 8.64 -70.08
N ASN F 134 13.50 8.32 -70.68
CA ASN F 134 14.13 7.03 -70.43
C ASN F 134 15.22 7.08 -69.37
N LEU F 135 15.97 8.17 -69.29
CA LEU F 135 17.05 8.31 -68.31
C LEU F 135 16.57 8.98 -67.02
N LYS F 136 15.51 8.43 -66.43
CA LYS F 136 14.97 8.91 -65.17
C LYS F 136 14.95 7.73 -64.20
N GLN F 137 15.88 7.72 -63.25
CA GLN F 137 16.05 6.58 -62.35
C GLN F 137 15.88 6.93 -60.88
N GLU F 138 16.45 8.03 -60.41
CA GLU F 138 16.41 8.36 -58.98
C GLU F 138 16.42 9.88 -58.84
N ASN F 139 16.78 10.35 -57.63
CA ASN F 139 16.78 11.77 -57.29
C ASN F 139 17.41 12.62 -58.39
N ALA F 140 16.80 13.77 -58.65
CA ALA F 140 17.28 14.68 -59.67
C ALA F 140 16.83 16.10 -59.33
N TYR F 141 17.49 17.07 -59.95
CA TYR F 141 17.17 18.48 -59.77
C TYR F 141 16.27 18.96 -60.88
N LEU F 142 15.30 19.80 -60.52
CA LEU F 142 14.39 20.42 -61.49
C LEU F 142 14.74 21.88 -61.61
N LEU F 143 15.00 22.34 -62.83
CA LEU F 143 15.38 23.71 -63.10
C LEU F 143 14.35 24.34 -64.03
N ILE F 144 13.90 25.55 -63.69
CA ILE F 144 12.89 26.27 -64.46
C ILE F 144 13.45 27.64 -64.82
N ARG F 145 13.36 28.00 -66.10
CA ARG F 145 13.79 29.29 -66.59
C ARG F 145 12.60 30.07 -67.10
N ARG F 146 12.59 31.37 -66.84
CA ARG F 146 11.50 32.24 -67.26
C ARG F 146 11.45 32.36 -68.78
N MET G 1 -77.41 -0.68 -16.09
CA MET G 1 -76.29 0.24 -16.15
C MET G 1 -76.77 1.69 -16.13
N THR G 2 -78.03 1.91 -16.51
CA THR G 2 -78.59 3.25 -16.52
C THR G 2 -78.60 3.84 -15.11
N THR G 3 -79.03 3.04 -14.13
CA THR G 3 -79.10 3.48 -12.74
C THR G 3 -79.25 2.26 -11.85
N PHE G 4 -78.42 2.17 -10.82
CA PHE G 4 -78.52 1.09 -9.85
C PHE G 4 -79.85 1.21 -9.11
N ARG G 5 -80.63 0.13 -9.12
CA ARG G 5 -81.97 0.16 -8.55
C ARG G 5 -81.88 0.21 -7.03
N PHE G 6 -82.54 1.21 -6.43
CA PHE G 6 -82.59 1.37 -4.99
C PHE G 6 -84.02 1.19 -4.49
N CYS G 7 -84.15 0.53 -3.35
CA CYS G 7 -85.47 0.24 -2.78
C CYS G 7 -86.14 1.53 -2.32
N ARG G 8 -87.40 1.73 -2.73
CA ARG G 8 -88.14 2.91 -2.28
C ARG G 8 -88.35 2.86 -0.78
N ASP G 9 -88.88 1.74 -0.28
CA ASP G 9 -88.84 1.48 1.16
C ASP G 9 -87.39 1.27 1.57
N CYS G 10 -87.10 1.55 2.84
CA CYS G 10 -85.75 1.46 3.39
C CYS G 10 -84.81 2.26 2.48
N ASN G 11 -83.54 1.83 2.37
CA ASN G 11 -82.61 2.50 1.48
C ASN G 11 -81.71 1.54 0.71
N ASN G 12 -81.84 0.23 0.93
CA ASN G 12 -80.97 -0.74 0.27
C ASN G 12 -81.31 -0.81 -1.22
N MET G 13 -80.59 -1.68 -1.93
CA MET G 13 -80.71 -1.81 -3.37
C MET G 13 -81.41 -3.10 -3.75
N LEU G 14 -81.85 -3.15 -5.01
CA LEU G 14 -82.66 -4.29 -5.45
C LEU G 14 -81.88 -5.19 -6.40
N TYR G 15 -81.43 -6.34 -5.94
CA TYR G 15 -80.79 -7.30 -6.88
C TYR G 15 -81.89 -7.76 -7.83
N PRO G 16 -81.57 -8.34 -9.01
CA PRO G 16 -82.60 -8.74 -9.97
C PRO G 16 -82.96 -10.22 -9.86
N ARG G 17 -84.20 -10.59 -10.21
CA ARG G 17 -84.66 -12.00 -10.17
C ARG G 17 -85.60 -12.27 -11.35
N GLU G 18 -85.89 -13.54 -11.59
CA GLU G 18 -86.75 -13.92 -12.75
C GLU G 18 -88.12 -14.38 -12.28
N ASP G 19 -89.18 -13.82 -12.87
CA ASP G 19 -90.56 -14.24 -12.52
C ASP G 19 -91.03 -15.31 -13.51
N LYS G 20 -90.28 -16.41 -13.65
CA LYS G 20 -90.63 -17.45 -14.67
C LYS G 20 -92.11 -17.79 -14.54
N GLU G 21 -92.62 -17.89 -13.30
CA GLU G 21 -94.07 -18.14 -13.13
C GLU G 21 -94.79 -17.24 -14.14
N ASN G 22 -94.51 -15.93 -14.11
CA ASN G 22 -95.07 -15.02 -15.13
C ASN G 22 -93.97 -14.76 -16.14
N ASN G 23 -92.92 -15.58 -16.12
CA ASN G 23 -91.77 -15.39 -17.03
C ASN G 23 -91.43 -13.90 -17.10
N ARG G 24 -90.97 -13.31 -15.98
CA ARG G 24 -90.71 -11.85 -15.98
C ARG G 24 -89.40 -11.55 -15.22
N LEU G 25 -88.98 -10.29 -15.21
CA LEU G 25 -87.76 -9.89 -14.45
C LEU G 25 -88.19 -8.94 -13.33
N LEU G 26 -87.92 -9.31 -12.09
CA LEU G 26 -88.36 -8.48 -10.94
C LEU G 26 -87.16 -8.19 -10.05
N PHE G 27 -86.93 -6.92 -9.70
CA PHE G 27 -85.82 -6.56 -8.79
C PHE G 27 -86.28 -6.74 -7.35
N GLU G 28 -85.48 -7.39 -6.51
CA GLU G 28 -85.93 -7.70 -5.13
C GLU G 28 -84.97 -7.08 -4.10
N CYS G 29 -85.48 -6.39 -3.08
CA CYS G 29 -84.54 -5.88 -2.09
C CYS G 29 -84.01 -6.99 -1.19
N ARG G 30 -84.75 -8.09 -1.06
CA ARG G 30 -84.43 -9.29 -0.26
C ARG G 30 -83.93 -8.94 1.14
N THR G 31 -84.30 -7.77 1.64
CA THR G 31 -84.13 -7.41 3.04
C THR G 31 -85.47 -7.07 3.69
N CYS G 32 -86.27 -6.24 3.05
CA CYS G 32 -87.64 -5.96 3.47
C CYS G 32 -88.67 -6.64 2.59
N SER G 33 -88.22 -7.44 1.61
CA SER G 33 -89.11 -8.18 0.70
C SER G 33 -90.01 -7.22 -0.07
N TYR G 34 -89.39 -6.31 -0.82
CA TYR G 34 -90.08 -5.37 -1.68
C TYR G 34 -89.78 -5.72 -3.12
N VAL G 35 -90.83 -5.95 -3.92
CA VAL G 35 -90.69 -6.32 -5.32
C VAL G 35 -91.62 -5.43 -6.14
N GLU G 36 -91.11 -4.88 -7.23
CA GLU G 36 -91.90 -4.10 -8.17
C GLU G 36 -91.88 -4.79 -9.54
N GLU G 37 -92.48 -4.13 -10.53
CA GLU G 37 -92.60 -4.73 -11.86
C GLU G 37 -91.23 -4.95 -12.50
N ALA G 38 -90.30 -4.01 -12.29
CA ALA G 38 -88.92 -4.14 -12.75
C ALA G 38 -88.85 -4.39 -14.26
N GLY G 39 -89.34 -3.41 -15.02
CA GLY G 39 -89.34 -3.52 -16.46
C GLY G 39 -88.10 -2.93 -17.12
N SER G 40 -87.15 -3.78 -17.47
CA SER G 40 -85.92 -3.34 -18.12
C SER G 40 -85.26 -4.51 -18.85
N PRO G 41 -84.95 -4.37 -20.14
CA PRO G 41 -84.30 -5.46 -20.87
C PRO G 41 -82.80 -5.56 -20.61
N LEU G 42 -82.22 -4.63 -19.87
CA LEU G 42 -80.79 -4.62 -19.56
C LEU G 42 -80.60 -4.99 -18.10
N VAL G 43 -79.69 -5.92 -17.84
CA VAL G 43 -79.32 -6.31 -16.49
C VAL G 43 -77.92 -5.81 -16.14
N TYR G 44 -76.93 -6.11 -16.98
CA TYR G 44 -75.56 -5.66 -16.76
C TYR G 44 -74.95 -5.25 -18.09
N ARG G 45 -73.98 -4.35 -18.03
CA ARG G 45 -73.28 -3.90 -19.22
C ARG G 45 -71.85 -3.53 -18.83
N HIS G 46 -70.89 -3.94 -19.66
CA HIS G 46 -69.48 -3.63 -19.44
C HIS G 46 -68.94 -2.90 -20.65
N GLU G 47 -68.17 -1.84 -20.41
CA GLU G 47 -67.62 -1.00 -21.47
C GLU G 47 -66.12 -1.20 -21.53
N LEU G 48 -65.63 -1.75 -22.64
CA LEU G 48 -64.20 -2.09 -22.74
C LEU G 48 -63.34 -0.85 -22.93
N ILE G 49 -63.79 0.10 -23.74
CA ILE G 49 -62.97 1.26 -24.08
C ILE G 49 -63.65 2.53 -23.60
N THR G 50 -63.00 3.68 -23.81
CA THR G 50 -63.54 4.97 -23.43
C THR G 50 -63.75 5.81 -24.68
N ASN G 51 -64.94 6.40 -24.80
CA ASN G 51 -65.26 7.21 -25.95
C ASN G 51 -64.48 8.53 -25.92
N ILE G 52 -64.68 9.34 -26.96
CA ILE G 52 -64.01 10.63 -27.06
C ILE G 52 -64.96 11.80 -26.78
N GLY G 53 -66.27 11.60 -26.85
CA GLY G 53 -67.23 12.66 -26.66
C GLY G 53 -67.45 13.10 -25.24
N GLU G 54 -66.74 12.50 -24.27
CA GLU G 54 -66.91 12.89 -22.88
C GLU G 54 -66.37 14.29 -22.60
N THR G 55 -65.48 14.80 -23.45
CA THR G 55 -64.83 16.10 -23.28
C THR G 55 -64.27 16.27 -21.87
N ALA G 56 -64.98 17.00 -21.02
CA ALA G 56 -64.53 17.26 -19.66
C ALA G 56 -65.75 17.57 -18.80
N GLY G 57 -65.51 18.07 -17.59
CA GLY G 57 -66.60 18.50 -16.73
C GLY G 57 -67.25 19.78 -17.17
N VAL G 58 -66.56 20.58 -18.00
CA VAL G 58 -67.02 21.86 -18.52
C VAL G 58 -67.78 22.67 -17.47
N VAL G 59 -67.17 22.80 -16.28
CA VAL G 59 -67.77 23.59 -15.23
C VAL G 59 -67.89 25.04 -15.68
N GLN G 60 -68.88 25.74 -15.13
CA GLN G 60 -69.10 27.14 -15.48
C GLN G 60 -67.90 27.99 -15.05
N ASP G 61 -67.86 29.21 -15.57
CA ASP G 61 -66.74 30.13 -15.38
C ASP G 61 -65.42 29.53 -15.87
N ILE G 62 -65.50 28.72 -16.93
CA ILE G 62 -64.30 28.13 -17.50
C ILE G 62 -63.38 29.19 -18.12
N GLY G 63 -63.93 30.34 -18.51
CA GLY G 63 -63.11 31.42 -19.04
C GLY G 63 -62.33 32.17 -17.99
N SER G 64 -62.65 31.98 -16.72
CA SER G 64 -61.91 32.65 -15.65
C SER G 64 -60.50 32.09 -15.50
N ASP G 65 -60.23 30.90 -16.01
CA ASP G 65 -58.90 30.30 -15.92
C ASP G 65 -58.01 30.95 -16.96
N PRO G 66 -56.92 31.60 -16.56
CA PRO G 66 -56.03 32.23 -17.55
C PRO G 66 -55.06 31.28 -18.22
N THR G 67 -54.87 30.07 -17.67
CA THR G 67 -53.91 29.14 -18.25
C THR G 67 -54.41 28.50 -19.53
N LEU G 68 -55.71 28.48 -19.77
CA LEU G 68 -56.24 27.89 -20.99
C LEU G 68 -55.97 28.80 -22.18
N PRO G 69 -55.36 28.29 -23.24
CA PRO G 69 -55.08 29.14 -24.41
C PRO G 69 -56.36 29.56 -25.11
N ARG G 70 -56.29 30.68 -25.80
CA ARG G 70 -57.42 31.25 -26.52
C ARG G 70 -57.17 31.19 -28.02
N SER G 71 -58.23 30.95 -28.78
CA SER G 71 -58.13 30.87 -30.23
C SER G 71 -59.12 31.81 -30.91
N ASP G 72 -59.24 31.72 -32.23
CA ASP G 72 -60.14 32.58 -32.99
C ASP G 72 -61.11 31.77 -33.86
N ARG G 73 -61.32 30.50 -33.54
CA ARG G 73 -62.22 29.67 -34.33
C ARG G 73 -63.66 30.15 -34.18
N GLU G 74 -64.39 30.12 -35.30
CA GLU G 74 -65.78 30.58 -35.30
C GLU G 74 -66.68 29.55 -34.64
N CYS G 75 -67.51 30.00 -33.72
CA CYS G 75 -68.47 29.11 -33.06
C CYS G 75 -69.58 28.74 -34.03
N PRO G 76 -69.91 27.45 -34.16
CA PRO G 76 -71.03 27.08 -35.05
C PRO G 76 -72.35 27.70 -34.65
N LYS G 77 -72.59 27.92 -33.36
CA LYS G 77 -73.89 28.41 -32.91
C LYS G 77 -74.00 29.92 -33.04
N CYS G 78 -73.16 30.67 -32.34
CA CYS G 78 -73.27 32.11 -32.25
C CYS G 78 -72.28 32.86 -33.15
N HIS G 79 -71.41 32.14 -33.85
CA HIS G 79 -70.46 32.75 -34.79
C HIS G 79 -69.57 33.78 -34.09
N SER G 80 -69.02 33.40 -32.94
CA SER G 80 -68.12 34.27 -32.20
C SER G 80 -66.67 34.02 -32.63
N ARG G 81 -65.84 35.04 -32.49
CA ARG G 81 -64.44 34.98 -32.87
C ARG G 81 -63.51 34.71 -31.69
N GLU G 82 -64.07 34.41 -30.51
CA GLU G 82 -63.27 34.14 -29.32
C GLU G 82 -63.75 32.85 -28.67
N ASN G 83 -62.81 32.08 -28.14
CA ASN G 83 -63.09 30.81 -27.51
C ASN G 83 -61.81 30.30 -26.85
N VAL G 84 -61.95 29.20 -26.10
CA VAL G 84 -60.83 28.51 -25.48
C VAL G 84 -60.87 27.05 -25.90
N PHE G 85 -59.70 26.42 -25.90
CA PHE G 85 -59.59 25.03 -26.32
C PHE G 85 -58.67 24.28 -25.37
N PHE G 86 -58.89 22.98 -25.27
CA PHE G 86 -58.06 22.10 -24.46
C PHE G 86 -58.14 20.69 -25.01
N GLN G 87 -57.15 19.88 -24.65
CA GLN G 87 -57.12 18.49 -25.09
C GLN G 87 -58.07 17.65 -24.26
N SER G 88 -58.26 16.40 -24.70
CA SER G 88 -59.09 15.47 -23.95
C SER G 88 -58.46 15.17 -22.60
N GLN G 89 -59.29 15.14 -21.56
CA GLN G 89 -58.81 14.97 -20.20
C GLN G 89 -58.71 13.51 -19.78
N GLN G 90 -59.00 12.58 -20.68
CA GLN G 90 -58.78 11.16 -20.39
C GLN G 90 -57.28 10.90 -20.41
N ARG G 91 -56.76 10.31 -19.35
CA ARG G 91 -55.32 10.15 -19.17
C ARG G 91 -54.92 8.71 -19.47
N ARG G 92 -54.52 8.48 -20.72
CA ARG G 92 -53.98 7.21 -21.16
C ARG G 92 -53.03 7.45 -22.31
N LYS G 93 -52.42 6.37 -22.81
CA LYS G 93 -51.44 6.46 -23.88
C LYS G 93 -52.05 6.29 -25.27
N ASP G 94 -53.36 6.03 -25.38
CA ASP G 94 -54.00 5.80 -26.66
C ASP G 94 -54.96 6.91 -27.07
N THR G 95 -55.19 7.90 -26.21
CA THR G 95 -56.09 8.99 -26.56
C THR G 95 -55.48 9.86 -27.66
N SER G 96 -56.35 10.37 -28.53
CA SER G 96 -55.92 11.20 -29.65
C SER G 96 -55.59 12.61 -29.16
N MET G 97 -55.19 13.48 -30.09
CA MET G 97 -54.82 14.85 -29.79
C MET G 97 -55.84 15.85 -30.31
N VAL G 98 -57.10 15.44 -30.40
CA VAL G 98 -58.15 16.33 -30.88
C VAL G 98 -58.45 17.39 -29.84
N LEU G 99 -58.56 18.64 -30.28
CA LEU G 99 -58.83 19.75 -29.39
C LEU G 99 -60.33 19.96 -29.23
N PHE G 100 -60.75 20.26 -28.01
CA PHE G 100 -62.16 20.51 -27.69
C PHE G 100 -62.32 22.01 -27.44
N PHE G 101 -62.78 22.73 -28.45
CA PHE G 101 -62.97 24.17 -28.34
C PHE G 101 -64.23 24.46 -27.54
N VAL G 102 -64.14 25.41 -26.60
CA VAL G 102 -65.26 25.80 -25.76
C VAL G 102 -65.54 27.28 -26.01
N CYS G 103 -66.79 27.60 -26.32
CA CYS G 103 -67.20 28.97 -26.57
C CYS G 103 -67.55 29.64 -25.25
N LEU G 104 -66.85 30.73 -24.92
CA LEU G 104 -67.13 31.44 -23.68
C LEU G 104 -68.54 31.99 -23.67
N SER G 105 -68.98 32.59 -24.77
CA SER G 105 -70.37 32.98 -24.93
C SER G 105 -71.20 31.80 -25.39
N CYS G 106 -72.50 31.86 -25.09
CA CYS G 106 -73.50 30.91 -25.58
C CYS G 106 -73.26 29.49 -25.08
N SER G 107 -72.19 29.27 -24.32
CA SER G 107 -71.88 28.00 -23.66
C SER G 107 -72.04 26.81 -24.62
N HIS G 108 -71.22 26.80 -25.66
CA HIS G 108 -71.25 25.77 -26.67
C HIS G 108 -69.91 25.05 -26.74
N ILE G 109 -69.96 23.75 -27.01
CA ILE G 109 -68.78 22.91 -27.16
C ILE G 109 -68.76 22.37 -28.59
N PHE G 110 -67.66 22.63 -29.30
CA PHE G 110 -67.48 22.10 -30.64
C PHE G 110 -66.04 21.63 -30.80
N THR G 111 -65.87 20.44 -31.35
CA THR G 111 -64.56 19.85 -31.50
C THR G 111 -63.93 20.24 -32.84
N SER G 112 -62.63 19.97 -32.97
CA SER G 112 -61.88 20.25 -34.18
C SER G 112 -61.68 19.00 -35.04
N ASP G 113 -62.53 17.99 -34.86
CA ASP G 113 -62.40 16.74 -35.60
C ASP G 113 -62.86 16.93 -37.05
N GLN G 114 -61.94 17.34 -37.92
CA GLN G 114 -62.24 17.54 -39.33
C GLN G 114 -62.01 16.28 -40.16
N LYS G 115 -62.05 15.11 -39.54
CA LYS G 115 -61.85 13.86 -40.25
C LYS G 115 -63.04 13.53 -41.16
N MET H 1 -6.14 44.11 0.93
CA MET H 1 -6.03 44.76 2.22
C MET H 1 -5.50 46.18 2.07
N ILE H 2 -4.33 46.30 1.44
CA ILE H 2 -3.70 47.60 1.18
C ILE H 2 -3.25 47.61 -0.27
N VAL H 3 -3.04 48.81 -0.79
CA VAL H 3 -2.69 48.97 -2.21
C VAL H 3 -1.33 48.32 -2.47
N PRO H 4 -1.17 47.58 -3.57
CA PRO H 4 0.14 47.00 -3.87
C PRO H 4 1.17 48.07 -4.20
N VAL H 5 2.42 47.77 -3.87
CA VAL H 5 3.50 48.72 -4.14
C VAL H 5 3.78 48.82 -5.64
N ARG H 6 3.82 47.68 -6.33
CA ARG H 6 4.18 47.63 -7.74
C ARG H 6 3.14 46.85 -8.52
N CYS H 7 3.00 47.19 -9.79
CA CYS H 7 2.09 46.47 -10.67
C CYS H 7 2.58 45.04 -10.88
N PHE H 8 1.65 44.09 -10.83
CA PHE H 8 2.02 42.68 -10.91
C PHE H 8 2.61 42.34 -12.28
N SER H 9 2.05 42.87 -13.36
CA SER H 9 2.44 42.44 -14.69
C SER H 9 3.80 43.02 -15.08
N CYS H 10 3.90 44.34 -15.16
CA CYS H 10 5.13 44.98 -15.62
C CYS H 10 6.06 45.34 -14.48
N GLY H 11 5.56 46.09 -13.49
CA GLY H 11 6.38 46.45 -12.34
C GLY H 11 6.39 47.94 -12.05
N LYS H 12 5.46 48.67 -12.66
CA LYS H 12 5.35 50.11 -12.38
C LYS H 12 4.90 50.33 -10.95
N VAL H 13 5.48 51.34 -10.30
CA VAL H 13 5.16 51.65 -8.91
C VAL H 13 3.82 52.37 -8.88
N VAL H 14 2.79 51.71 -8.35
CA VAL H 14 1.46 52.27 -8.25
C VAL H 14 1.03 52.45 -6.80
N GLY H 15 1.93 52.24 -5.85
CA GLY H 15 1.59 52.40 -4.44
C GLY H 15 1.58 53.82 -3.93
N ASP H 16 1.99 54.78 -4.76
CA ASP H 16 2.00 56.19 -4.37
C ASP H 16 0.89 56.99 -5.04
N LYS H 17 -0.05 56.32 -5.70
CA LYS H 17 -1.11 57.01 -6.43
C LYS H 17 -2.49 56.75 -5.86
N TRP H 18 -2.60 55.99 -4.77
CA TRP H 18 -3.92 55.69 -4.20
C TRP H 18 -4.58 56.94 -3.64
N GLU H 19 -3.83 57.73 -2.87
CA GLU H 19 -4.39 58.94 -2.29
C GLU H 19 -4.74 59.95 -3.37
N SER H 20 -3.89 60.11 -4.38
CA SER H 20 -4.20 61.02 -5.48
C SER H 20 -5.44 60.55 -6.24
N TYR H 21 -5.56 59.25 -6.47
CA TYR H 21 -6.73 58.72 -7.15
C TYR H 21 -8.00 58.99 -6.35
N LEU H 22 -7.95 58.78 -5.03
CA LEU H 22 -9.12 59.05 -4.20
C LEU H 22 -9.47 60.54 -4.22
N ASN H 23 -8.46 61.40 -4.13
CA ASN H 23 -8.72 62.84 -4.15
C ASN H 23 -9.33 63.28 -5.47
N LEU H 24 -8.84 62.73 -6.58
CA LEU H 24 -9.43 63.05 -7.88
C LEU H 24 -10.85 62.53 -7.99
N LEU H 25 -11.11 61.34 -7.44
CA LEU H 25 -12.44 60.76 -7.56
C LEU H 25 -13.45 61.47 -6.67
N GLN H 26 -12.99 62.11 -5.59
CA GLN H 26 -13.93 62.60 -4.58
C GLN H 26 -14.22 64.09 -4.68
N GLU H 27 -13.36 64.90 -5.30
CA GLU H 27 -13.69 66.32 -5.44
C GLU H 27 -13.47 66.83 -6.87
N ASP H 28 -12.57 66.21 -7.63
CA ASP H 28 -12.37 66.63 -9.01
C ASP H 28 -13.55 66.29 -9.91
N GLU H 29 -14.36 65.29 -9.52
CA GLU H 29 -15.62 64.97 -10.18
C GLU H 29 -15.41 64.60 -11.66
N LEU H 30 -14.70 63.49 -11.85
CA LEU H 30 -14.60 62.86 -13.17
C LEU H 30 -14.64 61.35 -13.00
N ASP H 31 -14.95 60.66 -14.10
CA ASP H 31 -15.07 59.22 -14.06
C ASP H 31 -13.71 58.56 -13.81
N GLU H 32 -13.76 57.25 -13.55
CA GLU H 32 -12.55 56.53 -13.15
C GLU H 32 -11.52 56.50 -14.27
N GLY H 33 -11.98 56.34 -15.52
CA GLY H 33 -11.04 56.23 -16.63
C GLY H 33 -10.21 57.48 -16.84
N THR H 34 -10.85 58.64 -16.81
CA THR H 34 -10.11 59.89 -17.01
C THR H 34 -9.17 60.16 -15.84
N ALA H 35 -9.59 59.81 -14.62
CA ALA H 35 -8.70 59.95 -13.48
C ALA H 35 -7.48 59.05 -13.61
N LEU H 36 -7.69 57.80 -14.06
CA LEU H 36 -6.58 56.89 -14.28
C LEU H 36 -5.63 57.42 -15.34
N SER H 37 -6.18 57.97 -16.43
CA SER H 37 -5.34 58.57 -17.47
C SER H 37 -4.56 59.76 -16.94
N ARG H 38 -5.21 60.59 -16.11
CA ARG H 38 -4.53 61.75 -15.54
C ARG H 38 -3.40 61.33 -14.60
N LEU H 39 -3.59 60.24 -13.86
CA LEU H 39 -2.56 59.79 -12.93
C LEU H 39 -1.29 59.40 -13.68
N GLY H 40 -1.43 58.73 -14.81
CA GLY H 40 -0.27 58.37 -15.62
C GLY H 40 -0.26 56.92 -16.03
N LEU H 41 -1.35 56.20 -15.78
CA LEU H 41 -1.46 54.79 -16.13
C LEU H 41 -2.11 54.67 -17.51
N LYS H 42 -1.36 54.16 -18.48
CA LYS H 42 -1.85 54.00 -19.84
C LYS H 42 -2.15 52.56 -20.22
N ARG H 43 -1.45 51.59 -19.63
CA ARG H 43 -1.72 50.18 -19.90
C ARG H 43 -2.74 49.65 -18.91
N TYR H 44 -3.63 48.79 -19.39
CA TYR H 44 -4.67 48.25 -18.53
C TYR H 44 -4.11 47.38 -17.40
N CYS H 45 -2.89 46.87 -17.56
CA CYS H 45 -2.25 46.11 -16.49
C CYS H 45 -2.06 46.99 -15.26
N CYS H 46 -1.62 48.23 -15.45
CA CYS H 46 -1.51 49.17 -14.33
C CYS H 46 -2.86 49.72 -13.90
N ARG H 47 -3.78 49.90 -14.85
CA ARG H 47 -5.10 50.43 -14.51
C ARG H 47 -5.85 49.48 -13.57
N ARG H 48 -5.77 48.18 -13.84
CA ARG H 48 -6.46 47.21 -12.99
C ARG H 48 -5.88 47.14 -11.58
N MET H 49 -4.67 47.65 -11.38
CA MET H 49 -4.05 47.60 -10.06
C MET H 49 -4.85 48.40 -9.04
N ILE H 50 -5.30 49.59 -9.42
CA ILE H 50 -6.05 50.46 -8.51
C ILE H 50 -7.51 50.59 -8.89
N LEU H 51 -7.90 50.18 -10.09
CA LEU H 51 -9.31 50.23 -10.47
C LEU H 51 -10.13 49.17 -9.74
N THR H 52 -9.55 48.01 -9.51
CA THR H 52 -10.22 46.89 -8.86
C THR H 52 -9.54 46.51 -7.55
N HIS H 53 -9.18 47.51 -6.76
CA HIS H 53 -8.52 47.30 -5.47
C HIS H 53 -9.50 47.65 -4.36
N VAL H 54 -9.58 46.79 -3.36
CA VAL H 54 -10.47 46.98 -2.21
C VAL H 54 -9.60 47.29 -0.99
N ASP H 55 -9.93 48.38 -0.29
CA ASP H 55 -9.14 48.85 0.84
C ASP H 55 -9.81 48.31 2.12
N LEU H 56 -9.42 47.10 2.51
CA LEU H 56 -9.92 46.47 3.72
C LEU H 56 -9.15 46.88 4.96
N ILE H 57 -8.12 47.71 4.82
CA ILE H 57 -7.32 48.12 5.97
C ILE H 57 -8.15 48.96 6.94
N GLU H 58 -9.07 49.78 6.44
CA GLU H 58 -9.91 50.58 7.32
C GLU H 58 -10.78 49.70 8.20
N LYS H 59 -11.33 48.62 7.65
CA LYS H 59 -12.16 47.72 8.45
C LYS H 59 -11.35 47.10 9.58
N PHE H 60 -10.11 46.69 9.30
CA PHE H 60 -9.24 46.17 10.35
C PHE H 60 -8.91 47.23 11.39
N LEU H 61 -8.66 48.46 10.94
CA LEU H 61 -8.33 49.55 11.86
C LEU H 61 -9.53 49.99 12.69
N ARG H 62 -10.74 49.63 12.26
CA ARG H 62 -11.93 50.01 13.03
C ARG H 62 -11.94 49.35 14.41
N TYR H 63 -11.40 48.15 14.53
CA TYR H 63 -11.35 47.47 15.81
C TYR H 63 -10.38 48.16 16.75
N ASN H 64 -10.70 48.13 18.05
CA ASN H 64 -9.86 48.78 19.04
C ASN H 64 -8.53 48.04 19.17
N PRO H 65 -7.40 48.73 19.08
CA PRO H 65 -6.10 48.04 19.19
C PRO H 65 -5.68 47.82 20.63
N LEU H 66 -4.48 47.30 20.83
CA LEU H 66 -3.93 47.10 22.17
C LEU H 66 -3.34 48.39 22.70
N MET I 1 9.87 20.65 1.20
CA MET I 1 9.97 21.78 0.27
C MET I 1 11.09 21.56 -0.73
N ASN I 2 10.80 21.74 -2.01
CA ASN I 2 11.73 21.46 -3.09
C ASN I 2 11.84 22.65 -4.04
N ALA I 3 12.04 23.84 -3.48
CA ALA I 3 12.23 25.03 -4.29
C ALA I 3 13.72 25.28 -4.49
N PRO I 4 14.23 25.22 -5.72
CA PRO I 4 15.65 25.53 -5.93
C PRO I 4 15.95 26.98 -5.58
N ASP I 5 17.16 27.21 -5.09
CA ASP I 5 17.57 28.56 -4.71
C ASP I 5 17.65 29.46 -5.93
N ARG I 6 17.31 30.73 -5.73
CA ARG I 6 17.22 31.69 -6.82
C ARG I 6 18.58 32.12 -7.37
N PHE I 7 19.66 31.90 -6.64
CA PHE I 7 20.99 32.29 -7.09
C PHE I 7 21.70 31.20 -7.89
N GLU I 8 21.11 30.02 -8.01
CA GLU I 8 21.74 28.93 -8.75
C GLU I 8 21.65 29.10 -10.27
N LEU I 9 20.88 30.07 -10.76
CA LEU I 9 20.74 30.28 -12.18
C LEU I 9 21.74 31.27 -12.75
N PHE I 10 22.51 31.96 -11.91
CA PHE I 10 23.50 32.91 -12.39
C PHE I 10 24.81 32.88 -11.62
N LEU I 11 24.98 31.99 -10.65
CA LEU I 11 26.19 31.91 -9.84
C LEU I 11 26.86 30.57 -10.05
N LEU I 12 28.15 30.59 -10.39
CA LEU I 12 28.90 29.35 -10.56
C LEU I 12 29.16 28.72 -9.19
N GLY I 13 28.90 27.42 -9.08
CA GLY I 13 29.09 26.72 -7.84
C GLY I 13 30.52 26.24 -7.65
N GLU I 14 30.68 25.00 -7.24
CA GLU I 14 31.99 24.40 -7.01
C GLU I 14 32.13 23.15 -7.86
N GLY I 15 33.28 23.02 -8.54
CA GLY I 15 33.56 21.86 -9.35
C GLY I 15 33.13 21.96 -10.80
N GLU I 16 32.43 23.02 -11.19
CA GLU I 16 31.98 23.22 -12.56
C GLU I 16 32.59 24.49 -13.12
N SER I 17 32.78 24.50 -14.44
CA SER I 17 33.37 25.62 -15.15
C SER I 17 32.33 26.28 -16.06
N LYS I 18 32.63 27.52 -16.44
CA LYS I 18 31.73 28.26 -17.31
C LYS I 18 31.61 27.61 -18.68
N LEU I 19 32.72 27.11 -19.22
CA LEU I 19 32.74 26.53 -20.55
C LEU I 19 33.24 25.09 -20.49
N LYS I 20 32.81 24.28 -21.45
CA LYS I 20 33.19 22.88 -21.52
C LYS I 20 33.04 22.41 -22.96
N ILE I 21 34.16 22.18 -23.64
CA ILE I 21 34.17 21.77 -25.03
C ILE I 21 34.45 20.28 -25.10
N ASP I 22 33.59 19.54 -25.80
CA ASP I 22 33.77 18.13 -26.04
C ASP I 22 33.71 17.85 -27.54
N PRO I 23 34.68 17.13 -28.10
CA PRO I 23 34.66 16.87 -29.54
C PRO I 23 33.46 16.03 -29.94
N ASP I 24 32.96 16.28 -31.15
CA ASP I 24 31.81 15.58 -31.70
C ASP I 24 32.31 14.61 -32.77
N THR I 25 31.96 13.34 -32.63
CA THR I 25 32.36 12.31 -33.58
C THR I 25 31.36 12.11 -34.70
N LYS I 26 30.18 12.74 -34.61
CA LYS I 26 29.18 12.57 -35.67
C LYS I 26 29.64 13.19 -36.98
N ALA I 27 30.26 14.38 -36.92
CA ALA I 27 30.73 15.07 -38.09
C ALA I 27 32.15 15.56 -37.88
N PRO I 28 32.96 15.60 -38.93
CA PRO I 28 34.33 16.12 -38.78
C PRO I 28 34.34 17.61 -38.48
N ASN I 29 35.37 18.01 -37.73
CA ASN I 29 35.59 19.42 -37.37
C ASN I 29 34.37 20.01 -36.68
N ALA I 30 33.74 19.23 -35.81
CA ALA I 30 32.57 19.66 -35.07
C ALA I 30 32.81 19.47 -33.57
N VAL I 31 32.41 20.46 -32.78
CA VAL I 31 32.55 20.41 -31.33
C VAL I 31 31.25 20.85 -30.69
N VAL I 32 31.09 20.46 -29.42
CA VAL I 32 29.93 20.83 -28.61
C VAL I 32 30.42 21.56 -27.38
N ILE I 33 29.88 22.75 -27.13
CA ILE I 33 30.28 23.60 -26.02
C ILE I 33 29.10 23.77 -25.09
N THR I 34 29.32 23.53 -23.80
CA THR I 34 28.28 23.62 -22.78
C THR I 34 28.54 24.86 -21.92
N PHE I 35 27.53 25.72 -21.81
CA PHE I 35 27.60 26.92 -20.99
C PHE I 35 26.76 26.72 -19.74
N GLU I 36 27.32 27.11 -18.60
CA GLU I 36 26.66 26.95 -17.31
C GLU I 36 26.31 28.32 -16.73
N LYS I 37 25.06 28.46 -16.30
CA LYS I 37 24.46 29.64 -15.63
C LYS I 37 24.00 30.73 -16.60
N GLU I 38 24.03 30.51 -17.91
CA GLU I 38 23.40 31.41 -18.86
C GLU I 38 22.47 30.62 -19.78
N ASP I 39 21.45 31.30 -20.30
CA ASP I 39 20.56 30.69 -21.28
C ASP I 39 19.76 31.79 -22.00
N HIS I 40 19.52 31.55 -23.29
CA HIS I 40 18.56 32.32 -24.09
C HIS I 40 18.88 33.81 -24.19
N THR I 41 20.00 34.26 -23.63
CA THR I 41 20.37 35.66 -23.68
C THR I 41 21.57 35.92 -24.59
N LEU I 42 22.67 35.21 -24.37
CA LEU I 42 23.83 35.31 -25.25
C LEU I 42 23.94 34.17 -26.22
N GLY I 43 23.23 33.06 -25.99
CA GLY I 43 23.28 31.94 -26.92
C GLY I 43 22.73 32.30 -28.28
N ASN I 44 21.61 33.04 -28.31
CA ASN I 44 21.05 33.48 -29.58
C ASN I 44 21.99 34.42 -30.31
N LEU I 45 22.63 35.34 -29.57
CA LEU I 45 23.59 36.25 -30.19
C LEU I 45 24.78 35.50 -30.77
N ILE I 46 25.30 34.53 -30.02
CA ILE I 46 26.44 33.75 -30.49
C ILE I 46 26.06 32.96 -31.73
N ARG I 47 24.87 32.34 -31.72
CA ARG I 47 24.43 31.58 -32.89
C ARG I 47 24.26 32.48 -34.11
N ALA I 48 23.67 33.66 -33.93
CA ALA I 48 23.49 34.57 -35.05
C ALA I 48 24.82 35.04 -35.61
N GLU I 49 25.77 35.39 -34.73
CA GLU I 49 27.07 35.86 -35.21
C GLU I 49 27.85 34.74 -35.89
N LEU I 50 27.73 33.50 -35.39
CA LEU I 50 28.38 32.38 -36.05
C LEU I 50 27.75 32.12 -37.41
N LEU I 51 26.43 32.25 -37.52
CA LEU I 51 25.78 32.11 -38.82
C LEU I 51 26.20 33.21 -39.78
N ASN I 52 26.53 34.39 -39.25
CA ASN I 52 27.03 35.47 -40.09
C ASN I 52 28.40 35.16 -40.68
N ASP I 53 29.15 34.25 -40.06
CA ASP I 53 30.45 33.88 -40.59
C ASP I 53 30.29 33.05 -41.86
N ARG I 54 31.33 33.08 -42.70
CA ARG I 54 31.30 32.37 -43.97
C ARG I 54 32.00 31.02 -43.93
N LYS I 55 32.85 30.78 -42.94
CA LYS I 55 33.56 29.52 -42.80
C LYS I 55 32.92 28.58 -41.79
N VAL I 56 31.71 28.90 -41.32
CA VAL I 56 30.98 28.07 -40.38
C VAL I 56 29.84 27.38 -41.13
N LEU I 57 29.87 26.05 -41.15
CA LEU I 57 28.86 25.28 -41.87
C LEU I 57 27.68 24.88 -41.01
N PHE I 58 27.75 25.09 -39.70
CA PHE I 58 26.65 24.71 -38.80
C PHE I 58 26.81 25.46 -37.49
N ALA I 59 25.69 25.97 -36.97
CA ALA I 59 25.69 26.69 -35.71
C ALA I 59 24.29 26.64 -35.13
N ALA I 60 24.15 25.97 -33.98
CA ALA I 60 22.84 25.85 -33.33
C ALA I 60 23.04 25.73 -31.83
N TYR I 61 21.98 26.05 -31.09
CA TYR I 61 21.98 25.95 -29.64
C TYR I 61 20.62 25.48 -29.17
N LYS I 62 20.59 24.89 -27.98
CA LYS I 62 19.35 24.40 -27.41
C LYS I 62 19.47 24.37 -25.90
N VAL I 63 18.32 24.45 -25.23
CA VAL I 63 18.24 24.36 -23.78
C VAL I 63 17.51 23.06 -23.44
N GLU I 64 18.19 22.16 -22.74
CA GLU I 64 17.62 20.84 -22.47
C GLU I 64 16.38 20.94 -21.58
N HIS I 65 16.43 21.77 -20.55
CA HIS I 65 15.33 21.90 -19.62
C HIS I 65 15.31 23.30 -19.01
N PRO I 66 14.14 23.93 -18.90
CA PRO I 66 14.08 25.25 -18.26
C PRO I 66 14.47 25.23 -16.79
N PHE I 67 14.45 24.06 -16.14
CA PHE I 67 14.79 23.99 -14.72
C PHE I 67 16.25 24.40 -14.49
N PHE I 68 17.15 23.95 -15.35
CA PHE I 68 18.58 24.20 -15.21
C PHE I 68 19.02 25.26 -16.21
N ALA I 69 19.73 26.27 -15.71
CA ALA I 69 20.20 27.38 -16.56
C ALA I 69 21.49 26.97 -17.25
N ARG I 70 21.33 26.22 -18.34
CA ARG I 70 22.47 25.80 -19.14
C ARG I 70 21.98 25.50 -20.56
N PHE I 71 22.91 25.60 -21.51
CA PHE I 71 22.60 25.28 -22.90
C PHE I 71 23.86 24.77 -23.58
N LYS I 72 23.65 24.02 -24.66
CA LYS I 72 24.73 23.42 -25.43
C LYS I 72 24.77 24.04 -26.81
N LEU I 73 25.97 24.43 -27.25
CA LEU I 73 26.18 25.04 -28.55
C LEU I 73 27.06 24.13 -29.40
N ARG I 74 26.61 23.85 -30.62
CA ARG I 74 27.33 23.00 -31.54
C ARG I 74 27.77 23.82 -32.75
N ILE I 75 29.07 23.80 -33.04
CA ILE I 75 29.65 24.53 -34.15
C ILE I 75 30.40 23.56 -35.04
N GLN I 76 30.14 23.63 -36.35
CA GLN I 76 30.89 22.89 -37.35
C GLN I 76 31.44 23.88 -38.36
N THR I 77 32.76 23.88 -38.53
CA THR I 77 33.44 24.82 -39.40
C THR I 77 34.11 24.07 -40.55
N THR I 78 34.54 24.84 -41.55
CA THR I 78 35.23 24.25 -42.68
C THR I 78 36.61 23.74 -42.28
N GLU I 79 37.17 22.88 -43.14
CA GLU I 79 38.46 22.30 -42.85
C GLU I 79 39.54 23.37 -42.77
N GLY I 80 40.39 23.26 -41.75
CA GLY I 80 41.45 24.23 -41.51
C GLY I 80 41.06 25.39 -40.61
N TYR I 81 39.79 25.51 -40.24
CA TYR I 81 39.32 26.57 -39.37
C TYR I 81 38.87 25.98 -38.04
N ASP I 82 39.55 26.34 -36.97
CA ASP I 82 39.19 25.83 -35.65
C ASP I 82 37.92 26.49 -35.17
N PRO I 83 36.96 25.73 -34.62
CA PRO I 83 35.72 26.36 -34.12
C PRO I 83 35.97 27.38 -33.02
N LYS I 84 37.01 27.17 -32.20
CA LYS I 84 37.32 28.15 -31.15
C LYS I 84 37.70 29.49 -31.74
N ASP I 85 38.41 29.49 -32.87
CA ASP I 85 38.73 30.74 -33.55
C ASP I 85 37.46 31.45 -34.02
N ALA I 86 36.50 30.68 -34.56
CA ALA I 86 35.23 31.28 -34.97
C ALA I 86 34.48 31.86 -33.78
N LEU I 87 34.49 31.16 -32.65
CA LEU I 87 33.85 31.69 -31.45
C LEU I 87 34.50 32.98 -30.98
N LYS I 88 35.83 33.02 -31.00
CA LYS I 88 36.55 34.23 -30.60
C LYS I 88 36.24 35.38 -31.55
N ASN I 89 36.19 35.11 -32.85
CA ASN I 89 35.87 36.17 -33.81
C ASN I 89 34.45 36.69 -33.59
N ALA I 90 33.49 35.78 -33.34
CA ALA I 90 32.13 36.22 -33.08
C ALA I 90 32.05 37.06 -31.81
N CYS I 91 32.76 36.66 -30.76
CA CYS I 91 32.76 37.44 -29.52
C CYS I 91 33.37 38.81 -29.74
N ASN I 92 34.47 38.90 -30.49
CA ASN I 92 35.08 40.19 -30.76
C ASN I 92 34.16 41.08 -31.57
N SER I 93 33.49 40.53 -32.57
CA SER I 93 32.55 41.31 -33.36
C SER I 93 31.40 41.82 -32.50
N ILE I 94 30.88 40.97 -31.61
CA ILE I 94 29.81 41.40 -30.71
C ILE I 94 30.29 42.52 -29.80
N ILE I 95 31.52 42.41 -29.28
CA ILE I 95 32.06 43.44 -28.40
C ILE I 95 32.17 44.76 -29.15
N ASN I 96 32.69 44.72 -30.38
CA ASN I 96 32.84 45.94 -31.17
C ASN I 96 31.48 46.56 -31.47
N LYS I 97 30.50 45.75 -31.85
CA LYS I 97 29.18 46.28 -32.16
C LYS I 97 28.53 46.89 -30.92
N LEU I 98 28.67 46.25 -29.76
CA LEU I 98 28.10 46.80 -28.54
C LEU I 98 28.77 48.11 -28.16
N GLY I 99 30.09 48.19 -28.30
CA GLY I 99 30.77 49.44 -28.01
C GLY I 99 30.34 50.56 -28.93
N ALA I 100 30.21 50.26 -30.22
CA ALA I 100 29.74 51.28 -31.17
C ALA I 100 28.33 51.72 -30.83
N LEU I 101 27.45 50.78 -30.48
CA LEU I 101 26.09 51.12 -30.12
C LEU I 101 26.05 52.01 -28.88
N LYS I 102 26.85 51.69 -27.88
CA LYS I 102 26.90 52.51 -26.67
C LYS I 102 27.40 53.91 -26.97
N THR I 103 28.45 54.03 -27.79
CA THR I 103 28.98 55.34 -28.14
C THR I 103 27.94 56.16 -28.90
N ASN I 104 27.25 55.52 -29.86
CA ASN I 104 26.23 56.23 -30.63
C ASN I 104 25.08 56.67 -29.74
N PHE I 105 24.64 55.81 -28.82
CA PHE I 105 23.55 56.19 -27.92
C PHE I 105 23.95 57.35 -27.02
N GLU I 106 25.18 57.31 -26.49
CA GLU I 106 25.65 58.41 -25.66
C GLU I 106 25.71 59.71 -26.45
N THR I 107 26.22 59.65 -27.69
CA THR I 107 26.28 60.84 -28.52
C THR I 107 24.90 61.41 -28.81
N GLU I 108 23.95 60.53 -29.13
CA GLU I 108 22.59 60.99 -29.40
C GLU I 108 21.93 61.58 -28.16
N TRP I 109 22.13 60.97 -27.00
CA TRP I 109 21.54 61.47 -25.77
C TRP I 109 22.19 62.77 -25.31
N ASN I 110 23.44 63.02 -25.70
CA ASN I 110 24.11 64.24 -25.28
C ASN I 110 23.41 65.49 -25.83
N LEU I 111 22.71 65.36 -26.94
CA LEU I 111 21.97 66.48 -27.52
C LEU I 111 20.47 66.28 -27.35
N ALA J 25 7.29 34.31 37.06
CA ALA J 25 7.30 35.51 37.87
C ALA J 25 7.50 36.75 37.01
N THR J 26 8.39 36.64 36.03
CA THR J 26 8.70 37.76 35.13
C THR J 26 7.87 37.73 33.86
N LEU J 27 6.96 36.77 33.71
CA LEU J 27 6.12 36.70 32.52
C LEU J 27 5.17 37.89 32.48
N LYS J 28 5.04 38.48 31.28
CA LYS J 28 4.19 39.64 31.07
C LYS J 28 2.97 39.23 30.25
N TYR J 29 1.80 39.66 30.69
CA TYR J 29 0.54 39.37 30.00
C TYR J 29 -0.21 40.66 29.76
N ILE J 30 -0.99 40.68 28.68
CA ILE J 30 -1.78 41.85 28.29
C ILE J 30 -3.25 41.44 28.28
N CYS J 31 -4.09 42.23 28.94
CA CYS J 31 -5.52 41.97 28.95
C CYS J 31 -6.09 42.10 27.55
N ALA J 32 -7.06 41.24 27.22
CA ALA J 32 -7.67 41.24 25.90
C ALA J 32 -8.78 42.27 25.75
N GLU J 33 -9.14 42.98 26.82
CA GLU J 33 -10.21 43.96 26.76
C GLU J 33 -9.70 45.39 26.89
N CYS J 34 -8.97 45.70 27.96
CA CYS J 34 -8.45 47.04 28.19
C CYS J 34 -6.99 47.19 27.84
N SER J 35 -6.33 46.11 27.40
CA SER J 35 -4.92 46.14 27.00
C SER J 35 -4.03 46.68 28.12
N SER J 36 -4.18 46.11 29.31
CA SER J 36 -3.40 46.52 30.48
C SER J 36 -2.30 45.52 30.72
N LYS J 37 -1.06 46.00 30.74
CA LYS J 37 0.09 45.13 31.02
C LYS J 37 0.06 44.70 32.47
N LEU J 38 0.34 43.41 32.70
CA LEU J 38 0.33 42.86 34.05
C LEU J 38 1.22 41.63 34.10
N SER J 39 1.63 41.28 35.31
CA SER J 39 2.42 40.10 35.57
C SER J 39 1.78 39.32 36.72
N LEU J 40 1.76 38.00 36.60
CA LEU J 40 1.07 37.15 37.55
C LEU J 40 1.99 36.03 38.03
N SER J 41 1.65 35.46 39.18
CA SER J 41 2.35 34.34 39.77
C SER J 41 1.64 33.03 39.45
N ARG J 42 2.32 31.93 39.75
CA ARG J 42 1.75 30.61 39.47
C ARG J 42 0.49 30.37 40.28
N THR J 43 0.49 30.77 41.54
CA THR J 43 -0.69 30.62 42.40
C THR J 43 -1.79 31.62 42.07
N ASP J 44 -1.52 32.59 41.20
CA ASP J 44 -2.45 33.66 40.89
C ASP J 44 -3.23 33.23 39.65
N ALA J 45 -4.54 33.01 39.80
CA ALA J 45 -5.38 32.61 38.69
C ALA J 45 -5.49 33.75 37.67
N VAL J 46 -5.43 33.40 36.39
CA VAL J 46 -5.33 34.41 35.34
C VAL J 46 -6.61 35.24 35.30
N ARG J 47 -6.43 36.57 35.29
CA ARG J 47 -7.51 37.56 35.24
C ARG J 47 -6.85 38.93 35.20
N CYS J 48 -7.62 39.93 34.78
CA CYS J 48 -7.13 41.30 34.75
C CYS J 48 -7.47 42.01 36.06
N LYS J 49 -6.84 43.16 36.26
CA LYS J 49 -7.03 43.98 37.46
C LYS J 49 -7.75 45.30 37.19
N ASP J 50 -7.48 45.95 36.07
CA ASP J 50 -8.22 47.16 35.71
C ASP J 50 -9.65 46.85 35.28
N CYS J 51 -9.96 45.60 35.02
CA CYS J 51 -11.32 45.18 34.67
C CYS J 51 -11.48 43.71 35.04
N GLY J 52 -12.68 43.19 34.84
CA GLY J 52 -13.01 41.82 35.19
C GLY J 52 -12.75 40.79 34.12
N HIS J 53 -12.10 41.16 33.03
CA HIS J 53 -11.84 40.23 31.94
C HIS J 53 -10.93 39.10 32.40
N ARG J 54 -11.20 37.89 31.91
CA ARG J 54 -10.44 36.70 32.26
C ARG J 54 -9.67 36.13 31.07
N ILE J 55 -9.48 36.91 30.02
CA ILE J 55 -8.75 36.47 28.83
C ILE J 55 -7.50 37.33 28.72
N LEU J 56 -6.34 36.67 28.65
CA LEU J 56 -5.06 37.35 28.58
C LEU J 56 -4.26 36.86 27.38
N LEU J 57 -3.41 37.74 26.85
CA LEU J 57 -2.57 37.43 25.71
C LEU J 57 -1.11 37.57 26.11
N LYS J 58 -0.29 36.59 25.72
CA LYS J 58 1.12 36.63 26.04
C LYS J 58 1.81 37.76 25.29
N ALA J 59 2.76 38.40 25.97
CA ALA J 59 3.50 39.50 25.37
C ALA J 59 4.48 38.98 24.31
N ARG J 60 4.82 39.86 23.39
CA ARG J 60 5.75 39.51 22.32
C ARG J 60 7.13 39.21 22.89
N THR J 61 7.82 38.26 22.26
CA THR J 61 9.13 37.84 22.73
C THR J 61 10.17 38.93 22.51
N LYS J 62 11.25 38.86 23.28
CA LYS J 62 12.37 39.78 23.18
C LYS J 62 13.53 39.22 22.37
N ARG J 63 13.33 38.08 21.72
CA ARG J 63 14.39 37.44 20.95
C ARG J 63 14.63 38.19 19.65
N LEU J 64 15.49 37.64 18.79
CA LEU J 64 15.82 38.27 17.52
C LEU J 64 14.86 37.77 16.44
N VAL J 65 14.11 38.69 15.86
CA VAL J 65 13.16 38.39 14.80
C VAL J 65 13.65 39.07 13.53
N GLN J 66 14.05 38.29 12.54
CA GLN J 66 14.57 38.80 11.29
C GLN J 66 13.81 38.17 10.13
N PHE J 67 13.36 39.00 9.20
CA PHE J 67 12.62 38.54 8.03
C PHE J 67 13.37 38.94 6.76
N GLU J 68 13.27 38.10 5.75
CA GLU J 68 13.87 38.36 4.44
C GLU J 68 12.80 38.88 3.50
N ALA J 69 13.04 40.07 2.93
CA ALA J 69 12.08 40.67 2.01
C ALA J 69 11.95 39.88 0.72
N ARG J 70 12.94 39.07 0.37
CA ARG J 70 12.91 38.28 -0.84
C ARG J 70 11.81 37.23 -0.78
N ARG N 804 27.34 18.57 25.51
CA ARG N 804 28.76 18.63 25.15
C ARG N 804 29.02 19.71 24.10
N GLU N 805 28.31 19.61 22.98
CA GLU N 805 28.48 20.57 21.90
C GLU N 805 27.86 21.91 22.29
N VAL N 806 28.61 22.99 22.06
CA VAL N 806 28.11 24.33 22.40
C VAL N 806 27.00 24.73 21.45
N ALA N 807 27.14 24.41 20.17
CA ALA N 807 26.15 24.79 19.15
C ALA N 807 24.94 23.88 19.27
N LEU N 808 24.02 24.25 20.17
CA LEU N 808 22.80 23.48 20.36
C LEU N 808 21.74 24.41 20.94
N GLY N 809 20.75 24.78 20.13
CA GLY N 809 19.68 25.64 20.58
C GLY N 809 20.03 27.10 20.69
N LYS N 810 21.18 27.53 20.15
CA LYS N 810 21.60 28.91 20.21
C LYS N 810 21.38 29.57 18.86
N THR N 811 20.79 30.76 18.87
CA THR N 811 20.56 31.50 17.63
C THR N 811 21.89 31.86 16.98
N VAL N 812 21.99 31.62 15.67
CA VAL N 812 23.22 31.84 14.92
C VAL N 812 22.88 32.60 13.65
N ARG N 813 23.90 33.25 13.09
CA ARG N 813 23.79 33.97 11.82
C ARG N 813 24.72 33.32 10.80
N ILE N 814 24.17 33.01 9.63
CA ILE N 814 24.94 32.35 8.58
C ILE N 814 25.84 33.37 7.91
N ARG N 815 27.13 33.02 7.78
CA ARG N 815 28.12 33.88 7.16
C ARG N 815 28.56 33.30 5.82
N SER N 816 28.92 34.20 4.91
CA SER N 816 29.37 33.84 3.57
C SER N 816 28.33 33.04 2.81
N ALA N 817 28.73 32.38 1.72
CA ALA N 817 27.85 31.58 0.89
C ALA N 817 26.66 32.37 0.39
N GLY N 818 25.59 31.68 -0.01
CA GLY N 818 24.40 32.33 -0.50
C GLY N 818 23.39 32.73 0.55
N TYR N 819 23.69 32.49 1.83
CA TYR N 819 22.78 32.82 2.92
C TYR N 819 23.44 33.78 3.92
N LYS N 820 24.28 34.69 3.42
CA LYS N 820 24.96 35.62 4.29
C LYS N 820 23.97 36.58 4.93
N GLY N 821 24.08 36.75 6.25
CA GLY N 821 23.20 37.64 6.98
C GLY N 821 21.90 37.02 7.45
N GLN N 822 21.61 35.78 7.07
CA GLN N 822 20.39 35.13 7.49
C GLN N 822 20.45 34.77 8.97
N LEU N 823 19.29 34.71 9.60
CA LEU N 823 19.16 34.41 11.02
C LEU N 823 18.43 33.08 11.19
N GLY N 824 18.97 32.22 12.04
CA GLY N 824 18.34 30.93 12.29
C GLY N 824 18.84 30.34 13.59
N ILE N 825 18.25 29.20 13.95
CA ILE N 825 18.57 28.48 15.17
C ILE N 825 19.03 27.08 14.79
N VAL N 826 20.20 26.69 15.28
CA VAL N 826 20.73 25.35 15.03
C VAL N 826 19.98 24.34 15.88
N LYS N 827 19.46 23.28 15.25
CA LYS N 827 18.68 22.26 15.93
C LYS N 827 19.47 20.98 16.15
N ASP N 828 20.04 20.40 15.10
CA ASP N 828 20.79 19.16 15.19
C ASP N 828 22.22 19.40 14.70
N VAL N 829 23.18 18.95 15.48
CA VAL N 829 24.60 19.05 15.14
C VAL N 829 25.22 17.66 15.19
N ASN N 830 25.94 17.30 14.15
CA ASN N 830 26.58 16.00 14.07
C ASN N 830 27.88 16.13 13.29
N GLY N 831 28.97 15.64 13.87
CA GLY N 831 30.26 15.77 13.23
C GLY N 831 30.65 17.22 13.06
N ASP N 832 31.05 17.60 11.84
CA ASP N 832 31.40 18.97 11.54
C ASP N 832 30.25 19.78 10.98
N LYS N 833 29.37 19.14 10.20
CA LYS N 833 28.22 19.84 9.63
C LYS N 833 27.18 20.12 10.70
N ALA N 834 26.57 21.29 10.62
CA ALA N 834 25.53 21.71 11.56
C ALA N 834 24.27 22.07 10.79
N THR N 835 23.14 21.54 11.22
CA THR N 835 21.85 21.81 10.59
C THR N 835 21.23 23.03 11.25
N VAL N 836 21.11 24.11 10.50
CA VAL N 836 20.56 25.37 11.00
C VAL N 836 19.30 25.69 10.22
N GLU N 837 18.19 25.87 10.94
CA GLU N 837 16.93 26.24 10.30
C GLU N 837 16.96 27.71 9.91
N LEU N 838 15.96 28.11 9.12
CA LEU N 838 15.84 29.48 8.64
C LEU N 838 14.54 30.08 9.14
N HIS N 839 14.58 31.39 9.43
CA HIS N 839 13.40 32.08 9.95
C HIS N 839 12.43 32.42 8.82
N SER N 840 12.87 33.20 7.85
CA SER N 840 12.00 33.59 6.74
C SER N 840 11.67 32.40 5.86
N LYS N 841 12.64 31.54 5.58
CA LYS N 841 12.47 30.41 4.68
C LYS N 841 12.15 29.15 5.49
N ASN N 842 11.22 28.35 4.98
CA ASN N 842 10.82 27.10 5.63
C ASN N 842 11.64 25.95 5.05
N LYS N 843 12.94 25.97 5.38
CA LYS N 843 13.85 24.95 4.91
C LYS N 843 15.03 24.84 5.88
N HIS N 844 15.74 23.72 5.79
CA HIS N 844 16.89 23.45 6.64
C HIS N 844 18.14 23.35 5.77
N ILE N 845 19.21 24.03 6.17
CA ILE N 845 20.46 24.04 5.45
C ILE N 845 21.56 23.56 6.39
N THR N 846 22.40 22.64 5.91
CA THR N 846 23.50 22.09 6.69
C THR N 846 24.79 22.78 6.27
N ILE N 847 25.43 23.46 7.21
CA ILE N 847 26.69 24.17 6.96
C ILE N 847 27.65 23.88 8.11
N ASP N 848 28.93 24.17 7.86
CA ASP N 848 29.95 23.97 8.87
C ASP N 848 29.72 24.89 10.06
N LYS N 849 29.93 24.36 11.27
CA LYS N 849 29.70 25.14 12.48
C LYS N 849 30.72 26.27 12.62
N HIS N 850 31.95 26.06 12.15
CA HIS N 850 32.97 27.10 12.25
C HIS N 850 32.62 28.32 11.41
N LYS N 851 32.03 28.12 10.24
CA LYS N 851 31.75 29.24 9.33
C LYS N 851 30.75 30.21 9.94
N LEU N 852 29.68 29.69 10.53
CA LEU N 852 28.61 30.53 11.06
C LEU N 852 29.04 31.17 12.38
N THR N 853 28.63 32.42 12.57
CA THR N 853 28.87 33.13 13.81
C THR N 853 27.77 32.81 14.82
N TYR N 854 28.02 33.16 16.08
CA TYR N 854 27.12 32.85 17.18
C TYR N 854 26.64 34.14 17.83
N TYR N 855 25.33 34.22 18.07
CA TYR N 855 24.71 35.39 18.68
C TYR N 855 23.99 34.99 19.96
N ASN N 856 23.50 35.98 20.67
CA ASN N 856 22.74 35.76 21.89
C ASN N 856 21.26 35.55 21.56
N ARG N 857 20.59 34.74 22.39
CA ARG N 857 19.17 34.47 22.16
C ARG N 857 18.35 35.74 22.28
N GLU N 858 18.61 36.55 23.32
CA GLU N 858 17.87 37.80 23.48
C GLU N 858 18.35 38.84 22.48
N GLY N 859 19.66 38.91 22.23
CA GLY N 859 20.22 39.87 21.31
C GLY N 859 21.48 40.52 21.82
N GLY N 860 22.46 40.70 20.95
CA GLY N 860 23.72 41.30 21.37
C GLY N 860 24.77 41.15 20.28
N GLU N 861 26.02 41.28 20.68
CA GLU N 861 27.13 41.16 19.75
C GLU N 861 27.30 39.70 19.30
N GLY N 862 27.84 39.53 18.10
CA GLY N 862 28.08 38.22 17.53
C GLY N 862 29.54 37.82 17.67
N ILE N 863 29.76 36.52 17.91
CA ILE N 863 31.09 35.97 18.10
C ILE N 863 31.25 34.76 17.20
N THR N 864 32.51 34.40 16.96
CA THR N 864 32.85 33.25 16.14
C THR N 864 32.73 31.97 16.96
N TYR N 865 33.28 30.86 16.44
CA TYR N 865 33.22 29.57 17.10
C TYR N 865 34.14 29.47 18.32
N ASP N 866 34.68 30.59 18.82
CA ASP N 866 35.52 30.58 20.01
C ASP N 866 34.74 30.26 21.28
N GLU N 867 33.44 29.95 21.17
CA GLU N 867 32.65 29.57 22.34
C GLU N 867 33.17 28.30 23.01
N LEU N 868 33.91 27.46 22.27
CA LEU N 868 34.49 26.26 22.87
C LEU N 868 35.49 26.63 23.97
N VAL N 869 36.32 27.65 23.73
CA VAL N 869 37.24 28.12 24.76
C VAL N 869 36.46 28.73 25.92
N ASN N 870 35.44 29.54 25.62
CA ASN N 870 34.67 30.19 26.68
C ASN N 870 33.77 29.21 27.41
N ARG N 871 33.32 28.15 26.73
CA ARG N 871 32.43 27.14 27.29
C ARG N 871 31.11 27.72 27.78
N ARG N 872 30.71 28.86 27.22
CA ARG N 872 29.46 29.52 27.62
C ARG N 872 28.85 30.17 26.38
N GLY N 873 27.83 31.00 26.60
CA GLY N 873 27.16 31.69 25.54
C GLY N 873 27.53 33.16 25.46
N ARG N 874 26.70 33.93 24.76
CA ARG N 874 26.90 35.37 24.58
C ARG N 874 28.27 35.68 23.98
N SER O 4 14.13 -34.96 7.10
CA SER O 4 14.88 -36.15 6.73
C SER O 4 14.00 -37.39 6.78
N THR O 5 13.60 -37.87 5.61
CA THR O 5 12.74 -39.05 5.52
C THR O 5 13.09 -39.83 4.26
N SER O 6 12.72 -41.10 4.26
CA SER O 6 12.97 -41.99 3.12
C SER O 6 11.73 -42.67 2.59
N THR O 7 10.57 -42.47 3.21
CA THR O 7 9.33 -43.11 2.78
C THR O 7 8.27 -42.04 2.54
N PHE O 8 7.53 -42.20 1.45
CA PHE O 8 6.46 -41.25 1.13
C PHE O 8 5.27 -41.44 2.06
N GLN O 9 4.51 -40.36 2.22
CA GLN O 9 3.36 -40.39 3.11
C GLN O 9 2.27 -41.32 2.58
N THR O 10 1.74 -42.16 3.46
CA THR O 10 0.70 -43.12 3.07
C THR O 10 -0.06 -43.55 4.32
N ARG O 11 -1.22 -44.14 4.10
CA ARG O 11 -2.07 -44.69 5.16
C ARG O 11 -2.44 -43.61 6.18
N ARG O 12 -2.69 -42.39 5.69
CA ARG O 12 -3.19 -41.27 6.50
C ARG O 12 -2.23 -41.00 7.67
N ARG O 13 -1.03 -40.55 7.29
CA ARG O 13 -0.04 -40.18 8.28
C ARG O 13 -0.39 -38.86 8.99
N ARG O 14 -1.16 -38.00 8.33
CA ARG O 14 -1.41 -36.66 8.88
C ARG O 14 -2.11 -36.72 10.23
N LEU O 15 -3.20 -37.48 10.32
CA LEU O 15 -4.03 -37.49 11.52
C LEU O 15 -4.40 -38.92 11.92
N LYS O 16 -3.40 -39.80 11.95
CA LYS O 16 -3.62 -41.15 12.46
C LYS O 16 -3.64 -41.21 13.98
N LYS O 17 -3.28 -40.12 14.66
CA LYS O 17 -3.24 -40.04 16.13
C LYS O 17 -2.26 -41.12 16.61
N VAL O 18 -2.64 -41.97 17.57
CA VAL O 18 -1.75 -43.03 18.06
C VAL O 18 -2.08 -44.26 17.23
N GLU O 19 -1.34 -44.43 16.13
CA GLU O 19 -1.53 -45.61 15.29
C GLU O 19 -1.19 -46.88 16.04
N GLU O 20 -0.10 -46.88 16.79
CA GLU O 20 0.29 -48.02 17.60
C GLU O 20 1.27 -47.56 18.67
N GLU O 21 1.28 -48.28 19.78
CA GLU O 21 2.24 -48.01 20.85
C GLU O 21 3.65 -48.32 20.36
N GLU O 22 4.63 -47.60 20.92
CA GLU O 22 6.02 -47.79 20.58
C GLU O 22 6.44 -49.24 20.73
N ASN O 23 7.52 -49.64 20.03
CA ASN O 23 7.90 -51.04 19.96
C ASN O 23 8.13 -51.63 21.34
N ALA O 24 7.52 -52.78 21.59
CA ALA O 24 7.66 -53.51 22.84
C ALA O 24 8.60 -54.70 22.63
N ALA O 25 8.71 -55.54 23.67
CA ALA O 25 9.56 -56.72 23.57
C ALA O 25 9.04 -57.69 22.52
N THR O 26 7.72 -57.84 22.42
CA THR O 26 7.10 -58.81 21.51
C THR O 26 6.99 -58.26 20.08
N LEU O 27 8.14 -57.83 19.57
CA LEU O 27 8.28 -57.30 18.21
C LEU O 27 7.45 -56.03 18.10
N GLN O 28 6.45 -55.95 17.23
CA GLN O 28 5.64 -54.74 17.04
C GLN O 28 6.52 -53.55 16.65
N LEU O 29 7.12 -53.67 15.47
CA LEU O 29 8.09 -52.69 15.00
C LEU O 29 7.45 -51.31 14.83
N GLY O 30 8.30 -50.30 14.72
CA GLY O 30 7.85 -48.94 14.57
C GLY O 30 7.36 -48.62 13.17
N GLN O 31 6.83 -47.40 13.03
CA GLN O 31 6.27 -46.98 11.75
C GLN O 31 7.35 -46.83 10.69
N GLU O 32 8.51 -46.31 11.06
CA GLU O 32 9.58 -46.04 10.10
C GLU O 32 10.55 -47.19 9.94
N PHE O 33 10.70 -48.04 10.95
CA PHE O 33 11.63 -49.16 10.91
C PHE O 33 10.95 -50.46 10.53
N GLN O 34 9.89 -50.39 9.73
CA GLN O 34 9.15 -51.58 9.32
C GLN O 34 9.92 -52.34 8.25
N LEU O 35 9.48 -53.57 8.00
CA LEU O 35 10.13 -54.41 7.00
C LEU O 35 9.81 -53.90 5.59
N LYS O 36 10.63 -54.33 4.64
CA LYS O 36 10.50 -53.96 3.23
C LYS O 36 10.56 -52.44 3.05
N GLN O 37 11.71 -51.88 3.40
CA GLN O 37 11.92 -50.45 3.25
C GLN O 37 12.01 -50.06 1.78
N ILE O 38 11.77 -48.79 1.50
CA ILE O 38 11.80 -48.28 0.14
C ILE O 38 13.24 -48.06 -0.27
N ASN O 39 13.66 -48.70 -1.37
CA ASN O 39 15.01 -48.56 -1.86
C ASN O 39 15.14 -47.25 -2.65
N HIS O 40 16.33 -46.65 -2.57
CA HIS O 40 16.54 -45.33 -3.19
C HIS O 40 16.34 -45.40 -4.70
N GLN O 41 16.98 -46.35 -5.37
CA GLN O 41 16.87 -46.45 -6.82
C GLN O 41 15.51 -47.01 -7.24
N GLY O 42 15.04 -48.06 -6.56
CA GLY O 42 13.79 -48.70 -6.92
C GLY O 42 12.79 -48.73 -5.78
N GLU O 43 12.40 -49.94 -5.37
CA GLU O 43 11.43 -50.10 -4.30
C GLU O 43 11.53 -51.53 -3.77
N GLU O 44 10.85 -51.77 -2.66
CA GLU O 44 10.72 -53.10 -2.05
C GLU O 44 12.09 -53.70 -1.71
N GLU O 45 12.78 -53.04 -0.79
CA GLU O 45 14.07 -53.51 -0.28
C GLU O 45 13.88 -53.95 1.17
N GLU O 46 14.19 -55.21 1.46
CA GLU O 46 14.02 -55.73 2.80
C GLU O 46 15.06 -55.15 3.76
N LEU O 47 14.73 -55.13 5.04
CA LEU O 47 15.67 -54.64 6.05
C LEU O 47 16.86 -55.58 6.15
N ILE O 48 18.04 -55.00 6.37
CA ILE O 48 19.26 -55.79 6.44
C ILE O 48 19.29 -56.62 7.72
N ALA O 49 20.12 -57.66 7.71
CA ALA O 49 20.36 -58.52 8.86
C ALA O 49 21.81 -58.28 9.29
N LEU O 50 22.01 -57.26 10.12
CA LEU O 50 23.34 -56.80 10.51
C LEU O 50 23.52 -57.09 12.00
N ASN O 51 24.56 -57.86 12.32
CA ASN O 51 24.87 -58.18 13.70
C ASN O 51 26.02 -57.32 14.21
N LEU O 52 26.36 -57.50 15.49
CA LEU O 52 27.39 -56.68 16.12
C LEU O 52 28.76 -56.92 15.49
N SER O 53 29.12 -58.19 15.31
CA SER O 53 30.40 -58.51 14.67
C SER O 53 30.43 -58.04 13.23
N GLU O 54 29.31 -58.19 12.52
CA GLU O 54 29.22 -57.72 11.13
C GLU O 54 29.39 -56.22 11.06
N ALA O 55 28.86 -55.49 12.06
CA ALA O 55 28.98 -54.04 12.06
C ALA O 55 30.44 -53.60 12.16
N ARG O 56 31.23 -54.28 12.99
CA ARG O 56 32.64 -53.93 13.13
C ARG O 56 33.37 -54.13 11.81
N LEU O 57 33.14 -55.26 11.15
CA LEU O 57 33.79 -55.52 9.86
C LEU O 57 33.34 -54.50 8.82
N VAL O 58 32.06 -54.15 8.81
CA VAL O 58 31.55 -53.21 7.81
C VAL O 58 32.18 -51.82 8.02
N ILE O 59 32.23 -51.36 9.27
CA ILE O 59 32.79 -50.03 9.53
C ILE O 59 34.28 -50.02 9.26
N LYS O 60 34.98 -51.12 9.58
CA LYS O 60 36.41 -51.20 9.27
C LYS O 60 36.65 -51.17 7.77
N GLU O 61 35.81 -51.89 7.00
CA GLU O 61 35.95 -51.89 5.54
C GLU O 61 35.69 -50.50 4.96
N ALA O 62 34.66 -49.82 5.47
CA ALA O 62 34.40 -48.46 5.02
C ALA O 62 35.57 -47.54 5.36
N LEU O 63 36.14 -47.71 6.56
CA LEU O 63 37.26 -46.88 6.96
C LEU O 63 38.48 -47.09 6.06
N VAL O 64 38.80 -48.35 5.74
CA VAL O 64 39.97 -48.58 4.91
C VAL O 64 39.70 -48.13 3.47
N GLU O 65 38.45 -48.27 3.00
CA GLU O 65 38.12 -47.78 1.66
C GLU O 65 38.30 -46.27 1.58
N ARG O 66 37.77 -45.54 2.56
CA ARG O 66 37.98 -44.09 2.58
C ARG O 66 39.45 -43.74 2.78
N ARG O 67 40.19 -44.57 3.51
CA ARG O 67 41.60 -44.34 3.73
C ARG O 67 42.38 -44.39 2.43
N ARG O 68 42.21 -45.48 1.67
CA ARG O 68 42.87 -45.56 0.37
C ARG O 68 42.37 -44.48 -0.56
N ALA O 69 41.09 -44.11 -0.45
CA ALA O 69 40.53 -43.04 -1.27
C ALA O 69 41.30 -41.74 -1.08
N PHE O 70 41.30 -41.19 0.15
CA PHE O 70 41.92 -39.88 0.25
C PHE O 70 43.43 -39.97 0.27
N LYS O 71 44.01 -41.15 0.54
CA LYS O 71 45.45 -41.33 0.39
C LYS O 71 45.85 -41.19 -1.07
N ARG O 72 45.15 -41.88 -1.97
CA ARG O 72 45.46 -41.72 -3.39
C ARG O 72 45.09 -40.32 -3.88
N SER O 73 44.07 -39.70 -3.29
CA SER O 73 43.72 -38.34 -3.66
C SER O 73 44.86 -37.37 -3.33
N GLN O 74 45.39 -37.45 -2.10
CA GLN O 74 46.48 -36.56 -1.72
C GLN O 74 47.77 -36.91 -2.45
N LYS O 75 47.98 -38.19 -2.77
CA LYS O 75 49.15 -38.57 -3.57
C LYS O 75 49.08 -37.95 -4.97
N LYS O 76 47.90 -37.99 -5.59
CA LYS O 76 47.72 -37.34 -6.89
C LYS O 76 47.88 -35.83 -6.78
N HIS O 77 47.35 -35.24 -5.71
CA HIS O 77 47.47 -33.79 -5.53
C HIS O 77 48.92 -33.37 -5.37
N LYS O 78 49.70 -34.14 -4.62
CA LYS O 78 51.11 -33.83 -4.42
C LYS O 78 51.91 -34.01 -5.71
N GLU O 117 49.27 -56.65 20.81
CA GLU O 117 48.77 -57.85 20.16
C GLU O 117 47.27 -58.02 20.41
N THR O 118 46.58 -58.58 19.42
CA THR O 118 45.14 -58.81 19.48
C THR O 118 44.39 -57.53 19.80
N ARG O 119 43.83 -57.44 21.01
CA ARG O 119 43.10 -56.24 21.41
C ARG O 119 44.00 -55.03 21.47
N GLU O 120 45.22 -55.19 21.99
CA GLU O 120 46.14 -54.06 22.08
C GLU O 120 46.55 -53.58 20.70
N LYS O 121 46.83 -54.51 19.77
CA LYS O 121 47.20 -54.12 18.42
C LYS O 121 46.01 -53.50 17.68
N GLU O 122 44.81 -54.03 17.90
CA GLU O 122 43.63 -53.49 17.23
C GLU O 122 43.34 -52.06 17.69
N LEU O 123 43.50 -51.78 18.98
CA LEU O 123 43.23 -50.44 19.49
C LEU O 123 44.16 -49.42 18.88
N GLU O 124 45.45 -49.73 18.79
CA GLU O 124 46.40 -48.80 18.19
C GLU O 124 46.10 -48.58 16.71
N SER O 125 45.80 -49.66 15.98
CA SER O 125 45.46 -49.53 14.57
C SER O 125 44.20 -48.70 14.38
N ILE O 126 43.18 -48.95 15.21
CA ILE O 126 41.94 -48.19 15.12
C ILE O 126 42.20 -46.72 15.40
N ASP O 127 43.02 -46.43 16.41
CA ASP O 127 43.31 -45.04 16.76
C ASP O 127 44.05 -44.34 15.63
N VAL O 128 45.08 -44.99 15.06
CA VAL O 128 45.85 -44.34 14.01
C VAL O 128 45.04 -44.22 12.73
N LEU O 129 44.05 -45.10 12.52
CA LEU O 129 43.17 -44.96 11.38
C LEU O 129 42.17 -43.81 11.58
N LEU O 130 41.63 -43.69 12.79
CA LEU O 130 40.63 -42.67 13.07
C LEU O 130 41.25 -41.28 13.24
N GLU O 131 42.56 -41.21 13.48
CA GLU O 131 43.18 -39.92 13.78
C GLU O 131 43.06 -38.94 12.62
N GLN O 132 43.06 -39.42 11.38
CA GLN O 132 43.05 -38.54 10.22
C GLN O 132 42.01 -38.88 9.16
N THR O 133 41.44 -40.09 9.16
CA THR O 133 40.49 -40.47 8.12
C THR O 133 39.24 -39.61 8.17
N THR O 134 38.49 -39.69 9.27
CA THR O 134 37.23 -38.96 9.35
C THR O 134 37.47 -37.47 9.57
N GLY O 135 38.42 -37.13 10.45
CA GLY O 135 38.65 -35.73 10.76
C GLY O 135 37.55 -35.15 11.63
N GLY O 136 37.59 -33.83 11.77
CA GLY O 136 36.60 -33.15 12.59
C GLY O 136 36.75 -33.52 14.06
N ASN O 137 35.61 -33.73 14.72
CA ASN O 137 35.59 -34.09 16.13
C ASN O 137 35.15 -35.53 16.34
N ASN O 138 33.95 -35.90 15.85
CA ASN O 138 33.36 -37.23 15.89
C ASN O 138 33.75 -37.99 17.16
N LYS O 139 33.44 -37.42 18.33
CA LYS O 139 33.85 -38.04 19.58
C LYS O 139 33.20 -39.40 19.76
N ASP O 140 31.93 -39.53 19.40
CA ASP O 140 31.20 -40.78 19.62
C ASP O 140 31.77 -41.95 18.83
N LEU O 141 32.54 -41.69 17.77
CA LEU O 141 33.09 -42.77 16.97
C LEU O 141 34.10 -43.61 17.74
N LYS O 142 34.86 -42.98 18.63
CA LYS O 142 35.84 -43.72 19.43
C LYS O 142 35.15 -44.72 20.35
N ASN O 143 34.08 -44.30 21.02
CA ASN O 143 33.41 -45.17 21.99
C ASN O 143 32.80 -46.38 21.31
N THR O 144 32.10 -46.17 20.20
CA THR O 144 31.48 -47.31 19.51
C THR O 144 32.53 -48.22 18.90
N MET O 145 33.65 -47.68 18.42
CA MET O 145 34.72 -48.53 17.91
C MET O 145 35.33 -49.35 19.03
N GLN O 146 35.53 -48.76 20.21
CA GLN O 146 36.03 -49.52 21.35
C GLN O 146 35.06 -50.61 21.75
N TYR O 147 33.76 -50.31 21.74
CA TYR O 147 32.75 -51.31 22.08
C TYR O 147 32.78 -52.45 21.06
N LEU O 148 32.92 -52.13 19.78
CA LEU O 148 32.98 -53.17 18.76
C LEU O 148 34.24 -54.02 18.92
N THR O 149 35.37 -53.40 19.26
CA THR O 149 36.62 -54.14 19.36
C THR O 149 36.64 -55.05 20.58
N ASN O 150 36.22 -54.53 21.74
CA ASN O 150 36.29 -55.34 22.96
C ASN O 150 35.13 -56.31 23.11
N PHE O 151 34.12 -56.24 22.24
CA PHE O 151 32.98 -57.16 22.27
C PHE O 151 32.81 -57.90 20.94
N SER O 152 33.89 -58.03 20.16
CA SER O 152 33.82 -58.66 18.85
C SER O 152 33.66 -60.17 19.05
N ARG O 153 32.45 -60.67 18.81
CA ARG O 153 32.21 -62.10 18.90
C ARG O 153 32.99 -62.87 17.82
N PHE O 154 33.04 -62.32 16.61
CA PHE O 154 33.76 -62.93 15.50
C PHE O 154 34.75 -61.93 14.93
N ARG O 155 35.95 -62.41 14.60
CA ARG O 155 37.04 -61.56 14.12
C ARG O 155 37.58 -62.04 12.78
N ASP O 156 36.75 -62.73 11.99
CA ASP O 156 37.18 -63.25 10.71
C ASP O 156 36.01 -63.16 9.73
N GLN O 157 36.32 -62.85 8.48
CA GLN O 157 35.29 -62.75 7.46
C GLN O 157 34.60 -64.10 7.23
N GLU O 158 35.38 -65.18 7.24
CA GLU O 158 34.79 -66.51 7.05
C GLU O 158 33.85 -66.85 8.19
N THR O 159 34.18 -66.42 9.41
CA THR O 159 33.31 -66.72 10.55
C THR O 159 31.95 -66.05 10.41
N VAL O 160 31.93 -64.75 10.09
CA VAL O 160 30.65 -64.06 9.93
C VAL O 160 29.90 -64.60 8.72
N GLY O 161 30.63 -64.96 7.66
CA GLY O 161 29.98 -65.58 6.52
C GLY O 161 29.29 -66.88 6.90
N ALA O 162 29.97 -67.71 7.70
CA ALA O 162 29.36 -68.95 8.17
C ALA O 162 28.14 -68.67 9.03
N VAL O 163 28.23 -67.69 9.93
CA VAL O 163 27.13 -67.47 10.86
C VAL O 163 25.90 -66.93 10.13
N ILE O 164 26.08 -66.04 9.14
CA ILE O 164 24.86 -65.53 8.50
C ILE O 164 24.36 -66.51 7.44
N GLN O 165 25.22 -67.35 6.85
CA GLN O 165 24.72 -68.43 6.01
C GLN O 165 23.96 -69.46 6.83
N LEU O 166 24.33 -69.60 8.11
CA LEU O 166 23.58 -70.48 9.00
C LEU O 166 22.25 -69.85 9.41
N LEU O 167 22.25 -68.54 9.69
CA LEU O 167 21.05 -67.86 10.15
C LEU O 167 20.05 -67.58 9.03
N LYS O 168 20.49 -67.55 7.77
CA LYS O 168 19.56 -67.29 6.68
C LYS O 168 18.58 -68.44 6.45
N SER O 169 18.82 -69.61 7.04
CA SER O 169 17.90 -70.73 6.86
C SER O 169 16.53 -70.43 7.44
N THR O 170 16.48 -69.82 8.63
CA THR O 170 15.21 -69.52 9.26
C THR O 170 14.62 -68.24 8.68
N GLY O 171 13.32 -68.06 8.91
CA GLY O 171 12.61 -66.90 8.44
C GLY O 171 12.39 -65.85 9.51
N LEU O 172 13.26 -65.86 10.53
CA LEU O 172 13.14 -64.94 11.64
C LEU O 172 13.38 -63.50 11.19
N HIS O 173 12.83 -62.58 11.97
CA HIS O 173 13.05 -61.16 11.72
C HIS O 173 14.53 -60.84 11.87
N PRO O 174 15.13 -60.12 10.90
CA PRO O 174 16.55 -59.74 11.04
C PRO O 174 16.92 -59.14 12.39
N PHE O 175 15.97 -58.50 13.08
CA PHE O 175 16.24 -58.01 14.43
C PHE O 175 16.54 -59.17 15.37
N GLU O 176 15.76 -60.25 15.28
CA GLU O 176 15.98 -61.40 16.16
C GLU O 176 17.31 -62.07 15.88
N VAL O 177 17.64 -62.28 14.60
CA VAL O 177 18.90 -62.95 14.27
C VAL O 177 20.08 -62.08 14.64
N ALA O 178 19.94 -60.75 14.55
CA ALA O 178 21.03 -59.86 14.94
C ALA O 178 21.34 -60.00 16.41
N GLN O 179 20.31 -60.01 17.26
CA GLN O 179 20.52 -60.17 18.69
C GLN O 179 21.04 -61.58 19.01
N LEU O 180 20.56 -62.58 18.28
CA LEU O 180 21.02 -63.95 18.52
C LEU O 180 22.51 -64.08 18.20
N GLY O 181 22.95 -63.49 17.09
CA GLY O 181 24.36 -63.54 16.73
C GLY O 181 25.25 -62.54 17.43
N SER O 182 24.66 -61.55 18.11
CA SER O 182 25.45 -60.54 18.82
C SER O 182 25.76 -60.96 20.25
N LEU O 183 24.75 -61.43 20.99
CA LEU O 183 24.91 -61.82 22.38
C LEU O 183 24.92 -63.34 22.48
N ALA O 184 25.99 -63.88 23.05
CA ALA O 184 26.09 -65.32 23.25
C ALA O 184 25.08 -65.79 24.29
N CYS O 185 24.55 -66.99 24.08
CA CYS O 185 23.54 -67.56 24.97
C CYS O 185 23.87 -69.02 25.24
N ASP O 186 23.40 -69.50 26.39
CA ASP O 186 23.62 -70.88 26.83
C ASP O 186 22.37 -71.74 26.74
N THR O 187 21.26 -71.28 27.31
CA THR O 187 20.03 -72.07 27.38
C THR O 187 18.95 -71.47 26.48
N ALA O 188 18.01 -72.32 26.07
CA ALA O 188 16.93 -71.88 25.21
C ALA O 188 16.04 -70.85 25.91
N ASP O 189 15.72 -71.10 27.19
CA ASP O 189 14.90 -70.15 27.93
C ASP O 189 15.61 -68.81 28.12
N GLU O 190 16.93 -68.84 28.29
CA GLU O 190 17.69 -67.59 28.38
C GLU O 190 17.60 -66.80 27.07
N ALA O 191 17.68 -67.49 25.93
CA ALA O 191 17.53 -66.81 24.65
C ALA O 191 16.13 -66.25 24.48
N LYS O 192 15.11 -67.01 24.90
CA LYS O 192 13.74 -66.53 24.79
C LYS O 192 13.50 -65.30 25.65
N THR O 193 14.01 -65.31 26.88
CA THR O 193 13.79 -64.18 27.78
C THR O 193 14.59 -62.96 27.33
N LEU O 194 15.87 -63.15 27.03
CA LEU O 194 16.70 -62.02 26.60
C LEU O 194 16.26 -61.50 25.24
N ILE O 195 15.89 -62.39 24.32
CA ILE O 195 15.42 -62.00 23.00
C ILE O 195 13.97 -62.45 22.84
N PRO O 196 13.00 -61.59 23.13
CA PRO O 196 11.59 -61.99 22.99
C PRO O 196 11.16 -62.13 21.53
N SER O 197 9.88 -62.41 21.31
CA SER O 197 9.32 -62.61 19.98
C SER O 197 9.98 -63.78 19.27
N LEU O 198 10.46 -64.76 20.03
CA LEU O 198 11.06 -65.97 19.49
C LEU O 198 10.23 -67.21 19.78
N ASN O 199 8.93 -67.03 20.07
CA ASN O 199 8.07 -68.14 20.45
C ASN O 199 7.73 -69.07 19.30
N ASN O 200 8.05 -68.69 18.06
CA ASN O 200 7.73 -69.54 16.93
C ASN O 200 8.55 -70.82 16.89
N LYS O 201 9.65 -70.88 17.64
CA LYS O 201 10.48 -72.08 17.74
C LYS O 201 10.15 -72.80 19.05
N ILE O 202 9.61 -74.01 18.93
CA ILE O 202 9.18 -74.78 20.09
C ILE O 202 10.01 -76.05 20.20
N SER O 203 10.49 -76.55 19.06
CA SER O 203 11.23 -77.81 19.05
C SER O 203 12.52 -77.69 19.85
N ASP O 204 13.23 -76.58 19.70
CA ASP O 204 14.46 -76.27 20.43
C ASP O 204 15.60 -77.25 20.14
N ASP O 205 15.40 -78.19 19.22
CA ASP O 205 16.48 -79.10 18.84
C ASP O 205 17.40 -78.44 17.84
N GLU O 206 16.85 -77.94 16.73
CA GLU O 206 17.65 -77.15 15.79
C GLU O 206 18.14 -75.87 16.45
N LEU O 207 17.37 -75.31 17.38
CA LEU O 207 17.82 -74.14 18.12
C LEU O 207 19.06 -74.46 18.94
N GLU O 208 19.04 -75.59 19.65
CA GLU O 208 20.25 -76.00 20.37
C GLU O 208 21.40 -76.26 19.41
N ARG O 209 21.10 -76.84 18.24
CA ARG O 209 22.14 -77.14 17.26
C ARG O 209 22.84 -75.87 16.79
N ILE O 210 22.07 -74.86 16.38
CA ILE O 210 22.73 -73.68 15.83
C ILE O 210 23.26 -72.78 16.95
N LEU O 211 22.73 -72.91 18.17
CA LEU O 211 23.38 -72.24 19.31
C LEU O 211 24.75 -72.84 19.58
N LYS O 212 24.88 -74.16 19.52
CA LYS O 212 26.19 -74.78 19.67
C LYS O 212 27.11 -74.41 18.52
N GLU O 213 26.56 -74.31 17.31
CA GLU O 213 27.35 -73.88 16.16
C GLU O 213 27.90 -72.47 16.38
N LEU O 214 27.04 -71.55 16.84
CA LEU O 214 27.49 -70.19 17.12
C LEU O 214 28.53 -70.18 18.23
N SER O 215 28.33 -71.00 19.26
CA SER O 215 29.29 -71.05 20.37
C SER O 215 30.66 -71.50 19.90
N ASN O 216 30.72 -72.59 19.13
CA ASN O 216 32.01 -73.08 18.67
C ASN O 216 32.64 -72.13 17.65
N LEU O 217 31.83 -71.46 16.82
CA LEU O 217 32.37 -70.47 15.90
C LEU O 217 32.97 -69.29 16.66
N GLU O 218 32.30 -68.85 17.73
CA GLU O 218 32.83 -67.74 18.52
C GLU O 218 34.06 -68.14 19.31
N THR O 219 34.15 -69.40 19.74
CA THR O 219 35.35 -69.86 20.43
C THR O 219 36.49 -70.15 19.46
N LEU O 220 36.20 -70.32 18.17
CA LEU O 220 37.22 -70.53 17.15
C LEU O 220 37.91 -69.23 16.73
N TYR O 221 37.68 -68.13 17.44
CA TYR O 221 38.29 -66.86 17.10
C TYR O 221 39.80 -66.88 17.37
N MET P 1 22.16 -55.35 15.31
CA MET P 1 21.14 -54.44 15.84
C MET P 1 21.26 -53.10 15.13
N PHE P 2 22.49 -52.71 14.78
CA PHE P 2 22.69 -51.52 13.98
C PHE P 2 22.01 -51.69 12.63
N PHE P 3 21.51 -50.58 12.08
CA PHE P 3 20.74 -50.61 10.85
C PHE P 3 21.42 -49.81 9.76
N ILE P 4 21.26 -50.27 8.52
CA ILE P 4 21.72 -49.57 7.33
C ILE P 4 20.49 -49.03 6.61
N LYS P 5 20.38 -47.71 6.54
CA LYS P 5 19.21 -47.06 5.96
C LYS P 5 19.61 -46.22 4.76
N ASP P 6 18.63 -45.54 4.18
CA ASP P 6 18.78 -44.73 2.98
C ASP P 6 18.28 -43.32 3.23
N LEU P 7 18.75 -42.72 4.32
CA LEU P 7 18.31 -41.40 4.75
C LEU P 7 18.61 -40.35 3.68
N SER P 8 18.05 -39.16 3.86
CA SER P 8 18.26 -38.04 2.95
C SER P 8 18.35 -36.75 3.75
N LEU P 9 19.25 -35.86 3.36
CA LEU P 9 19.44 -34.58 4.01
C LEU P 9 19.47 -33.47 2.97
N ASN P 10 18.79 -32.37 3.27
CA ASN P 10 18.71 -31.22 2.38
C ASN P 10 19.70 -30.16 2.82
N ILE P 11 20.56 -29.73 1.90
CA ILE P 11 21.58 -28.73 2.15
C ILE P 11 21.33 -27.55 1.23
N THR P 12 21.24 -26.35 1.79
CA THR P 12 21.03 -25.13 1.02
C THR P 12 22.39 -24.51 0.73
N LEU P 13 22.92 -24.79 -0.46
CA LEU P 13 24.23 -24.26 -0.83
C LEU P 13 24.12 -22.78 -1.21
N HIS P 14 25.12 -22.00 -0.77
CA HIS P 14 25.20 -20.59 -1.09
C HIS P 14 25.76 -20.39 -2.50
N PRO P 15 25.30 -19.37 -3.22
CA PRO P 15 25.84 -19.11 -4.55
C PRO P 15 27.32 -18.77 -4.56
N SER P 16 27.90 -18.38 -3.42
CA SER P 16 29.32 -18.06 -3.38
C SER P 16 30.19 -19.27 -3.69
N PHE P 17 29.65 -20.47 -3.61
CA PHE P 17 30.38 -21.70 -3.91
C PHE P 17 29.82 -22.39 -5.16
N PHE P 18 29.25 -21.61 -6.08
CA PHE P 18 28.66 -22.16 -7.29
C PHE P 18 29.73 -22.36 -8.36
N GLY P 19 30.80 -23.08 -8.02
CA GLY P 19 31.86 -23.36 -8.95
C GLY P 19 31.90 -24.81 -9.37
N PRO P 20 32.98 -25.22 -10.02
CA PRO P 20 33.10 -26.64 -10.43
C PRO P 20 33.22 -27.60 -9.26
N ARG P 21 33.56 -27.13 -8.06
CA ARG P 21 33.78 -27.98 -6.90
C ARG P 21 32.63 -27.93 -5.91
N MET P 22 31.46 -27.46 -6.34
CA MET P 22 30.31 -27.43 -5.44
C MET P 22 29.90 -28.85 -5.02
N LYS P 23 30.13 -29.84 -5.88
CA LYS P 23 29.83 -31.22 -5.52
C LYS P 23 30.66 -31.67 -4.33
N GLN P 24 31.97 -31.43 -4.38
CA GLN P 24 32.82 -31.79 -3.25
C GLN P 24 32.49 -30.94 -2.03
N TYR P 25 32.07 -29.69 -2.24
CA TYR P 25 31.67 -28.87 -1.11
C TYR P 25 30.46 -29.48 -0.40
N LEU P 26 29.47 -29.93 -1.16
CA LEU P 26 28.32 -30.61 -0.56
C LEU P 26 28.76 -31.90 0.14
N LYS P 27 29.73 -32.62 -0.45
CA LYS P 27 30.22 -33.84 0.17
C LYS P 27 30.81 -33.57 1.56
N THR P 28 31.73 -32.59 1.64
CA THR P 28 32.33 -32.28 2.93
C THR P 28 31.31 -31.69 3.90
N LYS P 29 30.34 -30.91 3.41
CA LYS P 29 29.29 -30.42 4.28
C LYS P 29 28.50 -31.58 4.88
N LEU P 30 28.16 -32.57 4.06
CA LEU P 30 27.44 -33.74 4.55
C LEU P 30 28.25 -34.48 5.59
N LEU P 31 29.55 -34.67 5.35
CA LEU P 31 30.40 -35.32 6.34
C LEU P 31 30.40 -34.55 7.66
N GLU P 32 30.70 -33.25 7.60
CA GLU P 32 30.86 -32.46 8.82
C GLU P 32 29.53 -32.25 9.54
N GLU P 33 28.40 -32.43 8.86
CA GLU P 33 27.11 -32.23 9.52
C GLU P 33 26.56 -33.54 10.06
N VAL P 34 26.45 -34.56 9.22
CA VAL P 34 25.71 -35.76 9.61
C VAL P 34 26.46 -36.56 10.68
N GLU P 35 27.78 -36.53 10.68
CA GLU P 35 28.54 -37.31 11.66
C GLU P 35 28.42 -36.68 13.04
N GLY P 36 28.14 -37.52 14.03
CA GLY P 36 27.97 -37.06 15.40
C GLY P 36 26.63 -36.44 15.71
N SER P 37 25.69 -36.46 14.77
CA SER P 37 24.37 -35.86 15.01
C SER P 37 23.48 -36.82 15.78
N CYS P 38 22.90 -36.33 16.87
CA CYS P 38 22.00 -37.13 17.70
C CYS P 38 20.55 -36.84 17.32
N THR P 39 20.20 -37.27 16.10
CA THR P 39 18.85 -37.08 15.61
C THR P 39 17.87 -37.93 16.41
N GLY P 40 16.76 -37.32 16.82
CA GLY P 40 15.79 -38.04 17.63
C GLY P 40 15.10 -39.16 16.87
N LYS P 41 14.74 -38.92 15.61
CA LYS P 41 14.02 -39.91 14.82
C LYS P 41 14.86 -41.16 14.58
N PHE P 42 16.16 -40.98 14.27
CA PHE P 42 17.03 -42.08 13.90
C PHE P 42 18.03 -42.44 14.98
N GLY P 43 18.81 -41.49 15.46
CA GLY P 43 19.81 -41.76 16.47
C GLY P 43 21.17 -41.17 16.17
N TYR P 44 22.19 -42.01 16.13
CA TYR P 44 23.56 -41.58 15.83
C TYR P 44 23.94 -42.05 14.44
N ILE P 45 24.48 -41.13 13.65
CA ILE P 45 25.05 -41.46 12.34
C ILE P 45 26.54 -41.66 12.57
N LEU P 46 26.94 -42.91 12.78
CA LEU P 46 28.32 -43.21 13.15
C LEU P 46 29.27 -42.88 12.01
N CYS P 47 28.98 -43.38 10.80
CA CYS P 47 29.83 -43.13 9.66
C CYS P 47 29.02 -43.33 8.38
N VAL P 48 29.47 -42.69 7.31
CA VAL P 48 28.84 -42.79 6.00
C VAL P 48 29.79 -43.58 5.10
N LEU P 49 29.30 -44.68 4.55
CA LEU P 49 30.07 -45.51 3.64
C LEU P 49 29.70 -45.21 2.20
N ASP P 50 30.59 -45.61 1.29
CA ASP P 50 30.50 -45.29 -0.14
C ASP P 50 30.47 -43.76 -0.35
N TYR P 51 31.57 -43.13 0.07
CA TYR P 51 31.74 -41.70 -0.16
C TYR P 51 31.80 -41.36 -1.64
N ASP P 52 32.53 -42.17 -2.42
CA ASP P 52 32.68 -41.92 -3.85
C ASP P 52 31.49 -42.42 -4.65
N ASN P 53 30.36 -42.66 -4.00
CA ASN P 53 29.17 -43.20 -4.64
C ASN P 53 27.97 -42.28 -4.48
N ILE P 54 27.84 -41.58 -3.35
CA ILE P 54 26.67 -40.76 -3.09
C ILE P 54 26.47 -39.76 -4.21
N ASP P 55 25.23 -39.66 -4.69
CA ASP P 55 24.88 -38.85 -5.84
C ASP P 55 24.03 -37.66 -5.41
N ILE P 56 24.21 -36.55 -6.11
CA ILE P 56 23.39 -35.36 -5.91
C ILE P 56 22.51 -35.15 -7.14
N GLN P 57 21.42 -34.40 -6.95
CA GLN P 57 20.47 -34.12 -8.01
C GLN P 57 20.53 -32.62 -8.36
N ARG P 58 19.69 -32.23 -9.30
CA ARG P 58 19.62 -30.84 -9.72
C ARG P 58 19.10 -29.98 -8.57
N GLY P 59 19.86 -28.96 -8.18
CA GLY P 59 19.48 -28.13 -7.06
C GLY P 59 18.47 -27.08 -7.46
N ARG P 60 17.37 -27.00 -6.71
CA ARG P 60 16.33 -26.02 -7.01
C ARG P 60 16.68 -24.69 -6.38
N ILE P 61 16.68 -23.63 -7.19
CA ILE P 61 16.97 -22.29 -6.70
C ILE P 61 15.71 -21.72 -6.05
N LEU P 62 15.85 -21.28 -4.81
CA LEU P 62 14.70 -20.76 -4.08
C LEU P 62 14.24 -19.43 -4.69
N PRO P 63 12.95 -19.15 -4.72
CA PRO P 63 12.49 -17.84 -5.22
C PRO P 63 12.98 -16.67 -4.40
N THR P 64 13.18 -16.85 -3.09
CA THR P 64 13.53 -15.73 -2.23
C THR P 64 14.94 -15.21 -2.52
N ASP P 65 15.92 -16.12 -2.59
CA ASP P 65 17.31 -15.73 -2.80
C ASP P 65 17.96 -16.74 -3.73
N GLY P 66 19.21 -16.47 -4.10
CA GLY P 66 19.90 -17.30 -5.07
C GLY P 66 20.40 -18.63 -4.54
N SER P 67 20.28 -18.88 -3.24
CA SER P 67 20.75 -20.13 -2.69
C SER P 67 19.96 -21.30 -3.24
N ALA P 68 20.66 -22.38 -3.55
CA ALA P 68 20.06 -23.57 -4.13
C ALA P 68 20.01 -24.70 -3.10
N GLU P 69 18.92 -25.44 -3.10
CA GLU P 69 18.71 -26.54 -2.17
C GLU P 69 18.96 -27.87 -2.89
N PHE P 70 19.82 -28.69 -2.31
CA PHE P 70 20.16 -29.99 -2.87
C PHE P 70 19.62 -31.10 -1.96
N ASN P 71 18.98 -32.09 -2.57
CA ASN P 71 18.44 -33.24 -1.85
C ASN P 71 19.37 -34.42 -2.11
N VAL P 72 20.35 -34.61 -1.23
CA VAL P 72 21.30 -35.69 -1.40
C VAL P 72 20.66 -37.01 -0.99
N LYS P 73 21.21 -38.11 -1.50
CA LYS P 73 20.73 -39.46 -1.22
C LYS P 73 21.93 -40.28 -0.75
N TYR P 74 22.13 -40.33 0.56
CA TYR P 74 23.23 -41.05 1.17
C TYR P 74 22.71 -42.21 2.01
N ARG P 75 23.62 -43.14 2.32
CA ARG P 75 23.33 -44.27 3.19
C ARG P 75 24.43 -44.40 4.23
N ALA P 76 24.04 -44.70 5.46
CA ALA P 76 24.98 -44.68 6.58
C ALA P 76 24.49 -45.61 7.68
N VAL P 77 25.40 -45.90 8.60
CA VAL P 77 25.08 -46.72 9.77
C VAL P 77 24.40 -45.87 10.82
N VAL P 78 23.24 -46.33 11.31
CA VAL P 78 22.45 -45.60 12.28
C VAL P 78 22.28 -46.47 13.52
N PHE P 79 22.43 -45.85 14.69
CA PHE P 79 22.26 -46.52 15.98
C PHE P 79 21.07 -45.89 16.69
N LYS P 80 20.09 -46.72 17.05
CA LYS P 80 18.90 -46.27 17.74
C LYS P 80 18.77 -47.00 19.07
N PRO P 81 18.54 -46.29 20.18
CA PRO P 81 18.38 -46.98 21.47
C PRO P 81 17.23 -47.96 21.48
N PHE P 82 16.13 -47.65 20.78
CA PHE P 82 14.99 -48.53 20.63
C PHE P 82 14.38 -48.86 21.99
N LYS P 83 13.52 -49.88 22.05
CA LYS P 83 12.89 -50.24 23.32
C LYS P 83 12.41 -51.68 23.27
N GLY P 84 12.69 -52.43 24.33
CA GLY P 84 12.20 -53.79 24.45
C GLY P 84 13.18 -54.85 24.00
N GLU P 85 14.45 -54.68 24.34
CA GLU P 85 15.46 -55.67 23.99
C GLU P 85 16.55 -55.65 25.04
N VAL P 86 17.29 -56.75 25.12
CA VAL P 86 18.46 -56.83 25.98
C VAL P 86 19.68 -56.37 25.18
N VAL P 87 20.70 -55.90 25.90
CA VAL P 87 21.90 -55.36 25.27
C VAL P 87 23.01 -55.37 26.32
N ASP P 88 24.25 -55.55 25.85
CA ASP P 88 25.42 -55.61 26.71
C ASP P 88 26.10 -54.24 26.70
N GLY P 89 26.57 -53.80 27.87
CA GLY P 89 27.24 -52.52 27.99
C GLY P 89 28.31 -52.56 29.05
N THR P 90 29.10 -51.49 29.10
CA THR P 90 30.20 -51.36 30.04
C THR P 90 30.01 -50.09 30.87
N VAL P 91 30.12 -50.23 32.19
CA VAL P 91 29.94 -49.09 33.08
C VAL P 91 31.05 -48.07 32.89
N VAL P 92 30.70 -46.79 33.02
CA VAL P 92 31.69 -45.72 33.02
C VAL P 92 31.59 -44.80 34.22
N SER P 93 30.49 -44.82 34.97
CA SER P 93 30.34 -43.97 36.15
C SER P 93 29.43 -44.67 37.14
N CYS P 94 29.55 -44.27 38.41
CA CYS P 94 28.73 -44.83 39.46
C CYS P 94 28.47 -43.76 40.52
N SER P 95 27.27 -43.79 41.10
CA SER P 95 26.88 -42.85 42.13
C SER P 95 25.71 -43.45 42.90
N GLN P 96 25.18 -42.67 43.85
CA GLN P 96 24.03 -43.15 44.61
C GLN P 96 22.78 -43.23 43.75
N HIS P 97 22.71 -42.43 42.69
CA HIS P 97 21.58 -42.51 41.76
C HIS P 97 21.58 -43.83 41.00
N GLY P 98 22.75 -44.29 40.57
CA GLY P 98 22.84 -45.52 39.82
C GLY P 98 24.20 -45.61 39.14
N PHE P 99 24.28 -46.52 38.18
CA PHE P 99 25.49 -46.74 37.40
C PHE P 99 25.26 -46.33 35.95
N GLU P 100 26.23 -45.60 35.40
CA GLU P 100 26.14 -45.10 34.03
C GLU P 100 26.70 -46.15 33.08
N VAL P 101 25.85 -47.11 32.72
CA VAL P 101 26.24 -48.12 31.75
C VAL P 101 26.35 -47.48 30.37
N GLN P 102 27.43 -47.79 29.67
CA GLN P 102 27.69 -47.24 28.35
C GLN P 102 27.64 -48.35 27.31
N VAL P 103 26.75 -48.20 26.33
CA VAL P 103 26.67 -49.12 25.20
C VAL P 103 26.91 -48.30 23.93
N GLY P 104 28.02 -48.57 23.26
CA GLY P 104 28.41 -47.79 22.12
C GLY P 104 28.51 -46.31 22.45
N PRO P 105 27.90 -45.46 21.62
CA PRO P 105 27.79 -44.03 21.92
C PRO P 105 26.55 -43.68 22.73
N MET P 106 26.36 -44.37 23.86
CA MET P 106 25.20 -44.15 24.70
C MET P 106 25.60 -44.19 26.17
N LYS P 107 24.73 -43.63 27.01
CA LYS P 107 24.88 -43.63 28.46
C LYS P 107 23.48 -43.84 29.05
N VAL P 108 23.16 -45.10 29.31
CA VAL P 108 21.84 -45.46 29.82
C VAL P 108 21.88 -45.39 31.36
N PHE P 109 20.89 -44.71 31.93
CA PHE P 109 20.84 -44.49 33.36
C PHE P 109 19.85 -45.45 34.02
N VAL P 110 20.23 -45.95 35.19
CA VAL P 110 19.39 -46.84 35.99
C VAL P 110 19.07 -46.13 37.30
N THR P 111 17.78 -46.00 37.60
CA THR P 111 17.34 -45.27 38.78
C THR P 111 17.23 -46.21 39.97
N LYS P 112 16.83 -45.66 41.13
CA LYS P 112 16.78 -46.44 42.36
C LYS P 112 15.73 -47.54 42.29
N HIS P 113 14.56 -47.25 41.73
CA HIS P 113 13.46 -48.20 41.69
C HIS P 113 13.52 -49.12 40.48
N LEU P 114 14.67 -49.22 39.82
CA LEU P 114 14.83 -50.07 38.66
C LEU P 114 15.53 -51.39 39.01
N MET P 115 16.72 -51.31 39.60
CA MET P 115 17.44 -52.51 39.97
C MET P 115 16.78 -53.18 41.17
N PRO P 116 16.97 -54.49 41.33
CA PRO P 116 16.38 -55.19 42.48
C PRO P 116 17.00 -54.72 43.79
N GLN P 117 16.42 -55.18 44.89
CA GLN P 117 16.87 -54.83 46.24
C GLN P 117 18.18 -55.51 46.63
N ASP P 118 18.86 -56.20 45.71
CA ASP P 118 20.10 -56.90 46.01
C ASP P 118 21.32 -56.04 45.66
N LEU P 119 21.21 -54.72 45.79
CA LEU P 119 22.31 -53.82 45.52
C LEU P 119 22.26 -52.65 46.50
N THR P 120 23.35 -52.44 47.23
CA THR P 120 23.45 -51.35 48.19
C THR P 120 24.68 -50.51 47.87
N PHE P 121 24.52 -49.19 47.96
CA PHE P 121 25.61 -48.27 47.64
C PHE P 121 26.60 -48.19 48.80
N ASN P 122 27.88 -48.25 48.47
CA ASN P 122 28.94 -48.14 49.47
C ASN P 122 30.20 -47.62 48.79
N ALA P 123 31.08 -47.05 49.61
CA ALA P 123 32.34 -46.50 49.12
C ALA P 123 33.56 -47.12 49.83
N GLY P 124 33.38 -48.30 50.42
CA GLY P 124 34.49 -48.94 51.12
C GLY P 124 35.62 -49.34 50.18
N SER P 125 35.27 -49.90 49.02
CA SER P 125 36.27 -50.33 48.06
C SER P 125 36.87 -49.14 47.34
N ASN P 126 37.95 -49.38 46.60
CA ASN P 126 38.59 -48.33 45.82
C ASN P 126 37.64 -47.70 44.82
N PRO P 127 36.89 -48.45 44.01
CA PRO P 127 35.85 -47.81 43.19
C PRO P 127 34.53 -47.78 43.93
N PRO P 128 33.86 -46.63 43.98
CA PRO P 128 32.52 -46.58 44.58
C PRO P 128 31.55 -47.44 43.79
N SER P 129 31.04 -48.49 44.42
CA SER P 129 30.30 -49.52 43.71
C SER P 129 29.16 -50.04 44.58
N TYR P 130 28.15 -50.58 43.91
CA TYR P 130 27.07 -51.29 44.59
C TYR P 130 27.53 -52.71 44.88
N GLN P 131 27.58 -53.08 46.16
CA GLN P 131 28.10 -54.37 46.57
C GLN P 131 27.07 -55.11 47.40
N SER P 132 26.91 -56.40 47.11
CA SER P 132 26.01 -57.29 47.84
C SER P 132 26.42 -58.72 47.49
N SER P 133 25.59 -59.69 47.90
CA SER P 133 25.91 -61.09 47.66
C SER P 133 25.82 -61.42 46.17
N GLU P 134 26.82 -62.15 45.68
CA GLU P 134 26.93 -62.65 44.31
C GLU P 134 26.63 -61.59 43.25
N ASP P 135 26.82 -60.31 43.57
CA ASP P 135 26.80 -59.24 42.56
C ASP P 135 28.01 -58.35 42.79
N VAL P 136 28.83 -58.20 41.75
CA VAL P 136 30.03 -57.37 41.80
C VAL P 136 30.06 -56.56 40.51
N ILE P 137 29.64 -55.30 40.59
CA ILE P 137 29.77 -54.35 39.49
C ILE P 137 30.62 -53.18 39.97
N THR P 138 31.51 -52.70 39.11
CA THR P 138 32.42 -51.61 39.48
C THR P 138 32.45 -50.54 38.39
N ILE P 139 33.43 -49.63 38.48
CA ILE P 139 33.57 -48.58 37.48
C ILE P 139 33.75 -49.18 36.10
N LYS P 140 34.59 -50.23 36.00
CA LYS P 140 34.82 -50.94 34.74
C LYS P 140 34.44 -52.41 34.96
N SER P 141 33.27 -52.80 34.47
CA SER P 141 32.80 -54.17 34.66
C SER P 141 31.81 -54.51 33.56
N ARG P 142 31.55 -55.81 33.42
CA ARG P 142 30.59 -56.30 32.45
C ARG P 142 29.19 -56.33 33.08
N ILE P 143 28.21 -55.87 32.33
CA ILE P 143 26.83 -55.82 32.80
C ILE P 143 25.89 -55.92 31.60
N ARG P 144 24.84 -56.72 31.76
CA ARG P 144 23.79 -56.84 30.76
C ARG P 144 22.58 -56.04 31.22
N VAL P 145 22.12 -55.13 30.37
CA VAL P 145 21.07 -54.18 30.72
C VAL P 145 19.91 -54.35 29.75
N LYS P 146 18.70 -54.39 30.29
CA LYS P 146 17.48 -54.41 29.49
C LYS P 146 16.85 -53.02 29.50
N ILE P 147 16.62 -52.46 28.32
CA ILE P 147 16.18 -51.08 28.18
C ILE P 147 14.66 -51.04 28.17
N GLU P 148 14.08 -50.18 29.01
CA GLU P 148 12.65 -49.96 29.05
C GLU P 148 12.31 -48.48 29.14
N GLY P 149 13.26 -47.61 28.84
CA GLY P 149 13.02 -46.18 28.94
C GLY P 149 12.14 -45.65 27.83
N CYS P 150 11.68 -44.41 28.02
CA CYS P 150 10.82 -43.74 27.06
C CYS P 150 11.61 -42.94 26.02
N ILE P 151 12.95 -43.03 26.05
CA ILE P 151 13.83 -42.41 25.06
C ILE P 151 13.74 -40.90 25.14
N SER P 152 12.54 -40.34 24.96
CA SER P 152 12.31 -38.90 25.00
C SER P 152 13.16 -38.19 23.94
N GLN P 153 12.85 -38.49 22.67
CA GLN P 153 13.60 -37.98 21.53
C GLN P 153 13.22 -36.52 21.29
N VAL P 154 14.01 -35.60 21.83
CA VAL P 154 13.87 -34.16 21.56
C VAL P 154 15.28 -33.66 21.23
N SER P 155 15.61 -33.61 19.95
CA SER P 155 16.92 -33.23 19.42
C SER P 155 18.05 -34.11 19.97
N SER P 156 17.71 -35.16 20.70
CA SER P 156 18.65 -36.09 21.32
C SER P 156 17.86 -37.22 21.95
N ILE P 157 18.45 -38.40 21.99
CA ILE P 157 17.78 -39.57 22.55
C ILE P 157 18.51 -40.03 23.81
N HIS P 158 17.78 -40.78 24.63
CA HIS P 158 18.29 -41.29 25.90
C HIS P 158 17.79 -42.71 26.09
N ALA P 159 18.14 -43.31 27.23
CA ALA P 159 17.70 -44.66 27.53
C ALA P 159 17.72 -44.88 29.03
N ILE P 160 16.76 -45.68 29.51
CA ILE P 160 16.68 -46.09 30.90
C ILE P 160 16.64 -47.61 30.94
N GLY P 161 17.52 -48.21 31.75
CA GLY P 161 17.67 -49.63 31.80
C GLY P 161 17.18 -50.24 33.11
N SER P 162 17.02 -51.55 33.08
CA SER P 162 16.55 -52.31 34.23
C SER P 162 17.51 -53.45 34.53
N ILE P 163 17.56 -53.86 35.79
CA ILE P 163 18.38 -54.98 36.23
C ILE P 163 17.54 -56.11 36.82
N LYS P 164 16.22 -56.00 36.79
CA LYS P 164 15.37 -57.06 37.31
C LYS P 164 15.49 -58.32 36.46
N GLU P 165 15.15 -59.45 37.08
CA GLU P 165 15.22 -60.77 36.47
C GLU P 165 16.66 -61.19 36.22
N ASP P 166 16.92 -62.50 36.23
CA ASP P 166 18.27 -63.02 36.08
C ASP P 166 18.77 -62.81 34.63
N TYR P 167 20.03 -63.18 34.42
CA TYR P 167 20.81 -62.96 33.20
C TYR P 167 21.20 -61.50 33.00
N LEU P 168 20.67 -60.58 33.81
CA LEU P 168 21.02 -59.18 33.72
C LEU P 168 22.10 -58.83 34.75
N GLY P 169 23.27 -59.42 34.57
CA GLY P 169 24.39 -59.22 35.48
C GLY P 169 25.70 -59.28 34.74
N ALA P 170 26.75 -59.73 35.45
CA ALA P 170 28.08 -59.82 34.85
C ALA P 170 28.21 -61.06 33.97
N ILE P 171 27.93 -62.23 34.55
CA ILE P 171 28.02 -63.51 33.84
C ILE P 171 29.42 -63.72 33.27
N VAL Q 16 17.79 -3.76 39.65
CA VAL Q 16 19.05 -3.47 38.97
C VAL Q 16 19.70 -2.21 39.56
N PRO Q 17 20.98 -2.31 39.89
CA PRO Q 17 21.70 -1.16 40.45
C PRO Q 17 21.97 -0.09 39.40
N SER Q 18 22.26 1.11 39.90
CA SER Q 18 22.61 2.21 39.02
C SER Q 18 23.93 1.95 38.29
N PHE Q 19 24.89 1.31 38.98
CA PHE Q 19 26.17 1.00 38.35
C PHE Q 19 25.99 0.03 37.19
N PHE Q 20 25.14 -0.98 37.36
CA PHE Q 20 24.88 -1.92 36.27
C PHE Q 20 24.24 -1.22 35.08
N ARG Q 21 23.28 -0.33 35.33
CA ARG Q 21 22.67 0.43 34.24
C ARG Q 21 23.70 1.29 33.54
N TRP Q 22 24.59 1.93 34.30
CA TRP Q 22 25.61 2.78 33.69
C TRP Q 22 26.56 1.98 32.81
N LEU Q 23 27.01 0.82 33.30
CA LEU Q 23 27.93 0.01 32.51
C LEU Q 23 27.25 -0.61 31.30
N SER Q 24 25.96 -0.94 31.42
CA SER Q 24 25.22 -1.47 30.27
C SER Q 24 24.99 -0.39 29.22
N ARG Q 25 24.75 0.84 29.65
CA ARG Q 25 24.53 1.93 28.70
C ARG Q 25 25.82 2.32 28.01
N LYS Q 26 26.92 2.45 28.77
CA LYS Q 26 28.18 2.86 28.17
C LYS Q 26 28.83 1.71 27.41
N TYR Q 27 28.72 0.49 27.92
CA TYR Q 27 29.34 -0.70 27.31
C TYR Q 27 28.29 -1.77 27.17
N PRO Q 28 27.54 -1.77 26.06
CA PRO Q 28 26.39 -2.70 25.95
C PRO Q 28 26.78 -4.13 25.60
N LYS Q 29 27.84 -4.31 24.82
CA LYS Q 29 28.19 -5.64 24.34
C LYS Q 29 28.78 -6.54 25.42
N ILE Q 30 29.16 -5.98 26.58
CA ILE Q 30 29.69 -6.81 27.65
C ILE Q 30 28.63 -7.73 28.24
N ILE Q 31 27.35 -7.43 28.02
CA ILE Q 31 26.26 -8.28 28.49
C ILE Q 31 26.07 -9.41 27.50
N SER Q 32 26.21 -10.65 27.96
CA SER Q 32 26.09 -11.83 27.13
C SER Q 32 25.13 -12.81 27.77
N PRO Q 33 24.44 -13.63 26.96
CA PRO Q 33 23.52 -14.60 27.52
C PRO Q 33 24.20 -15.91 27.91
N VAL Q 34 23.52 -16.66 28.76
CA VAL Q 34 24.05 -17.91 29.30
C VAL Q 34 23.26 -19.08 28.73
N LEU Q 35 23.87 -20.25 28.77
CA LEU Q 35 23.26 -21.50 28.31
C LEU Q 35 23.24 -22.47 29.49
N GLU Q 36 22.12 -22.53 30.19
CA GLU Q 36 21.95 -23.40 31.34
C GLU Q 36 21.27 -24.69 30.89
N GLU Q 37 21.93 -25.82 31.12
CA GLU Q 37 21.39 -27.10 30.69
C GLU Q 37 20.23 -27.53 31.59
N GLN Q 38 19.19 -28.06 30.97
CA GLN Q 38 18.03 -28.56 31.70
C GLN Q 38 18.00 -30.07 31.60
N PRO Q 39 18.28 -30.81 32.68
CA PRO Q 39 18.24 -32.28 32.60
C PRO Q 39 16.85 -32.77 32.23
N GLN Q 40 16.81 -33.80 31.39
CA GLN Q 40 15.55 -34.36 30.93
C GLN Q 40 14.89 -35.19 32.02
N ILE Q 41 13.57 -35.06 32.12
CA ILE Q 41 12.77 -35.81 33.07
C ILE Q 41 11.87 -36.76 32.29
N VAL Q 42 12.09 -38.07 32.48
CA VAL Q 42 11.32 -39.11 31.79
C VAL Q 42 10.81 -40.09 32.83
N ASP Q 43 9.50 -40.35 32.80
CA ASP Q 43 8.86 -41.29 33.71
C ASP Q 43 9.11 -40.92 35.17
N GLY Q 44 9.11 -39.62 35.45
CA GLY Q 44 9.29 -39.13 36.81
C GLY Q 44 10.75 -39.00 37.22
N VAL Q 45 11.60 -39.90 36.72
CA VAL Q 45 13.01 -39.86 37.10
C VAL Q 45 13.70 -38.70 36.40
N ILE Q 46 14.85 -38.30 36.96
CA ILE Q 46 15.63 -37.18 36.45
C ILE Q 46 16.96 -37.72 35.95
N LEU Q 47 17.28 -37.41 34.69
CA LEU Q 47 18.53 -37.86 34.11
C LEU Q 47 19.69 -37.04 34.67
N PRO Q 48 20.71 -37.67 35.25
CA PRO Q 48 21.88 -36.93 35.74
C PRO Q 48 22.66 -36.36 34.57
N LEU Q 49 22.84 -35.04 34.57
CA LEU Q 49 23.55 -34.37 33.48
C LEU Q 49 25.03 -34.76 33.49
N ASP Q 50 25.61 -34.87 32.29
CA ASP Q 50 27.00 -35.23 32.16
C ASP Q 50 27.90 -34.04 32.48
N TYR Q 51 29.15 -34.33 32.82
CA TYR Q 51 30.13 -33.31 33.14
C TYR Q 51 31.30 -33.28 32.17
N SER Q 52 31.69 -34.42 31.59
CA SER Q 52 32.79 -34.46 30.63
C SER Q 52 32.43 -33.90 29.27
N ALA Q 53 31.14 -33.63 29.02
CA ALA Q 53 30.73 -33.09 27.73
C ALA Q 53 31.24 -31.67 27.55
N SER Q 54 31.39 -31.27 26.28
CA SER Q 54 31.88 -29.94 25.97
C SER Q 54 30.92 -28.87 26.45
N ASN Q 55 31.47 -27.81 27.05
CA ASN Q 55 30.65 -26.72 27.57
C ASN Q 55 30.24 -25.80 26.43
N PRO Q 56 28.95 -25.56 26.21
CA PRO Q 56 28.56 -24.63 25.13
C PRO Q 56 29.01 -23.21 25.35
N ASN Q 57 29.30 -22.82 26.59
CA ASN Q 57 29.75 -21.46 26.91
C ASN Q 57 31.26 -21.30 26.77
N GLY Q 58 31.92 -22.19 26.05
CA GLY Q 58 33.35 -22.12 25.87
C GLY Q 58 34.11 -22.90 26.92
N GLU Q 59 35.37 -23.21 26.59
CA GLU Q 59 36.22 -23.95 27.51
C GLU Q 59 36.58 -23.11 28.73
N LEU Q 60 36.55 -23.74 29.91
CA LEU Q 60 36.89 -23.08 31.15
C LEU Q 60 37.90 -23.94 31.92
N ASP Q 61 38.89 -23.28 32.51
CA ASP Q 61 39.94 -23.95 33.26
C ASP Q 61 39.90 -23.65 34.75
N ASN Q 62 39.91 -22.37 35.12
CA ASN Q 62 39.93 -21.95 36.52
C ASN Q 62 38.62 -21.26 36.86
N LEU Q 63 38.00 -21.68 37.96
CA LEU Q 63 36.80 -21.03 38.48
C LEU Q 63 37.01 -20.70 39.94
N TYR Q 64 36.82 -19.42 40.29
CA TYR Q 64 36.91 -18.96 41.66
C TYR Q 64 35.51 -18.59 42.14
N LEU Q 65 35.17 -19.02 43.36
CA LEU Q 65 33.83 -18.82 43.89
C LEU Q 65 33.93 -18.19 45.28
N ASP Q 66 33.19 -17.10 45.49
CA ASP Q 66 33.08 -16.49 46.81
C ASP Q 66 31.96 -17.19 47.54
N MET Q 67 32.33 -18.05 48.51
CA MET Q 67 31.34 -18.88 49.18
C MET Q 67 30.38 -18.05 50.01
N ASN Q 68 30.79 -16.86 50.43
CA ASN Q 68 29.88 -15.98 51.15
C ASN Q 68 28.71 -15.57 50.27
N GLY Q 69 28.98 -15.28 49.00
CA GLY Q 69 27.94 -14.87 48.07
C GLY Q 69 26.93 -15.96 47.75
N ILE Q 70 27.16 -17.18 48.20
CA ILE Q 70 26.19 -18.26 48.07
C ILE Q 70 25.55 -18.62 49.40
N VAL Q 71 26.35 -18.68 50.48
CA VAL Q 71 25.78 -19.02 51.77
C VAL Q 71 24.91 -17.90 52.32
N HIS Q 72 25.12 -16.66 51.87
CA HIS Q 72 24.34 -15.55 52.39
C HIS Q 72 22.93 -15.49 51.79
N PRO Q 73 22.77 -15.48 50.45
CA PRO Q 73 21.40 -15.43 49.91
C PRO Q 73 20.55 -16.64 50.26
N CYS Q 74 21.16 -17.82 50.38
CA CYS Q 74 20.40 -19.01 50.73
C CYS Q 74 19.80 -18.90 52.11
N SER Q 75 20.57 -18.40 53.07
CA SER Q 75 20.06 -18.19 54.42
C SER Q 75 19.25 -16.90 54.48
N HIS Q 76 18.22 -16.91 55.33
CA HIS Q 76 17.27 -15.81 55.51
C HIS Q 76 16.91 -15.13 54.19
N PRO Q 77 16.29 -15.85 53.26
CA PRO Q 77 15.93 -15.24 51.97
C PRO Q 77 14.64 -14.43 52.10
N GLU Q 78 14.28 -13.79 50.98
CA GLU Q 78 13.11 -12.93 50.94
C GLU Q 78 11.83 -13.64 50.51
N ASN Q 79 11.91 -14.95 50.23
CA ASN Q 79 10.71 -15.66 49.79
C ASN Q 79 10.29 -16.72 50.80
N LYS Q 80 11.17 -17.68 51.09
CA LYS Q 80 10.87 -18.79 51.99
C LYS Q 80 12.03 -19.03 52.93
N PRO Q 81 11.97 -18.54 54.16
CA PRO Q 81 13.03 -18.82 55.13
C PRO Q 81 13.14 -20.30 55.40
N PRO Q 82 14.34 -20.83 55.64
CA PRO Q 82 14.49 -22.26 55.91
C PRO Q 82 13.72 -22.67 57.16
N PRO Q 83 12.71 -23.52 57.01
CA PRO Q 83 11.90 -23.90 58.18
C PRO Q 83 12.66 -24.77 59.17
N GLU Q 84 13.51 -25.67 58.69
CA GLU Q 84 14.26 -26.56 59.56
C GLU Q 84 15.48 -25.85 60.13
N THR Q 85 16.39 -26.63 60.70
CA THR Q 85 17.63 -26.12 61.27
C THR Q 85 18.62 -25.77 60.18
N GLU Q 86 19.87 -25.53 60.55
CA GLU Q 86 20.94 -25.17 59.61
C GLU Q 86 21.03 -26.15 58.46
N ASP Q 87 20.56 -27.38 58.66
CA ASP Q 87 20.57 -28.42 57.64
C ASP Q 87 19.93 -27.96 56.33
N GLU Q 88 18.82 -27.22 56.43
CA GLU Q 88 18.17 -26.72 55.22
C GLU Q 88 19.06 -25.74 54.47
N MET Q 89 19.71 -24.83 55.20
CA MET Q 89 20.63 -23.89 54.55
C MET Q 89 21.82 -24.62 53.94
N LEU Q 90 22.34 -25.64 54.62
CA LEU Q 90 23.44 -26.41 54.08
C LEU Q 90 23.04 -27.12 52.79
N LEU Q 91 21.85 -27.71 52.77
CA LEU Q 91 21.36 -28.35 51.54
C LEU Q 91 21.19 -27.34 50.42
N ALA Q 92 20.66 -26.15 50.76
CA ALA Q 92 20.45 -25.12 49.74
C ALA Q 92 21.78 -24.65 49.16
N VAL Q 93 22.78 -24.40 50.01
CA VAL Q 93 24.07 -23.95 49.49
C VAL Q 93 24.75 -25.07 48.72
N PHE Q 94 24.56 -26.34 49.14
CA PHE Q 94 25.16 -27.45 48.41
C PHE Q 94 24.56 -27.56 47.01
N GLU Q 95 23.24 -27.46 46.90
CA GLU Q 95 22.62 -27.55 45.58
C GLU Q 95 22.96 -26.33 44.72
N TYR Q 96 23.07 -25.14 45.34
CA TYR Q 96 23.48 -23.97 44.58
C TYR Q 96 24.90 -24.13 44.04
N THR Q 97 25.82 -24.63 44.87
CA THR Q 97 27.19 -24.85 44.41
C THR Q 97 27.24 -25.90 43.32
N ASN Q 98 26.44 -26.97 43.46
CA ASN Q 98 26.39 -27.99 42.41
C ASN Q 98 25.88 -27.41 41.11
N ARG Q 99 24.83 -26.58 41.17
CA ARG Q 99 24.30 -25.94 39.96
C ARG Q 99 25.34 -25.03 39.32
N VAL Q 100 26.04 -24.24 40.14
CA VAL Q 100 27.07 -23.34 39.60
C VAL Q 100 28.19 -24.13 38.96
N LEU Q 101 28.63 -25.21 39.60
CA LEU Q 101 29.69 -26.04 39.05
C LEU Q 101 29.27 -26.69 37.72
N ASN Q 102 28.02 -27.18 37.65
CA ASN Q 102 27.54 -27.75 36.41
C ASN Q 102 27.37 -26.71 35.33
N MET Q 103 27.08 -25.46 35.72
CA MET Q 103 26.92 -24.40 34.75
C MET Q 103 28.26 -23.94 34.17
N ALA Q 104 29.28 -23.83 35.03
CA ALA Q 104 30.59 -23.35 34.59
C ALA Q 104 31.48 -24.46 34.06
N ARG Q 105 31.44 -25.64 34.69
CA ARG Q 105 32.22 -26.81 34.30
C ARG Q 105 33.71 -26.51 34.27
N PRO Q 106 34.35 -26.29 35.43
CA PRO Q 106 35.81 -26.13 35.44
C PRO Q 106 36.51 -27.40 35.04
N ARG Q 107 37.70 -27.24 34.44
CA ARG Q 107 38.48 -28.37 33.97
C ARG Q 107 39.86 -28.48 34.58
N LYS Q 108 40.38 -27.42 35.19
CA LYS Q 108 41.74 -27.43 35.74
C LYS Q 108 41.74 -27.29 37.26
N VAL Q 109 41.15 -26.24 37.81
CA VAL Q 109 41.19 -25.99 39.25
C VAL Q 109 39.95 -25.19 39.64
N LEU Q 110 39.29 -25.63 40.71
CA LEU Q 110 38.11 -24.97 41.26
C LEU Q 110 38.46 -24.45 42.65
N VAL Q 111 38.14 -23.18 42.90
CA VAL Q 111 38.57 -22.48 44.11
C VAL Q 111 37.35 -22.06 44.90
N MET Q 112 37.34 -22.37 46.20
CA MET Q 112 36.24 -22.04 47.10
C MET Q 112 36.80 -21.20 48.24
N ALA Q 113 36.26 -19.98 48.38
CA ALA Q 113 36.74 -19.04 49.39
C ALA Q 113 35.57 -18.35 50.07
N VAL Q 114 35.70 -18.14 51.38
CA VAL Q 114 34.69 -17.46 52.19
C VAL Q 114 35.41 -16.40 53.02
N ASP Q 115 34.66 -15.34 53.34
CA ASP Q 115 35.23 -14.21 54.07
C ASP Q 115 35.78 -14.64 55.43
N GLY Q 116 36.90 -14.03 55.82
CA GLY Q 116 37.53 -14.32 57.09
C GLY Q 116 37.98 -13.08 57.81
N VAL Q 117 39.23 -13.08 58.30
CA VAL Q 117 39.78 -11.93 58.98
C VAL Q 117 40.09 -10.83 57.96
N ALA Q 118 39.67 -9.61 58.28
CA ALA Q 118 39.85 -8.48 57.38
C ALA Q 118 40.62 -7.36 58.07
N PRO Q 119 41.34 -6.53 57.32
CA PRO Q 119 42.12 -5.45 57.94
C PRO Q 119 41.23 -4.43 58.62
N ARG Q 120 41.85 -3.67 59.54
CA ARG Q 120 41.10 -2.78 60.42
C ARG Q 120 40.29 -1.74 59.66
N ALA Q 121 40.70 -1.40 58.43
CA ALA Q 121 39.96 -0.41 57.65
C ALA Q 121 38.55 -0.89 57.34
N LYS Q 122 38.34 -2.21 57.23
CA LYS Q 122 37.03 -2.73 56.86
C LYS Q 122 36.02 -2.68 58.01
N MET Q 123 36.50 -2.72 59.26
CA MET Q 123 35.59 -2.67 60.40
C MET Q 123 34.79 -1.37 60.46
N ASN Q 124 35.34 -0.28 59.92
CA ASN Q 124 34.67 1.01 60.06
C ASN Q 124 33.28 1.00 59.45
N GLN Q 125 33.13 0.39 58.27
CA GLN Q 125 31.82 0.32 57.63
C GLN Q 125 31.09 -0.98 57.92
N GLN Q 126 31.82 -2.09 58.08
CA GLN Q 126 31.17 -3.36 58.38
C GLN Q 126 30.48 -3.32 59.74
N ARG Q 127 31.12 -2.70 60.73
CA ARG Q 127 30.52 -2.57 62.06
C ARG Q 127 29.23 -1.77 62.00
N ALA Q 128 29.24 -0.65 61.27
CA ALA Q 128 28.03 0.16 61.15
C ALA Q 128 26.93 -0.59 60.41
N ARG Q 129 27.29 -1.31 59.35
CA ARG Q 129 26.27 -2.08 58.62
C ARG Q 129 25.67 -3.17 59.49
N ARG Q 130 26.51 -3.89 60.24
CA ARG Q 130 26.00 -4.95 61.11
C ARG Q 130 25.11 -4.38 62.21
N PHE Q 131 25.51 -3.25 62.79
CA PHE Q 131 24.68 -2.63 63.83
C PHE Q 131 23.36 -2.15 63.28
N ARG Q 132 23.37 -1.57 62.07
CA ARG Q 132 22.12 -1.15 61.45
C ARG Q 132 21.21 -2.33 61.17
N SER Q 133 21.77 -3.44 60.68
CA SER Q 133 20.97 -4.64 60.43
C SER Q 133 20.40 -5.19 61.73
N ALA Q 134 21.20 -5.18 62.80
CA ALA Q 134 20.71 -5.67 64.09
C ALA Q 134 19.60 -4.77 64.63
N ARG Q 135 19.73 -3.45 64.47
CA ARG Q 135 18.69 -2.54 64.90
C ARG Q 135 17.40 -2.76 64.11
N ASP Q 136 17.53 -2.96 62.80
CA ASP Q 136 16.36 -3.24 61.98
C ASP Q 136 15.68 -4.54 62.41
N ALA Q 137 16.47 -5.57 62.69
CA ALA Q 137 15.91 -6.83 63.17
C ALA Q 137 15.20 -6.64 64.50
N GLN Q 138 15.81 -5.85 65.40
CA GLN Q 138 15.19 -5.63 66.71
C GLN Q 138 13.87 -4.88 66.58
N ILE Q 139 13.83 -3.83 65.75
CA ILE Q 139 12.60 -3.06 65.62
C ILE Q 139 11.52 -3.87 64.93
N GLU Q 140 11.89 -4.68 63.94
CA GLU Q 140 10.88 -5.52 63.29
C GLU Q 140 10.38 -6.61 64.23
N ASN Q 141 11.25 -7.15 65.09
CA ASN Q 141 10.81 -8.11 66.10
C ASN Q 141 9.86 -7.46 67.09
N GLU Q 142 10.16 -6.22 67.51
CA GLU Q 142 9.26 -5.51 68.41
C GLU Q 142 7.91 -5.26 67.74
N ALA Q 143 7.91 -4.89 66.46
CA ALA Q 143 6.66 -4.69 65.74
C ALA Q 143 5.87 -5.99 65.64
N ARG Q 144 6.56 -7.10 65.37
CA ARG Q 144 5.88 -8.39 65.32
C ARG Q 144 5.29 -8.78 66.66
N GLU Q 145 6.03 -8.51 67.75
CA GLU Q 145 5.53 -8.80 69.09
C GLU Q 145 4.29 -7.96 69.39
N GLU Q 146 4.31 -6.68 69.00
CA GLU Q 146 3.12 -5.84 69.16
C GLU Q 146 1.96 -6.36 68.34
N ILE Q 147 2.24 -6.89 67.14
CA ILE Q 147 1.19 -7.45 66.29
C ILE Q 147 0.55 -8.65 66.98
N MET Q 148 1.37 -9.56 67.53
CA MET Q 148 0.83 -10.70 68.24
C MET Q 148 0.04 -10.27 69.48
N ARG Q 149 0.53 -9.25 70.19
CA ARG Q 149 -0.19 -8.76 71.35
C ARG Q 149 -1.56 -8.21 70.97
N GLN Q 150 -1.62 -7.45 69.86
CA GLN Q 150 -2.91 -6.97 69.38
C GLN Q 150 -3.78 -8.12 68.91
N ARG Q 151 -3.20 -9.10 68.23
CA ARG Q 151 -3.98 -10.24 67.75
C ARG Q 151 -4.54 -11.05 68.91
N GLU Q 152 -3.75 -11.25 69.96
CA GLU Q 152 -4.21 -12.00 71.11
C GLU Q 152 -5.34 -11.31 71.86
N GLU Q 153 -5.49 -9.99 71.70
CA GLU Q 153 -6.57 -9.28 72.36
C GLU Q 153 -7.93 -9.67 71.80
N VAL Q 154 -7.99 -10.05 70.51
CA VAL Q 154 -9.26 -10.44 69.91
C VAL Q 154 -9.80 -11.71 70.56
N GLY Q 155 -8.93 -12.68 70.80
CA GLY Q 155 -9.34 -13.93 71.42
C GLY Q 155 -8.66 -15.15 70.84
N GLU Q 156 -7.94 -14.97 69.73
CA GLU Q 156 -7.25 -16.07 69.11
C GLU Q 156 -6.05 -16.51 69.94
N ILE Q 157 -5.67 -17.77 69.78
CA ILE Q 157 -4.56 -18.37 70.51
C ILE Q 157 -3.49 -18.80 69.51
N ILE Q 158 -2.25 -18.39 69.76
CA ILE Q 158 -1.12 -18.72 68.89
C ILE Q 158 -0.10 -19.47 69.72
N ASP Q 159 0.40 -20.59 69.19
CA ASP Q 159 1.39 -21.39 69.89
C ASP Q 159 2.67 -20.59 70.10
N ASP Q 160 3.32 -20.84 71.25
CA ASP Q 160 4.56 -20.13 71.57
C ASP Q 160 5.69 -20.45 70.61
N ALA Q 161 5.63 -21.58 69.91
CA ALA Q 161 6.66 -21.92 68.94
C ALA Q 161 6.67 -20.91 67.80
N VAL Q 162 5.50 -20.50 67.32
CA VAL Q 162 5.42 -19.49 66.26
C VAL Q 162 5.95 -18.15 66.78
N ARG Q 163 5.57 -17.77 68.00
CA ARG Q 163 6.04 -16.52 68.56
C ARG Q 163 7.56 -16.53 68.76
N ASN Q 164 8.11 -17.65 69.21
CA ASN Q 164 9.54 -17.77 69.41
C ASN Q 164 10.31 -18.01 68.11
N LYS Q 165 9.61 -18.24 67.01
CA LYS Q 165 10.26 -18.47 65.71
C LYS Q 165 10.71 -17.12 65.16
N LYS Q 166 11.86 -16.67 65.64
CA LYS Q 166 12.44 -15.40 65.22
C LYS Q 166 13.17 -15.59 63.90
N THR Q 167 13.93 -14.57 63.48
CA THR Q 167 14.67 -14.63 62.24
C THR Q 167 15.92 -15.51 62.40
N TRP Q 168 16.71 -15.59 61.35
CA TRP Q 168 17.92 -16.41 61.34
C TRP Q 168 19.11 -15.70 61.97
N ASP Q 169 18.96 -14.43 62.40
CA ASP Q 169 20.04 -13.66 63.00
C ASP Q 169 21.23 -13.55 62.04
N SER Q 170 20.99 -12.85 60.93
CA SER Q 170 22.00 -12.70 59.89
C SER Q 170 23.28 -12.08 60.43
N ASN Q 171 23.19 -11.29 61.50
CA ASN Q 171 24.38 -10.72 62.12
C ASN Q 171 25.27 -11.78 62.75
N ALA Q 172 24.73 -12.95 63.06
CA ALA Q 172 25.52 -14.02 63.67
C ALA Q 172 26.48 -14.68 62.69
N ILE Q 173 26.31 -14.46 61.39
CA ILE Q 173 27.20 -15.04 60.39
C ILE Q 173 28.46 -14.18 60.32
N THR Q 174 29.46 -14.51 61.12
CA THR Q 174 30.71 -13.78 61.20
C THR Q 174 31.83 -14.80 61.35
N PRO Q 175 33.01 -14.53 60.78
CA PRO Q 175 34.14 -15.44 60.97
C PRO Q 175 34.50 -15.58 62.45
N GLY Q 176 34.86 -16.80 62.83
CA GLY Q 176 35.19 -17.13 64.20
C GLY Q 176 34.07 -17.82 64.97
N THR Q 177 32.84 -17.72 64.49
CA THR Q 177 31.72 -18.38 65.14
C THR Q 177 31.72 -19.87 64.83
N PRO Q 178 31.10 -20.68 65.71
CA PRO Q 178 30.99 -22.11 65.41
C PRO Q 178 30.20 -22.41 64.15
N PHE Q 179 29.34 -21.49 63.71
CA PHE Q 179 28.63 -21.67 62.45
C PHE Q 179 29.60 -21.76 61.28
N MET Q 180 30.65 -20.93 61.29
CA MET Q 180 31.66 -20.99 60.24
C MET Q 180 32.39 -22.33 60.24
N ASP Q 181 32.73 -22.84 61.43
CA ASP Q 181 33.38 -24.14 61.51
C ASP Q 181 32.48 -25.26 61.00
N LYS Q 182 31.20 -25.21 61.36
CA LYS Q 182 30.25 -26.21 60.88
C LYS Q 182 30.11 -26.15 59.37
N LEU Q 183 30.04 -24.95 58.81
CA LEU Q 183 29.93 -24.80 57.36
C LEU Q 183 31.19 -25.31 56.66
N ALA Q 184 32.36 -25.01 57.22
CA ALA Q 184 33.62 -25.47 56.63
C ALA Q 184 33.72 -26.99 56.66
N ALA Q 185 33.30 -27.60 57.78
CA ALA Q 185 33.32 -29.06 57.86
C ALA Q 185 32.37 -29.68 56.82
N ALA Q 186 31.19 -29.08 56.63
CA ALA Q 186 30.25 -29.60 55.64
C ALA Q 186 30.78 -29.44 54.23
N LEU Q 187 31.45 -28.32 53.94
CA LEU Q 187 31.94 -28.07 52.59
C LEU Q 187 32.98 -29.11 52.18
N ARG Q 188 33.87 -29.50 53.10
CA ARG Q 188 34.88 -30.50 52.78
C ARG Q 188 34.24 -31.83 52.42
N TYR Q 189 33.21 -32.24 53.18
CA TYR Q 189 32.51 -33.48 52.86
C TYR Q 189 31.83 -33.39 51.50
N TRP Q 190 31.21 -32.24 51.21
CA TRP Q 190 30.51 -32.07 49.93
C TRP Q 190 31.48 -32.16 48.76
N THR Q 191 32.63 -31.48 48.85
CA THR Q 191 33.58 -31.53 47.74
C THR Q 191 34.25 -32.89 47.62
N ALA Q 192 34.48 -33.58 48.75
CA ALA Q 192 35.00 -34.93 48.68
C ALA Q 192 34.01 -35.87 48.00
N PHE Q 193 32.73 -35.75 48.34
CA PHE Q 193 31.70 -36.57 47.69
C PHE Q 193 31.62 -36.26 46.20
N LYS Q 194 31.68 -34.98 45.84
CA LYS Q 194 31.64 -34.61 44.42
C LYS Q 194 32.83 -35.17 43.66
N LEU Q 195 34.02 -35.09 44.25
CA LEU Q 195 35.22 -35.63 43.60
C LEU Q 195 35.13 -37.14 43.46
N ALA Q 196 34.61 -37.83 44.48
CA ALA Q 196 34.57 -39.28 44.44
C ALA Q 196 33.53 -39.80 43.46
N THR Q 197 32.34 -39.18 43.45
CA THR Q 197 31.22 -39.71 42.68
C THR Q 197 31.14 -39.18 41.25
N ASP Q 198 31.97 -38.22 40.87
CA ASP Q 198 31.92 -37.66 39.52
C ASP Q 198 33.17 -38.06 38.75
N PRO Q 199 33.04 -38.89 37.71
CA PRO Q 199 34.22 -39.24 36.90
C PRO Q 199 34.84 -38.05 36.18
N GLY Q 200 34.07 -36.99 35.94
CA GLY Q 200 34.60 -35.81 35.27
C GLY Q 200 35.46 -34.92 36.12
N TRP Q 201 35.51 -35.16 37.43
CA TRP Q 201 36.33 -34.40 38.35
C TRP Q 201 37.70 -35.03 38.58
N LYS Q 202 38.15 -35.87 37.65
CA LYS Q 202 39.45 -36.53 37.81
C LYS Q 202 40.59 -35.54 37.82
N ASN Q 203 40.56 -34.56 36.91
CA ASN Q 203 41.61 -33.56 36.82
C ASN Q 203 41.31 -32.31 37.64
N LEU Q 204 40.14 -32.21 38.24
CA LEU Q 204 39.79 -31.04 39.03
C LEU Q 204 40.52 -31.04 40.36
N GLN Q 205 40.98 -29.86 40.78
CA GLN Q 205 41.62 -29.66 42.08
C GLN Q 205 40.84 -28.60 42.83
N VAL Q 206 40.43 -28.91 44.05
CA VAL Q 206 39.58 -28.04 44.85
C VAL Q 206 40.34 -27.59 46.08
N ILE Q 207 40.38 -26.28 46.30
CA ILE Q 207 40.98 -25.70 47.49
C ILE Q 207 39.88 -25.03 48.30
N ILE Q 208 40.02 -25.10 49.62
CA ILE Q 208 39.04 -24.53 50.55
C ILE Q 208 39.75 -23.51 51.42
N SER Q 209 39.25 -22.28 51.41
CA SER Q 209 39.78 -21.20 52.24
C SER Q 209 38.71 -20.86 53.27
N ASP Q 210 38.81 -21.49 54.44
CA ASP Q 210 37.79 -21.33 55.48
C ASP Q 210 37.86 -19.94 56.08
N ALA Q 211 36.93 -19.66 56.99
CA ALA Q 211 36.88 -18.36 57.66
C ALA Q 211 38.09 -18.13 58.55
N THR Q 212 38.81 -19.18 58.94
CA THR Q 212 40.03 -19.00 59.73
C THR Q 212 41.10 -18.26 58.94
N VAL Q 213 41.22 -18.56 57.65
CA VAL Q 213 42.21 -17.88 56.81
C VAL Q 213 41.81 -16.43 56.64
N PRO Q 214 42.70 -15.47 56.91
CA PRO Q 214 42.33 -14.06 56.75
C PRO Q 214 42.05 -13.69 55.31
N GLY Q 215 41.17 -12.72 55.14
CA GLY Q 215 40.79 -12.22 53.83
C GLY Q 215 39.33 -11.84 53.77
N GLU Q 216 38.99 -11.00 52.81
CA GLU Q 216 37.62 -10.52 52.62
C GLU Q 216 36.85 -11.33 51.58
N GLY Q 217 37.45 -12.39 51.03
CA GLY Q 217 36.77 -13.19 50.03
C GLY Q 217 37.24 -12.90 48.63
N GLU Q 218 37.45 -11.63 48.32
CA GLU Q 218 37.96 -11.21 47.02
C GLU Q 218 39.46 -10.94 47.05
N HIS Q 219 39.98 -10.39 48.15
CA HIS Q 219 41.43 -10.23 48.28
C HIS Q 219 42.12 -11.59 48.34
N LYS Q 220 41.48 -12.60 48.91
CA LYS Q 220 42.02 -13.95 48.86
C LYS Q 220 42.13 -14.43 47.42
N ILE Q 221 41.11 -14.16 46.61
CA ILE Q 221 41.16 -14.55 45.20
C ILE Q 221 42.27 -13.80 44.47
N MET Q 222 42.43 -12.50 44.77
CA MET Q 222 43.50 -11.74 44.14
C MET Q 222 44.87 -12.29 44.51
N ASN Q 223 45.07 -12.61 45.80
CA ASN Q 223 46.33 -13.19 46.23
C ASN Q 223 46.57 -14.55 45.56
N PHE Q 224 45.51 -15.35 45.45
CA PHE Q 224 45.65 -16.67 44.82
C PHE Q 224 46.01 -16.54 43.34
N ILE Q 225 45.38 -15.60 42.63
CA ILE Q 225 45.69 -15.46 41.21
C ILE Q 225 47.08 -14.88 41.01
N ARG Q 226 47.53 -13.99 41.92
CA ARG Q 226 48.89 -13.49 41.81
C ARG Q 226 49.92 -14.55 42.18
N SER Q 227 49.55 -15.51 43.03
CA SER Q 227 50.43 -16.63 43.35
C SER Q 227 50.47 -17.66 42.23
N GLN Q 228 49.33 -17.87 41.54
CA GLN Q 228 49.34 -18.72 40.36
C GLN Q 228 50.11 -18.06 39.23
N ARG Q 229 50.10 -16.73 39.17
CA ARG Q 229 50.96 -15.98 38.27
C ARG Q 229 52.36 -15.80 38.84
N ALA Q 230 52.66 -16.40 39.99
CA ALA Q 230 53.99 -16.38 40.58
C ALA Q 230 54.83 -17.58 40.17
N ASP Q 231 54.62 -18.11 38.97
CA ASP Q 231 55.35 -19.25 38.45
C ASP Q 231 55.81 -18.96 37.02
N PRO Q 232 57.06 -19.29 36.67
CA PRO Q 232 57.52 -19.03 35.30
C PRO Q 232 56.75 -19.80 34.24
N GLU Q 233 56.28 -21.00 34.54
CA GLU Q 233 55.65 -21.87 33.55
C GLU Q 233 54.14 -21.68 33.45
N TYR Q 234 53.59 -20.70 34.18
CA TYR Q 234 52.15 -20.47 34.14
C TYR Q 234 51.71 -20.10 32.72
N ASN Q 235 50.64 -20.74 32.27
CA ASN Q 235 50.14 -20.52 30.92
C ASN Q 235 49.35 -19.22 30.86
N PRO Q 236 49.74 -18.26 30.01
CA PRO Q 236 49.00 -17.00 29.93
C PRO Q 236 47.63 -17.13 29.28
N ASN Q 237 47.33 -18.26 28.64
CA ASN Q 237 46.07 -18.45 27.93
C ASN Q 237 45.00 -19.09 28.79
N THR Q 238 45.26 -19.34 30.07
CA THR Q 238 44.27 -19.95 30.94
C THR Q 238 43.10 -19.00 31.16
N THR Q 239 41.90 -19.57 31.22
CA THR Q 239 40.68 -18.80 31.45
C THR Q 239 40.32 -18.84 32.93
N HIS Q 240 39.74 -17.73 33.41
CA HIS Q 240 39.35 -17.61 34.80
C HIS Q 240 37.91 -17.11 34.90
N CYS Q 241 37.23 -17.58 35.94
CA CYS Q 241 35.86 -17.14 36.23
C CYS Q 241 35.72 -16.90 37.72
N ILE Q 242 35.12 -15.78 38.09
CA ILE Q 242 34.85 -15.45 39.48
C ILE Q 242 33.37 -15.13 39.61
N TYR Q 243 32.70 -15.80 40.55
CA TYR Q 243 31.25 -15.65 40.75
C TYR Q 243 31.02 -14.92 42.07
N GLY Q 244 30.31 -13.80 42.01
CA GLY Q 244 30.00 -13.05 43.19
C GLY Q 244 28.94 -12.01 42.89
N LEU Q 245 28.13 -11.69 43.91
CA LEU Q 245 27.05 -10.74 43.75
C LEU Q 245 27.51 -9.29 43.93
N ASP Q 246 28.72 -9.08 44.43
CA ASP Q 246 29.22 -7.73 44.65
C ASP Q 246 29.37 -6.99 43.33
N ALA Q 247 29.04 -5.69 43.34
CA ALA Q 247 29.11 -4.89 42.12
C ALA Q 247 30.56 -4.59 41.75
N ASP Q 248 31.42 -4.38 42.73
CA ASP Q 248 32.82 -4.08 42.46
C ASP Q 248 33.61 -5.30 42.01
N LEU Q 249 33.01 -6.49 42.05
CA LEU Q 249 33.72 -7.69 41.61
C LEU Q 249 34.04 -7.62 40.12
N ILE Q 250 33.11 -7.13 39.31
CA ILE Q 250 33.34 -7.03 37.87
C ILE Q 250 34.46 -6.04 37.58
N PHE Q 251 34.60 -5.02 38.43
CA PHE Q 251 35.63 -4.01 38.23
C PHE Q 251 37.00 -4.48 38.73
N LEU Q 252 37.03 -5.28 39.80
CA LEU Q 252 38.29 -5.72 40.36
C LEU Q 252 39.03 -6.68 39.43
N GLY Q 253 38.30 -7.54 38.71
CA GLY Q 253 38.94 -8.48 37.82
C GLY Q 253 39.71 -7.84 36.67
N LEU Q 254 39.37 -6.59 36.35
CA LEU Q 254 40.11 -5.88 35.30
C LEU Q 254 41.53 -5.57 35.73
N ALA Q 255 41.74 -5.33 37.02
CA ALA Q 255 43.07 -4.98 37.51
C ALA Q 255 44.04 -6.15 37.48
N THR Q 256 43.54 -7.38 37.33
CA THR Q 256 44.41 -8.55 37.28
C THR Q 256 45.23 -8.64 36.00
N HIS Q 257 44.91 -7.82 35.00
CA HIS Q 257 45.62 -7.81 33.72
C HIS Q 257 45.64 -9.18 33.06
N GLU Q 258 44.51 -9.89 33.18
CA GLU Q 258 44.34 -11.18 32.52
C GLU Q 258 43.29 -11.06 31.43
N PRO Q 259 43.69 -11.04 30.16
CA PRO Q 259 42.69 -10.87 29.08
C PRO Q 259 41.63 -11.95 29.07
N HIS Q 260 41.99 -13.20 29.38
CA HIS Q 260 41.03 -14.30 29.41
C HIS Q 260 40.31 -14.31 30.75
N PHE Q 261 39.44 -13.32 30.92
CA PHE Q 261 38.67 -13.15 32.15
C PHE Q 261 37.21 -12.91 31.81
N LYS Q 262 36.32 -13.44 32.66
CA LYS Q 262 34.90 -13.22 32.54
C LYS Q 262 34.26 -13.45 33.89
N ILE Q 263 33.27 -12.62 34.23
CA ILE Q 263 32.61 -12.66 35.52
C ILE Q 263 31.21 -13.24 35.34
N LEU Q 264 30.87 -14.23 36.15
CA LEU Q 264 29.53 -14.81 36.16
C LEU Q 264 28.74 -14.24 37.33
N ARG Q 265 27.49 -13.87 37.06
CA ARG Q 265 26.60 -13.37 38.10
C ARG Q 265 25.16 -13.54 37.64
N GLU Q 266 24.25 -13.50 38.60
CA GLU Q 266 22.83 -13.66 38.30
C GLU Q 266 22.30 -12.47 37.53
N ASP Q 267 21.31 -12.73 36.67
CA ASP Q 267 20.69 -11.68 35.86
C ASP Q 267 19.84 -10.80 36.76
N VAL Q 268 20.38 -9.65 37.15
CA VAL Q 268 19.65 -8.73 38.01
C VAL Q 268 18.62 -7.91 37.24
N PHE Q 269 18.68 -7.91 35.91
CA PHE Q 269 17.67 -7.20 35.13
C PHE Q 269 16.30 -7.84 35.31
N ALA Q 270 16.22 -9.16 35.23
CA ALA Q 270 14.97 -9.85 35.48
C ALA Q 270 14.61 -9.90 36.96
N GLN Q 271 15.62 -10.07 37.82
CA GLN Q 271 15.37 -10.16 39.26
C GLN Q 271 14.82 -8.87 39.85
N ASP Q 272 14.96 -7.75 39.13
CA ASP Q 272 14.40 -6.49 39.62
C ASP Q 272 12.88 -6.56 39.71
N ASN Q 273 12.24 -7.20 38.74
CA ASN Q 273 10.79 -7.36 38.70
C ASN Q 273 10.41 -8.83 38.52
N ARG Q 274 11.06 -9.70 39.30
CA ARG Q 274 10.79 -11.12 39.24
C ARG Q 274 9.55 -11.45 40.08
N LYS Q 275 9.30 -12.75 40.30
CA LYS Q 275 8.14 -13.19 41.06
C LYS Q 275 8.33 -12.84 42.53
N ARG Q 276 7.38 -12.07 43.08
CA ARG Q 276 7.42 -11.70 44.50
C ARG Q 276 6.03 -11.73 45.11
N ASN Q 277 5.16 -12.62 44.60
CA ASN Q 277 3.80 -12.71 45.12
C ASN Q 277 3.79 -13.38 46.48
N ASN Q 278 2.73 -13.10 47.24
CA ASN Q 278 2.58 -13.67 48.57
C ASN Q 278 2.24 -15.15 48.49
N LEU Q 279 2.57 -15.89 49.55
CA LEU Q 279 2.28 -17.31 49.61
C LEU Q 279 0.79 -17.60 49.74
N LYS Q 280 0.00 -16.61 50.18
CA LYS Q 280 -1.43 -16.84 50.35
C LYS Q 280 -2.12 -17.13 49.02
N ASP Q 281 -1.71 -16.42 47.96
CA ASP Q 281 -2.32 -16.60 46.64
C ASP Q 281 -1.94 -17.92 45.98
N THR Q 282 -0.97 -18.65 46.54
CA THR Q 282 -0.52 -19.90 45.92
C THR Q 282 -1.55 -21.02 46.04
N ILE Q 283 -2.51 -20.90 46.96
CA ILE Q 283 -3.48 -21.95 47.19
C ILE Q 283 -4.84 -21.65 46.57
N ASN Q 284 -5.01 -20.48 45.95
CA ASN Q 284 -6.32 -20.11 45.42
C ASN Q 284 -6.74 -21.04 44.28
N MET Q 285 -5.86 -21.24 43.30
CA MET Q 285 -6.15 -22.10 42.16
C MET Q 285 -5.62 -23.52 42.33
N THR Q 286 -5.07 -23.83 43.50
CA THR Q 286 -4.64 -25.19 43.88
C THR Q 286 -3.52 -25.64 42.94
N GLU Q 287 -3.68 -26.73 42.19
CA GLU Q 287 -2.53 -27.39 41.56
C GLU Q 287 -1.95 -26.55 40.43
N GLU Q 288 -2.78 -25.94 39.60
CA GLU Q 288 -2.28 -25.30 38.39
C GLU Q 288 -1.34 -24.15 38.72
N GLU Q 289 -1.76 -23.25 39.61
CA GLU Q 289 -0.95 -22.06 39.89
C GLU Q 289 0.33 -22.43 40.64
N LYS Q 290 0.26 -23.37 41.57
CA LYS Q 290 1.46 -23.77 42.30
C LYS Q 290 2.45 -24.47 41.37
N GLN Q 291 1.95 -25.30 40.45
CA GLN Q 291 2.83 -25.95 39.48
C GLN Q 291 3.48 -24.92 38.57
N PHE Q 292 2.70 -23.93 38.11
CA PHE Q 292 3.26 -22.89 37.26
C PHE Q 292 4.32 -22.08 38.01
N LEU Q 293 4.05 -21.74 39.27
CA LEU Q 293 5.01 -20.98 40.06
C LEU Q 293 6.29 -21.77 40.29
N GLN Q 294 6.17 -23.06 40.62
CA GLN Q 294 7.36 -23.86 40.88
C GLN Q 294 8.15 -24.13 39.61
N LYS Q 295 7.48 -24.17 38.46
CA LYS Q 295 8.21 -24.28 37.19
C LYS Q 295 8.91 -22.97 36.84
N GLN Q 296 8.27 -21.84 37.16
CA GLN Q 296 8.83 -20.54 36.77
C GLN Q 296 10.10 -20.23 37.57
N ASN Q 297 10.06 -20.43 38.88
CA ASN Q 297 11.21 -20.11 39.73
C ASN Q 297 12.29 -21.19 39.69
N SER Q 298 12.02 -22.34 39.06
CA SER Q 298 13.02 -23.39 39.00
C SER Q 298 14.21 -22.99 38.14
N GLU Q 299 14.01 -22.09 37.19
CA GLU Q 299 15.08 -21.61 36.31
C GLU Q 299 15.35 -20.15 36.60
N GLN Q 300 16.61 -19.83 36.90
CA GLN Q 300 17.02 -18.46 37.16
C GLN Q 300 17.99 -18.02 36.07
N PRO Q 301 17.62 -17.05 35.23
CA PRO Q 301 18.53 -16.61 34.17
C PRO Q 301 19.77 -15.94 34.74
N PHE Q 302 20.87 -16.07 34.02
CA PHE Q 302 22.15 -15.47 34.38
C PHE Q 302 22.65 -14.63 33.21
N LEU Q 303 23.85 -14.09 33.35
CA LEU Q 303 24.46 -13.28 32.30
C LEU Q 303 25.97 -13.31 32.49
N TRP Q 304 26.67 -12.94 31.42
CA TRP Q 304 28.13 -12.92 31.41
C TRP Q 304 28.65 -11.49 31.43
N LEU Q 305 29.84 -11.33 32.00
CA LEU Q 305 30.49 -10.03 32.20
C LEU Q 305 31.91 -10.07 31.66
N HIS Q 306 32.05 -10.50 30.40
CA HIS Q 306 33.36 -10.71 29.80
C HIS Q 306 34.22 -9.46 29.89
N ILE Q 307 35.49 -9.64 30.29
CA ILE Q 307 36.42 -8.54 30.43
C ILE Q 307 37.32 -8.37 29.21
N ASN Q 308 37.51 -9.41 28.40
CA ASN Q 308 38.35 -9.29 27.22
C ASN Q 308 37.81 -8.24 26.25
N VAL Q 309 36.49 -8.22 26.04
CA VAL Q 309 35.89 -7.20 25.20
C VAL Q 309 36.00 -5.83 25.85
N LEU Q 310 35.85 -5.78 27.19
CA LEU Q 310 35.92 -4.51 27.90
C LEU Q 310 37.29 -3.87 27.80
N ARG Q 311 38.35 -4.68 27.64
CA ARG Q 311 39.68 -4.13 27.47
C ARG Q 311 39.77 -3.30 26.19
N GLU Q 312 39.17 -3.80 25.10
CA GLU Q 312 39.18 -3.05 23.85
C GLU Q 312 38.40 -1.74 23.97
N TYR Q 313 37.26 -1.77 24.66
CA TYR Q 313 36.49 -0.55 24.88
C TYR Q 313 37.29 0.46 25.70
N LEU Q 314 37.98 -0.01 26.75
CA LEU Q 314 38.81 0.89 27.55
C LEU Q 314 39.94 1.46 26.71
N SER Q 315 40.54 0.64 25.84
CA SER Q 315 41.59 1.13 24.97
C SER Q 315 41.08 2.21 24.03
N ALA Q 316 39.89 2.00 23.47
CA ALA Q 316 39.31 2.97 22.55
C ALA Q 316 38.75 4.21 23.24
N GLU Q 317 38.57 4.16 24.56
CA GLU Q 317 38.01 5.30 25.30
C GLU Q 317 39.06 6.11 26.05
N LEU Q 318 40.18 5.49 26.41
CA LEU Q 318 41.23 6.17 27.15
C LEU Q 318 42.31 6.77 26.26
N TRP Q 319 42.16 6.67 24.94
CA TRP Q 319 43.16 7.21 24.03
C TRP Q 319 43.18 8.74 24.10
N VAL Q 320 44.39 9.30 24.10
CA VAL Q 320 44.57 10.75 24.14
C VAL Q 320 45.56 11.14 23.05
N PRO Q 321 45.24 12.10 22.18
CA PRO Q 321 46.17 12.51 21.13
C PRO Q 321 47.20 13.50 21.66
N GLY Q 322 48.47 13.10 21.61
CA GLY Q 322 49.53 13.96 22.08
C GLY Q 322 49.98 13.65 23.49
N LEU Q 323 51.15 13.04 23.64
CA LEU Q 323 51.67 12.68 24.95
C LEU Q 323 53.19 12.51 24.89
N PRO Q 324 53.93 13.16 25.79
CA PRO Q 324 55.40 12.99 25.78
C PRO Q 324 55.85 11.57 26.03
N PHE Q 325 55.12 10.81 26.84
CA PHE Q 325 55.47 9.43 27.14
C PHE Q 325 54.87 8.51 26.09
N THR Q 326 54.90 7.20 26.36
CA THR Q 326 54.35 6.20 25.46
C THR Q 326 53.03 5.68 26.01
N PHE Q 327 52.01 5.63 25.17
CA PHE Q 327 50.69 5.17 25.58
C PHE Q 327 50.72 3.65 25.71
N ASP Q 328 50.55 3.16 26.93
CA ASP Q 328 50.53 1.73 27.21
C ASP Q 328 49.14 1.33 27.69
N LEU Q 329 48.58 0.28 27.09
CA LEU Q 329 47.26 -0.18 27.49
C LEU Q 329 47.24 -0.67 28.93
N GLU Q 330 48.28 -1.40 29.34
CA GLU Q 330 48.34 -1.91 30.71
C GLU Q 330 48.39 -0.77 31.71
N ARG Q 331 49.18 0.27 31.43
CA ARG Q 331 49.24 1.42 32.31
C ARG Q 331 48.00 2.30 32.21
N ALA Q 332 47.31 2.27 31.07
CA ALA Q 332 46.09 3.07 30.92
C ALA Q 332 45.00 2.60 31.86
N ILE Q 333 44.87 1.28 32.05
CA ILE Q 333 43.84 0.75 32.94
C ILE Q 333 44.14 1.08 34.40
N ASP Q 334 45.42 1.27 34.76
CA ASP Q 334 45.78 1.51 36.15
C ASP Q 334 45.16 2.80 36.67
N ASP Q 335 45.28 3.88 35.89
CA ASP Q 335 44.67 5.15 36.31
C ASP Q 335 43.15 5.03 36.38
N TRP Q 336 42.56 4.31 35.43
CA TRP Q 336 41.10 4.13 35.43
C TRP Q 336 40.63 3.40 36.68
N VAL Q 337 41.32 2.32 37.05
CA VAL Q 337 40.89 1.55 38.22
C VAL Q 337 41.16 2.33 39.50
N PHE Q 338 42.28 3.07 39.57
CA PHE Q 338 42.53 3.90 40.73
C PHE Q 338 41.45 4.97 40.88
N MET Q 339 41.06 5.60 39.77
CA MET Q 339 40.03 6.63 39.83
C MET Q 339 38.68 6.06 40.21
N CYS Q 340 38.34 4.88 39.69
CA CYS Q 340 37.06 4.26 40.06
C CYS Q 340 37.04 3.90 41.55
N PHE Q 341 38.16 3.41 42.08
CA PHE Q 341 38.24 3.13 43.51
C PHE Q 341 38.14 4.41 44.32
N PHE Q 342 38.77 5.49 43.84
CA PHE Q 342 38.70 6.77 44.54
C PHE Q 342 37.27 7.29 44.57
N CYS Q 343 36.54 7.15 43.45
CA CYS Q 343 35.17 7.64 43.40
C CYS Q 343 34.27 6.89 44.38
N GLY Q 344 34.45 5.57 44.48
CA GLY Q 344 33.64 4.77 45.38
C GLY Q 344 34.24 3.43 45.72
N ASN Q 345 34.30 3.11 47.02
CA ASN Q 345 34.83 1.84 47.48
C ASN Q 345 34.30 1.59 48.88
N ASP Q 346 34.37 0.33 49.31
CA ASP Q 346 33.88 -0.07 50.62
C ASP Q 346 34.98 0.00 51.68
N PHE Q 347 35.76 1.08 51.64
CA PHE Q 347 36.79 1.32 52.65
C PHE Q 347 36.80 2.74 53.20
N LEU Q 348 36.28 3.72 52.48
CA LEU Q 348 36.30 5.12 52.89
C LEU Q 348 34.93 5.75 52.71
N PRO Q 349 34.62 6.80 53.49
CA PRO Q 349 33.35 7.49 53.29
C PRO Q 349 33.28 8.13 51.92
N HIS Q 350 32.07 8.19 51.37
CA HIS Q 350 31.85 8.74 50.04
C HIS Q 350 32.14 10.23 50.03
N LEU Q 351 32.79 10.69 48.95
CA LEU Q 351 33.07 12.11 48.80
C LEU Q 351 31.77 12.87 48.59
N PRO Q 352 31.60 14.04 49.24
CA PRO Q 352 30.38 14.83 49.01
C PRO Q 352 30.18 15.23 47.57
N CYS Q 353 31.27 15.51 46.84
CA CYS Q 353 31.15 15.86 45.43
C CYS Q 353 30.72 14.66 44.60
N LEU Q 354 31.24 13.47 44.91
CA LEU Q 354 30.94 12.26 44.16
C LEU Q 354 29.96 11.44 45.00
N ASP Q 355 28.67 11.73 44.85
CA ASP Q 355 27.61 11.02 45.55
C ASP Q 355 26.87 10.04 44.66
N VAL Q 356 26.51 10.46 43.45
CA VAL Q 356 25.83 9.56 42.51
C VAL Q 356 26.76 8.45 42.08
N ARG Q 357 28.05 8.76 41.91
CA ARG Q 357 29.14 7.86 41.53
C ARG Q 357 29.04 7.40 40.08
N GLU Q 358 27.98 7.75 39.36
CA GLU Q 358 27.82 7.37 37.96
C GLU Q 358 28.09 8.54 37.01
N ASN Q 359 27.44 9.69 37.23
CA ASN Q 359 27.63 10.84 36.35
C ASN Q 359 28.97 11.51 36.56
N SER Q 360 29.60 11.31 37.72
CA SER Q 360 30.90 11.93 37.98
C SER Q 360 32.04 11.20 37.27
N ILE Q 361 31.81 9.97 36.81
CA ILE Q 361 32.86 9.20 36.16
C ILE Q 361 33.32 9.89 34.88
N ASP Q 362 32.36 10.33 34.06
CA ASP Q 362 32.72 11.00 32.81
C ASP Q 362 33.42 12.33 33.07
N ILE Q 363 32.97 13.06 34.10
CA ILE Q 363 33.61 14.33 34.44
C ILE Q 363 35.06 14.09 34.85
N LEU Q 364 35.29 13.08 35.69
CA LEU Q 364 36.65 12.76 36.11
C LEU Q 364 37.49 12.30 34.93
N LEU Q 365 36.90 11.52 34.02
CA LEU Q 365 37.65 11.06 32.85
C LEU Q 365 38.06 12.22 31.94
N ASP Q 366 37.16 13.17 31.70
CA ASP Q 366 37.56 14.30 30.87
C ASP Q 366 38.55 15.22 31.59
N ILE Q 367 38.46 15.31 32.92
CA ILE Q 367 39.47 16.03 33.68
C ILE Q 367 40.82 15.37 33.51
N TRP Q 368 40.88 14.04 33.58
CA TRP Q 368 42.13 13.33 33.35
C TRP Q 368 42.64 13.56 31.93
N LYS Q 369 41.73 13.54 30.96
CA LYS Q 369 42.14 13.74 29.57
C LYS Q 369 42.73 15.13 29.36
N VAL Q 370 42.17 16.14 30.01
CA VAL Q 370 42.67 17.50 29.81
C VAL Q 370 43.94 17.74 30.64
N VAL Q 371 44.14 17.01 31.73
CA VAL Q 371 45.34 17.24 32.54
C VAL Q 371 46.52 16.38 32.09
N LEU Q 372 46.27 15.27 31.38
CA LEU Q 372 47.36 14.39 30.97
C LEU Q 372 48.45 15.08 30.15
N PRO Q 373 48.13 15.92 29.16
CA PRO Q 373 49.23 16.61 28.45
C PRO Q 373 50.08 17.48 29.35
N LYS Q 374 49.51 18.08 30.40
CA LYS Q 374 50.30 18.89 31.32
C LYS Q 374 51.31 18.03 32.07
N LEU Q 375 50.89 16.85 32.52
CA LEU Q 375 51.78 15.96 33.25
C LEU Q 375 52.78 15.31 32.30
N LYS Q 376 53.93 14.92 32.86
CA LYS Q 376 55.00 14.27 32.10
C LYS Q 376 55.20 12.82 32.53
N THR Q 377 54.23 12.24 33.25
CA THR Q 377 54.35 10.88 33.73
C THR Q 377 52.96 10.29 33.93
N TYR Q 378 52.91 8.98 34.07
CA TYR Q 378 51.64 8.28 34.25
C TYR Q 378 51.09 8.53 35.65
N MET Q 379 49.81 8.15 35.83
CA MET Q 379 49.14 8.35 37.11
C MET Q 379 49.77 7.47 38.20
N THR Q 380 49.71 6.15 38.01
CA THR Q 380 50.21 5.21 39.00
C THR Q 380 51.25 4.28 38.37
N CYS Q 381 52.18 3.82 39.19
CA CYS Q 381 53.25 2.92 38.76
C CYS Q 381 53.18 1.65 39.61
N ASP Q 382 52.49 0.64 39.09
CA ASP Q 382 52.34 -0.65 39.78
C ASP Q 382 51.73 -0.47 41.17
N GLY Q 383 50.74 0.40 41.28
CA GLY Q 383 50.06 0.66 42.53
C GLY Q 383 50.61 1.83 43.32
N VAL Q 384 51.80 2.32 42.97
CA VAL Q 384 52.36 3.48 43.65
C VAL Q 384 51.77 4.74 43.05
N LEU Q 385 51.21 5.60 43.90
CA LEU Q 385 50.54 6.81 43.45
C LEU Q 385 51.55 7.94 43.30
N ASN Q 386 51.55 8.56 42.13
CA ASN Q 386 52.43 9.70 41.87
C ASN Q 386 51.88 10.91 42.62
N LEU Q 387 52.65 11.42 43.59
CA LEU Q 387 52.12 12.45 44.48
C LEU Q 387 51.85 13.76 43.75
N PRO Q 388 52.81 14.37 43.03
CA PRO Q 388 52.49 15.64 42.35
C PRO Q 388 51.41 15.51 41.29
N SER Q 389 51.39 14.39 40.57
CA SER Q 389 50.40 14.21 39.52
C SER Q 389 48.99 14.10 40.10
N VAL Q 390 48.82 13.30 41.16
CA VAL Q 390 47.52 13.21 41.80
C VAL Q 390 47.14 14.53 42.46
N GLU Q 391 48.12 15.28 42.95
CA GLU Q 391 47.85 16.61 43.51
C GLU Q 391 47.28 17.53 42.44
N THR Q 392 47.90 17.54 41.25
CA THR Q 392 47.38 18.35 40.15
C THR Q 392 46.00 17.89 39.72
N LEU Q 393 45.78 16.57 39.69
CA LEU Q 393 44.48 16.04 39.31
C LEU Q 393 43.39 16.50 40.28
N LEU Q 394 43.65 16.41 41.58
CA LEU Q 394 42.64 16.82 42.55
C LEU Q 394 42.47 18.34 42.56
N GLN Q 395 43.54 19.10 42.30
CA GLN Q 395 43.40 20.54 42.17
C GLN Q 395 42.49 20.91 41.00
N HIS Q 396 42.68 20.24 39.85
CA HIS Q 396 41.82 20.49 38.71
C HIS Q 396 40.38 20.09 39.00
N LEU Q 397 40.19 18.95 39.69
CA LEU Q 397 38.84 18.54 40.07
C LEU Q 397 38.19 19.56 40.99
N GLY Q 398 38.93 20.07 41.96
CA GLY Q 398 38.38 21.08 42.85
C GLY Q 398 38.04 22.37 42.14
N SER Q 399 38.87 22.75 41.16
CA SER Q 399 38.52 23.90 40.33
C SER Q 399 37.26 23.63 39.52
N ARG Q 400 37.08 22.39 39.06
CA ARG Q 400 35.88 21.99 38.33
C ARG Q 400 34.71 21.65 39.24
N GLU Q 401 34.97 21.24 40.48
CA GLU Q 401 33.91 20.79 41.38
C GLU Q 401 32.88 21.87 41.67
N GLY Q 402 33.24 23.14 41.51
CA GLY Q 402 32.27 24.21 41.74
C GLY Q 402 31.10 24.13 40.78
N ASP Q 403 31.39 23.92 39.49
CA ASP Q 403 30.33 23.79 38.51
C ASP Q 403 29.49 22.54 38.77
N ILE Q 404 30.13 21.43 39.13
CA ILE Q 404 29.40 20.20 39.42
C ILE Q 404 28.50 20.40 40.63
N PHE Q 405 29.03 21.04 41.67
CA PHE Q 405 28.22 21.31 42.87
C PHE Q 405 27.05 22.21 42.55
N LYS Q 406 27.26 23.24 41.73
CA LYS Q 406 26.18 24.14 41.36
C LYS Q 406 25.10 23.40 40.57
N THR Q 407 25.52 22.56 39.62
CA THR Q 407 24.54 21.79 38.84
C THR Q 407 23.77 20.82 39.73
N ARG Q 408 24.45 20.17 40.67
CA ARG Q 408 23.77 19.25 41.57
C ARG Q 408 22.77 20.00 42.45
N HIS Q 409 23.15 21.17 42.96
CA HIS Q 409 22.23 21.95 43.78
C HIS Q 409 21.03 22.43 42.97
N ILE Q 410 21.26 22.85 41.72
CA ILE Q 410 20.14 23.28 40.87
C ILE Q 410 19.20 22.11 40.60
N GLN Q 411 19.76 20.93 40.31
CA GLN Q 411 18.92 19.75 40.08
C GLN Q 411 18.12 19.39 41.32
N GLU Q 412 18.75 19.43 42.50
CA GLU Q 412 18.04 19.13 43.73
C GLU Q 412 16.93 20.13 44.00
N ALA Q 413 17.19 21.42 43.76
CA ALA Q 413 16.16 22.43 43.96
C ALA Q 413 14.99 22.23 43.00
N ARG Q 414 15.29 21.91 41.74
CA ARG Q 414 14.23 21.66 40.77
C ARG Q 414 13.42 20.43 41.15
N LYS Q 415 14.08 19.37 41.62
CA LYS Q 415 13.37 18.17 42.04
C LYS Q 415 12.48 18.47 43.24
N LYS Q 416 12.97 19.25 44.20
CA LYS Q 416 12.15 19.61 45.36
C LYS Q 416 10.97 20.47 44.95
N GLU Q 417 11.17 21.41 44.03
CA GLU Q 417 10.10 22.28 43.56
C GLU Q 417 9.21 21.56 42.54
N VAL Q 603 16.70 10.08 64.08
CA VAL Q 603 17.42 10.36 62.85
C VAL Q 603 17.84 11.82 62.80
N PHE Q 604 19.13 12.06 63.01
CA PHE Q 604 19.66 13.42 62.97
C PHE Q 604 19.60 13.99 61.56
N ASP Q 605 19.20 15.25 61.45
CA ASP Q 605 19.17 15.97 60.18
C ASP Q 605 20.32 16.98 60.19
N THR Q 606 21.38 16.67 59.47
CA THR Q 606 22.60 17.49 59.47
C THR Q 606 22.86 18.18 58.15
N ASP Q 607 22.84 17.43 57.03
CA ASP Q 607 23.17 18.02 55.75
C ASP Q 607 22.13 19.04 55.30
N GLU Q 608 20.88 18.89 55.75
CA GLU Q 608 19.85 19.86 55.39
C GLU Q 608 20.17 21.24 55.96
N PHE Q 609 20.65 21.29 57.21
CA PHE Q 609 20.98 22.57 57.82
C PHE Q 609 22.26 23.17 57.27
N VAL Q 610 23.09 22.37 56.61
CA VAL Q 610 24.35 22.88 56.06
C VAL Q 610 24.08 23.92 54.98
N LYS Q 611 23.12 23.64 54.10
CA LYS Q 611 22.74 24.54 53.00
C LYS Q 611 23.96 24.84 52.10
N LEU Q 612 24.46 23.77 51.47
CA LEU Q 612 25.68 23.87 50.69
C LEU Q 612 25.55 24.78 49.47
N PHE Q 613 24.33 25.00 48.97
CA PHE Q 613 24.17 25.81 47.77
C PHE Q 613 24.50 27.28 48.04
N GLU Q 614 24.29 27.74 49.28
CA GLU Q 614 24.63 29.10 49.61
C GLU Q 614 26.14 29.30 49.61
N PRO Q 615 26.62 30.47 49.21
CA PRO Q 615 28.07 30.73 49.21
C PRO Q 615 28.63 30.71 50.63
N GLY Q 616 29.90 30.31 50.73
CA GLY Q 616 30.55 30.23 52.02
C GLY Q 616 30.28 28.93 52.77
N TYR Q 617 30.13 27.82 52.06
CA TYR Q 617 29.86 26.53 52.68
C TYR Q 617 31.11 25.82 53.16
N HIS Q 618 32.30 26.41 52.94
CA HIS Q 618 33.54 25.74 53.32
C HIS Q 618 33.58 25.43 54.80
N GLU Q 619 33.18 26.38 55.64
CA GLU Q 619 33.07 26.14 57.07
C GLU Q 619 31.71 25.60 57.48
N ARG Q 620 30.67 25.86 56.67
CA ARG Q 620 29.34 25.37 57.01
C ARG Q 620 29.29 23.85 56.98
N TYR Q 621 29.96 23.23 56.00
CA TYR Q 621 29.99 21.76 55.95
C TYR Q 621 30.74 21.19 57.16
N TYR Q 622 31.84 21.84 57.56
CA TYR Q 622 32.62 21.33 58.69
C TYR Q 622 31.90 21.56 60.02
N THR Q 623 31.03 22.56 60.10
CA THR Q 623 30.29 22.80 61.33
C THR Q 623 29.33 21.66 61.66
N ALA Q 624 28.89 20.91 60.66
CA ALA Q 624 28.03 19.76 60.92
C ALA Q 624 28.77 18.62 61.60
N LYS Q 625 30.11 18.64 61.58
CA LYS Q 625 30.91 17.60 62.20
C LYS Q 625 31.69 18.08 63.41
N PHE Q 626 32.04 19.36 63.49
CA PHE Q 626 32.85 19.88 64.58
C PHE Q 626 32.26 21.23 65.02
N HIS Q 627 32.96 21.89 65.93
CA HIS Q 627 32.49 23.14 66.51
C HIS Q 627 32.83 24.33 65.59
N VAL Q 628 32.28 25.48 65.93
CA VAL Q 628 32.48 26.71 65.15
C VAL Q 628 33.70 27.40 65.74
N THR Q 629 34.88 27.02 65.25
CA THR Q 629 36.13 27.63 65.66
C THR Q 629 37.06 27.73 64.46
N PRO Q 630 37.73 28.88 64.26
CA PRO Q 630 38.52 29.09 63.05
C PRO Q 630 39.69 28.13 62.90
N GLN Q 631 40.58 28.08 63.90
CA GLN Q 631 41.78 27.26 63.78
C GLN Q 631 41.44 25.78 63.76
N ASP Q 632 40.37 25.37 64.44
CA ASP Q 632 39.96 23.97 64.40
C ASP Q 632 39.54 23.56 62.99
N ILE Q 633 38.99 24.49 62.21
CA ILE Q 633 38.62 24.18 60.83
C ILE Q 633 39.86 23.79 60.04
N GLU Q 634 40.93 24.59 60.14
CA GLU Q 634 42.17 24.28 59.44
C GLU Q 634 42.79 22.98 59.96
N GLN Q 635 42.76 22.78 61.28
CA GLN Q 635 43.34 21.57 61.84
C GLN Q 635 42.62 20.32 61.35
N LEU Q 636 41.29 20.34 61.37
CA LEU Q 636 40.52 19.20 60.90
C LEU Q 636 40.67 19.02 59.40
N ARG Q 637 40.80 20.10 58.64
CA ARG Q 637 41.03 19.98 57.20
C ARG Q 637 42.35 19.29 56.92
N LYS Q 638 43.41 19.69 57.63
CA LYS Q 638 44.72 19.05 57.43
C LYS Q 638 44.68 17.59 57.85
N ASP Q 639 44.04 17.29 58.98
CA ASP Q 639 43.95 15.91 59.45
C ASP Q 639 43.17 15.04 58.46
N MET Q 640 42.06 15.57 57.94
CA MET Q 640 41.26 14.82 56.96
C MET Q 640 42.04 14.62 55.67
N VAL Q 641 42.82 15.63 55.25
CA VAL Q 641 43.63 15.49 54.04
C VAL Q 641 44.64 14.37 54.23
N LYS Q 642 45.36 14.39 55.35
CA LYS Q 642 46.37 13.36 55.60
C LYS Q 642 45.74 11.98 55.67
N CYS Q 643 44.62 11.86 56.38
CA CYS Q 643 43.95 10.57 56.54
C CYS Q 643 43.43 10.05 55.20
N TYR Q 644 42.85 10.93 54.38
CA TYR Q 644 42.33 10.51 53.09
C TYR Q 644 43.46 10.07 52.16
N ILE Q 645 44.57 10.80 52.16
CA ILE Q 645 45.71 10.40 51.33
C ILE Q 645 46.24 9.04 51.77
N GLU Q 646 46.39 8.85 53.09
CA GLU Q 646 46.88 7.57 53.60
C GLU Q 646 45.92 6.44 53.26
N GLY Q 647 44.61 6.69 53.38
CA GLY Q 647 43.64 5.66 53.04
C GLY Q 647 43.64 5.32 51.56
N VAL Q 648 43.78 6.32 50.70
CA VAL Q 648 43.85 6.06 49.26
C VAL Q 648 45.08 5.22 48.94
N ALA Q 649 46.23 5.58 49.52
CA ALA Q 649 47.43 4.78 49.30
C ALA Q 649 47.25 3.36 49.80
N TRP Q 650 46.63 3.20 50.97
CA TRP Q 650 46.44 1.87 51.54
C TRP Q 650 45.52 1.02 50.68
N VAL Q 651 44.41 1.59 50.19
CA VAL Q 651 43.48 0.80 49.38
C VAL Q 651 44.12 0.46 48.04
N LEU Q 652 44.91 1.38 47.47
CA LEU Q 652 45.62 1.08 46.23
C LEU Q 652 46.60 -0.08 46.43
N MET Q 653 47.36 -0.05 47.53
CA MET Q 653 48.28 -1.13 47.81
C MET Q 653 47.55 -2.44 48.04
N TYR Q 654 46.44 -2.40 48.78
CA TYR Q 654 45.67 -3.61 49.07
C TYR Q 654 45.11 -4.24 47.80
N TYR Q 655 44.58 -3.41 46.90
CA TYR Q 655 43.96 -3.93 45.69
C TYR Q 655 44.95 -4.15 44.56
N TYR Q 656 46.22 -3.75 44.73
CA TYR Q 656 47.23 -3.98 43.70
C TYR Q 656 48.35 -4.90 44.16
N GLN Q 657 48.95 -4.63 45.32
CA GLN Q 657 50.09 -5.42 45.80
C GLN Q 657 49.79 -6.12 47.11
N GLY Q 658 48.51 -6.35 47.43
CA GLY Q 658 48.15 -7.04 48.64
C GLY Q 658 48.18 -6.16 49.87
N CYS Q 659 47.81 -6.77 51.00
CA CYS Q 659 47.75 -6.04 52.25
C CYS Q 659 49.14 -5.60 52.69
N ALA Q 660 49.23 -4.37 53.19
CA ALA Q 660 50.50 -3.80 53.64
C ALA Q 660 50.49 -3.32 55.08
N SER Q 661 49.33 -3.07 55.67
CA SER Q 661 49.24 -2.57 57.03
C SER Q 661 48.54 -3.54 57.97
N TRP Q 662 47.35 -4.00 57.62
CA TRP Q 662 46.50 -4.91 58.38
C TRP Q 662 45.96 -4.27 59.66
N ASN Q 663 46.33 -3.03 59.97
CA ASN Q 663 45.83 -2.36 61.16
C ASN Q 663 45.44 -0.91 60.92
N TRP Q 664 45.61 -0.39 59.71
CA TRP Q 664 45.24 0.99 59.42
C TRP Q 664 43.73 1.17 59.52
N PHE Q 665 43.31 2.32 60.04
CA PHE Q 665 41.90 2.62 60.21
C PHE Q 665 41.63 4.07 59.81
N TYR Q 666 40.36 4.37 59.59
CA TYR Q 666 39.92 5.70 59.18
C TYR Q 666 39.23 6.38 60.36
N PRO Q 667 39.90 7.30 61.07
CA PRO Q 667 39.32 7.93 62.26
C PRO Q 667 38.45 9.14 61.95
N TYR Q 668 37.55 8.99 60.99
CA TYR Q 668 36.64 10.07 60.62
C TYR Q 668 35.38 9.48 60.00
N HIS Q 669 34.32 10.28 60.00
CA HIS Q 669 33.04 9.88 59.43
C HIS Q 669 32.60 10.71 58.24
N TYR Q 670 33.12 11.92 58.05
CA TYR Q 670 32.75 12.80 56.97
C TYR Q 670 33.95 13.08 56.10
N ALA Q 671 33.80 12.87 54.79
CA ALA Q 671 34.87 13.16 53.86
C ALA Q 671 35.01 14.67 53.66
N PRO Q 672 36.23 15.15 53.38
CA PRO Q 672 36.41 16.59 53.15
C PRO Q 672 35.68 17.04 51.89
N LEU Q 673 35.28 18.30 51.88
CA LEU Q 673 34.53 18.87 50.77
C LEU Q 673 35.48 19.17 49.60
N ALA Q 674 34.98 19.87 48.59
CA ALA Q 674 35.76 20.16 47.40
C ALA Q 674 36.97 21.05 47.74
N THR Q 675 37.86 21.18 46.77
CA THR Q 675 39.11 21.94 46.93
C THR Q 675 39.93 21.42 48.11
N ASP Q 676 39.91 20.10 48.29
CA ASP Q 676 40.66 19.47 49.37
C ASP Q 676 42.07 19.15 48.91
N PHE Q 677 42.91 18.77 49.89
CA PHE Q 677 44.32 18.43 49.65
C PHE Q 677 45.04 19.56 48.92
N HIS Q 678 44.83 20.79 49.40
CA HIS Q 678 45.44 21.95 48.78
C HIS Q 678 46.97 21.87 48.87
N GLY Q 679 47.51 21.95 50.08
CA GLY Q 679 48.93 21.76 50.26
C GLY Q 679 49.27 20.44 50.93
N PHE Q 680 49.73 19.46 50.16
CA PHE Q 680 50.21 18.20 50.71
C PHE Q 680 51.36 17.64 49.86
N SER Q 681 52.10 18.50 49.18
CA SER Q 681 53.13 18.10 48.23
C SER Q 681 54.45 17.70 48.90
N HIS Q 682 54.44 17.43 50.21
CA HIS Q 682 55.67 17.07 50.92
C HIS Q 682 55.57 15.75 51.67
N LEU Q 683 54.37 15.20 51.86
CA LEU Q 683 54.23 13.98 52.64
C LEU Q 683 54.70 12.76 51.85
N GLU Q 684 55.37 11.85 52.54
CA GLU Q 684 55.80 10.57 51.98
C GLU Q 684 55.06 9.44 52.69
N ILE Q 685 54.45 8.57 51.93
CA ILE Q 685 53.62 7.49 52.47
C ILE Q 685 54.47 6.23 52.59
N LYS Q 686 54.52 5.67 53.80
CA LYS Q 686 55.26 4.43 54.05
C LYS Q 686 54.52 3.67 55.14
N PHE Q 687 53.76 2.65 54.74
CA PHE Q 687 52.98 1.88 55.69
C PHE Q 687 53.83 0.81 56.37
N GLU Q 688 53.39 0.40 57.55
CA GLU Q 688 54.08 -0.61 58.35
C GLU Q 688 53.21 -1.86 58.45
N GLU Q 689 53.84 -3.02 58.28
CA GLU Q 689 53.11 -4.28 58.35
C GLU Q 689 52.68 -4.58 59.78
N GLY Q 690 51.45 -5.09 59.92
CA GLY Q 690 50.93 -5.45 61.22
C GLY Q 690 50.34 -6.85 61.19
N THR Q 691 50.29 -7.45 62.38
CA THR Q 691 49.75 -8.80 62.49
C THR Q 691 48.24 -8.78 62.32
N PRO Q 692 47.66 -9.78 61.65
CA PRO Q 692 46.21 -9.83 61.50
C PRO Q 692 45.52 -10.08 62.85
N PHE Q 693 44.30 -9.60 62.95
CA PHE Q 693 43.52 -9.77 64.17
C PHE Q 693 43.11 -11.22 64.36
N LEU Q 694 43.04 -11.64 65.63
CA LEU Q 694 42.56 -12.97 65.95
C LEU Q 694 41.07 -13.07 65.68
N PRO Q 695 40.55 -14.29 65.47
CA PRO Q 695 39.12 -14.43 65.18
C PRO Q 695 38.22 -13.80 66.23
N TYR Q 696 38.54 -13.95 67.51
CA TYR Q 696 37.75 -13.30 68.55
C TYR Q 696 37.92 -11.78 68.50
N GLU Q 697 39.14 -11.31 68.27
CA GLU Q 697 39.37 -9.88 68.17
C GLU Q 697 38.62 -9.28 66.98
N GLN Q 698 38.66 -9.96 65.83
CA GLN Q 698 37.92 -9.48 64.67
C GLN Q 698 36.42 -9.54 64.92
N LEU Q 699 35.95 -10.59 65.58
CA LEU Q 699 34.51 -10.72 65.86
C LEU Q 699 34.03 -9.59 66.75
N MET Q 700 34.78 -9.25 67.79
CA MET Q 700 34.37 -8.16 68.66
C MET Q 700 34.65 -6.78 68.05
N SER Q 701 35.56 -6.70 67.08
CA SER Q 701 35.74 -5.44 66.35
C SER Q 701 34.60 -5.20 65.38
N VAL Q 702 33.99 -6.27 64.88
CA VAL Q 702 32.73 -6.15 64.15
C VAL Q 702 31.67 -5.57 65.06
N LEU Q 703 31.71 -5.92 66.35
CA LEU Q 703 30.84 -5.38 67.40
C LEU Q 703 29.38 -5.69 67.08
N PRO Q 704 28.96 -6.94 67.20
CA PRO Q 704 27.53 -7.25 67.08
C PRO Q 704 26.75 -6.64 68.25
N ALA Q 705 25.48 -6.35 68.00
CA ALA Q 705 24.63 -5.75 69.02
C ALA Q 705 24.34 -6.76 70.13
N ALA Q 706 23.57 -6.30 71.12
CA ALA Q 706 23.21 -7.17 72.24
C ALA Q 706 22.35 -8.34 71.82
N SER Q 707 21.67 -8.25 70.67
CA SER Q 707 20.88 -9.37 70.19
C SER Q 707 21.76 -10.57 69.86
N GLY Q 708 22.91 -10.33 69.24
CA GLY Q 708 23.83 -11.40 68.91
C GLY Q 708 24.34 -12.16 70.12
N HIS Q 709 24.31 -13.49 70.05
CA HIS Q 709 24.72 -14.35 71.15
C HIS Q 709 25.73 -15.39 70.69
N ALA Q 710 26.46 -15.11 69.61
CA ALA Q 710 27.46 -16.04 69.12
C ALA Q 710 28.70 -16.10 70.02
N LEU Q 711 28.89 -15.10 70.88
CA LEU Q 711 30.02 -15.11 71.79
C LEU Q 711 29.84 -16.19 72.86
N PRO Q 712 30.94 -16.68 73.44
CA PRO Q 712 30.81 -17.65 74.53
C PRO Q 712 30.28 -17.03 75.81
N LYS Q 713 30.18 -17.82 76.87
CA LYS Q 713 29.59 -17.34 78.12
C LYS Q 713 30.40 -16.20 78.72
N ILE Q 714 31.74 -16.31 78.69
CA ILE Q 714 32.58 -15.30 79.33
C ILE Q 714 32.45 -13.96 78.62
N PHE Q 715 32.46 -13.96 77.29
CA PHE Q 715 32.40 -12.70 76.55
C PHE Q 715 31.03 -12.04 76.69
N ARG Q 716 29.95 -12.82 76.64
CA ARG Q 716 28.62 -12.23 76.82
C ARG Q 716 28.43 -11.74 78.25
N SER Q 717 29.03 -12.41 79.23
CA SER Q 717 28.97 -11.91 80.61
C SER Q 717 29.74 -10.60 80.75
N LEU Q 718 30.91 -10.51 80.11
CA LEU Q 718 31.70 -9.28 80.16
C LEU Q 718 31.00 -8.14 79.42
N MET Q 719 30.19 -8.47 78.40
CA MET Q 719 29.47 -7.44 77.66
C MET Q 719 28.24 -6.97 78.42
N SER Q 720 27.32 -7.90 78.71
CA SER Q 720 26.00 -7.54 79.23
C SER Q 720 26.05 -6.86 80.60
N GLU Q 721 27.17 -6.96 81.31
CA GLU Q 721 27.25 -6.32 82.62
C GLU Q 721 27.20 -4.81 82.46
N PRO Q 722 26.40 -4.10 83.27
CA PRO Q 722 26.32 -2.63 83.13
C PRO Q 722 27.66 -1.95 83.38
N ASP Q 723 28.49 -2.47 84.26
CA ASP Q 723 29.80 -1.89 84.58
C ASP Q 723 30.86 -2.59 83.75
N SER Q 724 30.92 -2.23 82.47
CA SER Q 724 31.88 -2.80 81.53
C SER Q 724 32.90 -1.75 81.14
N GLU Q 725 34.17 -2.18 81.01
CA GLU Q 725 35.24 -1.25 80.67
C GLU Q 725 35.10 -0.70 79.25
N ILE Q 726 34.32 -1.35 78.39
CA ILE Q 726 34.13 -0.89 77.02
C ILE Q 726 32.65 -0.70 76.74
N ILE Q 727 31.88 -0.42 77.79
CA ILE Q 727 30.44 -0.22 77.63
C ILE Q 727 30.13 1.03 76.82
N ASP Q 728 31.03 2.01 76.79
CA ASP Q 728 30.79 3.23 76.03
C ASP Q 728 30.80 3.00 74.53
N PHE Q 729 31.44 1.93 74.07
CA PHE Q 729 31.53 1.62 72.65
C PHE Q 729 30.34 0.81 72.14
N TYR Q 730 29.42 0.40 73.03
CA TYR Q 730 28.30 -0.47 72.67
C TYR Q 730 27.00 0.24 73.00
N PRO Q 731 26.43 1.00 72.06
CA PRO Q 731 25.12 1.62 72.30
C PRO Q 731 24.00 0.59 72.28
N GLU Q 732 22.87 0.97 72.87
CA GLU Q 732 21.70 0.12 72.93
C GLU Q 732 20.55 0.65 72.08
N GLU Q 733 20.13 1.90 72.30
CA GLU Q 733 19.07 2.47 71.49
C GLU Q 733 19.51 2.70 70.05
N PHE Q 734 20.80 2.98 69.84
CA PHE Q 734 21.38 3.28 68.54
C PHE Q 734 20.67 4.45 67.87
N PRO Q 735 20.81 5.66 68.41
CA PRO Q 735 20.24 6.84 67.74
C PRO Q 735 21.16 7.51 66.72
N ILE Q 736 22.26 6.85 66.34
CA ILE Q 736 23.25 7.46 65.46
C ILE Q 736 22.85 7.46 64.00
N ASP Q 737 21.65 6.96 63.67
CA ASP Q 737 21.20 6.99 62.29
C ASP Q 737 21.05 8.43 61.83
N MET Q 738 21.56 8.71 60.63
CA MET Q 738 21.59 10.08 60.11
C MET Q 738 21.53 9.99 58.59
N ASN Q 739 20.59 10.73 57.99
CA ASN Q 739 20.29 10.61 56.57
C ASN Q 739 21.43 11.04 55.67
N GLY Q 740 21.77 12.33 55.69
CA GLY Q 740 22.81 12.86 54.81
C GLY Q 740 22.57 12.55 53.36
N LYS Q 741 21.54 13.15 52.78
CA LYS Q 741 21.08 12.85 51.42
C LYS Q 741 20.65 11.39 51.33
N LYS Q 742 20.38 10.92 50.11
CA LYS Q 742 19.96 9.54 49.87
C LYS Q 742 18.69 9.22 50.66
N MET Q 743 18.38 7.94 50.83
CA MET Q 743 17.17 7.55 51.56
C MET Q 743 17.30 6.09 51.99
N SER Q 744 16.44 5.71 52.93
CA SER Q 744 16.29 4.33 53.42
C SER Q 744 17.59 3.92 54.13
N TRP Q 745 18.08 2.70 53.90
CA TRP Q 745 19.21 2.16 54.64
C TRP Q 745 20.54 2.81 54.28
N GLN Q 746 20.58 3.65 53.24
CA GLN Q 746 21.84 4.22 52.79
C GLN Q 746 22.43 5.21 53.79
N GLY Q 747 21.67 5.63 54.80
CA GLY Q 747 22.23 6.50 55.82
C GLY Q 747 23.30 5.79 56.63
N ILE Q 748 24.29 6.57 57.08
CA ILE Q 748 25.41 6.04 57.81
C ILE Q 748 25.23 6.30 59.30
N ALA Q 749 26.04 5.62 60.11
CA ALA Q 749 26.01 5.78 61.56
C ALA Q 749 27.05 6.79 62.01
N LEU Q 750 26.87 7.29 63.23
CA LEU Q 750 27.77 8.28 63.82
C LEU Q 750 28.28 7.83 65.18
N LEU Q 751 28.24 6.54 65.47
CA LEU Q 751 28.70 6.05 66.76
C LEU Q 751 30.22 6.16 66.88
N PRO Q 752 30.74 6.35 68.09
CA PRO Q 752 32.18 6.51 68.26
C PRO Q 752 32.94 5.24 67.90
N PHE Q 753 34.19 5.44 67.49
CA PHE Q 753 35.06 4.34 67.10
C PHE Q 753 35.43 3.49 68.33
N ILE Q 754 36.18 2.42 68.08
CA ILE Q 754 36.59 1.49 69.12
C ILE Q 754 38.11 1.55 69.24
N ASP Q 755 38.60 1.70 70.46
CA ASP Q 755 40.03 1.70 70.71
C ASP Q 755 40.57 0.27 70.68
N GLN Q 756 41.67 0.08 69.94
CA GLN Q 756 42.22 -1.26 69.79
C GLN Q 756 42.82 -1.77 71.09
N ASP Q 757 43.45 -0.90 71.88
CA ASP Q 757 44.12 -1.33 73.10
C ASP Q 757 43.13 -1.88 74.11
N ARG Q 758 41.96 -1.23 74.25
CA ARG Q 758 40.96 -1.70 75.20
C ARG Q 758 40.42 -3.08 74.80
N LEU Q 759 40.15 -3.28 73.51
CA LEU Q 759 39.68 -4.58 73.06
C LEU Q 759 40.75 -5.65 73.24
N LEU Q 760 42.02 -5.29 72.98
CA LEU Q 760 43.11 -6.23 73.20
C LEU Q 760 43.22 -6.63 74.66
N THR Q 761 43.10 -5.65 75.57
CA THR Q 761 43.13 -5.97 77.00
C THR Q 761 41.96 -6.86 77.38
N ALA Q 762 40.77 -6.58 76.84
CA ALA Q 762 39.61 -7.40 77.14
C ALA Q 762 39.79 -8.84 76.67
N VAL Q 763 40.29 -9.03 75.45
CA VAL Q 763 40.46 -10.39 74.94
C VAL Q 763 41.56 -11.12 75.70
N ARG Q 764 42.64 -10.42 76.06
CA ARG Q 764 43.70 -11.07 76.82
C ARG Q 764 43.27 -11.39 78.24
N ALA Q 765 42.31 -10.63 78.78
CA ALA Q 765 41.75 -10.97 80.09
C ALA Q 765 40.80 -12.16 80.01
N GLN Q 766 40.00 -12.23 78.95
CA GLN Q 766 39.04 -13.33 78.81
C GLN Q 766 39.67 -14.62 78.33
N TYR Q 767 40.85 -14.56 77.71
CA TYR Q 767 41.46 -15.77 77.17
C TYR Q 767 41.82 -16.82 78.22
N PRO Q 768 42.49 -16.50 79.33
CA PRO Q 768 42.98 -17.58 80.21
C PRO Q 768 41.90 -18.48 80.77
N LEU Q 769 40.72 -17.95 81.08
CA LEU Q 769 39.66 -18.75 81.67
C LEU Q 769 38.75 -19.39 80.62
N LEU Q 770 39.01 -19.17 79.34
CA LEU Q 770 38.27 -19.85 78.29
C LEU Q 770 38.69 -21.31 78.19
N SER Q 771 37.74 -22.16 77.80
CA SER Q 771 38.01 -23.59 77.66
C SER Q 771 39.01 -23.83 76.53
N ASP Q 772 39.83 -24.87 76.71
CA ASP Q 772 40.85 -25.19 75.72
C ASP Q 772 40.23 -25.60 74.39
N ALA Q 773 39.10 -26.33 74.44
CA ALA Q 773 38.45 -26.74 73.20
C ALA Q 773 38.00 -25.54 72.38
N GLU Q 774 37.43 -24.52 73.04
CA GLU Q 774 37.04 -23.31 72.32
C GLU Q 774 38.26 -22.51 71.88
N ARG Q 775 39.32 -22.50 72.69
CA ARG Q 775 40.53 -21.78 72.33
C ARG Q 775 41.29 -22.43 71.20
N ALA Q 776 40.99 -23.70 70.90
CA ALA Q 776 41.68 -24.40 69.82
C ALA Q 776 41.37 -23.83 68.44
N ARG Q 777 40.34 -22.99 68.32
CA ARG Q 777 39.98 -22.39 67.05
C ARG Q 777 40.70 -21.07 66.78
N ASN Q 778 41.59 -20.65 67.68
CA ASN Q 778 42.33 -19.41 67.49
C ASN Q 778 43.44 -19.52 66.45
N ILE Q 779 43.74 -20.73 65.97
CA ILE Q 779 44.79 -20.91 64.98
C ILE Q 779 44.36 -20.26 63.67
N ARG Q 780 45.29 -19.54 63.04
CA ARG Q 780 45.00 -18.88 61.77
C ARG Q 780 44.65 -19.90 60.69
N GLY Q 781 45.39 -21.00 60.63
CA GLY Q 781 45.12 -22.04 59.66
C GLY Q 781 45.66 -21.72 58.28
N GLU Q 782 45.50 -22.69 57.39
CA GLU Q 782 45.96 -22.59 56.02
C GLU Q 782 44.93 -23.23 55.10
N PRO Q 783 44.87 -22.81 53.83
CA PRO Q 783 43.94 -23.45 52.90
C PRO Q 783 44.26 -24.91 52.69
N VAL Q 784 43.21 -25.70 52.45
CA VAL Q 784 43.31 -27.15 52.28
C VAL Q 784 43.05 -27.48 50.81
N LEU Q 785 43.96 -28.22 50.20
CA LEU Q 785 43.86 -28.60 48.80
C LEU Q 785 43.41 -30.05 48.70
N LEU Q 786 42.40 -30.29 47.86
CA LEU Q 786 41.86 -31.63 47.64
C LEU Q 786 42.09 -32.03 46.20
N ILE Q 787 42.57 -33.26 45.98
CA ILE Q 787 42.84 -33.79 44.65
C ILE Q 787 42.16 -35.14 44.51
N SER Q 788 41.88 -35.51 43.27
CA SER Q 788 41.19 -36.76 42.98
C SER Q 788 42.13 -37.95 43.14
N ASN Q 789 41.54 -39.14 43.14
CA ASN Q 789 42.32 -40.37 43.29
C ASN Q 789 43.18 -40.68 42.07
N LYS Q 790 42.81 -40.16 40.90
CA LYS Q 790 43.54 -40.43 39.66
C LYS Q 790 44.18 -39.16 39.11
N ASN Q 791 44.61 -38.26 39.98
CA ASN Q 791 45.26 -37.03 39.54
C ASN Q 791 46.65 -37.33 38.99
N ALA Q 792 47.14 -36.43 38.13
CA ALA Q 792 48.47 -36.61 37.54
C ALA Q 792 49.56 -36.57 38.60
N ASN Q 793 49.46 -35.65 39.55
CA ASN Q 793 50.43 -35.51 40.63
C ASN Q 793 50.05 -36.29 41.88
N TYR Q 794 48.96 -37.07 41.82
CA TYR Q 794 48.53 -37.83 42.98
C TYR Q 794 49.58 -38.87 43.39
N GLU Q 795 50.18 -39.55 42.41
CA GLU Q 795 51.21 -40.53 42.73
C GLU Q 795 52.41 -39.88 43.40
N ARG Q 796 52.86 -38.73 42.88
CA ARG Q 796 53.98 -38.03 43.49
C ARG Q 796 53.64 -37.57 44.90
N PHE Q 797 52.43 -37.04 45.10
CA PHE Q 797 52.05 -36.60 46.43
C PHE Q 797 51.98 -37.77 47.41
N SER Q 798 51.41 -38.89 46.99
CA SER Q 798 51.30 -40.05 47.86
C SER Q 798 52.66 -40.70 48.11
N LYS Q 799 53.63 -40.51 47.22
CA LYS Q 799 54.96 -41.04 47.45
C LYS Q 799 55.81 -40.11 48.32
N LYS Q 800 55.53 -38.81 48.29
CA LYS Q 800 56.31 -37.86 49.07
C LYS Q 800 55.74 -37.64 50.46
N LEU Q 801 54.49 -37.17 50.55
CA LEU Q 801 53.85 -36.90 51.82
C LEU Q 801 52.86 -38.02 52.14
N TYR Q 802 52.65 -38.24 53.44
CA TYR Q 802 51.77 -39.32 53.93
C TYR Q 802 52.22 -40.66 53.37
N SER Q 803 53.52 -40.92 53.46
CA SER Q 803 54.11 -42.10 52.83
C SER Q 803 55.08 -42.82 53.76
N LYS Q 804 55.85 -43.76 53.19
CA LYS Q 804 56.80 -44.54 53.97
C LYS Q 804 57.96 -43.70 54.51
N GLU Q 805 58.12 -42.47 54.04
CA GLU Q 805 59.20 -41.62 54.56
C GLU Q 805 59.03 -41.36 56.05
N ASN Q 806 57.79 -41.12 56.49
CA ASN Q 806 57.46 -40.93 57.90
C ASN Q 806 58.28 -39.79 58.51
N ASN Q 807 58.35 -38.68 57.79
CA ASN Q 807 59.06 -37.51 58.28
C ASN Q 807 58.29 -36.87 59.43
N ASN Q 808 58.99 -36.07 60.23
CA ASN Q 808 58.41 -35.45 61.41
C ASN Q 808 57.63 -34.19 61.06
N ASN Q 809 56.69 -34.30 60.10
CA ASN Q 809 55.76 -33.22 59.76
C ASN Q 809 56.49 -31.93 59.41
N ASN Q 810 57.56 -32.05 58.61
CA ASN Q 810 58.30 -30.88 58.16
C ASN Q 810 58.65 -30.90 56.68
N VAL Q 811 58.31 -31.96 55.96
CA VAL Q 811 58.64 -32.08 54.54
C VAL Q 811 57.56 -31.38 53.72
N VAL Q 812 57.98 -30.56 52.77
CA VAL Q 812 57.06 -29.85 51.88
C VAL Q 812 57.47 -30.14 50.44
N VAL Q 813 56.50 -30.04 49.54
CA VAL Q 813 56.70 -30.32 48.13
C VAL Q 813 56.24 -29.13 47.31
N LYS Q 814 57.11 -28.64 46.44
CA LYS Q 814 56.80 -27.54 45.53
C LYS Q 814 56.79 -28.10 44.11
N PHE Q 815 55.67 -27.90 43.40
CA PHE Q 815 55.50 -28.42 42.06
C PHE Q 815 55.03 -27.31 41.12
N GLN Q 816 55.33 -27.47 39.85
CA GLN Q 816 55.07 -26.46 38.83
C GLN Q 816 53.76 -26.75 38.11
N HIS Q 817 53.42 -25.87 37.17
CA HIS Q 817 52.19 -25.98 36.39
C HIS Q 817 52.36 -26.85 35.15
N PHE Q 818 53.56 -27.36 34.89
CA PHE Q 818 53.76 -28.22 33.73
C PHE Q 818 52.92 -29.49 33.83
N LYS Q 819 52.86 -30.08 35.02
CA LYS Q 819 52.05 -31.27 35.27
C LYS Q 819 50.76 -30.86 35.96
N SER Q 820 49.62 -31.25 35.37
CA SER Q 820 48.31 -30.91 35.89
C SER Q 820 48.13 -29.40 36.00
N GLY Q 821 48.38 -28.86 37.20
CA GLY Q 821 48.26 -27.43 37.41
C GLY Q 821 48.26 -27.09 38.87
N LEU Q 822 47.77 -25.90 39.20
CA LEU Q 822 47.66 -25.41 40.57
C LEU Q 822 49.02 -25.41 41.27
N SER Q 823 49.93 -24.60 40.74
CA SER Q 823 51.26 -24.51 41.31
C SER Q 823 51.21 -23.93 42.72
N GLY Q 824 51.97 -24.52 43.62
CA GLY Q 824 51.98 -24.08 44.99
C GLY Q 824 52.83 -25.01 45.85
N ILE Q 825 52.74 -24.80 47.16
CA ILE Q 825 53.46 -25.59 48.14
C ILE Q 825 52.44 -26.32 49.01
N VAL Q 826 52.59 -27.64 49.10
CA VAL Q 826 51.69 -28.50 49.87
C VAL Q 826 52.39 -28.91 51.15
N SER Q 827 51.61 -29.02 52.23
CA SER Q 827 52.12 -29.40 53.53
C SER Q 827 51.20 -30.43 54.15
N LYS Q 828 51.69 -31.09 55.21
CA LYS Q 828 50.91 -32.12 55.89
C LYS Q 828 49.65 -31.52 56.51
N ASP Q 829 48.55 -32.24 56.38
CA ASP Q 829 47.28 -31.77 56.92
C ASP Q 829 47.31 -31.80 58.45
N VAL Q 830 46.75 -30.75 59.06
CA VAL Q 830 46.70 -30.65 60.51
C VAL Q 830 45.42 -31.22 61.10
N GLU Q 831 44.49 -31.69 60.27
CA GLU Q 831 43.24 -32.26 60.74
C GLU Q 831 43.45 -33.75 61.05
N GLY Q 832 42.35 -34.47 61.26
CA GLY Q 832 42.39 -35.87 61.58
C GLY Q 832 42.38 -36.79 60.39
N PHE Q 833 42.53 -36.27 59.17
CA PHE Q 833 42.52 -37.10 57.98
C PHE Q 833 43.73 -38.04 57.97
N GLU Q 834 43.49 -39.29 57.60
CA GLU Q 834 44.54 -40.30 57.53
C GLU Q 834 44.17 -41.32 56.47
N LEU Q 835 45.19 -42.03 55.98
CA LEU Q 835 44.97 -43.04 54.95
C LEU Q 835 44.17 -44.21 55.51
N ASN Q 836 43.37 -44.82 54.64
CA ASN Q 836 42.54 -45.97 54.99
C ASN Q 836 41.60 -45.66 56.16
N GLY Q 837 41.03 -44.47 56.16
CA GLY Q 837 40.10 -44.07 57.19
C GLY Q 837 38.73 -43.74 56.65
N LYS Q 838 37.87 -43.17 57.50
CA LYS Q 838 36.52 -42.79 57.11
C LYS Q 838 36.23 -41.38 57.61
N ILE Q 839 35.33 -40.70 56.91
CA ILE Q 839 34.92 -39.34 57.24
C ILE Q 839 33.45 -39.36 57.59
N VAL Q 840 33.13 -38.89 58.80
CA VAL Q 840 31.74 -38.88 59.27
C VAL Q 840 31.01 -37.74 58.59
N CYS Q 841 29.82 -38.02 58.07
CA CYS Q 841 29.02 -37.00 57.40
C CYS Q 841 28.37 -36.09 58.43
N PRO Q 842 28.62 -34.78 58.40
CA PRO Q 842 28.01 -33.88 59.37
C PRO Q 842 26.61 -33.42 58.99
N ILE Q 843 26.16 -33.70 57.77
CA ILE Q 843 24.84 -33.28 57.34
C ILE Q 843 23.73 -34.03 58.07
N GLN Q 844 24.03 -35.22 58.59
CA GLN Q 844 23.06 -36.05 59.32
C GLN Q 844 21.85 -36.37 58.46
N GLY Q 845 20.78 -35.57 58.58
CA GLY Q 845 19.58 -35.81 57.82
C GLY Q 845 19.67 -35.32 56.39
N GLY Q 846 20.63 -35.85 55.63
CA GLY Q 846 20.80 -35.48 54.24
C GLY Q 846 20.88 -36.67 53.31
N SER Q 847 20.88 -37.88 53.89
CA SER Q 847 20.96 -39.13 53.13
C SER Q 847 22.20 -39.17 52.24
N LEU Q 848 23.31 -38.64 52.77
CA LEU Q 848 24.57 -38.64 52.04
C LEU Q 848 25.38 -39.87 52.41
N PRO Q 849 25.69 -40.76 51.47
CA PRO Q 849 26.45 -41.96 51.81
C PRO Q 849 27.85 -41.64 52.31
N ASN Q 850 28.34 -42.49 53.20
CA ASN Q 850 29.68 -42.32 53.74
C ASN Q 850 30.72 -42.67 52.68
N LEU Q 851 31.90 -42.06 52.83
CA LEU Q 851 32.99 -42.26 51.89
C LEU Q 851 34.28 -42.60 52.65
N SER Q 852 35.18 -43.28 51.96
CA SER Q 852 36.48 -43.65 52.51
C SER Q 852 37.53 -42.62 52.14
N THR Q 853 38.65 -42.66 52.87
CA THR Q 853 39.73 -41.70 52.64
C THR Q 853 40.65 -42.11 51.49
N THR Q 854 40.49 -43.32 50.95
CA THR Q 854 41.30 -43.74 49.81
C THR Q 854 40.83 -43.12 48.51
N LEU Q 855 39.69 -42.43 48.51
CA LEU Q 855 39.18 -41.79 47.31
C LEU Q 855 39.62 -40.34 47.17
N ILE Q 856 39.78 -39.64 48.29
CA ILE Q 856 40.11 -38.22 48.31
C ILE Q 856 41.37 -38.03 49.15
N LEU Q 857 42.31 -37.26 48.62
CA LEU Q 857 43.55 -36.94 49.33
C LEU Q 857 43.47 -35.51 49.86
N LYS Q 858 43.73 -35.36 51.15
CA LYS Q 858 43.62 -34.07 51.83
C LYS Q 858 44.99 -33.63 52.31
N MET Q 859 45.33 -32.36 52.05
CA MET Q 859 46.60 -31.80 52.47
C MET Q 859 46.43 -30.30 52.64
N SER Q 860 47.38 -29.70 53.36
CA SER Q 860 47.38 -28.26 53.60
C SER Q 860 48.13 -27.56 52.48
N TYR Q 861 47.49 -26.54 51.90
CA TYR Q 861 48.04 -25.81 50.77
C TYR Q 861 48.54 -24.45 51.22
N ARG Q 862 49.74 -24.09 50.80
CA ARG Q 862 50.36 -22.81 51.12
C ARG Q 862 50.75 -22.12 49.82
N LEU Q 863 50.38 -20.84 49.70
CA LEU Q 863 50.70 -20.08 48.50
C LEU Q 863 52.20 -19.82 48.41
N ILE Q 864 52.71 -19.82 47.18
CA ILE Q 864 54.13 -19.56 46.95
C ILE Q 864 54.42 -18.09 47.22
N PRO Q 865 55.41 -17.76 48.05
CA PRO Q 865 55.72 -16.35 48.30
C PRO Q 865 56.14 -15.64 47.03
N LEU Q 866 55.77 -14.36 46.94
CA LEU Q 866 56.09 -13.56 45.77
C LEU Q 866 57.58 -13.22 45.78
N PRO Q 867 58.33 -13.54 44.72
CA PRO Q 867 59.76 -13.20 44.69
C PRO Q 867 60.00 -11.70 44.65
N SER Q 868 59.30 -11.02 43.75
CA SER Q 868 59.40 -9.56 43.60
C SER Q 868 58.00 -8.96 43.61
N ARG Q 869 57.92 -7.66 43.41
CA ARG Q 869 56.64 -6.97 43.37
C ARG Q 869 55.84 -7.41 42.15
N ASN Q 870 54.54 -7.60 42.34
CA ASN Q 870 53.67 -8.06 41.28
C ASN Q 870 53.44 -6.91 40.29
N LYS Q 871 54.17 -6.94 39.18
CA LYS Q 871 54.04 -5.91 38.16
C LYS Q 871 52.83 -6.19 37.26
N SER Q 872 52.51 -5.23 36.41
CA SER Q 872 51.42 -5.34 35.45
C SER Q 872 52.04 -5.45 34.06
N ILE Q 873 52.40 -6.68 33.68
CA ILE Q 873 53.02 -6.95 32.40
C ILE Q 873 52.39 -8.20 31.80
N ILE Q 874 52.01 -8.12 30.52
CA ILE Q 874 51.45 -9.28 29.84
C ILE Q 874 52.54 -10.33 29.65
N LEU Q 875 52.25 -11.55 30.07
CA LEU Q 875 53.23 -12.62 29.97
C LEU Q 875 53.53 -12.98 28.52
N ASN Q 876 54.76 -13.41 28.27
CA ASN Q 876 55.17 -13.80 26.93
C ASN Q 876 54.43 -15.05 26.49
N GLY Q 877 54.12 -15.11 25.19
CA GLY Q 877 53.40 -16.24 24.63
C GLY Q 877 51.89 -16.16 24.76
N PHE Q 878 51.35 -15.06 25.27
CA PHE Q 878 49.91 -14.92 25.39
C PHE Q 878 49.27 -14.79 24.01
N ILE Q 879 48.23 -15.57 23.77
CA ILE Q 879 47.54 -15.60 22.49
C ILE Q 879 46.33 -14.68 22.58
N PRO Q 880 46.26 -13.61 21.79
CA PRO Q 880 45.09 -12.73 21.84
C PRO Q 880 43.82 -13.43 21.38
N SER Q 881 42.69 -12.99 21.92
CA SER Q 881 41.41 -13.55 21.55
C SER Q 881 41.04 -13.13 20.12
N GLU Q 882 39.98 -13.73 19.61
CA GLU Q 882 39.54 -13.43 18.24
C GLU Q 882 39.08 -11.98 18.15
N PRO Q 883 39.41 -11.28 17.07
CA PRO Q 883 38.97 -9.89 16.90
C PRO Q 883 37.45 -9.84 16.71
N VAL Q 884 36.76 -9.17 17.62
CA VAL Q 884 35.32 -9.07 17.57
C VAL Q 884 34.84 -7.63 17.36
N LEU Q 885 35.59 -6.64 17.84
CA LEU Q 885 35.15 -5.25 17.75
C LEU Q 885 35.30 -4.72 16.32
N THR Q 886 34.52 -3.68 16.03
CA THR Q 886 34.56 -2.99 14.75
C THR Q 886 34.88 -1.52 14.98
N ALA Q 887 35.29 -0.84 13.90
CA ALA Q 887 35.61 0.59 14.00
C ALA Q 887 34.38 1.42 14.35
N TYR Q 888 33.18 0.95 13.99
CA TYR Q 888 31.97 1.68 14.33
C TYR Q 888 31.79 1.76 15.84
N ASP Q 889 32.04 0.66 16.56
CA ASP Q 889 31.96 0.69 18.01
C ASP Q 889 33.04 1.58 18.61
N LEU Q 890 34.23 1.60 18.00
CA LEU Q 890 35.29 2.49 18.46
C LEU Q 890 34.86 3.95 18.35
N ASP Q 891 34.28 4.33 17.21
CA ASP Q 891 33.78 5.70 17.06
C ASP Q 891 32.64 5.98 18.02
N SER Q 892 31.75 5.00 18.23
CA SER Q 892 30.63 5.18 19.14
C SER Q 892 31.10 5.46 20.55
N ILE Q 893 32.13 4.73 21.00
CA ILE Q 893 32.66 4.97 22.34
C ILE Q 893 33.55 6.20 22.41
N MET Q 894 34.12 6.64 21.27
CA MET Q 894 34.93 7.85 21.28
C MET Q 894 34.06 9.10 21.32
N TYR Q 895 32.90 9.09 20.67
CA TYR Q 895 32.01 10.24 20.70
C TYR Q 895 31.09 10.14 21.91
N LYS Q 896 30.88 11.29 22.57
CA LYS Q 896 30.08 11.33 23.79
C LYS Q 896 28.61 11.11 23.44
N TYR Q 897 28.06 9.99 23.90
CA TYR Q 897 26.66 9.64 23.65
C TYR Q 897 25.87 9.86 24.94
N ASN Q 898 24.81 10.67 24.87
CA ASN Q 898 23.96 10.95 26.02
C ASN Q 898 22.96 9.79 26.15
N ASN Q 899 23.45 8.70 26.74
CA ASN Q 899 22.71 7.44 26.93
C ASN Q 899 21.90 7.07 25.70
N GLN Q 900 22.47 7.31 24.51
CA GLN Q 900 21.86 6.99 23.22
C GLN Q 900 20.65 7.86 22.93
N ASN Q 901 20.26 8.71 23.89
CA ASN Q 901 19.17 9.67 23.77
C ASN Q 901 17.83 9.02 23.45
N TYR Q 902 17.75 7.69 23.50
CA TYR Q 902 16.54 6.95 23.14
C TYR Q 902 16.03 7.35 21.76
N SER Q 903 16.97 7.52 20.83
CA SER Q 903 16.60 7.91 19.47
C SER Q 903 15.94 6.77 18.72
N ARG Q 904 16.51 5.56 18.82
CA ARG Q 904 15.97 4.38 18.16
C ARG Q 904 15.84 3.19 19.10
N ARG Q 905 15.82 3.45 20.41
CA ARG Q 905 15.73 2.41 21.43
C ARG Q 905 16.84 1.38 21.27
N TRP Q 906 18.06 1.86 21.04
CA TRP Q 906 19.21 0.97 20.90
C TRP Q 906 19.75 0.48 22.23
N ASN Q 907 19.35 1.10 23.35
CA ASN Q 907 19.82 0.66 24.66
C ASN Q 907 19.30 -0.73 25.00
N PHE Q 908 18.00 -0.95 24.81
CA PHE Q 908 17.36 -2.23 25.08
C PHE Q 908 16.67 -2.72 23.82
N GLY Q 909 16.78 -4.03 23.56
CA GLY Q 909 16.25 -4.60 22.34
C GLY Q 909 16.69 -6.03 22.16
N ASN Q 910 17.21 -6.36 20.97
CA ASN Q 910 17.68 -7.72 20.66
C ASN Q 910 18.97 -7.99 21.41
N ASP Q 911 18.86 -8.05 22.75
CA ASP Q 911 20.02 -8.34 23.58
C ASP Q 911 20.51 -9.76 23.37
N LEU Q 912 19.59 -10.72 23.18
CA LEU Q 912 19.97 -12.09 22.93
C LEU Q 912 20.63 -12.27 21.57
N LYS Q 913 20.50 -11.29 20.67
CA LYS Q 913 21.09 -11.39 19.35
C LYS Q 913 22.61 -11.24 19.37
N GLN Q 914 23.17 -10.73 20.47
CA GLN Q 914 24.62 -10.66 20.60
C GLN Q 914 25.27 -12.04 20.63
N ASN Q 915 24.50 -13.07 21.00
CA ASN Q 915 24.98 -14.45 21.01
C ASN Q 915 26.18 -14.63 21.93
N ILE Q 916 26.87 -15.75 21.81
CA ILE Q 916 28.05 -16.03 22.61
C ILE Q 916 29.27 -15.45 21.91
N VAL Q 917 30.30 -15.17 22.70
CA VAL Q 917 31.56 -14.64 22.20
C VAL Q 917 32.63 -15.71 22.37
N PRO Q 918 33.37 -16.06 21.32
CA PRO Q 918 34.41 -17.09 21.46
C PRO Q 918 35.46 -16.68 22.48
N VAL Q 919 35.94 -17.67 23.24
CA VAL Q 919 36.95 -17.46 24.27
C VAL Q 919 38.08 -18.44 24.06
N GLY Q 920 39.22 -18.13 24.67
CA GLY Q 920 40.40 -18.97 24.56
C GLY Q 920 41.31 -18.52 23.45
N PRO Q 921 42.41 -19.26 23.26
CA PRO Q 921 43.37 -18.89 22.20
C PRO Q 921 42.74 -19.00 20.82
N LYS Q 922 43.17 -18.11 19.93
CA LYS Q 922 42.71 -18.09 18.54
C LYS Q 922 43.91 -17.83 17.65
N GLY Q 923 44.45 -18.88 17.04
CA GLY Q 923 45.60 -18.75 16.18
C GLY Q 923 46.91 -18.99 16.89
N ILE Q 924 47.83 -19.70 16.24
CA ILE Q 924 49.13 -19.98 16.85
C ILE Q 924 49.92 -18.67 17.03
N THR Q 925 49.92 -17.82 16.01
CA THR Q 925 50.68 -16.57 16.09
C THR Q 925 50.00 -15.60 17.04
N GLN Q 926 50.80 -14.97 17.90
CA GLN Q 926 50.31 -14.00 18.87
C GLN Q 926 50.37 -12.57 18.36
N TYR Q 927 50.85 -12.35 17.14
CA TYR Q 927 50.97 -11.02 16.56
C TYR Q 927 50.06 -10.92 15.34
N LYS Q 928 49.26 -9.85 15.29
CA LYS Q 928 48.40 -9.64 14.14
C LYS Q 928 49.25 -9.31 12.91
N PRO Q 929 48.84 -9.76 11.72
CA PRO Q 929 49.63 -9.52 10.50
C PRO Q 929 49.49 -8.08 10.03
N ARG Q 930 50.57 -7.31 10.17
CA ARG Q 930 50.64 -5.94 9.68
C ARG Q 930 51.79 -5.85 8.68
N THR Q 931 51.48 -5.46 7.44
CA THR Q 931 52.46 -5.40 6.36
C THR Q 931 53.21 -6.74 6.25
N GLY Q 932 54.51 -6.71 6.50
CA GLY Q 932 55.28 -7.95 6.52
C GLY Q 932 55.25 -8.66 5.19
N GLY Q 933 54.94 -9.94 5.23
CA GLY Q 933 54.87 -10.74 4.01
C GLY Q 933 54.65 -12.19 4.32
N TYR Q 934 54.82 -13.01 3.28
CA TYR Q 934 54.62 -14.46 3.34
C TYR Q 934 53.23 -14.81 3.85
N ARG Q 935 53.10 -15.14 5.14
CA ARG Q 935 51.78 -15.42 5.70
C ARG Q 935 50.87 -14.20 5.63
N ALA Q 936 51.42 -13.02 5.97
CA ALA Q 936 50.63 -11.79 5.87
C ALA Q 936 50.29 -11.48 4.41
N PHE Q 937 51.23 -11.74 3.49
CA PHE Q 937 50.94 -11.52 2.08
C PHE Q 937 49.81 -12.42 1.60
N PHE Q 938 49.83 -13.69 2.01
CA PHE Q 938 48.76 -14.61 1.64
C PHE Q 938 47.43 -14.19 2.24
N TYR Q 939 47.46 -13.71 3.49
CA TYR Q 939 46.24 -13.22 4.12
C TYR Q 939 45.68 -12.02 3.37
N PHE Q 940 46.55 -11.09 2.98
CA PHE Q 940 46.11 -9.93 2.22
C PHE Q 940 45.53 -10.34 0.87
N ALA Q 941 46.18 -11.31 0.20
CA ALA Q 941 45.69 -11.78 -1.09
C ALA Q 941 44.33 -12.43 -0.96
N GLU Q 942 44.14 -13.26 0.07
CA GLU Q 942 42.86 -13.93 0.27
C GLU Q 942 41.78 -12.99 0.79
N LEU Q 943 42.16 -11.87 1.40
CA LEU Q 943 41.16 -10.91 1.87
C LEU Q 943 40.71 -9.98 0.74
N SER Q 944 41.66 -9.38 0.04
CA SER Q 944 41.34 -8.47 -1.06
C SER Q 944 41.14 -9.23 -2.36
N PRO R 21 67.76 -35.83 18.53
CA PRO R 21 68.57 -34.76 19.13
C PRO R 21 68.58 -34.81 20.65
N LYS R 22 69.78 -34.90 21.24
CA LYS R 22 69.95 -34.96 22.67
C LYS R 22 71.02 -33.99 23.11
N GLU R 23 70.75 -33.26 24.20
CA GLU R 23 71.69 -32.28 24.71
C GLU R 23 72.72 -32.98 25.62
N ILE R 24 73.99 -32.69 25.38
CA ILE R 24 75.08 -33.26 26.15
C ILE R 24 75.55 -32.31 27.25
N GLY R 25 75.77 -31.05 26.90
CA GLY R 25 76.22 -30.07 27.88
C GLY R 25 76.09 -28.67 27.32
N PHE R 26 76.57 -27.72 28.11
CA PHE R 26 76.52 -26.31 27.72
C PHE R 26 77.66 -25.56 28.40
N TYR R 27 78.00 -24.41 27.83
CA TYR R 27 79.04 -23.55 28.39
C TYR R 27 78.79 -22.12 27.95
N SER R 28 79.41 -21.19 28.65
CA SER R 28 79.25 -19.76 28.40
C SER R 28 80.59 -19.16 27.98
N ARG R 29 80.54 -18.22 27.04
CA ARG R 29 81.73 -17.52 26.54
C ARG R 29 81.47 -16.02 26.63
N THR R 30 81.76 -15.44 27.79
CA THR R 30 81.60 -14.02 28.01
C THR R 30 82.91 -13.30 27.68
N LYS R 31 83.02 -12.04 28.09
CA LYS R 31 84.21 -11.25 27.82
C LYS R 31 85.43 -11.88 28.49
N ASP R 32 86.61 -11.43 28.05
CA ASP R 32 87.94 -11.89 28.48
C ASP R 32 88.26 -13.29 27.97
N GLU R 33 87.32 -13.95 27.27
CA GLU R 33 87.56 -15.27 26.65
C GLU R 33 88.06 -16.30 27.66
N GLU R 34 87.39 -16.34 28.82
CA GLU R 34 87.73 -17.32 29.85
C GLU R 34 87.05 -18.66 29.65
N TYR R 35 86.09 -18.74 28.74
CA TYR R 35 85.33 -19.96 28.41
C TYR R 35 84.91 -20.72 29.67
N LEU R 36 84.04 -20.08 30.45
CA LEU R 36 83.52 -20.69 31.66
C LEU R 36 82.69 -21.92 31.33
N ILE R 37 82.55 -22.82 32.30
CA ILE R 37 81.90 -24.12 32.10
C ILE R 37 80.61 -24.15 32.89
N SER R 38 79.55 -24.65 32.25
CA SER R 38 78.26 -24.93 32.88
C SER R 38 77.74 -23.73 33.68
N ASP R 39 77.66 -22.59 33.01
CA ASP R 39 77.13 -21.37 33.61
C ASP R 39 76.12 -20.74 32.67
N ASP R 40 74.94 -20.44 33.19
CA ASP R 40 73.92 -19.69 32.44
C ASP R 40 74.13 -18.19 32.69
N THR R 41 75.21 -17.68 32.12
CA THR R 41 75.60 -16.29 32.36
C THR R 41 74.54 -15.32 31.85
N ASN R 42 73.99 -15.58 30.66
CA ASN R 42 73.00 -14.70 30.07
C ASN R 42 71.63 -15.36 29.98
N LEU R 43 71.52 -16.50 29.28
CA LEU R 43 70.27 -17.21 29.07
C LEU R 43 69.15 -16.23 28.71
N ASN R 44 69.33 -15.55 27.57
CA ASN R 44 68.44 -14.47 27.18
C ASN R 44 67.01 -14.97 27.01
N TYR R 45 66.08 -14.26 27.63
CA TYR R 45 64.66 -14.61 27.61
C TYR R 45 63.91 -13.66 26.68
N TYR R 46 63.13 -14.22 25.76
CA TYR R 46 62.39 -13.42 24.80
C TYR R 46 61.14 -12.83 25.45
N TYR R 47 60.87 -11.57 25.13
CA TYR R 47 59.67 -10.89 25.61
C TYR R 47 59.43 -9.68 24.73
N LEU R 48 58.30 -9.67 24.01
CA LEU R 48 57.99 -8.57 23.11
C LEU R 48 56.49 -8.47 22.88
N PRO R 49 55.78 -7.63 23.65
CA PRO R 49 54.35 -7.44 23.40
C PRO R 49 54.10 -6.71 22.10
N ASP R 50 52.89 -6.90 21.56
CA ASP R 50 52.50 -6.26 20.31
C ASP R 50 52.45 -4.74 20.43
N ALA R 51 52.26 -4.21 21.65
CA ALA R 51 52.26 -2.76 21.84
C ALA R 51 53.61 -2.16 21.48
N GLU R 52 54.71 -2.83 21.87
CA GLU R 52 56.04 -2.36 21.50
C GLU R 52 56.23 -2.41 20.00
N LEU R 53 55.69 -3.44 19.34
CA LEU R 53 55.77 -3.52 17.88
C LEU R 53 55.02 -2.35 17.24
N ASP R 54 53.83 -2.02 17.75
CA ASP R 54 53.08 -0.90 17.22
C ASP R 54 53.68 0.44 17.60
N ARG R 55 54.58 0.46 18.60
CA ARG R 55 55.20 1.72 19.03
C ARG R 55 56.16 2.29 18.00
N LYS R 56 56.51 1.53 16.96
CA LYS R 56 57.41 1.98 15.90
C LYS R 56 58.78 2.34 16.48
N LEU R 57 59.42 1.34 17.09
CA LEU R 57 60.74 1.52 17.65
C LEU R 57 61.78 1.65 16.54
N ASP R 58 62.84 2.40 16.82
CA ASP R 58 63.90 2.65 15.86
C ASP R 58 65.06 1.70 16.12
N LEU R 59 65.53 1.03 15.06
CA LEU R 59 66.63 0.09 15.16
C LEU R 59 67.99 0.70 14.85
N SER R 60 68.04 2.01 14.55
CA SER R 60 69.31 2.64 14.23
C SER R 60 70.07 2.99 15.52
N SER R 61 69.50 3.87 16.34
CA SER R 61 70.06 4.24 17.64
C SER R 61 71.51 4.68 17.54
N GLY R 62 72.33 4.26 18.51
CA GLY R 62 73.73 4.61 18.56
C GLY R 62 74.63 3.67 17.79
N PHE R 63 74.62 3.79 16.46
CA PHE R 63 75.45 2.91 15.64
C PHE R 63 76.93 3.07 15.95
N GLN R 64 77.38 4.32 16.14
CA GLN R 64 78.77 4.58 16.47
C GLN R 64 79.15 4.15 17.88
N LYS R 65 78.17 3.80 18.72
CA LYS R 65 78.41 3.40 20.09
C LYS R 65 78.59 1.89 20.25
N PHE R 66 78.58 1.15 19.15
CA PHE R 66 78.71 -0.31 19.22
C PHE R 66 80.07 -0.71 19.76
N LYS R 67 80.09 -1.72 20.62
CA LYS R 67 81.31 -2.27 21.20
C LYS R 67 81.41 -3.74 20.77
N ASP R 68 82.28 -4.01 19.80
CA ASP R 68 82.44 -5.35 19.26
C ASP R 68 83.66 -6.00 19.89
N TYR R 69 83.46 -7.14 20.55
CA TYR R 69 84.54 -7.90 21.16
C TYR R 69 85.11 -8.97 20.25
N TYR R 70 84.56 -9.12 19.04
CA TYR R 70 85.08 -10.12 18.11
C TYR R 70 86.46 -9.75 17.61
N LYS R 71 86.78 -8.45 17.54
CA LYS R 71 88.09 -8.02 17.09
C LYS R 71 89.18 -8.51 18.04
N ASP R 72 88.93 -8.47 19.34
CA ASP R 72 89.90 -8.90 20.33
C ASP R 72 89.91 -10.41 20.53
N PHE R 73 89.01 -11.14 19.88
CA PHE R 73 88.98 -12.60 20.01
C PHE R 73 90.24 -13.21 19.42
N GLU R 74 90.82 -14.17 20.15
CA GLU R 74 92.05 -14.82 19.69
C GLU R 74 91.78 -15.80 18.56
N ASP R 75 90.53 -16.25 18.39
CA ASP R 75 90.20 -17.19 17.32
C ASP R 75 88.70 -17.13 17.08
N ARG R 76 88.32 -16.93 15.82
CA ARG R 76 86.89 -16.86 15.48
C ARG R 76 86.19 -18.17 15.77
N CYS R 77 86.82 -19.29 15.43
CA CYS R 77 86.26 -20.62 15.64
C CYS R 77 86.91 -21.32 16.84
N SER R 78 87.24 -20.57 17.88
CA SER R 78 87.83 -21.16 19.08
C SER R 78 86.84 -22.12 19.74
N LEU R 79 87.34 -23.29 20.13
CA LEU R 79 86.53 -24.33 20.73
C LEU R 79 87.05 -24.74 22.10
N ARG R 80 87.73 -23.82 22.80
CA ARG R 80 88.27 -24.14 24.12
C ARG R 80 87.15 -24.48 25.10
N GLY R 81 86.07 -23.69 25.09
CA GLY R 81 84.94 -24.00 25.96
C GLY R 81 84.27 -25.31 25.60
N LEU R 82 84.14 -25.59 24.31
CA LEU R 82 83.57 -26.87 23.88
C LEU R 82 84.44 -28.02 24.32
N LEU R 83 85.77 -27.89 24.19
CA LEU R 83 86.67 -28.94 24.65
C LEU R 83 86.56 -29.14 26.15
N GLU R 84 86.49 -28.04 26.91
CA GLU R 84 86.38 -28.14 28.35
C GLU R 84 85.08 -28.82 28.77
N THR R 85 83.97 -28.46 28.13
CA THR R 85 82.69 -29.08 28.49
C THR R 85 82.64 -30.54 28.06
N ILE R 86 83.32 -30.89 26.96
CA ILE R 86 83.44 -32.29 26.58
C ILE R 86 84.24 -33.06 27.64
N GLU R 87 85.33 -32.45 28.13
CA GLU R 87 86.10 -33.08 29.19
C GLU R 87 85.26 -33.28 30.45
N SER R 88 84.47 -32.27 30.81
CA SER R 88 83.62 -32.38 32.00
C SER R 88 82.56 -33.47 31.81
N SER R 89 81.94 -33.54 30.64
CA SER R 89 80.96 -34.58 30.38
C SER R 89 81.59 -35.96 30.43
N GLU R 90 82.78 -36.12 29.87
CA GLU R 90 83.46 -37.41 29.91
C GLU R 90 83.83 -37.79 31.34
N ARG R 91 84.27 -36.82 32.14
CA ARG R 91 84.59 -37.10 33.54
C ARG R 91 83.34 -37.53 34.30
N HIS R 92 82.22 -36.84 34.08
CA HIS R 92 80.98 -37.20 34.77
C HIS R 92 80.49 -38.58 34.33
N LYS R 93 80.58 -38.88 33.04
CA LYS R 93 80.11 -40.15 32.50
C LYS R 93 81.24 -41.16 32.50
N GLY R 94 81.04 -42.28 31.80
CA GLY R 94 82.05 -43.31 31.71
C GLY R 94 82.69 -43.41 30.34
N LYS R 95 82.25 -44.37 29.54
CA LYS R 95 82.81 -44.57 28.22
C LYS R 95 82.48 -43.40 27.30
N LYS R 96 83.37 -43.15 26.33
CA LYS R 96 83.19 -42.07 25.40
C LYS R 96 82.01 -42.33 24.47
N ILE R 97 81.42 -41.26 23.96
CA ILE R 97 80.27 -41.35 23.08
C ILE R 97 80.69 -41.83 21.69
N ASN R 98 79.72 -42.21 20.87
CA ASN R 98 79.99 -42.74 19.53
C ASN R 98 80.06 -41.66 18.46
N ALA R 99 79.74 -40.41 18.80
CA ALA R 99 79.81 -39.34 17.81
C ALA R 99 81.25 -39.06 17.44
N ASP R 100 81.48 -38.74 16.16
CA ASP R 100 82.82 -38.50 15.63
C ASP R 100 83.03 -37.06 15.20
N ILE R 101 82.17 -36.52 14.34
CA ILE R 101 82.37 -35.18 13.79
C ILE R 101 81.98 -34.15 14.84
N ILE R 102 82.85 -33.18 15.06
CA ILE R 102 82.61 -32.07 15.98
C ILE R 102 82.73 -30.77 15.20
N THR R 103 81.69 -29.94 15.27
CA THR R 103 81.63 -28.70 14.51
C THR R 103 81.00 -27.61 15.36
N PHE R 104 81.58 -26.41 15.31
CA PHE R 104 81.05 -25.25 16.04
C PHE R 104 79.97 -24.53 15.24
N ARG R 105 79.01 -25.30 14.72
CA ARG R 105 77.82 -24.78 14.05
C ARG R 105 78.14 -23.98 12.79
N GLY R 106 79.41 -23.88 12.41
CA GLY R 106 79.79 -23.11 11.26
C GLY R 106 80.21 -23.94 10.06
N ILE R 107 80.97 -25.01 10.30
CA ILE R 107 81.44 -25.85 9.21
C ILE R 107 80.28 -26.66 8.62
N ALA R 108 79.44 -27.23 9.48
CA ALA R 108 78.33 -28.04 9.00
C ALA R 108 77.34 -27.21 8.19
N ARG R 109 77.05 -25.99 8.65
CA ARG R 109 76.11 -25.13 7.92
C ARG R 109 76.65 -24.78 6.54
N LYS R 110 77.94 -24.45 6.45
CA LYS R 110 78.52 -24.10 5.16
C LYS R 110 78.64 -25.31 4.25
N LEU R 111 79.01 -26.47 4.81
CA LEU R 111 79.18 -27.67 3.99
C LEU R 111 77.87 -28.11 3.36
N ILE R 112 76.77 -28.06 4.13
CA ILE R 112 75.48 -28.45 3.58
C ILE R 112 74.99 -27.41 2.57
N SER R 113 75.18 -26.12 2.87
CA SER R 113 74.60 -25.07 2.05
C SER R 113 75.40 -24.77 0.79
N CYS R 114 76.66 -25.22 0.70
CA CYS R 114 77.46 -24.90 -0.48
C CYS R 114 76.98 -25.64 -1.72
N ALA R 115 76.27 -26.75 -1.56
CA ALA R 115 75.72 -27.47 -2.70
C ALA R 115 74.46 -26.82 -3.26
N PHE R 116 73.88 -25.86 -2.55
CA PHE R 116 72.67 -25.18 -2.99
C PHE R 116 72.94 -23.83 -3.64
N ASP R 117 74.03 -23.16 -3.26
CA ASP R 117 74.38 -21.86 -3.81
C ASP R 117 75.74 -21.94 -4.50
N SER R 118 76.15 -20.82 -5.10
CA SER R 118 77.43 -20.76 -5.78
C SER R 118 78.58 -20.85 -4.78
N PRO R 119 79.68 -21.50 -5.16
CA PRO R 119 80.83 -21.58 -4.24
C PRO R 119 81.45 -20.23 -3.92
N SER R 120 81.24 -19.21 -4.76
CA SER R 120 81.82 -17.90 -4.50
C SER R 120 81.24 -17.22 -3.27
N PHE R 121 80.05 -17.63 -2.83
CA PHE R 121 79.41 -17.01 -1.68
C PHE R 121 79.96 -17.50 -0.35
N ASN R 122 80.79 -18.54 -0.34
CA ASN R 122 81.32 -19.10 0.89
C ASN R 122 82.82 -19.35 0.73
N THR R 123 83.56 -19.12 1.82
CA THR R 123 85.00 -19.38 1.86
C THR R 123 85.24 -20.67 2.62
N VAL R 124 85.97 -21.60 1.99
CA VAL R 124 86.20 -22.93 2.55
C VAL R 124 87.60 -22.97 3.16
N ASP R 125 87.67 -23.32 4.45
CA ASP R 125 88.95 -23.51 5.13
C ASP R 125 88.69 -24.47 6.29
N LEU R 126 89.03 -25.74 6.09
CA LEU R 126 88.75 -26.80 7.05
C LEU R 126 90.03 -27.47 7.50
N ARG R 127 90.16 -27.69 8.80
CA ARG R 127 91.29 -28.40 9.39
C ARG R 127 90.72 -29.56 10.21
N ILE R 128 90.78 -30.76 9.65
CA ILE R 128 90.20 -31.95 10.26
C ILE R 128 91.32 -32.74 10.93
N VAL R 129 91.13 -33.09 12.20
CA VAL R 129 92.09 -33.87 12.96
C VAL R 129 91.35 -35.06 13.57
N SER R 130 92.04 -36.20 13.63
CA SER R 130 91.45 -37.45 14.10
C SER R 130 92.06 -37.89 15.45
N PHE R 131 92.30 -36.93 16.34
CA PHE R 131 92.90 -37.25 17.62
C PHE R 131 91.97 -38.12 18.45
N ASN R 132 92.52 -39.20 19.01
CA ASN R 132 91.77 -40.13 19.86
C ASN R 132 90.57 -40.72 19.14
N GLY R 133 90.68 -40.91 17.82
CA GLY R 133 89.59 -41.49 17.05
C GLY R 133 88.55 -40.48 16.63
N GLN R 134 88.17 -39.60 17.55
CA GLN R 134 87.15 -38.59 17.25
C GLN R 134 87.71 -37.54 16.29
N LEU R 135 86.79 -36.88 15.58
CA LEU R 135 87.14 -35.88 14.58
C LEU R 135 86.83 -34.49 15.12
N PHE R 136 87.81 -33.60 15.02
CA PHE R 136 87.65 -32.20 15.44
C PHE R 136 88.00 -31.31 14.27
N ILE R 137 87.00 -30.60 13.75
CA ILE R 137 87.15 -29.73 12.60
C ILE R 137 87.03 -28.28 13.06
N LYS R 138 88.00 -27.46 12.68
CA LYS R 138 88.01 -26.04 13.03
C LYS R 138 88.18 -25.22 11.76
N GLU R 139 87.41 -24.13 11.67
CA GLU R 139 87.47 -23.25 10.52
C GLU R 139 88.20 -21.95 10.87
N GLN R 161 75.57 -6.18 5.57
CA GLN R 161 76.54 -5.12 5.81
C GLN R 161 76.71 -4.86 7.31
N ASP R 162 77.60 -3.92 7.64
CA ASP R 162 77.83 -3.57 9.04
C ASP R 162 76.57 -2.97 9.65
N LEU R 163 75.89 -2.09 8.92
CA LEU R 163 74.66 -1.49 9.43
C LEU R 163 73.58 -2.55 9.64
N ASN R 164 73.45 -3.49 8.70
CA ASN R 164 72.47 -4.56 8.86
C ASN R 164 72.79 -5.43 10.06
N VAL R 165 74.07 -5.76 10.25
CA VAL R 165 74.47 -6.57 11.40
C VAL R 165 74.18 -5.84 12.70
N PHE R 166 74.47 -4.53 12.75
CA PHE R 166 74.20 -3.76 13.95
C PHE R 166 72.71 -3.68 14.23
N THR R 167 71.89 -3.50 13.20
CA THR R 167 70.44 -3.45 13.40
C THR R 167 69.92 -4.79 13.90
N GLY R 168 70.43 -5.89 13.35
CA GLY R 168 70.04 -7.20 13.84
C GLY R 168 70.42 -7.42 15.29
N TYR R 169 71.64 -7.02 15.67
CA TYR R 169 72.06 -7.15 17.05
C TYR R 169 71.23 -6.28 17.98
N LYS R 170 70.89 -5.07 17.54
CA LYS R 170 70.04 -4.19 18.34
C LYS R 170 68.66 -4.78 18.53
N PHE R 171 68.09 -5.37 17.47
CA PHE R 171 66.80 -6.04 17.60
C PHE R 171 66.88 -7.22 18.55
N GLU R 172 67.97 -7.99 18.47
CA GLU R 172 68.15 -9.12 19.38
C GLU R 172 68.22 -8.65 20.83
N THR R 173 68.96 -7.56 21.08
CA THR R 173 69.07 -7.04 22.45
C THR R 173 67.76 -6.42 22.94
N LEU R 174 66.99 -5.82 22.05
CA LEU R 174 65.70 -5.22 22.42
C LEU R 174 64.59 -6.25 22.52
N ALA R 175 64.79 -7.47 22.01
CA ALA R 175 63.80 -8.52 22.09
C ALA R 175 64.03 -9.45 23.29
N THR R 176 65.02 -9.16 24.12
CA THR R 176 65.31 -9.97 25.29
C THR R 176 65.65 -9.07 26.47
N LEU R 177 65.61 -9.66 27.67
CA LEU R 177 65.83 -8.92 28.91
C LEU R 177 66.74 -9.70 29.84
N SER R 178 67.70 -10.43 29.27
CA SER R 178 68.69 -11.18 30.05
C SER R 178 68.03 -12.13 31.04
N ASN R 179 67.91 -11.68 32.29
CA ASN R 179 67.24 -12.49 33.30
C ASN R 179 65.78 -12.69 32.92
N PRO R 180 65.16 -13.79 33.36
CA PRO R 180 63.77 -14.06 32.96
C PRO R 180 62.84 -12.97 33.46
N LEU R 181 61.78 -12.75 32.67
CA LEU R 181 60.67 -11.95 33.15
C LEU R 181 60.12 -12.55 34.44
N GLN R 182 59.38 -11.75 35.19
CA GLN R 182 58.76 -12.09 36.46
C GLN R 182 59.77 -12.05 37.60
N TYR R 183 61.05 -11.76 37.31
CA TYR R 183 62.07 -11.62 38.34
C TYR R 183 62.93 -10.39 38.11
N THR R 184 62.45 -9.41 37.34
CA THR R 184 63.19 -8.19 37.07
C THR R 184 62.26 -7.00 37.32
N PRO R 185 62.79 -5.89 37.82
CA PRO R 185 61.94 -4.71 38.08
C PRO R 185 61.56 -4.02 36.78
N ARG R 186 60.57 -3.12 36.90
CA ARG R 186 60.15 -2.33 35.75
C ARG R 186 61.23 -1.37 35.27
N GLU R 187 62.19 -1.03 36.13
CA GLU R 187 63.28 -0.16 35.73
C GLU R 187 64.09 -0.79 34.60
N VAL R 188 64.36 -2.09 34.69
CA VAL R 188 65.08 -2.77 33.61
C VAL R 188 64.24 -2.77 32.33
N ILE R 189 62.92 -2.94 32.47
CA ILE R 189 62.05 -2.96 31.30
C ILE R 189 62.08 -1.62 30.59
N GLU R 190 62.03 -0.52 31.34
CA GLU R 190 62.06 0.79 30.70
C GLU R 190 63.45 1.16 30.22
N LYS R 191 64.50 0.65 30.86
CA LYS R 191 65.87 0.91 30.43
C LYS R 191 66.25 0.11 29.19
N ARG R 192 65.57 -1.00 28.92
CA ARG R 192 65.91 -1.82 27.76
C ARG R 192 65.83 -1.04 26.46
N THR R 193 65.00 0.00 26.41
CA THR R 193 64.90 0.81 25.20
C THR R 193 66.21 1.57 24.94
N LYS R 194 66.70 2.27 25.95
CA LYS R 194 67.96 3.01 25.86
C LYS R 194 69.12 2.19 26.39
N ARG R 195 69.30 0.99 25.85
CA ARG R 195 70.36 0.09 26.29
C ARG R 195 71.53 0.14 25.31
N ILE R 196 72.60 -0.58 25.65
CA ILE R 196 73.79 -0.64 24.81
C ILE R 196 73.79 -1.96 24.05
N VAL R 197 74.60 -2.02 23.00
CA VAL R 197 74.73 -3.21 22.16
C VAL R 197 76.15 -3.71 22.27
N SER R 198 76.30 -5.00 22.60
CA SER R 198 77.60 -5.63 22.73
C SER R 198 77.60 -6.97 22.03
N HIS R 199 78.78 -7.41 21.60
CA HIS R 199 78.96 -8.68 20.91
C HIS R 199 79.74 -9.61 21.84
N GLY R 200 79.02 -10.43 22.58
CA GLY R 200 79.65 -11.36 23.50
C GLY R 200 78.63 -11.96 24.43
N ASP R 201 79.13 -12.79 25.35
CA ASP R 201 78.31 -13.49 26.35
C ASP R 201 77.20 -14.29 25.67
N GLU R 202 77.62 -15.26 24.87
CA GLU R 202 76.70 -16.09 24.10
C GLU R 202 76.56 -17.46 24.77
N TYR R 203 75.32 -17.91 24.93
CA TYR R 203 75.05 -19.21 25.51
C TYR R 203 75.20 -20.29 24.45
N ILE R 204 76.08 -21.25 24.69
CA ILE R 204 76.38 -22.32 23.74
C ILE R 204 76.11 -23.66 24.41
N SER R 205 75.31 -24.49 23.76
CA SER R 205 74.94 -25.81 24.27
C SER R 205 75.31 -26.88 23.26
N VAL R 206 75.83 -28.00 23.75
CA VAL R 206 76.23 -29.10 22.90
C VAL R 206 75.01 -29.98 22.61
N VAL R 207 74.76 -30.23 21.33
CA VAL R 207 73.62 -31.02 20.88
C VAL R 207 74.14 -32.24 20.13
N ARG R 208 73.71 -33.42 20.54
CA ARG R 208 74.10 -34.66 19.89
C ARG R 208 73.00 -35.12 18.95
N THR R 209 73.37 -35.44 17.71
CA THR R 209 72.43 -35.86 16.69
C THR R 209 73.12 -36.85 15.75
N GLY R 210 72.50 -37.10 14.62
CA GLY R 210 73.04 -38.03 13.63
C GLY R 210 71.93 -38.78 12.93
N VAL R 211 72.22 -39.23 11.71
CA VAL R 211 71.26 -39.99 10.90
C VAL R 211 71.90 -41.33 10.56
N GLY R 212 71.18 -42.41 10.85
CA GLY R 212 71.72 -43.73 10.58
C GLY R 212 72.87 -44.06 11.49
N ASN R 213 73.85 -44.80 10.95
CA ASN R 213 75.02 -45.16 11.73
C ASN R 213 75.86 -43.95 12.10
N CYS R 214 75.96 -42.98 11.20
CA CYS R 214 76.77 -41.80 11.46
C CYS R 214 76.11 -40.90 12.50
N LYS R 215 76.88 -40.51 13.51
CA LYS R 215 76.42 -39.61 14.55
C LYS R 215 77.47 -38.54 14.80
N LEU R 216 77.00 -37.34 15.14
CA LEU R 216 77.89 -36.21 15.35
C LEU R 216 77.25 -35.24 16.33
N ILE R 217 78.09 -34.38 16.91
CA ILE R 217 77.65 -33.35 17.85
C ILE R 217 78.02 -31.99 17.29
N LEU R 218 77.26 -30.98 17.70
CA LEU R 218 77.47 -29.60 17.24
C LEU R 218 77.54 -28.66 18.43
N GLY R 219 78.41 -27.66 18.32
CA GLY R 219 78.51 -26.64 19.35
C GLY R 219 77.57 -25.48 19.08
N ALA R 220 76.27 -25.76 19.04
CA ALA R 220 75.29 -24.74 18.69
C ALA R 220 75.19 -23.67 19.76
N GLU R 221 75.00 -22.43 19.33
CA GLU R 221 74.83 -21.30 20.22
C GLU R 221 73.36 -20.92 20.28
N VAL R 222 72.81 -20.87 21.49
CA VAL R 222 71.42 -20.52 21.72
C VAL R 222 71.38 -19.12 22.32
N ASP R 223 70.62 -18.22 21.68
CA ASP R 223 70.54 -16.84 22.11
C ASP R 223 69.15 -16.46 22.62
N CYS R 224 68.23 -17.41 22.74
CA CYS R 224 66.88 -17.10 23.20
C CYS R 224 66.23 -18.35 23.75
N ILE R 225 65.47 -18.17 24.83
CA ILE R 225 64.63 -19.22 25.40
C ILE R 225 63.20 -18.71 25.44
N PHE R 226 62.27 -19.50 24.92
CA PHE R 226 60.89 -19.04 24.71
C PHE R 226 59.95 -19.43 25.83
N ASP R 227 60.26 -20.45 26.62
CA ASP R 227 59.35 -20.94 27.65
C ASP R 227 60.15 -21.17 28.93
N PHE R 228 59.51 -21.82 29.90
CA PHE R 228 60.15 -22.11 31.17
C PHE R 228 61.35 -23.05 30.96
N LYS R 229 62.45 -22.73 31.61
CA LYS R 229 63.68 -23.52 31.50
C LYS R 229 63.76 -24.51 32.65
N GLU R 230 64.00 -25.78 32.31
CA GLU R 230 64.09 -26.84 33.29
C GLU R 230 65.55 -27.10 33.64
N ASN R 231 65.85 -27.10 34.94
CA ASN R 231 67.21 -27.35 35.40
C ASN R 231 67.50 -28.84 35.46
N GLY R 232 68.61 -29.25 34.86
CA GLY R 232 68.97 -30.65 34.82
C GLY R 232 68.26 -31.48 33.78
N ARG R 233 67.50 -30.84 32.88
CA ARG R 233 66.76 -31.54 31.85
C ARG R 233 67.01 -30.88 30.50
N ASP R 234 66.69 -31.62 29.44
CA ASP R 234 66.88 -31.11 28.09
C ASP R 234 65.99 -29.90 27.83
N ASN R 235 66.57 -28.86 27.23
CA ASN R 235 65.86 -27.64 26.90
C ASN R 235 65.80 -27.37 25.40
N LEU R 236 66.11 -28.37 24.57
CA LEU R 236 66.09 -28.16 23.13
C LEU R 236 64.68 -27.86 22.63
N LYS R 237 63.68 -28.56 23.17
CA LYS R 237 62.30 -28.34 22.74
C LYS R 237 61.77 -26.97 23.16
N HIS R 238 62.44 -26.31 24.11
CA HIS R 238 62.00 -25.01 24.58
C HIS R 238 62.77 -23.85 23.96
N TYR R 239 63.93 -24.11 23.37
CA TYR R 239 64.76 -23.05 22.84
C TYR R 239 64.14 -22.42 21.60
N ALA R 240 64.61 -21.22 21.26
CA ALA R 240 64.13 -20.51 20.09
C ALA R 240 65.26 -19.65 19.54
N GLU R 241 65.14 -19.29 18.27
CA GLU R 241 66.13 -18.47 17.57
C GLU R 241 65.41 -17.33 16.86
N LEU R 242 65.96 -16.13 16.99
CA LEU R 242 65.40 -14.94 16.36
C LEU R 242 66.43 -14.29 15.45
N LYS R 243 65.95 -13.70 14.35
CA LYS R 243 66.80 -13.04 13.37
C LYS R 243 66.04 -11.84 12.80
N CYS R 244 66.67 -11.16 11.86
CA CYS R 244 66.08 -9.99 11.21
C CYS R 244 66.12 -10.17 9.70
N THR R 245 65.15 -9.56 9.02
CA THR R 245 65.05 -9.67 7.58
C THR R 245 64.26 -8.49 7.04
N GLN R 246 64.36 -8.26 5.73
CA GLN R 246 63.65 -7.18 5.08
C GLN R 246 62.23 -7.62 4.73
N GLN R 247 61.42 -6.64 4.33
CA GLN R 247 60.04 -6.90 3.94
C GLN R 247 59.99 -7.47 2.53
N VAL R 248 58.77 -7.69 2.03
CA VAL R 248 58.56 -8.19 0.68
C VAL R 248 57.71 -7.19 -0.08
N ALA R 249 57.90 -7.16 -1.40
CA ALA R 249 57.17 -6.22 -2.25
C ALA R 249 56.58 -6.91 -3.47
N ASN R 250 57.20 -8.01 -3.91
CA ASN R 250 56.77 -8.68 -5.13
C ASN R 250 57.22 -10.14 -5.07
N ILE R 251 57.15 -10.83 -6.21
CA ILE R 251 57.51 -12.24 -6.26
C ILE R 251 59.01 -12.44 -6.01
N SER R 252 59.85 -11.52 -6.49
CA SER R 252 61.29 -11.64 -6.26
C SER R 252 61.62 -11.55 -4.78
N ASP R 253 61.02 -10.59 -4.08
CA ASP R 253 61.23 -10.49 -2.64
C ASP R 253 60.64 -11.69 -1.91
N THR R 254 59.53 -12.23 -2.41
CA THR R 254 58.98 -13.45 -1.83
C THR R 254 59.95 -14.62 -1.97
N HIS R 255 60.60 -14.73 -3.13
CA HIS R 255 61.59 -15.79 -3.32
C HIS R 255 62.81 -15.57 -2.44
N LYS R 256 63.23 -14.32 -2.25
CA LYS R 256 64.33 -14.03 -1.33
C LYS R 256 63.97 -14.43 0.10
N PHE R 257 62.73 -14.11 0.52
CA PHE R 257 62.28 -14.53 1.84
C PHE R 257 62.21 -16.04 1.95
N GLU R 258 61.81 -16.73 0.87
CA GLU R 258 61.81 -18.18 0.86
C GLU R 258 63.22 -18.73 1.03
N ARG R 259 64.20 -18.12 0.36
CA ARG R 259 65.59 -18.55 0.51
C ARG R 259 66.08 -18.35 1.95
N LYS R 260 65.75 -17.20 2.54
CA LYS R 260 66.13 -16.95 3.93
C LYS R 260 65.48 -17.95 4.87
N LEU R 261 64.20 -18.27 4.63
CA LEU R 261 63.50 -19.27 5.43
C LEU R 261 64.16 -20.64 5.28
N PHE R 262 64.55 -20.99 4.06
CA PHE R 262 65.25 -22.25 3.84
C PHE R 262 66.55 -22.30 4.61
N ARG R 263 67.32 -21.22 4.58
CA ARG R 263 68.59 -21.18 5.30
C ARG R 263 68.38 -21.33 6.81
N THR R 264 67.44 -20.56 7.37
CA THR R 264 67.23 -20.63 8.81
C THR R 264 66.63 -21.97 9.23
N TRP R 265 65.75 -22.55 8.40
CA TRP R 265 65.19 -23.85 8.72
C TRP R 265 66.26 -24.92 8.70
N LEU R 266 67.16 -24.86 7.71
CA LEU R 266 68.27 -25.82 7.67
C LEU R 266 69.16 -25.67 8.90
N GLN R 267 69.50 -24.42 9.27
CA GLN R 267 70.38 -24.22 10.41
C GLN R 267 69.70 -24.64 11.72
N CYS R 268 68.38 -24.53 11.82
CA CYS R 268 67.69 -24.98 13.02
C CYS R 268 67.52 -26.49 13.05
N PHE R 269 67.28 -27.11 11.88
CA PHE R 269 67.11 -28.56 11.83
C PHE R 269 68.42 -29.29 12.03
N LEU R 270 69.54 -28.66 11.66
CA LEU R 270 70.84 -29.24 11.98
C LEU R 270 71.07 -29.35 13.48
N VAL R 271 70.35 -28.56 14.27
CA VAL R 271 70.45 -28.58 15.72
C VAL R 271 69.19 -29.15 16.37
N GLY R 272 68.02 -28.62 15.99
CA GLY R 272 66.78 -29.09 16.56
C GLY R 272 65.94 -27.99 17.18
N ILE R 273 66.20 -26.74 16.79
CA ILE R 273 65.45 -25.60 17.30
C ILE R 273 64.03 -25.66 16.76
N PRO R 274 63.01 -25.66 17.62
CA PRO R 274 61.63 -25.81 17.14
C PRO R 274 60.99 -24.50 16.71
N ARG R 275 61.45 -23.38 17.26
CA ARG R 275 60.83 -22.08 17.02
C ARG R 275 61.80 -21.16 16.29
N ILE R 276 61.31 -20.50 15.24
CA ILE R 276 62.09 -19.54 14.47
C ILE R 276 61.33 -18.22 14.48
N ILE R 277 62.03 -17.15 14.83
CA ILE R 277 61.45 -15.81 14.93
C ILE R 277 62.15 -14.90 13.93
N TYR R 278 61.38 -14.15 13.15
CA TYR R 278 61.90 -13.25 12.15
C TYR R 278 61.32 -11.86 12.36
N GLY R 279 62.18 -10.85 12.34
CA GLY R 279 61.74 -9.47 12.49
C GLY R 279 61.85 -8.68 11.21
N PHE R 280 60.71 -8.26 10.66
CA PHE R 280 60.70 -7.52 9.41
C PHE R 280 61.26 -6.12 9.60
N LYS R 281 62.00 -5.65 8.60
CA LYS R 281 62.59 -4.32 8.62
C LYS R 281 62.37 -3.65 7.27
N ASP R 282 62.43 -2.33 7.27
CA ASP R 282 62.24 -1.52 6.08
C ASP R 282 63.51 -0.74 5.77
N ASP R 283 63.43 0.14 4.76
CA ASP R 283 64.57 0.95 4.36
C ASP R 283 64.96 1.96 5.43
N HIS R 284 64.05 2.29 6.35
CA HIS R 284 64.33 3.23 7.42
C HIS R 284 64.86 2.57 8.68
N TYR R 285 65.12 1.25 8.62
CA TYR R 285 65.62 0.49 9.78
C TYR R 285 64.66 0.60 10.96
N VAL R 286 63.39 0.30 10.70
CA VAL R 286 62.34 0.35 11.72
C VAL R 286 61.65 -1.01 11.75
N LEU R 287 61.56 -1.60 12.93
CA LEU R 287 60.89 -2.88 13.10
C LEU R 287 59.41 -2.73 12.82
N LYS R 288 58.91 -3.41 11.78
CA LYS R 288 57.51 -3.30 11.38
C LYS R 288 56.65 -4.38 12.03
N THR R 289 56.99 -5.64 11.78
CA THR R 289 56.21 -6.76 12.31
C THR R 289 57.15 -7.91 12.65
N VAL R 290 56.84 -8.62 13.74
CA VAL R 290 57.61 -9.78 14.17
C VAL R 290 56.68 -10.98 14.18
N GLU R 291 57.09 -12.05 13.50
CA GLU R 291 56.30 -13.27 13.41
C GLU R 291 57.18 -14.47 13.73
N GLU R 292 56.55 -15.50 14.30
CA GLU R 292 57.24 -16.73 14.66
C GLU R 292 56.92 -17.82 13.66
N PHE R 293 57.91 -18.67 13.37
CA PHE R 293 57.77 -19.78 12.43
C PHE R 293 58.15 -21.06 13.14
N SER R 294 57.17 -21.80 13.63
CA SER R 294 57.42 -23.05 14.30
C SER R 294 57.82 -24.14 13.29
N THR R 295 58.36 -25.23 13.81
CA THR R 295 58.77 -26.35 12.97
C THR R 295 57.56 -27.21 12.62
N GLU R 296 57.82 -28.26 11.83
CA GLU R 296 56.81 -29.23 11.40
C GLU R 296 55.74 -28.59 10.52
N GLU R 297 55.90 -27.31 10.19
CA GLU R 297 55.01 -26.63 9.25
C GLU R 297 55.75 -25.85 8.18
N VAL R 298 57.00 -25.44 8.42
CA VAL R 298 57.80 -24.81 7.36
C VAL R 298 57.99 -25.73 6.16
N PRO R 299 58.28 -27.04 6.32
CA PRO R 299 58.39 -27.89 5.12
C PRO R 299 57.13 -27.91 4.27
N VAL R 300 55.95 -27.96 4.88
CA VAL R 300 54.74 -27.91 4.08
C VAL R 300 54.54 -26.53 3.49
N LEU R 301 55.03 -25.48 4.17
CA LEU R 301 54.88 -24.13 3.66
C LEU R 301 55.75 -23.90 2.42
N LEU R 302 56.93 -24.52 2.38
CA LEU R 302 57.73 -24.46 1.16
C LEU R 302 57.25 -25.45 0.11
N LYS R 303 56.59 -26.54 0.54
CA LYS R 303 56.02 -27.48 -0.42
C LYS R 303 54.88 -26.84 -1.20
N ASN R 304 54.01 -26.09 -0.52
CA ASN R 304 52.92 -25.41 -1.21
C ASN R 304 53.41 -24.10 -1.83
N ASN R 305 54.50 -24.18 -2.58
CA ASN R 305 55.15 -23.03 -3.20
C ASN R 305 55.77 -23.50 -4.51
N ASN R 306 56.72 -22.72 -5.03
CA ASN R 306 57.40 -23.10 -6.27
C ASN R 306 58.14 -24.42 -6.06
N PRO R 307 58.23 -25.25 -7.11
CA PRO R 307 58.85 -26.57 -6.94
C PRO R 307 60.30 -26.53 -6.49
N GLN R 308 61.03 -25.45 -6.81
CA GLN R 308 62.44 -25.37 -6.44
C GLN R 308 62.62 -25.40 -4.93
N VAL R 309 61.91 -24.52 -4.21
CA VAL R 309 62.03 -24.51 -2.76
C VAL R 309 61.43 -25.76 -2.14
N GLY R 310 60.41 -26.33 -2.79
CA GLY R 310 59.82 -27.56 -2.28
C GLY R 310 60.78 -28.74 -2.33
N SER R 311 61.53 -28.88 -3.43
CA SER R 311 62.51 -29.94 -3.56
C SER R 311 63.85 -29.61 -2.93
N ALA R 312 64.05 -28.34 -2.53
CA ALA R 312 65.31 -27.96 -1.89
C ALA R 312 65.52 -28.71 -0.58
N CYS R 313 64.44 -28.97 0.16
CA CYS R 313 64.57 -29.70 1.42
C CYS R 313 65.08 -31.11 1.18
N LEU R 314 64.49 -31.82 0.23
CA LEU R 314 64.94 -33.18 -0.09
C LEU R 314 66.36 -33.17 -0.64
N GLU R 315 66.67 -32.19 -1.49
CA GLU R 315 68.02 -32.10 -2.04
C GLU R 315 69.05 -31.87 -0.95
N ALA R 316 68.74 -30.99 0.01
CA ALA R 316 69.65 -30.73 1.12
C ALA R 316 69.82 -31.97 2.00
N ILE R 317 68.72 -32.69 2.26
CA ILE R 317 68.81 -33.89 3.08
C ILE R 317 69.67 -34.94 2.40
N LYS R 318 69.46 -35.14 1.10
CA LYS R 318 70.26 -36.12 0.35
C LYS R 318 71.73 -35.71 0.30
N TRP R 319 71.99 -34.41 0.11
CA TRP R 319 73.37 -33.94 0.09
C TRP R 319 74.05 -34.14 1.44
N TYR R 320 73.33 -33.87 2.53
CA TYR R 320 73.89 -34.10 3.86
C TYR R 320 74.19 -35.57 4.09
N GLY R 321 73.27 -36.45 3.67
CA GLY R 321 73.51 -37.88 3.81
C GLY R 321 74.71 -38.34 3.01
N LEU R 322 74.82 -37.89 1.75
CA LEU R 322 75.95 -38.26 0.92
C LEU R 322 77.26 -37.72 1.50
N LEU R 323 77.24 -36.49 2.01
CA LEU R 323 78.44 -35.92 2.61
C LEU R 323 78.88 -36.71 3.84
N THR R 324 77.92 -37.10 4.69
CA THR R 324 78.26 -37.90 5.85
C THR R 324 78.83 -39.26 5.44
N GLU R 325 78.21 -39.89 4.43
CA GLU R 325 78.69 -41.19 3.98
C GLU R 325 80.11 -41.08 3.40
N TRP R 326 80.38 -40.01 2.65
CA TRP R 326 81.73 -39.79 2.14
C TRP R 326 82.71 -39.53 3.27
N LEU R 327 82.28 -38.79 4.30
CA LEU R 327 83.16 -38.50 5.43
C LEU R 327 83.53 -39.76 6.18
N LEU R 328 82.56 -40.66 6.42
CA LEU R 328 82.85 -41.88 7.15
C LEU R 328 83.53 -42.96 6.28
N LYS R 329 84.00 -42.61 5.10
CA LYS R 329 84.50 -43.63 4.17
C LYS R 329 85.96 -43.99 4.47
N MET R 330 86.88 -43.03 4.34
CA MET R 330 88.31 -43.35 4.39
C MET R 330 89.08 -42.59 5.47
N ILE R 331 88.40 -41.89 6.37
CA ILE R 331 89.12 -41.25 7.48
C ILE R 331 89.73 -42.33 8.37
N PRO R 332 91.02 -42.27 8.68
CA PRO R 332 91.63 -43.29 9.53
C PRO R 332 91.04 -43.27 10.93
N ARG R 333 90.97 -44.45 11.54
CA ARG R 333 90.44 -44.63 12.89
C ARG R 333 91.59 -44.95 13.82
N ASP R 334 91.76 -44.12 14.85
CA ASP R 334 92.86 -44.33 15.80
C ASP R 334 92.60 -45.49 16.74
N GLU R 335 91.33 -45.78 17.03
CA GLU R 335 90.94 -46.83 17.97
C GLU R 335 91.59 -46.62 19.32
N ASP R 336 92.67 -47.35 19.59
CA ASP R 336 93.40 -47.19 20.84
C ASP R 336 94.13 -45.84 20.84
N PRO R 337 94.26 -45.21 22.01
CA PRO R 337 94.98 -43.94 22.08
C PRO R 337 96.47 -44.08 21.80
N HIS R 338 97.18 -42.95 21.76
CA HIS R 338 98.62 -42.93 21.48
C HIS R 338 98.93 -43.59 20.14
N SER R 339 98.10 -43.32 19.14
CA SER R 339 98.27 -43.85 17.79
C SER R 339 98.73 -42.74 16.85
N GLN R 340 99.02 -43.14 15.61
CA GLN R 340 99.43 -42.18 14.60
C GLN R 340 98.29 -41.21 14.30
N ILE R 341 98.63 -39.93 14.22
CA ILE R 341 97.65 -38.87 14.02
C ILE R 341 98.04 -38.08 12.78
N ARG R 342 97.07 -37.86 11.89
CA ARG R 342 97.28 -37.12 10.65
C ARG R 342 96.16 -36.10 10.47
N ALA R 343 96.45 -35.05 9.72
CA ALA R 343 95.49 -33.98 9.46
C ALA R 343 95.15 -33.94 7.97
N PHE R 344 93.94 -33.49 7.67
CA PHE R 344 93.43 -33.44 6.30
C PHE R 344 92.91 -32.04 6.00
N LYS R 345 93.01 -31.65 4.73
CA LYS R 345 92.54 -30.36 4.25
C LYS R 345 91.40 -30.57 3.27
N LEU R 346 90.29 -29.88 3.50
CA LEU R 346 89.11 -29.99 2.65
C LEU R 346 88.85 -28.65 1.99
N VAL R 347 88.78 -28.65 0.66
CA VAL R 347 88.52 -27.45 -0.12
C VAL R 347 87.41 -27.77 -1.13
N PHE R 348 86.38 -26.93 -1.16
CA PHE R 348 85.25 -27.11 -2.07
C PHE R 348 85.45 -26.19 -3.27
N GLU R 349 85.85 -26.78 -4.40
CA GLU R 349 86.07 -26.02 -5.62
C GLU R 349 85.50 -26.79 -6.80
N ASN R 350 84.90 -26.07 -7.74
CA ASN R 350 84.32 -26.65 -8.95
C ASN R 350 83.31 -27.74 -8.61
N ASN R 351 82.47 -27.48 -7.60
CA ASN R 351 81.45 -28.42 -7.15
C ASN R 351 82.04 -29.78 -6.78
N HIS R 352 83.22 -29.75 -6.15
CA HIS R 352 83.89 -30.97 -5.73
C HIS R 352 84.70 -30.67 -4.47
N LEU R 353 84.59 -31.54 -3.48
CA LEU R 353 85.33 -31.40 -2.22
C LEU R 353 86.67 -32.09 -2.40
N ARG R 354 87.66 -31.33 -2.85
CA ARG R 354 89.00 -31.87 -3.09
C ARG R 354 89.70 -32.09 -1.75
N LEU R 355 89.92 -33.35 -1.40
CA LEU R 355 90.58 -33.72 -0.16
C LEU R 355 91.90 -34.42 -0.49
N SER R 356 92.98 -33.93 0.11
CA SER R 356 94.31 -34.48 -0.11
C SER R 356 95.01 -34.67 1.24
N GLU R 357 95.85 -35.70 1.31
CA GLU R 357 96.60 -36.01 2.51
C GLU R 357 97.92 -35.24 2.48
N ILE R 358 98.03 -34.23 3.33
CA ILE R 358 99.25 -33.43 3.37
C ILE R 358 100.35 -34.18 4.11
N GLU R 359 101.59 -33.79 3.84
CA GLU R 359 102.75 -34.42 4.44
C GLU R 359 103.19 -33.66 5.70
N GLU R 360 104.11 -34.28 6.44
CA GLU R 360 104.61 -33.68 7.67
C GLU R 360 105.48 -32.45 7.40
N SER R 361 105.98 -32.28 6.18
CA SER R 361 106.82 -31.13 5.87
C SER R 361 106.02 -29.84 5.84
N ASP R 362 104.70 -29.91 5.74
CA ASP R 362 103.88 -28.70 5.70
C ASP R 362 103.90 -27.99 7.04
N GLU R 363 103.82 -26.66 6.99
CA GLU R 363 103.82 -25.87 8.21
C GLU R 363 102.53 -26.10 9.02
N GLU R 364 101.42 -26.33 8.32
CA GLU R 364 100.16 -26.57 9.02
C GLU R 364 100.21 -27.84 9.85
N TYR R 365 100.91 -28.86 9.36
CA TYR R 365 101.04 -30.11 10.11
C TYR R 365 101.78 -29.88 11.43
N SER R 366 102.85 -29.10 11.39
CA SER R 366 103.61 -28.83 12.62
C SER R 366 102.78 -28.05 13.63
N GLY R 367 102.00 -27.08 13.16
CA GLY R 367 101.20 -26.25 14.05
C GLY R 367 99.95 -26.90 14.59
N LEU R 368 99.56 -28.06 14.06
CA LEU R 368 98.37 -28.77 14.50
C LEU R 368 98.68 -30.08 15.19
N ILE R 369 99.43 -30.97 14.53
CA ILE R 369 99.78 -32.25 15.14
C ILE R 369 100.68 -32.03 16.36
N ASP R 370 101.68 -31.17 16.23
CA ASP R 370 102.62 -30.87 17.30
C ASP R 370 102.30 -29.57 18.02
N GLY R 371 101.85 -28.54 17.30
CA GLY R 371 101.55 -27.27 17.93
C GLY R 371 100.32 -27.29 18.81
N GLU R 372 99.42 -28.25 18.60
CA GLU R 372 98.19 -28.37 19.40
C GLU R 372 97.38 -27.08 19.38
N HIS R 373 97.30 -26.45 18.21
CA HIS R 373 96.54 -25.21 18.09
C HIS R 373 95.05 -25.45 18.33
N ILE R 374 94.51 -26.54 17.80
CA ILE R 374 93.10 -26.87 17.98
C ILE R 374 92.86 -27.83 19.13
N LEU R 375 93.90 -28.43 19.69
CA LEU R 375 93.77 -29.36 20.80
C LEU R 375 94.14 -28.65 22.10
N SER R 376 94.18 -29.40 23.19
CA SER R 376 94.51 -28.85 24.50
C SER R 376 95.11 -29.94 25.37
N ASN R 377 95.77 -29.51 26.45
CA ASN R 377 96.37 -30.47 27.37
C ASN R 377 95.33 -31.33 28.06
N GLY R 378 94.10 -30.81 28.23
CA GLY R 378 93.06 -31.61 28.85
C GLY R 378 92.68 -32.83 28.04
N PHE R 379 92.58 -32.68 26.72
CA PHE R 379 92.23 -33.81 25.87
C PHE R 379 93.32 -34.88 25.89
N LYS R 380 94.59 -34.48 25.82
CA LYS R 380 95.66 -35.47 25.88
C LYS R 380 95.74 -36.14 27.25
N GLU R 381 95.47 -35.38 28.31
CA GLU R 381 95.43 -35.97 29.64
C GLU R 381 94.31 -36.99 29.76
N TRP R 382 93.13 -36.67 29.21
CA TRP R 382 92.02 -37.61 29.23
C TRP R 382 92.33 -38.85 28.40
N ARG R 383 92.97 -38.67 27.24
CA ARG R 383 93.33 -39.80 26.40
C ARG R 383 94.33 -40.71 27.10
N LYS R 384 95.29 -40.13 27.81
CA LYS R 384 96.26 -40.93 28.55
C LYS R 384 95.68 -41.52 29.82
N SER R 385 94.57 -40.97 30.33
CA SER R 385 94.01 -41.45 31.59
C SER R 385 93.47 -42.86 31.47
N LEU R 386 92.64 -43.12 30.45
CA LEU R 386 92.07 -44.46 30.31
C LEU R 386 93.02 -45.42 29.62
N LYS R 387 93.95 -44.92 28.82
CA LYS R 387 94.92 -45.77 28.13
C LYS R 387 96.16 -44.96 27.75
#